data_9V30
#
_entry.id   9V30
#
_cell.length_a   1.00
_cell.length_b   1.00
_cell.length_c   1.00
_cell.angle_alpha   90.00
_cell.angle_beta   90.00
_cell.angle_gamma   90.00
#
_symmetry.space_group_name_H-M   'P 1'
#
_entity_poly.entity_id   1
_entity_poly.type   'polypeptide(L)'
_entity_poly.pdbx_seq_one_letter_code
;MAEREGFAAEGAKAVYDRLKNGRQPYETRAQNCAAVTIPSLFPKESDNSSTEYTTPWQAVGARCLNNLAAKLMLALFPQS
PWMRLTVSEYEAKTLSQDSEAAARVDEGLAMVERVLMAYMETNSFRVPLFEALKQLIVSGNCLLYIPEPEQGTYSPMRMY
RLVSYVVQRDAFGNILQIVTLDKVAFSALPEDVKSQLNADDYEPDTELEVYTHIYRQDDEYLRYEEVEGIEVAGTEGSYP
LTACPYIPVRMVRLDGEDYGRSYCEEYLGDLNSLETITEAITKMAKVASKVVGLVNPNGITQPRRLNKAATGEFVAGRVE
DINFLQLTKGQDFTIAKSVADAIEQRLGWAFLLNSAVQRNAERVTAEEIRYVAGELEATLGGVYSVQSQELQLPIVRVLM
NQLQSAGMIPDLPKEAVEPTVSTGLEALGRGQDLEKLTQAVNMMTGLQPLSQDPDINLPTLKLRLLNALGIDTAGLLLTQ
DEKIQRMAEQSSQQAVVQGASAAGANMGAAVGQGAGEDMAQA
;
_entity_poly.pdbx_strand_id   K,H,I,A,J,B,C,D,L,F,G,E
#
# COMPACT_ATOMS: atom_id res chain seq x y z
N GLU A 3 -25.21 83.78 22.27
CA GLU A 3 -26.49 83.16 21.95
C GLU A 3 -26.45 82.50 20.58
N ARG A 4 -25.78 81.36 20.49
CA ARG A 4 -25.77 80.58 19.25
C ARG A 4 -25.22 81.40 18.09
N GLU A 5 -23.93 81.71 18.13
CA GLU A 5 -23.25 82.53 17.13
C GLU A 5 -23.03 81.69 15.87
N GLY A 6 -22.14 82.15 14.99
CA GLY A 6 -21.94 81.59 13.66
C GLY A 6 -21.96 80.08 13.54
N PHE A 7 -22.43 79.60 12.39
CA PHE A 7 -22.85 78.24 12.10
C PHE A 7 -24.21 77.93 12.71
N ALA A 8 -24.71 78.81 13.57
CA ALA A 8 -25.97 78.57 14.27
C ALA A 8 -26.81 79.83 14.33
N ALA A 9 -26.83 80.60 13.24
CA ALA A 9 -27.55 81.87 13.21
C ALA A 9 -28.88 81.78 12.48
N GLU A 10 -29.34 80.58 12.11
CA GLU A 10 -30.61 80.45 11.43
C GLU A 10 -31.43 79.25 11.90
N GLY A 11 -31.01 78.56 12.95
CA GLY A 11 -31.78 77.45 13.48
C GLY A 11 -31.39 76.11 12.87
N ALA A 12 -31.90 75.05 13.49
CA ALA A 12 -31.57 73.69 13.06
C ALA A 12 -32.30 73.28 11.79
N LYS A 13 -33.54 73.75 11.60
CA LYS A 13 -34.32 73.32 10.45
C LYS A 13 -33.86 73.99 9.16
N ALA A 14 -33.39 75.24 9.24
CA ALA A 14 -32.98 75.95 8.03
C ALA A 14 -31.77 75.29 7.39
N VAL A 15 -30.82 74.83 8.19
CA VAL A 15 -29.61 74.22 7.66
C VAL A 15 -29.94 72.90 6.96
N TYR A 16 -30.82 72.09 7.55
CA TYR A 16 -31.14 70.79 7.00
C TYR A 16 -31.69 70.91 5.59
N ASP A 17 -32.65 71.81 5.39
CA ASP A 17 -33.29 71.97 4.09
C ASP A 17 -32.37 72.61 3.07
N ARG A 18 -31.40 73.41 3.52
CA ARG A 18 -30.45 74.00 2.57
C ARG A 18 -29.45 72.96 2.09
N LEU A 19 -28.94 72.11 3.00
CA LEU A 19 -27.94 71.13 2.63
C LEU A 19 -28.52 69.83 2.11
N LYS A 20 -29.84 69.66 2.13
CA LYS A 20 -30.45 68.45 1.60
C LYS A 20 -30.13 68.21 0.13
N ASN A 21 -29.79 69.26 -0.63
CA ASN A 21 -29.66 69.12 -2.07
C ASN A 21 -28.35 68.47 -2.52
N GLY A 22 -27.41 68.27 -1.60
CA GLY A 22 -26.13 67.72 -2.00
C GLY A 22 -26.04 66.22 -2.08
N ARG A 23 -27.08 65.50 -1.62
CA ARG A 23 -27.03 64.05 -1.55
C ARG A 23 -27.63 63.36 -2.77
N GLN A 24 -28.18 64.09 -3.72
CA GLN A 24 -28.97 63.46 -4.78
C GLN A 24 -28.20 62.47 -5.62
N PRO A 25 -26.99 62.77 -6.12
CA PRO A 25 -26.28 61.77 -6.96
C PRO A 25 -26.04 60.46 -6.23
N TYR A 26 -25.70 60.52 -4.94
CA TYR A 26 -25.39 59.29 -4.20
C TYR A 26 -26.62 58.40 -4.07
N GLU A 27 -27.79 58.99 -3.77
CA GLU A 27 -29.02 58.20 -3.71
C GLU A 27 -29.37 57.62 -5.07
N THR A 28 -29.29 58.44 -6.12
CA THR A 28 -29.63 57.97 -7.45
C THR A 28 -28.74 56.81 -7.88
N ARG A 29 -27.47 56.84 -7.44
CA ARG A 29 -26.54 55.79 -7.84
C ARG A 29 -26.74 54.53 -7.00
N ALA A 30 -27.03 54.71 -5.70
CA ALA A 30 -27.25 53.56 -4.82
C ALA A 30 -28.49 52.79 -5.22
N GLN A 31 -29.55 53.48 -5.64
CA GLN A 31 -30.75 52.77 -6.08
C GLN A 31 -30.47 51.90 -7.31
N ASN A 32 -29.67 52.41 -8.25
CA ASN A 32 -29.31 51.61 -9.41
C ASN A 32 -28.48 50.40 -9.00
N CYS A 33 -27.55 50.59 -8.06
CA CYS A 33 -26.73 49.46 -7.63
C CYS A 33 -27.57 48.39 -6.94
N ALA A 34 -28.51 48.80 -6.09
CA ALA A 34 -29.31 47.83 -5.32
C ALA A 34 -30.59 47.44 -6.03
N ALA A 35 -30.48 47.04 -7.30
CA ALA A 35 -31.61 46.54 -8.06
C ALA A 35 -31.30 45.29 -8.86
N VAL A 36 -30.04 44.93 -9.03
CA VAL A 36 -29.67 43.66 -9.63
C VAL A 36 -29.23 42.63 -8.60
N THR A 37 -28.89 43.05 -7.38
CA THR A 37 -28.50 42.12 -6.33
C THR A 37 -29.66 41.76 -5.40
N ILE A 38 -30.19 42.74 -4.68
CA ILE A 38 -31.31 42.55 -3.76
C ILE A 38 -32.17 43.80 -3.80
N PRO A 39 -33.37 43.75 -4.37
CA PRO A 39 -34.15 44.98 -4.60
C PRO A 39 -34.87 45.53 -3.37
N SER A 40 -34.76 44.90 -2.20
CA SER A 40 -35.42 45.39 -1.01
C SER A 40 -34.43 45.84 0.06
N LEU A 41 -33.21 46.19 -0.35
CA LEU A 41 -32.18 46.62 0.59
C LEU A 41 -32.05 48.14 0.70
N PHE A 42 -32.39 48.87 -0.36
CA PHE A 42 -32.38 50.33 -0.35
C PHE A 42 -33.71 50.83 -0.87
N PRO A 43 -34.74 50.82 -0.02
CA PRO A 43 -36.04 51.38 -0.44
C PRO A 43 -35.96 52.89 -0.58
N LYS A 44 -36.85 53.43 -1.42
CA LYS A 44 -36.97 54.87 -1.55
C LYS A 44 -37.63 55.45 -0.29
N GLU A 45 -37.81 56.76 -0.30
CA GLU A 45 -38.41 57.45 0.84
C GLU A 45 -39.92 57.60 0.73
N SER A 46 -40.53 57.09 -0.33
CA SER A 46 -41.96 57.22 -0.57
C SER A 46 -42.60 55.85 -0.83
N ASP A 47 -42.28 54.89 0.02
CA ASP A 47 -42.80 53.53 -0.10
C ASP A 47 -43.67 53.20 1.10
N ASN A 48 -44.58 52.25 0.90
CA ASN A 48 -45.57 51.90 1.93
C ASN A 48 -45.88 50.41 1.80
N SER A 49 -46.99 49.99 2.40
CA SER A 49 -47.33 48.58 2.52
C SER A 49 -47.79 47.95 1.20
N SER A 50 -48.06 48.75 0.17
CA SER A 50 -48.60 48.22 -1.07
C SER A 50 -47.55 47.96 -2.14
N THR A 51 -46.32 48.43 -1.95
CA THR A 51 -45.30 48.28 -2.97
C THR A 51 -44.85 46.83 -3.09
N GLU A 52 -44.42 46.45 -4.30
CA GLU A 52 -44.01 45.09 -4.60
C GLU A 52 -42.63 45.10 -5.25
N TYR A 53 -41.79 44.15 -4.84
CA TYR A 53 -40.43 44.03 -5.33
C TYR A 53 -40.29 42.78 -6.19
N THR A 54 -39.71 42.93 -7.37
CA THR A 54 -39.66 41.86 -8.35
C THR A 54 -38.30 41.18 -8.35
N THR A 55 -38.32 39.86 -8.56
CA THR A 55 -37.10 39.08 -8.58
C THR A 55 -36.28 39.40 -9.82
N PRO A 56 -34.97 39.58 -9.69
CA PRO A 56 -34.12 39.74 -10.88
C PRO A 56 -34.03 38.45 -11.68
N TRP A 57 -33.64 38.59 -12.94
CA TRP A 57 -33.53 37.45 -13.84
C TRP A 57 -32.38 36.52 -13.49
N GLN A 58 -31.47 36.93 -12.63
CA GLN A 58 -30.27 36.19 -12.26
C GLN A 58 -30.30 35.87 -10.76
N ALA A 59 -29.27 35.17 -10.29
CA ALA A 59 -29.14 34.90 -8.87
C ALA A 59 -27.70 34.97 -8.39
N VAL A 60 -26.80 35.56 -9.16
CA VAL A 60 -25.40 35.64 -8.78
C VAL A 60 -25.09 36.87 -7.91
N GLY A 61 -25.90 37.92 -8.00
CA GLY A 61 -25.61 39.15 -7.29
C GLY A 61 -25.86 39.13 -5.80
N ALA A 62 -26.54 38.12 -5.27
CA ALA A 62 -26.83 38.04 -3.84
C ALA A 62 -25.84 37.16 -3.08
N ARG A 63 -25.39 36.07 -3.69
CA ARG A 63 -24.42 35.20 -3.04
C ARG A 63 -23.14 35.96 -2.72
N CYS A 64 -22.66 36.77 -3.67
CA CYS A 64 -21.43 37.52 -3.46
C CYS A 64 -21.58 38.51 -2.31
N LEU A 65 -22.70 39.24 -2.29
CA LEU A 65 -22.92 40.22 -1.23
C LEU A 65 -22.94 39.54 0.14
N ASN A 66 -23.73 38.48 0.28
CA ASN A 66 -23.83 37.81 1.57
C ASN A 66 -22.50 37.22 2.02
N ASN A 67 -21.78 36.55 1.11
CA ASN A 67 -20.52 35.93 1.47
C ASN A 67 -19.48 36.97 1.87
N LEU A 68 -19.36 38.05 1.11
CA LEU A 68 -18.38 39.08 1.46
C LEU A 68 -18.71 39.74 2.79
N ALA A 69 -19.99 40.03 3.05
CA ALA A 69 -20.34 40.61 4.33
C ALA A 69 -19.99 39.69 5.48
N ALA A 70 -20.27 38.39 5.33
CA ALA A 70 -19.94 37.44 6.40
C ALA A 70 -18.45 37.37 6.65
N LYS A 71 -17.64 37.33 5.58
CA LYS A 71 -16.19 37.24 5.75
C LYS A 71 -15.64 38.50 6.41
N LEU A 72 -16.11 39.68 5.99
CA LEU A 72 -15.62 40.91 6.60
C LEU A 72 -16.00 40.98 8.08
N MET A 73 -17.21 40.57 8.43
CA MET A 73 -17.61 40.55 9.83
C MET A 73 -16.74 39.59 10.63
N LEU A 74 -16.44 38.42 10.08
CA LEU A 74 -15.60 37.46 10.81
C LEU A 74 -14.17 37.98 10.98
N ALA A 75 -13.67 38.75 10.02
CA ALA A 75 -12.27 39.19 10.11
C ALA A 75 -12.11 40.43 10.99
N LEU A 76 -13.02 41.40 10.89
CA LEU A 76 -12.81 42.67 11.59
C LEU A 76 -13.08 42.57 13.08
N PHE A 77 -14.08 41.78 13.49
CA PHE A 77 -14.53 41.71 14.88
C PHE A 77 -14.50 40.27 15.37
N PRO A 78 -13.32 39.76 15.73
CA PRO A 78 -13.24 38.39 16.23
C PRO A 78 -13.73 38.28 17.67
N GLN A 79 -13.60 37.10 18.27
CA GLN A 79 -14.10 36.89 19.62
C GLN A 79 -13.09 37.27 20.70
N SER A 80 -11.80 37.07 20.43
CA SER A 80 -10.75 37.55 21.32
C SER A 80 -10.61 39.06 21.19
N PRO A 81 -10.05 39.72 22.20
CA PRO A 81 -10.00 41.20 22.17
C PRO A 81 -9.22 41.72 20.97
N TRP A 82 -9.69 42.85 20.44
CA TRP A 82 -9.01 43.57 19.37
C TRP A 82 -8.51 44.92 19.85
N MET A 83 -7.97 44.97 21.07
CA MET A 83 -7.36 46.17 21.62
C MET A 83 -6.22 45.74 22.53
N ARG A 84 -5.23 46.62 22.69
CA ARG A 84 -4.01 46.23 23.40
C ARG A 84 -3.75 47.02 24.67
N LEU A 85 -3.78 48.35 24.63
CA LEU A 85 -3.55 49.19 25.80
C LEU A 85 -2.17 48.94 26.41
N THR A 86 -1.15 49.31 25.65
CA THR A 86 0.22 49.10 26.08
C THR A 86 0.78 50.35 26.77
N VAL A 87 2.02 50.26 27.23
CA VAL A 87 2.72 51.37 27.89
C VAL A 87 4.18 51.33 27.44
N SER A 88 4.83 52.48 27.49
CA SER A 88 6.19 52.60 27.00
C SER A 88 7.15 51.78 27.84
N GLU A 89 8.27 51.40 27.23
CA GLU A 89 9.26 50.52 27.85
C GLU A 89 10.39 51.27 28.53
N TYR A 90 10.95 52.28 27.85
CA TYR A 90 12.06 53.03 28.43
C TYR A 90 11.60 53.84 29.65
N GLU A 91 10.34 54.26 29.67
CA GLU A 91 9.79 54.93 30.85
C GLU A 91 9.49 53.97 31.98
N ALA A 92 9.08 52.74 31.67
CA ALA A 92 8.78 51.77 32.72
C ALA A 92 10.03 51.18 33.35
N LYS A 93 11.08 50.98 32.55
CA LYS A 93 12.30 50.39 33.10
C LYS A 93 13.06 51.36 33.99
N THR A 94 13.19 52.62 33.55
CA THR A 94 14.02 53.58 34.26
C THR A 94 13.41 54.01 35.58
N LEU A 95 12.16 53.66 35.86
CA LEU A 95 11.49 54.06 37.09
C LEU A 95 11.37 52.93 38.11
N SER A 96 11.40 51.68 37.67
CA SER A 96 11.21 50.55 38.56
C SER A 96 12.50 50.20 39.28
N GLN A 97 12.38 49.33 40.28
CA GLN A 97 13.51 48.84 41.05
C GLN A 97 13.63 47.32 41.03
N ASP A 98 12.51 46.60 41.13
CA ASP A 98 12.51 45.15 41.13
C ASP A 98 12.57 44.64 39.69
N SER A 99 12.32 43.34 39.52
CA SER A 99 12.33 42.72 38.20
C SER A 99 10.96 42.31 37.70
N GLU A 100 9.93 42.35 38.54
CA GLU A 100 8.59 41.89 38.17
C GLU A 100 7.59 43.04 38.02
N ALA A 101 8.05 44.29 37.98
CA ALA A 101 7.12 45.41 37.87
C ALA A 101 6.37 45.39 36.54
N ALA A 102 7.03 45.01 35.46
CA ALA A 102 6.40 45.01 34.14
C ALA A 102 5.21 44.06 34.10
N ALA A 103 5.36 42.86 34.65
CA ALA A 103 4.25 41.92 34.70
C ALA A 103 3.10 42.44 35.55
N ARG A 104 3.42 43.10 36.66
CA ARG A 104 2.37 43.68 37.50
C ARG A 104 1.60 44.76 36.76
N VAL A 105 2.27 45.56 35.93
CA VAL A 105 1.54 46.54 35.13
C VAL A 105 0.69 45.85 34.07
N ASP A 106 1.25 44.83 33.42
CA ASP A 106 0.50 44.14 32.36
C ASP A 106 -0.75 43.46 32.89
N GLU A 107 -0.75 43.04 34.15
CA GLU A 107 -1.95 42.42 34.72
C GLU A 107 -3.13 43.38 34.68
N GLY A 108 -2.95 44.60 35.20
CA GLY A 108 -4.02 45.58 35.15
C GLY A 108 -4.35 45.99 33.73
N LEU A 109 -3.34 46.11 32.88
CA LEU A 109 -3.60 46.46 31.49
C LEU A 109 -4.47 45.43 30.79
N ALA A 110 -4.35 44.14 31.16
CA ALA A 110 -5.22 43.12 30.61
C ALA A 110 -6.61 43.14 31.23
N MET A 111 -6.69 43.41 32.54
CA MET A 111 -7.99 43.46 33.19
C MET A 111 -8.88 44.55 32.58
N VAL A 112 -8.28 45.69 32.24
CA VAL A 112 -9.07 46.77 31.65
C VAL A 112 -9.68 46.34 30.31
N GLU A 113 -8.89 45.65 29.49
CA GLU A 113 -9.42 45.17 28.21
C GLU A 113 -10.56 44.16 28.43
N ARG A 114 -10.40 43.28 29.42
CA ARG A 114 -11.48 42.32 29.69
C ARG A 114 -12.77 43.03 30.07
N VAL A 115 -12.68 44.06 30.92
CA VAL A 115 -13.88 44.80 31.30
C VAL A 115 -14.50 45.49 30.09
N LEU A 116 -13.67 46.10 29.25
CA LEU A 116 -14.18 46.80 28.06
C LEU A 116 -14.89 45.83 27.12
N MET A 117 -14.39 44.61 27.01
CA MET A 117 -15.05 43.62 26.16
C MET A 117 -16.37 43.16 26.75
N ALA A 118 -16.40 42.92 28.07
CA ALA A 118 -17.63 42.45 28.70
C ALA A 118 -18.75 43.48 28.59
N TYR A 119 -18.44 44.75 28.83
CA TYR A 119 -19.48 45.78 28.72
C TYR A 119 -20.09 45.81 27.33
N MET A 120 -19.26 45.78 26.29
CA MET A 120 -19.74 45.82 24.93
C MET A 120 -20.50 44.54 24.56
N GLU A 121 -20.20 43.42 25.23
CA GLU A 121 -20.99 42.20 25.04
C GLU A 121 -22.38 42.29 25.66
N THR A 122 -22.51 42.87 26.85
CA THR A 122 -23.80 42.89 27.53
C THR A 122 -24.81 43.75 26.77
N ASN A 123 -24.55 45.04 26.63
CA ASN A 123 -25.38 45.92 25.82
C ASN A 123 -25.11 45.59 24.37
N SER A 124 -26.06 44.92 23.71
CA SER A 124 -25.81 44.31 22.41
C SER A 124 -25.33 45.30 21.36
N PHE A 125 -24.07 45.21 20.96
CA PHE A 125 -23.51 46.01 19.89
C PHE A 125 -23.34 45.22 18.59
N ARG A 126 -23.61 43.92 18.60
CA ARG A 126 -23.28 43.09 17.45
C ARG A 126 -24.37 43.04 16.39
N VAL A 127 -25.59 43.47 16.70
CA VAL A 127 -26.65 43.51 15.70
C VAL A 127 -26.53 44.75 14.82
N PRO A 128 -26.36 45.96 15.37
CA PRO A 128 -26.17 47.12 14.48
C PRO A 128 -24.96 47.04 13.58
N LEU A 129 -23.87 46.41 14.05
CA LEU A 129 -22.64 46.38 13.27
C LEU A 129 -22.80 45.54 12.01
N PHE A 130 -23.47 44.38 12.12
CA PHE A 130 -23.69 43.56 10.94
C PHE A 130 -24.57 44.27 9.92
N GLU A 131 -25.58 45.01 10.39
CA GLU A 131 -26.40 45.81 9.49
C GLU A 131 -25.57 46.90 8.82
N ALA A 132 -24.72 47.57 9.58
CA ALA A 132 -23.92 48.65 9.03
C ALA A 132 -22.97 48.15 7.94
N LEU A 133 -22.36 46.99 8.15
CA LEU A 133 -21.42 46.48 7.16
C LEU A 133 -22.08 46.11 5.85
N LYS A 134 -23.40 45.94 5.82
CA LYS A 134 -24.09 45.65 4.57
C LYS A 134 -24.48 46.90 3.81
N GLN A 135 -24.69 48.02 4.50
CA GLN A 135 -24.99 49.27 3.82
C GLN A 135 -23.75 49.90 3.20
N LEU A 136 -22.57 49.61 3.73
CA LEU A 136 -21.34 50.15 3.15
C LEU A 136 -21.08 49.59 1.77
N ILE A 137 -21.41 48.32 1.54
CA ILE A 137 -21.13 47.71 0.24
C ILE A 137 -22.10 48.18 -0.84
N VAL A 138 -23.29 48.64 -0.46
CA VAL A 138 -24.30 49.03 -1.42
C VAL A 138 -24.28 50.54 -1.63
N SER A 139 -24.41 51.31 -0.55
CA SER A 139 -24.44 52.77 -0.64
C SER A 139 -23.11 53.43 -0.29
N GLY A 140 -22.43 52.93 0.73
CA GLY A 140 -21.13 53.46 1.11
C GLY A 140 -21.12 54.39 2.29
N ASN A 141 -22.24 54.56 2.99
CA ASN A 141 -22.33 55.53 4.08
C ASN A 141 -23.21 54.97 5.20
N CYS A 142 -22.93 55.41 6.42
CA CYS A 142 -23.75 55.10 7.59
C CYS A 142 -23.30 56.01 8.73
N LEU A 143 -24.08 55.99 9.82
CA LEU A 143 -23.78 56.77 11.01
C LEU A 143 -23.97 55.89 12.25
N LEU A 144 -23.29 56.25 13.34
CA LEU A 144 -23.39 55.50 14.58
C LEU A 144 -23.47 56.44 15.77
N TYR A 145 -24.26 56.05 16.77
CA TYR A 145 -24.46 56.85 17.97
C TYR A 145 -24.30 55.97 19.20
N ILE A 146 -23.59 56.47 20.20
CA ILE A 146 -23.35 55.71 21.43
C ILE A 146 -23.89 56.46 22.63
N PRO A 147 -24.99 56.01 23.23
CA PRO A 147 -25.58 56.74 24.35
C PRO A 147 -24.72 56.65 25.60
N GLU A 148 -25.00 57.56 26.53
CA GLU A 148 -24.21 57.67 27.75
C GLU A 148 -24.42 56.44 28.63
N PRO A 149 -23.36 55.89 29.21
CA PRO A 149 -23.51 54.68 30.02
C PRO A 149 -24.15 54.96 31.37
N GLU A 150 -24.78 53.93 31.92
CA GLU A 150 -25.35 53.98 33.26
C GLU A 150 -25.01 52.70 34.02
N GLN A 151 -25.63 52.50 35.19
CA GLN A 151 -25.28 51.38 36.04
C GLN A 151 -26.16 50.15 35.83
N GLY A 152 -27.48 50.32 35.80
CA GLY A 152 -28.37 49.17 35.70
C GLY A 152 -29.47 49.29 34.68
N THR A 153 -29.19 49.92 33.54
CA THR A 153 -30.19 50.13 32.49
C THR A 153 -29.64 49.68 31.14
N TYR A 154 -30.56 49.41 30.22
CA TYR A 154 -30.23 48.97 28.88
C TYR A 154 -30.01 50.17 27.98
N SER A 155 -28.82 50.28 27.39
CA SER A 155 -28.44 51.42 26.54
C SER A 155 -27.83 50.91 25.25
N PRO A 156 -28.65 50.50 24.28
CA PRO A 156 -28.12 49.94 23.05
C PRO A 156 -27.66 51.02 22.06
N MET A 157 -26.87 50.57 21.09
CA MET A 157 -26.37 51.42 20.02
C MET A 157 -27.46 51.66 18.98
N ARG A 158 -27.28 52.69 18.16
CA ARG A 158 -28.24 53.05 17.13
C ARG A 158 -27.52 53.30 15.81
N MET A 159 -28.28 53.15 14.71
CA MET A 159 -27.75 53.32 13.37
C MET A 159 -28.72 54.15 12.53
N TYR A 160 -28.17 55.02 11.68
CA TYR A 160 -28.95 55.85 10.76
C TYR A 160 -28.55 55.54 9.33
N ARG A 161 -29.52 55.61 8.42
CA ARG A 161 -29.26 55.43 7.00
C ARG A 161 -28.84 56.75 6.36
N LEU A 162 -28.60 56.73 5.06
CA LEU A 162 -28.18 57.92 4.34
C LEU A 162 -29.30 58.93 4.15
N VAL A 163 -30.55 58.53 4.36
CA VAL A 163 -31.69 59.41 4.11
C VAL A 163 -32.14 60.12 5.38
N SER A 164 -31.26 60.21 6.39
CA SER A 164 -31.67 60.79 7.66
C SER A 164 -30.63 61.68 8.32
N TYR A 165 -29.55 62.06 7.64
CA TYR A 165 -28.55 62.94 8.24
C TYR A 165 -27.84 63.72 7.15
N VAL A 166 -27.13 64.77 7.59
CA VAL A 166 -26.46 65.72 6.70
C VAL A 166 -25.08 66.07 7.27
N VAL A 167 -24.06 66.07 6.42
CA VAL A 167 -22.68 66.36 6.82
C VAL A 167 -22.10 67.43 5.90
N GLN A 168 -21.28 68.31 6.46
CA GLN A 168 -20.49 69.26 5.68
C GLN A 168 -19.03 69.14 6.08
N ARG A 169 -18.15 68.94 5.09
CA ARG A 169 -16.74 68.72 5.32
C ARG A 169 -15.90 69.78 4.61
N ASP A 170 -14.69 69.97 5.12
CA ASP A 170 -13.71 70.86 4.53
C ASP A 170 -13.04 70.18 3.33
N ALA A 171 -12.25 70.95 2.58
CA ALA A 171 -11.45 70.37 1.51
C ALA A 171 -10.27 69.57 2.03
N PHE A 172 -9.81 69.87 3.24
CA PHE A 172 -8.74 69.09 3.86
C PHE A 172 -9.25 67.76 4.39
N GLY A 173 -10.49 67.72 4.88
CA GLY A 173 -11.07 66.49 5.37
C GLY A 173 -11.59 66.55 6.80
N ASN A 174 -11.89 67.75 7.30
CA ASN A 174 -12.40 67.93 8.64
C ASN A 174 -13.91 67.98 8.64
N ILE A 175 -14.49 67.83 9.83
CA ILE A 175 -15.93 67.78 10.02
C ILE A 175 -16.37 69.05 10.74
N LEU A 176 -17.36 69.75 10.18
CA LEU A 176 -17.81 71.02 10.69
C LEU A 176 -19.24 71.03 11.20
N GLN A 177 -20.13 70.17 10.67
CA GLN A 177 -21.54 70.26 10.99
C GLN A 177 -22.21 68.92 10.79
N ILE A 178 -23.16 68.59 11.67
CA ILE A 178 -23.97 67.39 11.58
C ILE A 178 -25.38 67.70 12.08
N VAL A 179 -26.40 67.25 11.34
CA VAL A 179 -27.80 67.41 11.73
C VAL A 179 -28.53 66.10 11.46
N THR A 180 -29.42 65.71 12.39
CA THR A 180 -30.21 64.48 12.26
C THR A 180 -31.68 64.77 12.48
N LEU A 181 -32.53 63.85 12.02
CA LEU A 181 -33.98 64.01 12.09
C LEU A 181 -34.64 62.73 12.59
N ASP A 182 -35.63 62.89 13.48
CA ASP A 182 -36.37 61.78 14.04
C ASP A 182 -37.87 62.09 14.04
N LYS A 183 -38.68 61.04 14.09
CA LYS A 183 -40.13 61.15 14.13
C LYS A 183 -40.67 60.31 15.29
N VAL A 184 -41.26 60.96 16.28
CA VAL A 184 -41.80 60.27 17.45
C VAL A 184 -43.24 60.71 17.66
N ALA A 185 -43.96 59.94 18.47
CA ALA A 185 -45.35 60.21 18.79
C ALA A 185 -45.45 60.95 20.11
N PHE A 186 -46.60 61.60 20.32
CA PHE A 186 -46.76 62.46 21.49
C PHE A 186 -46.71 61.66 22.80
N SER A 187 -47.35 60.50 22.83
CA SER A 187 -47.40 59.72 24.07
C SER A 187 -46.09 59.01 24.39
N ALA A 188 -45.19 58.88 23.42
CA ALA A 188 -43.90 58.23 23.63
C ALA A 188 -42.80 59.21 24.02
N LEU A 189 -43.11 60.51 24.07
CA LEU A 189 -42.13 61.50 24.47
C LEU A 189 -41.90 61.45 25.98
N PRO A 190 -40.69 61.77 26.44
CA PRO A 190 -40.46 61.88 27.87
C PRO A 190 -41.26 63.02 28.48
N GLU A 191 -41.63 62.86 29.75
CA GLU A 191 -42.48 63.85 30.41
C GLU A 191 -41.77 65.19 30.56
N ASP A 192 -40.44 65.18 30.75
CA ASP A 192 -39.72 66.44 30.89
C ASP A 192 -39.84 67.28 29.64
N VAL A 193 -39.70 66.67 28.46
CA VAL A 193 -39.91 67.39 27.20
C VAL A 193 -41.39 67.71 27.02
N LYS A 194 -42.26 66.79 27.43
CA LYS A 194 -43.70 67.00 27.29
C LYS A 194 -44.20 68.13 28.18
N SER A 195 -43.40 68.60 29.12
CA SER A 195 -43.81 69.64 30.07
C SER A 195 -43.67 71.05 29.51
N GLN A 196 -43.12 71.21 28.31
CA GLN A 196 -43.05 72.52 27.67
C GLN A 196 -44.05 72.69 26.54
N LEU A 197 -45.04 71.80 26.43
CA LEU A 197 -46.07 71.89 25.42
C LEU A 197 -47.44 71.83 26.09
N ASN A 198 -48.47 72.23 25.35
CA ASN A 198 -49.84 72.15 25.82
C ASN A 198 -50.49 70.88 25.32
N ALA A 199 -51.07 70.10 26.24
CA ALA A 199 -51.61 68.80 25.89
C ALA A 199 -52.92 68.91 25.14
N ASP A 200 -53.62 70.04 25.24
CA ASP A 200 -54.92 70.16 24.62
C ASP A 200 -54.82 70.11 23.10
N ASP A 201 -53.78 70.74 22.53
CA ASP A 201 -53.67 70.82 21.08
C ASP A 201 -53.36 69.46 20.45
N TYR A 202 -52.71 68.57 21.17
CA TYR A 202 -52.26 67.30 20.63
C TYR A 202 -53.07 66.14 21.20
N GLU A 203 -53.33 65.17 20.34
CA GLU A 203 -53.94 63.92 20.73
C GLU A 203 -52.90 62.80 20.64
N PRO A 204 -53.11 61.69 21.34
CA PRO A 204 -52.18 60.56 21.20
C PRO A 204 -52.13 60.10 19.75
N ASP A 205 -50.96 59.58 19.36
CA ASP A 205 -50.63 59.03 18.04
C ASP A 205 -50.26 60.12 17.02
N THR A 206 -50.34 61.40 17.36
CA THR A 206 -49.83 62.42 16.45
C THR A 206 -48.31 62.46 16.53
N GLU A 207 -47.68 62.91 15.44
CA GLU A 207 -46.23 62.80 15.28
C GLU A 207 -45.58 64.17 15.29
N LEU A 208 -44.39 64.23 15.89
CA LEU A 208 -43.57 65.43 15.93
C LEU A 208 -42.21 65.14 15.33
N GLU A 209 -41.50 66.21 14.94
CA GLU A 209 -40.17 66.10 14.37
C GLU A 209 -39.17 66.77 15.29
N VAL A 210 -38.06 66.08 15.55
CA VAL A 210 -37.05 66.51 16.51
C VAL A 210 -35.72 66.64 15.79
N TYR A 211 -35.02 67.76 16.01
CA TYR A 211 -33.77 68.06 15.34
C TYR A 211 -32.64 68.19 16.36
N THR A 212 -31.45 67.74 15.96
CA THR A 212 -30.25 67.85 16.79
C THR A 212 -29.13 68.47 15.95
N HIS A 213 -28.40 69.42 16.53
CA HIS A 213 -27.40 70.19 15.80
C HIS A 213 -26.09 70.17 16.56
N ILE A 214 -25.01 69.74 15.89
CA ILE A 214 -23.67 69.71 16.45
C ILE A 214 -22.75 70.49 15.53
N TYR A 215 -22.04 71.47 16.08
CA TYR A 215 -21.14 72.31 15.29
C TYR A 215 -19.88 72.59 16.08
N ARG A 216 -18.92 73.24 15.42
CA ARG A 216 -17.59 73.48 15.99
C ARG A 216 -17.40 74.95 16.28
N GLN A 217 -16.87 75.25 17.47
CA GLN A 217 -16.59 76.64 17.85
C GLN A 217 -15.45 76.66 18.86
N ASP A 218 -14.29 77.16 18.44
CA ASP A 218 -13.14 77.41 19.31
C ASP A 218 -12.66 76.15 20.00
N ASP A 219 -12.18 75.21 19.19
CA ASP A 219 -11.49 74.00 19.67
C ASP A 219 -12.37 73.09 20.50
N GLU A 220 -13.67 73.06 20.23
CA GLU A 220 -14.57 72.13 20.90
C GLU A 220 -15.86 72.04 20.10
N TYR A 221 -16.78 71.22 20.59
CA TYR A 221 -18.07 71.00 19.95
C TYR A 221 -19.19 71.47 20.86
N LEU A 222 -20.31 71.88 20.25
CA LEU A 222 -21.48 72.34 20.99
C LEU A 222 -22.71 71.57 20.50
N ARG A 223 -23.72 71.51 21.37
CA ARG A 223 -24.88 70.65 21.11
C ARG A 223 -26.15 71.27 21.67
N TYR A 224 -27.24 71.16 20.92
CA TYR A 224 -28.56 71.54 21.42
C TYR A 224 -29.63 70.83 20.60
N GLU A 225 -30.87 70.86 21.11
CA GLU A 225 -31.99 70.14 20.54
C GLU A 225 -33.16 71.08 20.30
N GLU A 226 -33.76 71.00 19.12
CA GLU A 226 -34.83 71.91 18.72
C GLU A 226 -36.05 71.13 18.27
N VAL A 227 -37.22 71.49 18.80
CA VAL A 227 -38.49 70.88 18.41
C VAL A 227 -39.44 71.99 18.02
N GLU A 228 -40.35 71.66 17.08
CA GLU A 228 -41.31 72.63 16.56
C GLU A 228 -40.60 73.83 16.00
N GLY A 229 -40.45 74.89 16.80
CA GLY A 229 -39.69 76.05 16.40
C GLY A 229 -38.84 76.60 17.51
N ILE A 230 -38.87 75.96 18.67
CA ILE A 230 -38.15 76.42 19.85
C ILE A 230 -37.09 75.40 20.22
N GLU A 231 -36.27 75.76 21.21
CA GLU A 231 -35.20 74.90 21.71
C GLU A 231 -35.57 74.36 23.08
N VAL A 232 -35.50 73.05 23.23
CA VAL A 232 -35.87 72.41 24.50
C VAL A 232 -34.80 72.68 25.54
N ALA A 233 -35.22 73.17 26.71
CA ALA A 233 -34.28 73.41 27.79
C ALA A 233 -33.84 72.08 28.41
N GLY A 234 -32.58 72.03 28.82
CA GLY A 234 -32.03 70.85 29.45
C GLY A 234 -31.29 69.90 28.54
N THR A 235 -30.96 70.30 27.31
CA THR A 235 -30.22 69.46 26.39
C THR A 235 -28.85 70.02 26.03
N GLU A 236 -28.45 71.15 26.58
CA GLU A 236 -27.18 71.78 26.23
C GLU A 236 -26.01 70.92 26.71
N GLY A 237 -24.90 71.02 25.99
CA GLY A 237 -23.72 70.28 26.36
C GLY A 237 -22.56 70.59 25.43
N SER A 238 -21.47 69.86 25.62
CA SER A 238 -20.28 70.02 24.80
C SER A 238 -19.47 68.74 24.86
N TYR A 239 -18.58 68.58 23.87
CA TYR A 239 -17.75 67.40 23.76
C TYR A 239 -16.30 67.81 23.47
N PRO A 240 -15.34 66.99 23.89
CA PRO A 240 -13.95 67.23 23.50
C PRO A 240 -13.75 66.97 22.00
N LEU A 241 -12.68 67.56 21.46
CA LEU A 241 -12.46 67.51 20.03
C LEU A 241 -12.13 66.11 19.52
N THR A 242 -11.84 65.16 20.39
CA THR A 242 -11.49 63.81 19.98
C THR A 242 -12.39 62.74 20.58
N ALA A 243 -13.50 63.13 21.21
CA ALA A 243 -14.43 62.19 21.84
C ALA A 243 -15.87 62.54 21.49
N CYS A 244 -16.11 62.80 20.22
CA CYS A 244 -17.47 63.06 19.75
C CYS A 244 -18.15 61.73 19.46
N PRO A 245 -19.32 61.45 20.07
CA PRO A 245 -19.93 60.13 19.90
C PRO A 245 -20.74 59.95 18.62
N TYR A 246 -20.54 60.82 17.63
CA TYR A 246 -21.14 60.66 16.31
C TYR A 246 -20.04 60.37 15.30
N ILE A 247 -20.12 59.21 14.66
CA ILE A 247 -19.03 58.69 13.83
C ILE A 247 -19.56 58.46 12.42
N PRO A 248 -19.33 59.39 11.49
CA PRO A 248 -19.64 59.12 10.08
C PRO A 248 -18.61 58.20 9.46
N VAL A 249 -19.07 57.23 8.69
CA VAL A 249 -18.22 56.18 8.14
C VAL A 249 -18.25 56.24 6.62
N ARG A 250 -17.07 56.11 6.01
CA ARG A 250 -16.93 56.07 4.56
C ARG A 250 -16.19 54.80 4.17
N MET A 251 -16.35 54.40 2.91
CA MET A 251 -15.68 53.20 2.41
C MET A 251 -14.56 53.51 1.44
N VAL A 252 -14.81 54.32 0.42
CA VAL A 252 -13.78 54.75 -0.53
C VAL A 252 -13.73 56.28 -0.48
N ARG A 253 -12.55 56.82 -0.22
CA ARG A 253 -12.38 58.25 0.01
C ARG A 253 -11.66 58.89 -1.17
N LEU A 254 -12.30 59.86 -1.80
CA LEU A 254 -11.69 60.68 -2.82
C LEU A 254 -11.32 62.03 -2.23
N ASP A 255 -10.86 62.96 -3.07
CA ASP A 255 -10.29 64.22 -2.61
C ASP A 255 -11.31 65.34 -2.77
N GLY A 256 -11.55 66.08 -1.69
CA GLY A 256 -12.48 67.20 -1.70
C GLY A 256 -13.89 66.79 -2.05
N GLU A 257 -14.51 66.00 -1.16
CA GLU A 257 -15.82 65.42 -1.46
C GLU A 257 -16.44 64.91 -0.18
N ASP A 258 -17.67 65.35 0.11
CA ASP A 258 -18.43 64.77 1.20
C ASP A 258 -18.90 63.37 0.80
N TYR A 259 -19.05 62.50 1.80
CA TYR A 259 -19.52 61.14 1.60
C TYR A 259 -18.55 60.31 0.75
N GLY A 260 -18.61 58.99 0.86
CA GLY A 260 -17.77 58.10 0.09
C GLY A 260 -18.54 57.34 -0.97
N ARG A 261 -17.79 56.56 -1.74
CA ARG A 261 -18.36 55.71 -2.77
C ARG A 261 -18.43 54.28 -2.26
N SER A 262 -18.83 53.36 -3.13
CA SER A 262 -19.03 51.98 -2.74
C SER A 262 -18.15 51.05 -3.56
N TYR A 263 -18.06 49.80 -3.12
CA TYR A 263 -17.23 48.81 -3.78
C TYR A 263 -17.95 48.08 -4.90
N CYS A 264 -19.28 48.02 -4.87
CA CYS A 264 -20.04 47.33 -5.90
C CYS A 264 -20.14 48.12 -7.20
N GLU A 265 -19.71 49.38 -7.21
CA GLU A 265 -19.86 50.22 -8.39
C GLU A 265 -18.91 49.83 -9.51
N GLU A 266 -17.78 49.21 -9.20
CA GLU A 266 -16.79 48.90 -10.22
C GLU A 266 -17.24 47.82 -11.19
N TYR A 267 -18.20 46.99 -10.79
CA TYR A 267 -18.58 45.81 -11.57
C TYR A 267 -20.04 45.87 -12.00
N LEU A 268 -20.56 47.06 -12.26
CA LEU A 268 -21.95 47.17 -12.67
C LEU A 268 -22.16 46.67 -14.10
N GLY A 269 -21.19 46.92 -14.98
CA GLY A 269 -21.34 46.53 -16.37
C GLY A 269 -21.45 45.04 -16.55
N ASP A 270 -20.69 44.26 -15.76
CA ASP A 270 -20.73 42.81 -15.89
C ASP A 270 -22.11 42.26 -15.53
N LEU A 271 -22.69 42.74 -14.44
CA LEU A 271 -24.01 42.29 -14.06
C LEU A 271 -25.06 42.72 -15.09
N ASN A 272 -24.94 43.95 -15.60
CA ASN A 272 -25.87 44.39 -16.64
C ASN A 272 -25.74 43.57 -17.91
N SER A 273 -24.54 43.09 -18.21
CA SER A 273 -24.36 42.24 -19.40
C SER A 273 -24.95 40.85 -19.16
N LEU A 274 -24.72 40.27 -17.99
CA LEU A 274 -25.22 38.92 -17.72
C LEU A 274 -26.74 38.86 -17.68
N GLU A 275 -27.37 39.91 -17.15
CA GLU A 275 -28.81 39.90 -16.98
C GLU A 275 -29.57 40.04 -18.29
N THR A 276 -28.94 40.47 -19.36
CA THR A 276 -29.60 40.57 -20.66
C THR A 276 -29.35 39.34 -21.53
N ILE A 277 -28.58 38.37 -21.05
CA ILE A 277 -28.45 37.08 -21.72
C ILE A 277 -29.25 36.00 -21.00
N THR A 278 -29.30 36.07 -19.66
CA THR A 278 -30.10 35.10 -18.92
C THR A 278 -31.58 35.18 -19.31
N GLU A 279 -32.09 36.41 -19.49
CA GLU A 279 -33.49 36.58 -19.85
C GLU A 279 -33.78 35.95 -21.22
N ALA A 280 -32.91 36.19 -22.20
CA ALA A 280 -33.13 35.62 -23.52
C ALA A 280 -33.10 34.11 -23.48
N ILE A 281 -32.14 33.54 -22.74
CA ILE A 281 -32.07 32.08 -22.65
C ILE A 281 -33.33 31.51 -22.02
N THR A 282 -33.84 32.15 -20.97
CA THR A 282 -35.04 31.63 -20.32
C THR A 282 -36.26 31.74 -21.23
N LYS A 283 -36.40 32.86 -21.95
CA LYS A 283 -37.58 33.03 -22.79
C LYS A 283 -37.58 32.07 -23.97
N MET A 284 -36.40 31.82 -24.57
CA MET A 284 -36.33 30.83 -25.64
C MET A 284 -36.72 29.44 -25.15
N ALA A 285 -36.48 29.13 -23.88
CA ALA A 285 -36.89 27.85 -23.32
C ALA A 285 -38.37 27.78 -22.98
N LYS A 286 -38.98 28.89 -22.58
CA LYS A 286 -40.42 28.90 -22.35
C LYS A 286 -41.23 28.92 -23.64
N VAL A 287 -40.65 29.42 -24.74
CA VAL A 287 -41.36 29.38 -26.01
C VAL A 287 -41.47 27.96 -26.54
N ALA A 288 -40.45 27.14 -26.34
CA ALA A 288 -40.34 25.84 -26.98
C ALA A 288 -41.01 24.72 -26.21
N SER A 289 -42.03 25.02 -25.41
CA SER A 289 -42.80 23.99 -24.71
C SER A 289 -44.25 23.99 -25.12
N LYS A 290 -44.56 24.57 -26.29
CA LYS A 290 -45.91 24.60 -26.83
C LYS A 290 -45.97 23.71 -28.07
N VAL A 291 -46.95 22.81 -28.11
CA VAL A 291 -47.04 21.80 -29.17
C VAL A 291 -48.10 22.24 -30.17
N VAL A 292 -47.72 22.24 -31.45
CA VAL A 292 -48.63 22.54 -32.54
C VAL A 292 -48.39 21.53 -33.66
N GLY A 293 -49.43 20.83 -34.07
CA GLY A 293 -49.34 19.82 -35.11
C GLY A 293 -49.77 20.38 -36.46
N LEU A 294 -49.03 20.01 -37.50
CA LEU A 294 -49.26 20.55 -38.83
C LEU A 294 -49.68 19.41 -39.76
N VAL A 295 -50.78 19.61 -40.47
CA VAL A 295 -51.36 18.60 -41.37
C VAL A 295 -51.29 19.13 -42.79
N ASN A 296 -50.71 18.34 -43.69
CA ASN A 296 -50.54 18.76 -45.07
C ASN A 296 -51.87 18.71 -45.81
N PRO A 297 -52.34 19.83 -46.38
CA PRO A 297 -53.68 19.87 -46.99
C PRO A 297 -53.76 19.27 -48.38
N ASN A 298 -52.71 18.71 -48.95
CA ASN A 298 -52.83 18.06 -50.27
C ASN A 298 -52.71 16.55 -50.10
N GLY A 299 -53.23 16.02 -49.01
CA GLY A 299 -53.09 14.58 -48.70
C GLY A 299 -54.43 13.91 -48.52
N ILE A 300 -54.45 12.76 -47.84
CA ILE A 300 -55.70 11.96 -47.70
C ILE A 300 -56.10 11.83 -46.22
N THR A 301 -55.29 12.29 -45.26
CA THR A 301 -55.63 12.06 -43.83
C THR A 301 -56.60 13.14 -43.35
N GLN A 302 -57.33 12.89 -42.27
CA GLN A 302 -58.34 13.84 -41.77
C GLN A 302 -58.33 13.89 -40.24
N PRO A 303 -58.05 15.03 -39.61
CA PRO A 303 -57.94 15.12 -38.16
C PRO A 303 -59.11 14.59 -37.33
N ARG A 304 -60.30 14.47 -37.90
CA ARG A 304 -61.48 14.06 -37.15
C ARG A 304 -61.37 12.60 -36.70
N ARG A 305 -60.89 11.74 -37.60
CA ARG A 305 -60.73 10.32 -37.27
C ARG A 305 -59.70 10.12 -36.16
N LEU A 306 -58.58 10.84 -36.23
CA LEU A 306 -57.58 10.73 -35.17
C LEU A 306 -58.12 11.24 -33.85
N ASN A 307 -58.90 12.32 -33.89
CA ASN A 307 -59.39 12.94 -32.65
C ASN A 307 -60.48 12.13 -31.98
N LYS A 308 -61.28 11.38 -32.75
CA LYS A 308 -62.41 10.66 -32.18
C LYS A 308 -62.14 9.15 -31.98
N ALA A 309 -60.88 8.76 -31.86
CA ALA A 309 -60.53 7.35 -31.77
C ALA A 309 -60.46 6.91 -30.31
N ALA A 310 -60.02 5.67 -30.07
CA ALA A 310 -59.91 5.09 -28.74
C ALA A 310 -58.47 4.63 -28.50
N THR A 311 -58.25 3.93 -27.39
CA THR A 311 -56.89 3.61 -26.97
C THR A 311 -56.25 2.55 -27.85
N GLY A 312 -57.03 1.61 -28.37
CA GLY A 312 -56.51 0.70 -29.39
C GLY A 312 -57.47 0.58 -30.56
N GLU A 313 -57.06 1.02 -31.74
CA GLU A 313 -57.99 1.07 -32.86
C GLU A 313 -57.24 1.37 -34.15
N PHE A 314 -57.68 0.75 -35.24
CA PHE A 314 -57.19 1.07 -36.58
C PHE A 314 -58.08 2.15 -37.17
N VAL A 315 -57.48 3.18 -37.77
CA VAL A 315 -58.23 4.39 -38.07
C VAL A 315 -58.05 4.80 -39.54
N ALA A 316 -57.24 4.06 -40.29
CA ALA A 316 -57.21 4.15 -41.75
C ALA A 316 -56.80 5.55 -42.25
N GLY A 317 -55.53 5.86 -42.01
CA GLY A 317 -54.92 7.05 -42.58
C GLY A 317 -53.55 6.82 -43.19
N ARG A 318 -52.72 7.86 -43.25
CA ARG A 318 -51.34 7.74 -43.72
C ARG A 318 -50.44 8.58 -42.81
N VAL A 319 -49.20 8.13 -42.64
CA VAL A 319 -48.30 8.68 -41.62
C VAL A 319 -47.29 9.66 -42.21
N GLU A 320 -47.38 9.94 -43.50
CA GLU A 320 -46.46 10.86 -44.15
C GLU A 320 -47.01 12.28 -44.22
N ASP A 321 -48.19 12.53 -43.66
CA ASP A 321 -48.83 13.83 -43.73
C ASP A 321 -48.91 14.54 -42.40
N ILE A 322 -48.29 14.01 -41.35
CA ILE A 322 -48.36 14.57 -40.01
C ILE A 322 -46.96 14.93 -39.55
N ASN A 323 -46.78 16.15 -39.05
CA ASN A 323 -45.49 16.60 -38.58
C ASN A 323 -45.73 17.72 -37.56
N PHE A 324 -44.69 18.00 -36.78
CA PHE A 324 -44.79 18.97 -35.69
C PHE A 324 -43.83 20.13 -35.89
N LEU A 325 -44.13 21.24 -35.24
CA LEU A 325 -43.37 22.48 -35.38
C LEU A 325 -42.33 22.56 -34.28
N GLN A 326 -41.08 22.85 -34.65
CA GLN A 326 -39.98 22.84 -33.71
C GLN A 326 -39.05 24.02 -33.96
N LEU A 327 -38.48 24.54 -32.88
CA LEU A 327 -37.49 25.61 -32.96
C LEU A 327 -36.16 25.05 -33.45
N THR A 328 -35.56 25.71 -34.45
CA THR A 328 -34.40 25.15 -35.13
C THR A 328 -33.25 26.15 -35.19
N LYS A 329 -32.99 26.86 -34.09
CA LYS A 329 -31.79 27.67 -33.98
C LYS A 329 -30.59 26.75 -33.77
N GLY A 330 -29.50 27.03 -34.46
CA GLY A 330 -28.38 26.10 -34.50
C GLY A 330 -27.36 26.34 -33.41
N GLN A 331 -26.15 26.77 -33.79
CA GLN A 331 -25.13 27.09 -32.81
C GLN A 331 -25.26 28.52 -32.33
N ASP A 332 -26.47 28.90 -31.92
CA ASP A 332 -26.72 30.19 -31.30
C ASP A 332 -27.07 30.05 -29.83
N PHE A 333 -26.97 28.84 -29.28
CA PHE A 333 -27.26 28.55 -27.89
C PHE A 333 -25.99 28.26 -27.10
N THR A 334 -25.08 27.48 -27.70
CA THR A 334 -23.81 27.16 -27.04
C THR A 334 -22.94 28.40 -26.87
N ILE A 335 -22.94 29.29 -27.87
CA ILE A 335 -22.11 30.50 -27.78
C ILE A 335 -22.54 31.35 -26.60
N ALA A 336 -23.85 31.60 -26.49
CA ALA A 336 -24.35 32.39 -25.36
C ALA A 336 -24.09 31.69 -24.04
N LYS A 337 -24.26 30.37 -24.00
CA LYS A 337 -24.00 29.64 -22.76
C LYS A 337 -22.54 29.81 -22.33
N SER A 338 -21.60 29.68 -23.28
CA SER A 338 -20.19 29.78 -22.95
C SER A 338 -19.81 31.19 -22.49
N VAL A 339 -20.33 32.21 -23.17
CA VAL A 339 -20.00 33.58 -22.77
C VAL A 339 -20.54 33.88 -21.38
N ALA A 340 -21.78 33.46 -21.10
CA ALA A 340 -22.35 33.68 -19.77
C ALA A 340 -21.53 32.95 -18.70
N ASP A 341 -21.09 31.72 -18.99
CA ASP A 341 -20.28 30.98 -18.04
C ASP A 341 -18.97 31.69 -17.75
N ALA A 342 -18.33 32.23 -18.79
CA ALA A 342 -17.09 32.98 -18.59
C ALA A 342 -17.33 34.20 -17.71
N ILE A 343 -18.40 34.95 -17.95
CA ILE A 343 -18.67 36.13 -17.14
C ILE A 343 -18.91 35.74 -15.67
N GLU A 344 -19.64 34.65 -15.46
CA GLU A 344 -19.90 34.20 -14.09
C GLU A 344 -18.61 33.84 -13.37
N GLN A 345 -17.73 33.10 -14.05
CA GLN A 345 -16.46 32.74 -13.42
C GLN A 345 -15.61 33.97 -13.14
N ARG A 346 -15.69 34.97 -14.03
CA ARG A 346 -14.93 36.21 -13.81
C ARG A 346 -15.44 36.95 -12.58
N LEU A 347 -16.76 37.06 -12.41
CA LEU A 347 -17.30 37.71 -11.22
C LEU A 347 -17.08 36.90 -9.95
N GLY A 348 -16.88 35.59 -10.05
CA GLY A 348 -16.68 34.82 -8.84
C GLY A 348 -15.33 34.96 -8.17
N TRP A 349 -14.36 35.59 -8.85
CA TRP A 349 -13.02 35.72 -8.30
C TRP A 349 -12.86 36.94 -7.39
N ALA A 350 -13.63 38.00 -7.62
CA ALA A 350 -13.45 39.25 -6.91
C ALA A 350 -14.25 39.37 -5.63
N PHE A 351 -15.14 38.41 -5.35
CA PHE A 351 -15.95 38.42 -4.15
C PHE A 351 -15.64 37.25 -3.22
N LEU A 352 -14.51 36.57 -3.43
CA LEU A 352 -14.02 35.51 -2.55
C LEU A 352 -15.00 34.35 -2.44
N LEU A 353 -15.27 33.72 -3.57
CA LEU A 353 -16.08 32.51 -3.60
C LEU A 353 -15.18 31.28 -3.71
N VAL A 372 -5.79 31.25 14.41
CA VAL A 372 -4.88 31.21 13.23
C VAL A 372 -5.72 31.21 11.96
N ALA A 373 -6.75 30.36 11.89
CA ALA A 373 -7.66 30.39 10.72
C ALA A 373 -8.35 31.76 10.67
N GLY A 374 -8.48 32.43 11.82
CA GLY A 374 -9.09 33.76 11.87
C GLY A 374 -8.04 34.83 11.58
N GLU A 375 -6.86 34.42 11.13
CA GLU A 375 -5.76 35.39 10.82
C GLU A 375 -5.13 35.04 9.47
N LEU A 376 -5.95 34.64 8.49
CA LEU A 376 -5.43 34.39 7.12
C LEU A 376 -6.07 35.42 6.17
N GLU A 377 -5.32 36.48 5.82
CA GLU A 377 -5.83 37.53 4.89
C GLU A 377 -5.41 37.20 3.46
N ALA A 378 -6.28 36.51 2.73
CA ALA A 378 -5.98 36.13 1.33
C ALA A 378 -5.44 37.38 0.61
N SER A 385 -7.62 47.78 5.56
CA SER A 385 -6.60 48.59 6.27
C SER A 385 -7.20 49.95 6.61
N VAL A 386 -8.10 50.47 5.76
CA VAL A 386 -8.69 51.82 5.97
C VAL A 386 -9.71 51.80 7.09
N GLN A 387 -10.42 50.68 7.29
CA GLN A 387 -11.52 50.64 8.29
C GLN A 387 -10.94 50.40 9.69
N SER A 388 -9.63 50.55 9.86
CA SER A 388 -8.99 50.45 11.20
C SER A 388 -8.63 51.86 11.64
N GLN A 389 -9.21 52.87 10.99
CA GLN A 389 -8.96 54.29 11.34
C GLN A 389 -10.29 55.02 11.19
N GLU A 390 -11.35 54.30 10.83
CA GLU A 390 -12.67 54.92 10.59
C GLU A 390 -13.81 54.19 11.33
N LEU A 391 -13.53 53.12 12.08
CA LEU A 391 -14.59 52.33 12.73
C LEU A 391 -14.06 51.72 14.03
N GLN A 392 -12.75 51.48 14.15
CA GLN A 392 -12.24 50.74 15.33
C GLN A 392 -11.60 51.68 16.35
N LEU A 393 -10.63 52.49 15.95
CA LEU A 393 -9.92 53.37 16.91
C LEU A 393 -10.88 54.44 17.43
N PRO A 394 -11.77 55.03 16.60
CA PRO A 394 -12.77 55.98 17.11
C PRO A 394 -13.80 55.45 18.12
N ILE A 395 -14.09 54.13 18.16
CA ILE A 395 -15.06 53.53 19.12
C ILE A 395 -14.39 53.28 20.47
N VAL A 396 -13.08 53.08 20.49
CA VAL A 396 -12.35 52.78 21.77
C VAL A 396 -12.03 54.10 22.47
N ARG A 397 -11.82 55.17 21.72
CA ARG A 397 -11.44 56.47 22.34
C ARG A 397 -12.63 57.17 22.99
N VAL A 398 -13.87 56.75 22.70
CA VAL A 398 -15.09 57.33 23.32
C VAL A 398 -15.45 56.55 24.58
N LEU A 399 -15.28 55.23 24.59
CA LEU A 399 -15.72 54.39 25.74
C LEU A 399 -14.72 54.46 26.89
N MET A 400 -13.51 54.95 26.64
CA MET A 400 -12.50 55.08 27.72
C MET A 400 -12.68 56.43 28.42
N ASN A 401 -13.59 57.26 27.92
CA ASN A 401 -13.86 58.58 28.54
C ASN A 401 -15.15 58.49 29.34
N GLN A 402 -16.20 57.91 28.76
CA GLN A 402 -17.51 57.87 29.45
C GLN A 402 -17.51 56.85 30.59
N LEU A 403 -16.88 55.68 30.45
CA LEU A 403 -16.93 54.64 31.50
C LEU A 403 -16.10 55.07 32.71
N GLN A 404 -15.07 55.87 32.50
CA GLN A 404 -14.19 56.34 33.61
C GLN A 404 -14.93 57.41 34.39
N SER A 405 -15.73 58.23 33.72
CA SER A 405 -16.45 59.33 34.40
C SER A 405 -17.63 58.80 35.21
N ALA A 406 -18.00 57.55 34.99
CA ALA A 406 -19.15 56.94 35.71
C ALA A 406 -18.68 56.11 36.90
N GLY A 407 -17.40 55.73 36.94
CA GLY A 407 -16.85 54.93 38.06
C GLY A 407 -16.93 53.45 37.77
N MET A 408 -16.76 53.05 36.51
CA MET A 408 -16.87 51.62 36.13
C MET A 408 -15.51 51.12 35.63
N ILE A 409 -14.50 52.01 35.51
CA ILE A 409 -13.12 51.64 35.08
C ILE A 409 -12.16 52.33 36.05
N PRO A 410 -11.00 51.75 36.41
CA PRO A 410 -10.03 52.42 37.28
C PRO A 410 -9.46 53.70 36.64
N ASP A 411 -9.04 54.69 37.45
CA ASP A 411 -8.58 55.98 36.87
C ASP A 411 -7.20 55.81 36.24
N LEU A 412 -7.08 56.01 34.93
CA LEU A 412 -5.80 55.75 34.22
C LEU A 412 -4.78 56.86 34.48
N PRO A 413 -3.47 56.55 34.49
CA PRO A 413 -2.42 57.56 34.69
C PRO A 413 -2.43 58.69 33.66
N LYS A 414 -2.01 59.89 34.06
CA LYS A 414 -1.97 61.08 33.17
C LYS A 414 -1.75 60.75 31.70
N GLU A 415 -0.49 60.78 31.26
CA GLU A 415 -0.17 60.56 29.83
C GLU A 415 0.83 59.42 29.71
N ALA A 416 0.33 58.18 29.70
CA ALA A 416 1.22 57.01 29.58
C ALA A 416 0.42 55.89 28.91
N SER A 422 -5.29 48.92 17.84
CA SER A 422 -6.36 48.36 17.02
C SER A 422 -6.09 46.95 16.51
N THR A 423 -5.40 46.84 15.37
CA THR A 423 -5.09 45.53 14.80
C THR A 423 -3.89 45.69 13.87
N GLY A 424 -3.65 44.68 13.04
CA GLY A 424 -2.43 44.62 12.25
C GLY A 424 -1.29 44.03 13.05
N LEU A 425 -1.04 44.55 14.25
CA LEU A 425 -0.18 43.90 15.23
C LEU A 425 -0.84 43.91 16.60
N GLU A 426 -2.14 43.63 16.67
CA GLU A 426 -2.84 43.48 17.93
C GLU A 426 -3.43 42.09 18.09
N ALA A 427 -4.21 41.62 17.13
CA ALA A 427 -4.70 40.24 17.18
C ALA A 427 -3.55 39.26 17.24
N LEU A 428 -2.40 39.63 16.66
CA LEU A 428 -1.15 38.92 16.85
C LEU A 428 -0.34 39.50 18.01
N GLY A 429 -0.88 40.49 18.72
CA GLY A 429 -0.13 41.11 19.81
C GLY A 429 0.28 40.11 20.89
N ARG A 430 -0.62 39.20 21.23
CA ARG A 430 -0.28 38.14 22.18
C ARG A 430 0.26 36.89 21.49
N GLY A 431 -0.13 36.65 20.23
CA GLY A 431 0.39 35.51 19.50
C GLY A 431 1.89 35.59 19.26
N GLN A 432 2.40 36.80 19.00
CA GLN A 432 3.84 36.97 18.82
C GLN A 432 4.59 36.62 20.10
N ASP A 433 4.08 37.05 21.25
CA ASP A 433 4.69 36.70 22.52
C ASP A 433 4.64 35.19 22.75
N LEU A 434 3.50 34.57 22.44
CA LEU A 434 3.41 33.12 22.60
C LEU A 434 4.43 32.39 21.74
N GLU A 435 4.59 32.82 20.48
CA GLU A 435 5.55 32.17 19.61
C GLU A 435 6.98 32.33 20.10
N LYS A 436 7.33 33.54 20.53
CA LYS A 436 8.69 33.77 21.03
C LYS A 436 8.97 32.93 22.26
N LEU A 437 8.03 32.89 23.21
CA LEU A 437 8.23 32.12 24.43
C LEU A 437 8.31 30.63 24.14
N THR A 438 7.49 30.13 23.21
CA THR A 438 7.54 28.72 22.85
C THR A 438 8.88 28.36 22.23
N GLN A 439 9.39 29.21 21.33
CA GLN A 439 10.69 28.94 20.73
C GLN A 439 11.79 28.95 21.78
N ALA A 440 11.74 29.89 22.72
CA ALA A 440 12.75 29.94 23.78
C ALA A 440 12.73 28.67 24.62
N VAL A 441 11.53 28.20 24.99
CA VAL A 441 11.44 26.96 25.78
C VAL A 441 11.96 25.78 24.99
N ASN A 442 11.62 25.71 23.70
CA ASN A 442 12.07 24.59 22.87
C ASN A 442 13.59 24.54 22.77
N MET A 443 14.24 25.70 22.63
CA MET A 443 15.69 25.68 22.55
C MET A 443 16.34 25.45 23.91
N MET A 444 15.72 25.90 25.00
CA MET A 444 16.29 25.62 26.32
C MET A 444 16.17 24.15 26.70
N THR A 445 15.17 23.45 26.16
CA THR A 445 15.02 22.03 26.45
C THR A 445 16.20 21.21 25.92
N GLY A 446 16.78 21.60 24.79
CA GLY A 446 17.81 20.82 24.15
C GLY A 446 19.21 20.94 24.69
N LEU A 447 19.45 21.78 25.70
CA LEU A 447 20.77 21.96 26.28
C LEU A 447 20.98 21.12 27.53
N GLN A 448 20.09 20.19 27.82
CA GLN A 448 20.19 19.36 29.01
C GLN A 448 21.25 18.26 28.89
N PRO A 449 21.43 17.63 27.71
CA PRO A 449 22.53 16.67 27.60
C PRO A 449 23.91 17.23 27.88
N LEU A 450 24.13 18.52 27.59
CA LEU A 450 25.45 19.13 27.73
C LEU A 450 25.74 19.64 29.13
N SER A 451 24.98 19.19 30.14
CA SER A 451 25.15 19.71 31.49
C SER A 451 26.34 19.12 32.21
N GLN A 452 26.99 18.09 31.66
CA GLN A 452 28.14 17.45 32.28
C GLN A 452 29.42 17.69 31.50
N ASP A 453 29.44 18.68 30.61
CA ASP A 453 30.63 19.00 29.85
C ASP A 453 31.46 20.02 30.61
N PRO A 454 32.71 19.72 30.96
CA PRO A 454 33.49 20.65 31.79
C PRO A 454 34.22 21.73 31.01
N ASP A 455 33.86 21.93 29.75
CA ASP A 455 34.58 22.90 28.91
C ASP A 455 33.64 23.90 28.23
N ILE A 456 32.45 24.13 28.79
CA ILE A 456 31.46 25.01 28.17
C ILE A 456 30.96 25.99 29.21
N ASN A 457 30.87 27.27 28.83
CA ASN A 457 30.32 28.32 29.68
C ASN A 457 28.83 28.43 29.38
N LEU A 458 28.02 27.66 30.10
CA LEU A 458 26.59 27.61 29.85
C LEU A 458 25.86 28.93 30.08
N PRO A 459 26.08 29.66 31.18
CA PRO A 459 25.32 30.90 31.38
C PRO A 459 25.47 31.93 30.27
N THR A 460 26.65 32.06 29.67
CA THR A 460 26.81 32.99 28.56
C THR A 460 26.23 32.46 27.26
N LEU A 461 26.28 31.13 27.05
CA LEU A 461 25.64 30.56 25.89
C LEU A 461 24.13 30.80 25.91
N LYS A 462 23.53 30.66 27.10
CA LYS A 462 22.09 30.94 27.21
C LYS A 462 21.79 32.41 26.92
N LEU A 463 22.64 33.31 27.40
CA LEU A 463 22.43 34.74 27.13
C LEU A 463 22.53 35.04 25.64
N ARG A 464 23.51 34.46 24.96
CA ARG A 464 23.64 34.68 23.52
C ARG A 464 22.45 34.09 22.77
N LEU A 465 21.97 32.92 23.19
CA LEU A 465 20.80 32.33 22.55
C LEU A 465 19.57 33.21 22.72
N LEU A 466 19.40 33.80 23.91
CA LEU A 466 18.28 34.71 24.12
C LEU A 466 18.41 35.97 23.27
N ASN A 467 19.63 36.52 23.17
CA ASN A 467 19.82 37.74 22.40
C ASN A 467 19.64 37.51 20.91
N ALA A 468 19.93 36.31 20.41
CA ALA A 468 19.77 36.04 19.00
C ALA A 468 18.32 36.09 18.54
N LEU A 469 17.36 36.06 19.46
CA LEU A 469 15.94 36.11 19.13
C LEU A 469 15.36 37.52 19.20
N GLY A 470 15.96 38.41 20.00
CA GLY A 470 15.40 39.72 20.24
C GLY A 470 14.46 39.79 21.43
N ILE A 471 14.14 38.65 22.05
CA ILE A 471 13.21 38.65 23.17
C ILE A 471 13.85 39.30 24.38
N ASP A 472 13.02 39.88 25.24
CA ASP A 472 13.48 40.54 26.44
C ASP A 472 14.03 39.50 27.44
N THR A 473 14.91 39.97 28.31
CA THR A 473 15.55 39.15 29.34
C THR A 473 15.40 39.79 30.71
N ALA A 474 14.19 40.21 31.04
CA ALA A 474 13.96 40.89 32.31
C ALA A 474 14.03 39.91 33.48
N GLY A 475 13.19 38.89 33.46
CA GLY A 475 13.13 37.96 34.57
C GLY A 475 13.21 36.50 34.15
N LEU A 476 14.01 36.20 33.14
CA LEU A 476 14.17 34.84 32.66
C LEU A 476 15.46 34.16 33.13
N LEU A 477 16.40 34.92 33.67
CA LEU A 477 17.67 34.37 34.13
C LEU A 477 17.97 34.89 35.54
N LEU A 478 18.59 34.05 36.35
CA LEU A 478 18.98 34.43 37.70
C LEU A 478 20.31 35.18 37.68
N THR A 479 20.65 35.80 38.80
CA THR A 479 21.84 36.63 38.93
C THR A 479 22.81 36.01 39.92
N GLN A 480 23.89 36.75 40.22
CA GLN A 480 24.87 36.27 41.20
C GLN A 480 24.25 36.14 42.58
N ASP A 481 23.41 37.09 42.96
CA ASP A 481 22.62 36.99 44.18
C ASP A 481 21.40 36.11 43.90
N GLU A 482 20.43 36.14 44.81
CA GLU A 482 19.14 35.45 44.68
C GLU A 482 19.28 33.99 44.27
N LYS A 483 20.36 33.34 44.70
CA LYS A 483 20.49 31.89 44.62
C LYS A 483 20.77 31.23 45.96
N ILE A 484 21.53 31.91 46.83
CA ILE A 484 21.74 31.43 48.19
C ILE A 484 20.41 31.36 48.94
N GLN A 485 19.50 32.28 48.65
CA GLN A 485 18.16 32.21 49.24
C GLN A 485 17.46 30.93 48.82
N ARG A 486 17.57 30.57 47.54
CA ARG A 486 16.97 29.33 47.07
C ARG A 486 17.57 28.13 47.77
N MET A 487 18.90 28.12 47.93
CA MET A 487 19.56 27.03 48.63
C MET A 487 19.05 26.89 50.06
N ALA A 488 18.94 28.02 50.77
CA ALA A 488 18.46 27.98 52.15
C ALA A 488 17.04 27.46 52.23
N GLU A 489 16.17 27.90 51.31
CA GLU A 489 14.79 27.44 51.31
C GLU A 489 14.72 25.93 51.09
N GLN A 490 15.49 25.43 50.13
CA GLN A 490 15.48 23.98 49.89
C GLN A 490 15.95 23.21 51.12
N SER A 491 17.03 23.69 51.75
CA SER A 491 17.55 22.99 52.92
C SER A 491 16.52 22.93 54.04
N SER A 492 15.89 24.07 54.36
CA SER A 492 14.89 24.07 55.42
C SER A 492 13.71 23.16 55.09
N GLN A 493 13.25 23.22 53.84
CA GLN A 493 12.09 22.41 53.45
C GLN A 493 12.38 20.93 53.61
N GLN A 494 13.58 20.49 53.24
CA GLN A 494 13.93 19.08 53.46
C GLN A 494 14.01 18.76 54.94
N ALA A 495 14.68 19.63 55.71
CA ALA A 495 15.00 19.29 57.10
C ALA A 495 13.76 19.11 57.95
N VAL A 496 12.75 19.96 57.75
CA VAL A 496 11.57 19.91 58.62
C VAL A 496 10.86 18.55 58.49
N VAL A 497 10.67 18.09 57.24
CA VAL A 497 9.99 16.83 57.01
C VAL A 497 10.83 15.67 57.52
N GLN A 498 12.15 15.72 57.27
CA GLN A 498 13.00 14.63 57.74
C GLN A 498 12.94 14.49 59.25
N GLY A 499 12.93 15.61 59.97
CA GLY A 499 12.80 15.52 61.42
C GLY A 499 11.44 14.98 61.87
N ALA A 500 10.36 15.46 61.25
CA ALA A 500 9.03 15.07 61.70
C ALA A 500 8.79 13.58 61.53
N SER A 501 9.22 13.02 60.40
CA SER A 501 8.96 11.60 60.15
C SER A 501 9.61 10.71 61.23
N ALA A 502 10.89 10.96 61.52
CA ALA A 502 11.59 10.16 62.52
C ALA A 502 10.96 10.35 63.90
N ALA A 503 10.57 11.58 64.24
CA ALA A 503 9.94 11.79 65.54
C ALA A 503 8.68 10.96 65.68
N GLY A 504 7.82 10.98 64.66
CA GLY A 504 6.60 10.20 64.73
C GLY A 504 6.86 8.70 64.83
N ALA A 505 7.80 8.20 64.04
CA ALA A 505 8.09 6.77 64.06
C ALA A 505 8.60 6.31 65.43
N ASN A 506 9.52 7.08 66.02
CA ASN A 506 10.04 6.69 67.33
C ASN A 506 8.96 6.74 68.40
N MET A 507 8.11 7.77 68.38
CA MET A 507 7.03 7.84 69.36
C MET A 507 6.12 6.62 69.24
N GLY A 508 5.73 6.27 68.01
CA GLY A 508 4.87 5.12 67.81
C GLY A 508 5.50 3.83 68.30
N ALA A 509 6.78 3.63 67.99
CA ALA A 509 7.45 2.41 68.44
C ALA A 509 7.49 2.32 69.96
N ALA A 510 7.82 3.43 70.63
CA ALA A 510 7.90 3.41 72.08
C ALA A 510 6.54 3.09 72.71
N VAL A 511 5.49 3.74 72.24
CA VAL A 511 4.18 3.52 72.85
C VAL A 511 3.68 2.11 72.58
N GLY A 512 3.95 1.58 71.38
CA GLY A 512 3.58 0.20 71.09
C GLY A 512 4.28 -0.79 71.99
N GLN A 513 5.59 -0.59 72.20
CA GLN A 513 6.32 -1.49 73.10
C GLN A 513 5.78 -1.41 74.52
N GLY A 514 5.47 -0.21 75.00
CA GLY A 514 4.93 -0.09 76.35
C GLY A 514 3.59 -0.81 76.49
N ALA A 515 2.69 -0.60 75.54
CA ALA A 515 1.40 -1.26 75.59
C ALA A 515 1.54 -2.78 75.54
N GLY A 516 2.42 -3.28 74.67
CA GLY A 516 2.62 -4.71 74.58
C GLY A 516 3.18 -5.30 75.86
N GLU A 517 4.16 -4.63 76.46
CA GLU A 517 4.75 -5.15 77.69
C GLU A 517 3.78 -5.08 78.86
N ASP A 518 2.83 -4.14 78.82
CA ASP A 518 1.81 -4.13 79.86
C ASP A 518 0.72 -5.17 79.64
N MET A 519 0.43 -5.51 78.38
CA MET A 519 -0.65 -6.44 78.10
C MET A 519 -0.19 -7.90 78.03
N ALA A 520 1.12 -8.15 77.96
CA ALA A 520 1.63 -9.50 77.77
C ALA A 520 1.44 -10.41 78.99
N GLN A 521 0.71 -9.98 80.01
CA GLN A 521 0.44 -10.78 81.20
C GLN A 521 -1.06 -10.87 81.47
N ALA A 522 -1.83 -11.17 80.42
CA ALA A 522 -3.28 -11.25 80.51
C ALA A 522 -3.78 -12.66 80.17
N GLU B 3 -60.44 56.74 34.30
CA GLU B 3 -61.62 56.09 33.78
C GLU B 3 -61.52 55.90 32.28
N ARG B 4 -60.48 55.16 31.84
CA ARG B 4 -60.29 54.81 30.45
C ARG B 4 -60.22 56.07 29.57
N GLU B 5 -59.17 56.85 29.82
CA GLU B 5 -59.06 58.18 29.22
C GLU B 5 -58.59 58.12 27.77
N GLY B 6 -57.40 57.62 27.54
CA GLY B 6 -56.78 57.65 26.22
C GLY B 6 -56.60 56.24 25.68
N PHE B 7 -56.78 56.10 24.36
CA PHE B 7 -56.66 54.84 23.64
C PHE B 7 -57.78 53.86 24.01
N ALA B 8 -58.61 54.22 25.00
CA ALA B 8 -59.60 53.30 25.54
C ALA B 8 -60.89 54.03 25.85
N ALA B 9 -61.18 55.09 25.11
CA ALA B 9 -62.39 55.87 25.30
C ALA B 9 -63.54 55.39 24.43
N GLU B 10 -63.35 54.29 23.70
CA GLU B 10 -64.36 53.79 22.78
C GLU B 10 -64.65 52.30 22.91
N GLY B 11 -63.83 51.54 23.63
CA GLY B 11 -64.07 50.13 23.85
C GLY B 11 -63.07 49.25 23.12
N ALA B 12 -63.24 47.94 23.32
CA ALA B 12 -62.36 46.94 22.72
C ALA B 12 -62.82 46.50 21.34
N LYS B 13 -64.12 46.37 21.12
CA LYS B 13 -64.66 46.05 19.81
C LYS B 13 -65.03 47.37 19.13
N ALA B 14 -64.02 47.99 18.53
CA ALA B 14 -64.11 49.30 17.89
C ALA B 14 -62.69 49.67 17.49
N VAL B 15 -61.75 49.47 18.42
CA VAL B 15 -60.34 49.52 18.08
C VAL B 15 -59.99 48.34 17.19
N TYR B 16 -60.59 47.18 17.44
CA TYR B 16 -60.29 45.99 16.65
C TYR B 16 -60.83 46.09 15.23
N ASP B 17 -61.90 46.85 15.00
CA ASP B 17 -62.51 46.94 13.69
C ASP B 17 -61.88 47.99 12.80
N ARG B 18 -61.40 49.10 13.37
CA ARG B 18 -60.72 50.10 12.56
C ARG B 18 -59.39 49.57 12.02
N LEU B 19 -58.61 48.90 12.87
CA LEU B 19 -57.28 48.46 12.50
C LEU B 19 -57.27 47.18 11.67
N LYS B 20 -58.42 46.55 11.47
CA LYS B 20 -58.48 45.28 10.75
C LYS B 20 -58.19 45.43 9.26
N ASN B 21 -58.18 46.65 8.73
CA ASN B 21 -57.95 46.85 7.31
C ASN B 21 -56.49 47.10 6.97
N GLY B 22 -55.60 47.08 7.95
CA GLY B 22 -54.19 47.26 7.70
C GLY B 22 -53.47 45.97 7.38
N ARG B 23 -54.07 44.84 7.73
CA ARG B 23 -53.44 43.54 7.48
C ARG B 23 -53.73 43.02 6.09
N GLN B 24 -54.50 43.73 5.28
CA GLN B 24 -54.99 43.17 4.03
C GLN B 24 -53.88 42.78 3.05
N PRO B 25 -52.89 43.63 2.75
CA PRO B 25 -51.86 43.20 1.79
C PRO B 25 -51.06 41.99 2.24
N TYR B 26 -50.76 41.90 3.54
CA TYR B 26 -49.90 40.83 4.03
C TYR B 26 -50.54 39.46 3.90
N GLU B 27 -51.84 39.37 4.20
CA GLU B 27 -52.54 38.09 4.08
C GLU B 27 -52.59 37.64 2.62
N THR B 28 -52.89 38.57 1.70
CA THR B 28 -52.92 38.21 0.29
C THR B 28 -51.56 37.72 -0.19
N ARG B 29 -50.50 38.41 0.23
CA ARG B 29 -49.17 38.05 -0.23
C ARG B 29 -48.74 36.69 0.35
N ALA B 30 -49.11 36.43 1.60
CA ALA B 30 -48.80 35.13 2.21
C ALA B 30 -49.59 34.00 1.55
N GLN B 31 -50.86 34.26 1.19
CA GLN B 31 -51.62 33.25 0.47
C GLN B 31 -51.02 32.96 -0.89
N ASN B 32 -50.52 33.98 -1.58
CA ASN B 32 -49.80 33.75 -2.83
C ASN B 32 -48.55 32.91 -2.61
N CYS B 33 -47.80 33.17 -1.53
CA CYS B 33 -46.58 32.41 -1.28
C CYS B 33 -46.89 30.95 -0.96
N ALA B 34 -47.87 30.70 -0.09
CA ALA B 34 -48.14 29.34 0.38
C ALA B 34 -49.09 28.59 -0.54
N ALA B 35 -48.81 28.58 -1.82
CA ALA B 35 -49.58 27.80 -2.78
C ALA B 35 -48.73 27.01 -3.75
N VAL B 36 -47.41 27.19 -3.73
CA VAL B 36 -46.48 26.36 -4.49
C VAL B 36 -45.59 25.52 -3.61
N THR B 37 -45.71 25.63 -2.28
CA THR B 37 -44.93 24.81 -1.37
C THR B 37 -45.81 23.86 -0.56
N ILE B 38 -46.73 24.37 0.24
CA ILE B 38 -47.67 23.55 1.01
C ILE B 38 -48.99 24.30 1.06
N PRO B 39 -49.99 23.91 0.27
CA PRO B 39 -51.24 24.68 0.24
C PRO B 39 -52.01 24.69 1.54
N SER B 40 -51.74 23.75 2.45
CA SER B 40 -52.48 23.64 3.70
C SER B 40 -51.77 24.32 4.86
N LEU B 41 -50.73 25.10 4.59
CA LEU B 41 -49.99 25.75 5.67
C LEU B 41 -50.64 27.04 6.13
N PHE B 42 -51.23 27.80 5.21
CA PHE B 42 -51.88 29.08 5.51
C PHE B 42 -53.29 29.07 4.92
N PRO B 43 -54.25 28.44 5.59
CA PRO B 43 -55.62 28.44 5.09
C PRO B 43 -56.27 29.80 5.23
N LYS B 44 -57.35 29.99 4.47
CA LYS B 44 -58.11 31.23 4.52
C LYS B 44 -58.96 31.25 5.80
N GLU B 45 -59.80 32.27 5.96
CA GLU B 45 -60.68 32.38 7.11
C GLU B 45 -62.08 31.86 6.83
N SER B 46 -62.31 31.29 5.64
CA SER B 46 -63.62 30.79 5.24
C SER B 46 -63.51 29.35 4.74
N ASP B 47 -62.83 28.51 5.50
CA ASP B 47 -62.63 27.11 5.14
C ASP B 47 -63.28 26.21 6.17
N ASN B 48 -63.64 25.01 5.74
CA ASN B 48 -64.37 24.07 6.59
C ASN B 48 -63.96 22.65 6.17
N SER B 49 -64.79 21.67 6.56
CA SER B 49 -64.42 20.27 6.38
C SER B 49 -64.36 19.88 4.91
N SER B 50 -65.08 20.57 4.04
CA SER B 50 -65.24 20.14 2.65
C SER B 50 -64.17 20.68 1.71
N THR B 51 -63.25 21.51 2.19
CA THR B 51 -62.25 22.07 1.31
C THR B 51 -61.22 21.02 0.90
N GLU B 52 -60.81 21.06 -0.36
CA GLU B 52 -59.85 20.12 -0.92
C GLU B 52 -58.60 20.87 -1.38
N TYR B 53 -57.43 20.38 -0.97
CA TYR B 53 -56.17 21.00 -1.29
C TYR B 53 -55.46 20.19 -2.37
N THR B 54 -55.05 20.86 -3.44
CA THR B 54 -54.51 20.20 -4.62
C THR B 54 -52.98 20.24 -4.60
N THR B 55 -52.37 19.18 -5.16
CA THR B 55 -50.93 18.95 -5.22
C THR B 55 -50.30 19.80 -6.30
N PRO B 56 -49.26 20.58 -5.99
CA PRO B 56 -48.57 21.35 -7.03
C PRO B 56 -47.79 20.46 -7.98
N TRP B 57 -47.49 21.00 -9.16
CA TRP B 57 -46.85 20.22 -10.22
C TRP B 57 -45.39 19.88 -9.90
N GLN B 58 -44.79 20.53 -8.92
CA GLN B 58 -43.39 20.29 -8.56
C GLN B 58 -43.27 20.17 -7.05
N ALA B 59 -42.23 19.46 -6.61
CA ALA B 59 -42.02 19.16 -5.20
C ALA B 59 -40.64 19.61 -4.74
N VAL B 60 -40.29 20.85 -5.06
CA VAL B 60 -39.01 21.42 -4.64
C VAL B 60 -39.16 22.36 -3.45
N GLY B 61 -40.30 23.04 -3.31
CA GLY B 61 -40.50 23.95 -2.20
C GLY B 61 -40.57 23.29 -0.83
N ALA B 62 -41.24 22.13 -0.76
CA ALA B 62 -41.44 21.47 0.52
C ALA B 62 -40.12 21.05 1.15
N ARG B 63 -39.21 20.47 0.36
CA ARG B 63 -37.92 20.06 0.88
C ARG B 63 -37.16 21.24 1.46
N CYS B 64 -37.10 22.34 0.71
CA CYS B 64 -36.35 23.50 1.15
C CYS B 64 -36.93 24.09 2.43
N LEU B 65 -38.25 24.23 2.48
CA LEU B 65 -38.86 24.84 3.66
C LEU B 65 -38.64 23.98 4.89
N ASN B 66 -38.84 22.66 4.78
CA ASN B 66 -38.63 21.79 5.93
C ASN B 66 -37.18 21.78 6.39
N ASN B 67 -36.24 21.75 5.43
CA ASN B 67 -34.82 21.74 5.79
C ASN B 67 -34.43 23.01 6.54
N LEU B 68 -34.85 24.17 6.03
CA LEU B 68 -34.49 25.42 6.70
C LEU B 68 -35.13 25.51 8.08
N ALA B 69 -36.39 25.10 8.20
CA ALA B 69 -37.04 25.14 9.51
C ALA B 69 -36.34 24.24 10.51
N ALA B 70 -35.83 23.08 10.06
CA ALA B 70 -35.11 22.22 10.99
C ALA B 70 -33.79 22.83 11.41
N LYS B 71 -33.00 23.34 10.45
CA LYS B 71 -31.66 23.83 10.78
C LYS B 71 -31.71 25.08 11.65
N LEU B 72 -32.67 25.97 11.40
CA LEU B 72 -32.75 27.20 12.20
C LEU B 72 -33.00 26.88 13.67
N MET B 73 -33.90 25.95 13.96
CA MET B 73 -34.14 25.56 15.35
C MET B 73 -33.00 24.77 15.94
N LEU B 74 -32.30 23.96 15.14
CA LEU B 74 -31.13 23.28 15.68
C LEU B 74 -30.07 24.28 16.13
N ALA B 75 -29.89 25.37 15.36
CA ALA B 75 -28.88 26.36 15.73
C ALA B 75 -29.35 27.26 16.87
N LEU B 76 -30.62 27.66 16.88
CA LEU B 76 -31.07 28.67 17.84
C LEU B 76 -31.21 28.10 19.26
N PHE B 77 -31.77 26.90 19.39
CA PHE B 77 -32.12 26.32 20.70
C PHE B 77 -31.39 25.01 20.90
N PRO B 78 -30.18 25.02 21.45
CA PRO B 78 -29.45 23.79 21.73
C PRO B 78 -29.90 23.19 23.06
N GLN B 79 -29.33 22.03 23.38
CA GLN B 79 -29.66 21.35 24.64
C GLN B 79 -29.01 22.03 25.83
N SER B 80 -27.75 22.46 25.69
CA SER B 80 -27.07 23.19 26.75
C SER B 80 -27.66 24.59 26.88
N PRO B 81 -27.49 25.23 28.03
CA PRO B 81 -28.11 26.55 28.24
C PRO B 81 -27.61 27.58 27.24
N TRP B 82 -28.49 28.52 26.89
CA TRP B 82 -28.16 29.63 26.02
C TRP B 82 -28.29 30.97 26.75
N MET B 83 -27.89 30.99 28.02
CA MET B 83 -27.86 32.22 28.80
C MET B 83 -26.61 32.20 29.68
N ARG B 84 -26.27 33.36 30.24
CA ARG B 84 -25.07 33.41 31.08
C ARG B 84 -25.29 33.97 32.47
N LEU B 85 -26.10 35.02 32.61
CA LEU B 85 -26.34 35.65 33.91
C LEU B 85 -25.02 36.04 34.60
N THR B 86 -24.30 36.96 33.96
CA THR B 86 -22.99 37.36 34.42
C THR B 86 -23.09 38.53 35.41
N VAL B 87 -22.04 38.70 36.20
CA VAL B 87 -21.89 39.81 37.13
C VAL B 87 -20.65 40.60 36.73
N SER B 88 -20.70 41.91 36.94
CA SER B 88 -19.63 42.79 36.50
C SER B 88 -18.34 42.48 37.23
N GLU B 89 -17.23 42.65 36.53
CA GLU B 89 -15.91 42.51 37.13
C GLU B 89 -15.49 43.82 37.77
N TYR B 90 -14.39 43.76 38.52
CA TYR B 90 -13.77 44.89 39.22
C TYR B 90 -14.63 45.30 40.41
N GLU B 91 -15.86 44.81 40.45
CA GLU B 91 -16.74 45.01 41.61
C GLU B 91 -16.62 43.88 42.61
N ALA B 92 -16.33 42.67 42.14
CA ALA B 92 -15.83 41.64 43.05
C ALA B 92 -14.46 42.03 43.58
N LYS B 93 -13.61 42.61 42.72
CA LYS B 93 -12.25 42.95 43.14
C LYS B 93 -12.24 44.06 44.20
N THR B 94 -13.07 45.10 44.02
CA THR B 94 -13.07 46.15 45.03
C THR B 94 -13.76 45.74 46.33
N LEU B 95 -14.46 44.60 46.36
CA LEU B 95 -15.18 44.19 47.56
C LEU B 95 -14.63 42.93 48.21
N SER B 96 -14.00 42.03 47.45
CA SER B 96 -13.56 40.76 48.00
C SER B 96 -12.32 40.96 48.88
N GLN B 97 -12.08 39.96 49.72
CA GLN B 97 -10.91 39.92 50.59
C GLN B 97 -10.15 38.60 50.48
N ASP B 98 -10.47 37.77 49.50
CA ASP B 98 -9.87 36.45 49.38
C ASP B 98 -9.83 36.07 47.90
N SER B 99 -9.02 35.06 47.60
CA SER B 99 -8.82 34.60 46.23
C SER B 99 -9.85 33.56 45.79
N GLU B 100 -10.90 33.32 46.59
CA GLU B 100 -11.93 32.36 46.24
C GLU B 100 -13.33 32.98 46.37
N ALA B 101 -13.52 34.19 45.84
CA ALA B 101 -14.83 34.82 45.88
C ALA B 101 -15.52 34.79 44.53
N ALA B 102 -14.79 35.08 43.45
CA ALA B 102 -15.38 35.03 42.12
C ALA B 102 -15.83 33.63 41.76
N ALA B 103 -15.05 32.62 42.14
CA ALA B 103 -15.43 31.24 41.88
C ALA B 103 -16.72 30.88 42.59
N ARG B 104 -16.87 31.29 43.85
CA ARG B 104 -18.09 30.99 44.59
C ARG B 104 -19.29 31.72 44.00
N VAL B 105 -19.11 32.97 43.57
CA VAL B 105 -20.22 33.70 42.96
C VAL B 105 -20.64 33.04 41.65
N ASP B 106 -19.68 32.61 40.83
CA ASP B 106 -20.02 31.93 39.58
C ASP B 106 -20.72 30.60 39.85
N GLU B 107 -20.27 29.87 40.87
CA GLU B 107 -20.93 28.62 41.25
C GLU B 107 -22.37 28.87 41.67
N GLY B 108 -22.60 29.94 42.43
CA GLY B 108 -23.96 30.30 42.77
C GLY B 108 -24.80 30.72 41.58
N LEU B 109 -24.17 31.38 40.59
CA LEU B 109 -24.93 31.89 39.45
C LEU B 109 -25.34 30.79 38.47
N ALA B 110 -24.56 29.72 38.36
CA ALA B 110 -24.92 28.66 37.41
C ALA B 110 -26.21 27.94 37.81
N MET B 111 -26.50 27.88 39.11
CA MET B 111 -27.69 27.17 39.58
C MET B 111 -28.96 27.78 39.01
N VAL B 112 -29.02 29.11 38.94
CA VAL B 112 -30.22 29.78 38.44
C VAL B 112 -30.44 29.44 36.97
N GLU B 113 -29.36 29.40 36.18
CA GLU B 113 -29.48 28.99 34.79
C GLU B 113 -30.06 27.58 34.69
N ARG B 114 -29.57 26.68 35.54
CA ARG B 114 -30.11 25.32 35.50
C ARG B 114 -31.60 25.29 35.84
N VAL B 115 -32.01 26.07 36.84
CA VAL B 115 -33.43 26.08 37.24
C VAL B 115 -34.31 26.59 36.11
N LEU B 116 -33.92 27.71 35.47
CA LEU B 116 -34.72 28.21 34.35
C LEU B 116 -34.75 27.23 33.18
N MET B 117 -33.64 26.54 32.91
CA MET B 117 -33.70 25.59 31.80
C MET B 117 -34.60 24.40 32.12
N ALA B 118 -34.61 23.94 33.37
CA ALA B 118 -35.52 22.85 33.74
C ALA B 118 -37.00 23.28 33.63
N TYR B 119 -37.31 24.49 34.07
CA TYR B 119 -38.69 24.97 34.05
C TYR B 119 -39.30 24.98 32.65
N MET B 120 -38.51 25.27 31.62
CA MET B 120 -39.00 25.30 30.25
C MET B 120 -39.22 23.90 29.67
N GLU B 121 -38.52 22.89 30.17
CA GLU B 121 -38.73 21.51 29.74
C GLU B 121 -39.90 20.85 30.43
N THR B 122 -40.15 21.19 31.70
CA THR B 122 -41.29 20.59 32.40
C THR B 122 -42.62 21.00 31.77
N ASN B 123 -42.78 22.27 31.39
CA ASN B 123 -44.06 22.79 30.92
C ASN B 123 -44.20 22.77 29.40
N SER B 124 -43.34 22.06 28.69
CA SER B 124 -43.47 21.84 27.26
C SER B 124 -43.51 23.15 26.47
N PHE B 125 -42.38 23.87 26.51
CA PHE B 125 -42.22 25.11 25.77
C PHE B 125 -41.69 24.89 24.36
N ARG B 126 -41.57 23.65 23.91
CA ARG B 126 -40.86 23.37 22.68
C ARG B 126 -41.75 23.10 21.48
N VAL B 127 -42.95 22.58 21.68
CA VAL B 127 -43.89 22.38 20.58
C VAL B 127 -44.32 23.70 19.95
N PRO B 128 -44.71 24.73 20.73
CA PRO B 128 -45.08 26.00 20.09
C PRO B 128 -43.96 26.65 19.29
N LEU B 129 -42.71 26.50 19.72
CA LEU B 129 -41.62 27.22 19.07
C LEU B 129 -41.39 26.72 17.65
N PHE B 130 -41.53 25.41 17.41
CA PHE B 130 -41.36 24.89 16.06
C PHE B 130 -42.42 25.44 15.11
N GLU B 131 -43.68 25.48 15.57
CA GLU B 131 -44.74 26.05 14.75
C GLU B 131 -44.53 27.53 14.52
N ALA B 132 -44.05 28.25 15.54
CA ALA B 132 -43.75 29.67 15.37
C ALA B 132 -42.66 29.88 14.33
N LEU B 133 -41.60 29.06 14.38
CA LEU B 133 -40.52 29.20 13.42
C LEU B 133 -40.97 28.86 12.00
N LYS B 134 -41.85 27.87 11.86
CA LYS B 134 -42.31 27.52 10.52
C LYS B 134 -43.27 28.55 9.93
N GLN B 135 -43.95 29.34 10.77
CA GLN B 135 -44.85 30.38 10.29
C GLN B 135 -44.15 31.70 9.99
N LEU B 136 -42.90 31.85 10.40
CA LEU B 136 -42.13 33.06 10.12
C LEU B 136 -41.51 33.06 8.74
N ILE B 137 -41.50 31.93 8.04
CA ILE B 137 -40.84 31.83 6.75
C ILE B 137 -41.86 32.02 5.65
N VAL B 138 -43.11 31.61 5.89
CA VAL B 138 -44.15 31.67 4.89
C VAL B 138 -44.94 32.97 4.96
N SER B 139 -45.22 33.47 6.16
CA SER B 139 -45.98 34.71 6.32
C SER B 139 -45.12 35.84 6.87
N GLY B 140 -44.46 35.61 8.01
CA GLY B 140 -43.58 36.59 8.60
C GLY B 140 -44.01 37.16 9.93
N ASN B 141 -45.08 36.67 10.55
CA ASN B 141 -45.59 37.23 11.80
C ASN B 141 -46.13 36.13 12.69
N CYS B 142 -46.08 36.37 14.00
CA CYS B 142 -46.66 35.48 15.01
C CYS B 142 -46.64 36.20 16.36
N LEU B 143 -47.40 35.65 17.31
CA LEU B 143 -47.50 36.21 18.65
C LEU B 143 -47.30 35.10 19.68
N LEU B 144 -46.78 35.47 20.84
CA LEU B 144 -46.54 34.51 21.91
C LEU B 144 -47.04 35.07 23.24
N TYR B 145 -47.60 34.19 24.07
CA TYR B 145 -48.14 34.57 25.37
C TYR B 145 -47.63 33.60 26.43
N ILE B 146 -47.16 34.13 27.54
CA ILE B 146 -46.57 33.35 28.62
C ILE B 146 -47.44 33.52 29.86
N PRO B 147 -48.28 32.54 30.17
CA PRO B 147 -49.18 32.67 31.34
C PRO B 147 -48.41 32.72 32.65
N GLU B 148 -49.02 33.39 33.61
CA GLU B 148 -48.38 33.65 34.90
C GLU B 148 -48.19 32.34 35.66
N PRO B 149 -47.00 32.07 36.20
CA PRO B 149 -46.73 30.76 36.79
C PRO B 149 -47.15 30.67 38.24
N GLU B 150 -47.37 29.43 38.67
CA GLU B 150 -47.62 29.13 40.08
C GLU B 150 -47.06 27.75 40.39
N GLN B 151 -47.30 27.29 41.61
CA GLN B 151 -46.51 26.21 42.18
C GLN B 151 -46.55 24.92 41.38
N GLY B 152 -47.68 24.21 41.36
CA GLY B 152 -47.75 23.06 40.49
C GLY B 152 -49.03 22.85 39.73
N THR B 153 -48.96 23.01 38.40
CA THR B 153 -49.99 22.65 37.43
C THR B 153 -49.33 22.57 36.07
N TYR B 154 -50.17 22.53 35.03
CA TYR B 154 -49.72 22.55 33.65
C TYR B 154 -50.16 23.87 33.02
N SER B 155 -49.18 24.71 32.68
CA SER B 155 -49.43 26.04 32.13
C SER B 155 -48.58 26.25 30.88
N PRO B 156 -48.97 25.65 29.77
CA PRO B 156 -48.15 25.72 28.55
C PRO B 156 -48.26 27.08 27.88
N MET B 157 -47.34 27.29 26.93
CA MET B 157 -47.31 28.50 26.10
C MET B 157 -48.31 28.36 24.96
N ARG B 158 -48.79 29.51 24.47
CA ARG B 158 -49.70 29.58 23.34
C ARG B 158 -49.06 30.33 22.18
N MET B 159 -49.78 30.38 21.06
CA MET B 159 -49.33 31.10 19.88
C MET B 159 -50.55 31.48 19.05
N TYR B 160 -50.55 32.71 18.53
CA TYR B 160 -51.65 33.21 17.72
C TYR B 160 -51.16 33.42 16.29
N ARG B 161 -52.02 33.08 15.32
CA ARG B 161 -51.68 33.26 13.92
C ARG B 161 -51.87 34.74 13.53
N LEU B 162 -51.60 35.05 12.27
CA LEU B 162 -51.71 36.44 11.82
C LEU B 162 -53.15 36.92 11.74
N VAL B 163 -54.13 36.01 11.70
CA VAL B 163 -55.51 36.38 11.47
C VAL B 163 -56.30 36.45 12.78
N SER B 164 -55.62 36.72 13.90
CA SER B 164 -56.32 36.78 15.17
C SER B 164 -55.85 37.91 16.08
N TYR B 165 -55.10 38.89 15.60
CA TYR B 165 -54.66 39.99 16.44
C TYR B 165 -54.30 41.19 15.57
N VAL B 166 -54.21 42.36 16.21
CA VAL B 166 -53.79 43.60 15.55
C VAL B 166 -52.81 44.34 16.47
N VAL B 167 -52.01 45.21 15.87
CA VAL B 167 -51.02 45.99 16.60
C VAL B 167 -50.82 47.32 15.89
N GLN B 168 -50.62 48.38 16.68
CA GLN B 168 -50.31 49.71 16.15
C GLN B 168 -48.94 50.14 16.64
N ARG B 169 -48.07 50.53 15.72
CA ARG B 169 -46.68 50.83 16.00
C ARG B 169 -46.33 52.21 15.50
N ASP B 170 -45.46 52.89 16.25
CA ASP B 170 -45.01 54.22 15.87
C ASP B 170 -44.01 54.14 14.71
N ALA B 171 -43.77 55.30 14.08
CA ALA B 171 -42.78 55.39 13.02
C ALA B 171 -41.36 55.22 13.53
N PHE B 172 -41.13 55.40 14.82
CA PHE B 172 -39.84 55.16 15.45
C PHE B 172 -39.62 53.71 15.86
N GLY B 173 -40.69 52.90 15.85
CA GLY B 173 -40.59 51.51 16.26
C GLY B 173 -40.97 51.27 17.70
N ASN B 174 -42.10 51.83 18.13
CA ASN B 174 -42.61 51.67 19.48
C ASN B 174 -44.01 51.07 19.43
N ILE B 175 -44.29 50.14 20.35
CA ILE B 175 -45.58 49.47 20.40
C ILE B 175 -46.53 50.27 21.29
N LEU B 176 -47.75 50.49 20.82
CA LEU B 176 -48.72 51.30 21.52
C LEU B 176 -50.00 50.56 21.89
N GLN B 177 -50.44 49.61 21.08
CA GLN B 177 -51.71 48.92 21.32
C GLN B 177 -51.65 47.50 20.80
N ILE B 178 -52.27 46.57 21.53
CA ILE B 178 -52.47 45.19 21.09
C ILE B 178 -53.87 44.75 21.49
N VAL B 179 -54.55 44.04 20.59
CA VAL B 179 -55.88 43.48 20.86
C VAL B 179 -55.94 42.06 20.27
N THR B 180 -56.52 41.13 21.02
CA THR B 180 -56.66 39.74 20.60
C THR B 180 -58.12 39.30 20.66
N LEU B 181 -58.39 38.10 20.14
CA LEU B 181 -59.75 37.57 20.06
C LEU B 181 -59.75 36.06 20.24
N ASP B 182 -60.69 35.56 21.06
CA ASP B 182 -60.83 34.14 21.32
C ASP B 182 -62.31 33.75 21.25
N LYS B 183 -62.56 32.48 20.96
CA LYS B 183 -63.92 31.95 20.88
C LYS B 183 -64.02 30.70 21.74
N VAL B 184 -64.89 30.73 22.75
CA VAL B 184 -65.06 29.62 23.68
C VAL B 184 -66.54 29.35 23.86
N ALA B 185 -66.86 28.12 24.26
CA ALA B 185 -68.22 27.72 24.53
C ALA B 185 -68.63 28.13 25.93
N PHE B 186 -69.94 28.00 26.22
CA PHE B 186 -70.46 28.45 27.51
C PHE B 186 -70.09 27.51 28.66
N SER B 187 -69.71 26.27 28.38
CA SER B 187 -69.37 25.33 29.43
C SER B 187 -67.89 25.30 29.76
N ALA B 188 -67.03 25.85 28.91
CA ALA B 188 -65.60 25.88 29.17
C ALA B 188 -65.17 27.11 29.95
N LEU B 189 -66.08 28.00 30.29
CA LEU B 189 -65.77 29.22 30.99
C LEU B 189 -65.55 28.96 32.47
N PRO B 190 -64.73 29.79 33.13
CA PRO B 190 -64.63 29.70 34.59
C PRO B 190 -65.96 30.07 35.25
N GLU B 191 -66.19 29.52 36.44
CA GLU B 191 -67.51 29.60 37.06
C GLU B 191 -67.89 31.02 37.48
N ASP B 192 -66.92 31.91 37.72
CA ASP B 192 -67.26 33.27 38.12
C ASP B 192 -67.81 34.07 36.95
N VAL B 193 -67.16 33.96 35.78
CA VAL B 193 -67.68 34.60 34.58
C VAL B 193 -69.06 34.05 34.24
N LYS B 194 -69.26 32.75 34.46
CA LYS B 194 -70.58 32.17 34.31
C LYS B 194 -71.57 32.78 35.30
N SER B 195 -71.11 33.06 36.52
CA SER B 195 -71.97 33.68 37.52
C SER B 195 -72.40 35.07 37.11
N GLN B 196 -71.51 35.82 36.46
CA GLN B 196 -71.82 37.19 36.07
C GLN B 196 -72.75 37.29 34.87
N LEU B 197 -73.24 36.16 34.34
CA LEU B 197 -74.22 36.16 33.26
C LEU B 197 -75.35 35.20 33.61
N ASN B 198 -76.55 35.53 33.15
CA ASN B 198 -77.68 34.64 33.37
C ASN B 198 -77.58 33.41 32.47
N ALA B 199 -77.90 32.25 33.02
CA ALA B 199 -77.77 31.01 32.29
C ALA B 199 -78.97 30.69 31.42
N ASP B 200 -80.10 31.37 31.65
CA ASP B 200 -81.31 31.06 30.90
C ASP B 200 -81.16 31.39 29.42
N ASP B 201 -80.48 32.50 29.12
CA ASP B 201 -80.36 32.93 27.73
C ASP B 201 -79.57 31.94 26.89
N TYR B 202 -78.51 31.38 27.46
CA TYR B 202 -77.56 30.57 26.72
C TYR B 202 -77.86 29.09 26.84
N GLU B 203 -77.18 28.30 26.02
CA GLU B 203 -77.26 26.86 25.93
C GLU B 203 -75.83 26.33 25.96
N PRO B 204 -75.60 25.13 26.52
CA PRO B 204 -74.20 24.72 26.72
C PRO B 204 -73.52 24.28 25.45
N ASP B 205 -73.77 24.99 24.36
CA ASP B 205 -73.05 24.79 23.11
C ASP B 205 -72.73 26.09 22.38
N THR B 206 -73.36 27.21 22.74
CA THR B 206 -73.15 28.46 22.03
C THR B 206 -71.79 29.04 22.36
N GLU B 207 -71.25 29.80 21.41
CA GLU B 207 -69.90 30.34 21.52
C GLU B 207 -69.95 31.83 21.82
N LEU B 208 -69.25 32.23 22.88
CA LEU B 208 -69.07 33.64 23.21
C LEU B 208 -67.76 34.14 22.64
N GLU B 209 -67.60 35.46 22.63
CA GLU B 209 -66.38 36.09 22.11
C GLU B 209 -65.82 37.01 23.18
N VAL B 210 -64.52 36.88 23.44
CA VAL B 210 -63.84 37.66 24.47
C VAL B 210 -62.70 38.44 23.85
N TYR B 211 -62.44 39.62 24.39
CA TYR B 211 -61.44 40.55 23.88
C TYR B 211 -60.48 40.95 25.00
N THR B 212 -59.25 41.27 24.61
CA THR B 212 -58.23 41.73 25.54
C THR B 212 -57.57 42.97 24.97
N HIS B 213 -57.36 43.98 25.81
CA HIS B 213 -56.85 45.27 25.40
C HIS B 213 -55.66 45.66 26.27
N ILE B 214 -54.53 45.98 25.64
CA ILE B 214 -53.34 46.45 26.34
C ILE B 214 -52.90 47.77 25.71
N TYR B 215 -52.73 48.80 26.53
CA TYR B 215 -52.36 50.12 26.02
C TYR B 215 -51.40 50.80 26.99
N ARG B 216 -50.67 51.78 26.48
CA ARG B 216 -49.60 52.45 27.22
C ARG B 216 -50.11 53.76 27.81
N GLN B 217 -49.80 53.97 29.10
CA GLN B 217 -50.19 55.21 29.77
C GLN B 217 -49.18 55.52 30.86
N ASP B 218 -48.38 56.57 30.64
CA ASP B 218 -47.48 57.13 31.66
C ASP B 218 -46.45 56.10 32.13
N ASP B 219 -45.64 55.63 31.18
CA ASP B 219 -44.50 54.75 31.46
C ASP B 219 -44.92 53.46 32.18
N GLU B 220 -45.98 52.84 31.67
CA GLU B 220 -46.42 51.53 32.13
C GLU B 220 -47.44 51.00 31.14
N TYR B 221 -47.94 49.80 31.40
CA TYR B 221 -48.93 49.15 30.56
C TYR B 221 -50.14 48.76 31.40
N LEU B 222 -51.32 48.88 30.81
CA LEU B 222 -52.57 48.52 31.47
C LEU B 222 -53.33 47.51 30.62
N ARG B 223 -54.25 46.78 31.27
CA ARG B 223 -55.00 45.75 30.58
C ARG B 223 -56.36 45.56 31.24
N TYR B 224 -57.29 44.99 30.47
CA TYR B 224 -58.60 44.59 30.96
C TYR B 224 -59.19 43.61 29.96
N GLU B 225 -60.32 43.01 30.34
CA GLU B 225 -60.98 41.99 29.53
C GLU B 225 -62.47 42.32 29.41
N GLU B 226 -63.01 42.14 28.21
CA GLU B 226 -64.38 42.53 27.90
C GLU B 226 -65.11 41.40 27.19
N VAL B 227 -66.34 41.13 27.65
CA VAL B 227 -67.20 40.13 27.02
C VAL B 227 -68.54 40.79 26.73
N GLU B 228 -69.24 40.26 25.72
CA GLU B 228 -70.48 40.84 25.24
C GLU B 228 -70.28 42.32 24.90
N GLY B 229 -70.62 43.21 25.82
CA GLY B 229 -70.35 44.61 25.65
C GLY B 229 -69.85 45.26 26.92
N ILE B 230 -69.74 44.47 27.98
CA ILE B 230 -69.37 44.97 29.30
C ILE B 230 -68.00 44.43 29.67
N GLU B 231 -67.50 44.86 30.83
CA GLU B 231 -66.17 44.52 31.30
C GLU B 231 -66.26 43.52 32.44
N VAL B 232 -65.46 42.47 32.35
CA VAL B 232 -65.45 41.42 33.37
C VAL B 232 -64.66 41.92 34.57
N ALA B 233 -65.29 41.88 35.74
CA ALA B 233 -64.62 42.33 36.96
C ALA B 233 -63.57 41.32 37.40
N GLY B 234 -62.44 41.83 37.89
CA GLY B 234 -61.37 40.98 38.37
C GLY B 234 -60.31 40.62 37.35
N THR B 235 -60.26 41.32 36.21
CA THR B 235 -59.28 41.04 35.17
C THR B 235 -58.31 42.19 34.92
N GLU B 236 -58.40 43.26 35.72
CA GLU B 236 -57.49 44.38 35.54
C GLU B 236 -56.09 44.03 36.01
N GLY B 237 -55.11 44.83 35.59
CA GLY B 237 -53.74 44.57 35.96
C GLY B 237 -52.83 45.63 35.38
N SER B 238 -51.53 45.44 35.61
CA SER B 238 -50.52 46.39 35.18
C SER B 238 -49.20 45.67 34.99
N TYR B 239 -48.47 46.05 33.94
CA TYR B 239 -47.17 45.46 33.67
C TYR B 239 -46.10 46.55 33.57
N PRO B 240 -44.84 46.23 33.88
CA PRO B 240 -43.77 47.22 33.68
C PRO B 240 -43.54 47.53 32.21
N LEU B 241 -42.64 48.45 31.91
CA LEU B 241 -42.37 48.82 30.53
C LEU B 241 -41.41 47.87 29.83
N THR B 242 -40.84 46.90 30.55
CA THR B 242 -39.86 46.00 29.96
C THR B 242 -40.19 44.53 30.20
N ALA B 243 -41.39 44.21 30.70
CA ALA B 243 -41.76 42.83 31.00
C ALA B 243 -43.18 42.54 30.54
N CYS B 244 -43.50 42.97 29.33
CA CYS B 244 -44.81 42.65 28.74
C CYS B 244 -44.79 41.22 28.22
N PRO B 245 -45.71 40.35 28.67
CA PRO B 245 -45.66 38.95 28.25
C PRO B 245 -46.28 38.67 26.88
N TYR B 246 -46.48 39.70 26.07
CA TYR B 246 -46.92 39.53 24.69
C TYR B 246 -45.80 39.98 23.76
N ILE B 247 -45.39 39.11 22.86
CA ILE B 247 -44.17 39.34 22.08
C ILE B 247 -44.45 39.23 20.58
N PRO B 248 -44.72 40.34 19.89
CA PRO B 248 -44.80 40.30 18.42
C PRO B 248 -43.42 40.11 17.81
N VAL B 249 -43.35 39.23 16.81
CA VAL B 249 -42.08 38.84 16.19
C VAL B 249 -42.14 39.14 14.70
N ARG B 250 -41.07 39.72 14.17
CA ARG B 250 -40.92 39.99 12.75
C ARG B 250 -39.61 39.38 12.26
N MET B 251 -39.57 39.05 10.97
CA MET B 251 -38.39 38.45 10.37
C MET B 251 -37.54 39.48 9.62
N VAL B 252 -38.14 40.17 8.65
CA VAL B 252 -37.46 41.22 7.89
C VAL B 252 -38.12 42.54 8.24
N ARG B 253 -37.34 43.49 8.73
CA ARG B 253 -37.85 44.76 9.23
C ARG B 253 -37.52 45.88 8.27
N LEU B 254 -38.54 46.65 7.90
CA LEU B 254 -38.39 47.85 7.08
C LEU B 254 -38.59 49.08 7.95
N ASP B 255 -38.55 50.25 7.32
CA ASP B 255 -38.64 51.53 8.03
C ASP B 255 -40.03 52.10 7.88
N GLY B 256 -40.73 52.27 8.98
CA GLY B 256 -42.01 52.94 9.00
C GLY B 256 -43.22 52.08 8.75
N GLU B 257 -43.12 50.76 8.84
CA GLU B 257 -44.24 49.88 8.60
C GLU B 257 -44.55 49.04 9.84
N ASP B 258 -45.82 48.70 10.00
CA ASP B 258 -46.23 47.70 10.96
C ASP B 258 -45.97 46.32 10.39
N TYR B 259 -45.92 45.31 11.26
CA TYR B 259 -45.70 43.93 10.83
C TYR B 259 -44.40 43.78 10.06
N GLY B 260 -44.18 42.61 9.44
CA GLY B 260 -42.93 42.36 8.75
C GLY B 260 -43.16 41.54 7.50
N ARG B 261 -42.09 41.42 6.71
CA ARG B 261 -42.12 40.67 5.46
C ARG B 261 -41.46 39.31 5.67
N SER B 262 -41.47 38.49 4.63
CA SER B 262 -41.03 37.10 4.74
C SER B 262 -39.75 36.88 3.94
N TYR B 263 -39.21 35.67 4.05
CA TYR B 263 -37.98 35.29 3.36
C TYR B 263 -38.23 34.65 2.00
N CYS B 264 -39.41 34.07 1.78
CA CYS B 264 -39.73 33.45 0.51
C CYS B 264 -40.20 34.46 -0.54
N GLU B 265 -40.34 35.73 -0.17
CA GLU B 265 -40.77 36.76 -1.11
C GLU B 265 -39.78 36.93 -2.26
N GLU B 266 -38.49 36.72 -1.98
CA GLU B 266 -37.46 37.09 -2.94
C GLU B 266 -37.30 36.07 -4.05
N TYR B 267 -37.95 34.92 -3.95
CA TYR B 267 -37.75 33.81 -4.88
C TYR B 267 -39.08 33.28 -5.39
N LEU B 268 -39.95 34.17 -5.85
CA LEU B 268 -41.25 33.72 -6.34
C LEU B 268 -41.25 33.48 -7.85
N GLY B 269 -40.55 34.32 -8.61
CA GLY B 269 -40.51 34.15 -10.05
C GLY B 269 -39.88 32.84 -10.46
N ASP B 270 -38.83 32.42 -9.75
CA ASP B 270 -38.17 31.16 -10.08
C ASP B 270 -39.09 29.97 -9.87
N LEU B 271 -39.81 29.95 -8.75
CA LEU B 271 -40.75 28.86 -8.51
C LEU B 271 -41.85 28.85 -9.55
N ASN B 272 -42.36 30.03 -9.92
CA ASN B 272 -43.39 30.10 -10.95
C ASN B 272 -42.90 29.55 -12.27
N SER B 273 -41.69 29.93 -12.69
CA SER B 273 -41.15 29.43 -13.96
C SER B 273 -40.94 27.92 -13.90
N LEU B 274 -40.43 27.41 -12.78
CA LEU B 274 -40.21 25.97 -12.67
C LEU B 274 -41.51 25.21 -12.81
N GLU B 275 -42.57 25.68 -12.13
CA GLU B 275 -43.86 25.02 -12.25
C GLU B 275 -44.38 25.06 -13.67
N THR B 276 -44.24 26.21 -14.34
CA THR B 276 -44.73 26.33 -15.71
C THR B 276 -44.05 25.34 -16.64
N ILE B 277 -42.73 25.18 -16.52
CA ILE B 277 -42.03 24.25 -17.41
C ILE B 277 -42.37 22.80 -17.06
N THR B 278 -42.43 22.48 -15.77
CA THR B 278 -42.64 21.10 -15.35
C THR B 278 -44.03 20.60 -15.77
N GLU B 279 -45.04 21.48 -15.74
CA GLU B 279 -46.37 21.05 -16.16
C GLU B 279 -46.37 20.54 -17.60
N ALA B 280 -45.75 21.30 -18.50
CA ALA B 280 -45.71 20.90 -19.91
C ALA B 280 -44.86 19.65 -20.10
N ILE B 281 -43.74 19.55 -19.41
CA ILE B 281 -42.91 18.34 -19.52
C ILE B 281 -43.69 17.11 -19.11
N THR B 282 -44.46 17.21 -18.01
CA THR B 282 -45.26 16.07 -17.57
C THR B 282 -46.37 15.74 -18.56
N LYS B 283 -47.12 16.75 -18.99
CA LYS B 283 -48.27 16.48 -19.86
C LYS B 283 -47.88 16.05 -21.26
N MET B 284 -46.64 16.25 -21.68
CA MET B 284 -46.22 15.69 -22.97
C MET B 284 -45.85 14.21 -22.88
N ALA B 285 -45.95 13.60 -21.71
CA ALA B 285 -45.69 12.17 -21.56
C ALA B 285 -46.95 11.32 -21.51
N LYS B 286 -48.10 11.91 -21.21
CA LYS B 286 -49.37 11.19 -21.25
C LYS B 286 -50.00 11.17 -22.63
N VAL B 287 -49.49 11.96 -23.57
CA VAL B 287 -49.95 11.90 -24.94
C VAL B 287 -49.21 10.82 -25.72
N ALA B 288 -47.97 10.52 -25.35
CA ALA B 288 -47.17 9.49 -26.00
C ALA B 288 -47.41 8.10 -25.42
N SER B 289 -48.57 7.87 -24.79
CA SER B 289 -48.91 6.56 -24.25
C SER B 289 -50.23 6.06 -24.81
N LYS B 290 -50.67 6.58 -25.95
CA LYS B 290 -51.92 6.20 -26.59
C LYS B 290 -51.61 5.55 -27.93
N VAL B 291 -52.18 4.36 -28.16
CA VAL B 291 -51.86 3.57 -29.33
C VAL B 291 -52.90 3.80 -30.40
N VAL B 292 -52.46 4.11 -31.61
CA VAL B 292 -53.36 4.33 -32.75
C VAL B 292 -52.68 3.80 -34.00
N GLY B 293 -53.26 2.79 -34.63
CA GLY B 293 -52.72 2.28 -35.88
C GLY B 293 -53.18 3.08 -37.08
N LEU B 294 -52.48 2.91 -38.19
CA LEU B 294 -52.79 3.67 -39.40
C LEU B 294 -52.64 2.74 -40.61
N VAL B 295 -53.75 2.49 -41.30
CA VAL B 295 -53.78 1.57 -42.43
C VAL B 295 -53.95 2.35 -43.71
N ASN B 296 -53.15 2.02 -44.72
CA ASN B 296 -53.15 2.76 -45.98
C ASN B 296 -54.35 2.35 -46.83
N PRO B 297 -55.24 3.27 -47.20
CA PRO B 297 -56.46 2.89 -47.93
C PRO B 297 -56.22 2.49 -49.38
N ASN B 298 -55.08 2.82 -49.97
CA ASN B 298 -54.81 2.53 -51.40
C ASN B 298 -53.97 1.26 -51.49
N GLY B 299 -54.24 0.27 -50.65
CA GLY B 299 -53.43 -0.96 -50.60
C GLY B 299 -54.30 -2.20 -50.71
N ILE B 300 -53.84 -3.33 -50.16
CA ILE B 300 -54.57 -4.62 -50.33
C ILE B 300 -54.87 -5.31 -48.98
N THR B 301 -54.37 -4.82 -47.85
CA THR B 301 -54.57 -5.54 -46.56
C THR B 301 -55.88 -5.08 -45.92
N GLN B 302 -56.57 -5.96 -45.19
CA GLN B 302 -57.90 -5.63 -44.59
C GLN B 302 -57.88 -5.83 -43.08
N PRO B 303 -58.24 -4.82 -42.25
CA PRO B 303 -58.12 -4.95 -40.79
C PRO B 303 -59.00 -6.00 -40.13
N ARG B 304 -59.95 -6.60 -40.85
CA ARG B 304 -60.84 -7.64 -40.34
C ARG B 304 -60.14 -8.98 -40.20
N ARG B 305 -59.06 -9.20 -40.94
CA ARG B 305 -58.30 -10.45 -40.86
C ARG B 305 -57.27 -10.45 -39.73
N LEU B 306 -56.72 -9.28 -39.40
CA LEU B 306 -55.75 -9.18 -38.33
C LEU B 306 -56.38 -9.20 -36.94
N ASN B 307 -57.70 -9.11 -36.86
CA ASN B 307 -58.39 -9.00 -35.58
C ASN B 307 -59.04 -10.31 -35.14
N LYS B 308 -59.36 -11.20 -36.07
CA LYS B 308 -60.04 -12.45 -35.76
C LYS B 308 -59.12 -13.66 -35.80
N ALA B 309 -57.80 -13.44 -35.88
CA ALA B 309 -56.86 -14.54 -35.96
C ALA B 309 -56.62 -15.14 -34.57
N ALA B 310 -55.71 -16.10 -34.51
CA ALA B 310 -55.36 -16.77 -33.26
C ALA B 310 -53.89 -16.52 -32.96
N THR B 311 -53.38 -17.20 -31.92
CA THR B 311 -52.04 -16.87 -31.41
C THR B 311 -50.95 -17.24 -32.41
N GLY B 312 -51.15 -18.29 -33.19
CA GLY B 312 -50.25 -18.58 -34.30
C GLY B 312 -50.98 -18.97 -35.55
N GLU B 313 -50.88 -18.15 -36.60
CA GLU B 313 -51.63 -18.40 -37.83
C GLU B 313 -50.93 -17.70 -38.99
N PHE B 314 -51.31 -18.10 -40.20
CA PHE B 314 -50.85 -17.48 -41.44
C PHE B 314 -52.04 -16.78 -42.08
N VAL B 315 -51.92 -15.46 -42.27
CA VAL B 315 -52.97 -14.68 -42.91
C VAL B 315 -52.41 -14.00 -44.15
N ALA B 316 -53.24 -13.23 -44.85
CA ALA B 316 -52.87 -12.62 -46.12
C ALA B 316 -52.72 -11.12 -45.96
N GLY B 317 -51.62 -10.58 -46.44
CA GLY B 317 -51.41 -9.15 -46.39
C GLY B 317 -49.97 -8.79 -46.69
N ARG B 318 -49.68 -7.50 -46.55
CA ARG B 318 -48.33 -6.98 -46.68
C ARG B 318 -48.01 -6.14 -45.45
N VAL B 319 -46.70 -5.97 -45.20
CA VAL B 319 -46.24 -5.27 -44.00
C VAL B 319 -45.97 -3.80 -44.27
N GLU B 320 -46.09 -3.35 -45.51
CA GLU B 320 -45.85 -1.96 -45.87
C GLU B 320 -47.08 -1.07 -45.67
N ASP B 321 -48.22 -1.66 -45.34
CA ASP B 321 -49.48 -0.91 -45.24
C ASP B 321 -49.89 -0.61 -43.81
N ILE B 322 -49.05 -0.92 -42.83
CA ILE B 322 -49.36 -0.70 -41.42
C ILE B 322 -48.23 0.09 -40.78
N ASN B 323 -48.59 1.15 -40.06
CA ASN B 323 -47.59 1.93 -39.32
C ASN B 323 -48.34 2.69 -38.23
N PHE B 324 -47.59 3.14 -37.22
CA PHE B 324 -48.17 3.67 -35.99
C PHE B 324 -47.83 5.15 -35.81
N LEU B 325 -48.81 5.90 -35.30
CA LEU B 325 -48.62 7.32 -35.04
C LEU B 325 -47.66 7.53 -33.87
N GLN B 326 -46.82 8.55 -33.97
CA GLN B 326 -45.84 8.81 -32.93
C GLN B 326 -45.50 10.30 -32.89
N LEU B 327 -45.08 10.76 -31.71
CA LEU B 327 -44.75 12.16 -31.48
C LEU B 327 -43.30 12.41 -31.88
N THR B 328 -43.08 13.35 -32.79
CA THR B 328 -41.77 13.61 -33.39
C THR B 328 -41.24 14.99 -33.02
N LYS B 329 -41.37 15.36 -31.75
CA LYS B 329 -40.74 16.59 -31.29
C LYS B 329 -39.23 16.40 -31.24
N GLY B 330 -38.50 17.36 -31.82
CA GLY B 330 -37.07 17.20 -32.00
C GLY B 330 -36.25 17.64 -30.81
N GLN B 331 -35.33 18.57 -31.01
CA GLN B 331 -34.52 19.09 -29.92
C GLN B 331 -35.30 20.15 -29.13
N ASP B 332 -36.50 19.80 -28.70
CA ASP B 332 -37.32 20.67 -27.85
C ASP B 332 -37.57 20.05 -26.49
N PHE B 333 -36.90 18.94 -26.18
CA PHE B 333 -36.96 18.26 -24.90
C PHE B 333 -35.73 18.51 -24.05
N THR B 334 -34.54 18.41 -24.67
CA THR B 334 -33.30 18.63 -23.96
C THR B 334 -33.17 20.08 -23.48
N ILE B 335 -33.60 21.04 -24.29
CA ILE B 335 -33.47 22.44 -23.91
C ILE B 335 -34.28 22.74 -22.66
N ALA B 336 -35.56 22.36 -22.67
CA ALA B 336 -36.40 22.61 -21.51
C ALA B 336 -35.91 21.85 -20.29
N LYS B 337 -35.49 20.59 -20.48
CA LYS B 337 -35.00 19.81 -19.37
C LYS B 337 -33.78 20.47 -18.72
N SER B 338 -32.81 20.90 -19.54
CA SER B 338 -31.60 21.49 -19.00
C SER B 338 -31.86 22.82 -18.30
N VAL B 339 -32.75 23.64 -18.85
CA VAL B 339 -33.10 24.89 -18.18
C VAL B 339 -33.75 24.61 -16.83
N ALA B 340 -34.63 23.60 -16.78
CA ALA B 340 -35.26 23.24 -15.51
C ALA B 340 -34.23 22.79 -14.48
N ASP B 341 -33.27 21.96 -14.91
CA ASP B 341 -32.23 21.53 -13.96
C ASP B 341 -31.40 22.71 -13.46
N ALA B 342 -31.08 23.66 -14.35
CA ALA B 342 -30.32 24.83 -13.91
C ALA B 342 -31.09 25.63 -12.87
N ILE B 343 -32.39 25.83 -13.08
CA ILE B 343 -33.19 26.58 -12.11
C ILE B 343 -33.23 25.85 -10.77
N GLU B 344 -33.42 24.52 -10.80
CA GLU B 344 -33.47 23.76 -9.55
C GLU B 344 -32.14 23.84 -8.80
N GLN B 345 -31.02 23.72 -9.52
CA GLN B 345 -29.73 23.82 -8.86
C GLN B 345 -29.50 25.21 -8.28
N ARG B 346 -29.99 26.25 -8.95
CA ARG B 346 -29.89 27.59 -8.39
C ARG B 346 -30.69 27.70 -7.09
N LEU B 347 -31.91 27.16 -7.07
CA LEU B 347 -32.72 27.21 -5.85
C LEU B 347 -32.12 26.38 -4.72
N GLY B 348 -31.35 25.35 -5.05
CA GLY B 348 -30.80 24.50 -4.00
C GLY B 348 -29.75 25.17 -3.13
N TRP B 349 -29.05 26.17 -3.65
CA TRP B 349 -27.97 26.81 -2.91
C TRP B 349 -28.46 27.79 -1.85
N ALA B 350 -29.70 28.24 -1.92
CA ALA B 350 -30.19 29.29 -1.03
C ALA B 350 -30.89 28.76 0.21
N PHE B 351 -31.30 27.49 0.22
CA PHE B 351 -31.96 26.89 1.36
C PHE B 351 -31.10 25.83 2.04
N LEU B 352 -29.80 25.81 1.78
CA LEU B 352 -28.84 24.93 2.44
C LEU B 352 -29.20 23.45 2.24
N LEU B 353 -29.46 23.08 0.99
CA LEU B 353 -29.70 21.68 0.66
C LEU B 353 -28.38 20.96 0.38
N VAL B 372 -20.33 20.93 20.02
CA VAL B 372 -19.98 19.90 18.98
C VAL B 372 -20.06 20.55 17.58
N ALA B 373 -21.20 20.40 16.90
CA ALA B 373 -21.37 20.96 15.54
C ALA B 373 -22.23 22.22 15.60
N GLY B 374 -22.78 22.55 16.77
CA GLY B 374 -23.58 23.78 16.92
C GLY B 374 -22.86 24.96 16.28
N GLU B 375 -21.66 25.29 16.76
CA GLU B 375 -20.92 26.48 16.25
C GLU B 375 -20.59 26.30 14.76
N LEU B 376 -20.27 25.08 14.33
CA LEU B 376 -19.85 24.85 12.93
C LEU B 376 -20.97 25.24 11.97
N GLU B 377 -22.20 24.78 12.25
CA GLU B 377 -23.36 25.14 11.41
C GLU B 377 -23.62 26.64 11.49
N ALA B 378 -23.99 27.13 12.68
CA ALA B 378 -24.26 28.57 12.86
C ALA B 378 -23.50 29.38 11.80
N SER B 385 -29.26 36.39 13.19
CA SER B 385 -28.75 37.45 14.10
C SER B 385 -29.87 38.30 14.71
N VAL B 386 -30.69 38.94 13.86
CA VAL B 386 -31.75 39.85 14.36
C VAL B 386 -32.65 39.11 15.36
N GLN B 387 -32.78 37.80 15.22
CA GLN B 387 -33.73 37.03 16.07
C GLN B 387 -33.15 36.80 17.47
N SER B 388 -32.08 37.51 17.82
CA SER B 388 -31.52 37.42 19.19
C SER B 388 -32.00 38.61 20.00
N GLN B 389 -32.46 39.68 19.34
CA GLN B 389 -33.04 40.83 20.08
C GLN B 389 -34.55 40.87 19.86
N GLU B 390 -35.09 40.03 18.98
CA GLU B 390 -36.56 39.94 18.73
C GLU B 390 -37.12 38.82 19.61
N LEU B 391 -36.69 37.58 19.41
CA LEU B 391 -37.08 36.46 20.30
C LEU B 391 -36.00 36.36 21.37
N GLN B 392 -35.91 35.27 22.10
CA GLN B 392 -34.81 35.07 23.09
C GLN B 392 -34.79 36.21 24.11
N LEU B 393 -33.86 37.15 24.01
CA LEU B 393 -33.71 38.18 25.07
C LEU B 393 -35.06 38.57 25.70
N PRO B 394 -36.13 38.89 24.95
CA PRO B 394 -37.43 39.18 25.58
C PRO B 394 -38.18 38.04 26.28
N ILE B 395 -37.56 36.87 26.49
CA ILE B 395 -38.20 35.71 27.19
C ILE B 395 -37.46 35.46 28.49
N VAL B 396 -36.19 35.87 28.59
CA VAL B 396 -35.36 35.61 29.80
C VAL B 396 -35.67 36.68 30.83
N ARG B 397 -36.11 37.86 30.40
CA ARG B 397 -36.51 38.94 31.28
C ARG B 397 -37.86 38.67 31.93
N VAL B 398 -38.83 38.20 31.14
CA VAL B 398 -40.15 37.90 31.68
C VAL B 398 -40.06 36.78 32.72
N LEU B 399 -39.32 35.71 32.41
CA LEU B 399 -39.21 34.59 33.33
C LEU B 399 -38.55 35.01 34.64
N MET B 400 -37.48 35.81 34.57
CA MET B 400 -36.83 36.23 35.81
C MET B 400 -37.70 37.21 36.58
N ASN B 401 -38.51 38.01 35.90
CA ASN B 401 -39.41 38.90 36.62
C ASN B 401 -40.48 38.12 37.37
N GLN B 402 -41.01 37.05 36.78
CA GLN B 402 -42.15 36.38 37.38
C GLN B 402 -41.78 35.26 38.34
N LEU B 403 -40.66 34.56 38.10
CA LEU B 403 -40.28 33.46 38.99
C LEU B 403 -39.89 33.96 40.37
N GLN B 404 -39.31 35.16 40.46
CA GLN B 404 -39.01 35.74 41.77
C GLN B 404 -40.28 35.96 42.57
N SER B 405 -41.31 36.51 41.93
CA SER B 405 -42.57 36.76 42.62
C SER B 405 -43.25 35.46 43.02
N ALA B 406 -43.18 34.45 42.16
CA ALA B 406 -43.76 33.15 42.51
C ALA B 406 -43.05 32.55 43.71
N GLY B 407 -41.72 32.66 43.77
CA GLY B 407 -40.96 32.17 44.89
C GLY B 407 -40.18 30.91 44.57
N MET B 408 -39.77 30.76 43.32
CA MET B 408 -39.07 29.57 42.88
C MET B 408 -37.56 29.73 42.76
N ILE B 409 -37.06 30.96 42.72
CA ILE B 409 -35.62 31.21 42.67
C ILE B 409 -35.27 32.22 43.75
N PRO B 410 -34.02 32.22 44.22
CA PRO B 410 -33.64 33.17 45.26
C PRO B 410 -33.76 34.60 44.79
N ASP B 411 -34.02 35.50 45.74
CA ASP B 411 -34.15 36.92 45.41
C ASP B 411 -32.81 37.45 44.93
N LEU B 412 -32.78 37.94 43.69
CA LEU B 412 -31.56 38.46 43.13
C LEU B 412 -31.20 39.81 43.78
N PRO B 413 -29.92 40.17 43.84
CA PRO B 413 -29.54 41.42 44.48
C PRO B 413 -29.75 42.62 43.58
N LYS B 414 -29.21 43.77 43.98
CA LYS B 414 -29.49 45.03 43.32
C LYS B 414 -28.79 45.08 41.96
N GLU B 415 -28.70 46.27 41.38
CA GLU B 415 -28.36 46.39 39.96
C GLU B 415 -26.92 45.98 39.69
N ALA B 416 -26.66 44.69 39.83
CA ALA B 416 -25.35 44.10 39.53
C ALA B 416 -25.44 42.97 38.51
N SER B 422 -27.15 37.10 24.87
CA SER B 422 -27.65 36.99 23.49
C SER B 422 -27.24 35.61 22.98
N THR B 423 -26.80 35.47 21.73
CA THR B 423 -26.38 34.17 21.21
C THR B 423 -25.09 34.20 20.41
N GLY B 424 -24.52 35.38 20.15
CA GLY B 424 -23.24 35.43 19.47
C GLY B 424 -22.15 34.69 20.23
N LEU B 425 -22.12 34.87 21.55
CA LEU B 425 -21.24 34.12 22.45
C LEU B 425 -22.11 33.58 23.57
N GLU B 426 -22.81 32.48 23.29
CA GLU B 426 -23.58 31.76 24.30
C GLU B 426 -23.13 30.32 24.47
N ALA B 427 -22.97 29.58 23.37
CA ALA B 427 -22.38 28.25 23.46
C ALA B 427 -20.90 28.34 23.74
N LEU B 428 -20.24 29.33 23.16
CA LEU B 428 -18.83 29.61 23.41
C LEU B 428 -18.61 30.50 24.62
N GLY B 429 -19.68 31.07 25.19
CA GLY B 429 -19.53 31.85 26.41
C GLY B 429 -18.93 31.04 27.54
N ARG B 430 -19.33 29.78 27.65
CA ARG B 430 -18.72 28.85 28.59
C ARG B 430 -17.60 28.02 27.95
N GLY B 431 -17.35 28.19 26.66
CA GLY B 431 -16.35 27.38 25.97
C GLY B 431 -15.00 28.06 25.84
N GLN B 432 -15.00 29.39 25.79
CA GLN B 432 -13.74 30.13 25.73
C GLN B 432 -12.92 29.87 26.98
N ASP B 433 -13.57 29.85 28.14
CA ASP B 433 -12.88 29.53 29.39
C ASP B 433 -12.27 28.14 29.33
N LEU B 434 -13.03 27.17 28.81
CA LEU B 434 -12.54 25.80 28.75
C LEU B 434 -11.33 25.69 27.83
N GLU B 435 -11.38 26.36 26.67
CA GLU B 435 -10.25 26.31 25.76
C GLU B 435 -9.01 26.96 26.35
N LYS B 436 -9.17 28.13 27.00
CA LYS B 436 -8.01 28.77 27.61
C LYS B 436 -7.42 27.92 28.72
N LEU B 437 -8.26 27.32 29.56
CA LEU B 437 -7.75 26.48 30.64
C LEU B 437 -7.05 25.24 30.09
N THR B 438 -7.59 24.66 29.02
CA THR B 438 -6.93 23.51 28.40
C THR B 438 -5.54 23.88 27.88
N GLN B 439 -5.45 25.02 27.18
CA GLN B 439 -4.15 25.44 26.65
C GLN B 439 -3.16 25.73 27.77
N ALA B 440 -3.64 26.35 28.85
CA ALA B 440 -2.77 26.62 30.00
C ALA B 440 -2.22 25.32 30.58
N VAL B 441 -3.09 24.31 30.72
CA VAL B 441 -2.65 23.03 31.27
C VAL B 441 -1.63 22.37 30.35
N ASN B 442 -1.90 22.37 29.03
CA ASN B 442 -0.96 21.74 28.11
C ASN B 442 0.41 22.41 28.15
N MET B 443 0.44 23.74 28.20
CA MET B 443 1.74 24.41 28.22
C MET B 443 2.43 24.26 29.57
N MET B 444 1.66 24.15 30.65
CA MET B 444 2.29 23.97 31.96
C MET B 444 2.87 22.57 32.11
N THR B 445 2.28 21.57 31.46
CA THR B 445 2.84 20.22 31.57
C THR B 445 4.16 20.05 30.82
N GLY B 446 4.56 21.02 30.01
CA GLY B 446 5.77 20.92 29.21
C GLY B 446 7.00 21.59 29.78
N LEU B 447 6.99 21.96 31.06
CA LEU B 447 8.13 22.60 31.71
C LEU B 447 8.79 21.70 32.75
N GLN B 448 8.46 20.42 32.76
CA GLN B 448 8.94 19.50 33.79
C GLN B 448 10.39 19.09 33.60
N PRO B 449 10.87 18.86 32.37
CA PRO B 449 12.32 18.60 32.21
C PRO B 449 13.20 19.77 32.62
N LEU B 450 12.68 20.98 32.67
CA LEU B 450 13.45 22.15 33.06
C LEU B 450 13.41 22.40 34.57
N SER B 451 12.98 21.41 35.35
CA SER B 451 12.81 21.62 36.79
C SER B 451 14.14 21.71 37.53
N GLN B 452 15.21 21.16 36.98
CA GLN B 452 16.49 21.11 37.67
C GLN B 452 17.51 22.12 37.13
N ASP B 453 17.13 22.98 36.21
CA ASP B 453 18.05 23.95 35.65
C ASP B 453 18.36 25.03 36.69
N PRO B 454 19.62 25.22 37.07
CA PRO B 454 19.95 26.19 38.12
C PRO B 454 20.12 27.63 37.66
N ASP B 455 19.69 27.98 36.44
CA ASP B 455 19.87 29.34 35.94
C ASP B 455 18.58 30.01 35.50
N ILE B 456 17.42 29.39 35.71
CA ILE B 456 16.16 29.89 35.19
C ILE B 456 15.26 30.27 36.34
N ASN B 457 14.61 31.44 36.23
CA ASN B 457 13.64 31.92 37.21
C ASN B 457 12.28 31.41 36.82
N LEU B 458 11.90 30.27 37.38
CA LEU B 458 10.67 29.59 36.94
C LEU B 458 9.39 30.35 37.24
N PRO B 459 9.14 30.86 38.46
CA PRO B 459 7.85 31.53 38.71
C PRO B 459 7.58 32.72 37.81
N THR B 460 8.61 33.53 37.52
CA THR B 460 8.41 34.66 36.62
C THR B 460 8.12 34.20 35.20
N LEU B 461 8.76 33.12 34.76
CA LEU B 461 8.45 32.55 33.45
C LEU B 461 7.00 32.09 33.39
N LYS B 462 6.51 31.46 34.47
CA LYS B 462 5.12 31.05 34.51
C LYS B 462 4.18 32.25 34.47
N LEU B 463 4.52 33.31 35.20
CA LEU B 463 3.69 34.50 35.17
C LEU B 463 3.62 35.12 33.79
N ARG B 464 4.76 35.21 33.09
CA ARG B 464 4.74 35.77 31.74
C ARG B 464 3.96 34.88 30.78
N LEU B 465 4.10 33.56 30.92
CA LEU B 465 3.34 32.66 30.05
C LEU B 465 1.84 32.80 30.28
N LEU B 466 1.42 32.98 31.54
CA LEU B 466 0.00 33.21 31.81
C LEU B 466 -0.46 34.55 31.25
N ASN B 467 0.36 35.58 31.38
CA ASN B 467 -0.01 36.90 30.86
C ASN B 467 -0.15 36.89 29.34
N ALA B 468 0.66 36.08 28.65
CA ALA B 468 0.63 36.06 27.19
C ALA B 468 -0.67 35.51 26.62
N LEU B 469 -1.53 34.90 27.44
CA LEU B 469 -2.79 34.33 26.99
C LEU B 469 -3.99 35.24 27.24
N GLY B 470 -3.99 35.96 28.35
CA GLY B 470 -5.15 36.71 28.79
C GLY B 470 -5.97 36.07 29.88
N ILE B 471 -5.51 34.95 30.43
CA ILE B 471 -6.25 34.24 31.47
C ILE B 471 -6.06 34.96 32.80
N ASP B 472 -7.14 35.04 33.58
CA ASP B 472 -7.07 35.60 34.92
C ASP B 472 -6.17 34.75 35.81
N THR B 473 -5.39 35.41 36.65
CA THR B 473 -4.41 34.75 37.50
C THR B 473 -4.74 34.96 38.98
N ALA B 474 -6.02 34.89 39.33
CA ALA B 474 -6.42 35.09 40.72
C ALA B 474 -6.02 33.90 41.58
N GLY B 475 -6.54 32.72 41.26
CA GLY B 475 -6.28 31.54 42.06
C GLY B 475 -5.54 30.43 41.33
N LEU B 476 -4.52 30.79 40.55
CA LEU B 476 -3.75 29.82 39.83
C LEU B 476 -2.28 29.75 40.25
N LEU B 477 -1.79 30.72 41.03
CA LEU B 477 -0.42 30.72 41.49
C LEU B 477 -0.39 30.94 42.99
N LEU B 478 0.64 30.40 43.63
CA LEU B 478 0.77 30.46 45.09
C LEU B 478 1.64 31.65 45.48
N THR B 479 1.17 32.41 46.48
CA THR B 479 1.90 33.56 46.95
C THR B 479 3.12 33.12 47.78
N GLN B 480 3.97 34.09 48.11
CA GLN B 480 5.13 33.79 48.95
C GLN B 480 4.69 33.32 50.33
N ASP B 481 3.72 34.03 50.93
CA ASP B 481 3.03 33.49 52.08
C ASP B 481 1.99 32.48 51.61
N GLU B 482 1.35 31.82 52.58
CA GLU B 482 0.41 30.73 52.35
C GLU B 482 1.09 29.50 51.75
N LYS B 483 2.42 29.49 51.66
CA LYS B 483 3.17 28.31 51.29
C LYS B 483 3.71 27.56 52.51
N ILE B 484 3.35 28.01 53.72
CA ILE B 484 3.79 27.36 54.94
C ILE B 484 2.76 26.35 55.43
N GLN B 485 1.48 26.67 55.26
CA GLN B 485 0.42 25.74 55.66
C GLN B 485 0.51 24.43 54.90
N ARG B 486 0.95 24.48 53.64
CA ARG B 486 1.12 23.25 52.87
C ARG B 486 2.14 22.32 53.51
N MET B 487 3.30 22.88 53.88
CA MET B 487 4.32 22.08 54.55
C MET B 487 3.83 21.56 55.89
N ALA B 488 3.12 22.41 56.64
CA ALA B 488 2.59 21.98 57.93
C ALA B 488 1.66 20.79 57.78
N GLU B 489 0.74 20.86 56.81
CA GLU B 489 -0.20 19.76 56.60
C GLU B 489 0.52 18.49 56.16
N GLN B 490 1.48 18.61 55.24
CA GLN B 490 2.20 17.43 54.77
C GLN B 490 2.95 16.76 55.92
N SER B 491 3.64 17.56 56.73
CA SER B 491 4.40 16.99 57.84
C SER B 491 3.48 16.33 58.86
N SER B 492 2.32 16.96 59.14
CA SER B 492 1.39 16.36 60.07
C SER B 492 0.88 15.01 59.57
N GLN B 493 0.53 14.95 58.29
CA GLN B 493 0.06 13.69 57.72
C GLN B 493 1.13 12.60 57.83
N GLN B 494 2.36 12.92 57.45
CA GLN B 494 3.42 11.92 57.49
C GLN B 494 3.67 11.43 58.91
N ALA B 495 3.73 12.37 59.87
CA ALA B 495 4.02 12.02 61.25
C ALA B 495 2.90 11.21 61.89
N VAL B 496 1.65 11.46 61.51
CA VAL B 496 0.56 10.63 62.04
C VAL B 496 0.59 9.23 61.43
N VAL B 497 0.76 9.15 60.11
CA VAL B 497 0.66 7.86 59.44
C VAL B 497 1.79 6.93 59.87
N GLN B 498 3.02 7.44 59.91
CA GLN B 498 4.15 6.58 60.28
C GLN B 498 3.99 6.08 61.71
N GLY B 499 3.62 6.97 62.63
CA GLY B 499 3.45 6.57 64.02
C GLY B 499 2.34 5.55 64.20
N ALA B 500 1.24 5.72 63.48
CA ALA B 500 0.15 4.75 63.57
C ALA B 500 0.57 3.40 63.00
N SER B 501 1.36 3.41 61.92
CA SER B 501 1.75 2.15 61.31
C SER B 501 2.76 1.39 62.17
N ALA B 502 3.67 2.10 62.83
CA ALA B 502 4.80 1.44 63.48
C ALA B 502 4.52 1.01 64.93
N ALA B 503 3.27 0.80 65.33
CA ALA B 503 2.96 0.40 66.70
C ALA B 503 2.19 -0.91 66.80
N GLY B 504 1.26 -1.15 65.88
CA GLY B 504 0.54 -2.40 65.88
C GLY B 504 1.45 -3.59 65.68
N ALA B 505 2.47 -3.43 64.84
CA ALA B 505 3.41 -4.53 64.60
C ALA B 505 4.14 -4.91 65.88
N ASN B 506 4.62 -3.91 66.63
CA ASN B 506 5.33 -4.20 67.88
C ASN B 506 4.40 -4.84 68.90
N MET B 507 3.17 -4.31 69.03
CA MET B 507 2.23 -4.88 69.98
C MET B 507 1.91 -6.33 69.63
N GLY B 508 1.66 -6.61 68.36
CA GLY B 508 1.38 -7.97 67.94
C GLY B 508 2.55 -8.91 68.16
N ALA B 509 3.76 -8.44 67.86
CA ALA B 509 4.94 -9.29 68.09
C ALA B 509 5.08 -9.62 69.57
N ALA B 510 4.89 -8.64 70.45
CA ALA B 510 5.02 -8.90 71.88
C ALA B 510 3.98 -9.90 72.35
N VAL B 511 2.71 -9.70 71.95
CA VAL B 511 1.66 -10.59 72.45
C VAL B 511 1.84 -12.00 71.90
N GLY B 512 2.24 -12.12 70.63
CA GLY B 512 2.47 -13.43 70.05
C GLY B 512 3.61 -14.16 70.72
N GLN B 513 4.72 -13.46 70.98
CA GLN B 513 5.85 -14.09 71.66
C GLN B 513 5.43 -14.57 73.05
N GLY B 514 4.72 -13.73 73.79
CA GLY B 514 4.29 -14.12 75.13
C GLY B 514 3.38 -15.33 75.11
N ALA B 515 2.38 -15.32 74.22
CA ALA B 515 1.44 -16.43 74.15
C ALA B 515 2.15 -17.72 73.74
N GLY B 516 3.03 -17.64 72.75
CA GLY B 516 3.74 -18.84 72.33
C GLY B 516 4.63 -19.40 73.42
N GLU B 517 5.36 -18.54 74.12
CA GLU B 517 6.22 -19.01 75.21
C GLU B 517 5.40 -19.64 76.33
N ASP B 518 4.24 -19.04 76.64
CA ASP B 518 3.42 -19.59 77.72
C ASP B 518 2.78 -20.92 77.31
N MET B 519 2.43 -21.07 76.03
CA MET B 519 1.68 -22.25 75.62
C MET B 519 2.58 -23.43 75.30
N ALA B 520 3.76 -23.18 74.72
CA ALA B 520 4.61 -24.26 74.24
C ALA B 520 5.28 -25.05 75.36
N GLN B 521 5.11 -24.65 76.62
CA GLN B 521 5.75 -25.36 77.72
C GLN B 521 5.26 -26.80 77.81
N ALA B 522 3.96 -27.01 77.65
CA ALA B 522 3.41 -28.36 77.82
C ALA B 522 3.81 -29.27 76.66
N GLU C 3 -80.41 14.08 37.78
CA GLU C 3 -80.86 13.03 36.87
C GLU C 3 -80.50 13.34 35.43
N ARG C 4 -79.21 13.41 35.13
CA ARG C 4 -78.73 13.52 33.75
C ARG C 4 -79.26 14.77 33.07
N GLU C 5 -78.77 15.94 33.52
CA GLU C 5 -79.14 17.23 32.92
C GLU C 5 -78.38 17.45 31.62
N GLY C 6 -78.36 18.69 31.12
CA GLY C 6 -77.87 19.04 29.80
C GLY C 6 -76.63 18.30 29.31
N PHE C 7 -76.60 18.04 28.01
CA PHE C 7 -75.72 17.07 27.34
C PHE C 7 -76.18 15.64 27.57
N ALA C 8 -77.15 15.42 28.43
CA ALA C 8 -77.64 14.08 28.73
C ALA C 8 -79.15 14.07 28.92
N ALA C 9 -79.86 14.90 28.16
CA ALA C 9 -81.30 15.04 28.30
C ALA C 9 -82.08 14.33 27.20
N GLU C 10 -81.41 13.57 26.36
CA GLU C 10 -82.10 12.84 25.30
C GLU C 10 -81.61 11.42 25.10
N GLY C 11 -80.65 10.92 25.87
CA GLY C 11 -80.22 9.54 25.78
C GLY C 11 -78.93 9.39 25.00
N ALA C 12 -78.39 8.18 25.07
CA ALA C 12 -77.12 7.86 24.42
C ALA C 12 -77.27 7.55 22.94
N LYS C 13 -78.36 6.85 22.55
CA LYS C 13 -78.54 6.49 21.15
C LYS C 13 -78.92 7.70 20.32
N ALA C 14 -79.65 8.65 20.91
CA ALA C 14 -80.08 9.83 20.15
C ALA C 14 -78.90 10.67 19.69
N VAL C 15 -77.90 10.85 20.57
CA VAL C 15 -76.76 11.68 20.23
C VAL C 15 -75.90 11.01 19.15
N TYR C 16 -75.71 9.70 19.26
CA TYR C 16 -74.86 8.99 18.31
C TYR C 16 -75.39 9.11 16.88
N ASP C 17 -76.71 9.10 16.71
CA ASP C 17 -77.31 9.24 15.40
C ASP C 17 -77.36 10.68 14.91
N ARG C 18 -77.40 11.66 15.82
CA ARG C 18 -77.37 13.05 15.41
C ARG C 18 -75.99 13.47 14.92
N LEU C 19 -74.94 13.10 15.65
CA LEU C 19 -73.59 13.52 15.31
C LEU C 19 -72.94 12.64 14.24
N LYS C 20 -73.62 11.60 13.79
CA LYS C 20 -73.05 10.65 12.84
C LYS C 20 -72.83 11.25 11.45
N ASN C 21 -73.48 12.36 11.10
CA ASN C 21 -73.36 12.93 9.78
C ASN C 21 -72.14 13.82 9.61
N GLY C 22 -71.40 14.10 10.69
CA GLY C 22 -70.23 14.95 10.57
C GLY C 22 -68.99 14.24 10.09
N ARG C 23 -68.95 12.91 10.15
CA ARG C 23 -67.78 12.16 9.73
C ARG C 23 -67.75 11.86 8.25
N GLN C 24 -68.82 12.17 7.52
CA GLN C 24 -68.91 11.75 6.12
C GLN C 24 -67.79 12.28 5.24
N PRO C 25 -67.40 13.57 5.30
CA PRO C 25 -66.29 14.01 4.45
C PRO C 25 -64.98 13.30 4.73
N TYR C 26 -64.73 12.92 5.97
CA TYR C 26 -63.45 12.32 6.35
C TYR C 26 -63.32 10.87 5.90
N GLU C 27 -64.43 10.13 5.83
CA GLU C 27 -64.37 8.74 5.40
C GLU C 27 -64.17 8.59 3.90
N THR C 28 -64.51 9.61 3.11
CA THR C 28 -64.35 9.50 1.66
C THR C 28 -62.90 9.66 1.24
N ARG C 29 -62.14 10.50 1.94
CA ARG C 29 -60.73 10.69 1.61
C ARG C 29 -59.91 9.44 1.94
N ALA C 30 -60.22 8.79 3.06
CA ALA C 30 -59.45 7.61 3.47
C ALA C 30 -59.60 6.46 2.49
N GLN C 31 -60.80 6.25 1.96
CA GLN C 31 -61.02 5.21 0.96
C GLN C 31 -60.30 5.49 -0.35
N ASN C 32 -60.15 6.75 -0.74
CA ASN C 32 -59.37 7.08 -1.92
C ASN C 32 -57.88 6.94 -1.70
N CYS C 33 -57.39 7.26 -0.50
CA CYS C 33 -55.97 7.07 -0.18
C CYS C 33 -55.59 5.59 -0.05
N ALA C 34 -56.45 4.77 0.55
CA ALA C 34 -56.14 3.35 0.71
C ALA C 34 -56.68 2.53 -0.45
N ALA C 35 -56.39 2.95 -1.67
CA ALA C 35 -56.77 2.20 -2.86
C ALA C 35 -55.61 2.13 -3.82
N VAL C 36 -54.60 2.96 -3.60
CA VAL C 36 -53.35 2.91 -4.36
C VAL C 36 -52.19 2.37 -3.54
N THR C 37 -52.29 2.38 -2.22
CA THR C 37 -51.21 1.83 -1.40
C THR C 37 -51.47 0.39 -1.01
N ILE C 38 -52.52 0.16 -0.23
CA ILE C 38 -52.93 -1.18 0.23
C ILE C 38 -54.46 -1.19 0.28
N PRO C 39 -55.13 -1.89 -0.63
CA PRO C 39 -56.60 -1.79 -0.71
C PRO C 39 -57.35 -2.43 0.45
N SER C 40 -56.70 -3.23 1.29
CA SER C 40 -57.40 -3.94 2.35
C SER C 40 -57.13 -3.35 3.73
N LEU C 41 -56.66 -2.10 3.79
CA LEU C 41 -56.33 -1.49 5.07
C LEU C 41 -57.49 -0.68 5.66
N PHE C 42 -58.38 -0.14 4.81
CA PHE C 42 -59.55 0.61 5.27
C PHE C 42 -60.79 0.03 4.59
N PRO C 43 -61.29 -1.09 5.06
CA PRO C 43 -62.52 -1.65 4.50
C PRO C 43 -63.73 -0.79 4.85
N LYS C 44 -64.75 -0.86 4.00
CA LYS C 44 -66.00 -0.18 4.27
C LYS C 44 -66.75 -0.90 5.39
N GLU C 45 -67.91 -0.37 5.75
CA GLU C 45 -68.72 -0.92 6.83
C GLU C 45 -69.79 -1.89 6.33
N SER C 46 -69.81 -2.17 5.03
CA SER C 46 -70.78 -3.09 4.44
C SER C 46 -70.07 -4.15 3.63
N ASP C 47 -69.03 -4.75 4.19
CA ASP C 47 -68.26 -5.78 3.53
C ASP C 47 -68.36 -7.09 4.30
N ASN C 48 -68.13 -8.19 3.58
CA ASN C 48 -68.31 -9.53 4.14
C ASN C 48 -67.29 -10.46 3.49
N SER C 49 -67.52 -11.77 3.63
CA SER C 49 -66.56 -12.78 3.25
C SER C 49 -66.39 -12.94 1.74
N SER C 50 -67.26 -12.34 0.93
CA SER C 50 -67.21 -12.52 -0.51
C SER C 50 -66.46 -11.40 -1.24
N THR C 51 -66.02 -10.37 -0.53
CA THR C 51 -65.38 -9.23 -1.18
C THR C 51 -63.98 -9.61 -1.68
N GLU C 52 -63.63 -9.11 -2.85
CA GLU C 52 -62.32 -9.37 -3.45
C GLU C 52 -61.59 -8.05 -3.65
N TYR C 53 -60.32 -8.00 -3.25
CA TYR C 53 -59.50 -6.81 -3.32
C TYR C 53 -58.47 -7.00 -4.42
N THR C 54 -58.38 -6.03 -5.34
CA THR C 54 -57.55 -6.17 -6.53
C THR C 54 -56.23 -5.44 -6.36
N THR C 55 -55.17 -6.05 -6.89
CA THR C 55 -53.83 -5.49 -6.79
C THR C 55 -53.71 -4.21 -7.61
N PRO C 56 -53.12 -3.15 -7.07
CA PRO C 56 -52.87 -1.95 -7.87
C PRO C 56 -51.82 -2.21 -8.94
N TRP C 57 -51.80 -1.33 -9.95
CA TRP C 57 -50.90 -1.46 -11.09
C TRP C 57 -49.44 -1.17 -10.72
N GLN C 58 -49.17 -0.63 -9.54
CA GLN C 58 -47.85 -0.25 -9.09
C GLN C 58 -47.49 -1.01 -7.82
N ALA C 59 -46.28 -0.78 -7.30
CA ALA C 59 -45.91 -1.35 -6.01
C ALA C 59 -45.07 -0.38 -5.19
N VAL C 60 -45.14 0.90 -5.50
CA VAL C 60 -44.34 1.91 -4.81
C VAL C 60 -45.12 2.46 -3.64
N GLY C 61 -46.41 2.20 -3.60
CA GLY C 61 -47.26 2.73 -2.55
C GLY C 61 -47.20 1.97 -1.24
N ALA C 62 -46.78 0.70 -1.29
CA ALA C 62 -46.70 -0.13 -0.10
C ALA C 62 -45.33 -0.10 0.55
N ARG C 63 -44.27 -0.01 -0.25
CA ARG C 63 -42.92 0.11 0.29
C ARG C 63 -42.75 1.40 1.08
N CYS C 64 -43.38 2.49 0.65
CA CYS C 64 -43.26 3.78 1.32
C CYS C 64 -44.18 3.91 2.52
N LEU C 65 -45.10 2.97 2.73
CA LEU C 65 -45.96 2.98 3.89
C LEU C 65 -45.54 1.96 4.94
N ASN C 66 -44.92 0.85 4.55
CA ASN C 66 -44.43 -0.13 5.50
C ASN C 66 -43.08 0.25 6.12
N ASN C 67 -42.46 1.31 5.64
CA ASN C 67 -41.14 1.72 6.13
C ASN C 67 -41.22 2.90 7.09
N LEU C 68 -42.02 3.91 6.75
CA LEU C 68 -42.20 5.06 7.64
C LEU C 68 -42.85 4.65 8.95
N ALA C 69 -43.84 3.76 8.89
CA ALA C 69 -44.50 3.32 10.11
C ALA C 69 -43.56 2.54 11.01
N ALA C 70 -42.60 1.84 10.42
CA ALA C 70 -41.60 1.11 11.20
C ALA C 70 -40.52 2.03 11.77
N LYS C 71 -40.16 3.08 11.04
CA LYS C 71 -39.19 4.03 11.57
C LYS C 71 -39.78 4.91 12.66
N LEU C 72 -41.08 5.22 12.59
CA LEU C 72 -41.70 6.08 13.59
C LEU C 72 -41.86 5.42 14.95
N MET C 73 -41.93 4.09 15.02
CA MET C 73 -42.05 3.41 16.29
C MET C 73 -40.70 3.01 16.88
N LEU C 74 -39.61 3.20 16.14
CA LEU C 74 -38.27 2.97 16.65
C LEU C 74 -37.75 4.17 17.43
N ALA C 75 -38.38 5.33 17.28
CA ALA C 75 -37.94 6.54 17.95
C ALA C 75 -38.88 6.99 19.05
N LEU C 76 -40.19 6.81 18.86
CA LEU C 76 -41.15 7.21 19.88
C LEU C 76 -41.13 6.27 21.08
N PHE C 77 -40.98 4.97 20.83
CA PHE C 77 -41.11 3.94 21.87
C PHE C 77 -39.89 3.02 21.83
N PRO C 78 -38.75 3.47 22.37
CA PRO C 78 -37.57 2.60 22.43
C PRO C 78 -37.62 1.65 23.60
N GLN C 79 -36.54 0.90 23.83
CA GLN C 79 -36.49 -0.07 24.91
C GLN C 79 -36.11 0.54 26.26
N SER C 80 -35.24 1.54 26.26
CA SER C 80 -34.86 2.28 27.45
C SER C 80 -35.99 3.24 27.84
N PRO C 81 -36.12 3.55 29.14
CA PRO C 81 -37.27 4.38 29.57
C PRO C 81 -37.36 5.73 28.88
N TRP C 82 -38.59 6.18 28.62
CA TRP C 82 -38.86 7.49 28.05
C TRP C 82 -39.69 8.37 29.01
N MET C 83 -39.31 8.38 30.29
CA MET C 83 -39.89 9.28 31.27
C MET C 83 -38.85 9.49 32.38
N ARG C 84 -38.90 10.65 33.03
CA ARG C 84 -37.88 10.95 34.03
C ARG C 84 -38.39 11.18 35.45
N LEU C 85 -39.33 12.10 35.64
CA LEU C 85 -39.72 12.59 36.96
C LEU C 85 -38.55 13.33 37.60
N THR C 86 -38.73 14.61 37.92
CA THR C 86 -37.57 15.45 38.16
C THR C 86 -37.38 15.91 39.60
N VAL C 87 -38.39 16.59 40.16
CA VAL C 87 -38.31 17.25 41.47
C VAL C 87 -37.37 18.45 41.36
N SER C 88 -37.82 19.62 41.81
CA SER C 88 -37.06 20.85 41.63
C SER C 88 -35.73 20.78 42.36
N GLU C 89 -34.83 21.71 42.03
CA GLU C 89 -33.49 21.76 42.60
C GLU C 89 -33.36 22.74 43.76
N TYR C 90 -33.88 23.96 43.60
CA TYR C 90 -33.80 24.94 44.67
C TYR C 90 -34.62 24.53 45.89
N GLU C 91 -35.65 23.70 45.72
CA GLU C 91 -36.39 23.16 46.85
C GLU C 91 -35.67 22.03 47.55
N ALA C 92 -34.98 21.17 46.80
CA ALA C 92 -34.26 20.07 47.42
C ALA C 92 -32.98 20.54 48.11
N LYS C 93 -32.33 21.56 47.54
CA LYS C 93 -31.08 22.04 48.12
C LYS C 93 -31.30 22.75 49.45
N THR C 94 -32.36 23.55 49.55
CA THR C 94 -32.57 24.39 50.73
C THR C 94 -33.14 23.62 51.92
N LEU C 95 -33.57 22.37 51.73
CA LEU C 95 -34.12 21.58 52.81
C LEU C 95 -33.17 20.51 53.33
N SER C 96 -32.19 20.09 52.54
CA SER C 96 -31.28 19.04 52.94
C SER C 96 -30.17 19.58 53.84
N GLN C 97 -29.49 18.67 54.52
CA GLN C 97 -28.37 19.01 55.38
C GLN C 97 -27.06 18.37 54.94
N ASP C 98 -27.09 17.08 54.60
CA ASP C 98 -25.88 16.36 54.19
C ASP C 98 -25.54 16.65 52.74
N SER C 99 -24.61 15.87 52.19
CA SER C 99 -24.20 16.02 50.79
C SER C 99 -24.83 14.99 49.86
N GLU C 100 -25.15 13.80 50.35
CA GLU C 100 -25.73 12.76 49.51
C GLU C 100 -27.25 12.71 49.54
N ALA C 101 -27.89 13.61 50.27
CA ALA C 101 -29.36 13.58 50.36
C ALA C 101 -29.99 13.80 49.00
N ALA C 102 -29.44 14.72 48.21
CA ALA C 102 -29.96 14.95 46.87
C ALA C 102 -29.80 13.71 45.99
N ALA C 103 -28.67 12.99 46.13
CA ALA C 103 -28.48 11.75 45.40
C ALA C 103 -29.42 10.65 45.89
N ARG C 104 -29.67 10.57 47.20
CA ARG C 104 -30.61 9.59 47.72
C ARG C 104 -32.03 9.84 47.22
N VAL C 105 -32.44 11.09 47.12
CA VAL C 105 -33.77 11.38 46.60
C VAL C 105 -33.89 10.96 45.14
N ASP C 106 -32.85 11.16 44.35
CA ASP C 106 -32.86 10.80 42.94
C ASP C 106 -32.74 9.29 42.73
N GLU C 107 -32.10 8.57 43.64
CA GLU C 107 -31.98 7.13 43.53
C GLU C 107 -33.32 6.40 43.62
N GLY C 108 -34.22 6.87 44.47
CA GLY C 108 -35.53 6.28 44.59
C GLY C 108 -36.54 6.71 43.55
N LEU C 109 -36.16 7.62 42.65
CA LEU C 109 -37.03 8.07 41.57
C LEU C 109 -36.83 7.28 40.29
N ALA C 110 -35.98 6.27 40.29
CA ALA C 110 -35.80 5.40 39.12
C ALA C 110 -36.56 4.10 39.21
N MET C 111 -36.78 3.59 40.43
CA MET C 111 -37.57 2.37 40.58
C MET C 111 -39.00 2.59 40.10
N VAL C 112 -39.51 3.82 40.23
CA VAL C 112 -40.85 4.11 39.75
C VAL C 112 -40.92 3.98 38.23
N GLU C 113 -39.92 4.53 37.52
CA GLU C 113 -39.88 4.36 36.08
C GLU C 113 -39.72 2.90 35.69
N ARG C 114 -38.91 2.14 36.42
CA ARG C 114 -38.75 0.71 36.10
C ARG C 114 -40.06 -0.04 36.26
N VAL C 115 -40.80 0.23 37.33
CA VAL C 115 -42.11 -0.41 37.53
C VAL C 115 -43.07 -0.02 36.41
N LEU C 116 -43.10 1.28 36.05
CA LEU C 116 -44.01 1.72 35.01
C LEU C 116 -43.69 1.07 33.67
N MET C 117 -42.41 0.94 33.33
CA MET C 117 -42.04 0.33 32.06
C MET C 117 -42.19 -1.18 32.05
N ALA C 118 -42.13 -1.85 33.20
CA ALA C 118 -42.41 -3.28 33.27
C ALA C 118 -43.89 -3.60 33.17
N TYR C 119 -44.74 -2.75 33.77
CA TYR C 119 -46.17 -2.97 33.67
C TYR C 119 -46.66 -2.91 32.22
N MET C 120 -46.15 -1.97 31.44
CA MET C 120 -46.49 -1.86 30.03
C MET C 120 -46.03 -3.05 29.21
N GLU C 121 -45.06 -3.82 29.69
CA GLU C 121 -44.54 -4.98 28.99
C GLU C 121 -45.26 -6.27 29.37
N THR C 122 -45.65 -6.41 30.64
CA THR C 122 -46.39 -7.60 31.05
C THR C 122 -47.78 -7.66 30.39
N ASN C 123 -48.45 -6.52 30.29
CA ASN C 123 -49.84 -6.47 29.82
C ASN C 123 -49.97 -6.16 28.34
N SER C 124 -48.91 -6.40 27.56
CA SER C 124 -48.99 -6.34 26.10
C SER C 124 -49.51 -5.02 25.58
N PHE C 125 -48.77 -3.93 25.81
CA PHE C 125 -49.15 -2.60 25.35
C PHE C 125 -48.56 -2.28 23.98
N ARG C 126 -47.92 -3.24 23.33
CA ARG C 126 -47.14 -2.95 22.13
C ARG C 126 -47.77 -3.42 20.84
N VAL C 127 -48.80 -4.26 20.89
CA VAL C 127 -49.50 -4.67 19.67
C VAL C 127 -50.50 -3.60 19.23
N PRO C 128 -51.33 -3.04 20.13
CA PRO C 128 -52.23 -1.96 19.68
C PRO C 128 -51.52 -0.73 19.16
N LEU C 129 -50.34 -0.40 19.70
CA LEU C 129 -49.67 0.84 19.31
C LEU C 129 -49.17 0.77 17.86
N PHE C 130 -48.62 -0.38 17.45
CA PHE C 130 -48.18 -0.51 16.08
C PHE C 130 -49.35 -0.42 15.10
N GLU C 131 -50.50 -1.01 15.46
CA GLU C 131 -51.69 -0.88 14.64
C GLU C 131 -52.15 0.57 14.56
N ALA C 132 -52.14 1.27 15.69
CA ALA C 132 -52.59 2.66 15.73
C ALA C 132 -51.72 3.54 14.84
N LEU C 133 -50.41 3.31 14.86
CA LEU C 133 -49.51 4.15 14.06
C LEU C 133 -49.71 3.97 12.56
N LYS C 134 -50.42 2.92 12.12
CA LYS C 134 -50.70 2.74 10.71
C LYS C 134 -52.01 3.36 10.28
N GLN C 135 -52.97 3.52 11.19
CA GLN C 135 -54.20 4.21 10.85
C GLN C 135 -54.02 5.71 10.80
N LEU C 136 -53.06 6.26 11.56
CA LEU C 136 -52.81 7.69 11.56
C LEU C 136 -52.25 8.19 10.24
N ILE C 137 -51.59 7.34 9.46
CA ILE C 137 -51.02 7.74 8.18
C ILE C 137 -52.03 7.68 7.05
N VAL C 138 -53.04 6.82 7.15
CA VAL C 138 -54.04 6.64 6.10
C VAL C 138 -55.30 7.44 6.39
N SER C 139 -55.88 7.29 7.58
CA SER C 139 -57.11 7.98 7.94
C SER C 139 -56.86 9.26 8.75
N GLY C 140 -55.99 9.20 9.75
CA GLY C 140 -55.65 10.36 10.55
C GLY C 140 -56.19 10.35 11.97
N ASN C 141 -57.03 9.39 12.33
CA ASN C 141 -57.66 9.38 13.66
C ASN C 141 -57.64 7.97 14.23
N CYS C 142 -57.71 7.90 15.56
CA CYS C 142 -57.87 6.65 16.30
C CYS C 142 -58.18 6.99 17.75
N LEU C 143 -58.62 5.99 18.50
CA LEU C 143 -58.97 6.13 19.91
C LEU C 143 -58.26 5.05 20.72
N LEU C 144 -58.12 5.29 22.03
CA LEU C 144 -57.42 4.35 22.90
C LEU C 144 -58.11 4.29 24.26
N TYR C 145 -58.22 3.09 24.82
CA TYR C 145 -58.86 2.85 26.10
C TYR C 145 -57.92 2.06 27.00
N ILE C 146 -57.85 2.45 28.27
CA ILE C 146 -56.97 1.82 29.25
C ILE C 146 -57.81 1.32 30.41
N PRO C 147 -58.00 0.01 30.53
CA PRO C 147 -58.82 -0.52 31.63
C PRO C 147 -58.16 -0.35 32.99
N GLU C 148 -58.99 -0.39 34.03
CA GLU C 148 -58.51 -0.20 35.39
C GLU C 148 -57.61 -1.36 35.80
N PRO C 149 -56.47 -1.08 36.43
CA PRO C 149 -55.54 -2.16 36.79
C PRO C 149 -56.09 -3.05 37.90
N GLU C 150 -55.61 -4.29 37.90
CA GLU C 150 -55.95 -5.27 38.93
C GLU C 150 -54.71 -6.05 39.30
N GLN C 151 -54.77 -6.73 40.45
CA GLN C 151 -53.57 -7.33 41.02
C GLN C 151 -53.04 -8.48 40.15
N GLY C 152 -53.91 -9.42 39.78
CA GLY C 152 -53.44 -10.61 39.10
C GLY C 152 -54.23 -11.03 37.88
N THR C 153 -54.75 -10.09 37.10
CA THR C 153 -55.56 -10.43 35.94
C THR C 153 -55.03 -9.73 34.71
N TYR C 154 -55.25 -10.35 33.55
CA TYR C 154 -54.83 -9.79 32.27
C TYR C 154 -55.76 -8.65 31.87
N SER C 155 -55.21 -7.45 31.65
CA SER C 155 -55.97 -6.26 31.31
C SER C 155 -55.32 -5.53 30.14
N PRO C 156 -55.50 -6.01 28.92
CA PRO C 156 -54.85 -5.38 27.77
C PRO C 156 -55.56 -4.11 27.31
N MET C 157 -54.82 -3.31 26.55
CA MET C 157 -55.34 -2.10 25.94
C MET C 157 -56.29 -2.45 24.79
N ARG C 158 -57.14 -1.50 24.42
CA ARG C 158 -58.07 -1.66 23.31
C ARG C 158 -57.95 -0.48 22.35
N MET C 159 -58.35 -0.72 21.10
CA MET C 159 -58.28 0.28 20.04
C MET C 159 -59.61 0.33 19.29
N TYR C 160 -60.05 1.54 18.96
CA TYR C 160 -61.25 1.75 18.15
C TYR C 160 -60.89 2.49 16.87
N ARG C 161 -61.54 2.10 15.78
CA ARG C 161 -61.30 2.71 14.48
C ARG C 161 -62.21 3.92 14.32
N LEU C 162 -62.14 4.60 13.18
CA LEU C 162 -62.91 5.82 12.97
C LEU C 162 -64.39 5.57 12.76
N VAL C 163 -64.81 4.34 12.51
CA VAL C 163 -66.20 4.03 12.21
C VAL C 163 -66.95 3.58 13.46
N SER C 164 -66.45 3.91 14.66
CA SER C 164 -67.11 3.43 15.86
C SER C 164 -67.16 4.46 16.99
N TYR C 165 -66.95 5.74 16.73
CA TYR C 165 -67.07 6.76 17.78
C TYR C 165 -67.31 8.12 17.15
N VAL C 166 -67.77 9.06 17.98
CA VAL C 166 -68.05 10.43 17.56
C VAL C 166 -67.56 11.40 18.63
N VAL C 167 -67.04 12.55 18.20
CA VAL C 167 -66.46 13.55 19.09
C VAL C 167 -67.04 14.92 18.74
N GLN C 168 -67.21 15.77 19.76
CA GLN C 168 -67.59 17.17 19.56
C GLN C 168 -66.59 18.06 20.26
N ARG C 169 -66.10 19.08 19.56
CA ARG C 169 -65.08 19.98 20.07
C ARG C 169 -65.49 21.44 19.85
N ASP C 170 -64.79 22.34 20.54
CA ASP C 170 -65.00 23.78 20.38
C ASP C 170 -64.18 24.32 19.22
N ALA C 171 -64.25 25.64 19.00
CA ALA C 171 -63.28 26.31 18.15
C ALA C 171 -61.95 26.51 18.87
N PHE C 172 -61.98 26.66 20.19
CA PHE C 172 -60.74 26.80 20.95
C PHE C 172 -59.98 25.47 21.01
N GLY C 173 -60.69 24.35 21.07
CA GLY C 173 -60.06 23.05 21.01
C GLY C 173 -60.23 22.15 22.22
N ASN C 174 -61.36 22.25 22.92
CA ASN C 174 -61.64 21.41 24.08
C ASN C 174 -62.59 20.28 23.69
N ILE C 175 -62.65 19.27 24.55
CA ILE C 175 -63.46 18.08 24.32
C ILE C 175 -64.68 18.13 25.22
N LEU C 176 -65.86 17.90 24.65
CA LEU C 176 -67.12 18.01 25.36
C LEU C 176 -67.91 16.71 25.45
N GLN C 177 -67.81 15.82 24.46
CA GLN C 177 -68.64 14.63 24.44
C GLN C 177 -67.94 13.52 23.66
N ILE C 178 -68.15 12.28 24.11
CA ILE C 178 -67.65 11.08 23.45
C ILE C 178 -68.68 9.98 23.61
N VAL C 179 -68.95 9.24 22.52
CA VAL C 179 -69.86 8.09 22.54
C VAL C 179 -69.23 6.96 21.73
N THR C 180 -69.39 5.72 22.21
CA THR C 180 -68.81 4.55 21.56
C THR C 180 -69.85 3.44 21.44
N LEU C 181 -69.61 2.52 20.51
CA LEU C 181 -70.55 1.45 20.18
C LEU C 181 -69.83 0.11 20.12
N ASP C 182 -70.43 -0.91 20.76
CA ASP C 182 -69.94 -2.28 20.73
C ASP C 182 -71.08 -3.24 20.46
N LYS C 183 -70.79 -4.35 19.79
CA LYS C 183 -71.78 -5.39 19.51
C LYS C 183 -71.26 -6.72 20.08
N VAL C 184 -71.91 -7.20 21.13
CA VAL C 184 -71.53 -8.46 21.77
C VAL C 184 -72.68 -9.44 21.70
N ALA C 185 -72.45 -10.68 22.11
CA ALA C 185 -73.45 -11.73 22.07
C ALA C 185 -74.03 -11.94 23.47
N PHE C 186 -75.18 -12.61 23.52
CA PHE C 186 -75.89 -12.77 24.79
C PHE C 186 -75.10 -13.62 25.78
N SER C 187 -74.50 -14.72 25.31
CA SER C 187 -73.81 -15.62 26.22
C SER C 187 -72.46 -15.11 26.68
N ALA C 188 -71.92 -14.08 26.01
CA ALA C 188 -70.65 -13.50 26.41
C ALA C 188 -70.81 -12.31 27.35
N LEU C 189 -72.04 -11.94 27.68
CA LEU C 189 -72.26 -10.83 28.59
C LEU C 189 -71.94 -11.27 30.02
N PRO C 190 -71.45 -10.35 30.87
CA PRO C 190 -71.27 -10.69 32.28
C PRO C 190 -72.60 -10.95 32.96
N GLU C 191 -72.55 -11.77 34.01
CA GLU C 191 -73.78 -12.22 34.67
C GLU C 191 -74.52 -11.06 35.33
N ASP C 192 -73.79 -10.05 35.81
CA ASP C 192 -74.45 -8.92 36.46
C ASP C 192 -75.37 -8.19 35.49
N VAL C 193 -74.89 -7.95 34.26
CA VAL C 193 -75.73 -7.32 33.25
C VAL C 193 -76.84 -8.26 32.82
N LYS C 194 -76.54 -9.55 32.69
CA LYS C 194 -77.54 -10.53 32.27
C LYS C 194 -78.68 -10.62 33.27
N SER C 195 -78.39 -10.38 34.55
CA SER C 195 -79.39 -10.48 35.61
C SER C 195 -80.39 -9.33 35.62
N GLN C 196 -80.36 -8.46 34.61
CA GLN C 196 -81.34 -7.38 34.49
C GLN C 196 -82.18 -7.50 33.23
N LEU C 197 -82.19 -8.67 32.61
CA LEU C 197 -83.00 -8.94 31.42
C LEU C 197 -83.74 -10.26 31.62
N ASN C 198 -84.56 -10.62 30.64
CA ASN C 198 -85.25 -11.91 30.61
C ASN C 198 -84.57 -12.80 29.59
N ALA C 199 -84.13 -13.99 30.03
CA ALA C 199 -83.37 -14.88 29.17
C ALA C 199 -84.26 -15.53 28.12
N ASP C 200 -85.50 -15.82 28.48
CA ASP C 200 -86.42 -16.55 27.62
C ASP C 200 -86.71 -15.85 26.29
N ASP C 201 -86.54 -14.52 26.25
CA ASP C 201 -86.68 -13.79 25.00
C ASP C 201 -85.45 -13.88 24.11
N TYR C 202 -84.35 -14.42 24.60
CA TYR C 202 -83.09 -14.40 23.85
C TYR C 202 -82.55 -15.81 23.66
N GLU C 203 -81.90 -16.02 22.51
CA GLU C 203 -81.26 -17.27 22.16
C GLU C 203 -79.76 -17.05 22.10
N PRO C 204 -78.95 -17.93 22.69
CA PRO C 204 -77.50 -17.66 22.74
C PRO C 204 -76.89 -17.62 21.35
N ASP C 205 -76.52 -16.42 20.92
CA ASP C 205 -76.02 -16.08 19.58
C ASP C 205 -76.43 -14.67 19.21
N THR C 206 -77.62 -14.26 19.63
CA THR C 206 -78.16 -12.96 19.23
C THR C 206 -77.30 -11.83 19.79
N GLU C 207 -77.15 -10.77 19.00
CA GLU C 207 -76.25 -9.67 19.32
C GLU C 207 -77.01 -8.51 19.93
N LEU C 208 -76.38 -7.88 20.92
CA LEU C 208 -76.91 -6.67 21.54
C LEU C 208 -75.97 -5.51 21.27
N GLU C 209 -76.49 -4.29 21.39
CA GLU C 209 -75.72 -3.07 21.17
C GLU C 209 -75.59 -2.30 22.47
N VAL C 210 -74.36 -1.94 22.82
CA VAL C 210 -74.05 -1.32 24.11
C VAL C 210 -73.41 0.03 23.85
N TYR C 211 -73.88 1.04 24.59
CA TYR C 211 -73.45 2.43 24.39
C TYR C 211 -72.81 2.97 25.66
N THR C 212 -71.78 3.78 25.50
CA THR C 212 -71.11 4.46 26.60
C THR C 212 -71.07 5.96 26.30
N HIS C 213 -71.37 6.76 27.32
CA HIS C 213 -71.50 8.21 27.17
C HIS C 213 -70.67 8.92 28.22
N ILE C 214 -69.80 9.83 27.78
CA ILE C 214 -68.96 10.62 28.67
C ILE C 214 -69.16 12.09 28.31
N TYR C 215 -69.48 12.91 29.31
CA TYR C 215 -69.75 14.33 29.09
C TYR C 215 -69.20 15.15 30.25
N ARG C 216 -69.11 16.46 30.04
CA ARG C 216 -68.48 17.38 30.99
C ARG C 216 -69.56 18.15 31.75
N GLN C 217 -69.41 18.21 33.07
CA GLN C 217 -70.35 18.95 33.93
C GLN C 217 -69.61 19.49 35.15
N ASP C 218 -69.36 20.79 35.16
CA ASP C 218 -68.83 21.51 36.32
C ASP C 218 -67.47 20.95 36.77
N ASP C 219 -66.48 21.12 35.88
CA ASP C 219 -65.08 20.82 36.19
C ASP C 219 -64.82 19.35 36.47
N GLU C 220 -65.60 18.45 35.87
CA GLU C 220 -65.34 17.03 36.00
C GLU C 220 -66.06 16.29 34.90
N TYR C 221 -65.83 14.98 34.83
CA TYR C 221 -66.41 14.11 33.83
C TYR C 221 -67.34 13.10 34.48
N LEU C 222 -68.41 12.75 33.75
CA LEU C 222 -69.37 11.76 34.21
C LEU C 222 -69.57 10.71 33.12
N ARG C 223 -69.95 9.49 33.52
CA ARG C 223 -70.13 8.41 32.57
C ARG C 223 -71.26 7.49 33.03
N TYR C 224 -71.87 6.80 32.06
CA TYR C 224 -72.86 5.78 32.33
C TYR C 224 -72.98 4.88 31.10
N GLU C 225 -73.69 3.77 31.26
CA GLU C 225 -73.82 2.76 30.21
C GLU C 225 -75.29 2.45 29.96
N GLU C 226 -75.66 2.28 28.70
CA GLU C 226 -77.04 2.12 28.30
C GLU C 226 -77.16 0.97 27.31
N VAL C 227 -78.09 0.05 27.58
CA VAL C 227 -78.37 -1.08 26.68
C VAL C 227 -79.86 -1.07 26.37
N GLU C 228 -80.21 -1.43 25.14
CA GLU C 228 -81.60 -1.42 24.69
C GLU C 228 -82.17 -0.01 24.80
N GLY C 229 -82.86 0.27 25.89
CA GLY C 229 -83.39 1.60 26.13
C GLY C 229 -83.24 2.04 27.57
N ILE C 230 -82.64 1.19 28.39
CA ILE C 230 -82.49 1.46 29.82
C ILE C 230 -81.01 1.62 30.15
N GLU C 231 -80.74 2.11 31.35
CA GLU C 231 -79.38 2.34 31.83
C GLU C 231 -79.02 1.23 32.83
N VAL C 232 -77.90 0.56 32.57
CA VAL C 232 -77.48 -0.54 33.43
C VAL C 232 -77.03 -0.01 34.78
N ALA C 233 -77.54 -0.60 35.85
CA ALA C 233 -77.14 -0.23 37.19
C ALA C 233 -75.76 -0.79 37.50
N GLY C 234 -74.97 -0.01 38.23
CA GLY C 234 -73.63 -0.43 38.61
C GLY C 234 -72.52 0.04 37.70
N THR C 235 -72.78 0.96 36.78
CA THR C 235 -71.77 1.49 35.89
C THR C 235 -71.46 2.96 36.12
N GLU C 236 -72.18 3.62 37.02
CA GLU C 236 -71.98 5.05 37.24
C GLU C 236 -70.59 5.33 37.79
N GLY C 237 -70.03 6.47 37.40
CA GLY C 237 -68.69 6.81 37.85
C GLY C 237 -68.35 8.24 37.49
N SER C 238 -67.10 8.60 37.73
CA SER C 238 -66.61 9.95 37.47
C SER C 238 -65.10 9.92 37.29
N TYR C 239 -64.58 10.94 36.62
CA TYR C 239 -63.15 11.06 36.35
C TYR C 239 -62.70 12.49 36.62
N PRO C 240 -61.44 12.68 37.00
CA PRO C 240 -60.89 14.04 37.07
C PRO C 240 -60.73 14.64 35.68
N LEU C 241 -60.42 15.93 35.66
CA LEU C 241 -60.37 16.65 34.39
C LEU C 241 -59.07 16.45 33.64
N THR C 242 -58.07 15.80 34.24
CA THR C 242 -56.79 15.57 33.57
C THR C 242 -56.38 14.10 33.56
N ALA C 243 -57.26 13.18 33.96
CA ALA C 243 -56.94 11.76 34.01
C ALA C 243 -58.08 10.95 33.37
N CYS C 244 -58.55 11.43 32.22
CA CYS C 244 -59.58 10.72 31.47
C CYS C 244 -58.96 9.60 30.65
N PRO C 245 -59.39 8.35 30.83
CA PRO C 245 -58.74 7.23 30.14
C PRO C 245 -59.18 7.03 28.71
N TYR C 246 -59.83 8.01 28.10
CA TYR C 246 -60.19 7.97 26.68
C TYR C 246 -59.39 9.05 25.94
N ILE C 247 -58.52 8.62 25.05
CA ILE C 247 -57.56 9.52 24.40
C ILE C 247 -57.79 9.58 22.90
N PRO C 248 -58.46 10.61 22.37
CA PRO C 248 -58.56 10.76 20.91
C PRO C 248 -57.25 11.32 20.36
N VAL C 249 -56.76 10.69 19.30
CA VAL C 249 -55.45 11.02 18.74
C VAL C 249 -55.65 11.65 17.36
N ARG C 250 -54.83 12.68 17.09
CA ARG C 250 -54.92 13.41 15.83
C ARG C 250 -53.54 13.59 15.22
N MET C 251 -53.49 13.47 13.89
CA MET C 251 -52.35 13.92 13.11
C MET C 251 -52.60 15.39 12.81
N VAL C 252 -51.94 15.96 11.79
CA VAL C 252 -51.89 17.41 11.54
C VAL C 252 -53.23 18.07 11.80
N ARG C 253 -53.20 19.18 12.53
CA ARG C 253 -54.39 19.82 13.10
C ARG C 253 -54.62 21.17 12.43
N LEU C 254 -55.85 21.39 11.98
CA LEU C 254 -56.28 22.68 11.45
C LEU C 254 -57.11 23.39 12.51
N ASP C 255 -57.69 24.52 12.15
CA ASP C 255 -58.36 25.39 13.10
C ASP C 255 -59.88 25.23 13.00
N GLY C 256 -60.51 25.07 14.16
CA GLY C 256 -61.95 24.96 14.23
C GLY C 256 -62.51 23.75 13.52
N GLU C 257 -61.87 22.59 13.71
CA GLU C 257 -62.31 21.37 13.06
C GLU C 257 -62.29 20.23 14.05
N ASP C 258 -63.31 19.38 13.99
CA ASP C 258 -63.25 18.08 14.64
C ASP C 258 -62.40 17.14 13.79
N TYR C 259 -61.70 16.23 14.46
CA TYR C 259 -60.85 15.24 13.78
C TYR C 259 -59.69 15.91 13.05
N GLY C 260 -58.67 15.13 12.69
CA GLY C 260 -57.52 15.66 12.00
C GLY C 260 -57.43 15.09 10.59
N ARG C 261 -56.47 15.62 9.83
CA ARG C 261 -56.19 15.15 8.50
C ARG C 261 -55.02 14.17 8.55
N SER C 262 -54.55 13.74 7.39
CA SER C 262 -53.49 12.73 7.32
C SER C 262 -52.28 13.28 6.56
N TYR C 263 -51.23 12.47 6.52
CA TYR C 263 -49.98 12.86 5.87
C TYR C 263 -49.87 12.35 4.43
N CYS C 264 -50.62 11.32 4.05
CA CYS C 264 -50.56 10.75 2.71
C CYS C 264 -51.38 11.54 1.70
N GLU C 265 -52.15 12.53 2.15
CA GLU C 265 -53.01 13.30 1.26
C GLU C 265 -52.26 14.37 0.47
N GLU C 266 -51.02 14.66 0.81
CA GLU C 266 -50.27 15.68 0.10
C GLU C 266 -49.69 15.18 -1.21
N TYR C 267 -49.64 13.87 -1.43
CA TYR C 267 -48.95 13.29 -2.57
C TYR C 267 -49.87 12.38 -3.38
N LEU C 268 -51.17 12.66 -3.40
CA LEU C 268 -52.10 11.83 -4.15
C LEU C 268 -51.90 12.00 -5.65
N GLY C 269 -51.58 13.23 -6.07
CA GLY C 269 -51.43 13.50 -7.49
C GLY C 269 -50.29 12.71 -8.12
N ASP C 270 -49.17 12.59 -7.41
CA ASP C 270 -48.03 11.86 -7.96
C ASP C 270 -48.37 10.38 -8.16
N LEU C 271 -49.04 9.78 -7.17
CA LEU C 271 -49.41 8.38 -7.30
C LEU C 271 -50.40 8.17 -8.43
N ASN C 272 -51.41 9.06 -8.55
CA ASN C 272 -52.36 8.94 -9.64
C ASN C 272 -51.71 9.17 -11.00
N SER C 273 -50.63 9.96 -11.05
CA SER C 273 -49.91 10.12 -12.31
C SER C 273 -49.12 8.87 -12.66
N LEU C 274 -48.43 8.28 -11.68
CA LEU C 274 -47.60 7.11 -11.95
C LEU C 274 -48.42 5.88 -12.34
N GLU C 275 -49.58 5.70 -11.72
CA GLU C 275 -50.43 4.55 -11.98
C GLU C 275 -51.12 4.62 -13.34
N THR C 276 -51.07 5.75 -14.02
CA THR C 276 -51.64 5.90 -15.36
C THR C 276 -50.61 5.62 -16.46
N ILE C 277 -49.33 5.66 -16.13
CA ILE C 277 -48.28 5.30 -17.08
C ILE C 277 -47.82 3.86 -16.95
N THR C 278 -47.73 3.32 -15.73
CA THR C 278 -47.34 1.92 -15.62
C THR C 278 -48.33 0.98 -16.30
N GLU C 279 -49.63 1.31 -16.26
CA GLU C 279 -50.63 0.49 -16.91
C GLU C 279 -50.41 0.41 -18.42
N ALA C 280 -50.19 1.57 -19.06
CA ALA C 280 -49.96 1.58 -20.49
C ALA C 280 -48.69 0.82 -20.85
N ILE C 281 -47.63 1.00 -20.06
CA ILE C 281 -46.39 0.28 -20.35
C ILE C 281 -46.60 -1.22 -20.28
N THR C 282 -47.37 -1.69 -19.30
CA THR C 282 -47.60 -3.13 -19.19
C THR C 282 -48.48 -3.66 -20.32
N LYS C 283 -49.52 -2.89 -20.69
CA LYS C 283 -50.41 -3.33 -21.76
C LYS C 283 -49.66 -3.46 -23.08
N MET C 284 -48.74 -2.53 -23.36
CA MET C 284 -47.95 -2.63 -24.58
C MET C 284 -47.16 -3.93 -24.63
N ALA C 285 -46.53 -4.32 -23.52
CA ALA C 285 -45.78 -5.56 -23.46
C ALA C 285 -46.65 -6.79 -23.59
N LYS C 286 -47.87 -6.77 -23.06
CA LYS C 286 -48.79 -7.88 -23.27
C LYS C 286 -49.30 -7.97 -24.69
N VAL C 287 -49.38 -6.85 -25.40
CA VAL C 287 -49.79 -6.85 -26.80
C VAL C 287 -48.67 -7.25 -27.76
N ALA C 288 -47.42 -6.95 -27.44
CA ALA C 288 -46.31 -7.20 -28.35
C ALA C 288 -45.74 -8.62 -28.22
N SER C 289 -46.53 -9.58 -27.75
CA SER C 289 -46.08 -10.96 -27.66
C SER C 289 -47.04 -11.93 -28.35
N LYS C 290 -47.64 -11.52 -29.46
CA LYS C 290 -48.54 -12.34 -30.25
C LYS C 290 -47.93 -12.56 -31.62
N VAL C 291 -48.12 -13.76 -32.18
CA VAL C 291 -47.47 -14.16 -33.42
C VAL C 291 -48.50 -14.16 -34.54
N VAL C 292 -48.24 -13.37 -35.59
CA VAL C 292 -49.07 -13.35 -36.78
C VAL C 292 -48.13 -13.28 -37.98
N GLY C 293 -48.25 -14.25 -38.90
CA GLY C 293 -47.44 -14.30 -40.09
C GLY C 293 -48.24 -13.84 -41.30
N LEU C 294 -47.60 -13.06 -42.17
CA LEU C 294 -48.25 -12.44 -43.31
C LEU C 294 -47.66 -12.99 -44.60
N VAL C 295 -48.52 -13.47 -45.49
CA VAL C 295 -48.11 -14.05 -46.76
C VAL C 295 -48.61 -13.17 -47.88
N ASN C 296 -47.71 -12.74 -48.77
CA ASN C 296 -48.08 -11.84 -49.84
C ASN C 296 -48.89 -12.59 -50.90
N PRO C 297 -50.12 -12.12 -51.26
CA PRO C 297 -51.01 -12.86 -52.17
C PRO C 297 -50.77 -12.75 -53.68
N ASN C 298 -49.72 -12.04 -54.12
CA ASN C 298 -49.38 -11.93 -55.56
C ASN C 298 -48.06 -12.66 -55.79
N GLY C 299 -47.80 -13.72 -55.03
CA GLY C 299 -46.52 -14.46 -55.11
C GLY C 299 -46.71 -15.91 -55.48
N ILE C 300 -45.74 -16.76 -55.19
CA ILE C 300 -45.79 -18.19 -55.62
C ILE C 300 -45.71 -19.17 -54.44
N THR C 301 -45.58 -18.70 -53.19
CA THR C 301 -45.42 -19.66 -52.06
C THR C 301 -46.80 -20.03 -51.51
N GLN C 302 -46.95 -21.20 -50.89
CA GLN C 302 -48.27 -21.66 -50.40
C GLN C 302 -48.16 -22.18 -48.97
N PRO C 303 -48.94 -21.65 -48.01
CA PRO C 303 -48.81 -22.06 -46.60
C PRO C 303 -49.07 -23.54 -46.33
N ARG C 304 -49.67 -24.25 -47.27
CA ARG C 304 -50.01 -25.66 -47.09
C ARG C 304 -48.82 -26.59 -47.19
N ARG C 305 -47.73 -26.15 -47.85
CA ARG C 305 -46.52 -26.95 -47.92
C ARG C 305 -45.61 -26.71 -46.72
N LEU C 306 -45.56 -25.48 -46.20
CA LEU C 306 -44.80 -25.19 -45.00
C LEU C 306 -45.40 -25.83 -43.76
N ASN C 307 -46.73 -25.94 -43.70
CA ASN C 307 -47.40 -26.44 -42.51
C ASN C 307 -47.33 -27.96 -42.35
N LYS C 308 -47.26 -28.72 -43.45
CA LYS C 308 -47.32 -30.16 -43.39
C LYS C 308 -45.94 -30.81 -43.55
N ALA C 309 -44.87 -30.04 -43.48
CA ALA C 309 -43.52 -30.55 -43.68
C ALA C 309 -42.97 -31.12 -42.38
N ALA C 310 -41.84 -31.80 -42.49
CA ALA C 310 -41.14 -32.39 -41.36
C ALA C 310 -39.82 -31.66 -41.14
N THR C 311 -39.14 -32.03 -40.06
CA THR C 311 -37.86 -31.41 -39.74
C THR C 311 -36.80 -31.87 -40.74
N GLY C 312 -36.10 -30.93 -41.34
CA GLY C 312 -35.09 -31.27 -42.33
C GLY C 312 -35.70 -31.79 -43.61
N GLU C 313 -36.39 -30.93 -44.36
CA GLU C 313 -37.03 -31.33 -45.60
C GLU C 313 -37.00 -30.17 -46.57
N PHE C 314 -36.87 -30.48 -47.86
CA PHE C 314 -36.82 -29.47 -48.91
C PHE C 314 -38.23 -29.26 -49.49
N VAL C 315 -38.69 -28.01 -49.49
CA VAL C 315 -39.95 -27.63 -50.12
C VAL C 315 -39.67 -26.53 -51.13
N ALA C 316 -40.71 -26.03 -51.80
CA ALA C 316 -40.57 -25.07 -52.87
C ALA C 316 -41.14 -23.72 -52.45
N GLY C 317 -40.40 -22.65 -52.69
CA GLY C 317 -40.89 -21.32 -52.37
C GLY C 317 -39.79 -20.28 -52.49
N ARG C 318 -40.12 -19.07 -52.02
CA ARG C 318 -39.17 -17.98 -51.91
C ARG C 318 -39.30 -17.35 -50.53
N VAL C 319 -38.18 -16.82 -50.03
CA VAL C 319 -38.14 -16.30 -48.67
C VAL C 319 -38.49 -14.81 -48.70
N GLU C 320 -38.85 -14.30 -49.87
CA GLU C 320 -39.22 -12.90 -50.03
C GLU C 320 -40.72 -12.67 -49.91
N ASP C 321 -41.50 -13.72 -49.66
CA ASP C 321 -42.95 -13.62 -49.58
C ASP C 321 -43.48 -13.82 -48.17
N ILE C 322 -42.61 -13.98 -47.17
CA ILE C 322 -43.02 -14.28 -45.80
C ILE C 322 -42.46 -13.21 -44.89
N ASN C 323 -43.32 -12.66 -44.02
CA ASN C 323 -42.91 -11.61 -43.10
C ASN C 323 -43.86 -11.61 -41.92
N PHE C 324 -43.44 -10.96 -40.84
CA PHE C 324 -44.18 -10.98 -39.58
C PHE C 324 -44.61 -9.57 -39.17
N LEU C 325 -45.68 -9.51 -38.39
CA LEU C 325 -46.23 -8.24 -37.90
C LEU C 325 -45.55 -7.86 -36.59
N GLN C 326 -45.25 -6.57 -36.45
CA GLN C 326 -44.53 -6.08 -35.28
C GLN C 326 -44.95 -4.67 -34.94
N LEU C 327 -44.81 -4.33 -33.65
CA LEU C 327 -45.12 -3.00 -33.15
C LEU C 327 -43.93 -2.08 -33.37
N THR C 328 -44.18 -0.94 -34.00
CA THR C 328 -43.12 -0.06 -34.48
C THR C 328 -43.28 1.36 -33.96
N LYS C 329 -43.66 1.49 -32.68
CA LYS C 329 -43.63 2.78 -32.02
C LYS C 329 -42.18 3.10 -31.69
N GLY C 330 -41.75 4.32 -31.98
CA GLY C 330 -40.34 4.65 -31.94
C GLY C 330 -39.88 5.19 -30.60
N GLN C 331 -39.58 6.48 -30.53
CA GLN C 331 -39.21 7.11 -29.26
C GLN C 331 -40.43 7.53 -28.46
N ASP C 332 -41.38 6.62 -28.27
CA ASP C 332 -42.52 6.83 -27.41
C ASP C 332 -42.47 5.93 -26.19
N PHE C 333 -41.38 5.18 -26.03
CA PHE C 333 -41.16 4.31 -24.89
C PHE C 333 -40.14 4.88 -23.92
N THR C 334 -39.04 5.44 -24.43
CA THR C 334 -38.01 6.02 -23.57
C THR C 334 -38.51 7.26 -22.85
N ILE C 335 -39.35 8.07 -23.48
CA ILE C 335 -39.87 9.27 -22.82
C ILE C 335 -40.70 8.90 -21.61
N ALA C 336 -41.64 7.96 -21.78
CA ALA C 336 -42.47 7.52 -20.68
C ALA C 336 -41.62 6.88 -19.59
N LYS C 337 -40.65 6.05 -19.99
CA LYS C 337 -39.78 5.42 -19.00
C LYS C 337 -39.02 6.47 -18.19
N SER C 338 -38.49 7.50 -18.86
CA SER C 338 -37.70 8.50 -18.17
C SER C 338 -38.54 9.33 -17.20
N VAL C 339 -39.77 9.69 -17.61
CA VAL C 339 -40.62 10.48 -16.72
C VAL C 339 -41.05 9.65 -15.51
N ALA C 340 -41.45 8.40 -15.75
CA ALA C 340 -41.84 7.54 -14.64
C ALA C 340 -40.67 7.29 -13.70
N ASP C 341 -39.45 7.27 -14.22
CA ASP C 341 -38.29 7.11 -13.36
C ASP C 341 -38.10 8.30 -12.43
N ALA C 342 -38.32 9.51 -12.93
CA ALA C 342 -38.16 10.70 -12.10
C ALA C 342 -39.22 10.77 -11.01
N ILE C 343 -40.46 10.42 -11.35
CA ILE C 343 -41.52 10.50 -10.33
C ILE C 343 -41.23 9.57 -9.16
N GLU C 344 -40.67 8.39 -9.43
CA GLU C 344 -40.39 7.42 -8.38
C GLU C 344 -39.37 7.96 -7.38
N GLN C 345 -38.28 8.56 -7.88
CA GLN C 345 -37.30 9.15 -6.98
C GLN C 345 -37.88 10.33 -6.21
N ARG C 346 -38.70 11.14 -6.87
CA ARG C 346 -39.34 12.25 -6.16
C ARG C 346 -40.22 11.77 -5.02
N LEU C 347 -40.96 10.68 -5.21
CA LEU C 347 -41.77 10.10 -4.15
C LEU C 347 -40.95 9.35 -3.11
N GLY C 348 -39.75 8.90 -3.46
CA GLY C 348 -38.93 8.18 -2.51
C GLY C 348 -38.08 9.06 -1.63
N TRP C 349 -37.85 10.31 -2.06
CA TRP C 349 -37.14 11.27 -1.21
C TRP C 349 -37.93 11.70 0.01
N ALA C 350 -39.24 11.43 0.07
CA ALA C 350 -40.09 12.00 1.10
C ALA C 350 -40.53 10.99 2.16
N PHE C 351 -40.37 9.69 1.91
CA PHE C 351 -40.73 8.65 2.87
C PHE C 351 -39.51 7.95 3.46
N LEU C 352 -38.34 8.55 3.31
CA LEU C 352 -37.10 8.05 3.93
C LEU C 352 -36.76 6.63 3.47
N LEU C 353 -36.53 6.48 2.17
CA LEU C 353 -36.14 5.15 1.64
C LEU C 353 -34.64 5.18 1.35
N VAL C 372 -28.37 5.69 21.60
CA VAL C 372 -27.40 5.11 20.63
C VAL C 372 -27.64 5.72 19.24
N ALA C 373 -28.08 4.89 18.28
CA ALA C 373 -28.39 5.39 16.92
C ALA C 373 -29.83 5.92 16.90
N GLY C 374 -30.53 5.85 18.03
CA GLY C 374 -31.89 6.43 18.12
C GLY C 374 -31.84 7.93 17.86
N GLU C 375 -30.92 8.63 18.53
CA GLU C 375 -30.79 10.10 18.36
C GLU C 375 -30.36 10.41 16.92
N LEU C 376 -29.57 9.54 16.31
CA LEU C 376 -29.03 9.82 14.95
C LEU C 376 -30.14 9.80 13.89
N GLU C 377 -31.33 9.28 14.23
CA GLU C 377 -32.40 9.15 13.21
C GLU C 377 -33.73 9.75 13.70
N ALA C 378 -33.71 10.44 14.85
CA ALA C 378 -34.94 11.10 15.36
C ALA C 378 -35.01 12.54 14.85
N SER C 385 -42.70 15.79 16.75
CA SER C 385 -42.81 16.90 17.74
C SER C 385 -44.22 16.98 18.32
N VAL C 386 -45.25 16.90 17.48
CA VAL C 386 -46.65 17.05 17.94
C VAL C 386 -47.07 15.82 18.73
N GLN C 387 -46.61 14.63 18.35
CA GLN C 387 -47.10 13.39 19.00
C GLN C 387 -46.48 13.21 20.39
N SER C 388 -45.75 14.21 20.90
CA SER C 388 -45.20 14.15 22.28
C SER C 388 -46.10 14.96 23.19
N GLN C 389 -47.25 15.39 22.68
CA GLN C 389 -48.23 16.17 23.49
C GLN C 389 -49.62 15.57 23.22
N GLU C 390 -49.73 14.72 22.20
CA GLU C 390 -51.05 14.16 21.80
C GLU C 390 -51.12 12.67 22.10
N LEU C 391 -50.01 12.03 22.48
CA LEU C 391 -50.02 10.56 22.70
C LEU C 391 -49.15 10.17 23.90
N GLN C 392 -47.95 10.72 24.06
CA GLN C 392 -47.02 10.24 25.11
C GLN C 392 -47.35 10.78 26.51
N LEU C 393 -47.67 12.06 26.66
CA LEU C 393 -47.89 12.61 28.03
C LEU C 393 -49.24 12.15 28.59
N PRO C 394 -50.35 12.08 27.84
CA PRO C 394 -51.60 11.54 28.36
C PRO C 394 -51.55 10.13 28.95
N ILE C 395 -50.79 9.20 28.37
CA ILE C 395 -50.67 7.79 28.91
C ILE C 395 -50.00 7.80 30.27
N VAL C 396 -49.04 8.69 30.51
CA VAL C 396 -48.27 8.71 31.79
C VAL C 396 -49.12 9.34 32.90
N ARG C 397 -50.04 10.23 32.56
CA ARG C 397 -50.82 10.96 33.60
C ARG C 397 -52.00 10.09 34.10
N VAL C 398 -52.50 9.14 33.30
CA VAL C 398 -53.55 8.17 33.74
C VAL C 398 -52.93 7.03 34.54
N LEU C 399 -51.78 6.48 34.11
CA LEU C 399 -51.16 5.30 34.76
C LEU C 399 -50.49 5.68 36.07
N MET C 400 -50.38 6.96 36.39
CA MET C 400 -49.83 7.36 37.70
C MET C 400 -50.97 7.54 38.69
N ASN C 401 -52.18 7.83 38.21
CA ASN C 401 -53.36 8.04 39.09
C ASN C 401 -54.03 6.71 39.40
N GLN C 402 -53.90 5.71 38.52
CA GLN C 402 -54.64 4.43 38.73
C GLN C 402 -53.77 3.40 39.46
N LEU C 403 -52.45 3.45 39.31
CA LEU C 403 -51.57 2.41 39.92
C LEU C 403 -51.29 2.82 41.36
N GLN C 404 -51.41 4.10 41.68
CA GLN C 404 -51.19 4.60 43.06
C GLN C 404 -52.45 4.28 43.86
N SER C 405 -53.62 4.34 43.23
CA SER C 405 -54.82 3.98 43.96
C SER C 405 -54.96 2.47 44.10
N ALA C 406 -54.48 1.70 43.12
CA ALA C 406 -54.54 0.26 43.23
C ALA C 406 -53.67 -0.25 44.39
N GLY C 407 -52.49 0.33 44.56
CA GLY C 407 -51.61 -0.06 45.65
C GLY C 407 -50.30 -0.66 45.20
N MET C 408 -49.82 -0.27 44.01
CA MET C 408 -48.58 -0.80 43.46
C MET C 408 -47.47 0.23 43.39
N ILE C 409 -47.73 1.48 43.77
CA ILE C 409 -46.72 2.54 43.74
C ILE C 409 -46.73 3.24 45.09
N PRO C 410 -45.57 3.60 45.64
CA PRO C 410 -45.56 4.34 46.91
C PRO C 410 -46.23 5.69 46.77
N ASP C 411 -46.82 6.14 47.88
CA ASP C 411 -47.58 7.39 47.89
C ASP C 411 -46.64 8.57 47.66
N LEU C 412 -46.72 9.18 46.49
CA LEU C 412 -45.82 10.26 46.13
C LEU C 412 -46.12 11.51 46.95
N PRO C 413 -45.15 12.41 47.10
CA PRO C 413 -45.40 13.69 47.78
C PRO C 413 -46.55 14.46 47.15
N LYS C 414 -46.95 15.53 47.84
CA LYS C 414 -48.15 16.28 47.50
C LYS C 414 -48.13 16.80 46.07
N GLU C 415 -47.18 17.69 45.75
CA GLU C 415 -47.12 18.29 44.43
C GLU C 415 -45.72 18.34 43.83
N ALA C 416 -44.67 18.14 44.63
CA ALA C 416 -43.31 18.35 44.14
C ALA C 416 -42.82 17.14 43.35
N SER C 422 -41.39 13.76 28.41
CA SER C 422 -41.65 13.06 27.15
C SER C 422 -40.40 12.79 26.33
N THR C 423 -39.97 13.76 25.50
CA THR C 423 -38.72 13.59 24.78
C THR C 423 -37.89 14.86 24.69
N GLY C 424 -38.25 15.95 25.37
CA GLY C 424 -37.45 17.16 25.29
C GLY C 424 -35.99 16.91 25.61
N LEU C 425 -35.70 16.57 26.86
CA LEU C 425 -34.45 15.92 27.19
C LEU C 425 -34.82 14.69 28.02
N GLU C 426 -35.23 13.63 27.33
CA GLU C 426 -35.61 12.38 27.99
C GLU C 426 -34.78 11.20 27.49
N ALA C 427 -34.79 10.97 26.18
CA ALA C 427 -33.98 9.89 25.62
C ALA C 427 -32.51 10.15 25.88
N LEU C 428 -32.10 11.40 25.78
CA LEU C 428 -30.80 11.85 26.26
C LEU C 428 -30.86 12.40 27.67
N GLY C 429 -31.95 12.17 28.40
CA GLY C 429 -32.10 12.66 29.75
C GLY C 429 -30.98 12.20 30.67
N ARG C 430 -30.61 10.92 30.56
CA ARG C 430 -29.48 10.41 31.32
C ARG C 430 -28.18 10.53 30.53
N GLY C 431 -28.26 10.53 29.20
CA GLY C 431 -27.05 10.66 28.39
C GLY C 431 -26.37 11.99 28.58
N GLN C 432 -27.14 13.05 28.81
CA GLN C 432 -26.56 14.37 29.05
C GLN C 432 -25.72 14.37 30.32
N ASP C 433 -26.21 13.71 31.37
CA ASP C 433 -25.43 13.58 32.59
C ASP C 433 -24.20 12.70 32.37
N LEU C 434 -24.37 11.61 31.63
CA LEU C 434 -23.27 10.68 31.43
C LEU C 434 -22.12 11.33 30.65
N GLU C 435 -22.43 12.12 29.62
CA GLU C 435 -21.39 12.77 28.85
C GLU C 435 -20.62 13.78 29.69
N LYS C 436 -21.33 14.58 30.50
CA LYS C 436 -20.65 15.54 31.36
C LYS C 436 -19.75 14.85 32.35
N LEU C 437 -20.23 13.75 32.96
CA LEU C 437 -19.39 13.03 33.92
C LEU C 437 -18.17 12.44 33.25
N THR C 438 -18.31 11.89 32.04
CA THR C 438 -17.17 11.33 31.33
C THR C 438 -16.14 12.41 31.02
N GLN C 439 -16.59 13.59 30.56
CA GLN C 439 -15.66 14.67 30.28
C GLN C 439 -14.94 15.12 31.55
N ALA C 440 -15.67 15.20 32.67
CA ALA C 440 -15.04 15.58 33.93
C ALA C 440 -13.96 14.60 34.33
N VAL C 441 -14.23 13.30 34.20
CA VAL C 441 -13.23 12.29 34.54
C VAL C 441 -12.02 12.42 33.63
N ASN C 442 -12.24 12.62 32.33
CA ASN C 442 -11.13 12.75 31.40
C ASN C 442 -10.28 13.97 31.72
N MET C 443 -10.90 15.09 32.11
CA MET C 443 -10.12 16.27 32.47
C MET C 443 -9.35 16.09 33.77
N MET C 444 -9.94 15.43 34.76
CA MET C 444 -9.26 15.23 36.03
C MET C 444 -8.16 14.18 35.95
N THR C 445 -8.19 13.31 34.94
CA THR C 445 -7.12 12.34 34.73
C THR C 445 -5.80 12.99 34.34
N GLY C 446 -5.82 14.05 33.55
CA GLY C 446 -4.62 14.67 33.03
C GLY C 446 -3.90 15.63 33.93
N LEU C 447 -4.36 15.83 35.17
CA LEU C 447 -3.71 16.74 36.11
C LEU C 447 -2.80 16.02 37.08
N GLN C 448 -2.51 14.74 36.85
CA GLN C 448 -1.67 13.95 37.74
C GLN C 448 -0.18 14.28 37.61
N PRO C 449 0.36 14.52 36.40
CA PRO C 449 1.77 14.90 36.32
C PRO C 449 2.14 16.16 37.08
N LEU C 450 1.20 17.10 37.24
CA LEU C 450 1.49 18.39 37.87
C LEU C 450 1.30 18.36 39.38
N SER C 451 1.36 17.19 40.01
CA SER C 451 1.11 17.06 41.44
C SER C 451 2.35 17.31 42.28
N GLN C 452 3.50 17.55 41.66
CA GLN C 452 4.74 17.83 42.39
C GLN C 452 5.26 19.23 42.10
N ASP C 453 4.41 20.10 41.55
CA ASP C 453 4.78 21.48 41.25
C ASP C 453 4.42 22.37 42.44
N PRO C 454 5.40 23.04 43.07
CA PRO C 454 5.11 23.80 44.28
C PRO C 454 4.62 25.22 44.07
N ASP C 455 4.24 25.59 42.84
CA ASP C 455 3.80 26.96 42.55
C ASP C 455 2.39 27.00 41.98
N ILE C 456 1.59 25.97 42.23
CA ILE C 456 0.26 25.87 41.63
C ILE C 456 -0.74 25.50 42.71
N ASN C 457 -1.90 26.18 42.70
CA ASN C 457 -2.98 25.94 43.66
C ASN C 457 -3.97 24.98 43.04
N LEU C 458 -3.79 23.68 43.33
CA LEU C 458 -4.66 22.67 42.74
C LEU C 458 -6.12 22.77 43.15
N PRO C 459 -6.48 22.97 44.43
CA PRO C 459 -7.91 22.99 44.79
C PRO C 459 -8.73 24.01 44.04
N THR C 460 -8.20 25.21 43.83
CA THR C 460 -8.95 26.24 43.11
C THR C 460 -8.95 25.98 41.60
N LEU C 461 -7.88 25.42 41.07
CA LEU C 461 -7.86 25.07 39.66
C LEU C 461 -8.90 24.01 39.34
N LYS C 462 -9.08 23.02 40.21
CA LYS C 462 -10.13 22.03 39.99
C LYS C 462 -11.52 22.66 40.02
N LEU C 463 -11.75 23.60 40.95
CA LEU C 463 -13.04 24.28 41.02
C LEU C 463 -13.31 25.08 39.76
N ARG C 464 -12.31 25.83 39.29
CA ARG C 464 -12.49 26.61 38.06
C ARG C 464 -12.65 25.71 36.84
N LEU C 465 -12.05 24.53 36.83
CA LEU C 465 -12.26 23.58 35.74
C LEU C 465 -13.65 22.95 35.78
N LEU C 466 -14.21 22.72 36.95
CA LEU C 466 -15.56 22.19 37.07
C LEU C 466 -16.64 23.23 36.77
N ASN C 467 -16.40 24.50 37.08
CA ASN C 467 -17.39 25.54 36.80
C ASN C 467 -17.48 25.92 35.33
N ALA C 468 -16.50 25.54 34.51
CA ALA C 468 -16.52 25.87 33.10
C ALA C 468 -17.31 24.88 32.27
N LEU C 469 -17.76 23.78 32.86
CA LEU C 469 -18.59 22.79 32.18
C LEU C 469 -20.07 22.92 32.52
N GLY C 470 -20.40 23.53 33.65
CA GLY C 470 -21.76 23.63 34.13
C GLY C 470 -22.19 22.49 35.02
N ILE C 471 -21.37 21.44 35.14
CA ILE C 471 -21.74 20.30 35.96
C ILE C 471 -21.83 20.72 37.42
N ASP C 472 -22.76 20.10 38.14
CA ASP C 472 -22.95 20.42 39.55
C ASP C 472 -21.78 19.93 40.38
N THR C 473 -21.52 20.63 41.49
CA THR C 473 -20.46 20.29 42.44
C THR C 473 -21.09 20.16 43.82
N ALA C 474 -21.63 18.97 44.12
CA ALA C 474 -22.22 18.70 45.42
C ALA C 474 -21.39 17.70 46.21
N GLY C 475 -21.05 16.57 45.59
CA GLY C 475 -20.28 15.55 46.25
C GLY C 475 -19.08 15.08 45.45
N LEU C 476 -18.43 16.01 44.75
CA LEU C 476 -17.27 15.66 43.94
C LEU C 476 -15.95 16.16 44.54
N LEU C 477 -16.00 17.13 45.46
CA LEU C 477 -14.81 17.65 46.11
C LEU C 477 -14.99 17.59 47.61
N LEU C 478 -13.89 17.40 48.33
CA LEU C 478 -13.90 17.34 49.78
C LEU C 478 -13.76 18.73 50.37
N THR C 479 -13.94 18.82 51.69
CA THR C 479 -13.94 20.09 52.39
C THR C 479 -12.79 20.17 53.38
N GLN C 480 -12.77 21.21 54.22
CA GLN C 480 -11.75 21.31 55.25
C GLN C 480 -11.85 20.15 56.24
N ASP C 481 -13.08 19.79 56.61
CA ASP C 481 -13.32 18.57 57.37
C ASP C 481 -13.36 17.40 56.40
N GLU C 482 -13.81 16.23 56.85
CA GLU C 482 -14.01 15.06 56.01
C GLU C 482 -12.70 14.50 55.46
N LYS C 483 -11.57 15.08 55.87
CA LYS C 483 -10.28 14.50 55.49
C LYS C 483 -9.55 13.90 56.69
N ILE C 484 -9.71 14.51 57.87
CA ILE C 484 -9.13 13.93 59.08
C ILE C 484 -9.74 12.56 59.37
N GLN C 485 -11.04 12.40 59.11
CA GLN C 485 -11.67 11.10 59.26
C GLN C 485 -11.07 10.09 58.31
N ARG C 486 -10.81 10.50 57.07
CA ARG C 486 -10.18 9.60 56.11
C ARG C 486 -8.80 9.15 56.60
N MET C 487 -8.01 10.10 57.10
CA MET C 487 -6.69 9.75 57.63
C MET C 487 -6.81 8.77 58.79
N ALA C 488 -7.77 9.00 59.68
CA ALA C 488 -7.96 8.10 60.82
C ALA C 488 -8.30 6.69 60.36
N GLU C 489 -9.19 6.58 59.37
CA GLU C 489 -9.56 5.25 58.87
C GLU C 489 -8.37 4.53 58.27
N GLN C 490 -7.58 5.23 57.44
CA GLN C 490 -6.40 4.60 56.87
C GLN C 490 -5.45 4.13 57.95
N SER C 491 -5.21 4.98 58.96
CA SER C 491 -4.28 4.62 60.02
C SER C 491 -4.76 3.38 60.78
N SER C 492 -6.04 3.33 61.12
CA SER C 492 -6.56 2.19 61.88
C SER C 492 -6.44 0.89 61.07
N GLN C 493 -6.83 0.95 59.79
CA GLN C 493 -6.78 -0.26 58.97
C GLN C 493 -5.34 -0.76 58.85
N GLN C 494 -4.40 0.14 58.56
CA GLN C 494 -3.01 -0.26 58.45
C GLN C 494 -2.52 -0.85 59.76
N ALA C 495 -2.89 -0.23 60.88
CA ALA C 495 -2.42 -0.71 62.18
C ALA C 495 -2.84 -2.15 62.43
N VAL C 496 -4.14 -2.45 62.24
CA VAL C 496 -4.60 -3.81 62.55
C VAL C 496 -4.01 -4.83 61.58
N VAL C 497 -3.93 -4.46 60.29
CA VAL C 497 -3.42 -5.41 59.29
C VAL C 497 -1.97 -5.74 59.59
N GLN C 498 -1.15 -4.74 59.93
CA GLN C 498 0.23 -5.03 60.28
C GLN C 498 0.34 -5.77 61.59
N GLY C 499 -0.58 -5.51 62.52
CA GLY C 499 -0.48 -6.11 63.84
C GLY C 499 -0.68 -7.61 63.85
N ALA C 500 -1.62 -8.10 63.04
CA ALA C 500 -1.96 -9.52 63.11
C ALA C 500 -0.78 -10.44 62.74
N SER C 501 -0.05 -10.09 61.68
CA SER C 501 0.91 -11.02 61.09
C SER C 501 2.08 -11.30 62.04
N ALA C 502 2.56 -10.28 62.73
CA ALA C 502 3.70 -10.48 63.64
C ALA C 502 3.33 -11.45 64.75
N ALA C 503 2.12 -11.30 65.31
CA ALA C 503 1.66 -12.22 66.35
C ALA C 503 1.60 -13.65 65.81
N GLY C 504 1.05 -13.81 64.60
CA GLY C 504 0.98 -15.14 64.03
C GLY C 504 2.35 -15.79 63.88
N ALA C 505 3.30 -15.04 63.30
CA ALA C 505 4.64 -15.60 63.06
C ALA C 505 5.36 -15.91 64.37
N ASN C 506 5.23 -15.03 65.36
CA ASN C 506 5.94 -15.24 66.62
C ASN C 506 5.35 -16.41 67.40
N MET C 507 4.05 -16.64 67.29
CA MET C 507 3.49 -17.86 67.88
C MET C 507 4.02 -19.10 67.16
N GLY C 508 4.03 -19.06 65.83
CA GLY C 508 4.45 -20.24 65.08
C GLY C 508 5.89 -20.64 65.35
N ALA C 509 6.78 -19.64 65.41
CA ALA C 509 8.20 -19.97 65.64
C ALA C 509 8.40 -20.65 66.99
N ALA C 510 7.76 -20.11 68.03
CA ALA C 510 7.93 -20.68 69.37
C ALA C 510 7.37 -22.10 69.44
N VAL C 511 6.17 -22.33 68.88
CA VAL C 511 5.60 -23.66 68.97
C VAL C 511 6.43 -24.66 68.17
N GLY C 512 6.96 -24.22 67.02
CA GLY C 512 7.83 -25.10 66.24
C GLY C 512 9.09 -25.48 66.99
N GLN C 513 9.72 -24.49 67.64
CA GLN C 513 10.93 -24.79 68.42
C GLN C 513 10.62 -25.77 69.55
N GLY C 514 9.51 -25.55 70.25
CA GLY C 514 9.15 -26.46 71.34
C GLY C 514 8.92 -27.88 70.86
N ALA C 515 8.16 -28.02 69.76
CA ALA C 515 7.89 -29.36 69.22
C ALA C 515 9.17 -30.03 68.78
N GLY C 516 10.05 -29.30 68.10
CA GLY C 516 11.30 -29.88 67.64
C GLY C 516 12.18 -30.34 68.79
N GLU C 517 12.28 -29.50 69.83
CA GLU C 517 13.09 -29.87 70.98
C GLU C 517 12.53 -31.10 71.68
N ASP C 518 11.21 -31.19 71.81
CA ASP C 518 10.61 -32.37 72.42
C ASP C 518 10.86 -33.62 71.57
N MET C 519 10.75 -33.50 70.25
CA MET C 519 10.88 -34.65 69.37
C MET C 519 12.32 -35.12 69.18
N ALA C 520 13.31 -34.24 69.31
CA ALA C 520 14.69 -34.59 68.98
C ALA C 520 15.35 -35.40 70.09
N GLN C 521 14.67 -36.47 70.50
CA GLN C 521 15.25 -37.43 71.43
C GLN C 521 14.82 -38.85 71.06
N ALA C 522 14.45 -39.06 69.81
CA ALA C 522 13.86 -40.34 69.41
C ALA C 522 14.78 -41.16 68.51
N GLU D 3 -77.53 -31.49 31.13
CA GLU D 3 -78.07 -32.44 30.16
C GLU D 3 -78.10 -31.81 28.77
N ARG D 4 -76.96 -31.24 28.36
CA ARG D 4 -76.78 -30.69 27.02
C ARG D 4 -77.87 -29.65 26.71
N GLU D 5 -77.83 -28.56 27.46
CA GLU D 5 -78.90 -27.57 27.37
C GLU D 5 -78.73 -26.64 26.17
N GLY D 6 -77.65 -25.87 26.15
CA GLY D 6 -77.43 -24.86 25.12
C GLY D 6 -76.25 -25.22 24.24
N PHE D 7 -76.37 -24.91 22.95
CA PHE D 7 -75.35 -25.17 21.94
C PHE D 7 -75.18 -26.66 21.68
N ALA D 8 -75.85 -27.51 22.45
CA ALA D 8 -75.62 -28.95 22.38
C ALA D 8 -76.92 -29.71 22.50
N ALA D 9 -78.02 -29.10 22.07
CA ALA D 9 -79.33 -29.72 22.11
C ALA D 9 -79.64 -30.50 20.83
N GLU D 10 -78.69 -30.59 19.91
CA GLU D 10 -78.92 -31.25 18.64
C GLU D 10 -77.86 -32.27 18.26
N GLY D 11 -76.71 -32.28 18.90
CA GLY D 11 -75.69 -33.29 18.66
C GLY D 11 -74.46 -32.71 17.98
N ALA D 12 -73.42 -33.55 17.91
CA ALA D 12 -72.16 -33.14 17.30
C ALA D 12 -72.23 -33.15 15.79
N LYS D 13 -72.91 -34.12 15.20
CA LYS D 13 -73.06 -34.19 13.74
C LYS D 13 -74.39 -33.53 13.38
N ALA D 14 -74.34 -32.21 13.23
CA ALA D 14 -75.49 -31.37 12.94
C ALA D 14 -74.99 -29.93 12.96
N VAL D 15 -74.20 -29.63 13.99
CA VAL D 15 -73.44 -28.38 13.99
C VAL D 15 -72.41 -28.40 12.87
N TYR D 16 -71.70 -29.52 12.73
CA TYR D 16 -70.67 -29.65 11.69
C TYR D 16 -71.26 -29.55 10.29
N ASP D 17 -72.50 -29.97 10.09
CA ASP D 17 -73.11 -29.90 8.78
C ASP D 17 -73.76 -28.55 8.50
N ARG D 18 -74.26 -27.87 9.53
CA ARG D 18 -74.78 -26.52 9.32
C ARG D 18 -73.67 -25.53 9.05
N LEU D 19 -72.57 -25.61 9.79
CA LEU D 19 -71.52 -24.60 9.73
C LEU D 19 -70.48 -24.88 8.64
N LYS D 20 -70.61 -25.98 7.90
CA LYS D 20 -69.62 -26.34 6.90
C LYS D 20 -69.67 -25.45 5.66
N ASN D 21 -70.73 -24.67 5.47
CA ASN D 21 -70.90 -23.87 4.27
C ASN D 21 -70.27 -22.49 4.39
N GLY D 22 -69.62 -22.17 5.51
CA GLY D 22 -69.00 -20.88 5.68
C GLY D 22 -67.55 -20.84 5.24
N ARG D 23 -66.93 -21.99 5.04
CA ARG D 23 -65.52 -22.04 4.70
C ARG D 23 -65.26 -21.93 3.21
N GLN D 24 -66.29 -22.04 2.37
CA GLN D 24 -66.06 -22.26 0.94
C GLN D 24 -65.27 -21.15 0.26
N PRO D 25 -65.57 -19.86 0.47
CA PRO D 25 -64.76 -18.83 -0.21
C PRO D 25 -63.29 -18.90 0.13
N TYR D 26 -62.94 -19.21 1.37
CA TYR D 26 -61.54 -19.27 1.77
C TYR D 26 -60.81 -20.40 1.06
N GLU D 27 -61.45 -21.57 0.95
CA GLU D 27 -60.85 -22.67 0.21
C GLU D 27 -60.70 -22.33 -1.26
N THR D 28 -61.70 -21.67 -1.85
CA THR D 28 -61.61 -21.31 -3.25
C THR D 28 -60.46 -20.34 -3.50
N ARG D 29 -60.25 -19.39 -2.60
CA ARG D 29 -59.11 -18.47 -2.76
C ARG D 29 -57.77 -19.17 -2.53
N ALA D 30 -57.71 -20.08 -1.56
CA ALA D 30 -56.46 -20.79 -1.29
C ALA D 30 -56.06 -21.67 -2.47
N GLN D 31 -57.02 -22.32 -3.11
CA GLN D 31 -56.70 -23.14 -4.28
C GLN D 31 -56.15 -22.32 -5.42
N ASN D 32 -56.70 -21.12 -5.65
CA ASN D 32 -56.14 -20.24 -6.66
C ASN D 32 -54.74 -19.79 -6.30
N CYS D 33 -54.50 -19.48 -5.02
CA CYS D 33 -53.18 -19.03 -4.61
C CYS D 33 -52.14 -20.13 -4.79
N ALA D 34 -52.46 -21.35 -4.38
CA ALA D 34 -51.49 -22.45 -4.42
C ALA D 34 -51.53 -23.20 -5.75
N ALA D 35 -51.47 -22.44 -6.85
CA ALA D 35 -51.41 -23.03 -8.18
C ALA D 35 -50.36 -22.39 -9.07
N VAL D 36 -49.80 -21.25 -8.67
CA VAL D 36 -48.68 -20.63 -9.38
C VAL D 36 -47.38 -20.73 -8.61
N THR D 37 -47.40 -21.29 -7.40
CA THR D 37 -46.19 -21.47 -6.62
C THR D 37 -45.84 -22.93 -6.41
N ILE D 38 -46.71 -23.69 -5.76
CA ILE D 38 -46.48 -25.12 -5.48
C ILE D 38 -47.81 -25.83 -5.55
N PRO D 39 -48.15 -26.51 -6.64
CA PRO D 39 -49.50 -27.06 -6.80
C PRO D 39 -49.83 -28.18 -5.83
N SER D 40 -48.85 -28.77 -5.15
CA SER D 40 -49.10 -29.89 -4.24
C SER D 40 -49.08 -29.47 -2.78
N LEU D 41 -49.30 -28.19 -2.50
CA LEU D 41 -49.29 -27.70 -1.12
C LEU D 41 -50.68 -27.69 -0.51
N PHE D 42 -51.71 -27.37 -1.29
CA PHE D 42 -53.10 -27.35 -0.84
C PHE D 42 -53.94 -28.17 -1.80
N PRO D 43 -53.97 -29.49 -1.63
CA PRO D 43 -54.79 -30.33 -2.51
C PRO D 43 -56.27 -30.18 -2.18
N LYS D 44 -57.11 -30.70 -3.07
CA LYS D 44 -58.54 -30.72 -2.87
C LYS D 44 -58.89 -31.83 -1.89
N GLU D 45 -60.18 -32.11 -1.72
CA GLU D 45 -60.64 -33.19 -0.86
C GLU D 45 -60.92 -34.47 -1.64
N SER D 46 -60.96 -34.40 -2.97
CA SER D 46 -61.30 -35.55 -3.78
C SER D 46 -60.12 -35.99 -4.64
N ASP D 47 -58.92 -36.03 -4.06
CA ASP D 47 -57.73 -36.47 -4.77
C ASP D 47 -57.28 -37.83 -4.24
N ASN D 48 -56.54 -38.55 -5.08
CA ASN D 48 -56.13 -39.91 -4.77
C ASN D 48 -54.78 -40.17 -5.43
N SER D 49 -54.42 -41.45 -5.57
CA SER D 49 -53.09 -41.83 -6.03
C SER D 49 -52.82 -41.43 -7.48
N SER D 50 -53.86 -41.26 -8.29
CA SER D 50 -53.68 -41.07 -9.73
C SER D 50 -53.61 -39.62 -10.16
N THR D 51 -53.69 -38.66 -9.23
CA THR D 51 -53.69 -37.26 -9.60
C THR D 51 -52.29 -36.82 -9.99
N GLU D 52 -52.19 -36.08 -11.09
CA GLU D 52 -50.92 -35.59 -11.62
C GLU D 52 -50.84 -34.08 -11.43
N TYR D 53 -49.72 -33.61 -10.87
CA TYR D 53 -49.52 -32.20 -10.59
C TYR D 53 -48.55 -31.63 -11.62
N THR D 54 -48.94 -30.53 -12.27
CA THR D 54 -48.20 -29.98 -13.40
C THR D 54 -47.32 -28.82 -12.97
N THR D 55 -46.19 -28.69 -13.65
CA THR D 55 -45.20 -27.66 -13.35
C THR D 55 -45.65 -26.31 -13.90
N PRO D 56 -45.64 -25.25 -13.10
CA PRO D 56 -45.96 -23.92 -13.62
C PRO D 56 -44.86 -23.41 -14.55
N TRP D 57 -45.24 -22.49 -15.43
CA TRP D 57 -44.33 -21.96 -16.43
C TRP D 57 -43.19 -21.13 -15.84
N GLN D 58 -43.27 -20.75 -14.57
CA GLN D 58 -42.26 -19.92 -13.92
C GLN D 58 -41.69 -20.66 -12.71
N ALA D 59 -40.68 -20.06 -12.07
CA ALA D 59 -40.09 -20.63 -10.87
C ALA D 59 -39.77 -19.58 -9.83
N VAL D 60 -40.57 -18.51 -9.74
CA VAL D 60 -40.28 -17.44 -8.80
C VAL D 60 -41.06 -17.55 -7.50
N GLY D 61 -42.26 -18.16 -7.52
CA GLY D 61 -43.03 -18.27 -6.30
C GLY D 61 -42.41 -19.17 -5.26
N ALA D 62 -41.85 -20.30 -5.69
CA ALA D 62 -41.33 -21.29 -4.75
C ALA D 62 -40.17 -20.73 -3.93
N ARG D 63 -39.24 -20.03 -4.59
CA ARG D 63 -38.10 -19.45 -3.89
C ARG D 63 -38.56 -18.49 -2.79
N CYS D 64 -39.48 -17.58 -3.16
CA CYS D 64 -39.94 -16.58 -2.20
C CYS D 64 -40.65 -17.23 -1.02
N LEU D 65 -41.52 -18.20 -1.30
CA LEU D 65 -42.28 -18.82 -0.22
C LEU D 65 -41.35 -19.55 0.75
N ASN D 66 -40.40 -20.32 0.20
CA ASN D 66 -39.47 -21.05 1.06
C ASN D 66 -38.60 -20.10 1.87
N ASN D 67 -38.11 -19.03 1.25
CA ASN D 67 -37.25 -18.08 1.96
C ASN D 67 -37.99 -17.43 3.11
N LEU D 68 -39.22 -16.96 2.86
CA LEU D 68 -39.98 -16.32 3.94
C LEU D 68 -40.31 -17.30 5.05
N ALA D 69 -40.69 -18.52 4.71
CA ALA D 69 -41.02 -19.51 5.73
C ALA D 69 -39.80 -19.80 6.60
N ALA D 70 -38.60 -19.83 6.00
CA ALA D 70 -37.40 -20.07 6.77
C ALA D 70 -37.09 -18.91 7.71
N LYS D 71 -37.11 -17.69 7.19
CA LYS D 71 -36.71 -16.54 8.00
C LYS D 71 -37.69 -16.29 9.15
N LEU D 72 -38.99 -16.45 8.90
CA LEU D 72 -39.96 -16.21 9.96
C LEU D 72 -39.74 -17.12 11.16
N MET D 73 -39.49 -18.40 10.92
CA MET D 73 -39.28 -19.32 12.02
C MET D 73 -37.90 -19.16 12.65
N LEU D 74 -36.89 -18.74 11.87
CA LEU D 74 -35.61 -18.43 12.50
C LEU D 74 -35.75 -17.28 13.48
N ALA D 75 -36.56 -16.27 13.15
CA ALA D 75 -36.74 -15.14 14.04
C ALA D 75 -37.67 -15.44 15.20
N LEU D 76 -38.74 -16.21 14.99
CA LEU D 76 -39.75 -16.40 16.02
C LEU D 76 -39.30 -17.37 17.11
N PHE D 77 -38.57 -18.42 16.75
CA PHE D 77 -38.22 -19.51 17.68
C PHE D 77 -36.71 -19.68 17.72
N PRO D 78 -36.02 -18.92 18.57
CA PRO D 78 -34.56 -19.06 18.69
C PRO D 78 -34.18 -20.26 19.55
N GLN D 79 -32.88 -20.51 19.63
CA GLN D 79 -32.38 -21.62 20.43
C GLN D 79 -32.44 -21.32 21.91
N SER D 80 -32.09 -20.10 22.31
CA SER D 80 -32.17 -19.67 23.68
C SER D 80 -33.62 -19.45 24.09
N PRO D 81 -33.93 -19.47 25.39
CA PRO D 81 -35.32 -19.35 25.83
C PRO D 81 -35.96 -18.04 25.38
N TRP D 82 -37.26 -18.11 25.09
CA TRP D 82 -38.07 -16.97 24.71
C TRP D 82 -39.22 -16.70 25.69
N MET D 83 -39.01 -17.03 26.96
CA MET D 83 -39.89 -16.61 28.05
C MET D 83 -39.04 -16.06 29.18
N ARG D 84 -39.66 -15.29 30.08
CA ARG D 84 -38.86 -14.68 31.15
C ARG D 84 -39.42 -14.89 32.55
N LEU D 85 -40.74 -14.96 32.71
CA LEU D 85 -41.37 -15.22 34.01
C LEU D 85 -40.95 -14.19 35.06
N THR D 86 -41.39 -12.97 34.83
CA THR D 86 -41.06 -11.84 35.69
C THR D 86 -41.80 -11.91 37.02
N VAL D 87 -41.22 -11.27 38.04
CA VAL D 87 -41.90 -10.99 39.30
C VAL D 87 -41.71 -9.51 39.60
N SER D 88 -42.64 -8.95 40.38
CA SER D 88 -42.64 -7.52 40.64
C SER D 88 -41.45 -7.11 41.50
N GLU D 89 -41.18 -5.81 41.55
CA GLU D 89 -40.02 -5.26 42.24
C GLU D 89 -40.37 -4.58 43.56
N TYR D 90 -41.38 -3.72 43.56
CA TYR D 90 -41.74 -2.99 44.76
C TYR D 90 -42.20 -3.94 45.87
N GLU D 91 -43.05 -4.91 45.53
CA GLU D 91 -43.55 -5.85 46.52
C GLU D 91 -42.43 -6.74 47.06
N ALA D 92 -41.50 -7.15 46.19
CA ALA D 92 -40.36 -7.92 46.67
C ALA D 92 -39.48 -7.07 47.59
N LYS D 93 -39.32 -5.79 47.27
CA LYS D 93 -38.49 -4.92 48.10
C LYS D 93 -39.10 -4.69 49.48
N THR D 94 -40.43 -4.54 49.55
CA THR D 94 -41.06 -4.31 50.85
C THR D 94 -41.02 -5.51 51.77
N LEU D 95 -40.75 -6.71 51.25
CA LEU D 95 -40.74 -7.91 52.08
C LEU D 95 -39.34 -8.42 52.41
N SER D 96 -38.33 -8.04 51.63
CA SER D 96 -36.99 -8.55 51.84
C SER D 96 -36.34 -7.91 53.06
N GLN D 97 -35.28 -8.56 53.56
CA GLN D 97 -34.52 -8.03 54.69
C GLN D 97 -33.02 -8.09 54.46
N ASP D 98 -32.56 -8.31 53.22
CA ASP D 98 -31.14 -8.44 52.94
C ASP D 98 -30.87 -7.96 51.53
N SER D 99 -29.60 -7.61 51.28
CA SER D 99 -29.20 -7.07 49.99
C SER D 99 -28.94 -8.13 48.93
N GLU D 100 -28.91 -9.41 49.32
CA GLU D 100 -28.67 -10.50 48.37
C GLU D 100 -29.84 -11.48 48.37
N ALA D 101 -31.01 -11.05 48.85
CA ALA D 101 -32.20 -11.88 48.85
C ALA D 101 -33.10 -11.64 47.65
N ALA D 102 -32.91 -10.56 46.91
CA ALA D 102 -33.65 -10.31 45.68
C ALA D 102 -33.00 -10.95 44.47
N ALA D 103 -31.79 -11.50 44.62
CA ALA D 103 -31.12 -12.23 43.56
C ALA D 103 -31.27 -13.74 43.70
N ARG D 104 -31.63 -14.23 44.89
CA ARG D 104 -31.93 -15.64 45.08
C ARG D 104 -33.31 -16.03 44.58
N VAL D 105 -34.20 -15.05 44.38
CA VAL D 105 -35.50 -15.32 43.79
C VAL D 105 -35.43 -15.34 42.27
N ASP D 106 -34.37 -14.79 41.69
CA ASP D 106 -34.16 -14.83 40.25
C ASP D 106 -33.37 -16.07 39.81
N GLU D 107 -33.48 -17.16 40.56
CA GLU D 107 -32.85 -18.44 40.21
C GLU D 107 -33.88 -19.53 39.96
N GLY D 108 -34.92 -19.61 40.80
CA GLY D 108 -35.98 -20.55 40.54
C GLY D 108 -36.69 -20.27 39.22
N LEU D 109 -36.83 -18.99 38.88
CA LEU D 109 -37.47 -18.63 37.62
C LEU D 109 -36.65 -19.12 36.43
N ALA D 110 -35.32 -18.96 36.50
CA ALA D 110 -34.47 -19.47 35.43
C ALA D 110 -34.53 -20.99 35.35
N MET D 111 -34.57 -21.66 36.50
CA MET D 111 -34.71 -23.12 36.48
C MET D 111 -35.99 -23.55 35.80
N VAL D 112 -37.11 -22.87 36.12
CA VAL D 112 -38.38 -23.22 35.52
C VAL D 112 -38.36 -22.98 34.01
N GLU D 113 -37.73 -21.89 33.57
CA GLU D 113 -37.63 -21.65 32.14
C GLU D 113 -36.83 -22.74 31.45
N ARG D 114 -35.73 -23.19 32.07
CA ARG D 114 -34.95 -24.25 31.47
C ARG D 114 -35.74 -25.55 31.38
N VAL D 115 -36.53 -25.86 32.40
CA VAL D 115 -37.37 -27.06 32.37
C VAL D 115 -38.38 -26.97 31.23
N LEU D 116 -39.02 -25.81 31.07
CA LEU D 116 -39.99 -25.64 29.99
C LEU D 116 -39.34 -25.79 28.62
N MET D 117 -38.11 -25.26 28.46
CA MET D 117 -37.40 -25.46 27.21
C MET D 117 -37.11 -26.93 26.94
N ALA D 118 -36.66 -27.66 27.97
CA ALA D 118 -36.31 -29.06 27.76
C ALA D 118 -37.51 -29.91 27.38
N TYR D 119 -38.66 -29.66 28.01
CA TYR D 119 -39.84 -30.47 27.75
C TYR D 119 -40.27 -30.40 26.29
N MET D 120 -40.13 -29.25 25.66
CA MET D 120 -40.53 -29.09 24.27
C MET D 120 -39.56 -29.75 23.29
N GLU D 121 -38.27 -29.82 23.63
CA GLU D 121 -37.32 -30.51 22.78
C GLU D 121 -37.43 -32.02 22.87
N THR D 122 -37.78 -32.54 24.05
CA THR D 122 -37.90 -33.99 24.19
C THR D 122 -39.02 -34.56 23.32
N ASN D 123 -40.18 -33.90 23.33
CA ASN D 123 -41.38 -34.45 22.70
C ASN D 123 -41.55 -34.03 21.25
N SER D 124 -40.53 -33.42 20.65
CA SER D 124 -40.54 -33.07 19.23
C SER D 124 -41.70 -32.13 18.88
N PHE D 125 -41.65 -30.94 19.47
CA PHE D 125 -42.62 -29.89 19.17
C PHE D 125 -42.25 -29.07 17.95
N ARG D 126 -41.12 -29.36 17.31
CA ARG D 126 -40.59 -28.47 16.29
C ARG D 126 -41.01 -28.83 14.88
N VAL D 127 -41.27 -30.11 14.59
CA VAL D 127 -41.72 -30.52 13.26
C VAL D 127 -43.09 -29.94 12.94
N PRO D 128 -44.11 -30.04 13.83
CA PRO D 128 -45.41 -29.45 13.49
C PRO D 128 -45.38 -27.95 13.26
N LEU D 129 -44.51 -27.22 13.98
CA LEU D 129 -44.53 -25.77 13.91
C LEU D 129 -44.12 -25.26 12.52
N PHE D 130 -43.14 -25.92 11.89
CA PHE D 130 -42.70 -25.47 10.58
C PHE D 130 -43.80 -25.67 9.53
N GLU D 131 -44.48 -26.82 9.58
CA GLU D 131 -45.61 -27.05 8.68
C GLU D 131 -46.73 -26.07 8.94
N ALA D 132 -47.00 -25.76 10.22
CA ALA D 132 -48.03 -24.79 10.54
C ALA D 132 -47.68 -23.42 9.98
N LEU D 133 -46.43 -23.00 10.15
CA LEU D 133 -45.99 -21.71 9.61
C LEU D 133 -46.05 -21.66 8.10
N LYS D 134 -45.84 -22.77 7.42
CA LYS D 134 -45.93 -22.76 5.96
C LYS D 134 -47.37 -22.75 5.45
N GLN D 135 -48.32 -23.29 6.22
CA GLN D 135 -49.73 -23.24 5.83
C GLN D 135 -50.32 -21.84 6.00
N LEU D 136 -49.82 -21.07 6.98
CA LEU D 136 -50.36 -19.74 7.23
C LEU D 136 -50.12 -18.78 6.07
N ILE D 137 -49.09 -19.00 5.27
CA ILE D 137 -48.77 -18.07 4.20
C ILE D 137 -49.61 -18.31 2.95
N VAL D 138 -50.09 -19.54 2.73
CA VAL D 138 -50.80 -19.86 1.50
C VAL D 138 -52.31 -19.83 1.72
N SER D 139 -52.76 -20.17 2.93
CA SER D 139 -54.19 -20.16 3.23
C SER D 139 -54.55 -19.21 4.36
N GLY D 140 -53.83 -19.25 5.46
CA GLY D 140 -54.06 -18.34 6.57
C GLY D 140 -54.72 -18.93 7.79
N ASN D 141 -54.82 -20.26 7.89
CA ASN D 141 -55.54 -20.90 8.99
C ASN D 141 -54.87 -22.21 9.35
N CYS D 142 -54.93 -22.56 10.64
CA CYS D 142 -54.48 -23.85 11.14
C CYS D 142 -54.95 -24.00 12.58
N LEU D 143 -54.86 -25.23 13.09
CA LEU D 143 -55.27 -25.55 14.46
C LEU D 143 -54.17 -26.36 15.12
N LEU D 144 -54.05 -26.22 16.45
CA LEU D 144 -53.04 -26.94 17.22
C LEU D 144 -53.66 -27.56 18.45
N TYR D 145 -53.22 -28.77 18.79
CA TYR D 145 -53.73 -29.50 19.94
C TYR D 145 -52.55 -29.98 20.78
N ILE D 146 -52.65 -29.80 22.10
CA ILE D 146 -51.60 -30.17 23.03
C ILE D 146 -52.16 -31.21 23.99
N PRO D 147 -51.82 -32.49 23.80
CA PRO D 147 -52.33 -33.54 24.69
C PRO D 147 -51.82 -33.36 26.12
N GLU D 148 -52.39 -34.16 27.01
CA GLU D 148 -52.22 -33.96 28.45
C GLU D 148 -50.91 -34.59 28.92
N PRO D 149 -50.00 -33.83 29.53
CA PRO D 149 -48.69 -34.38 29.90
C PRO D 149 -48.79 -35.54 30.87
N GLU D 150 -47.82 -36.44 30.78
CA GLU D 150 -47.66 -37.51 31.76
C GLU D 150 -46.17 -37.81 31.90
N GLN D 151 -45.85 -38.91 32.59
CA GLN D 151 -44.50 -39.09 33.11
C GLN D 151 -43.53 -39.59 32.04
N GLY D 152 -43.78 -40.77 31.48
CA GLY D 152 -42.77 -41.40 30.65
C GLY D 152 -43.18 -41.95 29.30
N THR D 153 -44.03 -41.23 28.57
CA THR D 153 -44.46 -41.69 27.26
C THR D 153 -44.30 -40.58 26.23
N TYR D 154 -44.33 -40.99 24.96
CA TYR D 154 -44.25 -40.06 23.84
C TYR D 154 -45.63 -39.47 23.56
N SER D 155 -45.76 -38.15 23.69
CA SER D 155 -47.01 -37.45 23.47
C SER D 155 -46.77 -36.22 22.60
N PRO D 156 -46.65 -36.41 21.28
CA PRO D 156 -46.34 -35.29 20.39
C PRO D 156 -47.55 -34.39 20.15
N MET D 157 -47.29 -33.29 19.47
CA MET D 157 -48.30 -32.29 19.13
C MET D 157 -48.81 -32.51 17.70
N ARG D 158 -50.07 -32.21 17.48
CA ARG D 158 -50.73 -32.44 16.19
C ARG D 158 -51.03 -31.11 15.50
N MET D 159 -51.66 -31.22 14.33
CA MET D 159 -52.03 -30.07 13.53
C MET D 159 -53.16 -30.48 12.59
N TYR D 160 -54.07 -29.55 12.33
CA TYR D 160 -55.21 -29.78 11.44
C TYR D 160 -55.19 -28.76 10.32
N ARG D 161 -55.58 -29.17 9.12
CA ARG D 161 -55.70 -28.24 8.02
C ARG D 161 -57.08 -27.57 8.06
N LEU D 162 -57.35 -26.70 7.08
CA LEU D 162 -58.60 -25.97 7.07
C LEU D 162 -59.79 -26.86 6.71
N VAL D 163 -59.56 -28.04 6.15
CA VAL D 163 -60.64 -28.87 5.64
C VAL D 163 -61.06 -29.90 6.67
N SER D 164 -60.75 -29.66 7.94
CA SER D 164 -61.04 -30.67 8.95
C SER D 164 -61.58 -30.12 10.27
N TYR D 165 -61.93 -28.83 10.36
CA TYR D 165 -62.46 -28.29 11.60
C TYR D 165 -63.37 -27.11 11.30
N VAL D 166 -64.13 -26.71 12.31
CA VAL D 166 -65.16 -25.67 12.20
C VAL D 166 -65.15 -24.82 13.48
N VAL D 167 -65.27 -23.50 13.32
CA VAL D 167 -65.31 -22.58 14.45
C VAL D 167 -66.36 -21.50 14.20
N GLN D 168 -66.92 -20.96 15.29
CA GLN D 168 -67.87 -19.87 15.23
C GLN D 168 -67.46 -18.79 16.23
N ARG D 169 -67.46 -17.54 15.77
CA ARG D 169 -67.01 -16.41 16.56
C ARG D 169 -68.08 -15.33 16.64
N ASP D 170 -67.98 -14.51 17.67
CA ASP D 170 -68.84 -13.35 17.84
C ASP D 170 -68.33 -12.19 16.99
N ALA D 171 -69.13 -11.14 16.86
CA ALA D 171 -68.70 -9.95 16.15
C ALA D 171 -67.69 -9.13 16.94
N PHE D 172 -67.64 -9.32 18.25
CA PHE D 172 -66.64 -8.66 19.09
C PHE D 172 -65.27 -9.31 18.95
N GLY D 173 -65.23 -10.62 18.71
CA GLY D 173 -63.98 -11.34 18.55
C GLY D 173 -63.79 -12.47 19.55
N ASN D 174 -64.88 -13.00 20.08
CA ASN D 174 -64.84 -14.09 21.04
C ASN D 174 -65.05 -15.43 20.33
N ILE D 175 -64.60 -16.50 20.99
CA ILE D 175 -64.74 -17.86 20.48
C ILE D 175 -65.81 -18.56 21.29
N LEU D 176 -66.77 -19.17 20.60
CA LEU D 176 -67.92 -19.78 21.25
C LEU D 176 -68.03 -21.28 21.07
N GLN D 177 -67.46 -21.86 20.01
CA GLN D 177 -67.80 -23.23 19.65
C GLN D 177 -66.85 -23.82 18.61
N ILE D 178 -66.33 -25.03 18.87
CA ILE D 178 -65.39 -25.70 17.97
C ILE D 178 -65.79 -27.17 17.83
N VAL D 179 -65.66 -27.71 16.61
CA VAL D 179 -65.92 -29.13 16.32
C VAL D 179 -64.85 -29.65 15.36
N THR D 180 -64.39 -30.89 15.59
CA THR D 180 -63.35 -31.51 14.77
C THR D 180 -63.81 -32.88 14.27
N LEU D 181 -62.99 -33.48 13.39
CA LEU D 181 -63.29 -34.75 12.75
C LEU D 181 -62.03 -35.59 12.60
N ASP D 182 -62.15 -36.89 12.88
CA ASP D 182 -61.06 -37.84 12.73
C ASP D 182 -61.59 -39.13 12.11
N LYS D 183 -60.69 -39.87 11.47
CA LYS D 183 -61.03 -41.13 10.82
C LYS D 183 -60.02 -42.21 11.19
N VAL D 184 -60.49 -43.24 11.88
CA VAL D 184 -59.62 -44.32 12.36
C VAL D 184 -60.24 -45.66 12.01
N ALA D 185 -59.39 -46.67 11.94
CA ALA D 185 -59.82 -48.04 11.69
C ALA D 185 -60.27 -48.70 12.99
N PHE D 186 -60.90 -49.87 12.85
CA PHE D 186 -61.45 -50.55 14.01
C PHE D 186 -60.39 -51.16 14.90
N SER D 187 -59.24 -51.54 14.35
CA SER D 187 -58.20 -52.18 15.14
C SER D 187 -57.26 -51.19 15.82
N ALA D 188 -57.33 -49.91 15.47
CA ALA D 188 -56.49 -48.89 16.09
C ALA D 188 -57.16 -48.22 17.27
N LEU D 189 -58.39 -48.59 17.60
CA LEU D 189 -59.13 -47.98 18.68
C LEU D 189 -58.64 -48.49 20.03
N PRO D 190 -58.75 -47.68 21.08
CA PRO D 190 -58.50 -48.19 22.44
C PRO D 190 -59.52 -49.26 22.80
N GLU D 191 -59.09 -50.21 23.63
CA GLU D 191 -59.92 -51.38 23.89
C GLU D 191 -61.16 -51.03 24.71
N ASP D 192 -61.10 -49.98 25.54
CA ASP D 192 -62.28 -49.60 26.31
C ASP D 192 -63.39 -49.08 25.41
N VAL D 193 -63.05 -48.24 24.44
CA VAL D 193 -64.04 -47.78 23.47
C VAL D 193 -64.52 -48.95 22.61
N LYS D 194 -63.62 -49.89 22.31
CA LYS D 194 -63.99 -51.06 21.53
C LYS D 194 -64.96 -51.96 22.30
N SER D 195 -64.92 -51.91 23.63
CA SER D 195 -65.79 -52.76 24.44
C SER D 195 -67.26 -52.40 24.28
N GLN D 196 -67.57 -51.15 23.93
CA GLN D 196 -68.94 -50.67 23.85
C GLN D 196 -69.56 -50.88 22.47
N LEU D 197 -68.85 -51.52 21.55
CA LEU D 197 -69.36 -51.84 20.22
C LEU D 197 -69.22 -53.34 19.99
N ASN D 198 -70.26 -53.95 19.43
CA ASN D 198 -70.20 -55.37 19.13
C ASN D 198 -69.26 -55.64 17.95
N ALA D 199 -68.42 -56.65 18.10
CA ALA D 199 -67.39 -56.92 17.11
C ALA D 199 -67.94 -57.57 15.85
N ASP D 200 -69.07 -58.28 15.95
CA ASP D 200 -69.57 -59.03 14.80
C ASP D 200 -69.94 -58.11 13.64
N ASP D 201 -70.49 -56.93 13.95
CA ASP D 201 -70.92 -56.02 12.89
C ASP D 201 -69.74 -55.55 12.05
N TYR D 202 -68.62 -55.25 12.69
CA TYR D 202 -67.49 -54.64 12.01
C TYR D 202 -66.47 -55.67 11.56
N GLU D 203 -65.53 -55.21 10.75
CA GLU D 203 -64.45 -56.00 10.16
C GLU D 203 -63.14 -55.29 10.44
N PRO D 204 -62.03 -56.02 10.58
CA PRO D 204 -60.73 -55.35 10.64
C PRO D 204 -60.53 -54.50 9.40
N ASP D 205 -59.99 -53.31 9.60
CA ASP D 205 -59.83 -52.31 8.54
C ASP D 205 -61.18 -51.82 8.02
N THR D 206 -62.06 -51.36 8.92
CA THR D 206 -63.26 -50.61 8.55
C THR D 206 -63.25 -49.31 9.33
N GLU D 207 -63.46 -48.20 8.64
CA GLU D 207 -63.24 -46.88 9.23
C GLU D 207 -64.47 -46.39 9.97
N LEU D 208 -64.24 -45.84 11.16
CA LEU D 208 -65.27 -45.16 11.94
C LEU D 208 -64.98 -43.66 11.93
N GLU D 209 -65.97 -42.88 12.36
CA GLU D 209 -65.86 -41.43 12.39
C GLU D 209 -66.11 -40.94 13.80
N VAL D 210 -65.24 -40.05 14.28
CA VAL D 210 -65.23 -39.60 15.67
C VAL D 210 -65.34 -38.08 15.70
N TYR D 211 -66.20 -37.57 16.57
CA TYR D 211 -66.50 -36.15 16.68
C TYR D 211 -66.18 -35.63 18.08
N THR D 212 -65.75 -34.38 18.16
CA THR D 212 -65.46 -33.71 19.42
C THR D 212 -66.15 -32.35 19.42
N HIS D 213 -66.71 -31.97 20.57
CA HIS D 213 -67.51 -30.75 20.68
C HIS D 213 -67.08 -29.99 21.92
N ILE D 214 -66.68 -28.73 21.76
CA ILE D 214 -66.31 -27.85 22.86
C ILE D 214 -67.17 -26.58 22.78
N TYR D 215 -67.86 -26.26 23.87
CA TYR D 215 -68.76 -25.12 23.90
C TYR D 215 -68.70 -24.43 25.24
N ARG D 216 -69.15 -23.19 25.27
CA ARG D 216 -69.03 -22.32 26.43
C ARG D 216 -70.33 -22.28 27.23
N GLN D 217 -70.21 -22.42 28.56
CA GLN D 217 -71.39 -22.39 29.43
C GLN D 217 -70.98 -21.86 30.79
N ASP D 218 -71.39 -20.62 31.09
CA ASP D 218 -71.24 -20.00 32.41
C ASP D 218 -69.77 -19.91 32.83
N ASP D 219 -69.00 -19.17 32.02
CA ASP D 219 -67.60 -18.83 32.34
C ASP D 219 -66.74 -20.07 32.52
N GLU D 220 -66.88 -21.01 31.59
CA GLU D 220 -66.02 -22.20 31.54
C GLU D 220 -66.25 -22.87 30.20
N TYR D 221 -65.52 -23.95 29.95
CA TYR D 221 -65.64 -24.72 28.73
C TYR D 221 -65.97 -26.17 29.06
N LEU D 222 -66.73 -26.82 28.18
CA LEU D 222 -67.13 -28.20 28.35
C LEU D 222 -66.82 -28.98 27.08
N ARG D 223 -66.72 -30.31 27.21
CA ARG D 223 -66.39 -31.15 26.08
C ARG D 223 -66.95 -32.55 26.25
N TYR D 224 -67.11 -33.23 25.12
CA TYR D 224 -67.47 -34.66 25.09
C TYR D 224 -67.07 -35.21 23.73
N GLU D 225 -67.29 -36.50 23.53
CA GLU D 225 -66.86 -37.19 22.32
C GLU D 225 -67.93 -38.18 21.89
N GLU D 226 -68.18 -38.27 20.59
CA GLU D 226 -69.31 -38.99 20.05
C GLU D 226 -68.90 -39.87 18.88
N VAL D 227 -69.42 -41.10 18.84
CA VAL D 227 -69.23 -42.01 17.71
C VAL D 227 -70.55 -42.68 17.39
N GLU D 228 -70.84 -42.83 16.10
CA GLU D 228 -72.02 -43.52 15.60
C GLU D 228 -73.32 -42.92 16.12
N GLY D 229 -73.32 -41.65 16.50
CA GLY D 229 -74.51 -41.01 17.01
C GLY D 229 -74.72 -41.13 18.51
N ILE D 230 -73.89 -41.88 19.22
CA ILE D 230 -73.99 -42.03 20.66
C ILE D 230 -72.73 -41.47 21.31
N GLU D 231 -72.82 -41.20 22.61
CA GLU D 231 -71.75 -40.55 23.35
C GLU D 231 -70.91 -41.60 24.08
N VAL D 232 -69.59 -41.50 23.93
CA VAL D 232 -68.68 -42.42 24.60
C VAL D 232 -68.53 -42.03 26.05
N ALA D 233 -68.78 -42.97 26.95
CA ALA D 233 -68.64 -42.70 28.38
C ALA D 233 -67.17 -42.63 28.77
N GLY D 234 -66.84 -41.71 29.66
CA GLY D 234 -65.48 -41.53 30.13
C GLY D 234 -64.67 -40.47 29.41
N THR D 235 -65.29 -39.64 28.59
CA THR D 235 -64.58 -38.60 27.85
C THR D 235 -64.99 -37.19 28.24
N GLU D 236 -65.89 -37.03 29.20
CA GLU D 236 -66.33 -35.70 29.60
C GLU D 236 -65.23 -34.99 30.38
N GLY D 237 -65.33 -33.66 30.41
CA GLY D 237 -64.36 -32.86 31.14
C GLY D 237 -64.68 -31.40 31.00
N SER D 238 -63.81 -30.57 31.59
CA SER D 238 -63.97 -29.12 31.56
C SER D 238 -62.61 -28.46 31.57
N TYR D 239 -62.58 -27.23 31.06
CA TYR D 239 -61.35 -26.44 31.00
C TYR D 239 -61.63 -25.04 31.53
N PRO D 240 -60.62 -24.37 32.07
CA PRO D 240 -60.79 -22.97 32.46
C PRO D 240 -61.04 -22.09 31.26
N LEU D 241 -61.35 -20.82 31.52
CA LEU D 241 -61.64 -19.89 30.44
C LEU D 241 -60.38 -19.39 29.76
N THR D 242 -59.20 -19.65 30.30
CA THR D 242 -57.94 -19.13 29.76
C THR D 242 -56.92 -20.22 29.44
N ALA D 243 -57.30 -21.49 29.51
CA ALA D 243 -56.37 -22.59 29.29
C ALA D 243 -57.01 -23.68 28.41
N CYS D 244 -57.65 -23.26 27.34
CA CYS D 244 -58.19 -24.21 26.38
C CYS D 244 -57.07 -24.70 25.47
N PRO D 245 -56.82 -26.01 25.36
CA PRO D 245 -55.68 -26.49 24.58
C PRO D 245 -55.91 -26.57 23.08
N TYR D 246 -56.93 -25.90 22.56
CA TYR D 246 -57.15 -25.77 21.12
C TYR D 246 -56.94 -24.31 20.72
N ILE D 247 -56.07 -24.08 19.75
CA ILE D 247 -55.63 -22.71 19.43
C ILE D 247 -55.82 -22.40 17.96
N PRO D 248 -56.93 -21.78 17.55
CA PRO D 248 -57.04 -21.32 16.17
C PRO D 248 -56.15 -20.11 15.92
N VAL D 249 -55.49 -20.10 14.77
CA VAL D 249 -54.49 -19.09 14.45
C VAL D 249 -54.88 -18.39 13.15
N ARG D 250 -54.79 -17.06 13.14
CA ARG D 250 -55.04 -16.24 11.97
C ARG D 250 -53.84 -15.36 11.70
N MET D 251 -53.61 -15.05 10.42
CA MET D 251 -52.53 -14.14 10.04
C MET D 251 -53.00 -12.69 9.90
N VAL D 252 -53.95 -12.43 9.03
CA VAL D 252 -54.50 -11.10 8.82
C VAL D 252 -55.92 -11.07 9.36
N ARG D 253 -56.19 -10.17 10.29
CA ARG D 253 -57.47 -10.11 10.97
C ARG D 253 -58.27 -8.91 10.51
N LEU D 254 -59.49 -9.15 10.04
CA LEU D 254 -60.42 -8.09 9.69
C LEU D 254 -61.46 -7.95 10.80
N ASP D 255 -62.48 -7.12 10.57
CA ASP D 255 -63.49 -6.81 11.57
C ASP D 255 -64.77 -7.56 11.23
N GLY D 256 -65.21 -8.42 12.15
CA GLY D 256 -66.48 -9.10 11.99
C GLY D 256 -66.49 -10.34 11.13
N GLU D 257 -65.34 -10.99 10.95
CA GLU D 257 -65.26 -12.19 10.13
C GLU D 257 -64.66 -13.34 10.93
N ASP D 258 -65.05 -14.55 10.56
CA ASP D 258 -64.38 -15.75 11.04
C ASP D 258 -63.16 -16.03 10.17
N TYR D 259 -62.23 -16.82 10.70
CA TYR D 259 -61.03 -17.18 9.96
C TYR D 259 -60.24 -15.95 9.56
N GLY D 260 -59.22 -16.11 8.71
CA GLY D 260 -58.35 -15.01 8.35
C GLY D 260 -57.95 -15.07 6.89
N ARG D 261 -57.31 -14.00 6.45
CA ARG D 261 -56.83 -13.88 5.07
C ARG D 261 -55.32 -14.07 5.02
N SER D 262 -54.83 -14.47 3.85
CA SER D 262 -53.44 -14.85 3.68
C SER D 262 -52.59 -13.63 3.31
N TYR D 263 -51.29 -13.87 3.15
CA TYR D 263 -50.35 -12.82 2.76
C TYR D 263 -50.04 -12.81 1.28
N CYS D 264 -50.04 -13.97 0.63
CA CYS D 264 -49.80 -14.05 -0.81
C CYS D 264 -50.97 -13.53 -1.62
N GLU D 265 -52.11 -13.23 -0.99
CA GLU D 265 -53.30 -12.79 -1.69
C GLU D 265 -53.15 -11.37 -2.25
N GLU D 266 -52.22 -10.59 -1.74
CA GLU D 266 -52.06 -9.21 -2.17
C GLU D 266 -51.26 -9.08 -3.47
N TYR D 267 -50.67 -10.16 -3.97
CA TYR D 267 -49.76 -10.13 -5.10
C TYR D 267 -50.13 -11.19 -6.13
N LEU D 268 -51.40 -11.27 -6.51
CA LEU D 268 -51.79 -12.31 -7.46
C LEU D 268 -51.67 -11.83 -8.90
N GLY D 269 -51.98 -10.55 -9.16
CA GLY D 269 -51.94 -10.04 -10.52
C GLY D 269 -50.53 -10.05 -11.10
N ASP D 270 -49.53 -9.74 -10.27
CA ASP D 270 -48.16 -9.74 -10.76
C ASP D 270 -47.71 -11.13 -11.17
N LEU D 271 -48.01 -12.14 -10.35
CA LEU D 271 -47.67 -13.51 -10.71
C LEU D 271 -48.39 -13.95 -11.98
N ASN D 272 -49.67 -13.58 -12.11
CA ASN D 272 -50.40 -13.94 -13.31
C ASN D 272 -49.78 -13.33 -14.56
N SER D 273 -49.42 -12.04 -14.50
CA SER D 273 -48.81 -11.38 -15.64
C SER D 273 -47.45 -11.99 -15.98
N LEU D 274 -46.65 -12.30 -14.95
CA LEU D 274 -45.35 -12.90 -15.21
C LEU D 274 -45.50 -14.24 -15.91
N GLU D 275 -46.43 -15.07 -15.45
CA GLU D 275 -46.66 -16.35 -16.11
C GLU D 275 -47.11 -16.17 -17.56
N THR D 276 -48.01 -15.21 -17.80
CA THR D 276 -48.49 -14.98 -19.15
C THR D 276 -47.36 -14.60 -20.10
N ILE D 277 -46.46 -13.71 -19.66
CA ILE D 277 -45.36 -13.31 -20.55
C ILE D 277 -44.36 -14.45 -20.74
N THR D 278 -44.04 -15.16 -19.66
CA THR D 278 -43.02 -16.20 -19.73
C THR D 278 -43.45 -17.34 -20.64
N GLU D 279 -44.74 -17.68 -20.64
CA GLU D 279 -45.20 -18.75 -21.52
C GLU D 279 -44.91 -18.43 -22.98
N ALA D 280 -45.23 -17.21 -23.42
CA ALA D 280 -45.00 -16.83 -24.81
C ALA D 280 -43.51 -16.76 -25.12
N ILE D 281 -42.71 -16.23 -24.19
CA ILE D 281 -41.26 -16.17 -24.43
C ILE D 281 -40.69 -17.57 -24.63
N THR D 282 -41.10 -18.53 -23.80
CA THR D 282 -40.60 -19.89 -23.94
C THR D 282 -41.10 -20.53 -25.24
N LYS D 283 -42.38 -20.37 -25.56
CA LYS D 283 -42.93 -21.04 -26.73
C LYS D 283 -42.35 -20.49 -28.03
N MET D 284 -41.94 -19.22 -28.06
CA MET D 284 -41.32 -18.67 -29.27
C MET D 284 -39.90 -19.16 -29.48
N ALA D 285 -39.41 -20.10 -28.67
CA ALA D 285 -38.08 -20.67 -28.85
C ALA D 285 -38.08 -22.11 -29.35
N LYS D 286 -39.20 -22.83 -29.19
CA LYS D 286 -39.35 -24.16 -29.76
C LYS D 286 -39.77 -24.13 -31.22
N VAL D 287 -40.22 -22.98 -31.72
CA VAL D 287 -40.56 -22.85 -33.13
C VAL D 287 -39.33 -22.47 -33.96
N ALA D 288 -38.38 -21.75 -33.38
CA ALA D 288 -37.18 -21.31 -34.07
C ALA D 288 -36.07 -22.35 -34.06
N SER D 289 -36.40 -23.63 -33.87
CA SER D 289 -35.42 -24.70 -33.92
C SER D 289 -35.90 -25.84 -34.81
N LYS D 290 -36.69 -25.54 -35.82
CA LYS D 290 -37.15 -26.50 -36.81
C LYS D 290 -36.56 -26.12 -38.17
N VAL D 291 -35.89 -27.06 -38.80
CA VAL D 291 -35.14 -26.80 -40.03
C VAL D 291 -36.01 -27.12 -41.23
N VAL D 292 -36.24 -26.12 -42.08
CA VAL D 292 -37.01 -26.29 -43.32
C VAL D 292 -36.32 -25.49 -44.41
N GLY D 293 -35.97 -26.15 -45.51
CA GLY D 293 -35.30 -25.48 -46.60
C GLY D 293 -36.24 -25.12 -47.73
N LEU D 294 -35.94 -24.02 -48.42
CA LEU D 294 -36.79 -23.48 -49.48
C LEU D 294 -36.00 -23.41 -50.77
N VAL D 295 -36.55 -23.99 -51.83
CA VAL D 295 -35.88 -24.05 -53.13
C VAL D 295 -36.71 -23.27 -54.15
N ASN D 296 -36.03 -22.52 -55.01
CA ASN D 296 -36.70 -21.65 -55.97
C ASN D 296 -37.12 -22.45 -57.19
N PRO D 297 -38.40 -22.51 -57.55
CA PRO D 297 -38.84 -23.36 -58.66
C PRO D 297 -38.56 -22.79 -60.04
N LEU D 306 -28.47 -33.39 -54.50
CA LEU D 306 -27.72 -32.92 -53.31
C LEU D 306 -28.00 -33.88 -52.16
N ASN D 307 -28.99 -34.76 -52.31
CA ASN D 307 -29.35 -35.71 -51.23
C ASN D 307 -28.65 -37.05 -51.43
N LYS D 308 -28.14 -37.32 -52.64
CA LYS D 308 -27.54 -38.65 -52.92
C LYS D 308 -26.03 -38.54 -53.12
N ALA D 309 -25.44 -37.39 -52.86
CA ALA D 309 -23.98 -37.19 -52.96
C ALA D 309 -23.32 -37.72 -51.69
N ALA D 310 -21.98 -37.79 -51.66
CA ALA D 310 -21.25 -38.21 -50.45
C ALA D 310 -20.23 -37.12 -50.14
N THR D 311 -19.69 -37.09 -48.92
CA THR D 311 -18.75 -36.01 -48.50
C THR D 311 -17.60 -35.90 -49.51
N GLY D 312 -17.28 -34.69 -49.95
CA GLY D 312 -16.18 -34.47 -50.91
C GLY D 312 -16.61 -34.77 -52.32
N GLU D 313 -17.56 -34.01 -52.87
CA GLU D 313 -18.09 -34.30 -54.22
C GLU D 313 -18.43 -33.00 -54.93
N PHE D 314 -18.24 -32.96 -56.25
CA PHE D 314 -18.56 -31.75 -57.04
C PHE D 314 -19.85 -32.01 -57.82
N VAL D 315 -20.97 -31.43 -57.40
CA VAL D 315 -22.29 -31.64 -58.06
C VAL D 315 -22.62 -30.37 -58.86
N ALA D 316 -23.72 -30.36 -59.63
CA ALA D 316 -24.05 -29.20 -60.49
C ALA D 316 -25.17 -28.35 -59.89
N GLY D 317 -24.99 -27.05 -59.81
CA GLY D 317 -26.03 -26.18 -59.30
C GLY D 317 -25.53 -24.77 -59.11
N ARG D 318 -26.37 -23.96 -58.48
CA ARG D 318 -26.06 -22.59 -58.12
C ARG D 318 -26.46 -22.35 -56.67
N VAL D 319 -25.83 -21.35 -56.05
CA VAL D 319 -26.03 -21.09 -54.63
C VAL D 319 -27.12 -20.06 -54.38
N GLU D 320 -27.65 -19.42 -55.42
CA GLU D 320 -28.69 -18.42 -55.27
C GLU D 320 -30.08 -19.03 -55.16
N ASP D 321 -30.22 -20.33 -55.37
CA ASP D 321 -31.52 -20.98 -55.40
C ASP D 321 -31.88 -21.71 -54.11
N ILE D 322 -31.08 -21.53 -53.05
CA ILE D 322 -31.30 -22.23 -51.80
C ILE D 322 -31.29 -21.21 -50.67
N ASN D 323 -32.30 -21.27 -49.80
CA ASN D 323 -32.37 -20.41 -48.62
C ASN D 323 -33.24 -21.09 -47.58
N PHE D 324 -33.09 -20.65 -46.34
CA PHE D 324 -33.72 -21.30 -45.19
C PHE D 324 -34.71 -20.36 -44.52
N LEU D 325 -35.79 -20.94 -43.99
CA LEU D 325 -36.83 -20.17 -43.34
C LEU D 325 -36.41 -19.78 -41.94
N GLN D 326 -36.72 -18.53 -41.56
CA GLN D 326 -36.31 -18.03 -40.25
C GLN D 326 -37.36 -17.08 -39.71
N LEU D 327 -37.39 -16.99 -38.38
CA LEU D 327 -38.37 -16.17 -37.65
C LEU D 327 -37.79 -14.77 -37.48
N THR D 328 -38.31 -13.82 -38.25
CA THR D 328 -37.81 -12.45 -38.25
C THR D 328 -38.80 -11.54 -37.50
N LYS D 329 -38.58 -11.41 -36.19
CA LYS D 329 -39.35 -10.51 -35.35
C LYS D 329 -38.40 -9.44 -34.80
N GLY D 330 -38.80 -8.18 -34.92
CA GLY D 330 -37.91 -7.08 -34.63
C GLY D 330 -37.78 -6.76 -33.16
N GLN D 331 -37.95 -5.48 -32.81
CA GLN D 331 -37.80 -5.06 -31.42
C GLN D 331 -39.01 -5.47 -30.59
N ASP D 332 -39.26 -6.78 -30.50
CA ASP D 332 -40.32 -7.31 -29.65
C ASP D 332 -39.83 -8.30 -28.61
N PHE D 333 -38.67 -8.91 -28.82
CA PHE D 333 -38.06 -9.75 -27.79
C PHE D 333 -37.59 -8.91 -26.61
N THR D 334 -36.95 -7.77 -26.90
CA THR D 334 -36.35 -6.95 -25.86
C THR D 334 -37.39 -6.33 -24.95
N ILE D 335 -38.51 -5.86 -25.52
CA ILE D 335 -39.53 -5.20 -24.71
C ILE D 335 -40.11 -6.17 -23.69
N ALA D 336 -40.52 -7.35 -24.15
CA ALA D 336 -41.09 -8.33 -23.24
C ALA D 336 -40.07 -8.79 -22.21
N LYS D 337 -38.82 -9.00 -22.64
CA LYS D 337 -37.80 -9.44 -21.69
C LYS D 337 -37.58 -8.40 -20.60
N SER D 338 -37.49 -7.12 -20.97
CA SER D 338 -37.24 -6.08 -19.98
C SER D 338 -38.41 -5.92 -19.02
N VAL D 339 -39.64 -6.00 -19.53
CA VAL D 339 -40.80 -5.89 -18.64
C VAL D 339 -40.84 -7.05 -17.66
N ALA D 340 -40.53 -8.26 -18.13
CA ALA D 340 -40.51 -9.42 -17.25
C ALA D 340 -39.44 -9.26 -16.16
N ASP D 341 -38.25 -8.77 -16.54
CA ASP D 341 -37.22 -8.56 -15.52
C ASP D 341 -37.64 -7.51 -14.50
N ALA D 342 -38.30 -6.44 -14.93
CA ALA D 342 -38.76 -5.44 -13.98
C ALA D 342 -39.77 -6.02 -13.00
N ILE D 343 -40.70 -6.84 -13.49
CA ILE D 343 -41.68 -7.46 -12.59
C ILE D 343 -40.99 -8.37 -11.59
N GLU D 344 -40.00 -9.14 -12.06
CA GLU D 344 -39.28 -10.04 -11.15
C GLU D 344 -38.55 -9.25 -10.06
N GLN D 345 -37.90 -8.15 -10.43
CA GLN D 345 -37.22 -7.33 -9.43
C GLN D 345 -38.21 -6.74 -8.45
N ARG D 346 -39.39 -6.34 -8.92
CA ARG D 346 -40.42 -5.84 -8.01
C ARG D 346 -40.82 -6.89 -7.00
N LEU D 347 -41.05 -8.13 -7.46
CA LEU D 347 -41.47 -9.20 -6.56
C LEU D 347 -40.36 -9.61 -5.59
N GLY D 348 -39.09 -9.42 -5.96
CA GLY D 348 -38.02 -9.83 -5.08
C GLY D 348 -37.84 -8.99 -3.84
N TRP D 349 -38.34 -7.77 -3.83
CA TRP D 349 -38.15 -6.86 -2.70
C TRP D 349 -39.13 -7.10 -1.56
N ALA D 350 -40.21 -7.85 -1.80
CA ALA D 350 -41.25 -8.02 -0.79
C ALA D 350 -41.13 -9.31 -0.01
N PHE D 351 -40.38 -10.29 -0.50
CA PHE D 351 -40.19 -11.55 0.18
C PHE D 351 -38.78 -11.69 0.77
N LEU D 352 -38.03 -10.59 0.85
CA LEU D 352 -36.71 -10.56 1.48
C LEU D 352 -35.73 -11.54 0.82
N LEU D 353 -35.68 -11.52 -0.50
CA LEU D 353 -34.70 -12.32 -1.22
C LEU D 353 -33.33 -11.68 -1.16
N VAL D 372 -26.98 -12.96 18.77
CA VAL D 372 -26.05 -12.97 17.61
C VAL D 372 -26.63 -12.08 16.50
N ALA D 373 -27.31 -12.69 15.52
CA ALA D 373 -27.94 -11.92 14.42
C ALA D 373 -29.46 -11.97 14.58
N GLY D 374 -29.95 -12.65 15.61
CA GLY D 374 -31.41 -12.73 15.85
C GLY D 374 -32.05 -11.37 15.82
N GLU D 375 -31.58 -10.42 16.64
CA GLU D 375 -32.24 -9.08 16.73
C GLU D 375 -31.97 -8.26 15.47
N LEU D 376 -30.91 -8.60 14.72
CA LEU D 376 -30.57 -7.84 13.48
C LEU D 376 -31.65 -8.11 12.42
N GLU D 377 -32.08 -9.37 12.28
CA GLU D 377 -33.17 -9.69 11.31
C GLU D 377 -34.49 -9.17 11.87
N ALA D 378 -35.03 -9.81 12.92
CA ALA D 378 -36.30 -9.39 13.53
C ALA D 378 -36.84 -8.14 12.80
N SER D 385 -45.39 -9.27 14.79
CA SER D 385 -45.86 -8.68 16.07
C SER D 385 -47.15 -9.36 16.51
N VAL D 386 -48.14 -9.40 15.62
CA VAL D 386 -49.46 -9.97 16.00
C VAL D 386 -49.28 -11.44 16.39
N GLN D 387 -48.26 -12.12 15.86
CA GLN D 387 -48.09 -13.58 16.09
C GLN D 387 -47.51 -13.85 17.48
N SER D 388 -47.41 -12.83 18.33
CA SER D 388 -46.95 -13.02 19.72
C SER D 388 -48.15 -12.96 20.67
N GLN D 389 -49.34 -12.73 20.13
CA GLN D 389 -50.58 -12.69 20.95
C GLN D 389 -51.49 -13.83 20.48
N GLU D 390 -51.29 -14.32 19.26
CA GLU D 390 -52.08 -15.46 18.73
C GLU D 390 -51.36 -16.76 19.05
N LEU D 391 -50.09 -16.90 18.68
CA LEU D 391 -49.28 -18.07 19.09
C LEU D 391 -48.36 -17.59 20.22
N GLN D 392 -47.49 -18.42 20.77
CA GLN D 392 -46.47 -17.96 21.76
C GLN D 392 -47.08 -17.74 23.15
N LEU D 393 -47.91 -16.73 23.35
CA LEU D 393 -48.39 -16.47 24.73
C LEU D 393 -49.43 -17.53 25.12
N PRO D 394 -50.39 -17.92 24.25
CA PRO D 394 -51.31 -19.01 24.58
C PRO D 394 -50.65 -20.37 24.89
N ILE D 395 -49.55 -20.72 24.22
CA ILE D 395 -48.83 -22.01 24.46
C ILE D 395 -48.27 -22.04 25.88
N VAL D 396 -47.62 -20.96 26.32
CA VAL D 396 -46.96 -20.94 27.65
C VAL D 396 -48.03 -21.02 28.74
N ARG D 397 -49.21 -20.46 28.53
CA ARG D 397 -50.21 -20.44 29.62
C ARG D 397 -50.90 -21.79 29.78
N VAL D 398 -50.79 -22.70 28.80
CA VAL D 398 -51.39 -24.07 28.88
C VAL D 398 -50.39 -25.01 29.56
N LEU D 399 -49.09 -24.88 29.27
CA LEU D 399 -48.06 -25.79 29.82
C LEU D 399 -47.79 -25.47 31.28
N MET D 400 -47.86 -24.19 31.68
CA MET D 400 -47.75 -23.90 33.10
C MET D 400 -48.97 -24.38 33.88
N ASN D 401 -50.13 -24.44 33.23
CA ASN D 401 -51.29 -24.99 33.93
C ASN D 401 -51.21 -26.49 34.08
N GLN D 402 -50.69 -27.20 33.07
CA GLN D 402 -50.76 -28.66 33.09
C GLN D 402 -49.55 -29.32 33.73
N LEU D 403 -48.33 -28.86 33.42
CA LEU D 403 -47.15 -29.46 34.03
C LEU D 403 -47.16 -29.32 35.54
N GLN D 404 -47.70 -28.20 36.05
CA GLN D 404 -47.79 -27.99 37.48
C GLN D 404 -48.67 -29.05 38.14
N SER D 405 -49.79 -29.38 37.49
CA SER D 405 -50.70 -30.39 38.03
C SER D 405 -50.11 -31.80 37.89
N ALA D 406 -49.33 -32.05 36.84
CA ALA D 406 -48.72 -33.36 36.68
C ALA D 406 -47.61 -33.63 37.68
N GLY D 407 -47.17 -32.61 38.42
CA GLY D 407 -46.12 -32.80 39.41
C GLY D 407 -44.71 -32.73 38.88
N MET D 408 -44.47 -31.95 37.82
CA MET D 408 -43.17 -31.89 37.19
C MET D 408 -42.41 -30.58 37.44
N ILE D 409 -43.09 -29.54 37.92
CA ILE D 409 -42.43 -28.30 38.30
C ILE D 409 -42.90 -27.91 39.70
N PRO D 410 -42.10 -27.13 40.42
CA PRO D 410 -42.46 -26.79 41.80
C PRO D 410 -43.76 -26.00 41.87
N ASP D 411 -44.46 -26.15 42.99
CA ASP D 411 -45.72 -25.46 43.21
C ASP D 411 -45.52 -23.96 43.22
N LEU D 412 -46.01 -23.29 42.19
CA LEU D 412 -45.84 -21.85 42.06
C LEU D 412 -46.68 -21.13 43.12
N PRO D 413 -46.23 -19.95 43.56
CA PRO D 413 -46.97 -19.24 44.60
C PRO D 413 -48.17 -18.47 44.06
N LYS D 414 -48.74 -17.61 44.89
CA LYS D 414 -50.00 -16.94 44.57
C LYS D 414 -49.73 -15.86 43.51
N GLU D 415 -50.70 -14.95 43.35
CA GLU D 415 -50.72 -14.07 42.19
C GLU D 415 -49.59 -13.05 42.22
N ALA D 416 -48.37 -13.54 42.05
CA ALA D 416 -47.17 -12.71 41.97
C ALA D 416 -46.39 -12.95 40.69
N SER D 422 -43.48 -12.14 25.80
CA SER D 422 -43.68 -12.02 24.36
C SER D 422 -42.32 -12.15 23.68
N THR D 423 -42.07 -11.46 22.56
CA THR D 423 -40.78 -11.57 21.90
C THR D 423 -40.18 -10.23 21.49
N GLY D 424 -40.90 -9.11 21.62
CA GLY D 424 -40.27 -7.82 21.37
C GLY D 424 -39.09 -7.58 22.29
N LEU D 425 -39.22 -7.99 23.56
CA LEU D 425 -38.14 -7.95 24.53
C LEU D 425 -38.10 -9.34 25.19
N GLU D 426 -37.48 -10.31 24.52
CA GLU D 426 -37.30 -11.64 25.09
C GLU D 426 -35.83 -12.01 25.20
N ALA D 427 -35.07 -11.95 24.11
CA ALA D 427 -33.62 -12.13 24.20
C ALA D 427 -32.96 -10.86 24.71
N LEU D 428 -33.49 -9.71 24.30
CA LEU D 428 -33.04 -8.45 24.89
C LEU D 428 -33.52 -8.29 26.33
N GLY D 429 -34.50 -9.10 26.76
CA GLY D 429 -34.89 -9.07 28.17
C GLY D 429 -33.74 -9.39 29.09
N ARG D 430 -32.84 -10.27 28.66
CA ARG D 430 -31.56 -10.48 29.35
C ARG D 430 -30.42 -9.69 28.73
N GLY D 431 -30.54 -9.34 27.44
CA GLY D 431 -29.47 -8.59 26.79
C GLY D 431 -29.29 -7.21 27.38
N GLN D 432 -30.37 -6.55 27.78
CA GLN D 432 -30.27 -5.23 28.39
C GLN D 432 -29.50 -5.30 29.71
N ASP D 433 -29.81 -6.29 30.53
CA ASP D 433 -29.06 -6.48 31.77
C ASP D 433 -27.59 -6.77 31.48
N LEU D 434 -27.32 -7.62 30.50
CA LEU D 434 -25.92 -7.95 30.20
C LEU D 434 -25.15 -6.73 29.72
N GLU D 435 -25.76 -5.92 28.84
CA GLU D 435 -25.08 -4.72 28.34
C GLU D 435 -24.86 -3.70 29.45
N LYS D 436 -25.86 -3.48 30.31
CA LYS D 436 -25.67 -2.51 31.39
C LYS D 436 -24.60 -2.97 32.36
N LEU D 437 -24.58 -4.26 32.71
CA LEU D 437 -23.56 -4.76 33.61
C LEU D 437 -22.18 -4.78 32.95
N THR D 438 -22.11 -4.83 31.62
CA THR D 438 -20.82 -4.67 30.95
C THR D 438 -20.34 -3.22 31.02
N GLN D 439 -21.24 -2.27 30.75
CA GLN D 439 -20.85 -0.87 30.76
C GLN D 439 -20.45 -0.40 32.14
N ALA D 440 -21.12 -0.90 33.18
CA ALA D 440 -20.76 -0.51 34.54
C ALA D 440 -19.32 -0.89 34.86
N VAL D 441 -18.94 -2.13 34.54
CA VAL D 441 -17.57 -2.58 34.77
C VAL D 441 -16.60 -1.80 33.90
N ASN D 442 -16.99 -1.52 32.66
CA ASN D 442 -16.12 -0.79 31.74
C ASN D 442 -15.79 0.59 32.29
N MET D 443 -16.77 1.29 32.85
CA MET D 443 -16.49 2.60 33.43
C MET D 443 -15.78 2.51 34.76
N MET D 444 -16.06 1.48 35.57
CA MET D 444 -15.40 1.37 36.86
C MET D 444 -13.91 1.09 36.70
N THR D 445 -13.52 0.35 35.67
CA THR D 445 -12.10 0.07 35.48
C THR D 445 -11.28 1.30 35.11
N GLY D 446 -11.93 2.40 34.76
CA GLY D 446 -11.24 3.61 34.33
C GLY D 446 -11.00 4.65 35.40
N LEU D 447 -11.20 4.32 36.68
CA LEU D 447 -10.97 5.25 37.78
C LEU D 447 -9.75 4.89 38.61
N GLN D 448 -9.02 3.84 38.24
CA GLN D 448 -7.87 3.41 39.03
C GLN D 448 -6.77 4.46 39.14
N PRO D 449 -6.37 5.18 38.08
CA PRO D 449 -5.34 6.21 38.26
C PRO D 449 -5.72 7.32 39.23
N LEU D 450 -7.02 7.51 39.51
CA LEU D 450 -7.47 8.53 40.45
C LEU D 450 -7.57 8.00 41.88
N SER D 451 -7.01 6.83 42.16
CA SER D 451 -7.14 6.23 43.48
C SER D 451 -6.44 7.01 44.56
N GLN D 452 -5.45 7.84 44.22
CA GLN D 452 -4.65 8.54 45.22
C GLN D 452 -4.77 10.04 45.07
N ASP D 453 -5.99 10.55 44.89
CA ASP D 453 -6.23 11.97 44.76
C ASP D 453 -6.84 12.49 46.06
N PRO D 454 -6.16 13.36 46.80
CA PRO D 454 -6.64 13.77 48.12
C PRO D 454 -7.76 14.80 48.12
N ASP D 455 -8.40 15.07 46.98
CA ASP D 455 -9.44 16.09 46.90
C ASP D 455 -10.75 15.59 46.32
N ILE D 456 -10.90 14.29 46.08
CA ILE D 456 -12.06 13.75 45.37
C ILE D 456 -12.81 12.80 46.28
N ASN D 457 -14.12 12.96 46.34
CA ASN D 457 -15.01 12.09 47.12
C ASN D 457 -15.41 10.92 46.22
N LEU D 458 -14.65 9.84 46.29
CA LEU D 458 -14.83 8.72 45.36
C LEU D 458 -16.18 8.01 45.49
N PRO D 459 -16.63 7.60 46.69
CA PRO D 459 -17.90 6.84 46.73
C PRO D 459 -19.09 7.59 46.18
N THR D 460 -19.18 8.90 46.42
CA THR D 460 -20.29 9.66 45.88
C THR D 460 -20.20 9.77 44.36
N LEU D 461 -18.98 9.86 43.83
CA LEU D 461 -18.82 9.82 42.38
C LEU D 461 -19.29 8.50 41.80
N LYS D 462 -18.97 7.39 42.49
CA LYS D 462 -19.44 6.08 42.05
C LYS D 462 -20.97 6.02 42.07
N LEU D 463 -21.58 6.55 43.13
CA LEU D 463 -23.04 6.54 43.22
C LEU D 463 -23.66 7.36 42.08
N ARG D 464 -23.11 8.53 41.78
CA ARG D 464 -23.64 9.33 40.68
C ARG D 464 -23.49 8.62 39.35
N LEU D 465 -22.35 7.97 39.12
CA LEU D 465 -22.15 7.24 37.87
C LEU D 465 -23.14 6.08 37.74
N LEU D 466 -23.40 5.36 38.84
CA LEU D 466 -24.39 4.30 38.79
C LEU D 466 -25.79 4.85 38.53
N ASN D 467 -26.13 5.97 39.14
CA ASN D 467 -27.45 6.57 38.94
C ASN D 467 -27.65 7.02 37.50
N ALA D 468 -26.59 7.53 36.87
CA ALA D 468 -26.72 8.08 35.51
C ALA D 468 -27.06 7.02 34.46
N LEU D 469 -26.92 5.73 34.79
CA LEU D 469 -27.22 4.67 33.84
C LEU D 469 -28.62 4.08 34.02
N GLY D 470 -29.15 4.07 35.23
CA GLY D 470 -30.40 3.40 35.51
C GLY D 470 -30.28 2.02 36.09
N ILE D 471 -29.07 1.60 36.49
CA ILE D 471 -28.85 0.27 37.01
C ILE D 471 -29.21 0.22 38.49
N ASP D 472 -29.85 -0.86 38.91
CA ASP D 472 -30.15 -1.06 40.32
C ASP D 472 -28.87 -1.18 41.13
N THR D 473 -28.88 -0.60 42.32
CA THR D 473 -27.70 -0.53 43.18
C THR D 473 -27.93 -1.26 44.49
N ALA D 474 -28.63 -2.40 44.44
CA ALA D 474 -28.91 -3.16 45.66
C ALA D 474 -27.63 -3.76 46.23
N GLY D 475 -26.98 -4.63 45.47
CA GLY D 475 -25.79 -5.31 45.95
C GLY D 475 -24.54 -5.01 45.16
N LEU D 476 -24.34 -3.75 44.77
CA LEU D 476 -23.15 -3.37 44.03
C LEU D 476 -22.22 -2.44 44.81
N LEU D 477 -22.64 -1.94 45.95
CA LEU D 477 -21.82 -1.06 46.77
C LEU D 477 -21.86 -1.53 48.22
N LEU D 478 -20.79 -1.24 48.94
CA LEU D 478 -20.62 -1.69 50.32
C LEU D 478 -21.04 -0.58 51.28
N THR D 479 -21.85 -0.94 52.27
CA THR D 479 -22.31 0.03 53.25
C THR D 479 -21.19 0.43 54.19
N GLN D 480 -21.45 1.46 55.00
CA GLN D 480 -20.45 1.90 55.98
C GLN D 480 -20.21 0.81 57.01
N ASP D 481 -21.27 0.18 57.50
CA ASP D 481 -21.14 -1.04 58.28
C ASP D 481 -20.97 -2.21 57.32
N GLU D 482 -20.90 -3.42 57.87
CA GLU D 482 -20.63 -4.64 57.09
C GLU D 482 -19.31 -4.57 56.35
N LYS D 483 -18.39 -3.71 56.79
CA LYS D 483 -17.04 -3.65 56.25
C LYS D 483 -15.99 -4.13 57.24
N ILE D 484 -16.36 -4.29 58.52
CA ILE D 484 -15.42 -4.80 59.51
C ILE D 484 -15.11 -6.27 59.24
N GLN D 485 -16.10 -7.03 58.78
CA GLN D 485 -15.91 -8.45 58.55
C GLN D 485 -14.84 -8.73 57.51
N ARG D 486 -14.70 -7.84 56.51
CA ARG D 486 -13.66 -8.01 55.51
C ARG D 486 -12.28 -7.97 56.14
N MET D 487 -12.03 -6.96 56.99
CA MET D 487 -10.75 -6.88 57.68
C MET D 487 -10.55 -8.08 58.60
N ALA D 488 -11.61 -8.52 59.28
CA ALA D 488 -11.49 -9.67 60.16
C ALA D 488 -11.04 -10.91 59.38
N GLU D 489 -11.66 -11.14 58.22
CA GLU D 489 -11.30 -12.31 57.42
C GLU D 489 -9.88 -12.22 56.90
N GLN D 490 -9.47 -11.04 56.42
CA GLN D 490 -8.10 -10.90 55.94
C GLN D 490 -7.09 -11.16 57.05
N SER D 491 -7.35 -10.61 58.23
CA SER D 491 -6.45 -10.81 59.37
C SER D 491 -6.36 -12.29 59.74
N SER D 492 -7.49 -12.98 59.76
CA SER D 492 -7.47 -14.40 60.09
C SER D 492 -6.64 -15.18 59.09
N GLN D 493 -6.83 -14.91 57.80
CA GLN D 493 -6.07 -15.64 56.78
C GLN D 493 -4.57 -15.42 56.94
N GLN D 494 -4.16 -14.16 57.12
CA GLN D 494 -2.74 -13.87 57.24
C GLN D 494 -2.16 -14.53 58.49
N ALA D 495 -2.85 -14.39 59.62
CA ALA D 495 -2.32 -14.93 60.88
C ALA D 495 -2.28 -16.44 60.89
N VAL D 496 -3.09 -17.12 60.07
CA VAL D 496 -2.99 -18.57 59.98
C VAL D 496 -1.84 -18.98 59.07
N VAL D 497 -1.79 -18.42 57.86
CA VAL D 497 -0.82 -18.87 56.87
C VAL D 497 0.60 -18.58 57.33
N GLN D 498 0.84 -17.35 57.81
CA GLN D 498 2.19 -17.00 58.25
C GLN D 498 2.62 -17.90 59.41
N GLY D 499 1.71 -18.15 60.35
CA GLY D 499 2.06 -18.98 61.49
C GLY D 499 2.46 -20.38 61.08
N ALA D 500 1.67 -21.02 60.21
CA ALA D 500 2.00 -22.38 59.79
C ALA D 500 3.32 -22.42 59.03
N SER D 501 3.52 -21.47 58.11
CA SER D 501 4.74 -21.46 57.32
C SER D 501 5.97 -21.28 58.21
N ALA D 502 5.89 -20.37 59.20
CA ALA D 502 7.03 -20.19 60.09
C ALA D 502 7.21 -21.37 61.02
N ALA D 503 6.14 -22.06 61.38
CA ALA D 503 6.24 -23.15 62.36
C ALA D 503 6.88 -24.39 61.77
N GLY D 504 6.64 -24.69 60.49
CA GLY D 504 7.20 -25.92 59.92
C GLY D 504 8.73 -25.92 59.88
N ALA D 505 9.31 -24.82 59.41
CA ALA D 505 10.74 -24.80 59.08
C ALA D 505 11.62 -24.95 60.31
N ASN D 506 11.25 -24.31 61.43
CA ASN D 506 12.07 -24.40 62.63
C ASN D 506 12.16 -25.83 63.14
N MET D 507 11.03 -26.54 63.18
CA MET D 507 11.05 -27.94 63.60
C MET D 507 11.88 -28.77 62.65
N GLY D 508 11.73 -28.55 61.34
CA GLY D 508 12.53 -29.30 60.39
C GLY D 508 14.02 -29.10 60.61
N ALA D 509 14.43 -27.85 60.77
CA ALA D 509 15.85 -27.55 60.98
C ALA D 509 16.36 -28.16 62.27
N ALA D 510 15.55 -28.10 63.33
CA ALA D 510 15.99 -28.66 64.61
C ALA D 510 16.21 -30.17 64.51
N VAL D 511 15.26 -30.88 63.90
CA VAL D 511 15.41 -32.33 63.82
C VAL D 511 16.58 -32.70 62.92
N GLY D 512 16.77 -31.96 61.81
CA GLY D 512 17.91 -32.23 60.97
C GLY D 512 19.24 -32.01 61.67
N GLN D 513 19.35 -30.92 62.43
CA GLN D 513 20.58 -30.64 63.16
C GLN D 513 20.86 -31.71 64.19
N GLY D 514 19.82 -32.13 64.93
CA GLY D 514 20.03 -33.17 65.93
C GLY D 514 20.46 -34.49 65.31
N ALA D 515 19.80 -34.89 64.23
CA ALA D 515 20.17 -36.14 63.57
C ALA D 515 21.60 -36.09 63.04
N GLY D 516 21.97 -34.98 62.42
CA GLY D 516 23.33 -34.85 61.91
C GLY D 516 24.36 -34.88 63.01
N GLU D 517 24.10 -34.19 64.12
CA GLU D 517 25.05 -34.19 65.23
C GLU D 517 25.21 -35.58 65.83
N ASP D 518 24.11 -36.31 65.96
CA ASP D 518 24.19 -37.65 66.53
C ASP D 518 24.83 -38.64 65.56
N MET D 519 24.70 -38.40 64.25
CA MET D 519 25.18 -39.38 63.27
C MET D 519 26.65 -39.17 62.94
N ALA D 520 27.09 -37.94 62.70
CA ALA D 520 28.41 -37.67 62.16
C ALA D 520 29.55 -37.98 63.14
N GLN D 521 29.25 -38.46 64.35
CA GLN D 521 30.30 -38.75 65.31
C GLN D 521 31.21 -39.88 64.82
N ALA D 522 30.63 -40.92 64.23
CA ALA D 522 31.42 -42.09 63.87
C ALA D 522 32.39 -41.78 62.74
N GLU E 3 -55.28 -69.18 16.53
CA GLU E 3 -54.25 -69.57 15.58
C GLU E 3 -54.38 -68.80 14.27
N ARG E 4 -53.75 -67.63 14.20
CA ARG E 4 -53.72 -66.82 12.99
C ARG E 4 -55.14 -66.47 12.53
N GLU E 5 -55.82 -65.68 13.37
CA GLU E 5 -57.23 -65.38 13.15
C GLU E 5 -57.48 -64.02 12.52
N GLY E 6 -56.77 -62.99 12.94
CA GLY E 6 -57.00 -61.64 12.46
C GLY E 6 -55.91 -61.20 11.50
N PHE E 7 -56.35 -60.70 10.33
CA PHE E 7 -55.46 -60.24 9.25
C PHE E 7 -54.70 -61.40 8.62
N ALA E 8 -54.82 -62.60 9.17
CA ALA E 8 -53.97 -63.72 8.78
C ALA E 8 -54.79 -64.99 8.63
N ALA E 9 -55.95 -64.89 7.99
CA ALA E 9 -56.81 -66.04 7.77
C ALA E 9 -56.71 -66.59 6.36
N GLU E 10 -55.73 -66.13 5.56
CA GLU E 10 -55.59 -66.63 4.20
C GLU E 10 -54.14 -66.87 3.80
N GLY E 11 -53.18 -66.73 4.70
CA GLY E 11 -51.80 -67.02 4.42
C GLY E 11 -51.01 -65.81 3.95
N ALA E 12 -49.69 -66.00 3.87
CA ALA E 12 -48.80 -64.90 3.50
C ALA E 12 -48.81 -64.62 2.01
N LYS E 13 -48.95 -65.64 1.16
CA LYS E 13 -48.91 -65.41 -0.28
C LYS E 13 -50.19 -64.79 -0.81
N ALA E 14 -51.34 -65.10 -0.20
CA ALA E 14 -52.60 -64.55 -0.68
C ALA E 14 -52.67 -63.05 -0.50
N VAL E 15 -52.18 -62.54 0.64
CA VAL E 15 -52.21 -61.10 0.89
C VAL E 15 -51.31 -60.35 -0.08
N TYR E 16 -50.13 -60.91 -0.35
CA TYR E 16 -49.17 -60.24 -1.23
C TYR E 16 -49.76 -59.98 -2.61
N ASP E 17 -50.41 -60.99 -3.18
CA ASP E 17 -50.95 -60.85 -4.53
C ASP E 17 -52.15 -59.92 -4.59
N ARG E 18 -52.94 -59.83 -3.52
CA ARG E 18 -54.02 -58.85 -3.47
C ARG E 18 -53.46 -57.43 -3.42
N LEU E 19 -52.50 -57.18 -2.53
CA LEU E 19 -52.02 -55.82 -2.35
C LEU E 19 -51.01 -55.39 -3.41
N LYS E 20 -50.52 -56.31 -4.24
CA LYS E 20 -49.56 -55.94 -5.27
C LYS E 20 -50.10 -54.94 -6.27
N ASN E 21 -51.42 -54.81 -6.40
CA ASN E 21 -52.01 -53.96 -7.44
C ASN E 21 -52.02 -52.49 -7.08
N GLY E 22 -51.65 -52.12 -5.85
CA GLY E 22 -51.69 -50.72 -5.44
C GLY E 22 -50.48 -49.89 -5.75
N ARG E 23 -49.38 -50.52 -6.15
CA ARG E 23 -48.12 -49.83 -6.37
C ARG E 23 -47.93 -49.33 -7.80
N GLN E 24 -48.84 -49.67 -8.71
CA GLN E 24 -48.60 -49.40 -10.12
C GLN E 24 -48.40 -47.93 -10.45
N PRO E 25 -49.23 -46.99 -9.96
CA PRO E 25 -48.98 -45.58 -10.29
C PRO E 25 -47.61 -45.10 -9.84
N TYR E 26 -47.16 -45.53 -8.66
CA TYR E 26 -45.89 -45.06 -8.13
C TYR E 26 -44.72 -45.56 -8.98
N GLU E 27 -44.74 -46.83 -9.38
CA GLU E 27 -43.70 -47.36 -10.25
C GLU E 27 -43.69 -46.67 -11.60
N THR E 28 -44.88 -46.50 -12.20
CA THR E 28 -44.96 -45.84 -13.50
C THR E 28 -44.45 -44.41 -13.42
N ARG E 29 -44.71 -43.73 -12.31
CA ARG E 29 -44.29 -42.35 -12.16
C ARG E 29 -42.79 -42.27 -11.88
N ALA E 30 -42.24 -43.25 -11.16
CA ALA E 30 -40.82 -43.26 -10.83
C ALA E 30 -39.93 -43.65 -11.99
N GLN E 31 -40.43 -44.44 -12.95
CA GLN E 31 -39.62 -44.80 -14.10
C GLN E 31 -39.40 -43.64 -15.08
N ASN E 32 -40.18 -42.58 -14.98
CA ASN E 32 -40.00 -41.44 -15.89
C ASN E 32 -38.94 -40.48 -15.39
N CYS E 33 -38.79 -40.34 -14.07
CA CYS E 33 -37.76 -39.45 -13.54
C CYS E 33 -36.37 -40.01 -13.79
N ALA E 34 -36.21 -41.33 -13.67
CA ALA E 34 -34.91 -41.96 -13.89
C ALA E 34 -34.73 -42.33 -15.36
N ALA E 35 -35.01 -41.37 -16.24
CA ALA E 35 -34.72 -41.50 -17.67
C ALA E 35 -34.11 -40.24 -18.25
N VAL E 36 -34.19 -39.11 -17.55
CA VAL E 36 -33.50 -37.88 -17.95
C VAL E 36 -32.33 -37.54 -17.06
N THR E 37 -32.12 -38.28 -15.97
CA THR E 37 -31.00 -38.03 -15.07
C THR E 37 -30.00 -39.18 -15.07
N ILE E 38 -30.42 -40.38 -14.69
CA ILE E 38 -29.57 -41.57 -14.69
C ILE E 38 -30.44 -42.77 -15.03
N PRO E 39 -30.37 -43.30 -16.26
CA PRO E 39 -31.30 -44.35 -16.68
C PRO E 39 -31.05 -45.72 -16.08
N SER E 40 -29.96 -45.92 -15.32
CA SER E 40 -29.66 -47.22 -14.73
C SER E 40 -29.88 -47.23 -13.22
N LEU E 41 -30.60 -46.26 -12.69
CA LEU E 41 -30.83 -46.16 -11.25
C LEU E 41 -32.11 -46.85 -10.81
N PHE E 42 -33.10 -46.94 -11.69
CA PHE E 42 -34.35 -47.65 -11.40
C PHE E 42 -34.63 -48.63 -12.54
N PRO E 43 -33.95 -49.78 -12.53
CA PRO E 43 -34.22 -50.78 -13.57
C PRO E 43 -35.61 -51.37 -13.42
N LYS E 44 -36.16 -51.83 -14.54
CA LYS E 44 -37.47 -52.45 -14.55
C LYS E 44 -37.42 -53.81 -13.84
N GLU E 45 -38.59 -54.43 -13.72
CA GLU E 45 -38.72 -55.70 -13.03
C GLU E 45 -38.35 -56.89 -13.91
N SER E 46 -38.27 -56.71 -15.22
CA SER E 46 -38.03 -57.81 -16.14
C SER E 46 -36.82 -57.55 -17.03
N ASP E 47 -35.71 -57.13 -16.44
CA ASP E 47 -34.49 -56.84 -17.18
C ASP E 47 -33.42 -57.88 -16.87
N ASN E 48 -32.51 -58.05 -17.82
CA ASN E 48 -31.46 -59.06 -17.72
C ASN E 48 -30.16 -58.46 -18.23
N SER E 49 -29.18 -59.33 -18.48
CA SER E 49 -27.83 -58.92 -18.81
C SER E 49 -27.65 -58.55 -20.28
N SER E 50 -28.72 -58.29 -21.01
CA SER E 50 -28.63 -57.88 -22.40
C SER E 50 -29.18 -56.48 -22.66
N THR E 51 -29.80 -55.85 -21.68
CA THR E 51 -30.37 -54.53 -21.87
C THR E 51 -29.28 -53.48 -22.05
N GLU E 52 -29.60 -52.42 -22.78
CA GLU E 52 -28.69 -51.32 -23.04
C GLU E 52 -29.34 -50.01 -22.61
N TYR E 53 -28.57 -49.18 -21.90
CA TYR E 53 -29.06 -47.91 -21.39
C TYR E 53 -28.38 -46.78 -22.16
N THR E 54 -29.18 -45.87 -22.71
CA THR E 54 -28.68 -44.86 -23.63
C THR E 54 -28.50 -43.52 -22.91
N THR E 55 -27.42 -42.82 -23.27
CA THR E 55 -27.11 -41.55 -22.64
C THR E 55 -28.14 -40.49 -23.02
N PRO E 56 -28.63 -39.70 -22.07
CA PRO E 56 -29.50 -38.57 -22.43
C PRO E 56 -28.76 -37.49 -23.19
N TRP E 57 -29.52 -36.53 -23.69
CA TRP E 57 -28.96 -35.47 -24.53
C TRP E 57 -28.40 -34.30 -23.75
N GLN E 58 -28.60 -34.25 -22.43
CA GLN E 58 -28.31 -33.05 -21.64
C GLN E 58 -27.14 -33.21 -20.69
N ALA E 59 -27.11 -34.28 -19.89
CA ALA E 59 -26.07 -34.50 -18.88
C ALA E 59 -25.97 -33.34 -17.89
N VAL E 60 -27.13 -32.77 -17.55
CA VAL E 60 -27.20 -31.74 -16.53
C VAL E 60 -27.94 -32.21 -15.29
N GLY E 61 -28.89 -33.12 -15.42
CA GLY E 61 -29.66 -33.65 -14.31
C GLY E 61 -28.95 -34.68 -13.47
N ALA E 62 -27.71 -35.02 -13.80
CA ALA E 62 -26.95 -35.95 -12.98
C ALA E 62 -26.12 -35.24 -11.92
N ARG E 63 -25.60 -34.05 -12.24
CA ARG E 63 -24.83 -33.29 -11.26
C ARG E 63 -25.67 -32.94 -10.05
N CYS E 64 -26.90 -32.47 -10.27
CA CYS E 64 -27.76 -32.06 -9.18
C CYS E 64 -28.09 -33.22 -8.26
N LEU E 65 -28.42 -34.38 -8.85
CA LEU E 65 -28.77 -35.54 -8.04
C LEU E 65 -27.56 -36.08 -7.29
N ASN E 66 -26.37 -36.00 -7.89
CA ASN E 66 -25.17 -36.46 -7.20
C ASN E 66 -24.72 -35.50 -6.10
N ASN E 67 -25.05 -34.22 -6.21
CA ASN E 67 -24.62 -33.23 -5.22
C ASN E 67 -25.56 -33.13 -4.04
N LEU E 68 -26.88 -33.13 -4.29
CA LEU E 68 -27.83 -32.98 -3.20
C LEU E 68 -27.76 -34.15 -2.23
N ALA E 69 -27.57 -35.36 -2.74
CA ALA E 69 -27.45 -36.52 -1.87
C ALA E 69 -26.24 -36.42 -0.96
N ALA E 70 -25.10 -35.96 -1.51
CA ALA E 70 -23.91 -35.82 -0.69
C ALA E 70 -24.10 -34.76 0.40
N LYS E 71 -24.72 -33.63 0.06
CA LYS E 71 -24.96 -32.61 1.07
C LYS E 71 -25.90 -33.11 2.17
N LEU E 72 -26.97 -33.81 1.79
CA LEU E 72 -27.88 -34.35 2.78
C LEU E 72 -27.20 -35.36 3.68
N MET E 73 -26.37 -36.24 3.10
CA MET E 73 -25.65 -37.22 3.90
C MET E 73 -24.69 -36.54 4.87
N LEU E 74 -23.99 -35.50 4.42
CA LEU E 74 -23.09 -34.78 5.32
C LEU E 74 -23.85 -34.08 6.45
N ALA E 75 -25.03 -33.54 6.17
CA ALA E 75 -25.77 -32.82 7.21
C ALA E 75 -26.42 -33.76 8.22
N LEU E 76 -27.02 -34.86 7.75
CA LEU E 76 -27.83 -35.69 8.64
C LEU E 76 -26.98 -36.56 9.57
N PHE E 77 -25.87 -37.11 9.08
CA PHE E 77 -25.08 -38.10 9.82
C PHE E 77 -23.63 -37.63 9.90
N PRO E 78 -23.31 -36.73 10.84
CA PRO E 78 -21.92 -36.30 11.00
C PRO E 78 -21.10 -37.28 11.81
N GLN E 79 -19.83 -36.98 12.04
CA GLN E 79 -18.95 -37.88 12.79
C GLN E 79 -19.18 -37.81 14.30
N SER E 80 -19.40 -36.63 14.84
CA SER E 80 -19.70 -36.49 16.26
C SER E 80 -21.11 -36.99 16.55
N PRO E 81 -21.38 -37.44 17.78
CA PRO E 81 -22.66 -38.10 18.05
C PRO E 81 -23.85 -37.19 17.82
N TRP E 82 -24.96 -37.79 17.41
CA TRP E 82 -26.23 -37.10 17.20
C TRP E 82 -27.33 -37.64 18.10
N MET E 83 -27.03 -37.84 19.38
CA MET E 83 -28.01 -38.18 20.39
C MET E 83 -27.49 -37.69 21.73
N ARG E 84 -28.41 -37.44 22.68
CA ARG E 84 -28.00 -36.80 23.93
C ARG E 84 -28.32 -37.62 25.18
N LEU E 85 -29.53 -38.15 25.32
CA LEU E 85 -29.97 -38.82 26.54
C LEU E 85 -29.87 -37.89 27.76
N THR E 86 -30.72 -36.86 27.72
CA THR E 86 -30.49 -35.66 28.54
C THR E 86 -30.86 -35.82 30.01
N VAL E 87 -31.84 -36.66 30.34
CA VAL E 87 -32.45 -36.87 31.68
C VAL E 87 -32.93 -35.56 32.31
N SER E 88 -33.97 -35.62 33.14
CA SER E 88 -34.61 -34.44 33.67
C SER E 88 -33.69 -33.69 34.65
N GLU E 89 -34.18 -32.57 35.14
CA GLU E 89 -33.42 -31.68 36.02
C GLU E 89 -34.05 -31.49 37.39
N TYR E 90 -35.35 -31.20 37.45
CA TYR E 90 -36.02 -31.01 38.73
C TYR E 90 -36.04 -32.28 39.57
N GLU E 91 -36.02 -33.45 38.94
CA GLU E 91 -35.93 -34.70 39.67
C GLU E 91 -34.52 -34.98 40.18
N ALA E 92 -33.50 -34.61 39.42
CA ALA E 92 -32.12 -34.83 39.85
C ALA E 92 -31.72 -33.85 40.95
N LYS E 93 -32.22 -32.61 40.88
CA LYS E 93 -31.84 -31.60 41.86
C LYS E 93 -32.45 -31.89 43.23
N THR E 94 -33.68 -32.43 43.25
CA THR E 94 -34.40 -32.61 44.50
C THR E 94 -34.02 -33.89 45.23
N LEU E 95 -33.26 -34.79 44.61
CA LEU E 95 -32.85 -36.03 45.25
C LEU E 95 -31.38 -36.05 45.66
N SER E 96 -30.58 -35.12 45.18
CA SER E 96 -29.16 -35.12 45.48
C SER E 96 -28.88 -34.35 46.76
N GLN E 97 -27.68 -34.55 47.29
CA GLN E 97 -27.23 -33.87 48.51
C GLN E 97 -25.96 -33.06 48.31
N ASP E 98 -25.00 -33.58 47.55
CA ASP E 98 -23.76 -32.87 47.29
C ASP E 98 -23.95 -31.90 46.13
N SER E 99 -22.85 -31.36 45.61
CA SER E 99 -22.90 -30.42 44.49
C SER E 99 -22.49 -31.04 43.17
N GLU E 100 -21.67 -32.09 43.18
CA GLU E 100 -21.18 -32.70 41.95
C GLU E 100 -21.98 -33.89 41.49
N ALA E 101 -23.03 -34.28 42.21
CA ALA E 101 -23.82 -35.45 41.81
C ALA E 101 -24.45 -35.25 40.44
N ALA E 102 -25.00 -34.06 40.20
CA ALA E 102 -25.57 -33.76 38.89
C ALA E 102 -24.52 -33.81 37.80
N ALA E 103 -23.29 -33.40 38.11
CA ALA E 103 -22.20 -33.52 37.14
C ALA E 103 -21.68 -34.94 37.03
N ARG E 104 -21.89 -35.78 38.05
CA ARG E 104 -21.46 -37.17 37.98
C ARG E 104 -22.44 -38.03 37.20
N VAL E 105 -23.71 -37.63 37.11
CA VAL E 105 -24.67 -38.42 36.35
C VAL E 105 -24.35 -38.41 34.86
N ASP E 106 -23.85 -37.28 34.33
CA ASP E 106 -23.67 -37.15 32.88
C ASP E 106 -22.60 -38.06 32.30
N GLU E 107 -21.65 -38.52 33.12
CA GLU E 107 -20.57 -39.35 32.59
C GLU E 107 -21.09 -40.66 32.04
N GLY E 108 -22.04 -41.30 32.74
CA GLY E 108 -22.62 -42.53 32.23
C GLY E 108 -23.35 -42.33 30.92
N LEU E 109 -24.08 -41.22 30.81
CA LEU E 109 -24.79 -40.92 29.56
C LEU E 109 -23.81 -40.73 28.41
N ALA E 110 -22.71 -40.01 28.66
CA ALA E 110 -21.68 -39.86 27.63
C ALA E 110 -21.12 -41.21 27.21
N MET E 111 -20.85 -42.08 28.18
CA MET E 111 -20.34 -43.41 27.85
C MET E 111 -21.32 -44.18 26.98
N VAL E 112 -22.62 -44.10 27.31
CA VAL E 112 -23.62 -44.83 26.53
C VAL E 112 -23.66 -44.33 25.10
N GLU E 113 -23.59 -43.00 24.92
CA GLU E 113 -23.58 -42.47 23.55
C GLU E 113 -22.35 -42.96 22.78
N ARG E 114 -21.18 -42.97 23.44
CA ARG E 114 -19.98 -43.43 22.76
C ARG E 114 -20.10 -44.89 22.33
N VAL E 115 -20.63 -45.74 23.20
CA VAL E 115 -20.80 -47.14 22.85
C VAL E 115 -21.78 -47.29 21.68
N LEU E 116 -22.87 -46.52 21.71
CA LEU E 116 -23.87 -46.63 20.64
C LEU E 116 -23.28 -46.24 19.29
N MET E 117 -22.45 -45.18 19.25
CA MET E 117 -21.84 -44.80 17.98
C MET E 117 -20.79 -45.83 17.53
N ALA E 118 -20.01 -46.36 18.46
CA ALA E 118 -19.00 -47.35 18.08
C ALA E 118 -19.63 -48.60 17.48
N TYR E 119 -20.74 -49.07 18.05
CA TYR E 119 -21.39 -50.26 17.51
C TYR E 119 -21.83 -50.04 16.07
N MET E 120 -22.41 -48.88 15.76
CA MET E 120 -22.79 -48.58 14.38
C MET E 120 -21.57 -48.51 13.47
N GLU E 121 -20.46 -47.98 13.98
CA GLU E 121 -19.26 -47.88 13.13
C GLU E 121 -18.69 -49.25 12.79
N THR E 122 -18.72 -50.19 13.74
CA THR E 122 -18.11 -51.49 13.51
C THR E 122 -18.88 -52.31 12.47
N ASN E 123 -20.21 -52.33 12.56
CA ASN E 123 -21.02 -53.19 11.70
C ASN E 123 -21.39 -52.54 10.37
N SER E 124 -20.83 -51.38 10.06
CA SER E 124 -20.96 -50.75 8.75
C SER E 124 -22.43 -50.48 8.39
N PHE E 125 -23.03 -49.59 9.18
CA PHE E 125 -24.36 -49.08 8.88
C PHE E 125 -24.33 -47.92 7.89
N ARG E 126 -23.20 -47.68 7.22
CA ARG E 126 -23.03 -46.48 6.42
C ARG E 126 -23.17 -46.71 4.92
N VAL E 127 -22.84 -47.88 4.42
CA VAL E 127 -23.04 -48.18 3.00
C VAL E 127 -24.53 -48.22 2.66
N PRO E 128 -25.39 -48.92 3.40
CA PRO E 128 -26.82 -48.91 3.05
C PRO E 128 -27.47 -47.54 3.15
N LEU E 129 -27.04 -46.69 4.08
CA LEU E 129 -27.70 -45.40 4.28
C LEU E 129 -27.49 -44.48 3.09
N PHE E 130 -26.28 -44.47 2.53
CA PHE E 130 -26.04 -43.63 1.35
C PHE E 130 -26.90 -44.10 0.18
N GLU E 131 -27.03 -45.41 0.00
CA GLU E 131 -27.90 -45.92 -1.06
C GLU E 131 -29.35 -45.53 -0.83
N ALA E 132 -29.81 -45.62 0.42
CA ALA E 132 -31.19 -45.28 0.73
C ALA E 132 -31.46 -43.81 0.45
N LEU E 133 -30.52 -42.93 0.78
CA LEU E 133 -30.76 -41.50 0.61
C LEU E 133 -30.98 -41.09 -0.83
N LYS E 134 -30.40 -41.79 -1.80
CA LYS E 134 -30.57 -41.44 -3.20
C LYS E 134 -31.65 -42.27 -3.89
N GLN E 135 -32.33 -43.15 -3.16
CA GLN E 135 -33.57 -43.74 -3.65
C GLN E 135 -34.79 -42.92 -3.25
N LEU E 136 -34.68 -42.14 -2.18
CA LEU E 136 -35.77 -41.28 -1.76
C LEU E 136 -35.98 -40.11 -2.71
N ILE E 137 -34.93 -39.68 -3.41
CA ILE E 137 -35.05 -38.55 -4.32
C ILE E 137 -35.66 -38.95 -5.66
N VAL E 138 -35.53 -40.20 -6.08
CA VAL E 138 -36.05 -40.66 -7.36
C VAL E 138 -37.42 -41.32 -7.21
N SER E 139 -37.53 -42.32 -6.34
CA SER E 139 -38.78 -43.04 -6.15
C SER E 139 -39.57 -42.57 -4.94
N GLY E 140 -38.90 -42.29 -3.83
CA GLY E 140 -39.55 -41.78 -2.64
C GLY E 140 -39.83 -42.80 -1.56
N ASN E 141 -39.35 -44.03 -1.69
CA ASN E 141 -39.66 -45.10 -0.74
C ASN E 141 -38.45 -46.00 -0.55
N CYS E 142 -38.36 -46.60 0.63
CA CYS E 142 -37.37 -47.63 0.92
C CYS E 142 -37.75 -48.29 2.24
N LEU E 143 -37.04 -49.38 2.56
CA LEU E 143 -37.26 -50.12 3.80
C LEU E 143 -35.91 -50.45 4.43
N LEU E 144 -35.90 -50.65 5.74
CA LEU E 144 -34.68 -50.97 6.47
C LEU E 144 -34.96 -52.07 7.49
N TYR E 145 -33.99 -52.95 7.68
CA TYR E 145 -34.10 -54.07 8.60
C TYR E 145 -32.84 -54.16 9.45
N ILE E 146 -33.03 -54.38 10.76
CA ILE E 146 -31.91 -54.43 11.70
C ILE E 146 -31.88 -55.78 12.41
N PRO E 147 -30.93 -56.65 12.08
CA PRO E 147 -30.90 -57.99 12.71
C PRO E 147 -30.53 -57.92 14.18
N GLU E 148 -30.89 -58.99 14.89
CA GLU E 148 -30.63 -59.05 16.32
C GLU E 148 -29.13 -59.09 16.60
N PRO E 149 -28.65 -58.33 17.58
CA PRO E 149 -27.21 -58.29 17.84
C PRO E 149 -26.69 -59.54 18.51
N GLU E 150 -25.39 -59.79 18.31
CA GLU E 150 -24.68 -60.87 18.95
C GLU E 150 -23.34 -60.36 19.47
N GLN E 151 -22.60 -61.25 20.13
CA GLN E 151 -21.38 -60.80 20.82
C GLN E 151 -20.18 -60.73 19.87
N GLY E 152 -19.99 -61.74 19.02
CA GLY E 152 -18.80 -61.80 18.21
C GLY E 152 -18.99 -62.19 16.75
N THR E 153 -20.10 -61.80 16.15
CA THR E 153 -20.39 -62.15 14.76
C THR E 153 -20.79 -60.91 13.97
N TYR E 154 -20.49 -60.94 12.68
CA TYR E 154 -20.85 -59.87 11.77
C TYR E 154 -22.33 -59.95 11.42
N SER E 155 -23.02 -58.82 11.53
CA SER E 155 -24.47 -58.78 11.26
C SER E 155 -24.84 -57.40 10.75
N PRO E 156 -24.73 -57.18 9.45
CA PRO E 156 -24.95 -55.85 8.88
C PRO E 156 -26.42 -55.57 8.61
N MET E 157 -26.69 -54.33 8.23
CA MET E 157 -28.03 -53.86 7.89
C MET E 157 -28.39 -54.27 6.46
N ARG E 158 -29.69 -54.25 6.16
CA ARG E 158 -30.20 -54.59 4.84
C ARG E 158 -31.21 -53.55 4.38
N MET E 159 -31.32 -53.40 3.07
CA MET E 159 -32.25 -52.44 2.46
C MET E 159 -33.04 -53.11 1.34
N TYR E 160 -34.34 -52.85 1.31
CA TYR E 160 -35.23 -53.39 0.29
C TYR E 160 -35.75 -52.24 -0.59
N ARG E 161 -35.88 -52.51 -1.88
CA ARG E 161 -36.34 -51.50 -2.83
C ARG E 161 -37.88 -51.51 -2.87
N LEU E 162 -38.45 -50.65 -3.71
CA LEU E 162 -39.91 -50.54 -3.78
C LEU E 162 -40.58 -51.74 -4.43
N VAL E 163 -39.82 -52.60 -5.11
CA VAL E 163 -40.40 -53.71 -5.86
C VAL E 163 -40.32 -55.01 -5.06
N SER E 164 -40.25 -54.94 -3.73
CA SER E 164 -40.13 -56.15 -2.93
C SER E 164 -40.93 -56.15 -1.64
N TYR E 165 -41.87 -55.21 -1.44
CA TYR E 165 -42.67 -55.22 -0.23
C TYR E 165 -43.97 -54.46 -0.48
N VAL E 166 -44.94 -54.67 0.42
CA VAL E 166 -46.24 -54.02 0.36
C VAL E 166 -46.64 -53.57 1.75
N VAL E 167 -47.29 -52.40 1.83
CA VAL E 167 -47.70 -51.80 3.10
C VAL E 167 -49.16 -51.41 3.01
N GLN E 168 -49.93 -51.69 4.07
CA GLN E 168 -51.30 -51.20 4.20
C GLN E 168 -51.36 -50.25 5.39
N ARG E 169 -51.81 -49.02 5.15
CA ARG E 169 -51.79 -47.96 6.14
C ARG E 169 -53.18 -47.39 6.33
N ASP E 170 -53.47 -46.98 7.56
CA ASP E 170 -54.76 -46.40 7.90
C ASP E 170 -54.87 -44.98 7.35
N ALA E 171 -56.10 -44.46 7.33
CA ALA E 171 -56.30 -43.08 6.91
C ALA E 171 -55.72 -42.10 7.92
N PHE E 172 -55.63 -42.49 9.19
CA PHE E 172 -55.00 -41.65 10.20
C PHE E 172 -53.48 -41.67 10.08
N GLY E 173 -52.90 -42.78 9.63
CA GLY E 173 -51.47 -42.88 9.44
C GLY E 173 -50.79 -43.98 10.23
N ASN E 174 -51.53 -45.03 10.57
CA ASN E 174 -50.99 -46.14 11.34
C ASN E 174 -50.69 -47.32 10.43
N ILE E 175 -49.69 -48.11 10.83
CA ILE E 175 -49.23 -49.25 10.06
C ILE E 175 -49.92 -50.52 10.56
N LEU E 176 -50.47 -51.29 9.63
CA LEU E 176 -51.23 -52.49 9.96
C LEU E 176 -50.61 -53.79 9.45
N GLN E 177 -49.96 -53.79 8.28
CA GLN E 177 -49.43 -55.01 7.71
C GLN E 177 -48.17 -54.72 6.91
N ILE E 178 -47.27 -55.71 6.86
CA ILE E 178 -46.05 -55.66 6.06
C ILE E 178 -45.72 -57.07 5.61
N VAL E 179 -45.41 -57.24 4.32
CA VAL E 179 -44.99 -58.52 3.76
C VAL E 179 -43.78 -58.30 2.85
N THR E 180 -42.81 -59.20 2.91
CA THR E 180 -41.60 -59.10 2.10
C THR E 180 -41.33 -60.42 1.38
N LEU E 181 -40.50 -60.36 0.34
CA LEU E 181 -40.23 -61.49 -0.53
C LEU E 181 -38.74 -61.61 -0.81
N ASP E 182 -38.21 -62.84 -0.69
CA ASP E 182 -36.81 -63.12 -0.97
C ASP E 182 -36.69 -64.38 -1.82
N LYS E 183 -35.59 -64.49 -2.55
CA LYS E 183 -35.29 -65.66 -3.37
C LYS E 183 -33.89 -66.17 -3.02
N VAL E 184 -33.81 -67.41 -2.56
CA VAL E 184 -32.53 -68.01 -2.17
C VAL E 184 -32.43 -69.39 -2.79
N ALA E 185 -31.19 -69.88 -2.88
CA ALA E 185 -30.91 -71.19 -3.45
C ALA E 185 -30.98 -72.26 -2.37
N PHE E 186 -31.11 -73.51 -2.80
CA PHE E 186 -31.33 -74.61 -1.87
C PHE E 186 -30.12 -74.83 -0.97
N SER E 187 -28.91 -74.76 -1.52
CA SER E 187 -27.71 -75.04 -0.74
C SER E 187 -27.34 -73.90 0.20
N ALA E 188 -27.87 -72.70 -0.02
CA ALA E 188 -27.58 -71.56 0.84
C ALA E 188 -28.55 -71.45 2.01
N LEU E 189 -29.57 -72.29 2.07
CA LEU E 189 -30.51 -72.25 3.17
C LEU E 189 -29.85 -72.76 4.46
N PRO E 190 -30.26 -72.26 5.61
CA PRO E 190 -29.77 -72.83 6.88
C PRO E 190 -30.24 -74.25 7.05
N GLU E 191 -29.44 -75.04 7.78
CA GLU E 191 -29.71 -76.47 7.92
C GLU E 191 -31.01 -76.73 8.69
N ASP E 192 -31.36 -75.84 9.63
CA ASP E 192 -32.60 -76.04 10.38
C ASP E 192 -33.82 -75.99 9.47
N VAL E 193 -33.85 -75.05 8.53
CA VAL E 193 -34.94 -74.99 7.57
C VAL E 193 -34.86 -76.16 6.60
N LYS E 194 -33.65 -76.50 6.16
CA LYS E 194 -33.49 -77.61 5.23
C LYS E 194 -33.94 -78.93 5.84
N SER E 195 -33.91 -79.04 7.16
CA SER E 195 -34.30 -80.27 7.85
C SER E 195 -35.78 -80.57 7.78
N GLN E 196 -36.60 -79.63 7.29
CA GLN E 196 -38.04 -79.83 7.21
C GLN E 196 -38.50 -80.05 5.77
N LEU E 197 -37.60 -80.40 4.87
CA LEU E 197 -37.92 -80.70 3.48
C LEU E 197 -37.27 -82.02 3.08
N ASN E 198 -37.50 -82.44 1.84
CA ASN E 198 -36.89 -83.64 1.29
C ASN E 198 -35.82 -83.25 0.28
N ALA E 199 -34.61 -83.75 0.47
CA ALA E 199 -33.49 -83.34 -0.37
C ALA E 199 -33.55 -83.96 -1.76
N ASP E 200 -34.21 -85.11 -1.89
CA ASP E 200 -34.22 -85.82 -3.17
C ASP E 200 -34.91 -85.00 -4.25
N ASP E 201 -36.00 -84.31 -3.90
CA ASP E 201 -36.77 -83.57 -4.88
C ASP E 201 -36.09 -82.30 -5.36
N TYR E 202 -35.05 -81.85 -4.68
CA TYR E 202 -34.41 -80.57 -5.00
C TYR E 202 -32.97 -80.78 -5.43
N GLU E 203 -32.53 -79.92 -6.32
CA GLU E 203 -31.20 -79.83 -6.89
C GLU E 203 -30.48 -78.60 -6.35
N PRO E 204 -29.15 -78.67 -6.16
CA PRO E 204 -28.42 -77.44 -5.84
C PRO E 204 -28.62 -76.40 -6.93
N ASP E 205 -28.69 -75.14 -6.51
CA ASP E 205 -28.98 -74.01 -7.41
C ASP E 205 -30.40 -74.12 -7.99
N THR E 206 -31.37 -74.30 -7.11
CA THR E 206 -32.79 -74.13 -7.43
C THR E 206 -33.39 -73.17 -6.44
N GLU E 207 -34.07 -72.15 -6.94
CA GLU E 207 -34.49 -71.03 -6.11
C GLU E 207 -35.83 -71.30 -5.43
N LEU E 208 -35.94 -70.86 -4.18
CA LEU E 208 -37.17 -70.92 -3.41
C LEU E 208 -37.57 -69.51 -3.01
N GLU E 209 -38.86 -69.31 -2.77
CA GLU E 209 -39.38 -68.01 -2.35
C GLU E 209 -39.80 -68.08 -0.89
N VAL E 210 -39.35 -67.11 -0.10
CA VAL E 210 -39.59 -67.07 1.34
C VAL E 210 -40.37 -65.80 1.67
N TYR E 211 -41.43 -65.95 2.47
CA TYR E 211 -42.30 -64.85 2.81
C TYR E 211 -42.26 -64.60 4.31
N THR E 212 -42.39 -63.33 4.70
CA THR E 212 -42.43 -62.92 6.10
C THR E 212 -43.63 -62.01 6.30
N HIS E 213 -44.39 -62.23 7.37
CA HIS E 213 -45.64 -61.53 7.62
C HIS E 213 -45.62 -60.92 9.02
N ILE E 214 -45.89 -59.62 9.11
CA ILE E 214 -45.99 -58.91 10.38
C ILE E 214 -47.33 -58.19 10.42
N TYR E 215 -48.11 -58.44 11.47
CA TYR E 215 -49.43 -57.84 11.59
C TYR E 215 -49.69 -57.47 13.05
N ARG E 216 -50.70 -56.63 13.26
CA ARG E 216 -51.00 -56.06 14.56
C ARG E 216 -52.20 -56.75 15.18
N GLN E 217 -52.09 -57.12 16.45
CA GLN E 217 -53.19 -57.75 17.17
C GLN E 217 -53.09 -57.43 18.65
N ASP E 218 -54.01 -56.61 19.15
CA ASP E 218 -54.16 -56.31 20.57
C ASP E 218 -52.89 -55.72 21.18
N ASP E 219 -52.54 -54.52 20.70
CA ASP E 219 -51.47 -53.71 21.27
C ASP E 219 -50.10 -54.37 21.17
N GLU E 220 -49.85 -55.16 20.13
CA GLU E 220 -48.53 -55.72 19.91
C GLU E 220 -48.46 -56.21 18.47
N TYR E 221 -47.30 -56.75 18.10
CA TYR E 221 -47.04 -57.24 16.77
C TYR E 221 -46.71 -58.74 16.82
N LEU E 222 -47.06 -59.44 15.74
CA LEU E 222 -46.81 -60.87 15.64
C LEU E 222 -46.05 -61.16 14.36
N ARG E 223 -45.35 -62.29 14.33
CA ARG E 223 -44.41 -62.59 13.25
C ARG E 223 -44.37 -64.09 12.97
N TYR E 224 -44.27 -64.46 11.69
CA TYR E 224 -44.06 -65.85 11.29
C TYR E 224 -43.54 -65.88 9.87
N GLU E 225 -43.09 -67.06 9.44
CA GLU E 225 -42.43 -67.24 8.16
C GLU E 225 -43.00 -68.44 7.41
N GLU E 226 -43.25 -68.26 6.12
CA GLU E 226 -43.88 -69.28 5.28
C GLU E 226 -43.02 -69.51 4.04
N VAL E 227 -42.78 -70.77 3.69
CA VAL E 227 -41.80 -71.12 2.66
C VAL E 227 -42.46 -71.61 1.36
N GLU E 228 -43.19 -72.72 1.40
CA GLU E 228 -43.88 -73.22 0.21
C GLU E 228 -45.38 -73.06 0.32
N GLY E 229 -45.98 -73.69 1.33
CA GLY E 229 -47.37 -73.48 1.67
C GLY E 229 -47.58 -73.63 3.16
N ILE E 230 -46.48 -73.80 3.90
CA ILE E 230 -46.52 -74.14 5.31
C ILE E 230 -45.67 -73.15 6.08
N GLU E 231 -45.93 -73.08 7.38
CA GLU E 231 -45.22 -72.19 8.28
C GLU E 231 -44.01 -72.93 8.85
N VAL E 232 -42.82 -72.35 8.68
CA VAL E 232 -41.60 -73.00 9.16
C VAL E 232 -41.54 -72.90 10.68
N ALA E 233 -41.34 -74.03 11.33
CA ALA E 233 -41.26 -74.06 12.78
C ALA E 233 -39.98 -73.39 13.28
N GLY E 234 -40.09 -72.69 14.39
CA GLY E 234 -38.95 -72.04 14.99
C GLY E 234 -38.76 -70.59 14.62
N THR E 235 -39.74 -69.96 13.97
CA THR E 235 -39.64 -68.55 13.60
C THR E 235 -40.65 -67.67 14.31
N GLU E 236 -41.42 -68.20 15.26
CA GLU E 236 -42.42 -67.42 15.95
C GLU E 236 -41.76 -66.32 16.78
N GLY E 237 -42.48 -65.21 16.94
CA GLY E 237 -41.94 -64.11 17.72
C GLY E 237 -42.97 -63.04 17.93
N SER E 238 -42.54 -61.97 18.61
CA SER E 238 -43.40 -60.82 18.90
C SER E 238 -42.53 -59.61 19.17
N TYR E 239 -43.10 -58.44 18.97
CA TYR E 239 -42.41 -57.18 19.16
C TYR E 239 -43.30 -56.20 19.93
N PRO E 240 -42.70 -55.27 20.68
CA PRO E 240 -43.49 -54.20 21.29
C PRO E 240 -44.04 -53.24 20.24
N LEU E 241 -44.89 -52.33 20.69
CA LEU E 241 -45.56 -51.43 19.77
C LEU E 241 -44.70 -50.26 19.33
N THR E 242 -43.53 -50.07 19.94
CA THR E 242 -42.65 -48.95 19.59
C THR E 242 -41.23 -49.39 19.26
N ALA E 243 -40.98 -50.69 19.11
CA ALA E 243 -39.64 -51.21 18.83
C ALA E 243 -39.70 -52.22 17.68
N CYS E 244 -40.40 -51.86 16.63
CA CYS E 244 -40.47 -52.71 15.44
C CYS E 244 -39.26 -52.44 14.56
N PRO E 245 -38.46 -53.47 14.24
CA PRO E 245 -37.24 -53.24 13.46
C PRO E 245 -37.45 -53.11 11.96
N TYR E 246 -38.69 -52.87 11.52
CA TYR E 246 -39.01 -52.64 10.11
C TYR E 246 -39.49 -51.20 9.98
N ILE E 247 -38.75 -50.37 9.28
CA ILE E 247 -38.96 -48.93 9.23
C ILE E 247 -39.24 -48.52 7.79
N PRO E 248 -40.50 -48.34 7.41
CA PRO E 248 -40.81 -47.72 6.12
C PRO E 248 -40.55 -46.23 6.15
N VAL E 249 -40.00 -45.69 5.07
CA VAL E 249 -39.59 -44.30 4.99
C VAL E 249 -40.31 -43.61 3.85
N ARG E 250 -40.79 -42.39 4.11
CA ARG E 250 -41.44 -41.55 3.11
C ARG E 250 -40.75 -40.20 3.09
N MET E 251 -40.77 -39.54 1.93
CA MET E 251 -40.10 -38.25 1.80
C MET E 251 -41.09 -37.09 1.83
N VAL E 252 -42.11 -37.12 0.98
CA VAL E 252 -43.19 -36.14 1.00
C VAL E 252 -44.47 -36.88 1.36
N ARG E 253 -45.12 -36.45 2.44
CA ARG E 253 -46.27 -37.15 2.98
C ARG E 253 -47.53 -36.35 2.71
N LEU E 254 -48.38 -36.85 1.82
CA LEU E 254 -49.74 -36.36 1.67
C LEU E 254 -50.61 -37.12 2.66
N ASP E 255 -51.93 -36.96 2.57
CA ASP E 255 -52.84 -37.59 3.51
C ASP E 255 -53.81 -38.52 2.78
N GLY E 256 -54.10 -39.66 3.42
CA GLY E 256 -54.98 -40.65 2.86
C GLY E 256 -54.32 -41.67 1.96
N GLU E 257 -53.03 -41.52 1.68
CA GLU E 257 -52.33 -42.39 0.74
C GLU E 257 -51.33 -43.27 1.47
N ASP E 258 -51.03 -44.41 0.84
CA ASP E 258 -49.88 -45.22 1.19
C ASP E 258 -48.68 -44.72 0.40
N TYR E 259 -47.49 -44.93 0.93
CA TYR E 259 -46.25 -44.51 0.27
C TYR E 259 -46.19 -42.98 0.10
N GLY E 260 -45.03 -42.46 -0.28
CA GLY E 260 -44.84 -41.04 -0.44
C GLY E 260 -44.43 -40.68 -1.86
N ARG E 261 -44.34 -39.37 -2.10
CA ARG E 261 -43.89 -38.85 -3.38
C ARG E 261 -42.42 -38.47 -3.29
N SER E 262 -41.90 -37.86 -4.35
CA SER E 262 -40.48 -37.51 -4.42
C SER E 262 -40.31 -36.01 -4.66
N TYR E 263 -39.07 -35.55 -4.51
CA TYR E 263 -38.73 -34.16 -4.68
C TYR E 263 -38.44 -33.79 -6.13
N CYS E 264 -38.07 -34.75 -6.95
CA CYS E 264 -37.73 -34.49 -8.35
C CYS E 264 -38.96 -34.32 -9.24
N GLU E 265 -40.16 -34.63 -8.74
CA GLU E 265 -41.35 -34.57 -9.58
C GLU E 265 -41.80 -33.14 -9.87
N GLU E 266 -41.35 -32.17 -9.09
CA GLU E 266 -41.81 -30.80 -9.28
C GLU E 266 -41.14 -30.11 -10.46
N TYR E 267 -40.04 -30.64 -10.98
CA TYR E 267 -39.24 -29.98 -11.99
C TYR E 267 -39.06 -30.86 -13.23
N LEU E 268 -40.11 -31.59 -13.60
CA LEU E 268 -40.00 -32.46 -14.77
C LEU E 268 -40.10 -31.67 -16.08
N GLY E 269 -40.94 -30.64 -16.10
CA GLY E 269 -41.15 -29.88 -17.34
C GLY E 269 -39.90 -29.16 -17.80
N ASP E 270 -39.11 -28.64 -16.86
CA ASP E 270 -37.90 -27.93 -17.22
C ASP E 270 -36.91 -28.86 -17.91
N LEU E 271 -36.72 -30.06 -17.35
CA LEU E 271 -35.82 -31.02 -17.98
C LEU E 271 -36.35 -31.47 -19.33
N ASN E 272 -37.66 -31.66 -19.44
CA ASN E 272 -38.24 -32.06 -20.72
C ASN E 272 -38.07 -30.99 -21.78
N SER E 273 -38.09 -29.71 -21.42
CA SER E 273 -37.83 -28.66 -22.39
C SER E 273 -36.37 -28.60 -22.78
N LEU E 274 -35.48 -28.70 -21.78
CA LEU E 274 -34.05 -28.61 -22.04
C LEU E 274 -33.59 -29.72 -22.99
N GLU E 275 -34.12 -30.94 -22.80
CA GLU E 275 -33.76 -32.05 -23.65
C GLU E 275 -34.06 -31.75 -25.11
N THR E 276 -35.28 -31.28 -25.39
CA THR E 276 -35.70 -31.05 -26.77
C THR E 276 -34.95 -29.90 -27.41
N ILE E 277 -34.59 -28.88 -26.64
CA ILE E 277 -33.80 -27.80 -27.26
C ILE E 277 -32.37 -28.27 -27.57
N THR E 278 -31.74 -28.99 -26.63
CA THR E 278 -30.36 -29.40 -26.85
C THR E 278 -30.23 -30.41 -27.98
N GLU E 279 -31.22 -31.29 -28.15
CA GLU E 279 -31.16 -32.25 -29.25
C GLU E 279 -31.08 -31.53 -30.59
N ALA E 280 -31.96 -30.54 -30.81
CA ALA E 280 -31.94 -29.80 -32.06
C ALA E 280 -30.64 -29.04 -32.24
N ILE E 281 -30.15 -28.42 -31.16
CA ILE E 281 -28.90 -27.67 -31.28
C ILE E 281 -27.75 -28.57 -31.71
N THR E 282 -27.68 -29.78 -31.16
CA THR E 282 -26.60 -30.70 -31.54
C THR E 282 -26.75 -31.20 -32.96
N LYS E 283 -27.98 -31.54 -33.38
CA LYS E 283 -28.17 -32.08 -34.72
C LYS E 283 -27.84 -31.03 -35.79
N MET E 284 -28.20 -29.76 -35.55
CA MET E 284 -27.84 -28.72 -36.50
C MET E 284 -26.34 -28.58 -36.67
N ALA E 285 -25.57 -28.82 -35.61
CA ALA E 285 -24.11 -28.79 -35.71
C ALA E 285 -23.54 -30.02 -36.40
N LYS E 286 -24.17 -31.18 -36.24
CA LYS E 286 -23.71 -32.34 -36.99
C LYS E 286 -24.00 -32.21 -38.48
N VAL E 287 -25.09 -31.55 -38.86
CA VAL E 287 -25.41 -31.41 -40.28
C VAL E 287 -24.40 -30.51 -40.98
N ALA E 288 -23.89 -29.49 -40.29
CA ALA E 288 -23.10 -28.44 -40.92
C ALA E 288 -21.61 -28.76 -41.00
N SER E 289 -21.24 -30.04 -41.01
CA SER E 289 -19.85 -30.44 -41.20
C SER E 289 -19.67 -31.34 -42.41
N LYS E 290 -20.58 -31.26 -43.37
CA LYS E 290 -20.50 -32.01 -44.62
C LYS E 290 -20.20 -31.04 -45.75
N VAL E 291 -19.18 -31.35 -46.54
CA VAL E 291 -18.67 -30.44 -47.56
C VAL E 291 -19.17 -30.90 -48.93
N VAL E 292 -19.76 -29.96 -49.68
CA VAL E 292 -20.30 -30.23 -51.01
C VAL E 292 -20.04 -29.02 -51.89
N GLY E 293 -19.36 -29.21 -53.01
CA GLY E 293 -19.05 -28.14 -53.93
C GLY E 293 -20.02 -28.07 -55.08
N LEU E 294 -20.27 -26.85 -55.56
CA LEU E 294 -21.25 -26.59 -56.59
C LEU E 294 -20.57 -25.93 -57.78
N VAL E 295 -20.78 -26.49 -58.97
CA VAL E 295 -20.17 -25.98 -60.20
C VAL E 295 -21.28 -25.48 -61.12
N ASN E 296 -21.16 -24.24 -61.56
CA ASN E 296 -22.19 -23.64 -62.40
C ASN E 296 -22.12 -24.22 -63.81
N PRO E 297 -23.21 -24.81 -64.33
CA PRO E 297 -23.14 -25.51 -65.61
C PRO E 297 -23.18 -24.61 -66.83
N ASN E 298 -23.35 -23.29 -66.69
CA ASN E 298 -23.32 -22.42 -67.90
C ASN E 298 -21.98 -21.69 -67.97
N GLY E 299 -20.89 -22.36 -67.56
CA GLY E 299 -19.57 -21.71 -67.51
C GLY E 299 -18.53 -22.45 -68.33
N ILE E 300 -17.25 -22.23 -68.06
CA ILE E 300 -16.16 -22.82 -68.88
C ILE E 300 -15.25 -23.74 -68.06
N THR E 301 -15.45 -23.88 -66.74
CA THR E 301 -14.53 -24.69 -65.91
C THR E 301 -14.98 -26.16 -65.93
N GLN E 302 -14.05 -27.10 -65.76
CA GLN E 302 -14.37 -28.54 -65.85
C GLN E 302 -13.77 -29.27 -64.64
N PRO E 303 -14.56 -29.99 -63.82
CA PRO E 303 -14.04 -30.62 -62.61
C PRO E 303 -12.95 -31.68 -62.82
N ARG E 304 -12.77 -32.18 -64.03
CA ARG E 304 -11.78 -33.19 -64.36
C ARG E 304 -10.36 -32.65 -64.33
N ARG E 305 -10.17 -31.37 -64.65
CA ARG E 305 -8.84 -30.79 -64.58
C ARG E 305 -8.43 -30.50 -63.15
N LEU E 306 -9.36 -30.02 -62.32
CA LEU E 306 -9.04 -29.76 -60.92
C LEU E 306 -8.73 -31.04 -60.17
N ASN E 307 -9.41 -32.14 -60.51
CA ASN E 307 -9.28 -33.37 -59.75
C ASN E 307 -7.96 -34.10 -60.00
N LYS E 308 -7.31 -33.86 -61.14
CA LYS E 308 -6.14 -34.65 -61.52
C LYS E 308 -4.84 -33.85 -61.48
N ALA E 309 -4.81 -32.73 -60.78
CA ALA E 309 -3.64 -31.87 -60.75
C ALA E 309 -2.73 -32.24 -59.57
N ALA E 310 -1.53 -31.66 -59.58
CA ALA E 310 -0.53 -31.91 -58.56
C ALA E 310 -0.50 -30.76 -57.55
N THR E 311 0.47 -30.79 -56.64
CA THR E 311 0.48 -29.80 -55.56
C THR E 311 0.87 -28.41 -56.05
N GLY E 312 1.72 -28.31 -57.06
CA GLY E 312 1.95 -27.03 -57.70
C GLY E 312 1.80 -27.14 -59.19
N GLU E 313 0.77 -26.49 -59.76
CA GLU E 313 0.49 -26.67 -61.17
C GLU E 313 -0.50 -25.60 -61.63
N PHE E 314 -0.39 -25.24 -62.91
CA PHE E 314 -1.29 -24.27 -63.53
C PHE E 314 -2.30 -25.02 -64.38
N VAL E 315 -3.59 -24.77 -64.13
CA VAL E 315 -4.66 -25.35 -64.95
C VAL E 315 -5.48 -24.20 -65.53
N ALA E 316 -6.49 -24.54 -66.33
CA ALA E 316 -7.32 -23.54 -67.00
C ALA E 316 -8.68 -23.48 -66.34
N GLY E 317 -9.12 -22.28 -66.00
CA GLY E 317 -10.41 -22.14 -65.37
C GLY E 317 -10.69 -20.70 -64.96
N ARG E 318 -11.80 -20.54 -64.26
CA ARG E 318 -12.24 -19.24 -63.76
C ARG E 318 -12.79 -19.43 -62.35
N VAL E 319 -12.50 -18.48 -61.47
CA VAL E 319 -12.75 -18.66 -60.04
C VAL E 319 -14.14 -18.15 -59.67
N GLU E 320 -14.89 -17.69 -60.67
CA GLU E 320 -16.25 -17.21 -60.45
C GLU E 320 -17.30 -18.30 -60.68
N ASP E 321 -16.87 -19.54 -60.92
CA ASP E 321 -17.80 -20.64 -61.21
C ASP E 321 -17.82 -21.70 -60.13
N ILE E 322 -17.15 -21.49 -59.00
CA ILE E 322 -17.05 -22.49 -57.94
C ILE E 322 -17.53 -21.87 -56.64
N ASN E 323 -18.38 -22.60 -55.92
CA ASN E 323 -18.93 -22.12 -54.66
C ASN E 323 -19.33 -23.33 -53.82
N PHE E 324 -19.52 -23.11 -52.53
CA PHE E 324 -19.79 -24.18 -51.59
C PHE E 324 -21.12 -23.95 -50.88
N LEU E 325 -21.81 -25.05 -50.58
CA LEU E 325 -23.11 -24.99 -49.91
C LEU E 325 -22.92 -24.81 -48.41
N GLN E 326 -23.70 -23.91 -47.82
CA GLN E 326 -23.56 -23.58 -46.42
C GLN E 326 -24.93 -23.33 -45.78
N LEU E 327 -25.07 -23.77 -44.53
CA LEU E 327 -26.27 -23.48 -43.76
C LEU E 327 -26.33 -21.99 -43.43
N THR E 328 -27.50 -21.40 -43.59
CA THR E 328 -27.64 -19.95 -43.50
C THR E 328 -28.83 -19.54 -42.63
N LYS E 329 -29.02 -20.23 -41.51
CA LYS E 329 -29.99 -19.79 -40.52
C LYS E 329 -29.44 -18.57 -39.79
N GLY E 330 -30.28 -17.56 -39.58
CA GLY E 330 -29.80 -16.28 -39.09
C GLY E 330 -29.77 -16.18 -37.58
N GLN E 331 -30.62 -15.32 -37.03
CA GLN E 331 -30.71 -15.20 -35.57
C GLN E 331 -31.70 -16.22 -35.03
N ASP E 332 -31.53 -17.49 -35.41
CA ASP E 332 -32.30 -18.60 -34.86
C ASP E 332 -31.43 -19.49 -33.99
N PHE E 333 -30.17 -19.14 -33.81
CA PHE E 333 -29.23 -19.84 -32.93
C PHE E 333 -29.10 -19.15 -31.58
N THR E 334 -28.97 -17.82 -31.58
CA THR E 334 -28.77 -17.09 -30.34
C THR E 334 -30.00 -17.16 -29.44
N ILE E 335 -31.20 -17.12 -30.02
CA ILE E 335 -32.42 -17.14 -29.22
C ILE E 335 -32.52 -18.44 -28.45
N ALA E 336 -32.38 -19.56 -29.15
CA ALA E 336 -32.45 -20.86 -28.50
C ALA E 336 -31.32 -21.02 -27.48
N LYS E 337 -30.12 -20.58 -27.83
CA LYS E 337 -29.00 -20.67 -26.90
C LYS E 337 -29.31 -19.92 -25.60
N SER E 338 -29.78 -18.68 -25.71
CA SER E 338 -30.03 -17.86 -24.53
C SER E 338 -31.15 -18.45 -23.67
N VAL E 339 -32.22 -18.94 -24.30
CA VAL E 339 -33.29 -19.57 -23.52
C VAL E 339 -32.77 -20.79 -22.79
N ALA E 340 -31.90 -21.58 -23.44
CA ALA E 340 -31.33 -22.75 -22.78
C ALA E 340 -30.49 -22.35 -21.57
N ASP E 341 -29.66 -21.31 -21.71
CA ASP E 341 -28.86 -20.88 -20.56
C ASP E 341 -29.75 -20.38 -19.42
N ALA E 342 -30.84 -19.69 -19.76
CA ALA E 342 -31.76 -19.24 -18.72
C ALA E 342 -32.35 -20.41 -17.95
N ILE E 343 -32.79 -21.45 -18.67
CA ILE E 343 -33.37 -22.61 -17.99
C ILE E 343 -32.33 -23.31 -17.12
N GLU E 344 -31.10 -23.42 -17.62
CA GLU E 344 -30.04 -24.06 -16.85
C GLU E 344 -29.77 -23.31 -15.55
N GLN E 345 -29.66 -21.99 -15.63
CA GLN E 345 -29.42 -21.20 -14.42
C GLN E 345 -30.61 -21.29 -13.47
N ARG E 346 -31.83 -21.37 -13.99
CA ARG E 346 -32.99 -21.52 -13.13
C ARG E 346 -32.96 -22.85 -12.38
N LEU E 347 -32.59 -23.94 -13.07
CA LEU E 347 -32.52 -25.24 -12.42
C LEU E 347 -31.34 -25.37 -11.47
N GLY E 348 -30.29 -24.57 -11.64
CA GLY E 348 -29.16 -24.65 -10.75
C GLY E 348 -29.34 -24.05 -9.37
N TRP E 349 -30.44 -23.33 -9.14
CA TRP E 349 -30.67 -22.69 -7.85
C TRP E 349 -31.34 -23.60 -6.84
N ALA E 350 -32.14 -24.57 -7.30
CA ALA E 350 -32.95 -25.39 -6.42
C ALA E 350 -32.27 -26.65 -5.95
N PHE E 351 -31.07 -26.95 -6.45
CA PHE E 351 -30.33 -28.14 -6.04
C PHE E 351 -29.01 -27.79 -5.37
N LEU E 352 -28.84 -26.54 -4.94
CA LEU E 352 -27.68 -26.10 -4.17
C LEU E 352 -26.38 -26.30 -4.95
N LEU E 353 -26.32 -25.74 -6.15
CA LEU E 353 -25.10 -25.78 -6.94
C LEU E 353 -24.30 -24.50 -6.73
N VAL E 372 -18.93 -26.31 13.02
CA VAL E 372 -19.61 -25.03 12.65
C VAL E 372 -19.91 -25.04 11.16
N ALA E 373 -18.96 -25.48 10.33
CA ALA E 373 -19.25 -25.62 8.88
C ALA E 373 -20.24 -26.76 8.70
N GLY E 374 -20.17 -27.77 9.56
CA GLY E 374 -21.13 -28.89 9.52
C GLY E 374 -22.48 -28.45 10.06
N GLU E 375 -22.60 -27.17 10.43
CA GLU E 375 -23.87 -26.62 10.97
C GLU E 375 -24.16 -25.29 10.26
N LEU E 376 -24.52 -25.35 8.98
CA LEU E 376 -24.90 -24.14 8.21
C LEU E 376 -26.06 -24.54 7.29
N GLU E 377 -27.30 -24.50 7.79
CA GLU E 377 -28.49 -24.90 6.99
C GLU E 377 -28.94 -23.71 6.13
N ALA E 378 -28.39 -23.60 4.92
CA ALA E 378 -28.76 -22.51 4.01
C ALA E 378 -30.27 -22.28 4.14
N SER E 385 -35.96 -31.31 8.19
CA SER E 385 -36.76 -31.32 9.46
C SER E 385 -37.64 -32.56 9.56
N VAL E 386 -38.31 -32.97 8.48
CA VAL E 386 -39.28 -34.10 8.54
C VAL E 386 -38.57 -35.42 8.80
N GLN E 387 -37.31 -35.56 8.39
CA GLN E 387 -36.60 -36.86 8.50
C GLN E 387 -35.97 -37.04 9.88
N SER E 388 -36.40 -36.27 10.89
CA SER E 388 -35.91 -36.44 12.26
C SER E 388 -37.00 -37.14 13.06
N GLN E 389 -38.04 -37.59 12.37
CA GLN E 389 -39.16 -38.31 13.03
C GLN E 389 -39.45 -39.54 12.18
N GLU E 390 -38.71 -39.71 11.09
CA GLU E 390 -39.00 -40.83 10.14
C GLU E 390 -37.73 -41.65 9.84
N LEU E 391 -36.59 -41.35 10.46
CA LEU E 391 -35.33 -42.08 10.13
C LEU E 391 -34.38 -42.06 11.32
N GLN E 392 -34.40 -41.03 12.16
CA GLN E 392 -33.36 -40.91 13.22
C GLN E 392 -33.90 -41.42 14.56
N LEU E 393 -35.06 -40.95 15.02
CA LEU E 393 -35.55 -41.35 16.36
C LEU E 393 -35.94 -42.84 16.36
N PRO E 394 -36.53 -43.43 15.29
CA PRO E 394 -36.80 -44.86 15.25
C PRO E 394 -35.58 -45.80 15.35
N ILE E 395 -34.44 -45.46 14.74
CA ILE E 395 -33.20 -46.30 14.80
C ILE E 395 -32.61 -46.31 16.21
N VAL E 396 -32.86 -45.28 17.01
CA VAL E 396 -32.27 -45.17 18.37
C VAL E 396 -33.21 -45.79 19.41
N ARG E 397 -34.49 -45.95 19.08
CA ARG E 397 -35.41 -46.62 20.02
C ARG E 397 -35.29 -48.14 19.90
N VAL E 398 -34.93 -48.65 18.72
CA VAL E 398 -34.69 -50.08 18.52
C VAL E 398 -33.37 -50.52 19.17
N LEU E 399 -32.31 -49.72 18.98
CA LEU E 399 -30.99 -50.14 19.43
C LEU E 399 -30.89 -50.22 20.95
N MET E 400 -31.44 -49.23 21.66
CA MET E 400 -31.39 -49.29 23.11
C MET E 400 -32.23 -50.45 23.66
N ASN E 401 -33.25 -50.86 22.93
CA ASN E 401 -34.04 -52.01 23.37
C ASN E 401 -33.27 -53.32 23.16
N GLN E 402 -32.56 -53.44 22.04
CA GLN E 402 -31.93 -54.72 21.72
C GLN E 402 -30.59 -54.90 22.43
N LEU E 403 -29.74 -53.86 22.42
CA LEU E 403 -28.42 -53.99 23.04
C LEU E 403 -28.53 -54.19 24.54
N GLN E 404 -29.52 -53.57 25.19
CA GLN E 404 -29.72 -53.77 26.62
C GLN E 404 -30.05 -55.22 26.93
N SER E 405 -30.92 -55.83 26.12
CA SER E 405 -31.28 -57.22 26.35
C SER E 405 -30.14 -58.17 26.03
N ALA E 406 -29.30 -57.83 25.04
CA ALA E 406 -28.16 -58.68 24.72
C ALA E 406 -27.17 -58.74 25.88
N GLY E 407 -26.94 -57.62 26.56
CA GLY E 407 -26.04 -57.59 27.68
C GLY E 407 -24.82 -56.72 27.45
N MET E 408 -24.95 -55.73 26.58
CA MET E 408 -23.84 -54.86 26.21
C MET E 408 -24.01 -53.43 26.73
N ILE E 409 -25.12 -53.12 27.39
CA ILE E 409 -25.36 -51.80 27.95
C ILE E 409 -25.87 -51.96 29.37
N PRO E 410 -25.46 -51.12 30.31
CA PRO E 410 -25.97 -51.24 31.69
C PRO E 410 -27.47 -50.99 31.76
N ASP E 411 -28.10 -51.65 32.72
CA ASP E 411 -29.56 -51.58 32.86
C ASP E 411 -29.96 -50.17 33.28
N LEU E 412 -30.62 -49.46 32.37
CA LEU E 412 -31.04 -48.09 32.63
C LEU E 412 -32.18 -48.06 33.64
N PRO E 413 -32.39 -46.92 34.31
CA PRO E 413 -33.49 -46.82 35.29
C PRO E 413 -34.84 -47.04 34.64
N LYS E 414 -35.87 -47.06 35.49
CA LYS E 414 -37.23 -47.39 35.05
C LYS E 414 -37.68 -46.45 33.93
N GLU E 415 -37.82 -45.17 34.24
CA GLU E 415 -38.28 -44.19 33.26
C GLU E 415 -37.52 -42.87 33.29
N ALA E 416 -36.56 -42.69 34.19
CA ALA E 416 -35.83 -41.43 34.27
C ALA E 416 -34.72 -41.39 33.23
N SER E 422 -32.72 -36.14 18.88
CA SER E 422 -32.50 -36.18 17.44
C SER E 422 -31.58 -35.07 16.97
N THR E 423 -32.15 -33.97 16.46
CA THR E 423 -31.34 -32.83 16.04
C THR E 423 -31.95 -31.48 16.38
N GLY E 424 -32.99 -31.44 17.24
CA GLY E 424 -33.56 -30.15 17.61
C GLY E 424 -32.53 -29.23 18.24
N LEU E 425 -31.90 -29.68 19.32
CA LEU E 425 -30.63 -29.12 19.75
C LEU E 425 -29.76 -30.31 20.18
N GLU E 426 -29.10 -30.92 19.20
CA GLU E 426 -28.21 -32.04 19.48
C GLU E 426 -26.82 -31.82 18.90
N ALA E 427 -26.74 -31.44 17.63
CA ALA E 427 -25.45 -31.15 17.02
C ALA E 427 -24.75 -30.01 17.75
N LEU E 428 -25.51 -28.97 18.11
CA LEU E 428 -25.05 -27.95 19.02
C LEU E 428 -25.49 -28.22 20.46
N GLY E 429 -25.92 -29.45 20.75
CA GLY E 429 -26.32 -29.79 22.10
C GLY E 429 -25.21 -29.56 23.11
N ARG E 430 -23.97 -29.87 22.74
CA ARG E 430 -22.82 -29.54 23.56
C ARG E 430 -22.18 -28.21 23.16
N GLY E 431 -22.39 -27.76 21.92
CA GLY E 431 -21.87 -26.47 21.52
C GLY E 431 -22.47 -25.31 22.29
N GLN E 432 -23.75 -25.41 22.65
CA GLN E 432 -24.38 -24.38 23.46
C GLN E 432 -23.71 -24.27 24.83
N ASP E 433 -23.45 -25.42 25.45
CA ASP E 433 -22.75 -25.42 26.73
C ASP E 433 -21.34 -24.86 26.59
N LEU E 434 -20.64 -25.22 25.50
CA LEU E 434 -19.32 -24.67 25.28
C LEU E 434 -19.35 -23.15 25.15
N GLU E 435 -20.33 -22.62 24.41
CA GLU E 435 -20.41 -21.18 24.23
C GLU E 435 -20.71 -20.46 25.55
N LYS E 436 -21.65 -21.00 26.33
CA LYS E 436 -21.97 -20.37 27.61
C LYS E 436 -20.76 -20.38 28.54
N LEU E 437 -20.06 -21.52 28.63
CA LEU E 437 -18.91 -21.61 29.51
C LEU E 437 -17.79 -20.67 29.07
N THR E 438 -17.55 -20.58 27.76
CA THR E 438 -16.52 -19.67 27.26
C THR E 438 -16.86 -18.23 27.57
N GLN E 439 -18.12 -17.84 27.38
CA GLN E 439 -18.51 -16.47 27.70
C GLN E 439 -18.35 -16.19 29.19
N ALA E 440 -18.72 -17.15 30.04
CA ALA E 440 -18.57 -16.96 31.47
C ALA E 440 -17.10 -16.76 31.86
N VAL E 441 -16.21 -17.57 31.29
CA VAL E 441 -14.78 -17.44 31.59
C VAL E 441 -14.27 -16.08 31.11
N ASN E 442 -14.67 -15.67 29.91
CA ASN E 442 -14.21 -14.38 29.37
C ASN E 442 -14.70 -13.22 30.22
N MET E 443 -15.89 -13.31 30.81
CA MET E 443 -16.35 -12.24 31.68
C MET E 443 -15.66 -12.27 33.04
N MET E 444 -15.40 -13.46 33.59
CA MET E 444 -14.75 -13.53 34.90
C MET E 444 -13.28 -13.16 34.85
N THR E 445 -12.63 -13.28 33.69
CA THR E 445 -11.22 -12.93 33.60
C THR E 445 -10.98 -11.43 33.52
N GLY E 446 -12.02 -10.62 33.43
CA GLY E 446 -11.90 -9.19 33.34
C GLY E 446 -12.14 -8.42 34.61
N LEU E 447 -12.52 -9.10 35.70
CA LEU E 447 -12.76 -8.46 36.98
C LEU E 447 -11.54 -8.46 37.88
N GLN E 448 -10.41 -8.96 37.39
CA GLN E 448 -9.16 -9.02 38.14
C GLN E 448 -8.64 -7.64 38.54
N PRO E 449 -8.69 -6.62 37.66
CA PRO E 449 -8.19 -5.30 38.08
C PRO E 449 -8.89 -4.72 39.29
N LEU E 450 -10.18 -4.97 39.48
CA LEU E 450 -10.95 -4.37 40.57
C LEU E 450 -10.83 -5.14 41.87
N SER E 451 -9.83 -6.00 42.01
CA SER E 451 -9.69 -6.81 43.22
C SER E 451 -9.19 -6.01 44.42
N GLN E 452 -8.71 -4.78 44.21
CA GLN E 452 -8.21 -3.94 45.30
C GLN E 452 -9.09 -2.72 45.56
N ASP E 453 -10.33 -2.74 45.07
CA ASP E 453 -11.26 -1.64 45.30
C ASP E 453 -12.04 -1.91 46.57
N PRO E 454 -11.95 -1.05 47.60
CA PRO E 454 -12.61 -1.35 48.87
C PRO E 454 -14.08 -0.97 48.95
N ASP E 455 -14.74 -0.69 47.82
CA ASP E 455 -16.13 -0.24 47.85
C ASP E 455 -17.01 -1.03 46.87
N ILE E 456 -16.70 -2.29 46.62
CA ILE E 456 -17.48 -3.12 45.72
C ILE E 456 -17.72 -4.49 46.37
N ASN E 457 -18.95 -4.98 46.25
CA ASN E 457 -19.32 -6.30 46.75
C ASN E 457 -19.16 -7.30 45.61
N LEU E 458 -17.95 -7.84 45.48
CA LEU E 458 -17.66 -8.77 44.40
C LEU E 458 -18.48 -10.07 44.43
N PRO E 459 -18.69 -10.74 45.58
CA PRO E 459 -19.45 -12.00 45.54
C PRO E 459 -20.83 -11.87 44.92
N THR E 460 -21.57 -10.81 45.21
CA THR E 460 -22.87 -10.61 44.61
C THR E 460 -22.80 -10.12 43.18
N LEU E 461 -21.76 -9.35 42.84
CA LEU E 461 -21.59 -8.94 41.44
C LEU E 461 -21.37 -10.14 40.54
N LYS E 462 -20.58 -11.12 41.00
CA LYS E 462 -20.39 -12.33 40.21
C LYS E 462 -21.69 -13.10 40.03
N LEU E 463 -22.50 -13.18 41.10
CA LEU E 463 -23.78 -13.87 41.00
C LEU E 463 -24.72 -13.19 40.01
N ARG E 464 -24.78 -11.86 40.06
CA ARG E 464 -25.63 -11.13 39.13
C ARG E 464 -25.12 -11.23 37.70
N LEU E 465 -23.80 -11.32 37.51
CA LEU E 465 -23.26 -11.52 36.17
C LEU E 465 -23.55 -12.92 35.63
N LEU E 466 -23.56 -13.93 36.51
CA LEU E 466 -23.92 -15.27 36.08
C LEU E 466 -25.41 -15.41 35.77
N ASN E 467 -26.27 -14.70 36.51
CA ASN E 467 -27.70 -14.81 36.28
C ASN E 467 -28.16 -14.15 34.99
N ALA E 468 -27.35 -13.26 34.41
CA ALA E 468 -27.75 -12.57 33.20
C ALA E 468 -27.55 -13.42 31.94
N LEU E 469 -26.92 -14.59 32.05
CA LEU E 469 -26.74 -15.49 30.93
C LEU E 469 -27.68 -16.68 30.95
N GLY E 470 -28.25 -17.02 32.09
CA GLY E 470 -29.05 -18.22 32.23
C GLY E 470 -28.26 -19.47 32.56
N ILE E 471 -26.92 -19.39 32.59
CA ILE E 471 -26.12 -20.56 32.91
C ILE E 471 -26.36 -21.00 34.35
N ASP E 472 -26.25 -22.30 34.58
CA ASP E 472 -26.48 -22.85 35.90
C ASP E 472 -25.35 -22.45 36.86
N THR E 473 -25.67 -22.42 38.15
CA THR E 473 -24.73 -22.03 39.19
C THR E 473 -24.65 -23.10 40.26
N ALA E 474 -24.51 -24.36 39.84
CA ALA E 474 -24.44 -25.46 40.78
C ALA E 474 -23.07 -25.53 41.46
N GLY E 475 -22.01 -25.71 40.68
CA GLY E 475 -20.68 -25.85 41.24
C GLY E 475 -19.66 -24.88 40.70
N LEU E 476 -20.06 -23.61 40.49
CA LEU E 476 -19.14 -22.60 40.00
C LEU E 476 -18.72 -21.59 41.05
N LEU E 477 -19.42 -21.52 42.18
CA LEU E 477 -19.09 -20.57 43.24
C LEU E 477 -19.00 -21.30 44.56
N LEU E 478 -18.12 -20.81 45.43
CA LEU E 478 -17.94 -21.39 46.75
C LEU E 478 -18.95 -20.81 47.72
N THR E 479 -19.16 -21.52 48.83
CA THR E 479 -20.19 -21.20 49.81
C THR E 479 -19.56 -20.59 51.06
N GLN E 480 -20.40 -20.34 52.07
CA GLN E 480 -19.90 -19.84 53.34
C GLN E 480 -18.97 -20.86 54.00
N ASP E 481 -19.35 -22.13 53.96
CA ASP E 481 -18.45 -23.22 54.33
C ASP E 481 -17.57 -23.52 53.12
N GLU E 482 -16.81 -24.61 53.18
CA GLU E 482 -15.93 -25.05 52.11
C GLU E 482 -14.84 -24.05 51.78
N LYS E 483 -14.70 -22.98 52.57
CA LYS E 483 -13.62 -22.02 52.43
C LYS E 483 -12.65 -22.07 53.61
N ILE E 484 -12.69 -23.13 54.40
CA ILE E 484 -11.74 -23.34 55.48
C ILE E 484 -10.81 -24.50 55.18
N GLN E 485 -11.35 -25.56 54.55
CA GLN E 485 -10.54 -26.69 54.16
C GLN E 485 -9.46 -26.30 53.18
N ARG E 486 -9.74 -25.35 52.30
CA ARG E 486 -8.73 -24.88 51.35
C ARG E 486 -7.54 -24.27 52.09
N MET E 487 -7.81 -23.41 53.06
CA MET E 487 -6.73 -22.83 53.87
C MET E 487 -5.96 -23.91 54.62
N ALA E 488 -6.68 -24.87 55.18
CA ALA E 488 -6.01 -25.94 55.93
C ALA E 488 -5.05 -26.71 55.02
N GLU E 489 -5.50 -27.05 53.81
CA GLU E 489 -4.66 -27.80 52.89
C GLU E 489 -3.44 -26.98 52.46
N GLN E 490 -3.63 -25.70 52.15
CA GLN E 490 -2.49 -24.87 51.78
C GLN E 490 -1.46 -24.82 52.89
N SER E 491 -1.93 -24.60 54.13
CA SER E 491 -1.00 -24.53 55.25
C SER E 491 -0.25 -25.84 55.44
N SER E 492 -0.95 -26.97 55.33
CA SER E 492 -0.30 -28.27 55.53
C SER E 492 0.78 -28.49 54.48
N GLN E 493 0.48 -28.21 53.21
CA GLN E 493 1.46 -28.45 52.15
C GLN E 493 2.68 -27.58 52.33
N GLN E 494 2.48 -26.29 52.61
CA GLN E 494 3.61 -25.41 52.81
C GLN E 494 4.46 -25.87 53.99
N ALA E 495 3.80 -26.26 55.09
CA ALA E 495 4.52 -26.68 56.28
C ALA E 495 5.40 -27.89 56.00
N VAL E 496 4.85 -28.89 55.30
CA VAL E 496 5.63 -30.11 55.09
C VAL E 496 6.82 -29.85 54.17
N VAL E 497 6.63 -29.06 53.11
CA VAL E 497 7.74 -28.80 52.20
C VAL E 497 8.86 -28.05 52.93
N GLN E 498 8.49 -26.97 53.64
CA GLN E 498 9.51 -26.19 54.33
C GLN E 498 10.18 -26.99 55.44
N GLY E 499 9.45 -27.91 56.08
CA GLY E 499 10.07 -28.75 57.09
C GLY E 499 11.11 -29.70 56.49
N ALA E 500 10.80 -30.28 55.34
CA ALA E 500 11.74 -31.22 54.72
C ALA E 500 13.03 -30.51 54.30
N SER E 501 12.91 -29.32 53.69
CA SER E 501 14.08 -28.68 53.07
C SER E 501 15.17 -28.39 54.10
N ALA E 502 14.81 -27.72 55.19
CA ALA E 502 15.80 -27.30 56.18
C ALA E 502 16.45 -28.51 56.84
N ALA E 503 15.69 -29.55 57.12
CA ALA E 503 16.25 -30.76 57.72
C ALA E 503 17.30 -31.36 56.80
N GLY E 504 17.00 -31.46 55.51
CA GLY E 504 17.98 -31.97 54.57
C GLY E 504 19.26 -31.14 54.56
N ALA E 505 19.11 -29.82 54.51
CA ALA E 505 20.28 -28.94 54.43
C ALA E 505 21.15 -29.07 55.68
N ASN E 506 20.53 -29.06 56.86
CA ASN E 506 21.30 -29.13 58.10
C ASN E 506 22.00 -30.46 58.24
N MET E 507 21.32 -31.56 57.90
CA MET E 507 21.98 -32.86 57.95
C MET E 507 23.19 -32.91 57.03
N GLY E 508 23.04 -32.38 55.81
CA GLY E 508 24.17 -32.35 54.90
C GLY E 508 25.34 -31.56 55.44
N ALA E 509 25.06 -30.37 55.98
CA ALA E 509 26.14 -29.55 56.51
C ALA E 509 26.86 -30.24 57.67
N ALA E 510 26.10 -30.85 58.57
CA ALA E 510 26.72 -31.50 59.73
C ALA E 510 27.60 -32.66 59.29
N VAL E 511 27.10 -33.50 58.37
CA VAL E 511 27.90 -34.66 57.97
C VAL E 511 29.13 -34.22 57.18
N GLY E 512 29.01 -33.15 56.39
CA GLY E 512 30.18 -32.65 55.67
C GLY E 512 31.26 -32.16 56.61
N GLN E 513 30.87 -31.39 57.64
CA GLN E 513 31.86 -30.93 58.62
C GLN E 513 32.48 -32.10 59.35
N GLY E 514 31.68 -33.10 59.71
CA GLY E 514 32.21 -34.26 60.41
C GLY E 514 33.22 -35.02 59.59
N ALA E 515 32.94 -35.21 58.31
CA ALA E 515 33.90 -35.89 57.44
C ALA E 515 35.17 -35.05 57.25
N GLY E 516 35.02 -33.74 57.07
CA GLY E 516 36.18 -32.90 56.82
C GLY E 516 37.13 -32.82 58.00
N GLU E 517 36.57 -32.70 59.21
CA GLU E 517 37.43 -32.55 60.38
C GLU E 517 38.25 -33.80 60.67
N ASP E 518 37.84 -34.95 60.14
CA ASP E 518 38.63 -36.17 60.25
C ASP E 518 39.55 -36.41 59.06
N MET E 519 39.15 -35.97 57.86
CA MET E 519 40.00 -36.13 56.69
C MET E 519 41.11 -35.09 56.62
N ALA E 520 41.01 -33.99 57.37
CA ALA E 520 41.98 -32.91 57.26
C ALA E 520 43.39 -33.37 57.58
N GLN E 521 43.57 -34.20 58.61
CA GLN E 521 44.90 -34.67 58.99
C GLN E 521 45.28 -35.86 58.11
N ALA E 522 45.71 -35.54 56.89
CA ALA E 522 46.10 -36.56 55.92
C ALA E 522 47.36 -36.17 55.15
N GLU F 3 -16.74 -87.77 -1.84
CA GLU F 3 -16.28 -88.26 -3.13
C GLU F 3 -16.87 -87.40 -4.24
N ARG F 4 -16.73 -86.08 -4.08
CA ARG F 4 -17.15 -85.11 -5.10
C ARG F 4 -18.63 -85.29 -5.44
N GLU F 5 -19.46 -84.99 -4.43
CA GLU F 5 -20.90 -85.25 -4.55
C GLU F 5 -21.61 -84.18 -5.36
N GLY F 6 -21.60 -82.94 -4.90
CA GLY F 6 -22.37 -81.87 -5.51
C GLY F 6 -21.46 -80.81 -6.09
N PHE F 7 -21.86 -80.25 -7.23
CA PHE F 7 -21.13 -79.22 -7.95
C PHE F 7 -19.83 -79.76 -8.54
N ALA F 8 -19.48 -81.02 -8.24
CA ALA F 8 -18.19 -81.56 -8.63
C ALA F 8 -18.30 -83.01 -9.09
N ALA F 9 -19.48 -83.42 -9.54
CA ALA F 9 -19.69 -84.78 -10.01
C ALA F 9 -19.38 -84.96 -11.49
N GLU F 10 -18.89 -83.90 -12.15
CA GLU F 10 -18.62 -83.95 -13.58
C GLU F 10 -17.25 -83.44 -13.98
N GLY F 11 -16.47 -82.88 -13.06
CA GLY F 11 -15.10 -82.48 -13.33
C GLY F 11 -14.93 -80.98 -13.40
N ALA F 12 -13.69 -80.57 -13.62
CA ALA F 12 -13.37 -79.15 -13.69
C ALA F 12 -13.50 -78.62 -15.11
N LYS F 13 -12.98 -79.36 -16.10
CA LYS F 13 -13.13 -78.97 -17.50
C LYS F 13 -14.45 -79.54 -18.00
N ALA F 14 -15.53 -78.81 -17.70
CA ALA F 14 -16.91 -79.17 -18.00
C ALA F 14 -17.79 -78.16 -17.32
N VAL F 15 -17.42 -77.78 -16.10
CA VAL F 15 -18.00 -76.61 -15.47
C VAL F 15 -17.49 -75.34 -16.13
N TYR F 16 -16.22 -75.30 -16.51
CA TYR F 16 -15.65 -74.13 -17.16
C TYR F 16 -16.22 -73.90 -18.55
N ASP F 17 -16.74 -74.93 -19.20
CA ASP F 17 -17.23 -74.80 -20.57
C ASP F 17 -18.71 -74.44 -20.63
N ARG F 18 -19.53 -74.96 -19.72
CA ARG F 18 -20.94 -74.58 -19.71
C ARG F 18 -21.12 -73.10 -19.38
N LEU F 19 -20.35 -72.59 -18.41
CA LEU F 19 -20.53 -71.25 -17.91
C LEU F 19 -19.77 -70.20 -18.71
N LYS F 20 -18.99 -70.61 -19.71
CA LYS F 20 -18.18 -69.67 -20.48
C LYS F 20 -19.02 -68.77 -21.37
N ASN F 21 -20.27 -69.12 -21.64
CA ASN F 21 -21.12 -68.35 -22.53
C ASN F 21 -21.88 -67.24 -21.83
N GLY F 22 -21.70 -67.07 -20.53
CA GLY F 22 -22.37 -66.01 -19.80
C GLY F 22 -21.60 -64.70 -19.82
N ARG F 23 -20.30 -64.76 -20.13
CA ARG F 23 -19.48 -63.56 -20.15
C ARG F 23 -19.63 -62.76 -21.44
N GLN F 24 -20.27 -63.33 -22.46
CA GLN F 24 -20.25 -62.70 -23.78
C GLN F 24 -20.78 -61.28 -23.82
N PRO F 25 -21.91 -60.93 -23.18
CA PRO F 25 -22.37 -59.54 -23.26
C PRO F 25 -21.38 -58.52 -22.72
N TYR F 26 -20.63 -58.87 -21.67
CA TYR F 26 -19.79 -57.89 -21.01
C TYR F 26 -18.52 -57.57 -21.80
N GLU F 27 -17.95 -58.58 -22.46
CA GLU F 27 -16.72 -58.36 -23.22
C GLU F 27 -16.97 -57.44 -24.40
N THR F 28 -18.13 -57.56 -25.05
CA THR F 28 -18.44 -56.67 -26.16
C THR F 28 -18.52 -55.21 -25.71
N ARG F 29 -19.18 -54.98 -24.58
CA ARG F 29 -19.26 -53.62 -24.04
C ARG F 29 -17.87 -53.10 -23.66
N ALA F 30 -17.05 -53.94 -23.06
CA ALA F 30 -15.69 -53.52 -22.69
C ALA F 30 -14.87 -53.17 -23.92
N GLN F 31 -14.98 -53.98 -24.98
CA GLN F 31 -14.25 -53.69 -26.21
C GLN F 31 -14.73 -52.41 -26.87
N ASN F 32 -16.04 -52.16 -26.83
CA ASN F 32 -16.54 -50.88 -27.36
C ASN F 32 -16.03 -49.70 -26.55
N CYS F 33 -15.95 -49.83 -25.23
CA CYS F 33 -15.48 -48.71 -24.40
C CYS F 33 -13.99 -48.46 -24.61
N ALA F 34 -13.18 -49.52 -24.61
CA ALA F 34 -11.73 -49.35 -24.71
C ALA F 34 -11.27 -49.24 -26.15
N ALA F 35 -11.92 -48.37 -26.92
CA ALA F 35 -11.53 -48.11 -28.30
C ALA F 35 -11.51 -46.63 -28.64
N VAL F 36 -12.03 -45.76 -27.77
CA VAL F 36 -11.92 -44.32 -27.92
C VAL F 36 -11.03 -43.71 -26.84
N THR F 37 -10.52 -44.50 -25.91
CA THR F 37 -9.63 -43.99 -24.87
C THR F 37 -8.22 -44.55 -25.00
N ILE F 38 -8.05 -45.87 -24.88
CA ILE F 38 -6.77 -46.53 -25.06
C ILE F 38 -7.03 -47.86 -25.74
N PRO F 39 -6.76 -48.00 -27.04
CA PRO F 39 -7.07 -49.26 -27.72
C PRO F 39 -6.29 -50.46 -27.22
N SER F 40 -5.19 -50.24 -26.51
CA SER F 40 -4.33 -51.33 -26.07
C SER F 40 -4.59 -51.74 -24.62
N LEU F 41 -5.69 -51.27 -24.03
CA LEU F 41 -5.99 -51.57 -22.64
C LEU F 41 -6.74 -52.89 -22.46
N PHE F 42 -7.65 -53.22 -23.37
CA PHE F 42 -8.44 -54.45 -23.33
C PHE F 42 -8.35 -55.16 -24.67
N PRO F 43 -7.25 -55.89 -24.91
CA PRO F 43 -7.13 -56.64 -26.17
C PRO F 43 -8.04 -57.85 -26.18
N LYS F 44 -8.25 -58.39 -27.38
CA LYS F 44 -9.05 -59.60 -27.54
C LYS F 44 -8.23 -60.81 -27.12
N GLU F 45 -8.76 -62.01 -27.35
CA GLU F 45 -8.06 -63.24 -27.02
C GLU F 45 -7.30 -63.81 -28.23
N SER F 46 -7.45 -63.19 -29.40
CA SER F 46 -6.81 -63.70 -30.61
C SER F 46 -5.83 -62.69 -31.19
N ASP F 47 -5.00 -62.10 -30.34
CA ASP F 47 -4.01 -61.13 -30.77
C ASP F 47 -2.60 -61.69 -30.59
N ASN F 48 -1.67 -61.14 -31.36
CA ASN F 48 -0.31 -61.65 -31.40
C ASN F 48 0.64 -60.47 -31.65
N SER F 49 1.86 -60.79 -32.09
CA SER F 49 2.89 -59.76 -32.23
C SER F 49 2.57 -58.77 -33.35
N SER F 50 1.77 -59.16 -34.33
CA SER F 50 1.61 -58.38 -35.55
C SER F 50 0.45 -57.40 -35.48
N THR F 51 -0.31 -57.38 -34.39
CA THR F 51 -1.46 -56.48 -34.32
C THR F 51 -1.02 -55.03 -34.14
N GLU F 52 -1.66 -54.14 -34.90
CA GLU F 52 -1.34 -52.72 -34.87
C GLU F 52 -2.52 -51.94 -34.31
N TYR F 53 -2.24 -51.09 -33.33
CA TYR F 53 -3.27 -50.33 -32.63
C TYR F 53 -3.27 -48.90 -33.12
N THR F 54 -4.43 -48.42 -33.58
CA THR F 54 -4.54 -47.12 -34.23
C THR F 54 -5.00 -46.05 -33.25
N THR F 55 -4.51 -44.83 -33.46
CA THR F 55 -4.73 -43.64 -32.63
C THR F 55 -6.11 -43.06 -32.89
N PRO F 56 -6.92 -42.84 -31.86
CA PRO F 56 -8.22 -42.19 -32.06
C PRO F 56 -8.07 -40.72 -32.43
N TRP F 57 -9.12 -40.19 -33.06
CA TRP F 57 -9.11 -38.83 -33.56
C TRP F 57 -9.09 -37.76 -32.48
N GLN F 58 -9.36 -38.12 -31.22
CA GLN F 58 -9.39 -37.16 -30.13
C GLN F 58 -8.64 -37.73 -28.93
N ALA F 59 -8.14 -36.83 -28.09
CA ALA F 59 -7.31 -37.25 -26.96
C ALA F 59 -7.85 -36.74 -25.64
N VAL F 60 -9.15 -36.91 -25.41
CA VAL F 60 -9.77 -36.49 -24.16
C VAL F 60 -10.01 -37.66 -23.19
N GLY F 61 -10.21 -38.87 -23.70
CA GLY F 61 -10.46 -39.99 -22.82
C GLY F 61 -9.27 -40.38 -21.96
N ALA F 62 -8.07 -40.34 -22.55
CA ALA F 62 -6.88 -40.80 -21.83
C ALA F 62 -6.61 -39.95 -20.60
N ARG F 63 -6.69 -38.62 -20.74
CA ARG F 63 -6.45 -37.73 -19.61
C ARG F 63 -7.43 -38.02 -18.49
N CYS F 64 -8.71 -38.14 -18.82
CA CYS F 64 -9.73 -38.35 -17.80
C CYS F 64 -9.52 -39.67 -17.07
N LEU F 65 -9.23 -40.74 -17.83
CA LEU F 65 -9.08 -42.05 -17.20
C LEU F 65 -7.87 -42.06 -16.27
N ASN F 66 -6.74 -41.53 -16.73
CA ASN F 66 -5.54 -41.52 -15.89
C ASN F 66 -5.75 -40.68 -14.64
N ASN F 67 -6.37 -39.51 -14.79
CA ASN F 67 -6.61 -38.63 -13.64
C ASN F 67 -7.50 -39.32 -12.61
N LEU F 68 -8.59 -39.95 -13.07
CA LEU F 68 -9.50 -40.58 -12.12
C LEU F 68 -8.83 -41.74 -11.40
N ALA F 69 -8.06 -42.55 -12.11
CA ALA F 69 -7.37 -43.66 -11.45
C ALA F 69 -6.40 -43.14 -10.39
N ALA F 70 -5.64 -42.10 -10.72
CA ALA F 70 -4.69 -41.55 -9.76
C ALA F 70 -5.40 -41.03 -8.50
N LYS F 71 -6.48 -40.26 -8.69
CA LYS F 71 -7.19 -39.71 -7.54
C LYS F 71 -7.80 -40.81 -6.68
N LEU F 72 -8.41 -41.82 -7.32
CA LEU F 72 -9.03 -42.90 -6.55
C LEU F 72 -8.01 -43.63 -5.71
N MET F 73 -6.84 -43.95 -6.29
CA MET F 73 -5.89 -44.71 -5.49
C MET F 73 -5.23 -43.84 -4.43
N LEU F 74 -5.09 -42.54 -4.68
CA LEU F 74 -4.59 -41.65 -3.63
C LEU F 74 -5.54 -41.61 -2.45
N ALA F 75 -6.84 -41.58 -2.72
CA ALA F 75 -7.81 -41.51 -1.62
C ALA F 75 -7.95 -42.84 -0.89
N LEU F 76 -7.96 -43.96 -1.62
CA LEU F 76 -8.29 -45.24 -0.99
C LEU F 76 -7.15 -45.78 -0.12
N PHE F 77 -5.91 -45.70 -0.58
CA PHE F 77 -4.76 -46.32 0.07
C PHE F 77 -3.72 -45.27 0.43
N PRO F 78 -3.80 -44.67 1.61
CA PRO F 78 -2.80 -43.67 2.03
C PRO F 78 -1.58 -44.35 2.63
N GLN F 79 -0.59 -43.53 2.98
CA GLN F 79 0.64 -44.04 3.59
C GLN F 79 0.43 -44.44 5.04
N SER F 80 -0.32 -43.64 5.81
CA SER F 80 -0.63 -43.98 7.18
C SER F 80 -1.60 -45.15 7.23
N PRO F 81 -1.67 -45.87 8.35
CA PRO F 81 -2.54 -47.06 8.41
C PRO F 81 -4.00 -46.73 8.15
N TRP F 82 -4.69 -47.68 7.53
CA TRP F 82 -6.12 -47.59 7.24
C TRP F 82 -6.90 -48.72 7.89
N MET F 83 -6.49 -49.13 9.09
CA MET F 83 -7.25 -50.06 9.93
C MET F 83 -7.13 -49.59 11.37
N ARG F 84 -8.00 -50.10 12.25
CA ARG F 84 -7.91 -49.60 13.62
C ARG F 84 -7.88 -50.70 14.68
N LEU F 85 -8.61 -51.79 14.50
CA LEU F 85 -8.63 -52.91 15.47
C LEU F 85 -9.06 -52.42 16.86
N THR F 86 -10.33 -52.03 16.95
CA THR F 86 -10.89 -51.52 18.19
C THR F 86 -11.19 -52.66 19.17
N VAL F 87 -11.46 -52.27 20.42
CA VAL F 87 -11.99 -53.14 21.44
C VAL F 87 -13.10 -52.39 22.17
N SER F 88 -14.03 -53.13 22.76
CA SER F 88 -15.18 -52.52 23.40
C SER F 88 -14.76 -51.73 24.64
N GLU F 89 -15.67 -50.90 25.14
CA GLU F 89 -15.40 -50.02 26.27
C GLU F 89 -16.06 -50.46 27.56
N TYR F 90 -17.37 -50.74 27.51
CA TYR F 90 -18.06 -51.20 28.72
C TYR F 90 -17.55 -52.55 29.18
N GLU F 91 -17.19 -53.43 28.25
CA GLU F 91 -16.70 -54.75 28.57
C GLU F 91 -15.23 -54.75 28.97
N ALA F 92 -14.55 -53.61 28.87
CA ALA F 92 -13.18 -53.48 29.34
C ALA F 92 -13.05 -52.60 30.57
N LYS F 93 -14.05 -51.78 30.86
CA LYS F 93 -14.06 -50.97 32.08
C LYS F 93 -14.50 -51.74 33.31
N THR F 94 -15.24 -52.83 33.14
CA THR F 94 -15.72 -53.62 34.25
C THR F 94 -14.70 -54.61 34.78
N LEU F 95 -13.55 -54.73 34.11
CA LEU F 95 -12.51 -55.67 34.53
C LEU F 95 -11.27 -54.99 35.09
N SER F 96 -10.97 -53.77 34.68
CA SER F 96 -9.76 -53.08 35.13
C SER F 96 -9.92 -52.60 36.56
N GLN F 97 -8.78 -52.31 37.19
CA GLN F 97 -8.75 -51.85 38.57
C GLN F 97 -7.94 -50.57 38.76
N ASP F 98 -7.51 -49.92 37.68
CA ASP F 98 -6.78 -48.67 37.77
C ASP F 98 -7.07 -47.82 36.53
N SER F 99 -6.45 -46.64 36.47
CA SER F 99 -6.70 -45.68 35.40
C SER F 99 -5.69 -45.78 34.27
N GLU F 100 -4.87 -46.83 34.24
CA GLU F 100 -3.87 -46.99 33.20
C GLU F 100 -3.96 -48.34 32.50
N ALA F 101 -5.15 -48.93 32.42
CA ALA F 101 -5.28 -50.23 31.76
C ALA F 101 -5.75 -50.09 30.31
N ALA F 102 -6.75 -49.23 30.09
CA ALA F 102 -7.21 -48.98 28.73
C ALA F 102 -6.11 -48.39 27.87
N ALA F 103 -5.30 -47.51 28.45
CA ALA F 103 -4.18 -46.95 27.71
C ALA F 103 -3.17 -48.03 27.32
N ARG F 104 -2.89 -48.97 28.23
CA ARG F 104 -1.96 -50.05 27.91
C ARG F 104 -2.50 -50.95 26.82
N VAL F 105 -3.80 -51.27 26.86
CA VAL F 105 -4.38 -52.11 25.82
C VAL F 105 -4.35 -51.39 24.47
N ASP F 106 -4.65 -50.09 24.46
CA ASP F 106 -4.60 -49.33 23.22
C ASP F 106 -3.17 -49.25 22.68
N GLU F 107 -2.19 -49.14 23.58
CA GLU F 107 -0.80 -49.16 23.15
C GLU F 107 -0.43 -50.50 22.55
N GLY F 108 -0.89 -51.60 23.14
CA GLY F 108 -0.60 -52.92 22.60
C GLY F 108 -1.33 -53.25 21.33
N LEU F 109 -2.42 -52.55 21.03
CA LEU F 109 -3.21 -52.84 19.84
C LEU F 109 -2.71 -52.15 18.58
N ALA F 110 -1.68 -51.30 18.66
CA ALA F 110 -1.16 -50.63 17.47
C ALA F 110 0.05 -51.32 16.86
N MET F 111 0.76 -52.14 17.64
CA MET F 111 1.85 -52.94 17.09
C MET F 111 1.35 -53.84 15.97
N VAL F 112 0.14 -54.39 16.13
CA VAL F 112 -0.41 -55.29 15.11
C VAL F 112 -0.64 -54.55 13.80
N GLU F 113 -1.18 -53.34 13.88
CA GLU F 113 -1.39 -52.54 12.66
C GLU F 113 -0.06 -52.21 11.99
N ARG F 114 0.95 -51.86 12.78
CA ARG F 114 2.26 -51.57 12.19
C ARG F 114 2.83 -52.81 11.51
N VAL F 115 2.68 -53.98 12.12
CA VAL F 115 3.16 -55.22 11.53
C VAL F 115 2.46 -55.50 10.21
N LEU F 116 1.14 -55.30 10.17
CA LEU F 116 0.40 -55.54 8.92
C LEU F 116 0.88 -54.60 7.82
N MET F 117 1.08 -53.32 8.14
CA MET F 117 1.59 -52.39 7.14
C MET F 117 2.95 -52.81 6.63
N ALA F 118 3.86 -53.21 7.54
CA ALA F 118 5.19 -53.62 7.10
C ALA F 118 5.13 -54.84 6.20
N TYR F 119 4.28 -55.80 6.54
CA TYR F 119 4.15 -57.01 5.71
C TYR F 119 3.63 -56.66 4.32
N MET F 120 2.66 -55.76 4.24
CA MET F 120 2.14 -55.39 2.92
C MET F 120 3.19 -54.64 2.09
N GLU F 121 4.00 -53.80 2.72
CA GLU F 121 5.00 -53.06 1.94
C GLU F 121 6.18 -53.95 1.52
N THR F 122 6.53 -54.95 2.33
CA THR F 122 7.69 -55.78 1.99
C THR F 122 7.46 -56.61 0.74
N ASN F 123 6.28 -57.20 0.61
CA ASN F 123 5.99 -58.16 -0.46
C ASN F 123 5.39 -57.52 -1.71
N SER F 124 5.44 -56.20 -1.82
CA SER F 124 5.06 -55.49 -3.05
C SER F 124 3.60 -55.76 -3.44
N PHE F 125 2.68 -55.33 -2.57
CA PHE F 125 1.25 -55.40 -2.85
C PHE F 125 0.75 -54.18 -3.61
N ARG F 126 1.61 -53.22 -3.91
CA ARG F 126 1.15 -51.94 -4.45
C ARG F 126 1.13 -51.88 -5.97
N VAL F 127 1.80 -52.80 -6.65
CA VAL F 127 1.78 -52.83 -8.11
C VAL F 127 0.50 -53.50 -8.63
N PRO F 128 0.08 -54.66 -8.11
CA PRO F 128 -1.19 -55.23 -8.59
C PRO F 128 -2.39 -54.34 -8.37
N LEU F 129 -2.41 -53.55 -7.29
CA LEU F 129 -3.59 -52.75 -6.97
C LEU F 129 -3.81 -51.64 -8.00
N PHE F 130 -2.73 -51.03 -8.48
CA PHE F 130 -2.88 -49.97 -9.49
C PHE F 130 -3.44 -50.54 -10.78
N GLU F 131 -2.98 -51.72 -11.20
CA GLU F 131 -3.53 -52.36 -12.39
C GLU F 131 -4.97 -52.78 -12.18
N ALA F 132 -5.31 -53.26 -10.98
CA ALA F 132 -6.69 -53.64 -10.71
C ALA F 132 -7.63 -52.44 -10.75
N LEU F 133 -7.22 -51.32 -10.19
CA LEU F 133 -8.07 -50.13 -10.16
C LEU F 133 -8.33 -49.55 -11.54
N LYS F 134 -7.49 -49.86 -12.52
CA LYS F 134 -7.68 -49.36 -13.87
C LYS F 134 -8.54 -50.29 -14.73
N GLN F 135 -8.58 -51.58 -14.42
CA GLN F 135 -9.49 -52.49 -15.10
C GLN F 135 -10.94 -52.30 -14.65
N LEU F 136 -11.14 -51.83 -13.42
CA LEU F 136 -12.49 -51.63 -12.89
C LEU F 136 -13.21 -50.49 -13.60
N ILE F 137 -12.49 -49.50 -14.13
CA ILE F 137 -13.14 -48.37 -14.78
C ILE F 137 -13.48 -48.65 -16.25
N VAL F 138 -12.75 -49.55 -16.91
CA VAL F 138 -13.00 -49.84 -18.30
C VAL F 138 -13.81 -51.10 -18.52
N SER F 139 -13.74 -52.08 -17.62
CA SER F 139 -14.53 -53.30 -17.77
C SER F 139 -15.42 -53.60 -16.58
N GLY F 140 -14.96 -53.33 -15.37
CA GLY F 140 -15.77 -53.52 -14.18
C GLY F 140 -15.56 -54.79 -13.40
N ASN F 141 -14.53 -55.58 -13.72
CA ASN F 141 -14.32 -56.86 -13.06
C ASN F 141 -12.82 -57.14 -12.92
N CYS F 142 -12.48 -57.91 -11.88
CA CYS F 142 -11.13 -58.41 -11.67
C CYS F 142 -11.17 -59.41 -10.51
N LEU F 143 -10.10 -60.20 -10.40
CA LEU F 143 -9.97 -61.20 -9.35
C LEU F 143 -8.61 -61.06 -8.68
N LEU F 144 -8.52 -61.44 -7.40
CA LEU F 144 -7.31 -61.28 -6.62
C LEU F 144 -7.04 -62.55 -5.82
N TYR F 145 -5.78 -62.95 -5.76
CA TYR F 145 -5.35 -64.14 -5.04
C TYR F 145 -4.22 -63.77 -4.08
N ILE F 146 -4.30 -64.28 -2.86
CA ILE F 146 -3.32 -64.00 -1.81
C ILE F 146 -2.68 -65.30 -1.38
N PRO F 147 -1.46 -65.58 -1.86
CA PRO F 147 -0.81 -66.85 -1.51
C PRO F 147 -0.48 -66.96 -0.03
N GLU F 148 -0.36 -68.19 0.43
CA GLU F 148 -0.19 -68.47 1.85
C GLU F 148 1.17 -67.98 2.34
N PRO F 149 1.23 -67.25 3.44
CA PRO F 149 2.50 -66.60 3.83
C PRO F 149 3.54 -67.57 4.33
N GLU F 150 4.80 -67.16 4.20
CA GLU F 150 5.94 -67.97 4.62
C GLU F 150 6.94 -67.06 5.31
N GLN F 151 7.77 -67.65 6.17
CA GLN F 151 8.65 -66.88 7.04
C GLN F 151 9.68 -66.08 6.25
N GLY F 152 10.39 -66.73 5.32
CA GLY F 152 11.51 -66.07 4.68
C GLY F 152 11.61 -66.15 3.18
N THR F 153 10.48 -66.09 2.46
CA THR F 153 10.48 -66.15 1.01
C THR F 153 9.67 -65.00 0.44
N TYR F 154 9.64 -64.93 -0.89
CA TYR F 154 8.95 -63.89 -1.64
C TYR F 154 7.65 -64.47 -2.19
N SER F 155 6.53 -63.89 -1.77
CA SER F 155 5.19 -64.37 -2.18
C SER F 155 4.35 -63.18 -2.61
N PRO F 156 4.52 -62.71 -3.84
CA PRO F 156 3.74 -61.56 -4.31
C PRO F 156 2.29 -61.92 -4.57
N MET F 157 1.47 -60.89 -4.73
CA MET F 157 0.04 -61.02 -4.98
C MET F 157 -0.24 -60.93 -6.48
N ARG F 158 -1.20 -61.73 -6.93
CA ARG F 158 -1.50 -61.87 -8.35
C ARG F 158 -2.87 -61.28 -8.68
N MET F 159 -3.16 -61.20 -9.98
CA MET F 159 -4.41 -60.62 -10.46
C MET F 159 -4.78 -61.27 -11.78
N TYR F 160 -6.07 -61.48 -11.98
CA TYR F 160 -6.60 -62.12 -13.18
C TYR F 160 -7.52 -61.17 -13.93
N ARG F 161 -7.51 -61.27 -15.25
CA ARG F 161 -8.39 -60.46 -16.08
C ARG F 161 -9.76 -61.14 -16.20
N LEU F 162 -10.67 -60.50 -16.94
CA LEU F 162 -12.01 -61.07 -17.10
C LEU F 162 -12.03 -62.29 -18.00
N VAL F 163 -10.99 -62.50 -18.81
CA VAL F 163 -11.01 -63.56 -19.82
C VAL F 163 -10.35 -64.81 -19.29
N SER F 164 -10.23 -64.94 -17.97
CA SER F 164 -9.54 -66.08 -17.41
C SER F 164 -10.19 -66.70 -16.17
N TYR F 165 -11.43 -66.35 -15.84
CA TYR F 165 -12.09 -66.97 -14.69
C TYR F 165 -13.60 -66.95 -14.89
N VAL F 166 -14.28 -67.72 -14.04
CA VAL F 166 -15.73 -67.93 -14.11
C VAL F 166 -16.30 -67.97 -12.70
N VAL F 167 -17.46 -67.32 -12.51
CA VAL F 167 -18.13 -67.30 -11.21
C VAL F 167 -19.63 -67.50 -11.42
N GLN F 168 -20.29 -68.09 -10.41
CA GLN F 168 -21.73 -68.25 -10.39
C GLN F 168 -22.28 -67.76 -9.06
N ARG F 169 -23.29 -66.88 -9.12
CA ARG F 169 -23.89 -66.28 -7.94
C ARG F 169 -25.37 -66.62 -7.87
N ASP F 170 -25.92 -66.55 -6.66
CA ASP F 170 -27.35 -66.68 -6.44
C ASP F 170 -28.04 -65.34 -6.71
N ALA F 171 -29.37 -65.36 -6.76
CA ALA F 171 -30.12 -64.11 -6.91
C ALA F 171 -30.05 -63.25 -5.65
N PHE F 172 -29.85 -63.87 -4.49
CA PHE F 172 -29.66 -63.12 -3.25
C PHE F 172 -28.33 -62.37 -3.27
N GLY F 173 -27.30 -62.96 -3.87
CA GLY F 173 -25.98 -62.36 -3.90
C GLY F 173 -24.91 -63.17 -3.21
N ASN F 174 -25.05 -64.49 -3.23
CA ASN F 174 -24.08 -65.40 -2.63
C ASN F 174 -23.23 -66.05 -3.71
N ILE F 175 -22.01 -66.42 -3.33
CA ILE F 175 -21.06 -67.04 -4.26
C ILE F 175 -21.10 -68.55 -4.07
N LEU F 176 -21.15 -69.29 -5.17
CA LEU F 176 -21.26 -70.75 -5.12
C LEU F 176 -20.09 -71.48 -5.78
N GLN F 177 -19.55 -70.99 -6.89
CA GLN F 177 -18.46 -71.67 -7.59
C GLN F 177 -17.50 -70.67 -8.20
N ILE F 178 -16.22 -71.02 -8.23
CA ILE F 178 -15.19 -70.28 -8.95
C ILE F 178 -14.25 -71.29 -9.62
N VAL F 179 -13.86 -71.01 -10.86
CA VAL F 179 -12.92 -71.83 -11.61
C VAL F 179 -11.95 -70.92 -12.36
N THR F 180 -10.66 -71.28 -12.36
CA THR F 180 -9.62 -70.48 -13.00
C THR F 180 -8.82 -71.34 -13.98
N LEU F 181 -7.97 -70.67 -14.77
CA LEU F 181 -7.18 -71.33 -15.81
C LEU F 181 -5.78 -70.73 -15.86
N ASP F 182 -4.77 -71.59 -15.95
CA ASP F 182 -3.37 -71.18 -16.05
C ASP F 182 -2.68 -71.98 -17.14
N LYS F 183 -1.62 -71.42 -17.71
CA LYS F 183 -0.86 -72.06 -18.78
C LYS F 183 0.62 -71.96 -18.46
N VAL F 184 1.27 -73.11 -18.23
CA VAL F 184 2.67 -73.16 -17.86
C VAL F 184 3.39 -74.19 -18.73
N ALA F 185 4.70 -74.03 -18.85
CA ALA F 185 5.52 -74.96 -19.60
C ALA F 185 5.87 -76.17 -18.74
N PHE F 186 6.55 -77.14 -19.34
CA PHE F 186 6.88 -78.37 -18.64
C PHE F 186 8.10 -78.27 -17.74
N SER F 187 8.94 -77.25 -17.92
CA SER F 187 10.12 -77.08 -17.09
C SER F 187 9.91 -76.13 -15.92
N ALA F 188 8.83 -75.37 -15.91
CA ALA F 188 8.51 -74.46 -14.81
C ALA F 188 7.67 -75.11 -13.73
N LEU F 189 7.30 -76.37 -13.90
CA LEU F 189 6.46 -77.07 -12.94
C LEU F 189 7.29 -77.53 -11.74
N PRO F 190 6.67 -77.61 -10.57
CA PRO F 190 7.36 -78.23 -9.42
C PRO F 190 7.65 -79.69 -9.69
N GLU F 191 8.75 -80.18 -9.11
CA GLU F 191 9.23 -81.51 -9.43
C GLU F 191 8.30 -82.61 -8.93
N ASP F 192 7.54 -82.35 -7.86
CA ASP F 192 6.61 -83.35 -7.36
C ASP F 192 5.49 -83.61 -8.37
N VAL F 193 4.97 -82.56 -8.99
CA VAL F 193 3.96 -82.72 -10.04
C VAL F 193 4.57 -83.39 -11.26
N LYS F 194 5.83 -83.06 -11.57
CA LYS F 194 6.52 -83.69 -12.69
C LYS F 194 6.74 -85.18 -12.44
N SER F 195 6.81 -85.58 -11.18
CA SER F 195 7.03 -86.99 -10.85
C SER F 195 5.87 -87.87 -11.31
N GLN F 196 4.66 -87.31 -11.40
CA GLN F 196 3.48 -88.10 -11.74
C GLN F 196 3.20 -88.13 -13.24
N LEU F 197 4.02 -87.47 -14.06
CA LEU F 197 3.89 -87.50 -15.50
C LEU F 197 5.18 -88.04 -16.10
N ASN F 198 5.04 -88.94 -17.08
CA ASN F 198 6.22 -89.48 -17.76
C ASN F 198 6.83 -88.42 -18.68
N ALA F 199 8.15 -88.26 -18.59
CA ALA F 199 8.81 -87.18 -19.31
C ALA F 199 8.96 -87.46 -20.79
N ASP F 200 8.85 -88.72 -21.21
CA ASP F 200 9.13 -89.07 -22.60
C ASP F 200 8.14 -88.40 -23.56
N ASP F 201 6.87 -88.32 -23.17
CA ASP F 201 5.86 -87.76 -24.06
C ASP F 201 6.09 -86.28 -24.31
N TYR F 202 6.48 -85.54 -23.28
CA TYR F 202 6.55 -84.09 -23.38
C TYR F 202 7.95 -83.63 -23.77
N GLU F 203 8.05 -82.32 -23.99
CA GLU F 203 9.29 -81.64 -24.34
C GLU F 203 9.46 -80.45 -23.42
N PRO F 204 10.68 -79.94 -23.27
CA PRO F 204 10.91 -78.83 -22.32
C PRO F 204 10.19 -77.54 -22.67
N ASP F 205 9.46 -77.53 -23.78
CA ASP F 205 8.81 -76.31 -24.26
C ASP F 205 7.39 -76.59 -24.73
N THR F 206 6.67 -77.46 -24.01
CA THR F 206 5.28 -77.77 -24.33
C THR F 206 4.40 -77.32 -23.18
N GLU F 207 3.31 -76.64 -23.50
CA GLU F 207 2.47 -76.01 -22.48
C GLU F 207 1.40 -76.97 -21.99
N LEU F 208 1.24 -77.02 -20.68
CA LEU F 208 0.15 -77.76 -20.04
C LEU F 208 -0.91 -76.78 -19.53
N GLU F 209 -2.07 -77.32 -19.21
CA GLU F 209 -3.19 -76.51 -18.71
C GLU F 209 -3.67 -77.08 -17.39
N VAL F 210 -3.79 -76.22 -16.38
CA VAL F 210 -4.21 -76.63 -15.04
C VAL F 210 -5.47 -75.86 -14.66
N TYR F 211 -6.26 -76.48 -13.78
CA TYR F 211 -7.55 -75.93 -13.38
C TYR F 211 -7.68 -75.97 -11.86
N THR F 212 -8.46 -75.04 -11.32
CA THR F 212 -8.74 -74.97 -9.90
C THR F 212 -10.24 -74.86 -9.70
N HIS F 213 -10.77 -75.57 -8.71
CA HIS F 213 -12.21 -75.63 -8.46
C HIS F 213 -12.46 -75.38 -6.98
N ILE F 214 -13.34 -74.42 -6.68
CA ILE F 214 -13.73 -74.10 -5.31
C ILE F 214 -15.26 -74.10 -5.26
N TYR F 215 -15.83 -74.89 -4.34
CA TYR F 215 -17.28 -75.01 -4.25
C TYR F 215 -17.69 -75.12 -2.79
N ARG F 216 -18.97 -74.83 -2.54
CA ARG F 216 -19.51 -74.75 -1.18
C ARG F 216 -20.16 -76.07 -0.80
N GLN F 217 -19.82 -76.58 0.38
CA GLN F 217 -20.32 -77.88 0.83
C GLN F 217 -20.48 -77.82 2.35
N ASP F 218 -21.73 -77.63 2.81
CA ASP F 218 -22.09 -77.70 4.23
C ASP F 218 -21.33 -76.66 5.06
N ASP F 219 -21.58 -75.38 4.74
CA ASP F 219 -21.05 -74.25 5.51
C ASP F 219 -19.53 -74.25 5.56
N GLU F 220 -18.89 -74.55 4.44
CA GLU F 220 -17.44 -74.47 4.31
C GLU F 220 -17.10 -74.53 2.84
N TYR F 221 -15.82 -74.34 2.53
CA TYR F 221 -15.33 -74.33 1.16
C TYR F 221 -14.31 -75.44 0.95
N LEU F 222 -14.33 -76.03 -0.24
CA LEU F 222 -13.42 -77.09 -0.60
C LEU F 222 -12.72 -76.75 -1.91
N ARG F 223 -11.56 -77.37 -2.14
CA ARG F 223 -10.79 -77.08 -3.34
C ARG F 223 -9.96 -78.28 -3.74
N TYR F 224 -9.59 -78.34 -5.02
CA TYR F 224 -8.65 -79.33 -5.54
C TYR F 224 -8.05 -78.77 -6.83
N GLU F 225 -7.17 -79.55 -7.44
CA GLU F 225 -6.47 -79.13 -8.65
C GLU F 225 -6.41 -80.28 -9.64
N GLU F 226 -6.49 -79.95 -10.92
CA GLU F 226 -6.64 -80.96 -11.98
C GLU F 226 -5.77 -80.63 -13.18
N VAL F 227 -5.09 -81.64 -13.71
CA VAL F 227 -4.33 -81.52 -14.95
C VAL F 227 -4.59 -82.75 -15.80
N GLU F 228 -4.82 -82.54 -17.09
CA GLU F 228 -5.01 -83.60 -18.08
C GLU F 228 -6.21 -84.50 -17.77
N GLY F 229 -7.15 -84.03 -16.95
CA GLY F 229 -8.26 -84.85 -16.52
C GLY F 229 -8.02 -85.65 -15.26
N ILE F 230 -6.81 -85.60 -14.71
CA ILE F 230 -6.44 -86.35 -13.52
C ILE F 230 -6.16 -85.37 -12.39
N GLU F 231 -6.64 -85.71 -11.20
CA GLU F 231 -6.50 -84.85 -10.03
C GLU F 231 -5.11 -85.00 -9.43
N VAL F 232 -4.44 -83.87 -9.17
CA VAL F 232 -3.12 -83.89 -8.58
C VAL F 232 -3.23 -84.20 -7.09
N ALA F 233 -2.51 -85.21 -6.63
CA ALA F 233 -2.51 -85.56 -5.22
C ALA F 233 -1.69 -84.54 -4.43
N GLY F 234 -2.21 -84.17 -3.26
CA GLY F 234 -1.54 -83.22 -2.41
C GLY F 234 -1.95 -81.78 -2.55
N THR F 235 -3.06 -81.50 -3.23
CA THR F 235 -3.52 -80.13 -3.42
C THR F 235 -4.88 -79.86 -2.80
N GLU F 236 -5.50 -80.84 -2.14
CA GLU F 236 -6.79 -80.62 -1.52
C GLU F 236 -6.66 -79.75 -0.27
N GLY F 237 -7.78 -79.21 0.16
CA GLY F 237 -7.77 -78.34 1.33
C GLY F 237 -9.17 -77.84 1.63
N SER F 238 -9.25 -76.95 2.62
CA SER F 238 -10.52 -76.40 3.07
C SER F 238 -10.31 -74.97 3.55
N TYR F 239 -11.36 -74.17 3.44
CA TYR F 239 -11.35 -72.80 3.90
C TYR F 239 -12.59 -72.51 4.72
N PRO F 240 -12.51 -71.58 5.67
CA PRO F 240 -13.71 -71.15 6.39
C PRO F 240 -14.66 -70.40 5.46
N LEU F 241 -15.84 -70.09 5.99
CA LEU F 241 -16.84 -69.41 5.19
C LEU F 241 -16.59 -67.90 5.09
N THR F 242 -15.63 -67.36 5.84
CA THR F 242 -15.38 -65.92 5.85
C THR F 242 -13.93 -65.56 5.54
N ALA F 243 -13.11 -66.50 5.11
CA ALA F 243 -11.69 -66.25 4.85
C ALA F 243 -11.25 -66.90 3.56
N CYS F 244 -12.06 -66.78 2.52
CA CYS F 244 -11.67 -67.31 1.21
C CYS F 244 -10.68 -66.36 0.55
N PRO F 245 -9.50 -66.84 0.13
CA PRO F 245 -8.49 -65.94 -0.42
C PRO F 245 -8.69 -65.57 -1.89
N TYR F 246 -9.88 -65.81 -2.44
CA TYR F 246 -10.24 -65.35 -3.77
C TYR F 246 -11.32 -64.29 -3.66
N ILE F 247 -11.09 -63.13 -4.26
CA ILE F 247 -11.94 -61.97 -4.03
C ILE F 247 -12.44 -61.36 -5.34
N PRO F 248 -13.59 -61.79 -5.86
CA PRO F 248 -14.16 -61.10 -7.02
C PRO F 248 -14.65 -59.71 -6.64
N VAL F 249 -14.40 -58.74 -7.52
CA VAL F 249 -14.68 -57.34 -7.25
C VAL F 249 -15.57 -56.77 -8.34
N ARG F 250 -16.59 -56.02 -7.94
CA ARG F 250 -17.50 -55.35 -8.85
C ARG F 250 -17.54 -53.85 -8.55
N MET F 251 -17.86 -53.06 -9.56
CA MET F 251 -17.90 -51.61 -9.42
C MET F 251 -19.32 -51.06 -9.26
N VAL F 252 -20.21 -51.37 -10.21
CA VAL F 252 -21.62 -50.97 -10.14
C VAL F 252 -22.45 -52.23 -10.02
N ARG F 253 -23.24 -52.33 -8.97
CA ARG F 253 -23.97 -53.55 -8.64
C ARG F 253 -25.45 -53.39 -8.96
N LEU F 254 -25.99 -54.34 -9.72
CA LEU F 254 -27.42 -54.41 -10.02
C LEU F 254 -28.01 -55.61 -9.30
N ASP F 255 -29.30 -55.85 -9.54
CA ASP F 255 -30.05 -56.89 -8.84
C ASP F 255 -30.22 -58.10 -9.77
N GLY F 256 -29.76 -59.26 -9.31
CA GLY F 256 -29.99 -60.51 -10.01
C GLY F 256 -29.02 -60.85 -11.11
N GLU F 257 -27.90 -60.14 -11.22
CA GLU F 257 -26.92 -60.40 -12.26
C GLU F 257 -25.59 -60.83 -11.66
N ASP F 258 -24.87 -61.66 -12.40
CA ASP F 258 -23.47 -61.93 -12.11
C ASP F 258 -22.62 -60.80 -12.66
N TYR F 259 -21.39 -60.69 -12.15
CA TYR F 259 -20.46 -59.66 -12.61
C TYR F 259 -21.03 -58.26 -12.40
N GLY F 260 -20.36 -57.23 -12.94
CA GLY F 260 -20.78 -55.87 -12.72
C GLY F 260 -20.60 -55.03 -13.97
N ARG F 261 -21.13 -53.82 -13.91
CA ARG F 261 -21.02 -52.85 -14.99
C ARG F 261 -19.96 -51.80 -14.66
N SER F 262 -19.62 -50.98 -15.65
CA SER F 262 -18.52 -50.05 -15.55
C SER F 262 -19.03 -48.63 -15.35
N TYR F 263 -18.09 -47.70 -15.18
CA TYR F 263 -18.41 -46.29 -14.99
C TYR F 263 -18.33 -45.49 -16.29
N CYS F 264 -17.41 -45.85 -17.19
CA CYS F 264 -17.29 -45.17 -18.47
C CYS F 264 -18.45 -45.48 -19.41
N GLU F 265 -19.28 -46.45 -19.06
CA GLU F 265 -20.39 -46.86 -19.93
C GLU F 265 -21.50 -45.82 -19.98
N GLU F 266 -21.58 -44.94 -18.99
CA GLU F 266 -22.65 -43.96 -18.95
C GLU F 266 -22.41 -42.77 -19.87
N TYR F 267 -21.22 -42.63 -20.42
CA TYR F 267 -20.84 -41.45 -21.20
C TYR F 267 -20.25 -41.86 -22.55
N LEU F 268 -20.92 -42.77 -23.24
CA LEU F 268 -20.41 -43.20 -24.54
C LEU F 268 -20.92 -42.33 -25.69
N GLY F 269 -22.16 -41.84 -25.57
CA GLY F 269 -22.71 -41.01 -26.63
C GLY F 269 -21.93 -39.73 -26.84
N ASP F 270 -21.47 -39.11 -25.76
CA ASP F 270 -20.74 -37.85 -25.89
C ASP F 270 -19.39 -38.05 -26.57
N LEU F 271 -18.67 -39.11 -26.22
CA LEU F 271 -17.40 -39.38 -26.88
C LEU F 271 -17.62 -39.68 -28.36
N ASN F 272 -18.63 -40.49 -28.67
CA ASN F 272 -18.92 -40.81 -30.06
C ASN F 272 -19.34 -39.58 -30.85
N SER F 273 -19.99 -38.63 -30.20
CA SER F 273 -20.35 -37.38 -30.89
C SER F 273 -19.13 -36.50 -31.10
N LEU F 274 -18.24 -36.42 -30.11
CA LEU F 274 -17.07 -35.55 -30.22
C LEU F 274 -16.13 -36.01 -31.33
N GLU F 275 -15.92 -37.33 -31.44
CA GLU F 275 -14.99 -37.84 -32.44
C GLU F 275 -15.43 -37.49 -33.87
N THR F 276 -16.73 -37.55 -34.15
CA THR F 276 -17.23 -37.27 -35.49
C THR F 276 -16.90 -35.85 -35.92
N ILE F 277 -17.10 -34.89 -35.02
CA ILE F 277 -16.82 -33.50 -35.36
C ILE F 277 -15.32 -33.25 -35.50
N THR F 278 -14.52 -33.85 -34.60
CA THR F 278 -13.08 -33.63 -34.67
C THR F 278 -12.49 -34.14 -35.98
N GLU F 279 -12.95 -35.31 -36.44
CA GLU F 279 -12.43 -35.86 -37.69
C GLU F 279 -12.66 -34.90 -38.85
N ALA F 280 -13.89 -34.39 -38.97
CA ALA F 280 -14.21 -33.48 -40.07
C ALA F 280 -13.41 -32.20 -39.99
N ILE F 281 -13.24 -31.66 -38.78
CA ILE F 281 -12.48 -30.42 -38.65
C ILE F 281 -11.03 -30.63 -39.09
N THR F 282 -10.43 -31.77 -38.72
CA THR F 282 -9.06 -32.04 -39.14
C THR F 282 -8.95 -32.19 -40.65
N LYS F 283 -9.90 -32.92 -41.25
CA LYS F 283 -9.82 -33.17 -42.69
C LYS F 283 -10.02 -31.89 -43.51
N MET F 284 -10.94 -31.02 -43.09
CA MET F 284 -11.07 -29.75 -43.81
C MET F 284 -9.86 -28.85 -43.69
N ALA F 285 -8.98 -29.09 -42.71
CA ALA F 285 -7.71 -28.37 -42.62
C ALA F 285 -6.63 -29.01 -43.48
N LYS F 286 -6.65 -30.34 -43.61
CA LYS F 286 -5.70 -30.97 -44.53
C LYS F 286 -6.02 -30.64 -46.00
N VAL F 287 -7.30 -30.52 -46.35
CA VAL F 287 -7.67 -30.26 -47.74
C VAL F 287 -7.23 -28.86 -48.19
N ALA F 288 -7.18 -27.90 -47.27
CA ALA F 288 -6.94 -26.50 -47.62
C ALA F 288 -5.46 -26.13 -47.61
N SER F 289 -4.57 -27.09 -47.90
CA SER F 289 -3.14 -26.83 -47.98
C SER F 289 -2.58 -27.29 -49.31
N LYS F 290 -3.39 -27.25 -50.36
CA LYS F 290 -2.99 -27.66 -51.70
C LYS F 290 -3.08 -26.47 -52.63
N VAL F 291 -2.02 -26.23 -53.41
CA VAL F 291 -1.92 -25.06 -54.26
C VAL F 291 -2.33 -25.43 -55.67
N VAL F 292 -3.25 -24.66 -56.26
CA VAL F 292 -3.70 -24.87 -57.62
C VAL F 292 -3.96 -23.50 -58.24
N GLY F 293 -3.17 -23.12 -59.25
CA GLY F 293 -3.41 -21.88 -59.94
C GLY F 293 -4.50 -22.00 -60.99
N LEU F 294 -5.05 -20.87 -61.40
CA LEU F 294 -6.15 -20.85 -62.36
C LEU F 294 -5.93 -19.70 -63.33
N VAL F 295 -5.75 -20.03 -64.61
CA VAL F 295 -5.46 -19.05 -65.64
C VAL F 295 -6.66 -18.92 -66.57
N ASN F 296 -7.00 -17.68 -66.92
CA ASN F 296 -8.19 -17.42 -67.71
C ASN F 296 -7.90 -17.66 -69.19
N PRO F 297 -8.62 -18.58 -69.86
CA PRO F 297 -8.29 -18.91 -71.24
C PRO F 297 -8.69 -17.86 -72.26
N ARG F 305 6.02 -18.51 -69.88
CA ARG F 305 6.97 -17.39 -69.69
C ARG F 305 7.18 -17.12 -68.21
N LEU F 306 6.24 -17.53 -67.36
CA LEU F 306 6.34 -17.27 -65.91
C LEU F 306 7.07 -18.44 -65.23
N ASN F 307 7.31 -19.52 -65.97
CA ASN F 307 7.94 -20.73 -65.38
C ASN F 307 9.42 -20.78 -65.77
N LYS F 308 9.82 -20.10 -66.85
CA LYS F 308 11.22 -20.20 -67.34
C LYS F 308 11.95 -18.89 -67.10
N ALA F 309 11.41 -18.02 -66.25
CA ALA F 309 12.06 -16.74 -65.91
C ALA F 309 13.04 -16.96 -64.77
N ALA F 310 13.62 -15.89 -64.23
CA ALA F 310 14.58 -16.01 -63.10
C ALA F 310 14.35 -14.83 -62.15
N THR F 311 14.71 -14.97 -60.87
CA THR F 311 14.41 -13.89 -59.90
C THR F 311 14.89 -12.56 -60.46
N GLY F 312 14.02 -11.56 -60.50
CA GLY F 312 14.40 -10.21 -60.97
C GLY F 312 14.35 -10.11 -62.48
N GLU F 313 13.18 -10.29 -63.07
CA GLU F 313 13.07 -10.09 -64.52
C GLU F 313 11.79 -9.34 -64.84
N PHE F 314 11.71 -8.87 -66.08
CA PHE F 314 10.52 -8.20 -66.61
C PHE F 314 9.95 -9.08 -67.72
N VAL F 315 8.73 -9.57 -67.53
CA VAL F 315 8.07 -10.38 -68.56
C VAL F 315 6.75 -9.69 -68.94
N ALA F 316 6.03 -10.26 -69.89
CA ALA F 316 4.83 -9.66 -70.45
C ALA F 316 3.60 -10.39 -69.96
N GLY F 317 2.62 -9.65 -69.47
CA GLY F 317 1.39 -10.25 -69.00
C GLY F 317 0.51 -9.23 -68.30
N ARG F 318 -0.49 -9.75 -67.58
CA ARG F 318 -1.41 -8.95 -66.80
C ARG F 318 -1.78 -9.71 -65.55
N VAL F 319 -2.22 -8.98 -64.51
CA VAL F 319 -2.53 -9.58 -63.23
C VAL F 319 -4.02 -9.86 -63.06
N GLU F 320 -4.81 -9.64 -64.10
CA GLU F 320 -6.22 -9.99 -64.06
C GLU F 320 -6.50 -11.40 -64.52
N ASP F 321 -5.49 -12.10 -65.03
CA ASP F 321 -5.68 -13.44 -65.60
C ASP F 321 -5.22 -14.56 -64.67
N ILE F 322 -4.77 -14.25 -63.46
CA ILE F 322 -4.24 -15.24 -62.54
C ILE F 322 -4.98 -15.13 -61.21
N ASN F 323 -5.46 -16.26 -60.70
CA ASN F 323 -6.10 -16.32 -59.39
C ASN F 323 -5.97 -17.74 -58.86
N PHE F 324 -6.15 -17.88 -57.55
CA PHE F 324 -5.89 -19.14 -56.86
C PHE F 324 -7.17 -19.68 -56.24
N LEU F 325 -7.30 -21.01 -56.28
CA LEU F 325 -8.46 -21.69 -55.72
C LEU F 325 -8.43 -21.64 -54.20
N GLN F 326 -9.60 -21.50 -53.58
CA GLN F 326 -9.67 -21.42 -52.13
C GLN F 326 -11.01 -21.97 -51.65
N LEU F 327 -11.04 -22.36 -50.37
CA LEU F 327 -12.19 -23.01 -49.74
C LEU F 327 -13.02 -21.94 -49.02
N THR F 328 -14.14 -21.56 -49.63
CA THR F 328 -14.99 -20.50 -49.08
C THR F 328 -16.15 -21.13 -48.30
N LYS F 329 -15.83 -21.58 -47.11
CA LYS F 329 -16.83 -22.08 -46.17
C LYS F 329 -17.15 -20.99 -45.16
N GLY F 330 -18.43 -20.65 -45.03
CA GLY F 330 -18.82 -19.50 -44.25
C GLY F 330 -18.90 -19.76 -42.75
N GLN F 331 -20.02 -19.38 -42.14
CA GLN F 331 -20.22 -19.58 -40.70
C GLN F 331 -20.54 -21.04 -40.39
N ASP F 332 -19.63 -21.92 -40.76
CA ASP F 332 -19.71 -23.34 -40.43
C ASP F 332 -18.56 -23.83 -39.58
N PHE F 333 -17.40 -23.18 -39.64
CA PHE F 333 -16.31 -23.48 -38.72
C PHE F 333 -16.68 -23.12 -37.29
N THR F 334 -17.31 -21.96 -37.12
CA THR F 334 -17.61 -21.45 -35.79
C THR F 334 -18.59 -22.34 -35.04
N ILE F 335 -19.66 -22.77 -35.71
CA ILE F 335 -20.70 -23.56 -35.06
C ILE F 335 -20.12 -24.87 -34.54
N ALA F 336 -19.42 -25.59 -35.42
CA ALA F 336 -18.84 -26.88 -35.02
C ALA F 336 -17.81 -26.70 -33.92
N LYS F 337 -16.97 -25.66 -34.02
CA LYS F 337 -15.96 -25.46 -32.99
C LYS F 337 -16.59 -25.18 -31.64
N SER F 338 -17.61 -24.31 -31.59
CA SER F 338 -18.25 -23.99 -30.31
C SER F 338 -18.96 -25.20 -29.72
N VAL F 339 -19.66 -25.99 -30.53
CA VAL F 339 -20.34 -27.17 -30.00
C VAL F 339 -19.33 -28.16 -29.45
N ALA F 340 -18.22 -28.38 -30.16
CA ALA F 340 -17.20 -29.29 -29.66
C ALA F 340 -16.61 -28.81 -28.34
N ASP F 341 -16.36 -27.50 -28.22
CA ASP F 341 -15.83 -26.98 -26.96
C ASP F 341 -16.82 -27.19 -25.82
N ALA F 342 -18.11 -26.99 -26.08
CA ALA F 342 -19.11 -27.21 -25.03
C ALA F 342 -19.13 -28.68 -24.59
N ILE F 343 -19.06 -29.61 -25.53
CA ILE F 343 -19.05 -31.02 -25.18
C ILE F 343 -17.82 -31.35 -24.33
N GLU F 344 -16.66 -30.84 -24.72
CA GLU F 344 -15.44 -31.12 -23.96
C GLU F 344 -15.53 -30.55 -22.55
N GLN F 345 -16.08 -29.34 -22.41
CA GLN F 345 -16.23 -28.74 -21.09
C GLN F 345 -17.15 -29.58 -20.21
N ARG F 346 -18.25 -30.08 -20.77
CA ARG F 346 -19.15 -30.89 -19.94
C ARG F 346 -18.52 -32.22 -19.57
N LEU F 347 -17.66 -32.78 -20.43
CA LEU F 347 -16.97 -34.02 -20.07
C LEU F 347 -15.92 -33.77 -19.00
N GLY F 348 -15.34 -32.58 -18.95
CA GLY F 348 -14.31 -32.31 -17.96
C GLY F 348 -14.81 -32.27 -16.53
N TRP F 349 -16.10 -32.02 -16.32
CA TRP F 349 -16.63 -31.89 -14.97
C TRP F 349 -16.90 -33.22 -14.28
N ALA F 350 -16.93 -34.31 -15.02
CA ALA F 350 -17.30 -35.61 -14.46
C ALA F 350 -16.12 -36.47 -14.07
N PHE F 351 -14.92 -36.18 -14.59
CA PHE F 351 -13.72 -36.94 -14.27
C PHE F 351 -12.74 -36.15 -13.41
N LEU F 352 -13.19 -35.04 -12.81
CA LEU F 352 -12.39 -34.25 -11.86
C LEU F 352 -11.12 -33.71 -12.49
N LEU F 353 -11.28 -33.09 -13.66
CA LEU F 353 -10.15 -32.42 -14.30
C LEU F 353 -10.01 -30.99 -13.79
N VAL F 372 -3.62 -34.69 6.16
CA VAL F 372 -3.19 -33.53 5.30
C VAL F 372 -4.34 -33.17 4.36
N ALA F 373 -4.20 -33.48 3.07
CA ALA F 373 -5.25 -33.18 2.08
C ALA F 373 -6.04 -34.47 1.78
N GLY F 374 -5.64 -35.58 2.39
CA GLY F 374 -6.36 -36.85 2.18
C GLY F 374 -7.85 -36.67 2.39
N GLU F 375 -8.26 -36.14 3.54
CA GLU F 375 -9.72 -36.00 3.84
C GLU F 375 -10.35 -34.92 2.95
N LEU F 376 -9.57 -33.90 2.57
CA LEU F 376 -10.11 -32.79 1.74
C LEU F 376 -10.54 -33.37 0.38
N GLU F 377 -9.68 -34.18 -0.23
CA GLU F 377 -10.03 -34.86 -1.50
C GLU F 377 -10.60 -36.25 -1.19
N ALA F 378 -11.91 -36.35 -0.95
CA ALA F 378 -12.54 -37.64 -0.63
C ALA F 378 -14.06 -37.44 -0.49
N SER F 385 -17.24 -45.07 -1.63
CA SER F 385 -17.91 -46.05 -0.75
C SER F 385 -18.27 -47.28 -1.58
N VAL F 386 -18.79 -48.34 -0.96
CA VAL F 386 -19.08 -49.62 -1.67
C VAL F 386 -17.74 -50.35 -1.84
N GLN F 387 -16.67 -49.63 -2.13
CA GLN F 387 -15.35 -50.27 -2.35
C GLN F 387 -14.69 -50.51 -0.98
N SER F 388 -15.41 -50.22 0.10
CA SER F 388 -14.89 -50.50 1.46
C SER F 388 -15.53 -51.78 1.98
N GLN F 389 -16.57 -52.25 1.30
CA GLN F 389 -17.23 -53.54 1.68
C GLN F 389 -16.88 -54.58 0.62
N GLU F 390 -16.46 -54.15 -0.57
CA GLU F 390 -16.09 -55.07 -1.69
C GLU F 390 -14.59 -55.37 -1.61
N LEU F 391 -13.73 -54.35 -1.63
CA LEU F 391 -12.27 -54.53 -1.43
C LEU F 391 -11.99 -54.18 0.04
N GLN F 392 -10.74 -54.08 0.45
CA GLN F 392 -10.43 -53.62 1.83
C GLN F 392 -10.93 -54.62 2.87
N LEU F 393 -12.08 -54.40 3.50
CA LEU F 393 -12.49 -55.29 4.61
C LEU F 393 -12.18 -56.76 4.29
N PRO F 394 -12.46 -57.32 3.10
CA PRO F 394 -12.09 -58.71 2.82
C PRO F 394 -10.59 -59.05 2.70
N ILE F 395 -9.68 -58.08 2.65
CA ILE F 395 -8.21 -58.34 2.64
C ILE F 395 -7.70 -58.41 4.08
N VAL F 396 -8.28 -57.62 4.98
CA VAL F 396 -7.82 -57.57 6.40
C VAL F 396 -8.28 -58.83 7.12
N ARG F 397 -9.26 -59.56 6.59
CA ARG F 397 -9.81 -60.74 7.30
C ARG F 397 -9.10 -62.04 6.92
N VAL F 398 -8.36 -62.07 5.81
CA VAL F 398 -7.61 -63.26 5.35
C VAL F 398 -6.20 -63.20 5.95
N LEU F 399 -5.58 -62.03 5.96
CA LEU F 399 -4.19 -61.86 6.48
C LEU F 399 -4.15 -62.06 7.99
N MET F 400 -5.16 -61.62 8.72
CA MET F 400 -5.21 -61.84 10.19
C MET F 400 -5.33 -63.34 10.47
N ASN F 401 -6.05 -64.09 9.65
CA ASN F 401 -6.26 -65.53 9.91
C ASN F 401 -5.00 -66.33 9.58
N GLN F 402 -4.28 -65.96 8.51
CA GLN F 402 -3.12 -66.78 8.07
C GLN F 402 -1.82 -66.36 8.79
N LEU F 403 -1.70 -65.12 9.24
CA LEU F 403 -0.43 -64.66 9.86
C LEU F 403 -0.35 -65.13 11.32
N GLN F 404 -1.48 -65.44 11.95
CA GLN F 404 -1.47 -65.96 13.33
C GLN F 404 -1.03 -67.41 13.32
N SER F 405 -1.33 -68.14 12.26
CA SER F 405 -0.98 -69.57 12.17
C SER F 405 0.50 -69.69 11.82
N ALA F 406 0.95 -68.90 10.85
CA ALA F 406 2.38 -68.89 10.49
C ALA F 406 3.19 -68.53 11.73
N GLY F 407 2.68 -67.63 12.56
CA GLY F 407 3.43 -67.42 13.79
C GLY F 407 4.12 -66.07 13.84
N MET F 408 3.50 -65.05 13.24
CA MET F 408 4.12 -63.74 13.14
C MET F 408 3.46 -62.68 14.01
N ILE F 409 2.24 -62.91 14.49
CA ILE F 409 1.59 -61.98 15.40
C ILE F 409 1.09 -62.76 16.61
N PRO F 410 0.94 -62.09 17.76
CA PRO F 410 0.51 -62.81 18.96
C PRO F 410 -0.92 -63.30 18.85
N ASP F 411 -1.23 -64.32 19.64
CA ASP F 411 -2.57 -64.90 19.68
C ASP F 411 -3.54 -63.87 20.25
N LEU F 412 -4.45 -63.38 19.41
CA LEU F 412 -5.44 -62.42 19.84
C LEU F 412 -6.49 -63.10 20.71
N PRO F 413 -7.19 -62.32 21.55
CA PRO F 413 -8.23 -62.92 22.41
C PRO F 413 -9.37 -63.54 21.63
N LYS F 414 -10.33 -64.14 22.33
CA LYS F 414 -11.33 -64.98 21.68
C LYS F 414 -12.24 -64.16 20.77
N GLU F 415 -13.02 -63.23 21.35
CA GLU F 415 -14.01 -62.50 20.58
C GLU F 415 -14.04 -61.03 20.97
N ALA F 416 -12.95 -60.51 21.52
CA ALA F 416 -12.88 -59.11 21.93
C ALA F 416 -12.51 -58.17 20.80
N SER F 422 -12.16 -49.88 7.92
CA SER F 422 -12.12 -49.77 6.48
C SER F 422 -11.71 -48.38 6.00
N THR F 423 -12.67 -47.58 5.56
CA THR F 423 -12.37 -46.27 4.98
C THR F 423 -13.18 -45.13 5.60
N GLY F 424 -14.42 -45.39 5.99
CA GLY F 424 -15.29 -44.35 6.51
C GLY F 424 -14.68 -43.51 7.61
N LEU F 425 -14.27 -44.16 8.72
CA LEU F 425 -13.57 -43.48 9.80
C LEU F 425 -12.31 -44.29 10.11
N GLU F 426 -11.27 -44.06 9.34
CA GLU F 426 -9.95 -44.64 9.58
C GLU F 426 -8.83 -43.60 9.56
N ALA F 427 -8.90 -42.62 8.65
CA ALA F 427 -7.93 -41.54 8.66
C ALA F 427 -8.25 -40.54 9.76
N LEU F 428 -9.53 -40.28 9.97
CA LEU F 428 -10.00 -39.46 11.09
C LEU F 428 -10.32 -40.30 12.32
N GLY F 429 -10.27 -41.63 12.22
CA GLY F 429 -10.46 -42.45 13.40
C GLY F 429 -9.41 -42.20 14.46
N ARG F 430 -8.16 -42.01 14.03
CA ARG F 430 -7.11 -41.59 14.93
C ARG F 430 -6.98 -40.08 15.04
N GLY F 431 -7.68 -39.32 14.21
CA GLY F 431 -7.57 -37.87 14.21
C GLY F 431 -8.56 -37.17 15.12
N GLN F 432 -9.71 -37.81 15.34
CA GLN F 432 -10.69 -37.23 16.25
C GLN F 432 -10.13 -37.10 17.66
N ASP F 433 -9.43 -38.14 18.11
CA ASP F 433 -8.81 -38.09 19.43
C ASP F 433 -7.79 -36.96 19.51
N LEU F 434 -6.98 -36.81 18.47
CA LEU F 434 -5.95 -35.76 18.49
C LEU F 434 -6.57 -34.38 18.52
N GLU F 435 -7.62 -34.17 17.72
CA GLU F 435 -8.28 -32.86 17.72
C GLU F 435 -8.92 -32.56 19.07
N LYS F 436 -9.60 -33.54 19.67
CA LYS F 436 -10.23 -33.31 20.96
C LYS F 436 -9.19 -33.02 22.04
N LEU F 437 -8.08 -33.75 22.04
CA LEU F 437 -7.03 -33.51 23.03
C LEU F 437 -6.40 -32.14 22.82
N THR F 438 -6.22 -31.72 21.57
CA THR F 438 -5.70 -30.38 21.30
C THR F 438 -6.63 -29.31 21.84
N GLN F 439 -7.93 -29.45 21.61
CA GLN F 439 -8.88 -28.46 22.12
C GLN F 439 -8.89 -28.44 23.64
N ALA F 440 -8.80 -29.62 24.27
CA ALA F 440 -8.78 -29.68 25.73
C ALA F 440 -7.56 -28.95 26.28
N VAL F 441 -6.39 -29.17 25.69
CA VAL F 441 -5.18 -28.47 26.14
C VAL F 441 -5.32 -26.97 25.93
N ASN F 442 -5.86 -26.57 24.78
CA ASN F 442 -6.02 -25.15 24.51
C ASN F 442 -6.92 -24.48 25.54
N MET F 443 -8.02 -25.14 25.91
CA MET F 443 -8.92 -24.56 26.90
C MET F 443 -8.28 -24.52 28.29
N MET F 444 -7.55 -25.58 28.67
CA MET F 444 -6.94 -25.58 29.99
C MET F 444 -5.84 -24.54 30.11
N THR F 445 -5.18 -24.19 29.00
CA THR F 445 -4.13 -23.18 29.08
C THR F 445 -4.68 -21.78 29.38
N GLY F 446 -5.98 -21.56 29.26
CA GLY F 446 -6.54 -20.24 29.41
C GLY F 446 -7.19 -19.96 30.74
N LEU F 447 -6.91 -20.78 31.76
CA LEU F 447 -7.45 -20.61 33.10
C LEU F 447 -6.41 -20.17 34.10
N GLN F 448 -5.16 -19.97 33.68
CA GLN F 448 -4.09 -19.61 34.61
C GLN F 448 -4.32 -18.28 35.33
N PRO F 449 -4.77 -17.20 34.68
CA PRO F 449 -5.01 -15.96 35.44
C PRO F 449 -6.07 -16.09 36.54
N LEU F 450 -6.94 -17.08 36.47
CA LEU F 450 -7.97 -17.30 37.48
C LEU F 450 -7.48 -18.18 38.63
N SER F 451 -6.19 -18.47 38.69
CA SER F 451 -5.67 -19.39 39.69
C SER F 451 -5.77 -18.86 41.11
N GLN F 452 -5.91 -17.55 41.28
CA GLN F 452 -5.91 -16.96 42.61
C GLN F 452 -7.21 -16.22 42.90
N ASP F 453 -8.34 -16.83 42.54
CA ASP F 453 -9.66 -16.24 42.78
C ASP F 453 -10.32 -16.97 43.93
N PRO F 454 -10.57 -16.31 45.06
CA PRO F 454 -11.08 -17.00 46.25
C PRO F 454 -12.56 -17.33 46.23
N ASP F 455 -13.25 -17.23 45.09
CA ASP F 455 -14.67 -17.49 45.02
C ASP F 455 -15.08 -18.52 43.97
N ILE F 456 -14.13 -19.22 43.35
CA ILE F 456 -14.43 -20.11 42.25
C ILE F 456 -14.00 -21.53 42.61
N ASN F 457 -14.85 -22.50 42.28
CA ASN F 457 -14.57 -23.92 42.51
C ASN F 457 -13.93 -24.47 41.24
N LEU F 458 -12.60 -24.46 41.20
CA LEU F 458 -11.87 -24.82 39.99
C LEU F 458 -12.05 -26.26 39.56
N PRO F 459 -11.89 -27.28 40.42
CA PRO F 459 -12.00 -28.66 39.92
C PRO F 459 -13.34 -28.99 39.29
N THR F 460 -14.44 -28.49 39.84
CA THR F 460 -15.75 -28.74 39.25
C THR F 460 -15.91 -28.02 37.92
N LEU F 461 -15.34 -26.81 37.79
CA LEU F 461 -15.35 -26.12 36.51
C LEU F 461 -14.59 -26.92 35.46
N LYS F 462 -13.45 -27.50 35.85
CA LYS F 462 -12.70 -28.34 34.92
C LYS F 462 -13.50 -29.58 34.52
N LEU F 463 -14.18 -30.20 35.48
CA LEU F 463 -15.00 -31.36 35.17
C LEU F 463 -16.12 -31.02 34.19
N ARG F 464 -16.80 -29.89 34.41
CA ARG F 464 -17.87 -29.50 33.50
C ARG F 464 -17.34 -29.16 32.11
N LEU F 465 -16.18 -28.50 32.05
CA LEU F 465 -15.59 -28.20 30.75
C LEU F 465 -15.22 -29.48 30.00
N LEU F 466 -14.70 -30.48 30.71
CA LEU F 466 -14.38 -31.75 30.06
C LEU F 466 -15.66 -32.44 29.58
N ASN F 467 -16.72 -32.42 30.40
CA ASN F 467 -17.98 -33.05 29.99
C ASN F 467 -18.59 -32.36 28.78
N ALA F 468 -18.37 -31.05 28.64
CA ALA F 468 -18.97 -30.32 27.53
C ALA F 468 -18.43 -30.72 26.16
N LEU F 469 -17.31 -31.45 26.11
CA LEU F 469 -16.70 -31.88 24.85
C LEU F 469 -17.04 -33.32 24.48
N GLY F 470 -17.15 -34.20 25.46
CA GLY F 470 -17.32 -35.62 25.21
C GLY F 470 -16.06 -36.45 25.39
N ILE F 471 -14.97 -35.86 25.88
CA ILE F 471 -13.72 -36.57 26.06
C ILE F 471 -13.79 -37.43 27.31
N ASP F 472 -13.23 -38.65 27.21
CA ASP F 472 -13.14 -39.52 28.37
C ASP F 472 -12.27 -38.89 29.44
N THR F 473 -12.68 -39.05 30.70
CA THR F 473 -11.99 -38.44 31.84
C THR F 473 -11.43 -39.51 32.77
N ALA F 474 -10.85 -40.56 32.20
CA ALA F 474 -10.31 -41.64 33.03
C ALA F 474 -9.02 -41.21 33.72
N GLY F 475 -8.00 -40.86 32.95
CA GLY F 475 -6.71 -40.51 33.51
C GLY F 475 -6.27 -39.09 33.23
N LEU F 476 -7.19 -38.13 33.31
CA LEU F 476 -6.85 -36.73 33.12
C LEU F 476 -7.10 -35.85 34.33
N LEU F 477 -7.67 -36.38 35.41
CA LEU F 477 -7.89 -35.61 36.63
C LEU F 477 -7.43 -36.44 37.83
N LEU F 478 -6.96 -35.73 38.86
CA LEU F 478 -6.40 -36.37 40.04
C LEU F 478 -7.46 -36.50 41.12
N THR F 479 -7.54 -37.69 41.72
CA THR F 479 -8.53 -37.93 42.76
C THR F 479 -8.11 -37.25 44.06
N GLN F 480 -9.01 -37.27 45.04
CA GLN F 480 -8.70 -36.69 46.34
C GLN F 480 -7.55 -37.45 47.01
N ASP F 481 -7.62 -38.78 46.98
CA ASP F 481 -6.45 -39.58 47.34
C ASP F 481 -5.49 -39.63 46.15
N GLU F 482 -4.42 -40.40 46.31
CA GLU F 482 -3.35 -40.49 45.33
C GLU F 482 -2.69 -39.14 45.06
N LYS F 483 -2.79 -38.21 46.01
CA LYS F 483 -2.08 -36.94 45.93
C LYS F 483 -1.00 -36.80 46.98
N ILE F 484 -0.98 -37.67 47.99
CA ILE F 484 0.06 -37.61 49.01
C ILE F 484 1.40 -38.05 48.44
N GLN F 485 1.38 -39.02 47.53
CA GLN F 485 2.62 -39.54 46.96
C GLN F 485 3.40 -38.46 46.23
N ARG F 486 2.70 -37.54 45.57
CA ARG F 486 3.38 -36.45 44.88
C ARG F 486 4.23 -35.65 45.85
N MET F 487 3.59 -35.16 46.92
CA MET F 487 4.30 -34.35 47.92
C MET F 487 5.46 -35.14 48.51
N ALA F 488 5.25 -36.44 48.76
CA ALA F 488 6.35 -37.27 49.24
C ALA F 488 7.53 -37.22 48.27
N GLU F 489 7.24 -37.31 46.97
CA GLU F 489 8.32 -37.36 45.97
C GLU F 489 9.11 -36.06 45.94
N GLN F 490 8.43 -34.90 45.81
CA GLN F 490 9.20 -33.67 45.75
C GLN F 490 9.94 -33.38 47.07
N SER F 491 9.31 -33.71 48.20
CA SER F 491 10.01 -33.52 49.47
C SER F 491 11.29 -34.34 49.52
N SER F 492 11.23 -35.60 49.07
CA SER F 492 12.42 -36.43 49.05
C SER F 492 13.49 -35.83 48.14
N GLN F 493 13.10 -35.36 46.96
CA GLN F 493 14.08 -34.80 46.03
C GLN F 493 14.79 -33.60 46.64
N GLN F 494 14.04 -32.68 47.23
CA GLN F 494 14.66 -31.50 47.82
C GLN F 494 15.59 -31.89 48.98
N ALA F 495 15.11 -32.77 49.86
CA ALA F 495 15.90 -33.15 51.03
C ALA F 495 17.16 -33.91 50.65
N VAL F 496 17.20 -34.53 49.48
CA VAL F 496 18.44 -35.16 49.04
C VAL F 496 19.39 -34.12 48.45
N VAL F 497 18.90 -33.33 47.50
CA VAL F 497 19.79 -32.46 46.73
C VAL F 497 20.44 -31.41 47.63
N GLN F 498 19.65 -30.77 48.50
CA GLN F 498 20.21 -29.70 49.32
C GLN F 498 21.32 -30.23 50.22
N GLY F 499 21.06 -31.37 50.87
CA GLY F 499 22.07 -31.94 51.75
C GLY F 499 23.33 -32.33 51.02
N ALA F 500 23.19 -32.92 49.83
CA ALA F 500 24.38 -33.30 49.07
C ALA F 500 25.24 -32.08 48.75
N SER F 501 24.61 -31.02 48.24
CA SER F 501 25.39 -29.83 47.86
C SER F 501 26.07 -29.22 49.08
N ALA F 502 25.34 -29.09 50.19
CA ALA F 502 25.93 -28.47 51.38
C ALA F 502 27.10 -29.28 51.91
N ALA F 503 26.95 -30.61 51.95
CA ALA F 503 28.04 -31.45 52.45
C ALA F 503 29.28 -31.31 51.58
N GLY F 504 29.10 -31.33 50.26
CA GLY F 504 30.25 -31.19 49.38
C GLY F 504 30.98 -29.88 49.60
N ALA F 505 30.22 -28.79 49.65
CA ALA F 505 30.85 -27.47 49.80
C ALA F 505 31.61 -27.37 51.12
N ASN F 506 30.99 -27.81 52.22
CA ASN F 506 31.65 -27.69 53.52
C ASN F 506 32.90 -28.53 53.59
N MET F 507 32.84 -29.77 53.08
CA MET F 507 34.04 -30.62 53.12
C MET F 507 35.17 -30.02 52.30
N GLY F 508 34.86 -29.50 51.11
CA GLY F 508 35.89 -28.87 50.31
C GLY F 508 36.52 -27.68 50.99
N ALA F 509 35.69 -26.82 51.59
CA ALA F 509 36.23 -25.65 52.28
C ALA F 509 37.15 -26.06 53.43
N ALA F 510 36.73 -27.05 54.21
CA ALA F 510 37.53 -27.48 55.35
C ALA F 510 38.88 -28.03 54.91
N VAL F 511 38.88 -28.89 53.88
CA VAL F 511 40.14 -29.49 53.45
C VAL F 511 41.06 -28.43 52.86
N GLY F 512 40.50 -27.48 52.10
CA GLY F 512 41.34 -26.42 51.56
C GLY F 512 41.95 -25.56 52.65
N GLN F 513 41.17 -25.21 53.67
CA GLN F 513 41.69 -24.41 54.77
C GLN F 513 42.82 -25.15 55.49
N GLY F 514 42.61 -26.43 55.77
CA GLY F 514 43.65 -27.20 56.45
C GLY F 514 44.94 -27.29 55.65
N ALA F 515 44.82 -27.60 54.35
CA ALA F 515 46.00 -27.71 53.51
C ALA F 515 46.74 -26.38 53.41
N GLY F 516 46.01 -25.28 53.24
CA GLY F 516 46.65 -23.98 53.18
C GLY F 516 47.36 -23.62 54.47
N GLU F 517 46.73 -23.89 55.62
CA GLU F 517 47.34 -23.61 56.90
C GLU F 517 48.62 -24.42 57.08
N ASP F 518 48.59 -25.70 56.69
CA ASP F 518 49.78 -26.53 56.84
C ASP F 518 50.90 -26.13 55.88
N MET F 519 50.55 -25.63 54.70
CA MET F 519 51.55 -25.39 53.67
C MET F 519 52.18 -23.99 53.77
N ALA F 520 51.38 -22.96 54.03
CA ALA F 520 51.86 -21.58 53.90
C ALA F 520 52.92 -21.18 54.92
N GLN F 521 53.36 -22.10 55.78
CA GLN F 521 54.32 -21.73 56.81
C GLN F 521 55.69 -21.39 56.22
N ALA F 522 56.19 -22.24 55.31
CA ALA F 522 57.54 -22.06 54.79
C ALA F 522 57.66 -20.79 53.97
N GLU G 3 27.92 -83.44 -21.06
CA GLU G 3 27.89 -83.08 -22.47
C GLU G 3 26.66 -82.25 -22.80
N ARG G 4 26.09 -81.62 -21.76
CA ARG G 4 24.93 -80.74 -21.86
C ARG G 4 23.66 -81.50 -22.24
N GLU G 5 22.52 -81.02 -21.78
CA GLU G 5 21.24 -81.70 -21.97
C GLU G 5 20.21 -80.78 -22.59
N GLY G 6 18.94 -81.17 -22.54
CA GLY G 6 17.84 -80.40 -23.12
C GLY G 6 17.93 -78.90 -22.93
N PHE G 7 17.55 -78.17 -23.98
CA PHE G 7 17.78 -76.76 -24.26
C PHE G 7 19.20 -76.51 -24.76
N ALA G 8 20.10 -77.48 -24.69
CA ALA G 8 21.49 -77.27 -25.08
C ALA G 8 22.02 -78.45 -25.86
N ALA G 9 21.22 -78.98 -26.78
CA ALA G 9 21.60 -80.15 -27.56
C ALA G 9 21.98 -79.81 -28.99
N GLU G 10 22.13 -78.53 -29.33
CA GLU G 10 22.53 -78.15 -30.68
C GLU G 10 23.53 -77.00 -30.72
N GLY G 11 24.07 -76.58 -29.57
CA GLY G 11 25.07 -75.54 -29.54
C GLY G 11 24.48 -74.15 -29.38
N ALA G 12 25.37 -73.20 -29.12
CA ALA G 12 24.93 -71.82 -28.88
C ALA G 12 24.57 -71.10 -30.17
N LYS G 13 25.26 -71.40 -31.26
CA LYS G 13 25.01 -70.68 -32.51
C LYS G 13 23.72 -71.12 -33.19
N ALA G 14 23.34 -72.39 -33.06
CA ALA G 14 22.12 -72.87 -33.71
C ALA G 14 20.88 -72.21 -33.14
N VAL G 15 20.84 -72.01 -31.82
CA VAL G 15 19.67 -71.40 -31.19
C VAL G 15 19.50 -69.95 -31.63
N TYR G 16 20.61 -69.22 -31.70
CA TYR G 16 20.54 -67.79 -32.03
C TYR G 16 19.90 -67.58 -33.40
N ASP G 17 20.36 -68.32 -34.41
CA ASP G 17 19.86 -68.14 -35.76
C ASP G 17 18.43 -68.65 -35.91
N ARG G 18 18.02 -69.61 -35.08
CA ARG G 18 16.64 -70.08 -35.15
C ARG G 18 15.67 -69.08 -34.53
N LEU G 19 16.05 -68.49 -33.40
CA LEU G 19 15.15 -67.56 -32.71
C LEU G 19 15.27 -66.13 -33.21
N LYS G 20 16.22 -65.82 -34.08
CA LYS G 20 16.37 -64.46 -34.58
C LYS G 20 15.17 -63.98 -35.40
N ASN G 21 14.30 -64.88 -35.84
CA ASN G 21 13.19 -64.49 -36.70
C ASN G 21 12.03 -63.84 -35.95
N GLY G 22 12.01 -63.90 -34.63
CA GLY G 22 10.89 -63.39 -33.87
C GLY G 22 10.91 -61.91 -33.56
N ARG G 23 12.03 -61.22 -33.83
CA ARG G 23 12.18 -59.83 -33.46
C ARG G 23 11.78 -58.84 -34.54
N GLN G 24 11.41 -59.31 -35.72
CA GLN G 24 11.25 -58.41 -36.87
C GLN G 24 10.18 -57.33 -36.65
N PRO G 25 8.96 -57.64 -36.19
CA PRO G 25 7.97 -56.56 -36.04
C PRO G 25 8.42 -55.46 -35.10
N TYR G 26 9.10 -55.81 -34.01
CA TYR G 26 9.53 -54.80 -33.04
C TYR G 26 10.55 -53.85 -33.65
N GLU G 27 11.52 -54.38 -34.40
CA GLU G 27 12.48 -53.52 -35.08
C GLU G 27 11.81 -52.63 -36.12
N THR G 28 10.88 -53.19 -36.89
CA THR G 28 10.18 -52.40 -37.89
C THR G 28 9.39 -51.27 -37.26
N ARG G 29 8.79 -51.51 -36.10
CA ARG G 29 8.04 -50.46 -35.41
C ARG G 29 8.97 -49.41 -34.82
N ALA G 30 10.10 -49.84 -34.24
CA ALA G 30 11.03 -48.90 -33.61
C ALA G 30 11.63 -47.95 -34.63
N GLN G 31 11.97 -48.46 -35.82
CA GLN G 31 12.53 -47.60 -36.85
C GLN G 31 11.54 -46.51 -37.28
N ASN G 32 10.27 -46.87 -37.43
CA ASN G 32 9.27 -45.87 -37.79
C ASN G 32 9.09 -44.85 -36.68
N CYS G 33 9.10 -45.30 -35.41
CA CYS G 33 8.94 -44.35 -34.31
C CYS G 33 10.13 -43.39 -34.24
N ALA G 34 11.34 -43.88 -34.44
CA ALA G 34 12.53 -43.04 -34.31
C ALA G 34 12.93 -42.40 -35.64
N ALA G 35 11.96 -41.76 -36.31
CA ALA G 35 12.24 -41.03 -37.53
C ALA G 35 11.55 -39.68 -37.59
N VAL G 36 10.59 -39.40 -36.71
CA VAL G 36 10.00 -38.07 -36.60
C VAL G 36 10.53 -37.32 -35.37
N THR G 37 11.13 -38.01 -34.40
CA THR G 37 11.70 -37.36 -33.23
C THR G 37 13.19 -37.09 -33.38
N ILE G 38 13.99 -38.15 -33.47
CA ILE G 38 15.44 -38.05 -33.61
C ILE G 38 15.91 -39.19 -34.51
N PRO G 39 16.33 -38.92 -35.75
CA PRO G 39 16.59 -40.00 -36.70
C PRO G 39 17.91 -40.73 -36.51
N SER G 40 18.73 -40.36 -35.53
CA SER G 40 20.01 -41.02 -35.30
C SER G 40 20.04 -41.77 -33.97
N LEU G 41 18.88 -42.14 -33.44
CA LEU G 41 18.81 -42.84 -32.16
C LEU G 41 18.66 -44.34 -32.31
N PHE G 42 18.08 -44.82 -33.41
CA PHE G 42 17.95 -46.25 -33.70
C PHE G 42 18.48 -46.53 -35.10
N PRO G 43 19.79 -46.59 -35.26
CA PRO G 43 20.35 -46.94 -36.57
C PRO G 43 20.08 -48.39 -36.93
N LYS G 44 20.06 -48.67 -38.22
CA LYS G 44 19.89 -50.04 -38.70
C LYS G 44 21.17 -50.83 -38.47
N GLU G 45 21.17 -52.08 -38.94
CA GLU G 45 22.31 -52.97 -38.81
C GLU G 45 23.29 -52.87 -39.97
N SER G 46 22.95 -52.12 -41.02
CA SER G 46 23.76 -52.04 -42.22
C SER G 46 24.11 -50.59 -42.54
N ASP G 47 24.58 -49.86 -41.53
CA ASP G 47 24.97 -48.47 -41.69
C ASP G 47 26.45 -48.31 -41.40
N ASN G 48 27.05 -47.27 -41.98
CA ASN G 48 28.48 -47.04 -41.87
C ASN G 48 28.72 -45.54 -41.89
N SER G 49 29.98 -45.14 -42.11
CA SER G 49 30.39 -43.76 -41.97
C SER G 49 29.91 -42.86 -43.10
N SER G 50 29.34 -43.41 -44.17
CA SER G 50 28.86 -42.61 -45.28
C SER G 50 27.38 -42.26 -45.17
N THR G 51 26.67 -42.79 -44.17
CA THR G 51 25.24 -42.55 -44.07
C THR G 51 24.96 -41.12 -43.61
N GLU G 52 23.93 -40.51 -44.19
CA GLU G 52 23.52 -39.16 -43.86
C GLU G 52 22.11 -39.18 -43.28
N TYR G 53 21.93 -38.52 -42.15
CA TYR G 53 20.64 -38.48 -41.46
C TYR G 53 20.01 -37.11 -41.67
N THR G 54 18.82 -37.09 -42.26
CA THR G 54 18.16 -35.84 -42.60
C THR G 54 17.44 -35.26 -41.38
N THR G 55 16.85 -34.08 -41.57
CA THR G 55 16.19 -33.33 -40.50
C THR G 55 14.69 -33.31 -40.72
N PRO G 56 13.89 -33.62 -39.70
CA PRO G 56 12.43 -33.53 -39.86
C PRO G 56 11.97 -32.10 -40.03
N TRP G 57 10.78 -31.96 -40.64
CA TRP G 57 10.23 -30.64 -40.89
C TRP G 57 9.76 -29.95 -39.62
N GLN G 58 9.66 -30.67 -38.51
CA GLN G 58 9.17 -30.16 -37.24
C GLN G 58 10.30 -30.16 -36.21
N ALA G 59 9.99 -29.67 -35.01
CA ALA G 59 10.95 -29.73 -33.92
C ALA G 59 10.29 -30.04 -32.58
N VAL G 60 9.06 -30.53 -32.57
CA VAL G 60 8.36 -30.82 -31.33
C VAL G 60 8.66 -32.22 -30.79
N GLY G 61 9.08 -33.15 -31.64
CA GLY G 61 9.27 -34.52 -31.21
C GLY G 61 10.52 -34.79 -30.38
N ALA G 62 11.45 -33.84 -30.31
CA ALA G 62 12.67 -34.02 -29.54
C ALA G 62 12.62 -33.41 -28.15
N ARG G 63 11.95 -32.26 -28.02
CA ARG G 63 11.81 -31.64 -26.71
C ARG G 63 11.09 -32.55 -25.74
N CYS G 64 10.01 -33.19 -26.19
CA CYS G 64 9.24 -34.07 -25.33
C CYS G 64 10.07 -35.25 -24.86
N LEU G 65 10.81 -35.87 -25.79
CA LEU G 65 11.64 -37.02 -25.44
C LEU G 65 12.68 -36.64 -24.41
N ASN G 66 13.43 -35.56 -24.66
CA ASN G 66 14.48 -35.17 -23.73
C ASN G 66 13.92 -34.79 -22.36
N ASN G 67 12.84 -34.02 -22.33
CA ASN G 67 12.27 -33.60 -21.05
C ASN G 67 11.75 -34.78 -20.25
N LEU G 68 11.03 -35.71 -20.90
CA LEU G 68 10.51 -36.86 -20.17
C LEU G 68 11.63 -37.74 -19.64
N ALA G 69 12.67 -37.96 -20.45
CA ALA G 69 13.79 -38.76 -19.97
C ALA G 69 14.45 -38.12 -18.76
N ALA G 70 14.66 -36.80 -18.78
CA ALA G 70 15.27 -36.12 -17.65
C ALA G 70 14.41 -36.23 -16.40
N LYS G 71 13.10 -36.04 -16.53
CA LYS G 71 12.22 -36.11 -15.36
C LYS G 71 12.20 -37.52 -14.77
N LEU G 72 12.12 -38.55 -15.62
CA LEU G 72 12.11 -39.92 -15.12
C LEU G 72 13.42 -40.25 -14.42
N MET G 73 14.56 -39.82 -14.97
CA MET G 73 15.84 -40.06 -14.31
C MET G 73 15.90 -39.35 -12.96
N LEU G 74 15.39 -38.12 -12.88
CA LEU G 74 15.42 -37.41 -11.61
C LEU G 74 14.52 -38.08 -10.57
N ALA G 75 13.40 -38.66 -10.99
CA ALA G 75 12.47 -39.23 -10.02
C ALA G 75 12.90 -40.62 -9.56
N LEU G 76 13.41 -41.46 -10.47
CA LEU G 76 13.67 -42.86 -10.11
C LEU G 76 14.94 -43.02 -9.27
N PHE G 77 15.98 -42.25 -9.55
CA PHE G 77 17.30 -42.43 -8.93
C PHE G 77 17.78 -41.12 -8.31
N PRO G 78 17.32 -40.81 -7.10
CA PRO G 78 17.78 -39.59 -6.43
C PRO G 78 19.13 -39.77 -5.75
N GLN G 79 19.64 -38.72 -5.12
CA GLN G 79 20.93 -38.79 -4.44
C GLN G 79 20.83 -39.51 -3.10
N SER G 80 19.75 -39.29 -2.36
CA SER G 80 19.55 -39.97 -1.09
C SER G 80 19.26 -41.46 -1.33
N PRO G 81 19.55 -42.32 -0.37
CA PRO G 81 19.38 -43.77 -0.59
C PRO G 81 17.94 -44.13 -0.91
N TRP G 82 17.78 -45.14 -1.77
CA TRP G 82 16.46 -45.67 -2.08
C TRP G 82 16.34 -47.14 -1.69
N MET G 83 16.76 -47.48 -0.48
CA MET G 83 16.57 -48.80 0.09
C MET G 83 16.47 -48.67 1.60
N ARG G 84 15.88 -49.68 2.25
CA ARG G 84 15.72 -49.67 3.71
C ARG G 84 16.40 -50.82 4.43
N LEU G 85 16.22 -52.06 3.99
CA LEU G 85 16.77 -53.23 4.67
C LEU G 85 16.28 -53.30 6.12
N THR G 86 14.96 -53.46 6.27
CA THR G 86 14.34 -53.46 7.58
C THR G 86 14.27 -54.87 8.16
N VAL G 87 13.89 -54.94 9.44
CA VAL G 87 13.73 -56.19 10.17
C VAL G 87 12.40 -56.15 10.90
N SER G 88 11.85 -57.33 11.16
CA SER G 88 10.52 -57.43 11.76
C SER G 88 10.53 -56.87 13.18
N GLU G 89 9.36 -56.41 13.62
CA GLU G 89 9.21 -55.77 14.92
C GLU G 89 8.85 -56.74 16.04
N TYR G 90 7.91 -57.65 15.79
CA TYR G 90 7.51 -58.61 16.81
C TYR G 90 8.64 -59.58 17.15
N GLU G 91 9.52 -59.89 16.20
CA GLU G 91 10.67 -60.73 16.50
C GLU G 91 11.75 -59.95 17.25
N ALA G 92 11.94 -58.67 16.90
CA ALA G 92 12.97 -57.87 17.56
C ALA G 92 12.60 -57.57 19.00
N LYS G 93 11.32 -57.26 19.26
CA LYS G 93 10.92 -56.92 20.63
C LYS G 93 10.99 -58.13 21.54
N THR G 94 10.56 -59.30 21.06
CA THR G 94 10.49 -60.47 21.92
C THR G 94 11.86 -60.88 22.43
N LEU G 95 12.87 -60.88 21.56
CA LEU G 95 14.19 -61.36 21.96
C LEU G 95 14.99 -60.32 22.73
N SER G 96 14.60 -59.05 22.68
CA SER G 96 15.37 -58.01 23.34
C SER G 96 15.08 -57.99 24.84
N GLN G 97 15.99 -57.36 25.58
CA GLN G 97 15.86 -57.21 27.02
C GLN G 97 15.91 -55.76 27.48
N ASP G 98 16.76 -54.94 26.89
CA ASP G 98 16.89 -53.54 27.27
C ASP G 98 15.84 -52.71 26.52
N SER G 99 15.99 -51.39 26.58
CA SER G 99 15.10 -50.47 25.88
C SER G 99 15.71 -49.90 24.60
N GLU G 100 17.03 -49.80 24.53
CA GLU G 100 17.71 -49.25 23.37
C GLU G 100 18.26 -50.32 22.44
N ALA G 101 17.96 -51.59 22.70
CA ALA G 101 18.48 -52.66 21.84
C ALA G 101 17.96 -52.53 20.42
N ALA G 102 16.68 -52.18 20.26
CA ALA G 102 16.12 -52.01 18.93
C ALA G 102 16.80 -50.87 18.17
N ALA G 103 17.07 -49.75 18.85
CA ALA G 103 17.76 -48.65 18.19
C ALA G 103 19.17 -49.05 17.79
N ARG G 104 19.86 -49.81 18.64
CA ARG G 104 21.21 -50.27 18.29
C ARG G 104 21.18 -51.21 17.10
N VAL G 105 20.18 -52.09 17.04
CA VAL G 105 20.04 -52.99 15.89
C VAL G 105 19.78 -52.19 14.62
N ASP G 106 18.92 -51.17 14.71
CA ASP G 106 18.61 -50.38 13.52
C ASP G 106 19.81 -49.55 13.07
N GLU G 107 20.63 -49.07 14.01
CA GLU G 107 21.75 -48.21 13.66
C GLU G 107 22.75 -48.93 12.76
N GLY G 108 22.95 -50.22 12.97
CA GLY G 108 23.85 -50.98 12.13
C GLY G 108 23.35 -51.33 10.75
N LEU G 109 22.07 -51.07 10.48
CA LEU G 109 21.50 -51.35 9.17
C LEU G 109 21.60 -50.17 8.21
N ALA G 110 22.07 -49.01 8.66
CA ALA G 110 22.25 -47.88 7.76
C ALA G 110 23.62 -47.90 7.09
N MET G 111 24.63 -48.45 7.77
CA MET G 111 25.97 -48.52 7.20
C MET G 111 25.97 -49.38 5.95
N VAL G 112 25.15 -50.43 5.92
CA VAL G 112 25.09 -51.28 4.74
C VAL G 112 24.54 -50.51 3.54
N GLU G 113 23.49 -49.71 3.75
CA GLU G 113 22.98 -48.89 2.66
C GLU G 113 24.01 -47.88 2.19
N ARG G 114 24.73 -47.27 3.13
CA ARG G 114 25.76 -46.30 2.75
C ARG G 114 26.84 -46.96 1.89
N VAL G 115 27.28 -48.16 2.27
CA VAL G 115 28.28 -48.88 1.49
C VAL G 115 27.74 -49.23 0.11
N LEU G 116 26.48 -49.67 0.04
CA LEU G 116 25.88 -50.04 -1.23
C LEU G 116 25.81 -48.85 -2.19
N MET G 117 25.46 -47.67 -1.67
CA MET G 117 25.42 -46.50 -2.54
C MET G 117 26.82 -46.04 -2.94
N ALA G 118 27.79 -46.11 -2.02
CA ALA G 118 29.15 -45.71 -2.36
C ALA G 118 29.74 -46.59 -3.45
N TYR G 119 29.49 -47.89 -3.39
CA TYR G 119 30.02 -48.79 -4.42
C TYR G 119 29.45 -48.44 -5.79
N MET G 120 28.15 -48.17 -5.88
CA MET G 120 27.55 -47.76 -7.13
C MET G 120 28.08 -46.42 -7.61
N GLU G 121 28.47 -45.54 -6.69
CA GLU G 121 29.06 -44.27 -7.09
C GLU G 121 30.47 -44.41 -7.66
N THR G 122 31.29 -45.27 -7.07
CA THR G 122 32.68 -45.39 -7.52
C THR G 122 32.76 -46.02 -8.91
N ASN G 123 32.30 -47.26 -9.05
CA ASN G 123 32.19 -47.89 -10.37
C ASN G 123 30.98 -47.30 -11.06
N SER G 124 31.22 -46.43 -12.04
CA SER G 124 30.18 -45.56 -12.56
C SER G 124 29.01 -46.36 -13.13
N PHE G 125 27.87 -46.30 -12.45
CA PHE G 125 26.64 -46.90 -12.91
C PHE G 125 25.66 -45.89 -13.51
N ARG G 126 25.97 -44.60 -13.44
CA ARG G 126 25.00 -43.58 -13.80
C ARG G 126 24.99 -43.23 -15.27
N VAL G 127 26.02 -43.61 -16.02
CA VAL G 127 26.04 -43.35 -17.46
C VAL G 127 25.24 -44.39 -18.22
N PRO G 128 25.39 -45.70 -17.98
CA PRO G 128 24.52 -46.67 -18.68
C PRO G 128 23.05 -46.51 -18.39
N LEU G 129 22.69 -46.08 -17.17
CA LEU G 129 21.27 -46.00 -16.81
C LEU G 129 20.55 -44.91 -17.59
N PHE G 130 21.20 -43.75 -17.76
CA PHE G 130 20.58 -42.69 -18.55
C PHE G 130 20.39 -43.12 -20.00
N GLU G 131 21.38 -43.83 -20.55
CA GLU G 131 21.23 -44.36 -21.91
C GLU G 131 20.08 -45.35 -21.99
N ALA G 132 19.97 -46.24 -21.00
CA ALA G 132 18.93 -47.26 -21.02
C ALA G 132 17.54 -46.61 -20.98
N LEU G 133 17.37 -45.57 -20.15
CA LEU G 133 16.07 -44.94 -20.02
C LEU G 133 15.61 -44.27 -21.30
N LYS G 134 16.50 -43.98 -22.24
CA LYS G 134 16.10 -43.38 -23.51
C LYS G 134 15.72 -44.43 -24.55
N GLN G 135 16.27 -45.64 -24.46
CA GLN G 135 15.89 -46.70 -25.38
C GLN G 135 14.53 -47.30 -25.04
N LEU G 136 14.12 -47.21 -23.76
CA LEU G 136 12.82 -47.74 -23.38
C LEU G 136 11.68 -46.93 -24.00
N ILE G 137 11.87 -45.63 -24.18
CA ILE G 137 10.79 -44.80 -24.71
C ILE G 137 10.65 -44.97 -26.22
N VAL G 138 11.71 -45.36 -26.92
CA VAL G 138 11.68 -45.47 -28.37
C VAL G 138 11.38 -46.90 -28.79
N SER G 139 12.18 -47.86 -28.33
CA SER G 139 12.02 -49.26 -28.71
C SER G 139 11.28 -50.08 -27.65
N GLY G 140 11.58 -49.86 -26.38
CA GLY G 140 10.91 -50.56 -25.30
C GLY G 140 11.66 -51.72 -24.69
N ASN G 141 12.93 -51.92 -25.05
CA ASN G 141 13.69 -53.07 -24.59
C ASN G 141 15.14 -52.69 -24.35
N CYS G 142 15.78 -53.39 -23.42
CA CYS G 142 17.22 -53.26 -23.17
C CYS G 142 17.65 -54.41 -22.27
N LEU G 143 18.96 -54.55 -22.09
CA LEU G 143 19.55 -55.58 -21.24
C LEU G 143 20.64 -54.96 -20.37
N LEU G 144 20.91 -55.57 -19.23
CA LEU G 144 21.94 -55.08 -18.32
C LEU G 144 22.76 -56.25 -17.79
N TYR G 145 24.05 -56.01 -17.58
CA TYR G 145 24.99 -57.01 -17.08
C TYR G 145 25.83 -56.41 -15.97
N ILE G 146 26.02 -57.17 -14.89
CA ILE G 146 26.78 -56.70 -13.74
C ILE G 146 27.97 -57.63 -13.49
N PRO G 147 29.19 -57.21 -13.78
CA PRO G 147 30.35 -58.10 -13.60
C PRO G 147 30.66 -58.34 -12.13
N GLU G 148 31.42 -59.40 -11.90
CA GLU G 148 31.74 -59.82 -10.54
C GLU G 148 32.63 -58.78 -9.86
N PRO G 149 32.36 -58.45 -8.60
CA PRO G 149 33.14 -57.42 -7.92
C PRO G 149 34.53 -57.91 -7.53
N GLU G 150 35.45 -56.96 -7.42
CA GLU G 150 36.80 -57.23 -6.94
C GLU G 150 37.22 -56.17 -5.93
N GLN G 151 38.49 -56.15 -5.54
CA GLN G 151 38.95 -55.26 -4.49
C GLN G 151 39.52 -53.95 -5.02
N GLY G 152 40.39 -54.00 -6.03
CA GLY G 152 41.04 -52.78 -6.50
C GLY G 152 41.05 -52.59 -8.00
N THR G 153 39.97 -52.99 -8.68
CA THR G 153 39.90 -52.89 -10.13
C THR G 153 38.59 -52.24 -10.55
N TYR G 154 38.59 -51.71 -11.78
CA TYR G 154 37.43 -51.04 -12.35
C TYR G 154 36.52 -52.06 -13.04
N SER G 155 35.27 -52.14 -12.60
CA SER G 155 34.30 -53.11 -13.12
C SER G 155 32.98 -52.41 -13.43
N PRO G 156 32.89 -51.74 -14.57
CA PRO G 156 31.68 -50.99 -14.89
C PRO G 156 30.58 -51.88 -15.46
N MET G 157 29.36 -51.34 -15.42
CA MET G 157 28.19 -51.98 -15.98
C MET G 157 28.21 -51.90 -17.50
N ARG G 158 27.45 -52.79 -18.15
CA ARG G 158 27.36 -52.82 -19.60
C ARG G 158 25.90 -52.84 -20.03
N MET G 159 25.64 -52.41 -21.26
CA MET G 159 24.30 -52.34 -21.82
C MET G 159 24.29 -52.90 -23.24
N TYR G 160 23.24 -53.63 -23.59
CA TYR G 160 23.04 -54.18 -24.92
C TYR G 160 21.76 -53.63 -25.53
N ARG G 161 21.77 -53.44 -26.85
CA ARG G 161 20.59 -52.99 -27.57
C ARG G 161 19.73 -54.18 -27.98
N LEU G 162 18.63 -53.91 -28.67
CA LEU G 162 17.71 -54.96 -29.09
C LEU G 162 18.27 -55.81 -30.23
N VAL G 163 19.31 -55.36 -30.90
CA VAL G 163 19.85 -56.06 -32.05
C VAL G 163 21.02 -56.97 -31.67
N SER G 164 21.13 -57.33 -30.38
CA SER G 164 22.28 -58.13 -29.95
C SER G 164 21.94 -59.22 -28.94
N TYR G 165 20.67 -59.55 -28.70
CA TYR G 165 20.34 -60.61 -27.77
C TYR G 165 18.99 -61.22 -28.14
N VAL G 166 18.71 -62.39 -27.56
CA VAL G 166 17.55 -63.21 -27.87
C VAL G 166 16.97 -63.78 -26.58
N VAL G 167 15.65 -63.69 -26.41
CA VAL G 167 14.95 -64.18 -25.22
C VAL G 167 13.80 -65.08 -25.64
N GLN G 168 13.56 -66.13 -24.87
CA GLN G 168 12.37 -66.97 -25.01
C GLN G 168 11.65 -67.05 -23.67
N ARG G 169 10.36 -66.73 -23.67
CA ARG G 169 9.56 -66.69 -22.46
C ARG G 169 8.37 -67.64 -22.54
N ASP G 170 7.89 -68.03 -21.37
CA ASP G 170 6.70 -68.87 -21.25
C ASP G 170 5.44 -68.02 -21.42
N ALA G 171 4.30 -68.70 -21.51
CA ALA G 171 3.03 -67.98 -21.54
C ALA G 171 2.65 -67.41 -20.18
N PHE G 172 3.15 -68.00 -19.09
CA PHE G 172 2.92 -67.45 -17.76
C PHE G 172 3.78 -66.23 -17.50
N GLY G 173 4.99 -66.16 -18.06
CA GLY G 173 5.85 -65.02 -17.90
C GLY G 173 7.22 -65.33 -17.32
N ASN G 174 7.69 -66.57 -17.47
CA ASN G 174 8.99 -66.98 -16.97
C ASN G 174 10.03 -66.89 -18.07
N ILE G 175 11.30 -66.95 -17.66
CA ILE G 175 12.45 -66.81 -18.56
C ILE G 175 13.14 -68.16 -18.64
N LEU G 176 13.38 -68.63 -19.87
CA LEU G 176 13.96 -69.94 -20.11
C LEU G 176 15.33 -69.91 -20.78
N GLN G 177 15.59 -68.96 -21.68
CA GLN G 177 16.84 -68.94 -22.42
C GLN G 177 17.25 -67.51 -22.73
N ILE G 178 18.57 -67.28 -22.76
CA ILE G 178 19.17 -66.01 -23.16
C ILE G 178 20.47 -66.29 -23.89
N VAL G 179 20.69 -65.62 -25.03
CA VAL G 179 21.92 -65.74 -25.79
C VAL G 179 22.35 -64.35 -26.25
N THR G 180 23.67 -64.08 -26.19
CA THR G 180 24.21 -62.79 -26.58
C THR G 180 25.39 -62.99 -27.54
N LEU G 181 25.73 -61.93 -28.27
CA LEU G 181 26.76 -61.96 -29.29
C LEU G 181 27.69 -60.76 -29.16
N ASP G 182 29.00 -61.00 -29.31
CA ASP G 182 30.02 -59.97 -29.24
C ASP G 182 31.03 -60.15 -30.38
N LYS G 183 31.71 -59.07 -30.71
CA LYS G 183 32.74 -59.06 -31.75
C LYS G 183 34.01 -58.43 -31.18
N VAL G 184 35.08 -59.22 -31.08
CA VAL G 184 36.34 -58.74 -30.53
C VAL G 184 37.46 -59.09 -31.51
N ALA G 185 38.59 -58.42 -31.34
CA ALA G 185 39.76 -58.63 -32.17
C ALA G 185 40.72 -59.62 -31.51
N PHE G 186 41.61 -60.19 -32.32
CA PHE G 186 42.48 -61.25 -31.83
C PHE G 186 43.44 -60.75 -30.76
N SER G 187 44.01 -59.56 -30.93
CA SER G 187 45.00 -59.06 -29.99
C SER G 187 44.37 -58.53 -28.70
N ALA G 188 43.07 -58.29 -28.68
CA ALA G 188 42.38 -57.82 -27.48
C ALA G 188 41.81 -58.95 -26.64
N LEU G 189 41.96 -60.19 -27.07
CA LEU G 189 41.48 -61.33 -26.32
C LEU G 189 42.37 -61.60 -25.11
N PRO G 190 41.80 -62.12 -24.02
CA PRO G 190 42.64 -62.52 -22.89
C PRO G 190 43.56 -63.67 -23.27
N GLU G 191 44.72 -63.74 -22.61
CA GLU G 191 45.73 -64.72 -22.97
C GLU G 191 45.27 -66.15 -22.68
N ASP G 192 44.41 -66.34 -21.68
CA ASP G 192 43.92 -67.68 -21.39
C ASP G 192 43.11 -68.23 -22.56
N VAL G 193 42.24 -67.41 -23.15
CA VAL G 193 41.50 -67.83 -24.33
C VAL G 193 42.43 -67.95 -25.53
N LYS G 194 43.36 -67.00 -25.68
CA LYS G 194 44.27 -67.00 -26.81
C LYS G 194 45.22 -68.19 -26.79
N SER G 195 45.39 -68.83 -25.64
CA SER G 195 46.26 -70.00 -25.50
C SER G 195 45.53 -71.30 -25.84
N GLN G 196 44.36 -71.22 -26.49
CA GLN G 196 43.63 -72.39 -26.92
C GLN G 196 43.42 -72.42 -28.44
N LEU G 197 44.04 -71.50 -29.16
CA LEU G 197 43.98 -71.45 -30.62
C LEU G 197 45.40 -71.43 -31.17
N ASN G 198 45.51 -71.53 -32.49
CA ASN G 198 46.80 -71.41 -33.16
C ASN G 198 46.99 -69.99 -33.68
N ALA G 199 48.14 -69.39 -33.34
CA ALA G 199 48.37 -67.98 -33.66
C ALA G 199 48.74 -67.79 -35.12
N ASP G 200 49.21 -68.84 -35.79
CA ASP G 200 49.67 -68.70 -37.18
C ASP G 200 48.51 -68.35 -38.11
N ASP G 201 47.33 -68.95 -37.89
CA ASP G 201 46.21 -68.72 -38.79
C ASP G 201 45.68 -67.29 -38.70
N TYR G 202 45.84 -66.64 -37.55
CA TYR G 202 45.25 -65.33 -37.31
C TYR G 202 46.32 -64.26 -37.29
N GLU G 203 45.97 -63.10 -37.84
CA GLU G 203 46.78 -61.91 -37.75
C GLU G 203 46.10 -60.89 -36.85
N PRO G 204 46.84 -59.92 -36.31
CA PRO G 204 46.18 -58.88 -35.51
C PRO G 204 45.16 -58.14 -36.35
N ASP G 205 44.11 -57.65 -35.67
CA ASP G 205 42.99 -56.88 -36.21
C ASP G 205 41.90 -57.76 -36.84
N THR G 206 42.09 -59.07 -36.94
CA THR G 206 41.01 -59.94 -37.39
C THR G 206 40.00 -60.11 -36.24
N GLU G 207 38.75 -60.38 -36.62
CA GLU G 207 37.64 -60.38 -35.67
C GLU G 207 37.08 -61.77 -35.48
N LEU G 208 36.68 -62.05 -34.23
CA LEU G 208 36.03 -63.30 -33.87
C LEU G 208 34.68 -63.01 -33.23
N GLU G 209 33.83 -64.03 -33.17
CA GLU G 209 32.51 -63.93 -32.57
C GLU G 209 32.42 -64.86 -31.37
N VAL G 210 31.90 -64.34 -30.26
CA VAL G 210 31.83 -65.07 -29.00
C VAL G 210 30.38 -65.16 -28.57
N TYR G 211 29.95 -66.34 -28.14
CA TYR G 211 28.57 -66.60 -27.76
C TYR G 211 28.50 -67.03 -26.31
N THR G 212 27.45 -66.61 -25.62
CA THR G 212 27.18 -66.98 -24.24
C THR G 212 25.75 -67.51 -24.12
N HIS G 213 25.59 -68.63 -23.43
CA HIS G 213 24.31 -69.32 -23.36
C HIS G 213 23.95 -69.57 -21.91
N ILE G 214 22.77 -69.10 -21.50
CA ILE G 214 22.24 -69.30 -20.16
C ILE G 214 20.87 -69.96 -20.27
N TYR G 215 20.69 -71.10 -19.60
CA TYR G 215 19.43 -71.83 -19.66
C TYR G 215 19.10 -72.38 -18.28
N ARG G 216 17.90 -72.96 -18.16
CA ARG G 216 17.36 -73.42 -16.89
C ARG G 216 17.31 -74.93 -16.85
N GLN G 217 17.77 -75.52 -15.75
CA GLN G 217 17.73 -76.97 -15.58
C GLN G 217 17.65 -77.30 -14.09
N ASP G 218 16.49 -77.77 -13.64
CA ASP G 218 16.29 -78.30 -12.30
C ASP G 218 16.59 -77.26 -11.21
N ASP G 219 15.77 -76.20 -11.22
CA ASP G 219 15.80 -75.17 -10.17
C ASP G 219 17.13 -74.45 -10.10
N GLU G 220 17.81 -74.27 -11.23
CA GLU G 220 19.07 -73.54 -11.26
C GLU G 220 19.23 -72.87 -12.61
N TYR G 221 20.42 -72.31 -12.82
CA TYR G 221 20.82 -71.76 -14.10
C TYR G 221 22.21 -72.28 -14.42
N LEU G 222 22.48 -72.47 -15.72
CA LEU G 222 23.76 -72.98 -16.17
C LEU G 222 24.35 -72.03 -17.21
N ARG G 223 25.67 -72.01 -17.31
CA ARG G 223 26.37 -71.02 -18.12
C ARG G 223 27.59 -71.65 -18.78
N TYR G 224 27.82 -71.31 -20.05
CA TYR G 224 29.05 -71.68 -20.74
C TYR G 224 29.26 -70.73 -21.91
N GLU G 225 30.48 -70.74 -22.44
CA GLU G 225 30.89 -69.82 -23.49
C GLU G 225 31.47 -70.59 -24.68
N GLU G 226 31.05 -70.22 -25.88
CA GLU G 226 31.42 -70.95 -27.09
C GLU G 226 32.01 -69.99 -28.12
N VAL G 227 33.16 -70.35 -28.67
CA VAL G 227 33.82 -69.58 -29.71
C VAL G 227 34.11 -70.50 -30.89
N GLU G 228 34.09 -69.93 -32.09
CA GLU G 228 34.29 -70.69 -33.32
C GLU G 228 33.26 -71.82 -33.41
N GLY G 229 33.65 -73.01 -32.98
CA GLY G 229 32.72 -74.12 -32.91
C GLY G 229 32.94 -74.99 -31.69
N ILE G 230 33.80 -74.54 -30.78
CA ILE G 230 34.16 -75.30 -29.59
C ILE G 230 33.77 -74.51 -28.35
N GLU G 231 33.84 -75.17 -27.20
CA GLU G 231 33.50 -74.58 -25.92
C GLU G 231 34.77 -74.27 -25.15
N VAL G 232 34.94 -73.01 -24.75
CA VAL G 232 36.15 -72.59 -24.06
C VAL G 232 36.15 -73.15 -22.65
N ALA G 233 37.24 -73.81 -22.27
CA ALA G 233 37.37 -74.33 -20.92
C ALA G 233 37.63 -73.20 -19.94
N GLY G 234 37.05 -73.31 -18.74
CA GLY G 234 37.24 -72.33 -17.70
C GLY G 234 36.15 -71.28 -17.57
N THR G 235 35.01 -71.46 -18.25
CA THR G 235 33.91 -70.51 -18.16
C THR G 235 32.65 -71.09 -17.54
N GLU G 236 32.69 -72.34 -17.07
CA GLU G 236 31.50 -72.98 -16.52
C GLU G 236 31.10 -72.32 -15.20
N GLY G 237 29.81 -72.41 -14.89
CA GLY G 237 29.31 -71.83 -13.67
C GLY G 237 27.82 -72.07 -13.52
N SER G 238 27.26 -71.51 -12.45
CA SER G 238 25.83 -71.61 -12.19
C SER G 238 25.41 -70.44 -11.31
N TYR G 239 24.11 -70.16 -11.32
CA TYR G 239 23.55 -69.06 -10.55
C TYR G 239 22.31 -69.51 -9.80
N PRO G 240 22.02 -68.90 -8.66
CA PRO G 240 20.74 -69.17 -7.98
C PRO G 240 19.57 -68.63 -8.79
N LEU G 241 18.39 -69.19 -8.51
CA LEU G 241 17.21 -68.87 -9.30
C LEU G 241 16.73 -67.43 -9.13
N THR G 242 17.25 -66.71 -8.13
CA THR G 242 16.82 -65.33 -7.89
C THR G 242 17.98 -64.33 -7.93
N ALA G 243 19.16 -64.75 -8.37
CA ALA G 243 20.33 -63.88 -8.42
C ALA G 243 21.05 -64.02 -9.75
N CYS G 244 20.28 -64.01 -10.84
CA CYS G 244 20.86 -64.04 -12.17
C CYS G 244 21.25 -62.61 -12.59
N PRO G 245 22.50 -62.36 -12.96
CA PRO G 245 22.92 -60.98 -13.24
C PRO G 245 22.57 -60.48 -14.63
N TYR G 246 21.66 -61.14 -15.33
CA TYR G 246 21.15 -60.67 -16.61
C TYR G 246 19.69 -60.27 -16.44
N ILE G 247 19.38 -59.01 -16.69
CA ILE G 247 18.09 -58.42 -16.36
C ILE G 247 17.47 -57.84 -17.64
N PRO G 248 16.54 -58.56 -18.27
CA PRO G 248 15.77 -57.97 -19.37
C PRO G 248 14.69 -57.04 -18.83
N VAL G 249 14.51 -55.90 -19.50
CA VAL G 249 13.61 -54.85 -19.05
C VAL G 249 12.56 -54.59 -20.11
N ARG G 250 11.32 -54.35 -19.67
CA ARG G 250 10.20 -54.06 -20.54
C ARG G 250 9.51 -52.77 -20.11
N MET G 251 8.84 -52.13 -21.06
CA MET G 251 8.15 -50.86 -20.83
C MET G 251 6.66 -51.06 -20.59
N VAL G 252 5.96 -51.67 -21.54
CA VAL G 252 4.55 -52.01 -21.43
C VAL G 252 4.41 -53.51 -21.62
N ARG G 253 3.78 -54.18 -20.66
CA ARG G 253 3.71 -55.63 -20.63
C ARG G 253 2.33 -56.10 -21.04
N LEU G 254 2.21 -56.71 -22.21
CA LEU G 254 1.03 -57.46 -22.59
C LEU G 254 1.23 -58.90 -22.16
N ASP G 255 0.35 -59.80 -22.58
CA ASP G 255 0.41 -61.20 -22.17
C ASP G 255 0.58 -62.11 -23.38
N GLY G 256 1.35 -63.19 -23.19
CA GLY G 256 1.63 -64.13 -24.25
C GLY G 256 2.77 -63.75 -25.16
N GLU G 257 3.41 -62.60 -24.93
CA GLU G 257 4.44 -62.09 -25.83
C GLU G 257 5.79 -62.04 -25.12
N ASP G 258 6.85 -62.17 -25.92
CA ASP G 258 8.18 -61.79 -25.49
C ASP G 258 8.40 -60.32 -25.85
N TYR G 259 9.29 -59.66 -25.12
CA TYR G 259 9.57 -58.25 -25.32
C TYR G 259 8.34 -57.39 -25.03
N GLY G 260 8.52 -56.07 -24.97
CA GLY G 260 7.38 -55.20 -24.64
C GLY G 260 7.18 -54.14 -25.69
N ARG G 261 6.11 -53.37 -25.57
CA ARG G 261 5.80 -52.31 -26.55
C ARG G 261 6.28 -50.99 -25.97
N SER G 262 6.23 -49.89 -26.72
CA SER G 262 6.79 -48.59 -26.26
C SER G 262 5.70 -47.61 -25.81
N TYR G 263 6.04 -46.33 -25.74
CA TYR G 263 5.07 -45.32 -25.25
C TYR G 263 4.79 -44.28 -26.33
N CYS G 264 5.77 -44.01 -27.18
CA CYS G 264 5.60 -43.02 -28.27
C CYS G 264 4.98 -43.71 -29.48
N GLU G 265 4.18 -44.74 -29.27
CA GLU G 265 3.53 -45.49 -30.39
C GLU G 265 2.03 -45.25 -30.30
N GLU G 266 1.56 -44.78 -29.15
CA GLU G 266 0.11 -44.50 -28.96
C GLU G 266 -0.22 -43.14 -29.54
N TYR G 267 0.79 -42.35 -29.88
CA TYR G 267 0.56 -40.96 -30.33
C TYR G 267 1.21 -40.73 -31.68
N LEU G 268 1.57 -41.79 -32.39
CA LEU G 268 2.29 -41.61 -33.68
C LEU G 268 1.39 -40.87 -34.66
N GLY G 269 0.10 -41.18 -34.69
CA GLY G 269 -0.78 -40.56 -35.69
C GLY G 269 -0.74 -39.05 -35.63
N ASP G 270 -0.59 -38.45 -34.45
CA ASP G 270 -0.64 -36.98 -34.31
C ASP G 270 0.63 -36.36 -34.90
N LEU G 271 1.77 -37.02 -34.74
CA LEU G 271 3.04 -36.42 -35.23
C LEU G 271 3.11 -36.53 -36.76
N ASN G 272 2.50 -37.55 -37.36
CA ASN G 272 2.46 -37.67 -38.83
C ASN G 272 1.52 -36.60 -39.42
N SER G 273 0.45 -36.23 -38.72
CA SER G 273 -0.42 -35.11 -39.17
C SER G 273 0.34 -33.78 -39.13
N LEU G 274 1.08 -33.49 -38.06
CA LEU G 274 1.75 -32.17 -37.92
C LEU G 274 2.83 -31.99 -38.99
N GLU G 275 3.49 -33.07 -39.42
CA GLU G 275 4.61 -32.95 -40.39
C GLU G 275 4.06 -32.73 -41.81
N THR G 276 2.76 -32.90 -42.01
CA THR G 276 2.13 -32.74 -43.35
C THR G 276 1.45 -31.38 -43.47
N ILE G 277 1.44 -30.58 -42.42
CA ILE G 277 0.90 -29.20 -42.52
C ILE G 277 2.06 -28.21 -42.32
N THR G 278 3.20 -28.67 -41.79
CA THR G 278 4.40 -27.81 -41.63
C THR G 278 5.20 -27.76 -42.94
N GLU G 279 5.26 -28.85 -43.69
CA GLU G 279 5.92 -28.82 -45.01
C GLU G 279 5.17 -27.83 -45.90
N ALA G 280 3.85 -27.82 -45.87
CA ALA G 280 3.06 -26.95 -46.76
C ALA G 280 3.31 -25.49 -46.43
N ILE G 281 3.21 -25.10 -45.16
CA ILE G 281 3.35 -23.65 -44.81
C ILE G 281 4.76 -23.18 -45.20
N THR G 282 5.80 -23.96 -44.94
CA THR G 282 7.19 -23.49 -45.22
C THR G 282 7.41 -23.31 -46.72
N LYS G 283 6.95 -24.24 -47.54
CA LYS G 283 7.22 -24.16 -49.00
C LYS G 283 6.55 -22.93 -49.63
N MET G 284 5.36 -22.56 -49.17
CA MET G 284 4.65 -21.36 -49.68
C MET G 284 5.47 -20.10 -49.40
N ALA G 285 6.24 -20.07 -48.31
CA ALA G 285 7.08 -18.91 -47.98
C ALA G 285 8.31 -18.83 -48.88
N LYS G 286 8.71 -19.93 -49.51
CA LYS G 286 9.88 -19.94 -50.42
C LYS G 286 9.41 -19.73 -51.87
N VAL G 287 8.10 -19.59 -52.09
CA VAL G 287 7.55 -19.28 -53.45
C VAL G 287 7.19 -17.80 -53.46
N ALA G 288 6.87 -17.22 -52.31
CA ALA G 288 6.51 -15.78 -52.22
C ALA G 288 7.76 -14.93 -52.01
N SER G 289 8.93 -15.46 -52.37
CA SER G 289 10.20 -14.71 -52.24
C SER G 289 10.91 -14.68 -53.59
N LYS G 290 10.16 -14.71 -54.70
CA LYS G 290 10.74 -14.60 -56.05
C LYS G 290 10.13 -13.37 -56.73
N VAL G 291 10.93 -12.50 -57.34
CA VAL G 291 10.35 -11.24 -57.90
C VAL G 291 10.18 -11.36 -59.42
N VAL G 292 8.95 -11.27 -59.92
CA VAL G 292 8.69 -11.29 -61.39
C VAL G 292 7.78 -10.10 -61.74
N GLY G 293 8.26 -9.17 -62.57
CA GLY G 293 7.48 -7.97 -62.93
C GLY G 293 6.71 -8.20 -64.20
N LEU G 294 5.50 -7.66 -64.32
CA LEU G 294 4.65 -7.96 -65.50
C LEU G 294 4.28 -6.67 -66.24
N VAL G 295 4.77 -6.47 -67.47
CA VAL G 295 4.51 -5.23 -68.26
C VAL G 295 3.40 -5.48 -69.28
N ASN G 296 2.43 -4.57 -69.44
CA ASN G 296 1.26 -4.79 -70.33
C ASN G 296 1.65 -4.63 -71.81
N PRO G 297 1.45 -5.63 -72.68
CA PRO G 297 1.92 -5.55 -74.07
C PRO G 297 1.15 -4.57 -74.97
N ASN G 298 0.09 -3.92 -74.48
CA ASN G 298 -0.75 -2.99 -75.28
C ASN G 298 -0.61 -1.57 -74.74
N GLY G 299 0.57 -1.20 -74.23
CA GLY G 299 0.79 0.12 -73.62
C GLY G 299 1.90 0.91 -74.28
N ILE G 300 2.46 1.91 -73.61
CA ILE G 300 3.47 2.81 -74.23
C ILE G 300 4.80 2.78 -73.47
N THR G 301 4.99 1.90 -72.47
CA THR G 301 6.23 1.93 -71.67
C THR G 301 7.18 0.85 -72.19
N GLN G 302 8.49 1.10 -72.15
CA GLN G 302 9.49 0.14 -72.68
C GLN G 302 10.49 -0.19 -71.59
N PRO G 303 10.74 -1.47 -71.27
CA PRO G 303 11.65 -1.82 -70.18
C PRO G 303 13.13 -1.50 -70.44
N ARG G 304 13.50 -1.08 -71.64
CA ARG G 304 14.93 -0.86 -71.95
C ARG G 304 15.38 0.50 -71.44
N ARG G 305 14.44 1.41 -71.17
CA ARG G 305 14.76 2.76 -70.67
C ARG G 305 14.87 2.73 -69.14
N LEU G 306 14.27 1.75 -68.48
CA LEU G 306 14.26 1.70 -66.99
C LEU G 306 15.48 0.91 -66.48
N ASN G 307 16.08 0.08 -67.33
CA ASN G 307 17.26 -0.73 -66.91
C ASN G 307 18.55 0.04 -67.13
N LYS G 308 18.54 1.08 -67.96
CA LYS G 308 19.80 1.78 -68.29
C LYS G 308 19.85 3.13 -67.56
N ALA G 309 18.85 3.44 -66.74
CA ALA G 309 18.79 4.74 -66.06
C ALA G 309 19.70 4.76 -64.82
N ALA G 310 20.06 5.95 -64.34
CA ALA G 310 20.89 6.07 -63.13
C ALA G 310 19.99 6.25 -61.90
N THR G 311 20.44 6.91 -60.84
CA THR G 311 19.64 6.95 -59.58
C THR G 311 18.75 8.19 -59.45
N GLY G 312 18.86 9.22 -60.29
CA GLY G 312 17.92 10.33 -60.18
C GLY G 312 17.61 10.87 -61.55
N GLU G 313 17.20 10.01 -62.49
CA GLU G 313 16.97 10.46 -63.88
C GLU G 313 15.48 10.46 -64.22
N PHE G 314 15.06 11.36 -65.11
CA PHE G 314 13.66 11.41 -65.57
C PHE G 314 13.54 10.68 -66.90
N VAL G 315 12.85 9.52 -66.94
CA VAL G 315 12.63 8.74 -68.18
C VAL G 315 11.17 8.91 -68.61
N ALA G 316 10.73 8.30 -69.71
CA ALA G 316 9.35 8.47 -70.23
C ALA G 316 8.47 7.24 -69.97
N GLY G 317 7.24 7.44 -69.51
CA GLY G 317 6.33 6.30 -69.29
C GLY G 317 5.12 6.70 -68.48
N ARG G 318 4.27 5.73 -68.10
CA ARG G 318 3.11 5.98 -67.22
C ARG G 318 3.07 4.85 -66.19
N VAL G 319 2.79 5.15 -64.92
CA VAL G 319 2.82 4.13 -63.82
C VAL G 319 1.50 3.37 -63.75
N GLU G 320 0.98 2.91 -64.88
CA GLU G 320 -0.28 2.11 -64.90
C GLU G 320 -0.04 0.88 -65.77
N ASP G 321 1.19 0.68 -66.22
CA ASP G 321 1.51 -0.44 -67.13
C ASP G 321 2.48 -1.41 -66.45
N ILE G 322 2.91 -1.13 -65.22
CA ILE G 322 3.85 -2.02 -64.46
C ILE G 322 3.17 -2.50 -63.18
N ASN G 323 3.15 -3.81 -62.94
CA ASN G 323 2.56 -4.39 -61.70
C ASN G 323 3.30 -5.71 -61.44
N PHE G 324 3.28 -6.25 -60.22
CA PHE G 324 4.08 -7.46 -59.88
C PHE G 324 3.16 -8.62 -59.54
N LEU G 325 3.65 -9.87 -59.55
CA LEU G 325 2.79 -11.06 -59.31
C LEU G 325 2.74 -11.38 -57.82
N GLN G 326 1.57 -11.79 -57.31
CA GLN G 326 1.43 -12.04 -55.85
C GLN G 326 0.58 -13.29 -55.59
N LEU G 327 0.93 -14.09 -54.57
CA LEU G 327 0.14 -15.29 -54.19
C LEU G 327 -1.08 -14.82 -53.41
N THR G 328 -2.28 -15.23 -53.81
CA THR G 328 -3.51 -14.67 -53.18
C THR G 328 -4.41 -15.77 -52.61
N LYS G 329 -3.96 -16.48 -51.59
CA LYS G 329 -4.83 -17.47 -50.89
C LYS G 329 -5.32 -16.75 -49.64
N GLY G 330 -6.59 -16.34 -49.58
CA GLY G 330 -7.08 -15.51 -48.46
C GLY G 330 -7.09 -16.17 -47.09
N GLN G 331 -8.26 -16.65 -46.64
CA GLN G 331 -8.38 -17.30 -45.33
C GLN G 331 -8.10 -18.79 -45.47
N ASP G 332 -7.04 -19.15 -46.19
CA ASP G 332 -6.65 -20.57 -46.32
C ASP G 332 -5.27 -20.71 -45.69
N PHE G 333 -4.87 -19.72 -44.89
CA PHE G 333 -3.57 -19.75 -44.17
C PHE G 333 -3.85 -19.71 -42.67
N THR G 334 -4.92 -19.05 -42.23
CA THR G 334 -5.38 -19.02 -40.82
C THR G 334 -5.89 -20.39 -40.37
N ILE G 335 -6.71 -21.06 -41.17
CA ILE G 335 -7.29 -22.37 -40.76
C ILE G 335 -6.16 -23.34 -40.43
N ALA G 336 -5.22 -23.48 -41.36
CA ALA G 336 -4.12 -24.44 -41.13
C ALA G 336 -3.36 -24.04 -39.88
N LYS G 337 -3.04 -22.76 -39.74
CA LYS G 337 -2.22 -22.35 -38.57
C LYS G 337 -2.95 -22.75 -37.28
N SER G 338 -4.25 -22.49 -37.20
CA SER G 338 -5.03 -22.86 -35.99
C SER G 338 -5.02 -24.38 -35.72
N VAL G 339 -5.29 -25.21 -36.74
CA VAL G 339 -5.25 -26.67 -36.41
C VAL G 339 -3.85 -27.06 -35.92
N ALA G 340 -2.80 -26.53 -36.55
CA ALA G 340 -1.44 -26.93 -36.13
C ALA G 340 -1.23 -26.54 -34.66
N ASP G 341 -1.63 -25.32 -34.31
CA ASP G 341 -1.51 -24.85 -32.90
C ASP G 341 -2.21 -25.80 -31.94
N ALA G 342 -3.46 -26.16 -32.22
CA ALA G 342 -4.16 -27.14 -31.36
C ALA G 342 -3.37 -28.44 -31.20
N ILE G 343 -2.94 -29.05 -32.30
CA ILE G 343 -2.24 -30.37 -32.10
C ILE G 343 -1.00 -30.15 -31.22
N GLU G 344 -0.28 -29.06 -31.43
CA GLU G 344 0.96 -28.83 -30.64
C GLU G 344 0.61 -28.71 -29.15
N GLN G 345 -0.40 -27.91 -28.81
CA GLN G 345 -0.81 -27.76 -27.39
C GLN G 345 -1.25 -29.09 -26.79
N ARG G 346 -1.86 -29.96 -27.59
CA ARG G 346 -2.25 -31.32 -27.08
C ARG G 346 -1.04 -32.24 -26.86
N LEU G 347 0.02 -32.23 -27.69
CA LEU G 347 1.15 -33.19 -27.40
C LEU G 347 2.10 -32.71 -26.28
N GLY G 348 1.79 -31.64 -25.55
CA GLY G 348 2.57 -31.05 -24.44
C GLY G 348 1.90 -31.32 -23.12
N TRP G 349 0.69 -31.87 -23.12
CA TRP G 349 0.00 -32.26 -21.87
C TRP G 349 0.30 -33.73 -21.58
N ALA G 350 0.94 -34.43 -22.51
CA ALA G 350 1.16 -35.88 -22.36
C ALA G 350 2.64 -36.19 -22.12
N PHE G 351 3.53 -35.22 -22.34
CA PHE G 351 4.98 -35.42 -22.08
C PHE G 351 5.46 -34.40 -21.03
N LEU G 352 4.56 -33.82 -20.24
CA LEU G 352 4.92 -32.90 -19.12
C LEU G 352 5.79 -31.73 -19.55
N LEU G 353 5.26 -30.77 -20.31
CA LEU G 353 6.02 -29.55 -20.69
C LEU G 353 5.39 -28.35 -19.98
N VAL G 372 12.05 -33.98 -0.62
CA VAL G 372 11.96 -32.52 -0.95
C VAL G 372 10.95 -32.33 -2.08
N ALA G 373 11.38 -31.70 -3.19
CA ALA G 373 10.50 -31.52 -4.37
C ALA G 373 10.41 -32.83 -5.15
N GLY G 374 11.26 -33.81 -4.80
CA GLY G 374 11.17 -35.13 -5.45
C GLY G 374 9.76 -35.68 -5.33
N GLU G 375 9.17 -35.59 -4.13
CA GLU G 375 7.81 -36.15 -3.90
C GLU G 375 6.80 -35.47 -4.83
N LEU G 376 6.85 -34.15 -4.96
CA LEU G 376 5.85 -33.41 -5.77
C LEU G 376 5.86 -33.93 -7.21
N GLU G 377 7.04 -34.16 -7.80
CA GLU G 377 7.08 -34.54 -9.23
C GLU G 377 7.09 -36.06 -9.42
N ALA G 378 6.93 -36.83 -8.34
CA ALA G 378 6.89 -38.30 -8.45
C ALA G 378 5.44 -38.77 -8.63
N SER G 385 5.70 -47.04 -11.55
CA SER G 385 5.09 -48.08 -10.67
C SER G 385 5.59 -49.46 -11.08
N VAL G 386 5.64 -49.72 -12.39
CA VAL G 386 6.07 -51.05 -12.90
C VAL G 386 7.60 -51.13 -12.86
N GLN G 387 8.29 -50.00 -13.00
CA GLN G 387 9.78 -50.03 -13.08
C GLN G 387 10.39 -50.08 -11.68
N SER G 388 9.57 -50.36 -10.67
CA SER G 388 10.02 -50.65 -9.29
C SER G 388 9.91 -52.15 -9.03
N GLN G 389 9.65 -52.95 -10.07
CA GLN G 389 9.60 -54.42 -9.92
C GLN G 389 10.37 -55.01 -11.11
N GLU G 390 10.79 -54.18 -12.05
CA GLU G 390 11.48 -54.67 -13.26
C GLU G 390 12.91 -54.10 -13.38
N LEU G 391 13.29 -53.13 -12.55
CA LEU G 391 14.63 -52.50 -12.69
C LEU G 391 15.26 -52.20 -11.34
N GLN G 392 14.48 -51.96 -10.28
CA GLN G 392 15.09 -51.50 -9.00
C GLN G 392 15.30 -52.65 -8.02
N LEU G 393 14.36 -53.60 -7.93
CA LEU G 393 14.48 -54.70 -6.93
C LEU G 393 15.47 -55.77 -7.43
N PRO G 394 15.58 -56.09 -8.73
CA PRO G 394 16.60 -57.02 -9.23
C PRO G 394 18.10 -56.66 -9.10
N ILE G 395 18.45 -55.41 -8.79
CA ILE G 395 19.82 -54.95 -8.61
C ILE G 395 20.28 -55.15 -7.18
N VAL G 396 19.43 -54.80 -6.22
CA VAL G 396 19.77 -54.98 -4.81
C VAL G 396 19.94 -56.47 -4.50
N ARG G 397 19.05 -57.31 -5.04
CA ARG G 397 19.12 -58.74 -4.77
C ARG G 397 20.38 -59.38 -5.35
N VAL G 398 20.95 -58.80 -6.40
CA VAL G 398 22.20 -59.31 -6.94
C VAL G 398 23.40 -58.78 -6.15
N LEU G 399 23.40 -57.48 -5.84
CA LEU G 399 24.54 -56.89 -5.15
C LEU G 399 24.69 -57.44 -3.74
N MET G 400 23.58 -57.61 -3.02
CA MET G 400 23.66 -58.12 -1.65
C MET G 400 24.23 -59.51 -1.58
N ASN G 401 24.22 -60.25 -2.68
CA ASN G 401 24.84 -61.57 -2.75
C ASN G 401 26.30 -61.47 -3.16
N GLN G 402 26.58 -60.76 -4.25
CA GLN G 402 27.93 -60.75 -4.77
C GLN G 402 28.90 -60.00 -3.86
N LEU G 403 28.48 -58.86 -3.30
CA LEU G 403 29.36 -58.12 -2.40
C LEU G 403 29.62 -58.90 -1.11
N GLN G 404 28.60 -59.60 -0.60
CA GLN G 404 28.78 -60.38 0.61
C GLN G 404 29.72 -61.55 0.37
N SER G 405 29.62 -62.20 -0.79
CA SER G 405 30.49 -63.35 -1.07
C SER G 405 31.96 -62.96 -1.20
N ALA G 406 32.28 -61.70 -1.47
CA ALA G 406 33.65 -61.27 -1.68
C ALA G 406 34.32 -60.75 -0.42
N GLY G 407 33.61 -60.65 0.70
CA GLY G 407 34.17 -60.17 1.93
C GLY G 407 34.12 -58.67 2.15
N MET G 408 33.16 -57.97 1.52
CA MET G 408 33.05 -56.53 1.66
C MET G 408 31.84 -56.10 2.48
N ILE G 409 31.00 -57.03 2.91
CA ILE G 409 29.81 -56.74 3.71
C ILE G 409 29.76 -57.76 4.86
N PRO G 410 29.37 -57.36 6.07
CA PRO G 410 29.28 -58.32 7.16
C PRO G 410 28.22 -59.39 6.89
N ASP G 411 28.45 -60.57 7.45
CA ASP G 411 27.57 -61.71 7.20
C ASP G 411 26.22 -61.51 7.90
N LEU G 412 25.16 -61.45 7.11
CA LEU G 412 23.82 -61.21 7.63
C LEU G 412 23.23 -62.48 8.22
N PRO G 413 22.26 -62.34 9.14
CA PRO G 413 21.64 -63.54 9.73
C PRO G 413 20.89 -64.38 8.71
N LYS G 414 20.36 -65.51 9.18
CA LYS G 414 19.82 -66.53 8.29
C LYS G 414 18.65 -66.00 7.47
N GLU G 415 17.53 -65.69 8.12
CA GLU G 415 16.40 -65.02 7.46
C GLU G 415 15.79 -64.03 8.46
N ALA G 416 16.31 -62.81 8.43
CA ALA G 416 15.71 -61.72 9.21
C ALA G 416 15.62 -60.41 8.45
N SER G 422 12.27 -50.70 -2.34
CA SER G 422 12.32 -49.98 -3.61
C SER G 422 11.85 -48.54 -3.48
N THR G 423 10.55 -48.31 -3.56
CA THR G 423 10.00 -46.96 -3.42
C THR G 423 8.53 -47.08 -3.05
N GLY G 424 7.81 -45.98 -3.17
CA GLY G 424 6.44 -45.90 -2.68
C GLY G 424 6.40 -45.50 -1.23
N LEU G 425 7.16 -46.20 -0.41
CA LEU G 425 7.42 -45.81 0.98
C LEU G 425 8.89 -45.99 1.30
N GLU G 426 9.76 -45.52 0.40
CA GLU G 426 11.20 -45.59 0.60
C GLU G 426 11.85 -44.23 0.68
N ALA G 427 11.66 -43.37 -0.32
CA ALA G 427 12.15 -42.00 -0.23
C ALA G 427 11.53 -41.29 0.95
N LEU G 428 10.32 -41.67 1.33
CA LEU G 428 9.69 -41.21 2.56
C LEU G 428 9.92 -42.17 3.72
N GLY G 429 10.74 -43.21 3.53
CA GLY G 429 10.99 -44.15 4.61
C GLY G 429 11.52 -43.50 5.86
N ARG G 430 12.41 -42.51 5.69
CA ARG G 430 12.88 -41.71 6.81
C ARG G 430 12.10 -40.41 6.99
N GLY G 431 11.47 -39.91 5.92
CA GLY G 431 10.66 -38.71 6.04
C GLY G 431 9.45 -38.88 6.94
N GLN G 432 8.82 -40.05 6.90
CA GLN G 432 7.70 -40.32 7.79
C GLN G 432 8.14 -40.27 9.25
N ASP G 433 9.29 -40.88 9.56
CA ASP G 433 9.82 -40.84 10.91
C ASP G 433 10.14 -39.41 11.32
N LEU G 434 10.75 -38.63 10.42
CA LEU G 434 11.05 -37.25 10.76
C LEU G 434 9.78 -36.46 11.06
N GLU G 435 8.73 -36.64 10.26
CA GLU G 435 7.49 -35.91 10.47
C GLU G 435 6.85 -36.29 11.80
N LYS G 436 6.80 -37.59 12.10
CA LYS G 436 6.21 -38.03 13.36
C LYS G 436 6.98 -37.47 14.56
N LEU G 437 8.31 -37.55 14.51
CA LEU G 437 9.11 -37.06 15.63
C LEU G 437 8.96 -35.55 15.80
N THR G 438 8.92 -34.82 14.69
CA THR G 438 8.74 -33.37 14.77
C THR G 438 7.40 -33.01 15.39
N GLN G 439 6.33 -33.70 14.97
CA GLN G 439 5.02 -33.42 15.57
C GLN G 439 5.01 -33.73 17.06
N ALA G 440 5.64 -34.85 17.45
CA ALA G 440 5.69 -35.19 18.88
C ALA G 440 6.41 -34.12 19.68
N VAL G 441 7.55 -33.64 19.17
CA VAL G 441 8.29 -32.60 19.87
C VAL G 441 7.46 -31.32 19.97
N ASN G 442 6.78 -30.95 18.87
CA ASN G 442 5.99 -29.73 18.87
C ASN G 442 4.87 -29.80 19.90
N MET G 443 4.21 -30.95 20.03
CA MET G 443 3.14 -31.04 21.02
C MET G 443 3.68 -31.15 22.44
N MET G 444 4.86 -31.76 22.64
CA MET G 444 5.43 -31.81 23.98
C MET G 444 5.92 -30.44 24.45
N THR G 445 6.28 -29.56 23.51
CA THR G 445 6.73 -28.23 23.90
C THR G 445 5.61 -27.41 24.56
N GLY G 446 4.37 -27.61 24.12
CA GLY G 446 3.26 -26.79 24.59
C GLY G 446 2.66 -27.15 25.93
N LEU G 447 3.14 -28.18 26.60
CA LEU G 447 2.61 -28.58 27.90
C LEU G 447 3.43 -28.03 29.06
N GLN G 448 4.38 -27.14 28.78
CA GLN G 448 5.22 -26.54 29.82
C GLN G 448 4.47 -25.57 30.72
N PRO G 449 3.55 -24.75 30.21
CA PRO G 449 2.78 -23.87 31.13
C PRO G 449 1.99 -24.62 32.19
N LEU G 450 1.52 -25.83 31.90
CA LEU G 450 0.65 -26.56 32.81
C LEU G 450 1.42 -27.37 33.86
N SER G 451 2.69 -27.07 34.07
CA SER G 451 3.51 -27.86 34.98
C SER G 451 3.24 -27.54 36.45
N GLN G 452 2.51 -26.47 36.75
CA GLN G 452 2.20 -26.09 38.12
C GLN G 452 0.72 -26.26 38.45
N ASP G 453 -0.01 -27.05 37.68
CA ASP G 453 -1.42 -27.32 37.95
C ASP G 453 -1.54 -28.53 38.86
N PRO G 454 -2.13 -28.39 40.05
CA PRO G 454 -2.16 -29.52 41.00
C PRO G 454 -3.32 -30.48 40.79
N ASP G 455 -3.99 -30.42 39.64
CA ASP G 455 -5.16 -31.25 39.39
C ASP G 455 -5.08 -32.01 38.07
N ILE G 456 -3.88 -32.26 37.56
CA ILE G 456 -3.71 -32.90 36.26
C ILE G 456 -2.69 -34.03 36.38
N ASN G 457 -3.03 -35.18 35.81
CA ASN G 457 -2.14 -36.34 35.78
C ASN G 457 -1.33 -36.26 34.48
N LEU G 458 -0.16 -35.64 34.55
CA LEU G 458 0.63 -35.40 33.35
C LEU G 458 1.14 -36.66 32.66
N PRO G 459 1.72 -37.65 33.34
CA PRO G 459 2.25 -38.81 32.59
C PRO G 459 1.22 -39.54 31.75
N THR G 460 0.00 -39.70 32.25
CA THR G 460 -1.04 -40.36 31.47
C THR G 460 -1.48 -39.50 30.30
N LEU G 461 -1.52 -38.17 30.47
CA LEU G 461 -1.82 -37.30 29.35
C LEU G 461 -0.77 -37.43 28.26
N LYS G 462 0.51 -37.49 28.64
CA LYS G 462 1.57 -37.68 27.65
C LYS G 462 1.44 -39.02 26.95
N LEU G 463 1.11 -40.07 27.71
CA LEU G 463 0.94 -41.39 27.11
C LEU G 463 -0.20 -41.39 26.10
N ARG G 464 -1.33 -40.77 26.44
CA ARG G 464 -2.45 -40.71 25.50
C ARG G 464 -2.12 -39.88 24.28
N LEU G 465 -1.37 -38.78 24.47
CA LEU G 465 -0.97 -37.97 23.32
C LEU G 465 -0.06 -38.75 22.39
N LEU G 466 0.85 -39.55 22.95
CA LEU G 466 1.71 -40.39 22.11
C LEU G 466 0.90 -41.46 21.38
N ASN G 467 -0.07 -42.08 22.06
CA ASN G 467 -0.86 -43.12 21.43
C ASN G 467 -1.79 -42.59 20.35
N ALA G 468 -2.25 -41.35 20.47
CA ALA G 468 -3.13 -40.80 19.45
C ALA G 468 -2.45 -40.62 18.09
N LEU G 469 -1.13 -40.70 18.04
CA LEU G 469 -0.38 -40.56 16.79
C LEU G 469 -0.05 -41.89 16.14
N GLY G 470 0.01 -42.97 16.92
CA GLY G 470 0.47 -44.24 16.41
C GLY G 470 1.96 -44.47 16.53
N ILE G 471 2.73 -43.46 16.94
CA ILE G 471 4.17 -43.60 17.03
C ILE G 471 4.54 -44.53 18.17
N ASP G 472 5.68 -45.21 18.02
CA ASP G 472 6.16 -46.13 19.04
C ASP G 472 6.59 -45.37 20.30
N THR G 473 6.56 -46.08 21.42
CA THR G 473 6.90 -45.53 22.73
C THR G 473 7.91 -46.41 23.43
N ALA G 474 8.97 -46.79 22.70
CA ALA G 474 9.98 -47.67 23.28
C ALA G 474 10.88 -46.94 24.27
N GLY G 475 11.58 -45.91 23.81
CA GLY G 475 12.50 -45.18 24.66
C GLY G 475 12.25 -43.70 24.72
N LEU G 476 10.99 -43.30 24.77
CA LEU G 476 10.63 -41.89 24.83
C LEU G 476 10.13 -41.45 26.20
N LEU G 477 9.80 -42.37 27.09
CA LEU G 477 9.31 -42.04 28.42
C LEU G 477 10.06 -42.86 29.46
N LEU G 478 10.25 -42.26 30.62
CA LEU G 478 10.92 -42.93 31.72
C LEU G 478 9.93 -43.80 32.50
N THR G 479 10.46 -44.63 33.38
CA THR G 479 9.69 -45.62 34.12
C THR G 479 9.72 -45.29 35.61
N GLN G 480 9.17 -46.21 36.42
CA GLN G 480 9.23 -46.05 37.87
C GLN G 480 10.67 -46.10 38.36
N ASP G 481 11.48 -46.99 37.80
CA ASP G 481 12.91 -46.99 38.01
C ASP G 481 13.53 -45.97 37.05
N GLU G 482 14.85 -46.00 36.90
CA GLU G 482 15.59 -45.16 35.97
C GLU G 482 15.52 -43.68 36.33
N LYS G 483 15.07 -43.34 37.54
CA LYS G 483 15.08 -41.96 38.02
C LYS G 483 15.90 -41.79 39.28
N ILE G 484 15.97 -42.81 40.13
CA ILE G 484 16.88 -42.77 41.28
C ILE G 484 18.30 -42.55 40.81
N GLN G 485 18.70 -43.25 39.74
CA GLN G 485 20.03 -43.08 39.18
C GLN G 485 20.24 -41.66 38.70
N ARG G 486 19.22 -41.09 38.05
CA ARG G 486 19.35 -39.72 37.55
C ARG G 486 19.57 -38.73 38.69
N MET G 487 18.79 -38.87 39.78
CA MET G 487 18.98 -37.97 40.91
C MET G 487 20.36 -38.14 41.54
N ALA G 488 20.82 -39.39 41.68
CA ALA G 488 22.14 -39.62 42.26
C ALA G 488 23.23 -38.98 41.41
N GLU G 489 23.13 -39.13 40.09
CA GLU G 489 24.14 -38.53 39.20
C GLU G 489 24.14 -37.02 39.31
N GLN G 490 22.96 -36.40 39.34
CA GLN G 490 22.90 -34.94 39.48
C GLN G 490 23.54 -34.49 40.78
N SER G 491 23.22 -35.18 41.88
CA SER G 491 23.77 -34.79 43.18
C SER G 491 25.29 -34.87 43.18
N SER G 492 25.84 -35.98 42.67
CA SER G 492 27.30 -36.14 42.65
C SER G 492 27.94 -35.06 41.78
N GLN G 493 27.36 -34.79 40.61
CA GLN G 493 27.94 -33.82 39.70
C GLN G 493 28.00 -32.44 40.33
N GLN G 494 26.94 -32.03 41.03
CA GLN G 494 26.99 -30.75 41.72
C GLN G 494 28.03 -30.77 42.83
N ALA G 495 28.05 -31.85 43.63
CA ALA G 495 28.85 -31.89 44.83
C ALA G 495 30.34 -31.77 44.53
N VAL G 496 30.80 -32.43 43.46
CA VAL G 496 32.25 -32.44 43.20
C VAL G 496 32.77 -31.02 42.92
N VAL G 497 32.05 -30.26 42.10
CA VAL G 497 32.49 -28.92 41.76
C VAL G 497 32.37 -27.99 42.95
N GLN G 498 31.26 -28.10 43.70
CA GLN G 498 31.12 -27.27 44.89
C GLN G 498 32.24 -27.54 45.89
N GLY G 499 32.68 -28.79 46.01
CA GLY G 499 33.79 -29.09 46.89
C GLY G 499 35.11 -28.53 46.39
N ALA G 500 35.36 -28.62 45.08
CA ALA G 500 36.65 -28.16 44.55
C ALA G 500 36.82 -26.64 44.71
N SER G 501 35.77 -25.88 44.43
CA SER G 501 35.92 -24.42 44.34
C SER G 501 36.35 -23.81 45.68
N ALA G 502 35.68 -24.20 46.76
CA ALA G 502 35.99 -23.62 48.07
C ALA G 502 37.40 -23.96 48.52
N ALA G 503 37.84 -25.20 48.26
CA ALA G 503 39.19 -25.58 48.62
C ALA G 503 40.22 -24.73 47.88
N GLY G 504 40.00 -24.53 46.58
CA GLY G 504 40.91 -23.67 45.84
C GLY G 504 40.98 -22.27 46.41
N ALA G 505 39.81 -21.69 46.67
CA ALA G 505 39.78 -20.31 47.17
C ALA G 505 40.47 -20.18 48.54
N ASN G 506 40.21 -21.13 49.45
CA ASN G 506 40.81 -21.04 50.77
C ASN G 506 42.32 -21.23 50.71
N MET G 507 42.81 -22.16 49.90
CA MET G 507 44.25 -22.34 49.75
C MET G 507 44.89 -21.05 49.24
N GLY G 508 44.29 -20.45 48.21
CA GLY G 508 44.84 -19.22 47.68
C GLY G 508 44.88 -18.10 48.70
N ALA G 509 43.80 -17.94 49.46
CA ALA G 509 43.77 -16.88 50.47
C ALA G 509 44.83 -17.10 51.53
N ALA G 510 44.98 -18.33 52.02
CA ALA G 510 45.97 -18.60 53.06
C ALA G 510 47.38 -18.33 52.59
N VAL G 511 47.72 -18.82 51.38
CA VAL G 511 49.10 -18.65 50.91
C VAL G 511 49.38 -17.18 50.62
N GLY G 512 48.38 -16.45 50.09
CA GLY G 512 48.58 -15.04 49.85
C GLY G 512 48.81 -14.26 51.13
N GLN G 513 48.02 -14.56 52.18
CA GLN G 513 48.23 -13.89 53.45
C GLN G 513 49.60 -14.18 54.02
N GLY G 514 50.05 -15.43 53.96
CA GLY G 514 51.38 -15.76 54.47
C GLY G 514 52.48 -15.02 53.74
N ALA G 515 52.43 -15.04 52.40
CA ALA G 515 53.45 -14.37 51.62
C ALA G 515 53.47 -12.87 51.88
N GLY G 516 52.28 -12.25 51.94
CA GLY G 516 52.21 -10.83 52.20
C GLY G 516 52.76 -10.47 53.57
N GLU G 517 52.43 -11.26 54.59
CA GLU G 517 52.94 -10.99 55.93
C GLU G 517 54.45 -11.11 55.97
N ASP G 518 55.01 -12.13 55.30
CA ASP G 518 56.46 -12.28 55.32
C ASP G 518 57.15 -11.16 54.55
N MET G 519 56.54 -10.68 53.46
CA MET G 519 57.16 -9.64 52.66
C MET G 519 56.96 -8.23 53.23
N ALA G 520 55.99 -8.05 54.13
CA ALA G 520 55.65 -6.71 54.59
C ALA G 520 56.84 -6.02 55.28
N GLN G 521 57.56 -6.74 56.12
CA GLN G 521 58.67 -6.14 56.87
C GLN G 521 59.94 -6.13 56.02
N ALA G 522 59.91 -5.27 55.00
CA ALA G 522 61.04 -5.14 54.07
C ALA G 522 61.30 -3.69 53.71
N GLU H 3 61.67 -57.03 -31.86
CA GLU H 3 62.18 -56.20 -32.94
C GLU H 3 61.03 -55.71 -33.82
N ARG H 4 60.09 -55.01 -33.21
CA ARG H 4 58.97 -54.40 -33.94
C ARG H 4 58.19 -55.45 -34.72
N GLU H 5 57.57 -56.37 -33.98
CA GLU H 5 56.95 -57.54 -34.58
C GLU H 5 55.58 -57.23 -35.17
N GLY H 6 54.63 -56.83 -34.34
CA GLY H 6 53.25 -56.65 -34.76
C GLY H 6 52.86 -55.19 -34.75
N PHE H 7 52.05 -54.79 -35.74
CA PHE H 7 51.55 -53.43 -35.92
C PHE H 7 52.68 -52.46 -36.28
N ALA H 8 53.93 -52.92 -36.27
CA ALA H 8 55.07 -52.04 -36.42
C ALA H 8 56.14 -52.69 -37.29
N ALA H 9 55.72 -53.53 -38.23
CA ALA H 9 56.64 -54.20 -39.13
C ALA H 9 56.86 -53.41 -40.41
N GLU H 10 56.31 -52.20 -40.51
CA GLU H 10 56.41 -51.41 -41.73
C GLU H 10 56.79 -49.96 -41.52
N GLY H 11 56.81 -49.45 -40.29
CA GLY H 11 57.21 -48.09 -40.01
C GLY H 11 56.03 -47.20 -39.69
N ALA H 12 56.33 -45.95 -39.40
CA ALA H 12 55.31 -44.97 -39.05
C ALA H 12 54.76 -44.22 -40.25
N LYS H 13 55.58 -43.94 -41.25
CA LYS H 13 55.10 -43.32 -42.49
C LYS H 13 54.76 -44.44 -43.45
N ALA H 14 53.58 -45.02 -43.26
CA ALA H 14 53.08 -46.17 -43.99
C ALA H 14 51.77 -46.57 -43.32
N VAL H 15 51.81 -46.64 -41.99
CA VAL H 15 50.57 -46.73 -41.22
C VAL H 15 49.80 -45.43 -41.32
N TYR H 16 50.50 -44.30 -41.33
CA TYR H 16 49.83 -43.01 -41.41
C TYR H 16 49.18 -42.77 -42.77
N ASP H 17 49.69 -43.40 -43.82
CA ASP H 17 49.17 -43.16 -45.16
C ASP H 17 48.01 -44.07 -45.53
N ARG H 18 47.98 -45.30 -45.00
CA ARG H 18 46.84 -46.18 -45.26
C ARG H 18 45.58 -45.67 -44.56
N LEU H 19 45.70 -45.26 -43.30
CA LEU H 19 44.54 -44.87 -42.51
C LEU H 19 44.07 -43.45 -42.80
N LYS H 20 44.79 -42.70 -43.62
CA LYS H 20 44.43 -41.31 -43.90
C LYS H 20 43.15 -41.17 -44.70
N ASN H 21 42.66 -42.24 -45.31
CA ASN H 21 41.48 -42.17 -46.17
C ASN H 21 40.18 -42.44 -45.41
N GLY H 22 40.25 -42.67 -44.10
CA GLY H 22 39.05 -42.90 -43.32
C GLY H 22 38.45 -41.63 -42.73
N ARG H 23 39.23 -40.55 -42.69
CA ARG H 23 38.76 -39.31 -42.09
C ARG H 23 37.98 -38.44 -43.06
N GLN H 24 38.00 -38.74 -44.34
CA GLN H 24 37.46 -37.81 -45.34
C GLN H 24 35.98 -37.49 -45.14
N PRO H 25 35.08 -38.46 -44.93
CA PRO H 25 33.68 -38.09 -44.72
C PRO H 25 33.47 -37.12 -43.57
N TYR H 26 34.20 -37.29 -42.47
CA TYR H 26 34.02 -36.43 -41.32
C TYR H 26 34.46 -35.00 -41.59
N GLU H 27 35.60 -34.83 -42.27
CA GLU H 27 36.03 -33.49 -42.64
C GLU H 27 35.05 -32.82 -43.60
N THR H 28 34.58 -33.57 -44.60
CA THR H 28 33.62 -33.01 -45.53
C THR H 28 32.33 -32.61 -44.83
N ARG H 29 31.92 -33.39 -43.84
CA ARG H 29 30.69 -33.09 -43.13
C ARG H 29 30.86 -31.92 -42.16
N ALA H 30 32.06 -31.72 -41.64
CA ALA H 30 32.33 -30.59 -40.74
C ALA H 30 32.50 -29.27 -41.47
N GLN H 31 33.05 -29.31 -42.69
CA GLN H 31 33.21 -28.08 -43.46
C GLN H 31 31.88 -27.43 -43.81
N ASN H 32 30.83 -28.23 -44.02
CA ASN H 32 29.51 -27.65 -44.27
C ASN H 32 28.93 -27.01 -43.02
N CYS H 33 29.14 -27.59 -41.85
CA CYS H 33 28.66 -26.98 -40.62
C CYS H 33 29.38 -25.68 -40.32
N ALA H 34 30.70 -25.67 -40.47
CA ALA H 34 31.46 -24.46 -40.15
C ALA H 34 31.47 -23.50 -41.32
N ALA H 35 30.31 -23.26 -41.92
CA ALA H 35 30.18 -22.29 -43.00
C ALA H 35 28.97 -21.38 -42.86
N VAL H 36 28.03 -21.70 -41.97
CA VAL H 36 26.90 -20.84 -41.67
C VAL H 36 26.98 -20.25 -40.27
N THR H 37 27.99 -20.62 -39.48
CA THR H 37 28.16 -20.06 -38.15
C THR H 37 29.42 -19.21 -38.04
N ILE H 38 30.60 -19.80 -38.24
CA ILE H 38 31.87 -19.07 -38.24
C ILE H 38 32.76 -19.69 -39.31
N PRO H 39 32.91 -19.05 -40.48
CA PRO H 39 33.68 -19.70 -41.54
C PRO H 39 35.15 -19.90 -41.23
N SER H 40 35.69 -19.18 -40.25
CA SER H 40 37.11 -19.26 -39.93
C SER H 40 37.40 -20.22 -38.78
N LEU H 41 36.44 -21.05 -38.39
CA LEU H 41 36.62 -21.97 -37.28
C LEU H 41 37.28 -23.28 -37.70
N PHE H 42 36.95 -23.78 -38.89
CA PHE H 42 37.51 -25.03 -39.40
C PHE H 42 38.03 -24.80 -40.81
N PRO H 43 39.23 -24.24 -40.94
CA PRO H 43 39.79 -24.01 -42.27
C PRO H 43 40.25 -25.29 -42.93
N LYS H 44 40.45 -25.23 -44.24
CA LYS H 44 40.97 -26.35 -45.00
C LYS H 44 42.45 -26.56 -44.70
N GLU H 45 43.06 -27.51 -45.41
CA GLU H 45 44.49 -27.76 -45.29
C GLU H 45 45.30 -27.08 -46.38
N SER H 46 44.65 -26.27 -47.21
CA SER H 46 45.31 -25.59 -48.33
C SER H 46 45.00 -24.10 -48.30
N ASP H 47 45.15 -23.48 -47.13
CA ASP H 47 44.87 -22.07 -46.95
C ASP H 47 46.14 -21.34 -46.53
N ASN H 48 46.18 -20.05 -46.83
CA ASN H 48 47.37 -19.24 -46.59
C ASN H 48 46.92 -17.81 -46.29
N SER H 49 47.85 -16.86 -46.41
CA SER H 49 47.60 -15.49 -45.99
C SER H 49 46.54 -14.81 -46.86
N SER H 50 46.36 -15.26 -48.09
CA SER H 50 45.53 -14.54 -49.05
C SER H 50 44.06 -14.97 -49.02
N THR H 51 43.70 -15.96 -48.21
CA THR H 51 42.32 -16.43 -48.20
C THR H 51 41.40 -15.41 -47.52
N GLU H 52 40.23 -15.21 -48.09
CA GLU H 52 39.24 -14.26 -47.58
C GLU H 52 37.99 -15.01 -47.13
N TYR H 53 37.52 -14.73 -45.92
CA TYR H 53 36.35 -15.39 -45.36
C TYR H 53 35.17 -14.44 -45.42
N THR H 54 34.08 -14.89 -46.03
CA THR H 54 32.92 -14.05 -46.30
C THR H 54 31.99 -14.09 -45.08
N THR H 55 30.94 -13.27 -45.09
CA THR H 55 30.03 -13.13 -43.98
C THR H 55 28.68 -13.75 -44.33
N PRO H 56 28.15 -14.66 -43.52
CA PRO H 56 26.85 -15.25 -43.81
C PRO H 56 25.72 -14.25 -43.70
N TRP H 57 24.63 -14.53 -44.41
CA TRP H 57 23.51 -13.60 -44.49
C TRP H 57 22.76 -13.45 -43.16
N GLN H 58 22.97 -14.36 -42.22
CA GLN H 58 22.30 -14.32 -40.92
C GLN H 58 23.31 -14.51 -39.80
N ALA H 59 22.97 -14.01 -38.62
CA ALA H 59 23.87 -14.02 -37.48
C ALA H 59 23.21 -14.67 -36.28
N VAL H 60 22.61 -15.85 -36.49
CA VAL H 60 21.98 -16.59 -35.41
C VAL H 60 22.85 -17.74 -34.91
N GLY H 61 23.69 -18.33 -35.77
CA GLY H 61 24.55 -19.42 -35.37
C GLY H 61 25.63 -19.06 -34.38
N ALA H 62 26.24 -17.88 -34.57
CA ALA H 62 27.35 -17.48 -33.72
C ALA H 62 26.93 -17.32 -32.26
N ARG H 63 25.79 -16.67 -32.03
CA ARG H 63 25.29 -16.48 -30.67
C ARG H 63 25.08 -17.82 -29.98
N CYS H 64 24.40 -18.75 -30.66
CA CYS H 64 24.10 -20.04 -30.07
C CYS H 64 25.36 -20.81 -29.75
N LEU H 65 26.31 -20.86 -30.69
CA LEU H 65 27.52 -21.63 -30.47
C LEU H 65 28.33 -21.06 -29.30
N ASN H 66 28.50 -19.73 -29.25
CA ASN H 66 29.25 -19.13 -28.16
C ASN H 66 28.57 -19.34 -26.82
N ASN H 67 27.24 -19.20 -26.77
CA ASN H 67 26.51 -19.39 -25.51
C ASN H 67 26.67 -20.81 -25.00
N LEU H 68 26.49 -21.81 -25.87
CA LEU H 68 26.61 -23.19 -25.43
C LEU H 68 28.03 -23.52 -24.98
N ALA H 69 29.03 -23.04 -25.72
CA ALA H 69 30.41 -23.30 -25.33
C ALA H 69 30.73 -22.68 -23.98
N ALA H 70 30.16 -21.52 -23.67
CA ALA H 70 30.39 -20.90 -22.37
C ALA H 70 29.72 -21.71 -21.25
N LYS H 71 28.45 -22.07 -21.44
CA LYS H 71 27.71 -22.73 -20.36
C LYS H 71 28.25 -24.12 -20.06
N LEU H 72 28.66 -24.87 -21.09
CA LEU H 72 29.18 -26.21 -20.86
C LEU H 72 30.43 -26.17 -19.99
N MET H 73 31.34 -25.25 -20.26
CA MET H 73 32.53 -25.14 -19.43
C MET H 73 32.25 -24.59 -18.05
N LEU H 74 31.26 -23.69 -17.92
CA LEU H 74 30.91 -23.23 -16.58
C LEU H 74 30.39 -24.38 -15.73
N ALA H 75 29.62 -25.30 -16.33
CA ALA H 75 29.09 -26.43 -15.57
C ALA H 75 30.14 -27.50 -15.32
N LEU H 76 31.00 -27.79 -16.30
CA LEU H 76 31.91 -28.93 -16.18
C LEU H 76 33.07 -28.67 -15.22
N PHE H 77 33.69 -27.49 -15.30
CA PHE H 77 34.91 -27.19 -14.55
C PHE H 77 34.68 -25.99 -13.64
N PRO H 78 34.23 -26.22 -12.41
CA PRO H 78 34.04 -25.11 -11.47
C PRO H 78 35.35 -24.75 -10.78
N GLN H 79 35.28 -23.75 -9.91
CA GLN H 79 36.46 -23.30 -9.18
C GLN H 79 36.83 -24.27 -8.05
N SER H 80 35.83 -24.77 -7.34
CA SER H 80 36.07 -25.76 -6.29
C SER H 80 36.44 -27.11 -6.91
N PRO H 81 37.12 -27.97 -6.16
CA PRO H 81 37.58 -29.24 -6.74
C PRO H 81 36.43 -30.10 -7.23
N TRP H 82 36.70 -30.87 -8.29
CA TRP H 82 35.75 -31.83 -8.83
C TRP H 82 36.26 -33.26 -8.70
N MET H 83 36.91 -33.57 -7.58
CA MET H 83 37.32 -34.93 -7.25
C MET H 83 37.07 -35.17 -5.77
N ARG H 84 37.08 -36.44 -5.38
CA ARG H 84 36.83 -36.77 -3.97
C ARG H 84 37.91 -37.61 -3.31
N LEU H 85 38.49 -38.59 -4.00
CA LEU H 85 39.50 -39.47 -3.44
C LEU H 85 39.03 -40.09 -2.12
N THR H 86 38.00 -40.91 -2.24
CA THR H 86 37.37 -41.52 -1.08
C THR H 86 38.01 -42.85 -0.72
N VAL H 87 37.70 -43.33 0.49
CA VAL H 87 38.13 -44.62 0.99
C VAL H 87 36.91 -45.32 1.59
N SER H 88 36.96 -46.65 1.62
CA SER H 88 35.82 -47.44 2.08
C SER H 88 35.56 -47.18 3.57
N GLU H 89 34.42 -47.67 4.03
CA GLU H 89 33.96 -47.41 5.40
C GLU H 89 34.04 -48.63 6.30
N TYR H 90 33.60 -49.79 5.83
CA TYR H 90 33.64 -51.00 6.65
C TYR H 90 35.07 -51.38 6.99
N GLU H 91 35.97 -51.33 6.01
CA GLU H 91 37.36 -51.69 6.26
C GLU H 91 38.04 -50.71 7.19
N ALA H 92 37.72 -49.42 7.07
CA ALA H 92 38.24 -48.44 8.00
C ALA H 92 37.70 -48.68 9.41
N LYS H 93 36.43 -49.06 9.53
CA LYS H 93 35.82 -49.29 10.83
C LYS H 93 36.43 -50.51 11.52
N THR H 94 36.70 -51.58 10.77
CA THR H 94 37.22 -52.79 11.37
C THR H 94 38.66 -52.66 11.88
N LEU H 95 39.41 -51.68 11.40
CA LEU H 95 40.80 -51.52 11.81
C LEU H 95 40.99 -50.45 12.89
N SER H 96 40.06 -49.52 13.02
CA SER H 96 40.22 -48.41 13.94
C SER H 96 39.99 -48.85 15.38
N GLN H 97 40.53 -48.06 16.31
CA GLN H 97 40.37 -48.31 17.74
C GLN H 97 39.88 -47.07 18.48
N ASP H 98 39.43 -46.05 17.78
CA ASP H 98 39.04 -44.79 18.41
C ASP H 98 37.99 -44.10 17.54
N SER H 99 37.34 -43.09 18.12
CA SER H 99 36.28 -42.35 17.45
C SER H 99 36.79 -41.17 16.64
N GLU H 100 38.11 -41.01 16.53
CA GLU H 100 38.70 -39.91 15.76
C GLU H 100 39.68 -40.43 14.72
N ALA H 101 39.32 -41.51 14.01
CA ALA H 101 40.19 -42.04 12.96
C ALA H 101 39.70 -41.67 11.57
N ALA H 102 38.40 -41.82 11.31
CA ALA H 102 37.86 -41.46 10.02
C ALA H 102 38.04 -39.97 9.73
N ALA H 103 37.84 -39.13 10.75
CA ALA H 103 38.03 -37.70 10.57
C ALA H 103 39.47 -37.37 10.19
N ARG H 104 40.44 -38.01 10.85
CA ARG H 104 41.84 -37.75 10.52
C ARG H 104 42.20 -38.25 9.13
N VAL H 105 41.66 -39.40 8.73
CA VAL H 105 41.93 -39.90 7.39
C VAL H 105 41.35 -38.97 6.33
N ASP H 106 40.13 -38.47 6.56
CA ASP H 106 39.54 -37.53 5.62
C ASP H 106 40.32 -36.22 5.56
N GLU H 107 40.79 -35.75 6.72
CA GLU H 107 41.62 -34.54 6.75
C GLU H 107 42.91 -34.74 5.95
N GLY H 108 43.52 -35.92 6.07
CA GLY H 108 44.68 -36.22 5.26
C GLY H 108 44.38 -36.32 3.79
N LEU H 109 43.20 -36.83 3.44
CA LEU H 109 42.87 -37.04 2.02
C LEU H 109 42.53 -35.73 1.31
N ALA H 110 42.01 -34.74 2.03
CA ALA H 110 41.65 -33.48 1.36
C ALA H 110 42.88 -32.73 0.83
N MET H 111 44.03 -32.89 1.50
CA MET H 111 45.23 -32.17 1.10
C MET H 111 45.68 -32.56 -0.30
N VAL H 112 45.56 -33.85 -0.65
CA VAL H 112 45.97 -34.29 -1.98
C VAL H 112 45.08 -33.67 -3.05
N GLU H 113 43.78 -33.54 -2.78
CA GLU H 113 42.91 -32.85 -3.71
C GLU H 113 43.33 -31.40 -3.88
N ARG H 114 43.69 -30.73 -2.79
CA ARG H 114 44.13 -29.35 -2.90
C ARG H 114 45.39 -29.23 -3.74
N VAL H 115 46.33 -30.16 -3.56
CA VAL H 115 47.57 -30.13 -4.35
C VAL H 115 47.27 -30.36 -5.83
N LEU H 116 46.38 -31.31 -6.13
CA LEU H 116 46.01 -31.57 -7.51
C LEU H 116 45.37 -30.35 -8.16
N MET H 117 44.50 -29.65 -7.43
CA MET H 117 43.94 -28.41 -7.96
C MET H 117 44.96 -27.30 -8.11
N ALA H 118 45.96 -27.22 -7.22
CA ALA H 118 46.95 -26.15 -7.35
C ALA H 118 47.90 -26.40 -8.51
N TYR H 119 48.17 -27.66 -8.85
CA TYR H 119 49.12 -27.94 -9.93
C TYR H 119 48.57 -27.58 -11.30
N MET H 120 47.26 -27.53 -11.48
CA MET H 120 46.66 -27.31 -12.78
C MET H 120 46.49 -25.84 -13.14
N GLU H 121 46.69 -24.92 -12.20
CA GLU H 121 46.59 -23.49 -12.49
C GLU H 121 47.94 -22.89 -12.86
N THR H 122 49.03 -23.45 -12.32
CA THR H 122 50.36 -22.96 -12.62
C THR H 122 50.71 -23.15 -14.10
N ASN H 123 50.40 -24.32 -14.64
CA ASN H 123 50.75 -24.66 -16.01
C ASN H 123 49.67 -24.29 -17.02
N SER H 124 48.63 -23.59 -16.58
CA SER H 124 47.59 -23.05 -17.46
C SER H 124 46.93 -24.17 -18.27
N PHE H 125 46.28 -25.08 -17.56
CA PHE H 125 45.50 -26.14 -18.18
C PHE H 125 44.15 -25.68 -18.67
N ARG H 126 43.89 -24.37 -18.69
CA ARG H 126 42.55 -23.88 -18.95
C ARG H 126 42.35 -23.27 -20.33
N VAL H 127 43.40 -22.72 -20.93
CA VAL H 127 43.30 -22.22 -22.30
C VAL H 127 43.04 -23.36 -23.29
N PRO H 128 43.78 -24.48 -23.23
CA PRO H 128 43.48 -25.57 -24.18
C PRO H 128 42.08 -26.14 -24.03
N LEU H 129 41.52 -26.18 -22.82
CA LEU H 129 40.24 -26.84 -22.62
C LEU H 129 39.10 -26.08 -23.30
N PHE H 130 39.15 -24.75 -23.30
CA PHE H 130 38.11 -23.98 -23.97
C PHE H 130 38.13 -24.22 -25.48
N GLU H 131 39.32 -24.25 -26.08
CA GLU H 131 39.43 -24.55 -27.50
C GLU H 131 38.97 -25.97 -27.80
N ALA H 132 39.31 -26.92 -26.92
CA ALA H 132 38.86 -28.29 -27.12
C ALA H 132 37.34 -28.39 -27.07
N LEU H 133 36.72 -27.69 -26.12
CA LEU H 133 35.26 -27.72 -26.02
C LEU H 133 34.60 -27.06 -27.21
N LYS H 134 35.19 -25.99 -27.74
CA LYS H 134 34.60 -25.34 -28.89
C LYS H 134 34.75 -26.13 -30.18
N GLN H 135 35.74 -27.02 -30.27
CA GLN H 135 35.94 -27.86 -31.44
C GLN H 135 35.13 -29.14 -31.40
N LEU H 136 34.54 -29.48 -30.26
CA LEU H 136 33.71 -30.68 -30.15
C LEU H 136 32.28 -30.45 -30.64
N ILE H 137 31.88 -29.20 -30.88
CA ILE H 137 30.51 -28.90 -31.27
C ILE H 137 30.43 -28.76 -32.78
N VAL H 138 31.49 -28.28 -33.41
CA VAL H 138 31.48 -28.06 -34.85
C VAL H 138 31.96 -29.29 -35.61
N SER H 139 32.97 -30.00 -35.10
CA SER H 139 33.49 -31.19 -35.77
C SER H 139 33.19 -32.46 -34.98
N GLY H 140 33.58 -32.51 -33.71
CA GLY H 140 33.31 -33.65 -32.86
C GLY H 140 34.53 -34.44 -32.44
N ASN H 141 35.76 -33.96 -32.68
CA ASN H 141 36.96 -34.73 -32.36
C ASN H 141 38.06 -33.80 -31.89
N CYS H 142 38.95 -34.33 -31.06
CA CYS H 142 40.14 -33.63 -30.59
C CYS H 142 41.02 -34.61 -29.83
N LEU H 143 42.27 -34.21 -29.62
CA LEU H 143 43.26 -35.02 -28.91
C LEU H 143 43.95 -34.16 -27.86
N LEU H 144 44.41 -34.81 -26.79
CA LEU H 144 45.08 -34.11 -25.69
C LEU H 144 46.33 -34.87 -25.27
N TYR H 145 47.39 -34.13 -24.94
CA TYR H 145 48.65 -34.72 -24.53
C TYR H 145 49.15 -34.04 -23.27
N ILE H 146 49.58 -34.82 -22.30
CA ILE H 146 50.02 -34.33 -21.00
C ILE H 146 51.50 -34.68 -20.82
N PRO H 147 52.40 -33.72 -21.00
CA PRO H 147 53.84 -34.01 -20.88
C PRO H 147 54.23 -34.36 -19.46
N GLU H 148 55.33 -35.09 -19.35
CA GLU H 148 55.77 -35.65 -18.08
C GLU H 148 56.23 -34.52 -17.15
N PRO H 149 55.79 -34.53 -15.89
CA PRO H 149 56.04 -33.38 -15.01
C PRO H 149 57.48 -33.30 -14.54
N GLU H 150 57.85 -32.08 -14.12
CA GLU H 150 59.19 -31.80 -13.63
C GLU H 150 59.08 -30.81 -12.48
N GLN H 151 60.11 -30.76 -11.65
CA GLN H 151 60.06 -30.00 -10.39
C GLN H 151 59.77 -28.52 -10.61
N GLY H 152 60.70 -27.79 -11.23
CA GLY H 152 60.38 -26.43 -11.62
C GLY H 152 60.64 -26.13 -13.08
N THR H 153 59.56 -26.01 -13.86
CA THR H 153 59.60 -25.73 -15.29
C THR H 153 58.21 -25.25 -15.72
N TYR H 154 58.08 -25.03 -17.03
CA TYR H 154 56.79 -24.73 -17.65
C TYR H 154 56.50 -25.82 -18.67
N SER H 155 55.47 -26.62 -18.38
CA SER H 155 55.09 -27.77 -19.22
C SER H 155 53.60 -27.74 -19.48
N PRO H 156 53.14 -26.88 -20.39
CA PRO H 156 51.71 -26.77 -20.64
C PRO H 156 51.17 -27.94 -21.47
N MET H 157 49.84 -28.02 -21.50
CA MET H 157 49.11 -29.00 -22.28
C MET H 157 49.01 -28.57 -23.74
N ARG H 158 48.82 -29.55 -24.63
CA ARG H 158 48.65 -29.29 -26.06
C ARG H 158 47.32 -29.86 -26.53
N MET H 159 47.02 -29.63 -27.81
CA MET H 159 45.80 -30.12 -28.43
C MET H 159 46.02 -30.21 -29.94
N TYR H 160 45.50 -31.27 -30.56
CA TYR H 160 45.61 -31.49 -31.99
C TYR H 160 44.22 -31.46 -32.62
N ARG H 161 44.11 -30.86 -33.80
CA ARG H 161 42.84 -30.85 -34.51
C ARG H 161 42.63 -32.19 -35.21
N LEU H 162 41.53 -32.30 -35.95
CA LEU H 162 41.21 -33.55 -36.63
C LEU H 162 42.13 -33.85 -37.79
N VAL H 163 42.85 -32.86 -38.30
CA VAL H 163 43.64 -33.02 -39.51
C VAL H 163 45.12 -33.28 -39.20
N SER H 164 45.42 -33.83 -38.03
CA SER H 164 46.80 -34.09 -37.68
C SER H 164 47.04 -35.43 -36.97
N TYR H 165 46.08 -36.34 -36.94
CA TYR H 165 46.30 -37.63 -36.29
C TYR H 165 45.32 -38.65 -36.86
N VAL H 166 45.60 -39.93 -36.60
CA VAL H 166 44.74 -41.04 -36.99
C VAL H 166 44.66 -42.03 -35.83
N VAL H 167 43.59 -42.83 -35.83
CA VAL H 167 43.36 -43.83 -34.79
C VAL H 167 42.61 -45.01 -35.40
N GLN H 168 42.93 -46.21 -34.94
CA GLN H 168 42.22 -47.43 -35.35
C GLN H 168 41.59 -48.06 -34.11
N ARG H 169 40.29 -48.32 -34.20
CA ARG H 169 39.51 -48.79 -33.06
C ARG H 169 38.78 -50.08 -33.43
N ASP H 170 38.68 -50.98 -32.45
CA ASP H 170 37.98 -52.24 -32.66
C ASP H 170 36.47 -52.01 -32.70
N ALA H 171 35.75 -53.03 -33.19
CA ALA H 171 34.29 -52.97 -33.22
C ALA H 171 33.68 -53.04 -31.83
N PHE H 172 34.43 -53.50 -30.84
CA PHE H 172 34.00 -53.51 -29.45
C PHE H 172 34.27 -52.19 -28.73
N GLY H 173 35.06 -51.31 -29.32
CA GLY H 173 35.40 -50.04 -28.69
C GLY H 173 36.72 -50.08 -27.95
N ASN H 174 37.76 -50.61 -28.58
CA ASN H 174 39.10 -50.68 -28.00
C ASN H 174 40.09 -49.97 -28.91
N ILE H 175 41.01 -49.22 -28.32
CA ILE H 175 42.00 -48.47 -29.07
C ILE H 175 43.21 -49.35 -29.31
N LEU H 176 43.72 -49.35 -30.54
CA LEU H 176 44.84 -50.20 -30.94
C LEU H 176 46.05 -49.44 -31.46
N GLN H 177 45.87 -48.30 -32.12
CA GLN H 177 46.98 -47.58 -32.73
C GLN H 177 46.68 -46.08 -32.75
N ILE H 178 47.72 -45.28 -32.52
CA ILE H 178 47.67 -43.83 -32.68
C ILE H 178 48.95 -43.36 -33.32
N VAL H 179 48.85 -42.43 -34.27
CA VAL H 179 50.00 -41.81 -34.93
C VAL H 179 49.75 -40.31 -35.07
N THR H 180 50.78 -39.50 -34.80
CA THR H 180 50.70 -38.04 -34.88
C THR H 180 51.79 -37.50 -35.81
N LEU H 181 51.70 -36.21 -36.10
CA LEU H 181 52.62 -35.56 -37.03
C LEU H 181 52.89 -34.12 -36.60
N ASP H 182 54.16 -33.72 -36.62
CA ASP H 182 54.58 -32.37 -36.27
C ASP H 182 55.59 -31.85 -37.29
N LYS H 183 55.66 -30.53 -37.41
CA LYS H 183 56.60 -29.88 -38.32
C LYS H 183 57.40 -28.82 -37.56
N VAL H 184 58.71 -28.99 -37.51
CA VAL H 184 59.59 -28.08 -36.79
C VAL H 184 60.77 -27.71 -37.68
N ALA H 185 61.37 -26.56 -37.39
CA ALA H 185 62.55 -26.11 -38.10
C ALA H 185 63.80 -26.76 -37.53
N PHE H 186 64.91 -26.61 -38.25
CA PHE H 186 66.15 -27.26 -37.85
C PHE H 186 66.80 -26.63 -36.63
N SER H 187 66.52 -25.36 -36.35
CA SER H 187 67.13 -24.67 -35.21
C SER H 187 66.32 -24.80 -33.93
N ALA H 188 65.11 -25.32 -33.99
CA ALA H 188 64.28 -25.50 -32.79
C ALA H 188 64.41 -26.87 -32.18
N LEU H 189 65.24 -27.74 -32.75
CA LEU H 189 65.37 -29.11 -32.29
C LEU H 189 66.30 -29.19 -31.08
N PRO H 190 66.11 -30.18 -30.22
CA PRO H 190 67.09 -30.44 -29.16
C PRO H 190 68.43 -30.83 -29.75
N GLU H 191 69.51 -30.47 -29.03
CA GLU H 191 70.85 -30.56 -29.59
C GLU H 191 71.29 -31.99 -29.88
N ASP H 192 70.73 -32.99 -29.20
CA ASP H 192 71.13 -34.36 -29.47
C ASP H 192 70.61 -34.83 -30.83
N VAL H 193 69.35 -34.52 -31.15
CA VAL H 193 68.80 -34.86 -32.45
C VAL H 193 69.58 -34.14 -33.55
N LYS H 194 70.00 -32.90 -33.28
CA LYS H 194 70.88 -32.20 -34.21
C LYS H 194 72.22 -32.93 -34.34
N SER H 195 72.71 -33.51 -33.24
CA SER H 195 73.97 -34.25 -33.29
C SER H 195 73.84 -35.50 -34.16
N GLN H 196 72.68 -36.14 -34.14
CA GLN H 196 72.49 -37.37 -34.90
C GLN H 196 72.25 -37.13 -36.39
N LEU H 197 72.31 -35.89 -36.87
CA LEU H 197 72.22 -35.59 -38.28
C LEU H 197 73.34 -34.63 -38.67
N ASN H 198 73.81 -34.76 -39.91
CA ASN H 198 74.82 -33.83 -40.41
C ASN H 198 74.21 -32.47 -40.68
N ALA H 199 74.93 -31.43 -40.29
CA ALA H 199 74.43 -30.07 -40.44
C ALA H 199 74.62 -29.49 -41.83
N ASP H 200 75.48 -30.13 -42.64
CA ASP H 200 75.77 -29.56 -43.96
C ASP H 200 74.56 -29.60 -44.87
N ASP H 201 73.76 -30.66 -44.80
CA ASP H 201 72.63 -30.82 -45.70
C ASP H 201 71.59 -29.72 -45.50
N TYR H 202 71.31 -29.37 -44.25
CA TYR H 202 70.22 -28.46 -43.91
C TYR H 202 70.75 -27.04 -43.67
N GLU H 203 69.81 -26.11 -43.60
CA GLU H 203 70.07 -24.72 -43.30
C GLU H 203 69.09 -24.28 -42.23
N PRO H 204 69.40 -23.20 -41.50
CA PRO H 204 68.65 -22.89 -40.27
C PRO H 204 67.15 -22.72 -40.45
N ASP H 205 66.62 -22.77 -41.66
CA ASP H 205 65.21 -22.47 -41.90
C ASP H 205 64.55 -23.54 -42.76
N THR H 206 64.91 -24.81 -42.55
CA THR H 206 64.28 -25.93 -43.24
C THR H 206 63.48 -26.75 -42.25
N GLU H 207 62.33 -27.25 -42.69
CA GLU H 207 61.38 -27.92 -41.82
C GLU H 207 61.49 -29.43 -41.96
N LEU H 208 61.66 -30.12 -40.84
CA LEU H 208 61.65 -31.56 -40.79
C LEU H 208 60.27 -32.06 -40.34
N GLU H 209 60.05 -33.36 -40.47
CA GLU H 209 58.79 -33.98 -40.10
C GLU H 209 59.05 -35.10 -39.10
N VAL H 210 58.29 -35.11 -38.01
CA VAL H 210 58.50 -36.03 -36.90
C VAL H 210 57.23 -36.84 -36.67
N TYR H 211 57.39 -38.15 -36.51
CA TYR H 211 56.27 -39.08 -36.33
C TYR H 211 56.39 -39.77 -34.99
N THR H 212 55.23 -40.12 -34.42
CA THR H 212 55.16 -40.85 -33.16
C THR H 212 54.17 -42.00 -33.31
N HIS H 213 54.54 -43.17 -32.78
CA HIS H 213 53.76 -44.39 -32.95
C HIS H 213 53.53 -45.03 -31.59
N ILE H 214 52.27 -45.35 -31.28
CA ILE H 214 51.90 -46.05 -30.05
C ILE H 214 51.03 -47.25 -30.43
N TYR H 215 51.41 -48.44 -29.97
CA TYR H 215 50.68 -49.65 -30.31
C TYR H 215 50.67 -50.59 -29.11
N ARG H 216 49.70 -51.51 -29.13
CA ARG H 216 49.43 -52.40 -28.00
C ARG H 216 50.09 -53.76 -28.22
N GLN H 217 50.78 -54.26 -27.20
CA GLN H 217 51.43 -55.56 -27.29
C GLN H 217 51.49 -56.18 -25.90
N ASP H 218 50.68 -57.22 -25.67
CA ASP H 218 50.73 -58.04 -24.45
C ASP H 218 50.45 -57.21 -23.19
N ASP H 219 49.25 -56.63 -23.16
CA ASP H 219 48.75 -55.92 -21.98
C ASP H 219 49.65 -54.76 -21.56
N GLU H 220 50.09 -53.98 -22.54
CA GLU H 220 50.82 -52.75 -22.27
C GLU H 220 50.88 -51.94 -23.57
N TYR H 221 51.56 -50.80 -23.51
CA TYR H 221 51.69 -49.91 -24.65
C TYR H 221 53.16 -49.59 -24.87
N LEU H 222 53.54 -49.41 -26.13
CA LEU H 222 54.92 -49.10 -26.52
C LEU H 222 54.94 -47.88 -27.42
N ARG H 223 56.10 -47.23 -27.51
CA ARG H 223 56.21 -46.00 -28.29
C ARG H 223 57.64 -45.80 -28.78
N TYR H 224 57.76 -44.99 -29.83
CA TYR H 224 59.06 -44.56 -30.36
C TYR H 224 58.82 -43.37 -31.28
N GLU H 225 59.91 -42.78 -31.79
CA GLU H 225 59.83 -41.66 -32.71
C GLU H 225 60.71 -41.89 -33.93
N GLU H 226 60.29 -41.34 -35.06
CA GLU H 226 60.94 -41.54 -36.35
C GLU H 226 61.13 -40.21 -37.06
N VAL H 227 62.31 -40.01 -37.63
CA VAL H 227 62.58 -38.85 -38.48
C VAL H 227 63.38 -39.30 -39.69
N GLU H 228 62.99 -38.82 -40.87
CA GLU H 228 63.68 -39.09 -42.13
C GLU H 228 63.75 -40.58 -42.45
N GLY H 229 62.86 -41.39 -41.89
CA GLY H 229 62.85 -42.81 -42.13
C GLY H 229 63.63 -43.64 -41.13
N ILE H 230 64.39 -43.01 -40.23
CA ILE H 230 65.17 -43.72 -39.23
C ILE H 230 64.63 -43.38 -37.85
N GLU H 231 65.00 -44.20 -36.87
CA GLU H 231 64.47 -44.09 -35.51
C GLU H 231 65.46 -43.36 -34.61
N VAL H 232 64.95 -42.38 -33.86
CA VAL H 232 65.78 -41.61 -32.94
C VAL H 232 66.08 -42.44 -31.71
N ALA H 233 67.36 -42.55 -31.36
CA ALA H 233 67.74 -43.27 -30.17
C ALA H 233 67.40 -42.46 -28.92
N GLY H 234 66.93 -43.15 -27.89
CA GLY H 234 66.59 -42.51 -26.63
C GLY H 234 65.16 -42.04 -26.48
N THR H 235 64.25 -42.48 -27.35
CA THR H 235 62.85 -42.07 -27.28
C THR H 235 61.90 -43.21 -26.99
N GLU H 236 62.40 -44.42 -26.74
CA GLU H 236 61.53 -45.55 -26.45
C GLU H 236 60.94 -45.42 -25.05
N GLY H 237 59.89 -46.20 -24.79
CA GLY H 237 59.22 -46.15 -23.51
C GLY H 237 58.09 -47.15 -23.46
N SER H 238 57.38 -47.12 -22.33
CA SER H 238 56.28 -48.04 -22.09
C SER H 238 55.29 -47.39 -21.14
N TYR H 239 54.00 -47.64 -21.38
CA TYR H 239 52.95 -47.12 -20.53
C TYR H 239 52.05 -48.26 -20.05
N PRO H 240 51.42 -48.12 -18.89
CA PRO H 240 50.44 -49.13 -18.44
C PRO H 240 49.20 -49.16 -19.33
N LEU H 241 48.29 -50.07 -19.06
CA LEU H 241 47.09 -50.17 -19.88
C LEU H 241 46.00 -49.19 -19.46
N THR H 242 46.20 -48.43 -18.39
CA THR H 242 45.19 -47.51 -17.88
C THR H 242 45.72 -46.10 -17.66
N ALA H 243 46.93 -45.78 -18.12
CA ALA H 243 47.52 -44.48 -17.90
C ALA H 243 48.20 -43.97 -19.17
N CYS H 244 47.52 -44.11 -20.30
CA CYS H 244 48.04 -43.58 -21.55
C CYS H 244 47.78 -42.07 -21.61
N PRO H 245 48.81 -41.24 -21.78
CA PRO H 245 48.59 -39.79 -21.74
C PRO H 245 48.07 -39.19 -23.04
N TYR H 246 47.54 -40.01 -23.95
CA TYR H 246 46.87 -39.53 -25.14
C TYR H 246 45.39 -39.87 -25.05
N ILE H 247 44.53 -38.88 -25.19
CA ILE H 247 43.11 -39.05 -24.90
C ILE H 247 42.24 -38.62 -26.07
N PRO H 248 41.84 -39.53 -26.95
CA PRO H 248 40.86 -39.19 -27.98
C PRO H 248 39.48 -39.00 -27.36
N VAL H 249 38.78 -37.95 -27.80
CA VAL H 249 37.50 -37.56 -27.23
C VAL H 249 36.44 -37.53 -28.32
N ARG H 250 35.27 -38.09 -28.03
CA ARG H 250 34.13 -38.10 -28.93
C ARG H 250 32.92 -37.53 -28.20
N MET H 251 32.03 -36.88 -28.96
CA MET H 251 30.82 -36.29 -28.39
C MET H 251 29.62 -37.23 -28.49
N VAL H 252 29.26 -37.63 -29.71
CA VAL H 252 28.16 -38.56 -29.94
C VAL H 252 28.76 -39.86 -30.46
N ARG H 253 28.47 -40.96 -29.77
CA ARG H 253 29.09 -42.25 -30.06
C ARG H 253 28.07 -43.19 -30.70
N LEU H 254 28.44 -43.78 -31.83
CA LEU H 254 27.64 -44.79 -32.51
C LEU H 254 28.29 -46.16 -32.31
N ASP H 255 27.71 -47.17 -32.94
CA ASP H 255 28.16 -48.55 -32.78
C ASP H 255 28.97 -48.96 -34.01
N GLY H 256 30.24 -49.29 -33.81
CA GLY H 256 31.07 -49.84 -34.84
C GLY H 256 31.82 -48.85 -35.71
N GLU H 257 31.93 -47.59 -35.30
CA GLU H 257 32.61 -46.58 -36.09
C GLU H 257 33.78 -45.99 -35.32
N ASP H 258 34.81 -45.59 -36.05
CA ASP H 258 35.87 -44.77 -35.50
C ASP H 258 35.40 -43.32 -35.41
N TYR H 259 36.07 -42.54 -34.59
CA TYR H 259 35.74 -41.12 -34.44
C TYR H 259 34.29 -40.93 -33.99
N GLY H 260 33.81 -39.69 -34.00
CA GLY H 260 32.47 -39.40 -33.53
C GLY H 260 31.80 -38.34 -34.36
N ARG H 261 30.51 -38.15 -34.10
CA ARG H 261 29.71 -37.16 -34.80
C ARG H 261 29.51 -35.93 -33.91
N SER H 262 28.83 -34.92 -34.43
CA SER H 262 28.72 -33.63 -33.77
C SER H 262 27.28 -33.37 -33.34
N TYR H 263 27.09 -32.26 -32.63
CA TYR H 263 25.78 -31.87 -32.14
C TYR H 263 25.03 -30.94 -33.10
N CYS H 264 25.75 -30.21 -33.94
CA CYS H 264 25.13 -29.29 -34.88
C CYS H 264 24.63 -29.98 -36.15
N GLU H 265 24.89 -31.28 -36.31
CA GLU H 265 24.46 -31.99 -37.50
C GLU H 265 22.95 -32.11 -37.58
N GLU H 266 22.27 -32.11 -36.42
CA GLU H 266 20.84 -32.36 -36.39
C GLU H 266 20.00 -31.16 -36.81
N TYR H 267 20.60 -29.98 -36.96
CA TYR H 267 19.88 -28.74 -37.21
C TYR H 267 20.47 -28.00 -38.39
N LEU H 268 20.66 -28.69 -39.51
CA LEU H 268 21.23 -28.02 -40.67
C LEU H 268 20.19 -27.48 -41.62
N GLY H 269 19.07 -28.20 -41.80
CA GLY H 269 18.04 -27.74 -42.70
C GLY H 269 17.42 -26.42 -42.26
N ASP H 270 17.24 -26.25 -40.95
CA ASP H 270 16.66 -25.01 -40.44
C ASP H 270 17.56 -23.81 -40.74
N LEU H 271 18.86 -23.96 -40.50
CA LEU H 271 19.78 -22.86 -40.80
C LEU H 271 19.80 -22.55 -42.29
N ASN H 272 19.78 -23.59 -43.13
CA ASN H 272 19.76 -23.36 -44.57
C ASN H 272 18.51 -22.60 -45.00
N SER H 273 17.33 -22.98 -44.48
CA SER H 273 16.11 -22.27 -44.83
C SER H 273 16.14 -20.83 -44.35
N LEU H 274 16.64 -20.60 -43.13
CA LEU H 274 16.71 -19.24 -42.62
C LEU H 274 17.58 -18.36 -43.50
N GLU H 275 18.75 -18.87 -43.91
CA GLU H 275 19.61 -18.08 -44.79
C GLU H 275 18.93 -17.80 -46.12
N THR H 276 18.25 -18.80 -46.69
CA THR H 276 17.58 -18.61 -47.96
C THR H 276 16.53 -17.51 -47.90
N ILE H 277 15.74 -17.47 -46.83
CA ILE H 277 14.71 -16.44 -46.72
C ILE H 277 15.33 -15.06 -46.46
N THR H 278 16.35 -15.01 -45.58
CA THR H 278 16.92 -13.72 -45.20
C THR H 278 17.59 -13.03 -46.38
N GLU H 279 18.24 -13.79 -47.25
CA GLU H 279 18.88 -13.18 -48.42
C GLU H 279 17.88 -12.40 -49.26
N ALA H 280 16.74 -13.03 -49.58
CA ALA H 280 15.73 -12.37 -50.40
C ALA H 280 15.13 -11.18 -49.68
N ILE H 281 14.90 -11.29 -48.37
CA ILE H 281 14.37 -10.17 -47.62
C ILE H 281 15.30 -8.96 -47.71
N THR H 282 16.61 -9.18 -47.58
CA THR H 282 17.55 -8.07 -47.65
C THR H 282 17.62 -7.47 -49.05
N LYS H 283 17.65 -8.33 -50.08
CA LYS H 283 17.78 -7.80 -51.44
C LYS H 283 16.55 -7.01 -51.87
N MET H 284 15.35 -7.45 -51.47
CA MET H 284 14.16 -6.67 -51.81
C MET H 284 14.14 -5.31 -51.14
N ALA H 285 14.91 -5.10 -50.07
CA ALA H 285 15.04 -3.78 -49.46
C ALA H 285 16.14 -2.95 -50.09
N LYS H 286 17.20 -3.59 -50.58
CA LYS H 286 18.20 -2.84 -51.35
C LYS H 286 17.65 -2.35 -52.69
N VAL H 287 16.79 -3.14 -53.34
CA VAL H 287 16.26 -2.72 -54.64
C VAL H 287 15.33 -1.52 -54.52
N ALA H 288 14.63 -1.37 -53.39
CA ALA H 288 13.56 -0.40 -53.26
C ALA H 288 14.03 0.93 -52.69
N SER H 289 15.27 1.34 -52.99
CA SER H 289 15.78 2.64 -52.58
C SER H 289 16.48 3.33 -53.74
N LYS H 290 15.94 3.18 -54.95
CA LYS H 290 16.47 3.81 -56.15
C LYS H 290 15.39 4.71 -56.73
N VAL H 291 15.75 5.95 -57.04
CA VAL H 291 14.78 6.96 -57.47
C VAL H 291 14.74 7.00 -58.99
N VAL H 292 13.55 6.90 -59.56
CA VAL H 292 13.36 6.99 -61.00
C VAL H 292 12.04 7.70 -61.26
N GLY H 293 12.10 8.87 -61.90
CA GLY H 293 10.88 9.58 -62.24
C GLY H 293 10.29 9.10 -63.54
N LEU H 294 9.00 9.41 -63.75
CA LEU H 294 8.27 8.95 -64.92
C LEU H 294 7.39 10.09 -65.42
N VAL H 295 7.67 10.58 -66.62
CA VAL H 295 6.94 11.70 -67.21
C VAL H 295 6.07 11.20 -68.35
N ASN H 296 4.84 11.69 -68.41
CA ASN H 296 3.87 11.21 -69.40
C ASN H 296 4.10 11.92 -70.73
N PRO H 297 4.38 11.18 -71.81
CA PRO H 297 4.71 11.83 -73.08
C PRO H 297 3.52 12.46 -73.80
N ARG H 305 12.75 22.45 -67.79
CA ARG H 305 12.40 23.68 -67.04
C ARG H 305 12.43 23.40 -65.55
N LEU H 306 12.30 22.14 -65.14
CA LEU H 306 12.27 21.76 -63.70
C LEU H 306 13.69 21.43 -63.23
N ASN H 307 14.65 21.36 -64.14
CA ASN H 307 16.04 21.00 -63.78
C ASN H 307 16.90 22.27 -63.74
N LYS H 308 16.49 23.34 -64.39
CA LYS H 308 17.33 24.56 -64.48
C LYS H 308 16.72 25.72 -63.69
N ALA H 309 15.82 25.43 -62.75
CA ALA H 309 15.19 26.46 -61.91
C ALA H 309 16.03 26.71 -60.66
N ALA H 310 15.47 27.40 -59.66
CA ALA H 310 16.23 27.75 -58.45
C ALA H 310 15.37 27.57 -57.19
N THR H 311 15.98 27.48 -56.01
CA THR H 311 15.24 27.18 -54.75
C THR H 311 13.80 27.68 -54.75
N GLY H 312 13.51 28.92 -55.13
CA GLY H 312 12.09 29.28 -55.14
C GLY H 312 11.71 30.04 -56.38
N GLU H 313 10.82 29.46 -57.20
CA GLU H 313 10.46 30.05 -58.49
C GLU H 313 9.08 29.58 -58.90
N PHE H 314 8.51 30.28 -59.88
CA PHE H 314 7.25 29.92 -60.50
C PHE H 314 7.54 29.44 -61.92
N VAL H 315 7.19 28.20 -62.22
CA VAL H 315 7.47 27.60 -63.51
C VAL H 315 6.18 26.99 -64.05
N ALA H 316 6.15 26.74 -65.36
CA ALA H 316 4.94 26.34 -66.06
C ALA H 316 4.84 24.82 -66.17
N GLY H 317 3.68 24.28 -65.82
CA GLY H 317 3.46 22.86 -65.95
C GLY H 317 2.19 22.43 -65.25
N ARG H 318 2.01 21.12 -65.17
CA ARG H 318 0.91 20.49 -64.43
C ARG H 318 1.45 19.39 -63.56
N VAL H 319 0.70 19.06 -62.50
CA VAL H 319 1.15 18.09 -61.51
C VAL H 319 0.66 16.69 -61.79
N GLU H 320 -0.20 16.49 -62.79
CA GLU H 320 -0.72 15.18 -63.12
C GLU H 320 0.19 14.39 -64.04
N ASP H 321 1.26 14.98 -64.54
CA ASP H 321 2.14 14.34 -65.52
C ASP H 321 3.41 13.79 -64.92
N ILE H 322 3.57 13.83 -63.59
CA ILE H 322 4.77 13.35 -62.93
C ILE H 322 4.37 12.35 -61.85
N ASN H 323 5.04 11.20 -61.83
CA ASN H 323 4.83 10.21 -60.78
C ASN H 323 6.05 9.31 -60.74
N PHE H 324 6.21 8.60 -59.63
CA PHE H 324 7.45 7.88 -59.32
C PHE H 324 7.22 6.39 -59.28
N LEU H 325 8.20 5.63 -59.78
CA LEU H 325 8.13 4.18 -59.75
C LEU H 325 8.28 3.66 -58.33
N GLN H 326 7.54 2.60 -58.00
CA GLN H 326 7.59 2.03 -56.67
C GLN H 326 7.26 0.54 -56.70
N LEU H 327 7.74 -0.17 -55.69
CA LEU H 327 7.57 -1.61 -55.57
C LEU H 327 6.25 -1.90 -54.86
N THR H 328 5.37 -2.67 -55.51
CA THR H 328 4.02 -2.90 -55.02
C THR H 328 3.80 -4.37 -54.67
N LYS H 329 4.76 -4.98 -54.00
CA LYS H 329 4.55 -6.32 -53.48
C LYS H 329 3.55 -6.29 -52.34
N GLY H 330 2.55 -7.16 -52.40
CA GLY H 330 1.44 -7.10 -51.46
C GLY H 330 1.69 -7.83 -50.16
N GLN H 331 0.82 -8.78 -49.84
CA GLN H 331 1.00 -9.59 -48.64
C GLN H 331 2.00 -10.71 -48.88
N ASP H 332 3.18 -10.35 -49.38
CA ASP H 332 4.27 -11.30 -49.58
C ASP H 332 5.48 -10.94 -48.72
N PHE H 333 5.33 -10.00 -47.81
CA PHE H 333 6.35 -9.59 -46.86
C PHE H 333 6.08 -10.10 -45.46
N THR H 334 4.82 -9.98 -45.01
CA THR H 334 4.45 -10.44 -43.68
C THR H 334 4.58 -11.96 -43.56
N ILE H 335 4.21 -12.70 -44.60
CA ILE H 335 4.27 -14.16 -44.54
C ILE H 335 5.71 -14.63 -44.34
N ALA H 336 6.62 -14.14 -45.18
CA ALA H 336 8.02 -14.54 -45.08
C ALA H 336 8.60 -14.09 -43.75
N LYS H 337 8.28 -12.87 -43.32
CA LYS H 337 8.81 -12.38 -42.06
C LYS H 337 8.37 -13.27 -40.89
N SER H 338 7.08 -13.60 -40.84
CA SER H 338 6.56 -14.39 -39.73
C SER H 338 7.14 -15.80 -39.72
N VAL H 339 7.29 -16.42 -40.89
CA VAL H 339 7.91 -17.74 -40.93
C VAL H 339 9.35 -17.67 -40.44
N ALA H 340 10.07 -16.60 -40.82
CA ALA H 340 11.44 -16.46 -40.35
C ALA H 340 11.52 -16.33 -38.83
N ASP H 341 10.62 -15.52 -38.24
CA ASP H 341 10.65 -15.41 -36.79
C ASP H 341 10.28 -16.72 -36.11
N ALA H 342 9.36 -17.48 -36.68
CA ALA H 342 9.03 -18.79 -36.10
C ALA H 342 10.25 -19.71 -36.10
N ILE H 343 10.99 -19.75 -37.21
CA ILE H 343 12.19 -20.60 -37.27
C ILE H 343 13.22 -20.13 -36.24
N GLU H 344 13.41 -18.83 -36.12
CA GLU H 344 14.38 -18.31 -35.15
C GLU H 344 14.00 -18.68 -33.73
N GLN H 345 12.71 -18.55 -33.39
CA GLN H 345 12.26 -18.92 -32.05
C GLN H 345 12.43 -20.41 -31.79
N ARG H 346 12.21 -21.24 -32.81
CA ARG H 346 12.45 -22.67 -32.66
C ARG H 346 13.92 -22.95 -32.37
N LEU H 347 14.82 -22.32 -33.11
CA LEU H 347 16.25 -22.53 -32.88
C LEU H 347 16.72 -22.01 -31.53
N GLY H 348 16.03 -21.00 -30.98
CA GLY H 348 16.48 -20.44 -29.71
C GLY H 348 16.32 -21.38 -28.54
N TRP H 349 15.36 -22.30 -28.60
CA TRP H 349 15.08 -23.18 -27.47
C TRP H 349 16.08 -24.30 -27.30
N ALA H 350 16.86 -24.61 -28.33
CA ALA H 350 17.75 -25.77 -28.29
C ALA H 350 19.17 -25.44 -27.85
N PHE H 351 19.57 -24.17 -27.88
CA PHE H 351 20.91 -23.75 -27.47
C PHE H 351 20.90 -22.94 -26.19
N LEU H 352 19.81 -22.98 -25.43
CA LEU H 352 19.70 -22.33 -24.12
C LEU H 352 19.93 -20.83 -24.21
N LEU H 353 19.24 -20.19 -25.15
CA LEU H 353 19.29 -18.73 -25.26
C LEU H 353 18.24 -18.09 -24.37
N VAL H 372 26.70 -22.72 -5.48
CA VAL H 372 25.89 -21.49 -5.75
C VAL H 372 24.86 -21.80 -6.84
N ALA H 373 25.22 -21.59 -8.11
CA ALA H 373 24.30 -21.85 -9.23
C ALA H 373 24.81 -23.04 -10.05
N GLY H 374 25.95 -23.61 -9.65
CA GLY H 374 26.49 -24.78 -10.35
C GLY H 374 25.47 -25.89 -10.48
N GLU H 375 24.83 -26.29 -9.38
CA GLU H 375 23.87 -27.44 -9.43
C GLU H 375 22.50 -26.97 -9.93
N LEU H 376 22.36 -25.70 -10.31
CA LEU H 376 21.07 -25.22 -10.90
C LEU H 376 21.22 -25.24 -12.42
N GLU H 377 22.30 -24.67 -12.93
CA GLU H 377 22.57 -24.74 -14.39
C GLU H 377 23.33 -26.03 -14.68
N ALA H 378 22.63 -27.17 -14.68
CA ALA H 378 23.27 -28.48 -14.93
C ALA H 378 22.18 -29.55 -15.07
N SER H 385 26.66 -35.69 -19.41
CA SER H 385 26.81 -36.95 -18.63
C SER H 385 27.89 -37.85 -19.21
N VAL H 386 27.85 -38.11 -20.52
CA VAL H 386 28.81 -39.04 -21.15
C VAL H 386 30.23 -38.49 -21.02
N GLN H 387 30.37 -37.18 -20.84
CA GLN H 387 31.73 -36.55 -20.85
C GLN H 387 32.42 -36.66 -19.50
N SER H 388 31.89 -37.45 -18.58
CA SER H 388 32.54 -37.68 -17.26
C SER H 388 33.24 -39.03 -17.30
N GLN H 389 33.22 -39.70 -18.45
CA GLN H 389 33.87 -41.01 -18.60
C GLN H 389 34.84 -40.92 -19.78
N GLU H 390 34.84 -39.80 -20.50
CA GLU H 390 35.68 -39.66 -21.71
C GLU H 390 36.60 -38.44 -21.61
N LEU H 391 36.48 -37.61 -20.57
CA LEU H 391 37.40 -36.45 -20.40
C LEU H 391 37.85 -36.36 -18.95
N GLN H 392 36.95 -36.24 -17.98
CA GLN H 392 37.33 -35.96 -16.58
C GLN H 392 38.04 -37.13 -15.89
N LEU H 393 37.52 -38.35 -15.99
CA LEU H 393 38.13 -39.45 -15.20
C LEU H 393 39.48 -39.87 -15.79
N PRO H 394 39.73 -39.89 -17.11
CA PRO H 394 41.07 -40.20 -17.61
C PRO H 394 42.20 -39.22 -17.27
N ILE H 395 41.90 -37.94 -16.99
CA ILE H 395 42.92 -36.91 -16.65
C ILE H 395 43.36 -37.07 -15.19
N VAL H 396 42.55 -37.72 -14.36
CA VAL H 396 42.87 -37.82 -12.91
C VAL H 396 43.60 -39.14 -12.64
N ARG H 397 43.58 -40.06 -13.57
CA ARG H 397 44.30 -41.35 -13.38
C ARG H 397 45.73 -41.21 -13.91
N VAL H 398 46.00 -40.24 -14.79
CA VAL H 398 47.33 -39.95 -15.30
C VAL H 398 48.11 -39.07 -14.32
N LEU H 399 47.45 -38.04 -13.78
CA LEU H 399 48.13 -37.14 -12.86
C LEU H 399 48.59 -37.87 -11.60
N MET H 400 47.73 -38.73 -11.04
CA MET H 400 48.15 -39.47 -9.85
C MET H 400 49.23 -40.49 -10.15
N ASN H 401 49.22 -41.07 -11.35
CA ASN H 401 50.28 -42.00 -11.70
C ASN H 401 51.63 -41.29 -11.80
N GLN H 402 51.65 -40.09 -12.36
CA GLN H 402 52.93 -39.44 -12.63
C GLN H 402 53.45 -38.57 -11.49
N LEU H 403 52.56 -37.95 -10.71
CA LEU H 403 53.02 -37.09 -9.62
C LEU H 403 53.69 -37.89 -8.51
N GLN H 404 53.24 -39.14 -8.28
CA GLN H 404 53.91 -39.98 -7.30
C GLN H 404 55.35 -40.26 -7.72
N SER H 405 55.57 -40.57 -8.99
CA SER H 405 56.92 -40.85 -9.46
C SER H 405 57.78 -39.60 -9.43
N ALA H 406 57.21 -38.44 -9.77
CA ALA H 406 57.97 -37.20 -9.68
C ALA H 406 58.40 -36.92 -8.24
N GLY H 407 57.50 -37.15 -7.29
CA GLY H 407 57.82 -36.96 -5.89
C GLY H 407 57.16 -35.74 -5.27
N MET H 408 55.95 -35.41 -5.72
CA MET H 408 55.25 -34.22 -5.26
C MET H 408 54.08 -34.50 -4.33
N ILE H 409 53.61 -35.74 -4.25
CA ILE H 409 52.53 -36.10 -3.34
C ILE H 409 52.96 -37.32 -2.53
N PRO H 410 52.39 -37.52 -1.35
CA PRO H 410 52.79 -38.65 -0.51
C PRO H 410 52.44 -39.98 -1.16
N ASP H 411 53.20 -41.01 -0.77
CA ASP H 411 53.01 -42.35 -1.30
C ASP H 411 51.70 -42.93 -0.78
N LEU H 412 50.73 -43.10 -1.68
CA LEU H 412 49.42 -43.60 -1.30
C LEU H 412 49.49 -45.10 -1.01
N PRO H 413 48.54 -45.61 -0.20
CA PRO H 413 48.54 -47.04 0.12
C PRO H 413 48.25 -47.93 -1.08
N LYS H 414 48.17 -49.24 -0.84
CA LYS H 414 48.14 -50.21 -1.94
C LYS H 414 46.81 -50.15 -2.70
N GLU H 415 45.71 -50.48 -2.03
CA GLU H 415 44.45 -50.73 -2.71
C GLU H 415 43.27 -50.06 -2.00
N ALA H 416 43.54 -49.07 -1.16
CA ALA H 416 42.49 -48.42 -0.39
C ALA H 416 41.84 -47.25 -1.11
N SER H 422 33.34 -38.83 -10.47
CA SER H 422 32.64 -38.48 -11.70
C SER H 422 32.12 -37.05 -11.55
N THR H 423 30.90 -36.74 -11.98
CA THR H 423 30.35 -35.41 -11.78
C THR H 423 28.89 -35.40 -11.32
N GLY H 424 28.20 -36.53 -11.29
CA GLY H 424 26.83 -36.53 -10.80
C GLY H 424 26.74 -36.07 -9.37
N LEU H 425 27.63 -36.57 -8.51
CA LEU H 425 27.77 -36.10 -7.13
C LEU H 425 29.24 -35.80 -6.91
N GLU H 426 29.68 -34.63 -7.37
CA GLU H 426 31.01 -34.10 -7.09
C GLU H 426 30.97 -32.76 -6.38
N ALA H 427 30.17 -31.81 -6.88
CA ALA H 427 29.95 -30.57 -6.16
C ALA H 427 29.09 -30.82 -4.93
N LEU H 428 28.14 -31.74 -5.04
CA LEU H 428 27.32 -32.16 -3.92
C LEU H 428 27.95 -33.28 -3.11
N GLY H 429 29.05 -33.87 -3.59
CA GLY H 429 29.74 -34.87 -2.80
C GLY H 429 30.23 -34.33 -1.47
N ARG H 430 30.68 -33.07 -1.46
CA ARG H 430 31.02 -32.39 -0.22
C ARG H 430 29.88 -31.54 0.31
N GLY H 431 28.75 -31.48 -0.39
CA GLY H 431 27.64 -30.64 0.03
C GLY H 431 26.55 -31.38 0.77
N GLN H 432 26.40 -32.67 0.47
CA GLN H 432 25.42 -33.49 1.21
C GLN H 432 25.78 -33.55 2.68
N ASP H 433 27.07 -33.70 2.99
CA ASP H 433 27.50 -33.71 4.37
C ASP H 433 27.18 -32.39 5.06
N LEU H 434 27.41 -31.27 4.36
CA LEU H 434 27.14 -29.96 4.94
C LEU H 434 25.65 -29.78 5.22
N GLU H 435 24.81 -30.18 4.27
CA GLU H 435 23.36 -30.06 4.48
C GLU H 435 22.89 -30.92 5.65
N LYS H 436 23.37 -32.17 5.72
CA LYS H 436 22.97 -33.04 6.83
C LYS H 436 23.40 -32.46 8.17
N LEU H 437 24.64 -31.97 8.26
CA LEU H 437 25.11 -31.41 9.51
C LEU H 437 24.34 -30.16 9.90
N THR H 438 24.00 -29.32 8.91
CA THR H 438 23.19 -28.14 9.19
C THR H 438 21.83 -28.52 9.75
N GLN H 439 21.17 -29.49 9.13
CA GLN H 439 19.85 -29.91 9.62
C GLN H 439 19.95 -30.51 11.01
N ALA H 440 21.00 -31.30 11.28
CA ALA H 440 21.18 -31.86 12.61
C ALA H 440 21.35 -30.77 13.65
N VAL H 441 22.12 -29.73 13.33
CA VAL H 441 22.32 -28.63 14.28
C VAL H 441 21.01 -27.89 14.52
N ASN H 442 20.26 -27.60 13.45
CA ASN H 442 19.00 -26.87 13.63
C ASN H 442 18.02 -27.66 14.49
N MET H 443 17.93 -28.97 14.29
CA MET H 443 16.98 -29.74 15.10
C MET H 443 17.48 -29.93 16.52
N MET H 444 18.80 -29.97 16.72
CA MET H 444 19.32 -30.12 18.07
C MET H 444 19.13 -28.84 18.88
N THR H 445 19.18 -27.68 18.24
CA THR H 445 18.98 -26.44 18.97
C THR H 445 17.55 -26.23 19.44
N GLY H 446 16.60 -27.05 18.99
CA GLY H 446 15.21 -26.89 19.33
C GLY H 446 14.69 -27.76 20.46
N LEU H 447 15.56 -28.38 21.24
CA LEU H 447 15.16 -29.22 22.36
C LEU H 447 15.50 -28.60 23.72
N GLN H 448 16.03 -27.37 23.73
CA GLN H 448 16.47 -26.71 24.94
C GLN H 448 15.34 -26.44 25.93
N PRO H 449 14.15 -25.98 25.50
CA PRO H 449 13.05 -25.82 26.47
C PRO H 449 12.62 -27.10 27.16
N LEU H 450 12.90 -28.27 26.57
CA LEU H 450 12.55 -29.56 27.17
C LEU H 450 13.63 -30.09 28.09
N SER H 451 14.56 -29.24 28.53
CA SER H 451 15.69 -29.71 29.33
C SER H 451 15.30 -30.07 30.75
N GLN H 452 14.19 -29.54 31.26
CA GLN H 452 13.79 -29.74 32.64
C GLN H 452 12.62 -30.69 32.81
N ASP H 453 12.14 -31.31 31.74
CA ASP H 453 11.02 -32.22 31.83
C ASP H 453 11.45 -33.51 32.52
N PRO H 454 10.83 -33.89 33.64
CA PRO H 454 11.28 -35.07 34.38
C PRO H 454 10.71 -36.40 33.90
N ASP H 455 10.10 -36.46 32.72
CA ASP H 455 9.50 -37.69 32.22
C ASP H 455 10.02 -38.15 30.87
N ILE H 456 11.03 -37.48 30.31
CA ILE H 456 11.49 -37.76 28.95
C ILE H 456 12.92 -38.28 29.00
N ASN H 457 13.17 -39.34 28.22
CA ASN H 457 14.51 -39.93 28.10
C ASN H 457 15.23 -39.24 26.95
N LEU H 458 15.98 -38.19 27.28
CA LEU H 458 16.58 -37.33 26.25
C LEU H 458 17.61 -38.03 25.37
N PRO H 459 18.62 -38.75 25.92
CA PRO H 459 19.63 -39.34 25.02
C PRO H 459 19.06 -40.31 23.99
N THR H 460 18.07 -41.12 24.37
CA THR H 460 17.46 -42.03 23.41
C THR H 460 16.69 -41.27 22.34
N LEU H 461 16.04 -40.18 22.72
CA LEU H 461 15.37 -39.34 21.74
C LEU H 461 16.37 -38.74 20.75
N LYS H 462 17.53 -38.32 21.25
CA LYS H 462 18.57 -37.80 20.36
C LYS H 462 19.07 -38.88 19.41
N LEU H 463 19.26 -40.10 19.92
CA LEU H 463 19.71 -41.19 19.06
C LEU H 463 18.68 -41.49 17.97
N ARG H 464 17.39 -41.52 18.32
CA ARG H 464 16.36 -41.77 17.32
C ARG H 464 16.33 -40.66 16.28
N LEU H 465 16.46 -39.40 16.71
CA LEU H 465 16.46 -38.29 15.76
C LEU H 465 17.67 -38.36 14.83
N LEU H 466 18.83 -38.78 15.34
CA LEU H 466 20.00 -38.94 14.47
C LEU H 466 19.79 -40.08 13.47
N ASN H 467 19.22 -41.20 13.92
CA ASN H 467 18.99 -42.32 13.01
C ASN H 467 17.97 -41.97 11.93
N ALA H 468 17.02 -41.09 12.24
CA ALA H 468 15.99 -40.74 11.27
C ALA H 468 16.52 -39.99 10.06
N LEU H 469 17.77 -39.51 10.10
CA LEU H 469 18.38 -38.77 9.01
C LEU H 469 19.31 -39.59 8.15
N GLY H 470 20.04 -40.53 8.74
CA GLY H 470 21.09 -41.25 8.04
C GLY H 470 22.49 -40.77 8.31
N ILE H 471 22.66 -39.83 9.24
CA ILE H 471 23.99 -39.29 9.56
C ILE H 471 24.74 -40.28 10.43
N ASP H 472 26.04 -40.41 10.15
CA ASP H 472 26.90 -41.24 10.98
C ASP H 472 26.98 -40.69 12.40
N THR H 473 27.00 -41.59 13.39
CA THR H 473 27.00 -41.20 14.79
C THR H 473 28.27 -41.66 15.50
N ALA H 474 29.40 -41.58 14.82
CA ALA H 474 30.66 -42.01 15.43
C ALA H 474 31.08 -41.06 16.55
N GLY H 475 31.31 -39.80 16.21
CA GLY H 475 31.80 -38.84 17.18
C GLY H 475 30.87 -37.67 17.43
N LEU H 476 29.57 -37.94 17.53
CA LEU H 476 28.60 -36.89 17.82
C LEU H 476 27.90 -37.04 19.16
N LEU H 477 28.05 -38.17 19.83
CA LEU H 477 27.43 -38.39 21.13
C LEU H 477 28.47 -38.91 22.10
N LEU H 478 28.26 -38.63 23.39
CA LEU H 478 29.20 -38.98 24.44
C LEU H 478 28.78 -40.30 25.08
N THR H 479 29.74 -41.20 25.26
CA THR H 479 29.46 -42.49 25.87
C THR H 479 29.26 -42.34 27.37
N GLN H 480 28.82 -43.43 28.02
CA GLN H 480 28.64 -43.40 29.46
C GLN H 480 29.97 -43.18 30.17
N ASP H 481 31.01 -43.89 29.74
CA ASP H 481 32.35 -43.53 30.13
C ASP H 481 32.82 -42.35 29.29
N GLU H 482 34.03 -41.87 29.60
CA GLU H 482 34.60 -40.67 29.00
C GLU H 482 33.81 -39.41 29.33
N LYS H 483 32.86 -39.49 30.26
CA LYS H 483 32.17 -38.32 30.78
C LYS H 483 32.73 -37.89 32.14
N ILE H 484 33.82 -38.50 32.58
CA ILE H 484 34.45 -38.17 33.84
C ILE H 484 35.61 -37.19 33.64
N GLN H 485 36.34 -37.34 32.54
CA GLN H 485 37.44 -36.43 32.25
C GLN H 485 36.95 -34.99 32.07
N ARG H 486 35.74 -34.82 31.54
CA ARG H 486 35.18 -33.48 31.39
C ARG H 486 35.00 -32.81 32.75
N MET H 487 34.41 -33.54 33.71
CA MET H 487 34.26 -32.99 35.06
C MET H 487 35.62 -32.72 35.70
N ALA H 488 36.57 -33.63 35.51
CA ALA H 488 37.89 -33.42 36.08
C ALA H 488 38.52 -32.14 35.57
N GLU H 489 38.46 -31.92 34.25
CA GLU H 489 39.05 -30.72 33.67
C GLU H 489 38.35 -29.45 34.16
N GLN H 490 37.01 -29.47 34.21
CA GLN H 490 36.29 -28.29 34.66
C GLN H 490 36.65 -27.95 36.11
N SER H 491 36.68 -28.97 36.97
CA SER H 491 37.02 -28.73 38.38
C SER H 491 38.44 -28.21 38.52
N SER H 492 39.38 -28.75 37.75
CA SER H 492 40.76 -28.27 37.82
C SER H 492 40.84 -26.80 37.42
N GLN H 493 40.16 -26.42 36.34
CA GLN H 493 40.18 -25.03 35.91
C GLN H 493 39.63 -24.11 36.98
N GLN H 494 38.47 -24.46 37.54
CA GLN H 494 37.86 -23.62 38.56
C GLN H 494 38.77 -23.48 39.78
N ALA H 495 39.34 -24.60 40.24
CA ALA H 495 40.17 -24.58 41.43
C ALA H 495 41.46 -23.80 41.23
N VAL H 496 42.03 -23.81 40.04
CA VAL H 496 43.22 -23.00 39.80
C VAL H 496 42.86 -21.52 39.75
N VAL H 497 41.82 -21.18 38.98
CA VAL H 497 41.52 -19.77 38.73
C VAL H 497 41.08 -19.08 40.03
N GLN H 498 40.27 -19.76 40.86
CA GLN H 498 39.79 -19.12 42.07
C GLN H 498 40.94 -18.73 42.99
N GLY H 499 41.86 -19.68 43.25
CA GLY H 499 42.97 -19.39 44.13
C GLY H 499 43.91 -18.34 43.55
N ALA H 500 44.15 -18.40 42.24
CA ALA H 500 45.03 -17.41 41.62
C ALA H 500 44.44 -16.02 41.75
N SER H 501 43.13 -15.88 41.58
CA SER H 501 42.50 -14.57 41.76
C SER H 501 42.54 -14.14 43.22
N ALA H 502 42.36 -15.08 44.15
CA ALA H 502 42.22 -14.70 45.55
C ALA H 502 43.54 -14.29 46.21
N ALA H 503 44.66 -14.92 45.83
CA ALA H 503 45.90 -14.67 46.56
C ALA H 503 46.41 -13.24 46.40
N GLY H 504 46.33 -12.71 45.17
CA GLY H 504 46.95 -11.42 44.89
C GLY H 504 46.32 -10.28 45.65
N ALA H 505 44.99 -10.29 45.78
CA ALA H 505 44.31 -9.21 46.47
C ALA H 505 44.74 -9.15 47.94
N ASN H 506 44.82 -10.29 48.60
CA ASN H 506 45.26 -10.32 49.99
C ASN H 506 46.70 -9.85 50.13
N MET H 507 47.58 -10.31 49.23
CA MET H 507 48.98 -9.89 49.31
C MET H 507 49.09 -8.37 49.14
N GLY H 508 48.38 -7.82 48.16
CA GLY H 508 48.43 -6.39 47.93
C GLY H 508 47.86 -5.59 49.09
N ALA H 509 46.75 -6.06 49.66
CA ALA H 509 46.19 -5.37 50.81
C ALA H 509 47.17 -5.34 51.97
N ALA H 510 47.82 -6.48 52.24
CA ALA H 510 48.79 -6.52 53.34
C ALA H 510 49.94 -5.56 53.11
N VAL H 511 50.52 -5.57 51.91
CA VAL H 511 51.69 -4.73 51.66
C VAL H 511 51.29 -3.25 51.70
N GLY H 512 50.11 -2.91 51.18
CA GLY H 512 49.66 -1.53 51.23
C GLY H 512 49.42 -1.05 52.65
N GLN H 513 48.79 -1.89 53.47
CA GLN H 513 48.57 -1.52 54.87
C GLN H 513 49.89 -1.30 55.59
N GLY H 514 50.85 -2.20 55.38
CA GLY H 514 52.15 -2.04 56.03
C GLY H 514 52.86 -0.76 55.61
N ALA H 515 52.88 -0.50 54.29
CA ALA H 515 53.55 0.69 53.79
C ALA H 515 52.88 1.96 54.32
N GLY H 516 51.55 1.99 54.32
CA GLY H 516 50.85 3.16 54.84
C GLY H 516 51.12 3.39 56.32
N GLU H 517 51.11 2.30 57.11
CA GLU H 517 51.38 2.44 58.54
C GLU H 517 52.79 2.94 58.78
N ASP H 518 53.76 2.46 58.00
CA ASP H 518 55.14 2.90 58.20
C ASP H 518 55.36 4.33 57.71
N MET H 519 54.60 4.77 56.70
CA MET H 519 54.86 6.07 56.09
C MET H 519 54.12 7.19 56.81
N ALA H 520 52.88 6.95 57.25
CA ALA H 520 52.06 8.03 57.82
C ALA H 520 52.53 8.45 59.20
N GLN H 521 53.54 7.79 59.77
CA GLN H 521 53.99 8.11 61.12
C GLN H 521 54.49 9.54 61.22
N ALA H 522 55.26 10.00 60.23
CA ALA H 522 55.84 11.34 60.29
C ALA H 522 54.82 12.40 59.91
N GLU I 3 81.62 -14.95 -35.61
CA GLU I 3 81.31 -13.55 -35.88
C GLU I 3 80.02 -13.41 -36.69
N ARG I 4 78.89 -13.47 -35.99
CA ARG I 4 77.58 -13.29 -36.60
C ARG I 4 77.35 -14.30 -37.72
N GLU I 5 77.23 -15.57 -37.29
CA GLU I 5 76.97 -16.68 -38.20
C GLU I 5 75.51 -16.73 -38.60
N GLY I 6 75.06 -17.85 -39.15
CA GLY I 6 73.73 -18.00 -39.73
C GLY I 6 72.60 -17.31 -39.00
N PHE I 7 71.67 -16.74 -39.77
CA PHE I 7 70.66 -15.75 -39.41
C PHE I 7 71.26 -14.35 -39.30
N ALA I 8 72.57 -14.19 -39.36
CA ALA I 8 73.18 -12.87 -39.23
C ALA I 8 74.36 -12.70 -40.17
N ALA I 9 74.33 -13.37 -41.32
CA ALA I 9 75.46 -13.37 -42.25
C ALA I 9 75.28 -12.39 -43.40
N GLU I 10 74.27 -11.52 -43.34
CA GLU I 10 74.07 -10.54 -44.40
C GLU I 10 73.66 -9.16 -43.90
N GLY I 11 73.67 -8.91 -42.59
CA GLY I 11 73.41 -7.59 -42.06
C GLY I 11 71.96 -7.40 -41.63
N ALA I 12 71.75 -6.34 -40.86
CA ALA I 12 70.42 -6.04 -40.35
C ALA I 12 69.52 -5.41 -41.39
N LYS I 13 70.08 -4.59 -42.29
CA LYS I 13 69.26 -3.91 -43.28
C LYS I 13 68.78 -4.82 -44.39
N ALA I 14 69.59 -5.83 -44.75
CA ALA I 14 69.22 -6.73 -45.84
C ALA I 14 68.00 -7.57 -45.47
N VAL I 15 67.92 -8.05 -44.23
CA VAL I 15 66.82 -8.90 -43.82
C VAL I 15 65.51 -8.12 -43.83
N TYR I 16 65.53 -6.87 -43.35
CA TYR I 16 64.31 -6.08 -43.27
C TYR I 16 63.66 -5.92 -44.64
N ASP I 17 64.44 -5.55 -45.65
CA ASP I 17 63.90 -5.36 -46.99
C ASP I 17 63.46 -6.66 -47.65
N ARG I 18 64.12 -7.78 -47.32
CA ARG I 18 63.69 -9.06 -47.84
C ARG I 18 62.32 -9.46 -47.28
N LEU I 19 62.15 -9.36 -45.96
CA LEU I 19 60.92 -9.82 -45.34
C LEU I 19 59.82 -8.77 -45.34
N LYS I 20 60.09 -7.55 -45.80
CA LYS I 20 59.06 -6.51 -45.85
C LYS I 20 57.88 -6.89 -46.74
N ASN I 21 58.05 -7.83 -47.66
CA ASN I 21 57.01 -8.17 -48.62
C ASN I 21 55.93 -9.09 -48.04
N GLY I 22 56.12 -9.63 -46.84
CA GLY I 22 55.16 -10.58 -46.29
C GLY I 22 53.97 -9.94 -45.61
N ARG I 23 54.05 -8.65 -45.28
CA ARG I 23 52.98 -7.97 -44.56
C ARG I 23 51.92 -7.35 -45.45
N GLN I 24 52.06 -7.47 -46.77
CA GLN I 24 51.15 -6.77 -47.66
C GLN I 24 49.69 -7.16 -47.51
N PRO I 25 49.30 -8.44 -47.41
CA PRO I 25 47.87 -8.75 -47.27
C PRO I 25 47.21 -8.16 -46.04
N TYR I 26 47.94 -8.04 -44.92
CA TYR I 26 47.32 -7.60 -43.67
C TYR I 26 47.02 -6.11 -43.65
N GLU I 27 47.90 -5.29 -44.24
CA GLU I 27 47.68 -3.85 -44.25
C GLU I 27 46.45 -3.47 -45.04
N THR I 28 46.19 -4.14 -46.16
CA THR I 28 44.99 -3.84 -46.95
C THR I 28 43.72 -4.12 -46.15
N ARG I 29 43.69 -5.25 -45.46
CA ARG I 29 42.54 -5.58 -44.62
C ARG I 29 42.37 -4.56 -43.50
N ALA I 30 43.47 -4.16 -42.86
CA ALA I 30 43.36 -3.18 -41.79
C ALA I 30 42.84 -1.84 -42.30
N GLN I 31 43.33 -1.40 -43.45
CA GLN I 31 42.85 -0.14 -44.01
C GLN I 31 41.38 -0.22 -44.40
N ASN I 32 40.94 -1.35 -44.95
CA ASN I 32 39.52 -1.49 -45.28
C ASN I 32 38.64 -1.49 -44.05
N CYS I 33 39.09 -2.14 -42.96
CA CYS I 33 38.28 -2.16 -41.75
C CYS I 33 38.23 -0.78 -41.09
N ALA I 34 39.34 -0.05 -41.11
CA ALA I 34 39.39 1.27 -40.45
C ALA I 34 38.99 2.39 -41.39
N ALA I 35 37.86 2.23 -42.06
CA ALA I 35 37.29 3.27 -42.91
C ALA I 35 35.79 3.43 -42.75
N VAL I 36 35.10 2.47 -42.12
CA VAL I 36 33.70 2.64 -41.78
C VAL I 36 33.51 2.92 -40.29
N THR I 37 34.51 2.65 -39.45
CA THR I 37 34.42 2.93 -38.02
C THR I 37 35.05 4.28 -37.67
N ILE I 38 36.36 4.42 -37.86
CA ILE I 38 37.09 5.65 -37.56
C ILE I 38 38.18 5.81 -38.61
N PRO I 39 38.05 6.74 -39.55
CA PRO I 39 39.00 6.80 -40.66
C PRO I 39 40.42 7.24 -40.29
N SER I 40 40.64 7.80 -39.10
CA SER I 40 41.94 8.33 -38.73
C SER I 40 42.69 7.44 -37.75
N LEU I 41 42.29 6.16 -37.63
CA LEU I 41 42.92 5.26 -36.68
C LEU I 41 44.08 4.47 -37.29
N PHE I 42 44.05 4.22 -38.59
CA PHE I 42 45.12 3.50 -39.29
C PHE I 42 45.55 4.31 -40.49
N PRO I 43 46.35 5.36 -40.29
CA PRO I 43 46.84 6.14 -41.43
C PRO I 43 47.80 5.33 -42.28
N LYS I 44 47.86 5.69 -43.56
CA LYS I 44 48.77 5.03 -44.48
C LYS I 44 50.21 5.43 -44.19
N GLU I 45 51.13 4.82 -44.92
CA GLU I 45 52.56 5.04 -44.72
C GLU I 45 53.05 6.33 -45.37
N SER I 46 52.28 6.91 -46.28
CA SER I 46 52.75 8.08 -47.03
C SER I 46 51.79 9.26 -46.89
N ASP I 47 51.40 9.58 -45.66
CA ASP I 47 50.50 10.70 -45.39
C ASP I 47 51.25 11.83 -44.71
N ASN I 48 50.72 13.04 -44.85
CA ASN I 48 51.37 14.23 -44.33
C ASN I 48 50.30 15.13 -43.72
N SER I 49 50.64 16.39 -43.48
CA SER I 49 49.77 17.31 -42.76
C SER I 49 48.70 17.95 -43.65
N SER I 50 48.57 17.53 -44.90
CA SER I 50 47.58 18.12 -45.80
C SER I 50 46.41 17.20 -46.10
N THR I 51 46.47 15.93 -45.69
CA THR I 51 45.39 14.99 -46.00
C THR I 51 44.17 15.28 -45.15
N GLU I 52 43.00 14.92 -45.69
CA GLU I 52 41.72 15.16 -45.05
C GLU I 52 40.95 13.85 -44.91
N TYR I 53 40.31 13.64 -43.76
CA TYR I 53 39.59 12.43 -43.46
C TYR I 53 38.10 12.74 -43.42
N THR I 54 37.31 12.00 -44.20
CA THR I 54 35.90 12.29 -44.35
C THR I 54 35.06 11.38 -43.44
N THR I 55 33.96 11.96 -42.92
CA THR I 55 33.03 11.32 -41.99
C THR I 55 32.23 10.24 -42.69
N PRO I 56 32.12 9.04 -42.13
CA PRO I 56 31.24 8.02 -42.71
C PRO I 56 29.77 8.40 -42.59
N TRP I 57 28.94 7.72 -43.38
CA TRP I 57 27.51 8.04 -43.44
C TRP I 57 26.73 7.52 -42.24
N GLN I 58 27.31 6.68 -41.39
CA GLN I 58 26.55 5.96 -40.38
C GLN I 58 26.87 6.36 -38.95
N ALA I 59 28.14 6.30 -38.54
CA ALA I 59 28.57 6.58 -37.17
C ALA I 59 27.91 5.63 -36.17
N VAL I 60 28.08 4.33 -36.39
CA VAL I 60 27.64 3.31 -35.44
C VAL I 60 28.83 2.47 -35.01
N GLY I 61 29.84 2.36 -35.89
CA GLY I 61 31.03 1.59 -35.55
C GLY I 61 31.85 2.21 -34.43
N ALA I 62 31.88 3.54 -34.36
CA ALA I 62 32.67 4.21 -33.34
C ALA I 62 32.18 3.87 -31.93
N ARG I 63 30.86 3.84 -31.73
CA ARG I 63 30.31 3.51 -30.42
C ARG I 63 30.74 2.12 -29.99
N CYS I 64 30.60 1.14 -30.90
CA CYS I 64 30.95 -0.24 -30.57
C CYS I 64 32.43 -0.38 -30.25
N LEU I 65 33.30 0.24 -31.06
CA LEU I 65 34.73 0.16 -30.80
C LEU I 65 35.08 0.77 -29.45
N ASN I 66 34.61 1.99 -29.19
CA ASN I 66 34.97 2.68 -27.95
C ASN I 66 34.36 2.03 -26.73
N ASN I 67 33.27 1.29 -26.87
CA ASN I 67 32.69 0.59 -25.72
C ASN I 67 33.43 -0.71 -25.43
N LEU I 68 33.71 -1.50 -26.48
CA LEU I 68 34.39 -2.77 -26.26
C LEU I 68 35.80 -2.58 -25.73
N ALA I 69 36.51 -1.58 -26.24
CA ALA I 69 37.86 -1.35 -25.73
C ALA I 69 37.87 -1.04 -24.24
N ALA I 70 36.95 -0.19 -23.79
CA ALA I 70 36.87 0.17 -22.38
C ALA I 70 36.50 -1.02 -21.51
N LYS I 71 35.53 -1.83 -21.96
CA LYS I 71 35.17 -3.01 -21.16
C LYS I 71 36.34 -3.99 -21.05
N LEU I 72 37.05 -4.22 -22.15
CA LEU I 72 38.20 -5.13 -22.10
C LEU I 72 39.28 -4.60 -21.17
N MET I 73 39.56 -3.29 -21.22
CA MET I 73 40.56 -2.72 -20.34
C MET I 73 40.15 -2.83 -18.88
N LEU I 74 38.86 -2.61 -18.58
CA LEU I 74 38.39 -2.74 -17.20
C LEU I 74 38.50 -4.18 -16.70
N ALA I 75 38.23 -5.16 -17.57
CA ALA I 75 38.27 -6.55 -17.12
C ALA I 75 39.70 -7.06 -16.97
N LEU I 76 40.60 -6.72 -17.89
CA LEU I 76 41.93 -7.34 -17.89
C LEU I 76 42.85 -6.76 -16.83
N PHE I 77 42.77 -5.45 -16.58
CA PHE I 77 43.73 -4.74 -15.73
C PHE I 77 42.99 -3.98 -14.64
N PRO I 78 42.57 -4.66 -13.57
CA PRO I 78 41.90 -3.97 -12.47
C PRO I 78 42.88 -3.25 -11.55
N GLN I 79 42.36 -2.69 -10.45
CA GLN I 79 43.21 -1.96 -9.51
C GLN I 79 43.83 -2.88 -8.45
N SER I 80 43.10 -3.88 -7.98
CA SER I 80 43.67 -4.86 -7.09
C SER I 80 44.65 -5.75 -7.86
N PRO I 81 45.65 -6.31 -7.19
CA PRO I 81 46.68 -7.07 -7.91
C PRO I 81 46.12 -8.25 -8.68
N TRP I 82 46.73 -8.52 -9.83
CA TRP I 82 46.38 -9.66 -10.68
C TRP I 82 47.54 -10.67 -10.77
N MET I 83 48.15 -10.98 -9.64
CA MET I 83 49.17 -12.01 -9.54
C MET I 83 49.17 -12.55 -8.12
N ARG I 84 49.69 -13.78 -7.94
CA ARG I 84 49.65 -14.40 -6.62
C ARG I 84 51.03 -14.74 -6.07
N LEU I 85 51.92 -15.34 -6.88
CA LEU I 85 53.24 -15.74 -6.39
C LEU I 85 53.12 -16.73 -5.22
N THR I 86 52.60 -17.92 -5.48
CA THR I 86 52.34 -18.89 -4.42
C THR I 86 53.47 -19.91 -4.38
N VAL I 87 53.44 -20.76 -3.34
CA VAL I 87 54.43 -21.80 -3.12
C VAL I 87 53.69 -23.10 -2.80
N SER I 88 54.34 -24.23 -3.06
CA SER I 88 53.70 -25.52 -2.91
C SER I 88 53.35 -25.80 -1.45
N GLU I 89 52.36 -26.66 -1.26
CA GLU I 89 51.85 -26.97 0.07
C GLU I 89 52.53 -28.16 0.71
N TYR I 90 52.71 -29.26 -0.03
CA TYR I 90 53.33 -30.45 0.53
C TYR I 90 54.78 -30.22 0.90
N GLU I 91 55.48 -29.33 0.20
CA GLU I 91 56.85 -29.00 0.55
C GLU I 91 56.95 -28.10 1.78
N ALA I 92 56.02 -27.15 1.91
CA ALA I 92 56.03 -26.26 3.08
C ALA I 92 55.59 -27.00 4.34
N LYS I 93 54.63 -27.91 4.21
CA LYS I 93 54.13 -28.62 5.39
C LYS I 93 55.18 -29.56 5.97
N THR I 94 55.90 -30.28 5.11
CA THR I 94 56.83 -31.31 5.58
C THR I 94 58.14 -30.75 6.09
N LEU I 95 58.40 -29.46 5.90
CA LEU I 95 59.66 -28.86 6.35
C LEU I 95 59.51 -28.03 7.61
N SER I 96 58.30 -27.55 7.91
CA SER I 96 58.09 -26.67 9.05
C SER I 96 57.89 -27.48 10.33
N GLN I 97 57.97 -26.78 11.46
CA GLN I 97 57.76 -27.37 12.78
C GLN I 97 56.61 -26.74 13.55
N ASP I 98 56.49 -25.41 13.52
CA ASP I 98 55.43 -24.71 14.23
C ASP I 98 54.14 -24.76 13.44
N SER I 99 53.15 -23.95 13.83
CA SER I 99 51.87 -23.90 13.17
C SER I 99 51.65 -22.63 12.34
N GLU I 100 52.43 -21.58 12.57
CA GLU I 100 52.24 -20.31 11.90
C GLU I 100 53.25 -20.03 10.79
N ALA I 101 54.05 -21.04 10.40
CA ALA I 101 55.06 -20.79 9.37
C ALA I 101 54.44 -20.44 8.03
N ALA I 102 53.30 -21.05 7.70
CA ALA I 102 52.66 -20.77 6.41
C ALA I 102 52.25 -19.31 6.28
N ALA I 103 51.66 -18.76 7.34
CA ALA I 103 51.28 -17.35 7.31
C ALA I 103 52.49 -16.44 7.19
N ARG I 104 53.58 -16.78 7.89
CA ARG I 104 54.80 -15.99 7.78
C ARG I 104 55.37 -16.02 6.37
N VAL I 105 55.24 -17.15 5.67
CA VAL I 105 55.67 -17.19 4.27
C VAL I 105 54.74 -16.35 3.40
N ASP I 106 53.44 -16.42 3.65
CA ASP I 106 52.49 -15.68 2.82
C ASP I 106 52.65 -14.17 2.96
N GLU I 107 53.05 -13.70 4.14
CA GLU I 107 53.27 -12.26 4.29
C GLU I 107 54.34 -11.76 3.34
N GLY I 108 55.51 -12.42 3.34
CA GLY I 108 56.57 -12.04 2.42
C GLY I 108 56.18 -12.25 0.98
N LEU I 109 55.35 -13.26 0.70
CA LEU I 109 54.89 -13.46 -0.66
C LEU I 109 54.00 -12.31 -1.14
N ALA I 110 53.19 -11.74 -0.25
CA ALA I 110 52.32 -10.63 -0.63
C ALA I 110 53.07 -9.31 -0.78
N MET I 111 54.12 -9.11 0.03
CA MET I 111 54.89 -7.87 -0.08
C MET I 111 55.43 -7.66 -1.49
N VAL I 112 55.90 -8.74 -2.12
CA VAL I 112 56.50 -8.64 -3.45
C VAL I 112 55.46 -8.20 -4.48
N GLU I 113 54.24 -8.74 -4.40
CA GLU I 113 53.18 -8.30 -5.30
C GLU I 113 52.89 -6.82 -5.11
N ARG I 114 52.87 -6.37 -3.85
CA ARG I 114 52.64 -4.95 -3.61
C ARG I 114 53.73 -4.09 -4.27
N VAL I 115 54.99 -4.52 -4.15
CA VAL I 115 56.10 -3.76 -4.75
C VAL I 115 55.96 -3.72 -6.27
N LEU I 116 55.63 -4.87 -6.88
CA LEU I 116 55.51 -4.90 -8.34
C LEU I 116 54.40 -3.99 -8.84
N MET I 117 53.24 -4.03 -8.17
CA MET I 117 52.14 -3.19 -8.61
C MET I 117 52.43 -1.70 -8.40
N ALA I 118 53.17 -1.35 -7.34
CA ALA I 118 53.58 0.04 -7.18
C ALA I 118 54.52 0.48 -8.29
N TYR I 119 55.50 -0.38 -8.63
CA TYR I 119 56.46 -0.03 -9.67
C TYR I 119 55.77 0.18 -11.02
N MET I 120 54.81 -0.67 -11.36
CA MET I 120 54.11 -0.49 -12.63
C MET I 120 53.37 0.84 -12.68
N GLU I 121 52.84 1.30 -11.54
CA GLU I 121 52.08 2.55 -11.52
C GLU I 121 52.99 3.77 -11.58
N THR I 122 54.16 3.70 -10.94
CA THR I 122 55.06 4.85 -10.92
C THR I 122 55.55 5.22 -12.31
N ASN I 123 55.89 4.22 -13.13
CA ASN I 123 56.53 4.44 -14.43
C ASN I 123 55.54 4.51 -15.58
N SER I 124 54.25 4.66 -15.29
CA SER I 124 53.23 4.99 -16.29
C SER I 124 53.16 3.93 -17.40
N PHE I 125 52.76 2.72 -17.00
CA PHE I 125 52.51 1.65 -17.95
C PHE I 125 51.07 1.64 -18.47
N ARG I 126 50.23 2.56 -18.02
CA ARG I 126 48.81 2.46 -18.32
C ARG I 126 48.40 3.22 -19.58
N VAL I 127 49.24 4.10 -20.10
CA VAL I 127 48.90 4.82 -21.34
C VAL I 127 49.19 3.95 -22.56
N PRO I 128 50.35 3.30 -22.69
CA PRO I 128 50.56 2.43 -23.86
C PRO I 128 49.59 1.27 -23.96
N LEU I 129 49.13 0.73 -22.82
CA LEU I 129 48.27 -0.44 -22.86
C LEU I 129 46.90 -0.12 -23.47
N PHE I 130 46.33 1.02 -23.12
CA PHE I 130 45.04 1.40 -23.70
C PHE I 130 45.16 1.59 -25.21
N GLU I 131 46.28 2.20 -25.65
CA GLU I 131 46.51 2.31 -27.09
C GLU I 131 46.65 0.95 -27.75
N ALA I 132 47.37 0.04 -27.11
CA ALA I 132 47.58 -1.28 -27.69
C ALA I 132 46.27 -2.04 -27.85
N LEU I 133 45.38 -1.96 -26.86
CA LEU I 133 44.12 -2.68 -26.97
C LEU I 133 43.20 -2.14 -28.05
N LYS I 134 43.48 -0.96 -28.61
CA LYS I 134 42.69 -0.46 -29.71
C LYS I 134 43.24 -0.86 -31.08
N GLN I 135 44.53 -1.14 -31.17
CA GLN I 135 45.10 -1.61 -32.42
C GLN I 135 44.82 -3.09 -32.64
N LEU I 136 44.66 -3.87 -31.57
CA LEU I 136 44.37 -5.29 -31.71
C LEU I 136 43.00 -5.52 -32.36
N ILE I 137 42.01 -4.70 -32.02
CA ILE I 137 40.68 -4.88 -32.59
C ILE I 137 40.61 -4.51 -34.07
N VAL I 138 41.43 -3.57 -34.52
CA VAL I 138 41.39 -3.08 -35.89
C VAL I 138 42.39 -3.81 -36.78
N SER I 139 43.66 -3.85 -36.39
CA SER I 139 44.70 -4.47 -37.20
C SER I 139 45.01 -5.90 -36.77
N GLY I 140 45.15 -6.14 -35.47
CA GLY I 140 45.39 -7.47 -34.94
C GLY I 140 46.78 -7.69 -34.38
N ASN I 141 47.71 -6.75 -34.53
CA ASN I 141 49.08 -6.95 -34.09
C ASN I 141 49.59 -5.69 -33.40
N CYS I 142 50.60 -5.88 -32.54
CA CYS I 142 51.34 -4.80 -31.91
C CYS I 142 52.58 -5.40 -31.24
N LEU I 143 53.48 -4.51 -30.80
CA LEU I 143 54.71 -4.92 -30.14
C LEU I 143 54.89 -4.09 -28.87
N LEU I 144 55.69 -4.61 -27.93
CA LEU I 144 55.93 -3.94 -26.66
C LEU I 144 57.39 -4.10 -26.25
N TYR I 145 57.98 -3.03 -25.71
CA TYR I 145 59.37 -3.01 -25.28
C TYR I 145 59.45 -2.53 -23.84
N ILE I 146 60.29 -3.15 -23.04
CA ILE I 146 60.45 -2.79 -21.63
C ILE I 146 61.91 -2.47 -21.33
N PRO I 147 62.25 -1.20 -21.12
CA PRO I 147 63.65 -0.85 -20.85
C PRO I 147 64.13 -1.35 -19.50
N GLU I 148 65.45 -1.45 -19.39
CA GLU I 148 66.06 -1.94 -18.15
C GLU I 148 65.86 -0.94 -17.02
N PRO I 149 65.48 -1.39 -15.82
CA PRO I 149 65.21 -0.46 -14.74
C PRO I 149 66.47 0.15 -14.15
N GLU I 150 66.29 1.32 -13.53
CA GLU I 150 67.34 1.99 -12.79
C GLU I 150 66.77 2.49 -11.46
N GLN I 151 67.60 3.20 -10.70
CA GLN I 151 67.22 3.57 -9.34
C GLN I 151 66.28 4.77 -9.33
N GLY I 152 66.70 5.89 -9.92
CA GLY I 152 65.93 7.11 -9.82
C GLY I 152 65.69 7.86 -11.12
N THR I 153 65.42 7.13 -12.21
CA THR I 153 65.23 7.75 -13.51
C THR I 153 63.94 7.23 -14.16
N TYR I 154 63.32 8.09 -14.94
CA TYR I 154 62.11 7.74 -15.69
C TYR I 154 62.46 6.73 -16.79
N SER I 155 61.62 5.71 -16.95
CA SER I 155 61.84 4.66 -17.95
C SER I 155 60.52 4.06 -18.37
N PRO I 156 59.80 4.74 -19.26
CA PRO I 156 58.46 4.27 -19.65
C PRO I 156 58.50 3.19 -20.72
N MET I 157 57.37 2.51 -20.86
CA MET I 157 57.17 1.51 -21.89
C MET I 157 57.06 2.18 -23.26
N ARG I 158 57.25 1.38 -24.32
CA ARG I 158 57.14 1.87 -25.69
C ARG I 158 56.25 0.94 -26.50
N MET I 159 55.71 1.49 -27.60
CA MET I 159 54.83 0.77 -28.50
C MET I 159 55.28 0.94 -29.94
N TYR I 160 55.19 -0.13 -30.72
CA TYR I 160 55.46 -0.10 -32.15
C TYR I 160 54.23 -0.56 -32.90
N ARG I 161 53.97 0.05 -34.05
CA ARG I 161 52.81 -0.29 -34.86
C ARG I 161 53.18 -1.38 -35.86
N LEU I 162 52.21 -1.82 -36.67
CA LEU I 162 52.48 -2.90 -37.62
C LEU I 162 53.40 -2.48 -38.75
N VAL I 163 53.58 -1.19 -38.98
CA VAL I 163 54.36 -0.70 -40.10
C VAL I 163 55.80 -0.41 -39.70
N SER I 164 56.28 -0.98 -38.58
CA SER I 164 57.63 -0.66 -38.14
C SER I 164 58.41 -1.87 -37.60
N TYR I 165 57.97 -3.10 -37.85
CA TYR I 165 58.73 -4.26 -37.38
C TYR I 165 58.42 -5.46 -38.27
N VAL I 166 59.25 -6.49 -38.14
CA VAL I 166 59.22 -7.68 -38.98
C VAL I 166 59.44 -8.91 -38.10
N VAL I 167 58.63 -9.95 -38.31
CA VAL I 167 58.70 -11.17 -37.52
C VAL I 167 58.70 -12.37 -38.46
N GLN I 168 59.60 -13.33 -38.19
CA GLN I 168 59.58 -14.62 -38.87
C GLN I 168 59.30 -15.71 -37.85
N ARG I 169 58.27 -16.51 -38.11
CA ARG I 169 57.79 -17.51 -37.17
C ARG I 169 57.78 -18.89 -37.83
N ASP I 170 57.93 -19.92 -37.00
CA ASP I 170 57.94 -21.30 -37.46
C ASP I 170 56.52 -21.81 -37.69
N ALA I 171 56.42 -22.95 -38.37
CA ALA I 171 55.12 -23.60 -38.53
C ALA I 171 54.60 -24.15 -37.21
N PHE I 172 55.51 -24.59 -36.33
CA PHE I 172 55.08 -25.07 -35.02
C PHE I 172 54.67 -23.92 -34.11
N GLY I 173 55.23 -22.73 -34.30
CA GLY I 173 54.83 -21.56 -33.55
C GLY I 173 55.90 -20.91 -32.71
N ASN I 174 57.17 -21.04 -33.10
CA ASN I 174 58.29 -20.46 -32.38
C ASN I 174 58.81 -19.22 -33.10
N ILE I 175 59.41 -18.31 -32.34
CA ILE I 175 59.92 -17.05 -32.85
C ILE I 175 61.41 -17.21 -33.13
N LEU I 176 61.84 -16.79 -34.32
CA LEU I 176 63.22 -16.94 -34.77
C LEU I 176 63.95 -15.63 -35.02
N GLN I 177 63.26 -14.57 -35.43
CA GLN I 177 63.92 -13.32 -35.80
C GLN I 177 63.00 -12.14 -35.59
N ILE I 178 63.57 -11.00 -35.19
CA ILE I 178 62.84 -9.74 -35.03
C ILE I 178 63.77 -8.60 -35.43
N VAL I 179 63.25 -7.64 -36.21
CA VAL I 179 63.98 -6.44 -36.61
C VAL I 179 63.06 -5.24 -36.48
N THR I 180 63.59 -4.13 -35.97
CA THR I 180 62.82 -2.90 -35.81
C THR I 180 63.58 -1.72 -36.41
N LEU I 181 62.85 -0.63 -36.66
CA LEU I 181 63.38 0.55 -37.34
C LEU I 181 62.98 1.82 -36.59
N ASP I 182 63.93 2.75 -36.44
CA ASP I 182 63.68 4.04 -35.83
C ASP I 182 64.33 5.14 -36.66
N LYS I 183 63.80 6.36 -36.55
CA LYS I 183 64.33 7.52 -37.25
C LYS I 183 64.50 8.66 -36.25
N VAL I 184 65.74 9.00 -35.92
CA VAL I 184 66.04 10.05 -34.95
C VAL I 184 66.92 11.10 -35.63
N ALA I 185 67.03 12.25 -34.98
CA ALA I 185 67.83 13.36 -35.48
C ALA I 185 69.25 13.30 -34.94
N PHE I 186 70.15 14.03 -35.59
CA PHE I 186 71.56 13.97 -35.21
C PHE I 186 71.80 14.52 -33.82
N SER I 187 71.18 15.64 -33.47
CA SER I 187 71.43 16.28 -32.18
C SER I 187 70.78 15.56 -31.02
N ALA I 188 69.83 14.66 -31.28
CA ALA I 188 69.16 13.90 -30.22
C ALA I 188 69.86 12.58 -29.93
N LEU I 189 70.91 12.24 -30.68
CA LEU I 189 71.62 10.99 -30.43
C LEU I 189 72.46 11.11 -29.16
N PRO I 190 72.64 10.01 -28.44
CA PRO I 190 73.54 10.03 -27.28
C PRO I 190 74.98 10.29 -27.70
N GLU I 191 75.75 10.88 -26.79
CA GLU I 191 77.11 11.29 -27.13
C GLU I 191 78.00 10.09 -27.43
N ASP I 192 77.75 8.94 -26.81
CA ASP I 192 78.58 7.78 -27.07
C ASP I 192 78.47 7.32 -28.52
N VAL I 193 77.26 7.29 -29.06
CA VAL I 193 77.07 6.95 -30.47
C VAL I 193 77.59 8.06 -31.37
N LYS I 194 77.37 9.32 -30.98
CA LYS I 194 77.83 10.44 -31.78
C LYS I 194 79.35 10.50 -31.88
N SER I 195 80.04 9.95 -30.89
CA SER I 195 81.50 9.97 -30.85
C SER I 195 82.12 8.92 -31.76
N GLN I 196 81.33 8.27 -32.62
CA GLN I 196 81.85 7.30 -33.57
C GLN I 196 81.62 7.74 -35.02
N LEU I 197 81.19 8.96 -35.24
CA LEU I 197 80.97 9.52 -36.57
C LEU I 197 81.77 10.82 -36.71
N ASN I 198 81.57 11.51 -37.82
CA ASN I 198 82.17 12.81 -38.06
C ASN I 198 81.07 13.87 -38.09
N ALA I 199 81.22 14.90 -37.24
CA ALA I 199 80.17 15.90 -37.10
C ALA I 199 80.12 16.84 -38.29
N ASP I 200 81.26 17.05 -38.96
CA ASP I 200 81.33 18.01 -40.06
C ASP I 200 80.43 17.64 -41.23
N ASP I 201 80.12 16.35 -41.41
CA ASP I 201 79.27 15.93 -42.51
C ASP I 201 77.79 16.03 -42.22
N TYR I 202 77.40 16.37 -40.99
CA TYR I 202 76.00 16.36 -40.59
C TYR I 202 75.61 17.73 -40.04
N GLU I 203 74.39 18.16 -40.37
CA GLU I 203 73.79 19.38 -39.88
C GLU I 203 72.71 19.02 -38.87
N PRO I 204 72.59 19.75 -37.75
CA PRO I 204 71.66 19.31 -36.71
C PRO I 204 70.21 19.47 -37.14
N ASP I 205 69.59 18.36 -37.52
CA ASP I 205 68.24 18.27 -38.09
C ASP I 205 68.11 17.01 -38.92
N THR I 206 69.18 16.62 -39.60
CA THR I 206 69.13 15.49 -40.51
C THR I 206 68.83 14.20 -39.75
N GLU I 207 68.03 13.34 -40.38
CA GLU I 207 67.55 12.13 -39.73
C GLU I 207 68.42 10.93 -40.07
N LEU I 208 68.63 10.07 -39.09
CA LEU I 208 69.41 8.85 -39.24
C LEU I 208 68.49 7.65 -38.99
N GLU I 209 68.85 6.51 -39.56
CA GLU I 209 68.07 5.29 -39.44
C GLU I 209 68.85 4.26 -38.63
N VAL I 210 68.20 3.71 -37.60
CA VAL I 210 68.84 2.81 -36.64
C VAL I 210 68.09 1.49 -36.66
N TYR I 211 68.84 0.38 -36.73
CA TYR I 211 68.28 -0.95 -36.81
C TYR I 211 68.71 -1.78 -35.61
N THR I 212 67.82 -2.66 -35.16
CA THR I 212 68.09 -3.58 -34.07
C THR I 212 67.72 -5.00 -34.51
N HIS I 213 68.59 -5.96 -34.20
CA HIS I 213 68.45 -7.33 -34.68
C HIS I 213 68.52 -8.30 -33.51
N ILE I 214 67.53 -9.17 -33.39
CA ILE I 214 67.49 -10.21 -32.36
C ILE I 214 67.27 -11.55 -33.05
N TYR I 215 68.15 -12.51 -32.79
CA TYR I 215 68.05 -13.82 -33.41
C TYR I 215 68.43 -14.90 -32.40
N ARG I 216 68.09 -16.14 -32.74
CA ARG I 216 68.25 -17.28 -31.84
C ARG I 216 69.44 -18.13 -32.26
N GLN I 217 70.30 -18.47 -31.30
CA GLN I 217 71.44 -19.33 -31.58
C GLN I 217 71.79 -20.14 -30.33
N ASP I 218 71.54 -21.45 -30.40
CA ASP I 218 71.97 -22.40 -29.36
C ASP I 218 71.38 -22.07 -28.00
N ASP I 219 70.05 -22.15 -27.91
CA ASP I 219 69.32 -22.07 -26.65
C ASP I 219 69.46 -20.70 -25.98
N GLU I 220 69.63 -19.64 -26.75
CA GLU I 220 69.64 -18.29 -26.19
C GLU I 220 69.43 -17.29 -27.31
N TYR I 221 69.40 -16.01 -26.93
CA TYR I 221 69.17 -14.92 -27.86
C TYR I 221 70.38 -14.00 -27.90
N LEU I 222 70.63 -13.40 -29.06
CA LEU I 222 71.73 -12.47 -29.26
C LEU I 222 71.19 -11.16 -29.81
N ARG I 223 71.94 -10.08 -29.56
CA ARG I 223 71.46 -8.73 -29.85
C ARG I 223 72.62 -7.84 -30.29
N TYR I 224 72.36 -7.00 -31.29
CA TYR I 224 73.32 -5.97 -31.70
C TYR I 224 72.58 -4.87 -32.43
N GLU I 225 73.27 -3.75 -32.63
CA GLU I 225 72.69 -2.54 -33.22
C GLU I 225 73.55 -2.05 -34.38
N GLU I 226 72.89 -1.64 -35.46
CA GLU I 226 73.58 -1.25 -36.68
C GLU I 226 73.06 0.10 -37.17
N VAL I 227 73.97 1.01 -37.48
CA VAL I 227 73.64 2.33 -38.03
C VAL I 227 74.43 2.52 -39.31
N GLU I 228 73.83 3.21 -40.28
CA GLU I 228 74.44 3.43 -41.59
C GLU I 228 74.79 2.10 -42.24
N GLY I 229 76.03 1.66 -42.07
CA GLY I 229 76.45 0.37 -42.59
C GLY I 229 77.34 -0.39 -41.63
N ILE I 230 77.59 0.17 -40.45
CA ILE I 230 78.47 -0.42 -39.47
C ILE I 230 77.66 -0.78 -38.22
N GLU I 231 78.31 -1.49 -37.31
CA GLU I 231 77.71 -1.90 -36.05
C GLU I 231 78.27 -1.05 -34.92
N VAL I 232 77.39 -0.45 -34.14
CA VAL I 232 77.81 0.45 -33.06
C VAL I 232 78.40 -0.37 -31.92
N ALA I 233 79.60 -0.02 -31.51
CA ALA I 233 80.24 -0.70 -30.39
C ALA I 233 79.58 -0.32 -29.08
N GLY I 234 79.45 -1.29 -28.19
CA GLY I 234 78.84 -1.07 -26.89
C GLY I 234 77.37 -1.43 -26.77
N THR I 235 76.80 -2.12 -27.76
CA THR I 235 75.41 -2.53 -27.72
C THR I 235 75.24 -4.04 -27.64
N GLU I 236 76.33 -4.81 -27.65
CA GLU I 236 76.22 -6.26 -27.64
C GLU I 236 75.61 -6.76 -26.35
N GLY I 237 74.87 -7.85 -26.44
CA GLY I 237 74.20 -8.39 -25.28
C GLY I 237 73.61 -9.75 -25.56
N SER I 238 72.87 -10.26 -24.57
CA SER I 238 72.23 -11.56 -24.67
C SER I 238 71.07 -11.64 -23.70
N TYR I 239 70.14 -12.52 -23.99
CA TYR I 239 68.94 -12.72 -23.17
C TYR I 239 68.69 -14.20 -22.97
N PRO I 240 68.06 -14.58 -21.86
CA PRO I 240 67.64 -15.98 -21.70
C PRO I 240 66.47 -16.29 -22.63
N LEU I 241 66.12 -17.57 -22.67
CA LEU I 241 65.11 -18.02 -23.62
C LEU I 241 63.68 -17.77 -23.17
N THR I 242 63.48 -17.34 -21.91
CA THR I 242 62.14 -17.10 -21.39
C THR I 242 61.98 -15.69 -20.82
N ALA I 243 62.95 -14.81 -21.01
CA ALA I 243 62.91 -13.45 -20.48
C ALA I 243 63.31 -12.46 -21.56
N CYS I 244 62.76 -12.64 -22.76
CA CYS I 244 63.00 -11.70 -23.84
C CYS I 244 62.09 -10.49 -23.70
N PRO I 245 62.62 -9.27 -23.63
CA PRO I 245 61.77 -8.10 -23.40
C PRO I 245 61.05 -7.58 -24.64
N TYR I 246 60.99 -8.36 -25.71
CA TYR I 246 60.23 -8.01 -26.90
C TYR I 246 59.06 -8.99 -27.04
N ILE I 247 57.84 -8.47 -26.92
CA ILE I 247 56.64 -9.29 -26.82
C ILE I 247 55.73 -8.98 -28.00
N PRO I 248 55.72 -9.83 -29.03
CA PRO I 248 54.73 -9.67 -30.11
C PRO I 248 53.38 -10.23 -29.68
N VAL I 249 52.33 -9.43 -29.84
CA VAL I 249 50.99 -9.77 -29.36
C VAL I 249 50.11 -10.09 -30.57
N ARG I 250 49.25 -11.09 -30.41
CA ARG I 250 48.36 -11.55 -31.46
C ARG I 250 46.94 -11.70 -30.95
N MET I 251 45.98 -11.32 -31.78
CA MET I 251 44.58 -11.67 -31.61
C MET I 251 44.41 -13.06 -32.25
N VAL I 252 43.18 -13.46 -32.57
CA VAL I 252 42.84 -14.83 -32.99
C VAL I 252 43.89 -15.42 -33.91
N ARG I 253 44.30 -16.65 -33.63
CA ARG I 253 45.47 -17.27 -34.25
C ARG I 253 45.05 -18.44 -35.13
N LEU I 254 45.55 -18.44 -36.35
CA LEU I 254 45.36 -19.56 -37.27
C LEU I 254 46.63 -20.39 -37.31
N ASP I 255 46.67 -21.39 -38.19
CA ASP I 255 47.75 -22.37 -38.21
C ASP I 255 48.76 -22.04 -39.30
N GLY I 256 50.03 -22.08 -38.95
CA GLY I 256 51.09 -21.86 -39.93
C GLY I 256 51.10 -20.47 -40.54
N GLU I 257 50.91 -19.44 -39.72
CA GLU I 257 50.90 -18.07 -40.19
C GLU I 257 51.68 -17.18 -39.23
N ASP I 258 52.42 -16.23 -39.79
CA ASP I 258 52.93 -15.11 -39.00
C ASP I 258 51.82 -14.09 -38.84
N TYR I 259 51.85 -13.36 -37.73
CA TYR I 259 50.84 -12.35 -37.43
C TYR I 259 49.46 -12.97 -37.25
N GLY I 260 48.52 -12.22 -36.68
CA GLY I 260 47.18 -12.70 -36.45
C GLY I 260 46.14 -11.87 -37.18
N ARG I 261 44.90 -12.32 -37.09
CA ARG I 261 43.77 -11.63 -37.67
C ARG I 261 43.10 -10.78 -36.59
N SER I 262 41.96 -10.19 -36.92
CA SER I 262 41.27 -9.28 -36.01
C SER I 262 39.85 -9.76 -35.75
N TYR I 263 39.17 -9.08 -34.83
CA TYR I 263 37.80 -9.42 -34.46
C TYR I 263 36.76 -8.65 -35.27
N CYS I 264 37.12 -7.52 -35.85
CA CYS I 264 36.17 -6.72 -36.62
C CYS I 264 35.96 -7.23 -38.03
N GLU I 265 36.74 -8.22 -38.48
CA GLU I 265 36.63 -8.71 -39.85
C GLU I 265 35.40 -9.59 -40.05
N GLU I 266 34.81 -10.12 -38.99
CA GLU I 266 33.67 -11.01 -39.13
C GLU I 266 32.40 -10.29 -39.51
N TYR I 267 32.31 -8.98 -39.29
CA TYR I 267 31.08 -8.22 -39.46
C TYR I 267 31.24 -7.09 -40.45
N LEU I 268 32.04 -7.28 -41.50
CA LEU I 268 32.21 -6.22 -42.48
C LEU I 268 31.00 -6.11 -43.38
N GLY I 269 30.35 -7.24 -43.70
CA GLY I 269 29.21 -7.20 -44.60
C GLY I 269 28.05 -6.40 -44.05
N ASP I 270 27.79 -6.52 -42.75
CA ASP I 270 26.69 -5.79 -42.14
C ASP I 270 26.91 -4.29 -42.23
N LEU I 271 28.12 -3.83 -41.92
CA LEU I 271 28.42 -2.41 -41.99
C LEU I 271 28.33 -1.91 -43.42
N ASN I 272 28.86 -2.67 -44.38
CA ASN I 272 28.77 -2.27 -45.78
C ASN I 272 27.34 -2.25 -46.27
N SER I 273 26.46 -3.09 -45.70
CA SER I 273 25.06 -3.05 -46.08
C SER I 273 24.35 -1.83 -45.48
N LEU I 274 24.64 -1.50 -44.23
CA LEU I 274 23.96 -0.39 -43.58
C LEU I 274 24.36 0.95 -44.19
N GLU I 275 25.63 1.07 -44.59
CA GLU I 275 26.12 2.35 -45.09
C GLU I 275 25.60 2.69 -46.48
N THR I 276 25.06 1.73 -47.22
CA THR I 276 24.48 2.01 -48.52
C THR I 276 22.97 2.22 -48.46
N ILE I 277 22.37 2.12 -47.28
CA ILE I 277 20.97 2.48 -47.10
C ILE I 277 20.82 3.82 -46.40
N THR I 278 21.68 4.08 -45.40
CA THR I 278 21.61 5.39 -44.74
C THR I 278 21.88 6.53 -45.72
N GLU I 279 22.78 6.32 -46.69
CA GLU I 279 23.09 7.36 -47.65
C GLU I 279 21.87 7.72 -48.50
N ALA I 280 21.16 6.70 -49.00
CA ALA I 280 19.98 6.96 -49.82
C ALA I 280 18.90 7.65 -48.99
N ILE I 281 18.71 7.21 -47.75
CA ILE I 281 17.69 7.83 -46.91
C ILE I 281 18.01 9.31 -46.68
N THR I 282 19.28 9.64 -46.44
CA THR I 282 19.64 11.05 -46.23
C THR I 282 19.48 11.87 -47.51
N LYS I 283 19.89 11.33 -48.65
CA LYS I 283 19.80 12.09 -49.89
C LYS I 283 18.35 12.36 -50.28
N MET I 284 17.44 11.42 -50.02
CA MET I 284 16.03 11.70 -50.27
C MET I 284 15.55 12.92 -49.49
N ALA I 285 15.91 12.98 -48.21
CA ALA I 285 15.50 14.11 -47.37
C ALA I 285 16.12 15.42 -47.86
N LYS I 286 17.36 15.39 -48.33
CA LYS I 286 17.92 16.61 -48.89
C LYS I 286 17.23 17.03 -50.17
N VAL I 287 16.82 16.08 -51.01
CA VAL I 287 16.13 16.42 -52.25
C VAL I 287 14.74 16.99 -51.97
N ALA I 288 14.06 16.48 -50.94
CA ALA I 288 12.66 16.79 -50.71
C ALA I 288 12.45 18.08 -49.92
N SER I 289 13.41 19.01 -49.95
CA SER I 289 13.26 20.29 -49.27
C SER I 289 13.53 21.46 -50.20
N LYS I 290 13.06 21.36 -51.45
CA LYS I 290 13.20 22.41 -52.45
C LYS I 290 11.82 22.73 -53.00
N VAL I 291 11.47 24.02 -53.02
CA VAL I 291 10.12 24.44 -53.40
C VAL I 291 10.10 24.87 -54.86
N VAL I 292 9.13 24.36 -55.61
CA VAL I 292 8.92 24.75 -56.99
C VAL I 292 7.42 24.84 -57.25
N GLY I 293 6.95 26.02 -57.66
CA GLY I 293 5.54 26.22 -57.91
C GLY I 293 5.21 26.07 -59.38
N LEU I 294 4.09 25.39 -59.65
CA LEU I 294 3.67 25.06 -61.00
C LEU I 294 2.39 25.81 -61.33
N VAL I 295 2.39 26.55 -62.44
CA VAL I 295 1.26 27.35 -62.87
C VAL I 295 0.73 26.77 -64.17
N ASN I 296 -0.56 26.45 -64.21
CA ASN I 296 -1.16 25.83 -65.38
C ASN I 296 -1.30 26.86 -66.50
N PRO I 297 -0.72 26.61 -67.68
CA PRO I 297 -0.72 27.64 -68.74
C PRO I 297 -2.02 27.74 -69.53
N ASN I 298 -3.07 27.02 -69.16
CA ASN I 298 -4.37 27.13 -69.80
C ASN I 298 -5.36 27.89 -68.94
N GLY I 299 -4.87 28.68 -67.99
CA GLY I 299 -5.78 29.37 -67.05
C GLY I 299 -5.80 30.87 -67.23
N ILE I 300 -6.22 31.60 -66.21
CA ILE I 300 -6.37 33.07 -66.30
C ILE I 300 -5.48 33.77 -65.25
N THR I 301 -4.75 33.02 -64.41
CA THR I 301 -3.94 33.66 -63.33
C THR I 301 -2.58 34.02 -63.90
N GLN I 302 -1.95 35.09 -63.40
CA GLN I 302 -0.64 35.55 -63.94
C GLN I 302 0.34 35.78 -62.80
N PRO I 303 1.55 35.19 -62.83
CA PRO I 303 2.50 35.33 -61.73
C PRO I 303 3.00 36.75 -61.44
N ARG I 304 2.76 37.71 -62.34
CA ARG I 304 3.32 39.06 -62.14
C ARG I 304 2.47 39.84 -61.15
N ARG I 305 1.25 39.40 -60.92
CA ARG I 305 0.41 40.05 -59.91
C ARG I 305 0.70 39.51 -58.51
N LEU I 306 0.93 38.21 -58.39
CA LEU I 306 1.25 37.63 -57.09
C LEU I 306 2.62 38.09 -56.60
N ASN I 307 3.55 38.35 -57.52
CA ASN I 307 4.91 38.70 -57.13
C ASN I 307 4.99 40.09 -56.51
N LYS I 308 4.19 41.04 -56.98
CA LYS I 308 4.35 42.44 -56.61
C LYS I 308 3.32 42.92 -55.60
N ALA I 309 2.61 42.01 -54.95
CA ALA I 309 1.57 42.38 -54.01
C ALA I 309 2.19 42.73 -52.65
N ALA I 310 1.34 43.22 -51.75
CA ALA I 310 1.74 43.62 -50.41
C ALA I 310 1.23 42.60 -49.39
N THR I 311 1.42 42.92 -48.10
CA THR I 311 1.13 41.94 -47.06
C THR I 311 -0.36 41.69 -46.90
N GLY I 312 -1.20 42.69 -47.11
CA GLY I 312 -2.63 42.46 -47.21
C GLY I 312 -3.22 43.19 -48.41
N GLU I 313 -3.71 42.44 -49.39
CA GLU I 313 -4.14 43.07 -50.63
C GLU I 313 -4.98 42.09 -51.44
N PHE I 314 -5.92 42.64 -52.20
CA PHE I 314 -6.79 41.87 -53.08
C PHE I 314 -6.26 41.92 -54.50
N VAL I 315 -6.03 40.76 -55.09
CA VAL I 315 -5.63 40.66 -56.49
C VAL I 315 -6.64 39.79 -57.23
N ALA I 316 -6.44 39.59 -58.53
CA ALA I 316 -7.36 38.83 -59.37
C ALA I 316 -6.74 37.49 -59.74
N GLY I 317 -7.50 36.42 -59.55
CA GLY I 317 -6.99 35.11 -59.89
C GLY I 317 -7.96 34.02 -59.49
N ARG I 318 -7.51 32.78 -59.65
CA ARG I 318 -8.27 31.60 -59.29
C ARG I 318 -7.34 30.62 -58.60
N VAL I 319 -7.83 29.97 -57.54
CA VAL I 319 -6.98 29.13 -56.70
C VAL I 319 -6.82 27.72 -57.26
N GLU I 320 -7.46 27.41 -58.38
CA GLU I 320 -7.37 26.09 -59.00
C GLU I 320 -6.23 25.98 -60.00
N ASP I 321 -5.44 27.04 -60.17
CA ASP I 321 -4.37 27.06 -61.16
C ASP I 321 -2.98 27.03 -60.55
N ILE I 322 -2.86 26.89 -59.24
CA ILE I 322 -1.57 26.92 -58.55
C ILE I 322 -1.41 25.64 -57.77
N ASN I 323 -0.25 25.00 -57.90
CA ASN I 323 0.04 23.76 -57.20
C ASN I 323 1.56 23.61 -57.11
N PHE I 324 1.99 22.71 -56.23
CA PHE I 324 3.40 22.57 -55.91
C PHE I 324 3.90 21.16 -56.21
N LEU I 325 5.15 21.07 -56.65
CA LEU I 325 5.77 19.78 -56.96
C LEU I 325 6.21 19.11 -55.67
N GLN I 326 6.00 17.79 -55.60
CA GLN I 326 6.24 17.06 -54.37
C GLN I 326 6.61 15.61 -54.67
N LEU I 327 7.40 15.02 -53.78
CA LEU I 327 7.87 13.65 -53.93
C LEU I 327 6.81 12.69 -53.42
N THR I 328 6.45 11.71 -54.24
CA THR I 328 5.31 10.84 -53.95
C THR I 328 5.71 9.37 -54.00
N LYS I 329 6.86 9.02 -53.43
CA LYS I 329 7.19 7.62 -53.20
C LYS I 329 6.39 7.10 -52.01
N GLY I 330 5.88 5.89 -52.14
CA GLY I 330 4.88 5.41 -51.21
C GLY I 330 5.45 4.62 -50.04
N GLN I 331 5.31 3.29 -50.09
CA GLN I 331 5.80 2.42 -49.03
C GLN I 331 7.23 1.96 -49.28
N ASP I 332 8.02 2.77 -49.98
CA ASP I 332 9.44 2.50 -50.18
C ASP I 332 10.31 3.15 -49.12
N PHE I 333 9.70 3.77 -48.10
CA PHE I 333 10.42 4.36 -46.99
C PHE I 333 10.39 3.48 -45.75
N THR I 334 9.22 2.94 -45.42
CA THR I 334 9.07 2.12 -44.22
C THR I 334 9.86 0.82 -44.33
N ILE I 335 9.91 0.22 -45.53
CA ILE I 335 10.65 -1.02 -45.71
C ILE I 335 12.13 -0.81 -45.41
N ALA I 336 12.72 0.22 -46.01
CA ALA I 336 14.13 0.50 -45.77
C ALA I 336 14.38 0.84 -44.31
N LYS I 337 13.49 1.64 -43.70
CA LYS I 337 13.68 1.99 -42.29
C LYS I 337 13.66 0.75 -41.41
N SER I 338 12.71 -0.16 -41.64
CA SER I 338 12.62 -1.36 -40.81
C SER I 338 13.83 -2.27 -40.99
N VAL I 339 14.28 -2.46 -42.24
CA VAL I 339 15.43 -3.34 -42.46
C VAL I 339 16.68 -2.74 -41.83
N ALA I 340 16.89 -1.44 -41.96
CA ALA I 340 18.05 -0.81 -41.33
C ALA I 340 17.98 -0.93 -39.82
N ASP I 341 16.80 -0.77 -39.24
CA ASP I 341 16.67 -0.91 -37.80
C ASP I 341 17.01 -2.33 -37.34
N ALA I 342 16.56 -3.33 -38.10
CA ALA I 342 16.89 -4.71 -37.75
C ALA I 342 18.39 -4.95 -37.81
N ILE I 343 19.06 -4.43 -38.85
CA ILE I 343 20.51 -4.62 -38.94
C ILE I 343 21.22 -3.96 -37.77
N GLU I 344 20.78 -2.75 -37.40
CA GLU I 344 21.41 -2.05 -36.28
C GLU I 344 21.25 -2.82 -34.97
N GLN I 345 20.04 -3.34 -34.72
CA GLN I 345 19.82 -4.12 -33.51
C GLN I 345 20.67 -5.38 -33.51
N ARG I 346 20.83 -6.02 -34.68
CA ARG I 346 21.65 -7.22 -34.76
C ARG I 346 23.11 -6.92 -34.46
N LEU I 347 23.63 -5.80 -34.98
CA LEU I 347 25.01 -5.42 -34.72
C LEU I 347 25.22 -4.98 -33.28
N GLY I 348 24.18 -4.53 -32.60
CA GLY I 348 24.35 -4.10 -31.22
C GLY I 348 24.47 -5.20 -30.19
N TRP I 349 24.25 -6.47 -30.57
CA TRP I 349 24.33 -7.57 -29.62
C TRP I 349 25.74 -8.11 -29.46
N ALA I 350 26.59 -7.97 -30.48
CA ALA I 350 27.89 -8.61 -30.51
C ALA I 350 29.00 -7.75 -29.89
N PHE I 351 28.71 -6.50 -29.54
CA PHE I 351 29.70 -5.61 -28.95
C PHE I 351 29.33 -5.19 -27.53
N LEU I 352 28.44 -5.93 -26.89
CA LEU I 352 28.03 -5.68 -25.50
C LEU I 352 27.51 -4.26 -25.32
N LEU I 353 26.67 -3.80 -26.23
CA LEU I 353 26.08 -2.44 -26.08
C LEU I 353 24.76 -2.58 -25.32
N VAL I 372 34.70 -7.50 -7.07
CA VAL I 372 33.39 -6.80 -6.92
C VAL I 372 32.53 -7.09 -8.16
N ALA I 373 32.19 -6.06 -8.94
CA ALA I 373 31.41 -6.22 -10.18
C ALA I 373 32.34 -6.64 -11.32
N GLY I 374 33.64 -6.74 -11.05
CA GLY I 374 34.59 -7.23 -12.07
C GLY I 374 34.23 -8.65 -12.46
N GLU I 375 33.78 -9.46 -11.50
CA GLU I 375 33.42 -10.88 -11.78
C GLU I 375 32.27 -10.94 -12.80
N LEU I 376 31.22 -10.13 -12.61
CA LEU I 376 30.04 -10.18 -13.52
C LEU I 376 30.47 -9.82 -14.94
N GLU I 377 31.24 -8.74 -15.11
CA GLU I 377 31.62 -8.27 -16.47
C GLU I 377 32.52 -9.30 -17.18
N ALA I 378 33.38 -10.01 -16.44
CA ALA I 378 34.34 -10.94 -17.07
C ALA I 378 33.62 -12.19 -17.60
N SER I 385 40.34 -15.22 -22.70
CA SER I 385 41.02 -16.46 -22.27
C SER I 385 42.40 -16.56 -22.91
N VAL I 386 42.52 -16.21 -24.18
CA VAL I 386 43.81 -16.38 -24.92
C VAL I 386 44.80 -15.33 -24.46
N GLN I 387 44.32 -14.15 -24.07
CA GLN I 387 45.24 -13.02 -23.76
C GLN I 387 45.84 -13.18 -22.36
N SER I 388 45.59 -14.29 -21.68
CA SER I 388 46.21 -14.55 -20.36
C SER I 388 47.44 -15.44 -20.57
N GLN I 389 47.81 -15.67 -21.82
CA GLN I 389 49.02 -16.47 -22.14
C GLN I 389 49.87 -15.68 -23.15
N GLU I 390 49.35 -14.55 -23.64
CA GLU I 390 50.06 -13.75 -24.67
C GLU I 390 50.18 -12.27 -24.28
N LEU I 391 50.25 -11.94 -22.99
CA LEU I 391 50.28 -10.52 -22.57
C LEU I 391 50.47 -10.44 -21.05
N GLN I 392 49.75 -11.23 -20.27
CA GLN I 392 49.81 -11.06 -18.80
C GLN I 392 50.97 -11.84 -18.19
N LEU I 393 51.26 -13.05 -18.65
CA LEU I 393 52.33 -13.88 -18.01
C LEU I 393 53.71 -13.47 -18.53
N PRO I 394 53.92 -13.17 -19.82
CA PRO I 394 55.22 -12.69 -20.29
C PRO I 394 55.74 -11.42 -19.60
N ILE I 395 54.90 -10.44 -19.28
CA ILE I 395 55.32 -9.19 -18.56
C ILE I 395 55.80 -9.51 -17.14
N VAL I 396 55.17 -10.45 -16.44
CA VAL I 396 55.52 -10.77 -15.04
C VAL I 396 56.82 -11.57 -15.00
N ARG I 397 57.16 -12.25 -16.09
CA ARG I 397 58.38 -13.12 -16.08
C ARG I 397 59.61 -12.30 -16.46
N VAL I 398 59.45 -11.09 -17.00
CA VAL I 398 60.60 -10.20 -17.32
C VAL I 398 60.84 -9.29 -16.11
N LEU I 399 59.79 -8.73 -15.50
CA LEU I 399 59.98 -7.85 -14.36
C LEU I 399 60.65 -8.58 -13.20
N MET I 400 60.25 -9.82 -12.93
CA MET I 400 60.90 -10.59 -11.88
C MET I 400 62.35 -10.88 -12.20
N ASN I 401 62.70 -11.07 -13.47
CA ASN I 401 64.09 -11.31 -13.82
C ASN I 401 64.94 -10.05 -13.69
N GLN I 402 64.37 -8.88 -14.01
CA GLN I 402 65.19 -7.67 -14.06
C GLN I 402 65.27 -6.93 -12.73
N LEU I 403 64.15 -6.77 -12.01
CA LEU I 403 64.20 -6.05 -10.74
C LEU I 403 65.04 -6.79 -9.71
N GLN I 404 65.10 -8.12 -9.79
CA GLN I 404 65.95 -8.88 -8.89
C GLN I 404 67.42 -8.54 -9.11
N SER I 405 67.83 -8.42 -10.37
CA SER I 405 69.22 -8.11 -10.67
C SER I 405 69.54 -6.66 -10.38
N ALA I 406 68.58 -5.75 -10.53
CA ALA I 406 68.82 -4.35 -10.21
C ALA I 406 69.10 -4.16 -8.73
N GLY I 407 68.36 -4.86 -7.87
CA GLY I 407 68.58 -4.78 -6.44
C GLY I 407 67.40 -4.21 -5.67
N MET I 408 66.19 -4.39 -6.19
CA MET I 408 64.98 -3.88 -5.56
C MET I 408 64.06 -4.96 -5.03
N ILE I 409 64.42 -6.23 -5.21
CA ILE I 409 63.60 -7.35 -4.75
C ILE I 409 64.50 -8.33 -4.01
N PRO I 410 64.05 -8.90 -2.89
CA PRO I 410 64.88 -9.89 -2.18
C PRO I 410 65.13 -11.13 -3.03
N ASP I 411 66.29 -11.74 -2.82
CA ASP I 411 66.70 -12.89 -3.62
C ASP I 411 65.78 -14.07 -3.33
N LEU I 412 64.96 -14.45 -4.32
CA LEU I 412 64.01 -15.52 -4.13
C LEU I 412 64.72 -16.88 -4.07
N PRO I 413 64.07 -17.90 -3.49
CA PRO I 413 64.70 -19.23 -3.41
C PRO I 413 64.99 -19.84 -4.77
N LYS I 414 65.61 -21.02 -4.77
CA LYS I 414 66.05 -21.65 -6.01
C LYS I 414 64.90 -21.84 -6.98
N GLU I 415 63.93 -22.67 -6.60
CA GLU I 415 62.78 -22.94 -7.47
C GLU I 415 61.45 -23.00 -6.74
N ALA I 416 61.40 -22.80 -5.43
CA ALA I 416 60.14 -22.86 -4.72
C ALA I 416 59.39 -21.54 -4.82
N SER I 422 47.92 -15.43 -13.37
CA SER I 422 47.20 -14.52 -14.26
C SER I 422 45.76 -14.25 -13.82
N THR I 423 44.81 -15.07 -14.28
CA THR I 423 43.43 -14.90 -13.87
C THR I 423 42.69 -16.22 -13.66
N GLY I 424 43.38 -17.36 -13.67
CA GLY I 424 42.74 -18.64 -13.43
C GLY I 424 41.94 -18.62 -12.14
N LEU I 425 42.65 -18.54 -11.01
CA LEU I 425 42.06 -18.13 -9.74
C LEU I 425 42.98 -17.04 -9.20
N GLU I 426 42.81 -15.83 -9.70
CA GLU I 426 43.59 -14.69 -9.24
C GLU I 426 42.73 -13.54 -8.73
N ALA I 427 41.79 -13.05 -9.54
CA ALA I 427 40.87 -12.02 -9.05
C ALA I 427 40.04 -12.55 -7.90
N LEU I 428 39.63 -13.81 -8.00
CA LEU I 428 39.05 -14.54 -6.89
C LEU I 428 40.10 -15.31 -6.10
N GLY I 429 41.39 -15.12 -6.40
CA GLY I 429 42.42 -15.84 -5.68
C GLY I 429 42.37 -15.61 -4.19
N ARG I 430 42.18 -14.35 -3.78
CA ARG I 430 41.97 -14.05 -2.37
C ARG I 430 40.49 -14.10 -1.99
N GLY I 431 39.60 -13.89 -2.97
CA GLY I 431 38.18 -13.90 -2.68
C GLY I 431 37.67 -15.26 -2.24
N GLN I 432 38.21 -16.33 -2.81
CA GLN I 432 37.81 -17.68 -2.40
C GLN I 432 38.15 -17.92 -0.93
N ASP I 433 39.38 -17.55 -0.53
CA ASP I 433 39.77 -17.69 0.86
C ASP I 433 38.90 -16.83 1.76
N LEU I 434 38.60 -15.60 1.34
CA LEU I 434 37.77 -14.73 2.14
C LEU I 434 36.38 -15.32 2.35
N GLU I 435 35.79 -15.87 1.28
CA GLU I 435 34.46 -16.44 1.38
C GLU I 435 34.45 -17.69 2.27
N LYS I 436 35.45 -18.56 2.13
CA LYS I 436 35.49 -19.74 2.99
C LYS I 436 35.65 -19.36 4.45
N LEU I 437 36.52 -18.38 4.74
CA LEU I 437 36.69 -17.94 6.12
C LEU I 437 35.41 -17.33 6.68
N THR I 438 34.70 -16.55 5.86
CA THR I 438 33.44 -15.97 6.31
C THR I 438 32.41 -17.05 6.62
N GLN I 439 32.30 -18.06 5.75
CA GLN I 439 31.35 -19.15 6.03
C GLN I 439 31.73 -19.91 7.30
N ALA I 440 33.03 -20.14 7.51
CA ALA I 440 33.46 -20.83 8.72
C ALA I 440 33.08 -20.04 9.97
N VAL I 441 33.31 -18.72 9.95
CA VAL I 441 32.95 -17.89 11.10
C VAL I 441 31.44 -17.92 11.32
N ASN I 442 30.66 -17.81 10.24
CA ASN I 442 29.21 -17.82 10.37
C ASN I 442 28.71 -19.12 10.98
N MET I 443 29.31 -20.24 10.59
CA MET I 443 28.86 -21.52 11.16
C MET I 443 29.32 -21.71 12.60
N MET I 444 30.53 -21.26 12.95
CA MET I 444 30.97 -21.38 14.33
C MET I 444 30.22 -20.46 15.27
N THR I 445 29.63 -19.37 14.74
CA THR I 445 28.85 -18.47 15.58
C THR I 445 27.61 -19.16 16.14
N GLY I 446 26.98 -20.02 15.34
CA GLY I 446 25.71 -20.62 15.71
C GLY I 446 25.76 -21.82 16.64
N LEU I 447 26.94 -22.22 17.11
CA LEU I 447 27.08 -23.36 18.01
C LEU I 447 27.20 -22.94 19.47
N GLN I 448 26.93 -21.67 19.77
CA GLN I 448 27.06 -21.15 21.12
C GLN I 448 25.92 -21.59 22.05
N PRO I 449 24.67 -21.62 21.59
CA PRO I 449 23.59 -22.10 22.49
C PRO I 449 23.79 -23.51 23.00
N LEU I 450 24.41 -24.40 22.23
CA LEU I 450 24.56 -25.80 22.60
C LEU I 450 25.77 -26.05 23.50
N SER I 451 26.32 -25.01 24.13
CA SER I 451 27.53 -25.17 24.92
C SER I 451 27.26 -25.73 26.32
N GLN I 452 26.00 -25.87 26.71
CA GLN I 452 25.65 -26.43 28.02
C GLN I 452 24.95 -27.78 27.89
N ASP I 453 25.09 -28.46 26.75
CA ASP I 453 24.50 -29.76 26.55
C ASP I 453 25.50 -30.84 26.95
N PRO I 454 25.20 -31.69 27.93
CA PRO I 454 26.17 -32.68 28.40
C PRO I 454 26.23 -33.97 27.61
N ASP I 455 25.62 -34.05 26.42
CA ASP I 455 25.59 -35.27 25.64
C ASP I 455 26.17 -35.09 24.24
N ILE I 456 27.02 -34.09 24.04
CA ILE I 456 27.53 -33.77 22.71
C ILE I 456 29.02 -33.55 22.78
N ASN I 457 29.75 -34.13 21.83
CA ASN I 457 31.21 -34.00 21.72
C ASN I 457 31.50 -32.82 20.80
N LEU I 458 31.75 -31.65 21.40
CA LEU I 458 31.97 -30.44 20.61
C LEU I 458 33.23 -30.48 19.74
N PRO I 459 34.40 -30.91 20.23
CA PRO I 459 35.61 -30.83 19.37
C PRO I 459 35.48 -31.61 18.08
N THR I 460 35.02 -32.86 18.14
CA THR I 460 34.90 -33.64 16.91
C THR I 460 33.81 -33.09 16.00
N LEU I 461 32.74 -32.52 16.57
CA LEU I 461 31.73 -31.88 15.73
C LEU I 461 32.32 -30.69 14.98
N LYS I 462 33.14 -29.89 15.66
CA LYS I 462 33.80 -28.77 14.98
C LYS I 462 34.75 -29.26 13.89
N LEU I 463 35.50 -30.33 14.18
CA LEU I 463 36.40 -30.89 13.19
C LEU I 463 35.65 -31.39 11.95
N ARG I 464 34.54 -32.11 12.16
CA ARG I 464 33.76 -32.60 11.03
C ARG I 464 33.07 -31.48 10.28
N LEU I 465 32.74 -30.38 10.96
CA LEU I 465 32.18 -29.22 10.27
C LEU I 465 33.23 -28.52 9.42
N LEU I 466 34.47 -28.44 9.91
CA LEU I 466 35.54 -27.84 9.11
C LEU I 466 35.90 -28.71 7.91
N ASN I 467 35.90 -30.02 8.07
CA ASN I 467 36.28 -30.91 6.96
C ASN I 467 35.26 -30.94 5.84
N ALA I 468 34.03 -30.50 6.07
CA ALA I 468 33.00 -30.54 5.04
C ALA I 468 33.12 -29.38 4.06
N LEU I 469 33.99 -28.42 4.32
CA LEU I 469 34.22 -27.30 3.41
C LEU I 469 35.47 -27.43 2.57
N GLY I 470 36.45 -28.22 3.01
CA GLY I 470 37.74 -28.28 2.38
C GLY I 470 38.74 -27.27 2.89
N ILE I 471 38.32 -26.35 3.76
CA ILE I 471 39.24 -25.34 4.29
C ILE I 471 40.30 -26.01 5.14
N ASP I 472 41.49 -25.42 5.17
CA ASP I 472 42.59 -25.97 5.93
C ASP I 472 42.35 -25.81 7.43
N THR I 473 42.98 -26.68 8.21
CA THR I 473 42.83 -26.70 9.67
C THR I 473 44.20 -26.66 10.33
N ALA I 474 45.05 -25.73 9.88
CA ALA I 474 46.40 -25.62 10.44
C ALA I 474 46.36 -24.92 11.79
N GLY I 475 45.88 -23.69 11.83
CA GLY I 475 45.88 -22.91 13.05
C GLY I 475 44.53 -22.39 13.46
N LEU I 476 43.48 -23.20 13.31
CA LEU I 476 42.14 -22.79 13.68
C LEU I 476 41.60 -23.49 14.92
N LEU I 477 42.23 -24.57 15.38
CA LEU I 477 41.82 -25.26 16.59
C LEU I 477 43.03 -25.56 17.44
N LEU I 478 42.81 -25.65 18.75
CA LEU I 478 43.87 -25.91 19.70
C LEU I 478 44.06 -27.41 19.91
N THR I 479 45.08 -27.75 20.67
CA THR I 479 45.47 -29.14 20.92
C THR I 479 45.33 -29.46 22.41
N GLN I 480 45.80 -30.64 22.80
CA GLN I 480 45.81 -30.99 24.22
C GLN I 480 46.71 -30.04 25.01
N ASP I 481 47.86 -29.70 24.45
CA ASP I 481 48.69 -28.64 25.00
C ASP I 481 48.12 -27.30 24.54
N GLU I 482 48.90 -26.22 24.71
CA GLU I 482 48.56 -24.87 24.27
C GLU I 482 47.36 -24.28 25.00
N LYS I 483 46.81 -24.97 26.01
CA LYS I 483 45.76 -24.42 26.85
C LYS I 483 46.22 -24.17 28.28
N ILE I 484 47.17 -24.96 28.77
CA ILE I 484 47.75 -24.70 30.08
C ILE I 484 48.40 -23.33 30.12
N GLN I 485 49.09 -22.96 29.04
CA GLN I 485 49.71 -21.64 28.96
C GLN I 485 48.65 -20.55 29.00
N ARG I 486 47.54 -20.76 28.30
CA ARG I 486 46.46 -19.77 28.32
C ARG I 486 45.91 -19.58 29.72
N MET I 487 45.68 -20.69 30.43
CA MET I 487 45.19 -20.58 31.81
C MET I 487 46.19 -19.84 32.69
N ALA I 488 47.48 -20.15 32.54
CA ALA I 488 48.50 -19.49 33.34
C ALA I 488 48.52 -17.98 33.09
N GLU I 489 48.41 -17.58 31.82
CA GLU I 489 48.43 -16.16 31.49
C GLU I 489 47.23 -15.44 32.10
N GLN I 490 46.04 -16.05 31.99
CA GLN I 490 44.86 -15.42 32.57
C GLN I 490 45.02 -15.26 34.08
N SER I 491 45.50 -16.31 34.75
CA SER I 491 45.69 -16.25 36.19
C SER I 491 46.67 -15.15 36.58
N SER I 492 47.78 -15.04 35.85
CA SER I 492 48.78 -14.03 36.17
C SER I 492 48.22 -12.63 36.03
N GLN I 493 47.48 -12.38 34.94
CA GLN I 493 46.93 -11.04 34.72
C GLN I 493 45.96 -10.66 35.84
N GLN I 494 45.05 -11.57 36.17
CA GLN I 494 44.11 -11.28 37.25
C GLN I 494 44.85 -11.03 38.57
N ALA I 495 45.85 -11.86 38.86
CA ALA I 495 46.58 -11.73 40.11
C ALA I 495 47.22 -10.35 40.22
N VAL I 496 47.88 -9.89 39.15
CA VAL I 496 48.59 -8.62 39.25
C VAL I 496 47.61 -7.45 39.37
N VAL I 497 46.49 -7.48 38.64
CA VAL I 497 45.55 -6.37 38.72
C VAL I 497 44.97 -6.25 40.14
N GLN I 498 44.45 -7.38 40.67
CA GLN I 498 43.90 -7.34 42.02
C GLN I 498 44.96 -7.06 43.06
N GLY I 499 46.22 -7.41 42.81
CA GLY I 499 47.27 -7.06 43.74
C GLY I 499 47.49 -5.56 43.81
N ALA I 500 47.50 -4.89 42.65
CA ALA I 500 47.75 -3.45 42.64
C ALA I 500 46.61 -2.67 43.30
N SER I 501 45.36 -3.03 42.98
CA SER I 501 44.24 -2.18 43.35
C SER I 501 44.12 -2.02 44.88
N ALA I 502 44.10 -3.15 45.60
CA ALA I 502 43.89 -3.09 47.05
C ALA I 502 45.04 -2.38 47.75
N ALA I 503 46.27 -2.59 47.27
CA ALA I 503 47.41 -1.90 47.86
C ALA I 503 47.26 -0.39 47.74
N GLY I 504 46.87 0.07 46.55
CA GLY I 504 46.65 1.50 46.38
C GLY I 504 45.59 2.04 47.33
N ALA I 505 44.46 1.33 47.41
CA ALA I 505 43.36 1.80 48.25
C ALA I 505 43.76 1.86 49.72
N ASN I 506 44.43 0.83 50.22
CA ASN I 506 44.82 0.81 51.62
C ASN I 506 45.85 1.88 51.95
N MET I 507 46.83 2.09 51.07
CA MET I 507 47.80 3.15 51.32
C MET I 507 47.13 4.51 51.38
N GLY I 508 46.20 4.77 50.44
CA GLY I 508 45.48 6.03 50.48
C GLY I 508 44.69 6.23 51.75
N ALA I 509 43.98 5.18 52.19
CA ALA I 509 43.17 5.30 53.40
C ALA I 509 44.06 5.59 54.61
N ALA I 510 45.19 4.88 54.73
CA ALA I 510 46.06 5.09 55.88
C ALA I 510 46.63 6.51 55.90
N VAL I 511 47.11 7.00 54.76
CA VAL I 511 47.72 8.33 54.76
C VAL I 511 46.66 9.40 55.01
N GLY I 512 45.45 9.21 54.48
CA GLY I 512 44.39 10.17 54.75
C GLY I 512 44.04 10.22 56.23
N GLN I 513 43.94 9.06 56.87
CA GLN I 513 43.66 9.04 58.30
C GLN I 513 44.76 9.72 59.10
N GLY I 514 46.02 9.47 58.75
CA GLY I 514 47.11 10.13 59.45
C GLY I 514 47.06 11.64 59.32
N ALA I 515 46.81 12.13 58.09
CA ALA I 515 46.71 13.57 57.88
C ALA I 515 45.55 14.16 58.66
N GLY I 516 44.41 13.48 58.68
CA GLY I 516 43.27 13.98 59.44
C GLY I 516 43.56 14.03 60.92
N GLU I 517 44.22 13.00 61.46
CA GLU I 517 44.57 12.99 62.87
C GLU I 517 45.50 14.14 63.22
N ASP I 518 46.47 14.42 62.34
CA ASP I 518 47.37 15.54 62.61
C ASP I 518 46.64 16.88 62.51
N MET I 519 45.72 17.02 61.56
CA MET I 519 45.05 18.29 61.33
C MET I 519 43.89 18.55 62.29
N ALA I 520 43.45 17.52 63.03
CA ALA I 520 42.28 17.67 63.91
C ALA I 520 42.43 18.85 64.86
N GLN I 521 43.59 18.97 65.51
CA GLN I 521 43.85 20.06 66.45
C GLN I 521 44.29 21.30 65.67
N ALA I 522 43.30 22.00 65.10
CA ALA I 522 43.60 23.21 64.33
C ALA I 522 42.60 24.34 64.59
N GLU J 3 78.89 31.09 -28.32
CA GLU J 3 78.65 32.26 -29.15
C GLU J 3 77.62 31.93 -30.23
N ARG J 4 76.50 31.36 -29.79
CA ARG J 4 75.36 31.08 -30.68
C ARG J 4 75.80 30.23 -31.86
N GLU J 5 76.23 29.00 -31.56
CA GLU J 5 76.82 28.14 -32.59
C GLU J 5 75.76 27.47 -33.45
N GLY J 6 74.91 26.64 -32.86
CA GLY J 6 73.95 25.85 -33.60
C GLY J 6 72.53 26.28 -33.27
N PHE J 7 71.66 26.25 -34.28
CA PHE J 7 70.25 26.62 -34.18
C PHE J 7 70.07 28.11 -33.92
N ALA J 8 71.16 28.84 -33.70
CA ALA J 8 71.08 30.23 -33.30
C ALA J 8 72.13 31.07 -33.99
N ALA J 9 72.56 30.64 -35.18
CA ALA J 9 73.57 31.34 -35.94
C ALA J 9 72.97 32.38 -36.88
N GLU J 10 71.65 32.59 -36.83
CA GLU J 10 70.99 33.51 -37.73
C GLU J 10 70.05 34.50 -37.06
N GLY J 11 69.67 34.29 -35.81
CA GLY J 11 68.86 35.23 -35.07
C GLY J 11 67.50 34.66 -34.71
N ALA J 12 66.73 35.47 -33.99
CA ALA J 12 65.40 35.05 -33.55
C ALA J 12 64.33 35.40 -34.57
N LYS J 13 64.44 36.58 -35.20
CA LYS J 13 63.51 36.98 -36.25
C LYS J 13 64.09 36.51 -37.58
N ALA J 14 63.90 35.23 -37.87
CA ALA J 14 64.44 34.55 -39.03
C ALA J 14 64.07 33.08 -38.89
N VAL J 15 64.25 32.55 -37.68
CA VAL J 15 63.66 31.26 -37.34
C VAL J 15 62.15 31.37 -37.28
N TYR J 16 61.64 32.48 -36.77
CA TYR J 16 60.19 32.67 -36.69
C TYR J 16 59.55 32.86 -38.06
N ASP J 17 60.28 33.35 -39.04
CA ASP J 17 59.71 33.61 -40.35
C ASP J 17 59.77 32.42 -41.28
N ARG J 18 60.82 31.59 -41.17
CA ARG J 18 60.89 30.38 -42.00
C ARG J 18 59.80 29.39 -41.62
N LEU J 19 59.55 29.23 -40.32
CA LEU J 19 58.68 28.17 -39.82
C LEU J 19 57.21 28.58 -39.73
N LYS J 20 56.89 29.84 -40.01
CA LYS J 20 55.52 30.32 -39.90
C LYS J 20 54.60 29.71 -40.96
N ASN J 21 55.15 29.13 -42.02
CA ASN J 21 54.36 28.58 -43.11
C ASN J 21 53.91 27.15 -42.86
N GLY J 22 54.26 26.57 -41.71
CA GLY J 22 53.86 25.22 -41.41
C GLY J 22 52.55 25.11 -40.66
N ARG J 23 52.06 26.22 -40.12
CA ARG J 23 50.84 26.21 -39.33
C ARG J 23 49.58 26.38 -40.15
N GLN J 24 49.70 26.75 -41.43
CA GLN J 24 48.53 27.23 -42.18
C GLN J 24 47.41 26.21 -42.29
N PRO J 25 47.65 24.94 -42.62
CA PRO J 25 46.53 24.00 -42.70
C PRO J 25 45.74 23.87 -41.41
N TYR J 26 46.43 23.89 -40.27
CA TYR J 26 45.73 23.75 -38.99
C TYR J 26 44.82 24.93 -38.72
N GLU J 27 45.29 26.15 -39.00
CA GLU J 27 44.44 27.32 -38.84
C GLU J 27 43.25 27.26 -39.79
N THR J 28 43.48 26.84 -41.03
CA THR J 28 42.38 26.75 -41.98
C THR J 28 41.31 25.77 -41.51
N ARG J 29 41.74 24.63 -40.96
CA ARG J 29 40.75 23.67 -40.44
C ARG J 29 40.04 24.19 -39.20
N ALA J 30 40.77 24.88 -38.31
CA ALA J 30 40.15 25.40 -37.10
C ALA J 30 39.10 26.46 -37.41
N GLN J 31 39.38 27.31 -38.40
CA GLN J 31 38.40 28.33 -38.78
C GLN J 31 37.11 27.70 -39.32
N ASN J 32 37.22 26.64 -40.11
CA ASN J 32 36.03 25.94 -40.57
C ASN J 32 35.28 25.30 -39.41
N CYS J 33 36.01 24.71 -38.46
CA CYS J 33 35.36 24.05 -37.34
C CYS J 33 34.60 25.06 -36.47
N ALA J 34 35.23 26.19 -36.15
CA ALA J 34 34.61 27.17 -35.25
C ALA J 34 33.77 28.19 -36.01
N ALA J 35 32.87 27.70 -36.86
CA ALA J 35 31.94 28.55 -37.58
C ALA J 35 30.53 28.02 -37.58
N VAL J 36 30.30 26.78 -37.15
CA VAL J 36 28.97 26.23 -36.96
C VAL J 36 28.63 26.05 -35.50
N THR J 37 29.55 26.35 -34.59
CA THR J 37 29.28 26.26 -33.16
C THR J 37 29.31 27.62 -32.48
N ILE J 38 30.44 28.30 -32.50
CA ILE J 38 30.60 29.61 -31.87
C ILE J 38 31.56 30.43 -32.72
N PRO J 39 31.06 31.35 -33.56
CA PRO J 39 31.94 32.03 -34.51
C PRO J 39 32.96 32.97 -33.88
N SER J 40 32.82 33.32 -32.59
CA SER J 40 33.73 34.24 -31.94
C SER J 40 34.74 33.54 -31.05
N LEU J 41 34.98 32.25 -31.27
CA LEU J 41 35.94 31.51 -30.45
C LEU J 41 37.34 31.51 -31.04
N PHE J 42 37.45 31.44 -32.37
CA PHE J 42 38.74 31.44 -33.06
C PHE J 42 38.70 32.50 -34.14
N PRO J 43 38.94 33.76 -33.79
CA PRO J 43 38.96 34.83 -34.79
C PRO J 43 40.21 34.75 -35.66
N LYS J 44 40.18 35.50 -36.76
CA LYS J 44 41.34 35.60 -37.63
C LYS J 44 42.37 36.52 -37.00
N GLU J 45 43.43 36.85 -37.73
CA GLU J 45 44.46 37.76 -37.25
C GLU J 45 44.22 39.19 -37.72
N SER J 46 43.27 39.41 -38.62
CA SER J 46 43.03 40.73 -39.17
C SER J 46 41.63 41.23 -38.83
N ASP J 47 41.22 41.08 -37.57
CA ASP J 47 39.92 41.54 -37.11
C ASP J 47 40.08 42.72 -36.16
N ASN J 48 39.04 43.52 -36.05
CA ASN J 48 39.10 44.75 -35.28
C ASN J 48 37.71 45.03 -34.70
N SER J 49 37.48 46.27 -34.27
CA SER J 49 36.25 46.62 -33.56
C SER J 49 35.00 46.50 -34.42
N SER J 50 35.12 46.58 -35.74
CA SER J 50 33.96 46.67 -36.61
C SER J 50 33.47 45.33 -37.14
N THR J 51 34.11 44.22 -36.78
CA THR J 51 33.72 42.92 -37.30
C THR J 51 32.43 42.45 -36.65
N GLU J 52 31.52 41.94 -37.47
CA GLU J 52 30.23 41.46 -37.02
C GLU J 52 30.16 39.94 -37.14
N TYR J 53 29.76 39.28 -36.07
CA TYR J 53 29.69 37.82 -36.03
C TYR J 53 28.24 37.38 -36.14
N THR J 54 27.96 36.51 -37.10
CA THR J 54 26.60 36.13 -37.44
C THR J 54 26.22 34.80 -36.79
N THR J 55 24.95 34.71 -36.37
CA THR J 55 24.36 33.58 -35.68
C THR J 55 24.15 32.42 -36.65
N PRO J 56 24.61 31.21 -36.33
CA PRO J 56 24.32 30.06 -37.18
C PRO J 56 22.84 29.67 -37.13
N TRP J 57 22.40 28.97 -38.17
CA TRP J 57 21.00 28.58 -38.29
C TRP J 57 20.57 27.55 -37.24
N GLN J 58 21.50 26.93 -36.53
CA GLN J 58 21.20 25.90 -35.55
C GLN J 58 21.73 26.33 -34.18
N ALA J 59 21.45 25.51 -33.16
CA ALA J 59 21.94 25.79 -31.81
C ALA J 59 22.37 24.51 -31.09
N VAL J 60 22.90 23.52 -31.83
CA VAL J 60 23.27 22.26 -31.22
C VAL J 60 24.76 22.17 -30.88
N GLY J 61 25.62 22.87 -31.63
CA GLY J 61 27.05 22.80 -31.35
C GLY J 61 27.44 23.41 -30.02
N ALA J 62 26.84 24.56 -29.68
CA ALA J 62 27.24 25.28 -28.47
C ALA J 62 26.97 24.47 -27.21
N ARG J 63 25.79 23.84 -27.12
CA ARG J 63 25.46 23.03 -25.95
C ARG J 63 26.46 21.91 -25.75
N CYS J 64 26.76 21.18 -26.82
CA CYS J 64 27.68 20.05 -26.73
C CYS J 64 29.08 20.50 -26.32
N LEU J 65 29.57 21.58 -26.94
CA LEU J 65 30.92 22.04 -26.63
C LEU J 65 31.02 22.47 -25.18
N ASN J 66 30.05 23.25 -24.69
CA ASN J 66 30.08 23.71 -23.31
C ASN J 66 29.98 22.54 -22.33
N ASN J 67 29.10 21.58 -22.61
CA ASN J 67 28.93 20.44 -21.72
C ASN J 67 30.21 19.63 -21.62
N LEU J 68 30.85 19.33 -22.76
CA LEU J 68 32.08 18.55 -22.71
C LEU J 68 33.19 19.31 -22.00
N ALA J 69 33.31 20.61 -22.27
CA ALA J 69 34.36 21.39 -21.60
C ALA J 69 34.16 21.39 -20.09
N ALA J 70 32.91 21.44 -19.64
CA ALA J 70 32.66 21.41 -18.20
C ALA J 70 33.02 20.05 -17.60
N LYS J 71 32.55 18.96 -18.21
CA LYS J 71 32.75 17.64 -17.61
C LYS J 71 34.22 17.26 -17.59
N LEU J 72 34.96 17.57 -18.66
CA LEU J 72 36.38 17.20 -18.71
C LEU J 72 37.15 17.81 -17.56
N MET J 73 36.92 19.10 -17.27
CA MET J 73 37.65 19.74 -16.18
C MET J 73 37.13 19.33 -14.82
N LEU J 74 35.83 19.01 -14.70
CA LEU J 74 35.35 18.47 -13.43
C LEU J 74 36.03 17.16 -13.10
N ALA J 75 36.30 16.34 -14.12
CA ALA J 75 36.97 15.05 -13.88
C ALA J 75 38.48 15.18 -13.71
N LEU J 76 39.13 16.07 -14.49
CA LEU J 76 40.58 16.13 -14.48
C LEU J 76 41.15 16.78 -13.23
N PHE J 77 40.53 17.88 -12.76
CA PHE J 77 41.05 18.69 -11.67
C PHE J 77 40.03 18.74 -10.54
N PRO J 78 40.07 17.78 -9.62
CA PRO J 78 39.12 17.78 -8.49
C PRO J 78 39.59 18.73 -7.40
N GLN J 79 38.77 18.84 -6.35
CA GLN J 79 39.09 19.69 -5.21
C GLN J 79 40.16 19.09 -4.31
N SER J 80 40.11 17.80 -4.05
CA SER J 80 41.13 17.11 -3.27
C SER J 80 42.40 16.93 -4.09
N PRO J 81 43.54 16.71 -3.44
CA PRO J 81 44.80 16.62 -4.17
C PRO J 81 44.82 15.48 -5.20
N TRP J 82 45.55 15.72 -6.28
CA TRP J 82 45.78 14.71 -7.31
C TRP J 82 47.25 14.34 -7.47
N MET J 83 47.95 14.12 -6.36
CA MET J 83 49.32 13.64 -6.40
C MET J 83 49.57 12.81 -5.14
N ARG J 84 50.64 12.01 -5.16
CA ARG J 84 50.92 11.09 -4.05
C ARG J 84 52.30 11.22 -3.45
N LEU J 85 53.34 11.45 -4.25
CA LEU J 85 54.72 11.54 -3.75
C LEU J 85 55.06 10.34 -2.87
N THR J 86 55.06 9.17 -3.49
CA THR J 86 55.30 7.91 -2.79
C THR J 86 56.79 7.65 -2.57
N VAL J 87 57.07 6.72 -1.67
CA VAL J 87 58.41 6.22 -1.43
C VAL J 87 58.35 4.70 -1.44
N SER J 88 59.47 4.06 -1.76
CA SER J 88 59.49 2.61 -1.90
C SER J 88 59.27 1.95 -0.54
N GLU J 89 58.91 0.67 -0.58
CA GLU J 89 58.56 -0.09 0.62
C GLU J 89 59.67 -0.99 1.11
N TYR J 90 60.31 -1.75 0.21
CA TYR J 90 61.38 -2.65 0.62
C TYR J 90 62.55 -1.89 1.22
N GLU J 91 62.97 -0.80 0.56
CA GLU J 91 64.10 -0.03 1.06
C GLU J 91 63.80 0.66 2.38
N ALA J 92 62.57 1.16 2.56
CA ALA J 92 62.19 1.71 3.86
C ALA J 92 62.15 0.64 4.93
N LYS J 93 61.72 -0.57 4.58
CA LYS J 93 61.66 -1.66 5.54
C LYS J 93 63.05 -2.10 5.99
N THR J 94 64.02 -2.15 5.06
CA THR J 94 65.35 -2.59 5.42
C THR J 94 66.08 -1.63 6.35
N LEU J 95 65.68 -0.36 6.38
CA LEU J 95 66.38 0.64 7.17
C LEU J 95 65.70 0.92 8.52
N SER J 96 64.42 0.61 8.64
CA SER J 96 63.68 0.93 9.86
C SER J 96 64.05 -0.02 10.99
N GLN J 97 63.77 0.43 12.22
CA GLN J 97 64.00 -0.36 13.42
C GLN J 97 62.78 -0.39 14.34
N ASP J 98 61.62 0.03 13.85
CA ASP J 98 60.43 0.12 14.70
C ASP J 98 59.20 0.04 13.80
N SER J 99 58.06 -0.26 14.43
CA SER J 99 56.80 -0.42 13.72
C SER J 99 56.06 0.89 13.52
N GLU J 100 56.70 2.03 13.78
CA GLU J 100 56.11 3.35 13.63
C GLU J 100 57.01 4.26 12.81
N ALA J 101 57.54 3.75 11.70
CA ALA J 101 58.40 4.53 10.83
C ALA J 101 57.74 4.88 9.50
N ALA J 102 57.09 3.91 8.85
CA ALA J 102 56.39 4.19 7.61
C ALA J 102 55.25 5.19 7.83
N ALA J 103 54.56 5.07 8.96
CA ALA J 103 53.49 6.02 9.27
C ALA J 103 54.04 7.44 9.41
N ARG J 104 55.17 7.59 10.10
CA ARG J 104 55.76 8.92 10.26
C ARG J 104 56.23 9.48 8.92
N VAL J 105 56.81 8.64 8.06
CA VAL J 105 57.25 9.12 6.75
C VAL J 105 56.07 9.57 5.90
N ASP J 106 54.97 8.80 5.92
CA ASP J 106 53.78 9.18 5.17
C ASP J 106 53.19 10.48 5.72
N GLU J 107 53.18 10.63 7.05
CA GLU J 107 52.68 11.85 7.67
C GLU J 107 53.51 13.05 7.24
N GLY J 108 54.84 12.89 7.19
CA GLY J 108 55.68 13.96 6.68
C GLY J 108 55.46 14.25 5.21
N LEU J 109 55.13 13.22 4.42
CA LEU J 109 54.98 13.42 2.98
C LEU J 109 53.68 14.13 2.62
N ALA J 110 52.61 13.93 3.39
CA ALA J 110 51.34 14.56 3.03
C ALA J 110 51.39 16.08 3.11
N MET J 111 52.25 16.63 3.97
CA MET J 111 52.33 18.08 4.12
C MET J 111 52.75 18.75 2.81
N VAL J 112 53.68 18.15 2.08
CA VAL J 112 54.15 18.73 0.83
C VAL J 112 53.02 18.77 -0.18
N GLU J 113 52.18 17.73 -0.24
CA GLU J 113 51.02 17.77 -1.12
C GLU J 113 50.10 18.92 -0.76
N ARG J 114 49.86 19.11 0.54
CA ARG J 114 49.00 20.22 0.95
C ARG J 114 49.59 21.57 0.53
N VAL J 115 50.90 21.73 0.68
CA VAL J 115 51.55 22.99 0.30
C VAL J 115 51.42 23.25 -1.20
N LEU J 116 51.65 22.22 -2.02
CA LEU J 116 51.49 22.37 -3.46
C LEU J 116 50.06 22.71 -3.83
N MET J 117 49.07 22.13 -3.14
CA MET J 117 47.69 22.50 -3.40
C MET J 117 47.43 23.97 -3.06
N ALA J 118 47.95 24.44 -1.92
CA ALA J 118 47.69 25.82 -1.52
C ALA J 118 48.31 26.83 -2.49
N TYR J 119 49.53 26.54 -2.97
CA TYR J 119 50.23 27.50 -3.81
C TYR J 119 49.48 27.78 -5.10
N MET J 120 48.79 26.78 -5.65
CA MET J 120 48.05 26.99 -6.90
C MET J 120 46.76 27.76 -6.71
N GLU J 121 46.13 27.67 -5.54
CA GLU J 121 44.95 28.47 -5.26
C GLU J 121 45.30 29.91 -4.94
N THR J 122 46.44 30.16 -4.31
CA THR J 122 46.83 31.53 -4.03
C THR J 122 47.00 32.36 -5.30
N ASN J 123 47.65 31.80 -6.31
CA ASN J 123 48.08 32.54 -7.49
C ASN J 123 47.10 32.44 -8.66
N SER J 124 45.93 31.87 -8.45
CA SER J 124 44.87 31.81 -9.47
C SER J 124 45.34 31.07 -10.72
N PHE J 125 45.63 29.78 -10.55
CA PHE J 125 46.00 28.91 -11.65
C PHE J 125 44.80 28.33 -12.38
N ARG J 126 43.58 28.64 -11.93
CA ARG J 126 42.40 27.94 -12.42
C ARG J 126 41.71 28.63 -13.59
N VAL J 127 41.80 29.95 -13.70
CA VAL J 127 41.20 30.66 -14.82
C VAL J 127 41.87 30.29 -16.14
N PRO J 128 43.21 30.28 -16.25
CA PRO J 128 43.82 29.89 -17.53
C PRO J 128 43.48 28.48 -17.97
N LEU J 129 43.32 27.54 -17.03
CA LEU J 129 43.10 26.16 -17.40
C LEU J 129 41.77 25.95 -18.10
N PHE J 130 40.73 26.66 -17.67
CA PHE J 130 39.43 26.53 -18.32
C PHE J 130 39.47 27.05 -19.74
N GLU J 131 40.18 28.15 -19.98
CA GLU J 131 40.34 28.65 -21.35
C GLU J 131 41.17 27.70 -22.18
N ALA J 132 42.22 27.09 -21.59
CA ALA J 132 43.04 26.15 -22.34
C ALA J 132 42.26 24.91 -22.74
N LEU J 133 41.41 24.39 -21.85
CA LEU J 133 40.67 23.18 -22.14
C LEU J 133 39.63 23.37 -23.24
N LYS J 134 39.26 24.61 -23.55
CA LYS J 134 38.31 24.86 -24.62
C LYS J 134 38.97 25.12 -25.96
N GLN J 135 40.22 25.60 -25.97
CA GLN J 135 40.95 25.74 -27.23
C GLN J 135 41.39 24.39 -27.77
N LEU J 136 41.56 23.40 -26.89
CA LEU J 136 41.96 22.07 -27.32
C LEU J 136 40.87 21.37 -28.12
N ILE J 137 39.59 21.66 -27.83
CA ILE J 137 38.51 21.00 -28.54
C ILE J 137 38.24 21.62 -29.90
N VAL J 138 38.57 22.89 -30.10
CA VAL J 138 38.33 23.56 -31.37
C VAL J 138 39.53 23.37 -32.29
N SER J 139 40.71 23.85 -31.86
CA SER J 139 41.93 23.75 -32.66
C SER J 139 42.75 22.52 -32.30
N GLY J 140 43.15 22.41 -31.04
CA GLY J 140 43.92 21.26 -30.59
C GLY J 140 45.31 21.60 -30.13
N ASN J 141 45.57 22.88 -29.86
CA ASN J 141 46.91 23.34 -29.53
C ASN J 141 46.83 24.50 -28.55
N CYS J 142 47.80 24.56 -27.64
CA CYS J 142 47.96 25.69 -26.72
C CYS J 142 49.32 25.58 -26.06
N LEU J 143 49.75 26.68 -25.43
CA LEU J 143 51.03 26.75 -24.74
C LEU J 143 50.82 27.31 -23.35
N LEU J 144 51.67 26.90 -22.41
CA LEU J 144 51.57 27.35 -21.02
C LEU J 144 52.94 27.75 -20.51
N TYR J 145 52.98 28.83 -19.73
CA TYR J 145 54.22 29.35 -19.16
C TYR J 145 54.05 29.55 -17.66
N ILE J 146 55.02 29.09 -16.89
CA ILE J 146 55.00 29.17 -15.43
C ILE J 146 56.16 30.04 -14.97
N PRO J 147 55.90 31.30 -14.61
CA PRO J 147 56.99 32.17 -14.17
C PRO J 147 57.62 31.70 -12.87
N GLU J 148 58.78 32.28 -12.57
CA GLU J 148 59.67 31.82 -11.51
C GLU J 148 59.20 32.35 -10.16
N PRO J 149 58.94 31.48 -9.19
CA PRO J 149 58.37 31.93 -7.92
C PRO J 149 59.35 32.72 -7.08
N GLU J 150 58.80 33.54 -6.20
CA GLU J 150 59.58 34.31 -5.23
C GLU J 150 58.70 34.53 -4.00
N GLN J 151 59.21 35.32 -3.05
CA GLN J 151 58.63 35.32 -1.70
C GLN J 151 57.16 35.71 -1.68
N GLY J 152 56.82 36.96 -1.97
CA GLY J 152 55.42 37.27 -2.19
C GLY J 152 55.10 38.41 -3.13
N THR J 153 54.40 38.07 -4.23
CA THR J 153 53.70 38.97 -5.13
C THR J 153 52.66 38.16 -5.87
N TYR J 154 52.05 38.77 -6.87
CA TYR J 154 51.11 38.09 -7.76
C TYR J 154 51.85 37.69 -9.03
N SER J 155 52.00 36.38 -9.26
CA SER J 155 52.69 35.85 -10.44
C SER J 155 51.82 34.79 -11.08
N PRO J 156 50.81 35.19 -11.85
CA PRO J 156 49.89 34.21 -12.42
C PRO J 156 50.48 33.50 -13.63
N MET J 157 49.73 32.51 -14.12
CA MET J 157 50.10 31.71 -15.28
C MET J 157 49.46 32.27 -16.54
N ARG J 158 50.15 32.13 -17.66
CA ARG J 158 49.70 32.68 -18.93
C ARG J 158 49.30 31.57 -19.89
N MET J 159 48.90 31.97 -21.11
CA MET J 159 48.49 31.05 -22.15
C MET J 159 48.64 31.75 -23.50
N TYR J 160 49.01 30.98 -24.52
CA TYR J 160 49.19 31.48 -25.86
C TYR J 160 48.29 30.70 -26.81
N ARG J 161 47.71 31.39 -27.79
CA ARG J 161 46.93 30.72 -28.81
C ARG J 161 47.86 30.18 -29.90
N LEU J 162 47.27 29.55 -30.92
CA LEU J 162 48.07 28.95 -31.98
C LEU J 162 48.72 30.00 -32.89
N VAL J 163 48.27 31.24 -32.85
CA VAL J 163 48.71 32.24 -33.80
C VAL J 163 49.84 33.08 -33.20
N SER J 164 50.51 32.56 -32.17
CA SER J 164 51.53 33.36 -31.50
C SER J 164 52.80 32.59 -31.13
N TYR J 165 52.98 31.35 -31.57
CA TYR J 165 54.21 30.63 -31.24
C TYR J 165 54.52 29.61 -32.33
N VAL J 166 55.74 29.08 -32.28
CA VAL J 166 56.27 28.19 -33.30
C VAL J 166 57.11 27.10 -32.62
N VAL J 167 56.96 25.86 -33.08
CA VAL J 167 57.72 24.72 -32.53
C VAL J 167 58.17 23.82 -33.67
N GLN J 168 59.29 23.12 -33.45
CA GLN J 168 59.82 22.14 -34.40
C GLN J 168 60.14 20.85 -33.66
N ARG J 169 59.70 19.72 -34.21
CA ARG J 169 59.86 18.42 -33.59
C ARG J 169 60.56 17.45 -34.53
N ASP J 170 61.17 16.43 -33.93
CA ASP J 170 61.78 15.34 -34.67
C ASP J 170 60.71 14.34 -35.11
N ALA J 171 61.08 13.41 -35.99
CA ALA J 171 60.17 12.35 -36.41
C ALA J 171 59.95 11.31 -35.31
N PHE J 172 60.87 11.22 -34.35
CA PHE J 172 60.69 10.33 -33.21
C PHE J 172 59.69 10.89 -32.22
N GLY J 173 59.64 12.21 -32.07
CA GLY J 173 58.72 12.86 -31.14
C GLY J 173 59.41 13.72 -30.10
N ASN J 174 60.61 14.21 -30.40
CA ASN J 174 61.35 15.07 -29.50
C ASN J 174 61.11 16.54 -29.85
N ILE J 175 61.37 17.41 -28.87
CA ILE J 175 61.22 18.85 -29.04
C ILE J 175 62.61 19.46 -29.12
N LEU J 176 62.84 20.27 -30.15
CA LEU J 176 64.16 20.83 -30.41
C LEU J 176 64.24 22.34 -30.27
N GLN J 177 63.14 23.08 -30.47
CA GLN J 177 63.25 24.52 -30.65
C GLN J 177 61.89 25.22 -30.57
N ILE J 178 61.80 26.31 -29.79
CA ILE J 178 60.57 27.07 -29.62
C ILE J 178 60.87 28.56 -29.70
N VAL J 179 59.95 29.33 -30.29
CA VAL J 179 60.05 30.78 -30.38
C VAL J 179 58.67 31.40 -30.15
N THR J 180 58.61 32.52 -29.42
CA THR J 180 57.36 33.19 -29.11
C THR J 180 57.43 34.67 -29.48
N LEU J 181 56.29 35.36 -29.37
CA LEU J 181 56.15 36.76 -29.75
C LEU J 181 55.24 37.50 -28.78
N ASP J 182 55.65 38.72 -28.40
CA ASP J 182 54.86 39.58 -27.53
C ASP J 182 54.89 41.01 -28.07
N LYS J 183 53.88 41.79 -27.71
CA LYS J 183 53.76 43.18 -28.13
C LYS J 183 53.42 44.05 -26.94
N VAL J 184 54.33 44.97 -26.59
CA VAL J 184 54.17 45.84 -25.43
C VAL J 184 54.45 47.28 -25.84
N ALA J 185 53.89 48.21 -25.06
CA ALA J 185 54.12 49.63 -25.27
C ALA J 185 55.42 50.05 -24.59
N PHE J 186 55.86 51.28 -24.90
CA PHE J 186 57.14 51.76 -24.40
C PHE J 186 57.10 52.09 -22.92
N SER J 187 55.95 52.46 -22.38
CA SER J 187 55.84 52.84 -20.97
C SER J 187 55.61 51.65 -20.05
N ALA J 188 55.29 50.48 -20.58
CA ALA J 188 55.06 49.29 -19.78
C ALA J 188 56.32 48.46 -19.60
N LEU J 189 57.43 48.87 -20.19
CA LEU J 189 58.67 48.11 -20.11
C LEU J 189 59.34 48.31 -18.75
N PRO J 190 60.10 47.33 -18.28
CA PRO J 190 60.94 47.54 -17.10
C PRO J 190 62.00 48.59 -17.38
N GLU J 191 62.38 49.33 -16.34
CA GLU J 191 63.23 50.50 -16.53
C GLU J 191 64.65 50.10 -16.96
N ASP J 192 65.12 48.92 -16.56
CA ASP J 192 66.45 48.49 -16.99
C ASP J 192 66.52 48.28 -18.49
N VAL J 193 65.47 47.67 -19.06
CA VAL J 193 65.42 47.52 -20.51
C VAL J 193 65.28 48.89 -21.18
N LYS J 194 64.54 49.81 -20.55
CA LYS J 194 64.43 51.16 -21.08
C LYS J 194 65.77 51.89 -21.06
N SER J 195 66.66 51.50 -20.15
CA SER J 195 67.95 52.17 -20.05
C SER J 195 68.81 51.98 -21.29
N GLN J 196 68.62 50.85 -22.00
CA GLN J 196 69.45 50.52 -23.15
C GLN J 196 68.90 51.05 -24.46
N LEU J 197 67.79 51.80 -24.43
CA LEU J 197 67.23 52.43 -25.61
C LEU J 197 67.08 53.92 -25.36
N ASN J 198 67.49 54.72 -26.35
CA ASN J 198 67.35 56.16 -26.22
C ASN J 198 65.88 56.58 -26.27
N ALA J 199 65.52 57.49 -25.38
CA ALA J 199 64.12 57.87 -25.23
C ALA J 199 63.64 58.78 -26.36
N ASP J 200 64.55 59.54 -26.98
CA ASP J 200 64.13 60.54 -27.96
C ASP J 200 63.47 59.90 -29.17
N ASP J 201 63.98 58.75 -29.61
CA ASP J 201 63.43 58.10 -30.79
C ASP J 201 61.98 57.69 -30.58
N TYR J 202 61.67 57.15 -29.41
CA TYR J 202 60.36 56.59 -29.14
C TYR J 202 59.46 57.61 -28.45
N GLU J 203 58.19 57.26 -28.33
CA GLU J 203 57.16 58.09 -27.74
C GLU J 203 56.30 57.21 -26.84
N PRO J 204 55.70 57.77 -25.80
CA PRO J 204 54.73 56.98 -25.03
C PRO J 204 53.62 56.48 -25.93
N ASP J 205 53.20 55.24 -25.69
CA ASP J 205 52.23 54.54 -26.53
C ASP J 205 52.80 54.24 -27.92
N THR J 206 54.01 53.69 -27.97
CA THR J 206 54.61 53.17 -29.18
C THR J 206 55.00 51.72 -28.95
N GLU J 207 54.57 50.83 -29.84
CA GLU J 207 54.69 49.40 -29.60
C GLU J 207 56.03 48.86 -30.08
N LEU J 208 56.63 48.00 -29.26
CA LEU J 208 57.83 47.27 -29.60
C LEU J 208 57.50 45.79 -29.70
N GLU J 209 58.46 45.01 -30.24
CA GLU J 209 58.28 43.58 -30.43
C GLU J 209 59.42 42.84 -29.76
N VAL J 210 59.08 41.82 -28.98
CA VAL J 210 60.04 41.08 -28.16
C VAL J 210 59.99 39.61 -28.55
N TYR J 211 61.17 39.00 -28.65
CA TYR J 211 61.31 37.61 -29.09
C TYR J 211 62.07 36.80 -28.05
N THR J 212 61.70 35.52 -27.95
CA THR J 212 62.36 34.58 -27.04
C THR J 212 62.71 33.31 -27.80
N HIS J 213 63.88 32.76 -27.52
CA HIS J 213 64.41 31.61 -28.27
C HIS J 213 64.94 30.58 -27.29
N ILE J 214 64.42 29.36 -27.38
CA ILE J 214 64.88 28.24 -26.55
C ILE J 214 65.30 27.10 -27.47
N TYR J 215 66.54 26.63 -27.30
CA TYR J 215 67.08 25.59 -28.17
C TYR J 215 67.95 24.64 -27.36
N ARG J 216 68.17 23.46 -27.93
CA ARG J 216 68.85 22.36 -27.24
C ARG J 216 70.31 22.28 -27.65
N GLN J 217 71.19 22.14 -26.67
CA GLN J 217 72.62 22.04 -26.95
C GLN J 217 73.28 21.20 -25.87
N ASP J 218 73.67 19.97 -26.21
CA ASP J 218 74.49 19.10 -25.38
C ASP J 218 73.81 18.79 -24.04
N ASP J 219 72.62 18.20 -24.14
CA ASP J 219 71.88 17.69 -22.98
C ASP J 219 71.56 18.81 -21.99
N GLU J 220 70.92 19.86 -22.51
CA GLU J 220 70.40 20.96 -21.70
C GLU J 220 69.63 21.91 -22.59
N TYR J 221 69.06 22.96 -22.01
CA TYR J 221 68.31 23.96 -22.76
C TYR J 221 68.89 25.34 -22.48
N LEU J 222 68.86 26.20 -23.49
CA LEU J 222 69.39 27.56 -23.39
C LEU J 222 68.34 28.56 -23.87
N ARG J 223 68.49 29.81 -23.44
CA ARG J 223 67.51 30.84 -23.79
C ARG J 223 68.15 32.21 -23.79
N TYR J 224 67.51 33.14 -24.50
CA TYR J 224 67.87 34.55 -24.48
C TYR J 224 66.69 35.36 -24.98
N GLU J 225 66.85 36.68 -25.03
CA GLU J 225 65.77 37.59 -25.42
C GLU J 225 66.31 38.67 -26.34
N GLU J 226 65.53 39.04 -27.35
CA GLU J 226 65.98 39.95 -28.40
C GLU J 226 64.92 41.00 -28.68
N VAL J 227 65.34 42.25 -28.81
CA VAL J 227 64.46 43.35 -29.21
C VAL J 227 65.20 44.20 -30.23
N GLU J 228 64.48 44.63 -31.27
CA GLU J 228 65.00 45.51 -32.30
C GLU J 228 66.22 44.95 -33.03
N GLY J 229 66.40 43.63 -33.00
CA GLY J 229 67.53 42.99 -33.65
C GLY J 229 68.75 42.82 -32.77
N ILE J 230 68.75 43.35 -31.56
CA ILE J 230 69.87 43.21 -30.64
C ILE J 230 69.40 42.43 -29.42
N GLU J 231 70.37 41.90 -28.67
CA GLU J 231 70.10 41.02 -27.54
C GLU J 231 70.14 41.82 -26.24
N VAL J 232 69.11 41.63 -25.41
CA VAL J 232 69.02 42.32 -24.13
C VAL J 232 69.93 41.61 -23.12
N ALA J 233 70.83 42.37 -22.51
CA ALA J 233 71.72 41.79 -21.51
C ALA J 233 70.96 41.51 -20.22
N GLY J 234 71.28 40.39 -19.58
CA GLY J 234 70.65 40.00 -18.34
C GLY J 234 69.50 39.02 -18.46
N THR J 235 69.23 38.49 -19.65
CA THR J 235 68.15 37.54 -19.86
C THR J 235 68.65 36.13 -20.13
N GLU J 236 69.95 35.88 -20.02
CA GLU J 236 70.49 34.56 -20.28
C GLU J 236 70.09 33.59 -19.18
N GLY J 237 70.13 32.30 -19.50
CA GLY J 237 69.79 31.27 -18.52
C GLY J 237 69.86 29.90 -19.17
N SER J 238 69.58 28.89 -18.34
CA SER J 238 69.57 27.51 -18.79
C SER J 238 68.58 26.71 -17.95
N TYR J 239 68.09 25.62 -18.52
CA TYR J 239 67.15 24.75 -17.85
C TYR J 239 67.60 23.30 -17.98
N PRO J 240 67.21 22.45 -17.04
CA PRO J 240 67.49 21.01 -17.19
C PRO J 240 66.71 20.42 -18.36
N LEU J 241 67.01 19.17 -18.66
CA LEU J 241 66.34 18.51 -19.78
C LEU J 241 64.92 18.06 -19.43
N THR J 242 64.53 18.11 -18.16
CA THR J 242 63.23 17.62 -17.73
C THR J 242 62.41 18.65 -16.97
N ALA J 243 62.82 19.92 -16.95
CA ALA J 243 62.14 20.97 -16.20
C ALA J 243 62.04 22.24 -17.03
N CYS J 244 61.67 22.11 -18.29
CA CYS J 244 61.44 23.28 -19.12
C CYS J 244 60.06 23.84 -18.83
N PRO J 245 59.93 25.11 -18.47
CA PRO J 245 58.61 25.64 -18.07
C PRO J 245 57.71 26.04 -19.22
N TYR J 246 57.99 25.59 -20.44
CA TYR J 246 57.10 25.78 -21.58
C TYR J 246 56.54 24.41 -21.99
N ILE J 247 55.23 24.30 -22.07
CA ILE J 247 54.58 23.00 -22.23
C ILE J 247 53.62 23.01 -23.43
N PRO J 248 54.06 22.58 -24.63
CA PRO J 248 53.11 22.43 -25.73
C PRO J 248 52.21 21.22 -25.50
N VAL J 249 50.92 21.39 -25.79
CA VAL J 249 49.91 20.38 -25.50
C VAL J 249 49.19 20.00 -26.78
N ARG J 250 49.00 18.70 -27.00
CA ARG J 250 48.26 18.17 -28.13
C ARG J 250 47.16 17.26 -27.63
N MET J 251 46.06 17.18 -28.40
CA MET J 251 44.97 16.28 -28.05
C MET J 251 45.08 14.94 -28.76
N VAL J 252 45.10 14.94 -30.09
CA VAL J 252 45.20 13.72 -30.89
C VAL J 252 46.57 13.72 -31.55
N ARG J 253 47.34 12.67 -31.32
CA ARG J 253 48.72 12.57 -31.77
C ARG J 253 48.83 11.57 -32.90
N LEU J 254 49.36 12.00 -34.04
CA LEU J 254 49.67 11.12 -35.15
C LEU J 254 51.18 10.87 -35.18
N ASP J 255 51.64 10.19 -36.23
CA ASP J 255 53.03 9.79 -36.35
C ASP J 255 53.73 10.69 -37.35
N GLY J 256 54.75 11.40 -36.88
CA GLY J 256 55.59 12.20 -37.75
C GLY J 256 55.09 13.59 -38.06
N GLU J 257 54.19 14.14 -37.26
CA GLU J 257 53.66 15.47 -37.49
C GLU J 257 53.91 16.37 -36.30
N ASP J 258 54.06 17.67 -36.58
CA ASP J 258 54.03 18.68 -35.53
C ASP J 258 52.59 19.01 -35.19
N TYR J 259 52.39 19.59 -34.01
CA TYR J 259 51.06 20.00 -33.56
C TYR J 259 50.10 18.81 -33.52
N GLY J 260 48.81 19.05 -33.31
CA GLY J 260 47.85 17.99 -33.16
C GLY J 260 46.54 18.30 -33.84
N ARG J 261 45.68 17.30 -33.89
CA ARG J 261 44.37 17.41 -34.50
C ARG J 261 43.30 17.48 -33.41
N SER J 262 42.15 18.04 -33.77
CA SER J 262 41.09 18.32 -32.81
C SER J 262 40.12 17.14 -32.70
N TYR J 263 39.15 17.27 -31.81
CA TYR J 263 38.13 16.26 -31.61
C TYR J 263 36.84 16.53 -32.38
N CYS J 264 36.50 17.80 -32.58
CA CYS J 264 35.31 18.17 -33.34
C CYS J 264 35.48 17.93 -34.83
N GLU J 265 36.69 17.60 -35.29
CA GLU J 265 36.96 17.42 -36.71
C GLU J 265 36.34 16.15 -37.27
N GLU J 266 35.98 15.19 -36.42
CA GLU J 266 35.44 13.92 -36.89
C GLU J 266 33.96 13.98 -37.21
N TYR J 267 33.28 15.10 -36.91
CA TYR J 267 31.83 15.19 -37.06
C TYR J 267 31.43 16.45 -37.82
N LEU J 268 32.19 16.83 -38.84
CA LEU J 268 31.86 18.04 -39.57
C LEU J 268 30.69 17.83 -40.53
N GLY J 269 30.63 16.65 -41.17
CA GLY J 269 29.59 16.42 -42.16
C GLY J 269 28.19 16.42 -41.56
N ASP J 270 28.05 15.86 -40.36
CA ASP J 270 26.74 15.83 -39.73
C ASP J 270 26.25 17.22 -39.39
N LEU J 271 27.14 18.07 -38.86
CA LEU J 271 26.74 19.45 -38.56
C LEU J 271 26.37 20.20 -39.83
N ASN J 272 27.13 20.00 -40.90
CA ASN J 272 26.82 20.67 -42.16
C ASN J 272 25.46 20.25 -42.69
N SER J 273 25.18 18.94 -42.69
CA SER J 273 23.88 18.46 -43.15
C SER J 273 22.74 18.98 -42.30
N LEU J 274 22.93 19.00 -40.98
CA LEU J 274 21.88 19.52 -40.11
C LEU J 274 21.59 20.98 -40.40
N GLU J 275 22.63 21.79 -40.60
CA GLU J 275 22.43 23.19 -40.90
C GLU J 275 21.66 23.38 -42.20
N THR J 276 22.05 22.66 -43.26
CA THR J 276 21.37 22.82 -44.53
C THR J 276 19.90 22.39 -44.45
N ILE J 277 19.60 21.32 -43.71
CA ILE J 277 18.21 20.92 -43.58
C ILE J 277 17.41 21.92 -42.75
N THR J 278 18.00 22.45 -41.68
CA THR J 278 17.26 23.36 -40.80
C THR J 278 16.96 24.69 -41.47
N GLU J 279 17.86 25.18 -42.34
CA GLU J 279 17.62 26.46 -42.98
C GLU J 279 16.33 26.44 -43.80
N ALA J 280 16.10 25.38 -44.56
CA ALA J 280 14.91 25.31 -45.41
C ALA J 280 13.63 25.28 -44.60
N ILE J 281 13.62 24.51 -43.50
CA ILE J 281 12.43 24.47 -42.66
C ILE J 281 12.15 25.83 -42.05
N THR J 282 13.19 26.53 -41.58
CA THR J 282 12.96 27.86 -41.04
C THR J 282 12.45 28.82 -42.10
N LYS J 283 12.99 28.76 -43.32
CA LYS J 283 12.58 29.69 -44.36
C LYS J 283 11.20 29.39 -44.91
N MET J 284 10.72 28.16 -44.82
CA MET J 284 9.37 27.83 -45.29
C MET J 284 8.28 28.28 -44.34
N ALA J 285 8.63 28.87 -43.20
CA ALA J 285 7.64 29.39 -42.26
C ALA J 285 7.43 30.89 -42.38
N LYS J 286 8.39 31.62 -42.95
CA LYS J 286 8.24 33.05 -43.19
C LYS J 286 7.51 33.35 -44.49
N VAL J 287 7.26 32.35 -45.32
CA VAL J 287 6.54 32.52 -46.58
C VAL J 287 5.07 32.22 -46.34
N ALA J 288 4.78 31.33 -45.38
CA ALA J 288 3.42 30.92 -45.08
C ALA J 288 2.74 31.84 -44.07
N SER J 289 3.20 33.08 -43.94
CA SER J 289 2.57 34.05 -43.06
C SER J 289 2.35 35.38 -43.78
N LYS J 290 2.15 35.33 -45.09
CA LYS J 290 1.82 36.50 -45.90
C LYS J 290 0.44 36.31 -46.50
N VAL J 291 -0.42 37.31 -46.35
CA VAL J 291 -1.83 37.21 -46.71
C VAL J 291 -2.03 37.80 -48.09
N VAL J 292 -2.63 37.02 -48.99
CA VAL J 292 -2.96 37.50 -50.33
C VAL J 292 -4.33 36.93 -50.71
N GLY J 293 -5.30 37.80 -50.94
CA GLY J 293 -6.62 37.36 -51.32
C GLY J 293 -6.79 37.31 -52.83
N LEU J 294 -7.56 36.34 -53.30
CA LEU J 294 -7.76 36.11 -54.72
C LEU J 294 -9.24 36.22 -55.05
N VAL J 295 -9.57 37.07 -56.02
CA VAL J 295 -10.96 37.34 -56.40
C VAL J 295 -11.18 36.86 -57.83
N ASN J 296 -12.32 36.21 -58.06
CA ASN J 296 -12.61 35.63 -59.37
C ASN J 296 -13.13 36.71 -60.31
N PRO J 297 -12.48 36.95 -61.45
CA PRO J 297 -12.90 38.03 -62.34
C PRO J 297 -14.13 37.73 -63.18
N ARG J 305 -16.50 47.60 -52.24
CA ARG J 305 -17.61 47.61 -51.26
C ARG J 305 -17.18 46.94 -49.94
N LEU J 306 -16.29 45.95 -50.00
CA LEU J 306 -15.85 45.20 -48.80
C LEU J 306 -14.77 45.98 -48.06
N ASN J 307 -14.17 46.98 -48.70
CA ASN J 307 -13.05 47.74 -48.09
C ASN J 307 -13.58 49.01 -47.44
N LYS J 308 -14.76 49.49 -47.82
CA LYS J 308 -15.27 50.79 -47.30
C LYS J 308 -16.49 50.58 -46.40
N ALA J 309 -16.81 49.34 -46.05
CA ALA J 309 -17.92 49.03 -45.14
C ALA J 309 -17.48 49.33 -43.70
N ALA J 310 -18.38 49.19 -42.74
CA ALA J 310 -18.05 49.45 -41.33
C ALA J 310 -18.01 48.13 -40.55
N THR J 311 -18.08 48.18 -39.23
CA THR J 311 -17.88 47.00 -38.38
C THR J 311 -19.04 46.03 -38.48
N GLY J 312 -20.26 46.52 -38.62
CA GLY J 312 -21.38 45.64 -38.90
C GLY J 312 -22.31 46.19 -39.95
N GLU J 313 -22.42 45.51 -41.10
CA GLU J 313 -23.20 46.02 -42.22
C GLU J 313 -23.61 44.87 -43.11
N PHE J 314 -24.58 45.15 -43.99
CA PHE J 314 -25.05 44.22 -45.00
C PHE J 314 -24.65 44.77 -46.36
N VAL J 315 -23.74 44.07 -47.05
CA VAL J 315 -23.33 44.48 -48.39
C VAL J 315 -23.76 43.42 -49.39
N ALA J 316 -23.50 43.66 -50.68
CA ALA J 316 -23.95 42.77 -51.75
C ALA J 316 -22.79 41.97 -52.31
N GLY J 317 -22.98 40.66 -52.43
CA GLY J 317 -21.97 39.80 -53.00
C GLY J 317 -22.30 38.34 -52.81
N ARG J 318 -21.33 37.50 -53.15
CA ARG J 318 -21.42 36.07 -52.96
C ARG J 318 -20.12 35.57 -52.33
N VAL J 319 -20.19 34.42 -51.68
CA VAL J 319 -19.07 33.89 -50.92
C VAL J 319 -18.22 32.92 -51.74
N GLU J 320 -18.66 32.57 -52.94
CA GLU J 320 -17.91 31.65 -53.80
C GLU J 320 -16.82 32.35 -54.60
N ASP J 321 -16.76 33.68 -54.57
CA ASP J 321 -15.83 34.43 -55.40
C ASP J 321 -14.60 34.90 -54.64
N ILE J 322 -14.42 34.47 -53.39
CA ILE J 322 -13.30 34.91 -52.57
C ILE J 322 -12.60 33.68 -52.00
N ASN J 323 -11.28 33.63 -52.13
CA ASN J 323 -10.48 32.55 -51.56
C ASN J 323 -9.06 33.05 -51.37
N PHE J 324 -8.33 32.38 -50.50
CA PHE J 324 -7.01 32.84 -50.05
C PHE J 324 -5.92 31.87 -50.51
N LEU J 325 -4.77 32.44 -50.86
CA LEU J 325 -3.63 31.65 -51.32
C LEU J 325 -2.96 30.95 -50.15
N GLN J 326 -2.57 29.69 -50.36
CA GLN J 326 -1.95 28.91 -49.28
C GLN J 326 -0.92 27.96 -49.87
N LEU J 327 0.05 27.60 -49.02
CA LEU J 327 1.17 26.74 -49.40
C LEU J 327 0.78 25.29 -49.16
N THR J 328 0.49 24.56 -50.23
CA THR J 328 0.05 23.16 -50.14
C THR J 328 1.20 22.23 -50.54
N LYS J 329 1.95 21.79 -49.53
CA LYS J 329 3.01 20.81 -49.71
C LYS J 329 2.67 19.59 -48.87
N GLY J 330 2.78 18.41 -49.48
CA GLY J 330 2.31 17.19 -48.85
C GLY J 330 3.27 16.61 -47.84
N GLN J 331 3.58 15.32 -47.97
CA GLN J 331 4.48 14.64 -47.05
C GLN J 331 5.94 14.98 -47.37
N ASP J 332 6.24 16.28 -47.35
CA ASP J 332 7.60 16.78 -47.48
C ASP J 332 8.02 17.61 -46.28
N PHE J 333 7.23 17.58 -45.20
CA PHE J 333 7.55 18.21 -43.93
C PHE J 333 7.92 17.19 -42.87
N THR J 334 7.14 16.10 -42.78
CA THR J 334 7.41 15.06 -41.80
C THR J 334 8.74 14.36 -42.10
N ILE J 335 9.04 14.13 -43.38
CA ILE J 335 10.28 13.43 -43.74
C ILE J 335 11.49 14.22 -43.28
N ALA J 336 11.54 15.50 -43.65
CA ALA J 336 12.68 16.33 -43.27
C ALA J 336 12.77 16.48 -41.76
N LYS J 337 11.63 16.67 -41.09
CA LYS J 337 11.64 16.83 -39.65
C LYS J 337 12.19 15.58 -38.96
N SER J 338 11.75 14.40 -39.40
CA SER J 338 12.20 13.16 -38.77
C SER J 338 13.68 12.92 -39.01
N VAL J 339 14.17 13.20 -40.23
CA VAL J 339 15.59 13.02 -40.49
C VAL J 339 16.42 13.96 -39.62
N ALA J 340 15.97 15.21 -39.48
CA ALA J 340 16.69 16.15 -38.63
C ALA J 340 16.72 15.68 -37.18
N ASP J 341 15.59 15.17 -36.67
CA ASP J 341 15.59 14.66 -35.30
C ASP J 341 16.52 13.48 -35.13
N ALA J 342 16.59 12.57 -36.12
CA ALA J 342 17.50 11.44 -36.01
C ALA J 342 18.96 11.91 -35.97
N ILE J 343 19.31 12.89 -36.80
CA ILE J 343 20.69 13.40 -36.78
C ILE J 343 21.01 14.03 -35.43
N GLU J 344 20.06 14.80 -34.88
CA GLU J 344 20.29 15.42 -33.58
C GLU J 344 20.49 14.38 -32.48
N GLN J 345 19.67 13.33 -32.49
CA GLN J 345 19.82 12.28 -31.49
C GLN J 345 21.17 11.58 -31.63
N ARG J 346 21.61 11.35 -32.86
CA ARG J 346 22.93 10.74 -33.05
C ARG J 346 24.04 11.63 -32.50
N LEU J 347 23.96 12.93 -32.77
CA LEU J 347 24.99 13.84 -32.26
C LEU J 347 24.97 13.97 -30.74
N GLY J 348 23.81 13.78 -30.12
CA GLY J 348 23.75 13.92 -28.67
C GLY J 348 24.40 12.81 -27.87
N TRP J 349 24.66 11.66 -28.47
CA TRP J 349 25.24 10.51 -27.76
C TRP J 349 26.75 10.60 -27.64
N ALA J 350 27.41 11.46 -28.41
CA ALA J 350 28.87 11.51 -28.43
C ALA J 350 29.45 12.61 -27.55
N PHE J 351 28.67 13.61 -27.18
CA PHE J 351 29.12 14.70 -26.32
C PHE J 351 28.58 14.59 -24.90
N LEU J 352 28.01 13.44 -24.52
CA LEU J 352 27.54 13.17 -23.17
C LEU J 352 26.48 14.17 -22.72
N LEU J 353 25.50 14.40 -23.58
CA LEU J 353 24.37 15.25 -23.21
C LEU J 353 23.38 14.48 -22.34
N VAL J 372 33.45 11.09 -4.19
CA VAL J 372 31.96 11.20 -4.31
C VAL J 372 31.52 10.62 -5.66
N ALA J 373 31.23 11.49 -6.63
CA ALA J 373 30.83 11.04 -7.98
C ALA J 373 32.01 11.19 -8.94
N GLY J 374 33.12 11.74 -8.46
CA GLY J 374 34.32 11.90 -9.30
C GLY J 374 34.64 10.63 -10.05
N GLU J 375 34.86 9.52 -9.35
CA GLU J 375 35.27 8.25 -10.02
C GLU J 375 34.14 7.76 -10.93
N LEU J 376 32.88 7.92 -10.51
CA LEU J 376 31.73 7.40 -11.30
C LEU J 376 31.71 8.05 -12.68
N GLU J 377 31.82 9.38 -12.73
CA GLU J 377 31.79 10.10 -14.03
C GLU J 377 33.03 9.75 -14.85
N ALA J 378 34.23 9.94 -14.29
CA ALA J 378 35.48 9.64 -15.02
C ALA J 378 35.27 8.47 -15.97
N SER J 385 43.04 10.04 -20.83
CA SER J 385 44.11 9.10 -20.43
C SER J 385 45.45 9.68 -20.89
N VAL J 386 45.52 10.15 -22.13
CA VAL J 386 46.76 10.74 -22.69
C VAL J 386 47.03 12.08 -22.02
N GLN J 387 46.00 12.75 -21.50
CA GLN J 387 46.15 14.12 -20.94
C GLN J 387 46.77 14.05 -19.54
N SER J 388 47.22 12.88 -19.11
CA SER J 388 47.89 12.73 -17.79
C SER J 388 49.39 12.56 -18.01
N GLN J 389 49.84 12.57 -19.26
CA GLN J 389 51.27 12.44 -19.59
C GLN J 389 51.70 13.70 -20.35
N GLU J 390 50.75 14.57 -20.69
CA GLU J 390 51.05 15.78 -21.49
C GLU J 390 50.73 17.06 -20.71
N LEU J 391 49.85 17.02 -19.70
CA LEU J 391 49.46 18.25 -18.98
C LEU J 391 49.76 18.14 -17.49
N GLN J 392 49.36 17.06 -16.81
CA GLN J 392 49.48 16.98 -15.34
C GLN J 392 50.88 16.62 -14.82
N LEU J 393 51.52 15.60 -15.37
CA LEU J 393 52.82 15.17 -14.79
C LEU J 393 53.89 16.23 -15.08
N PRO J 394 53.95 16.86 -16.27
CA PRO J 394 54.91 17.94 -16.49
C PRO J 394 54.81 19.14 -15.54
N ILE J 395 53.61 19.54 -15.12
CA ILE J 395 53.42 20.69 -14.17
C ILE J 395 54.05 20.37 -12.81
N VAL J 396 53.78 19.20 -12.26
CA VAL J 396 54.29 18.85 -10.90
C VAL J 396 55.81 18.83 -10.91
N ARG J 397 56.42 18.38 -12.00
CA ARG J 397 57.90 18.25 -12.00
C ARG J 397 58.58 19.63 -11.99
N VAL J 398 57.97 20.64 -12.59
CA VAL J 398 58.53 22.03 -12.65
C VAL J 398 58.40 22.72 -11.29
N LEU J 399 57.27 22.55 -10.59
CA LEU J 399 57.02 23.28 -9.31
C LEU J 399 57.80 22.65 -8.15
N MET J 400 58.15 21.38 -8.22
CA MET J 400 59.00 20.77 -7.16
C MET J 400 60.44 21.14 -7.46
N ASN J 401 60.77 21.39 -8.72
CA ASN J 401 62.12 21.88 -8.97
C ASN J 401 62.30 23.32 -8.49
N GLN J 402 61.28 24.17 -8.67
CA GLN J 402 61.47 25.59 -8.41
C GLN J 402 61.14 26.00 -6.97
N LEU J 403 60.06 25.48 -6.39
CA LEU J 403 59.70 25.84 -5.03
C LEU J 403 60.80 25.43 -4.05
N GLN J 404 61.44 24.28 -4.29
CA GLN J 404 62.53 23.83 -3.44
C GLN J 404 63.69 24.81 -3.46
N SER J 405 64.03 25.33 -4.64
CA SER J 405 65.11 26.31 -4.75
C SER J 405 64.73 27.64 -4.12
N ALA J 406 63.46 28.03 -4.21
CA ALA J 406 63.03 29.29 -3.60
C ALA J 406 63.00 29.23 -2.08
N GLY J 407 63.09 28.04 -1.48
CA GLY J 407 63.11 27.93 -0.04
C GLY J 407 61.75 27.86 0.63
N MET J 408 60.77 27.25 -0.03
CA MET J 408 59.42 27.17 0.52
C MET J 408 59.00 25.77 0.94
N ILE J 409 59.71 24.73 0.52
CA ILE J 409 59.42 23.37 0.95
C ILE J 409 60.71 22.73 1.45
N PRO J 410 60.62 21.74 2.34
CA PRO J 410 61.83 21.14 2.89
C PRO J 410 62.66 20.44 1.84
N ASP J 411 63.95 20.35 2.11
CA ASP J 411 64.90 19.73 1.19
C ASP J 411 64.64 18.23 1.11
N LEU J 412 64.18 17.77 -0.06
CA LEU J 412 63.85 16.37 -0.24
C LEU J 412 65.12 15.52 -0.35
N PRO J 413 65.02 14.23 -0.02
CA PRO J 413 66.20 13.35 -0.12
C PRO J 413 66.68 13.17 -1.56
N LYS J 414 67.70 12.33 -1.74
CA LYS J 414 68.37 12.24 -3.03
C LYS J 414 67.50 11.55 -4.08
N GLU J 415 67.19 10.27 -3.86
CA GLU J 415 66.60 9.44 -4.90
C GLU J 415 65.44 8.61 -4.38
N ALA J 416 64.80 9.03 -3.30
CA ALA J 416 63.73 8.26 -2.70
C ALA J 416 62.35 8.64 -3.22
N SER J 422 49.70 11.25 -11.03
CA SER J 422 48.91 12.01 -11.99
C SER J 422 47.41 11.82 -11.80
N THR J 423 46.80 10.98 -12.64
CA THR J 423 45.34 10.86 -12.64
C THR J 423 44.86 9.43 -12.53
N GLY J 424 45.60 8.46 -13.07
CA GLY J 424 45.17 7.07 -13.08
C GLY J 424 44.83 6.53 -11.71
N LEU J 425 45.74 6.70 -10.74
CA LEU J 425 45.48 6.37 -9.35
C LEU J 425 45.89 7.57 -8.51
N GLU J 426 44.99 8.54 -8.40
CA GLU J 426 45.16 9.70 -7.53
C GLU J 426 43.97 9.92 -6.61
N ALA J 427 42.75 9.74 -7.11
CA ALA J 427 41.57 9.82 -6.25
C ALA J 427 41.38 8.52 -5.48
N LEU J 428 41.72 7.39 -6.09
CA LEU J 428 41.68 6.09 -5.44
C LEU J 428 42.99 5.72 -4.77
N GLY J 429 44.04 6.51 -4.95
CA GLY J 429 45.30 6.22 -4.27
C GLY J 429 45.16 6.19 -2.77
N ARG J 430 44.32 7.07 -2.23
CA ARG J 430 43.93 7.01 -0.82
C ARG J 430 42.63 6.25 -0.62
N GLY J 431 41.78 6.17 -1.64
CA GLY J 431 40.51 5.48 -1.51
C GLY J 431 40.67 4.00 -1.27
N GLN J 432 41.65 3.36 -1.92
CA GLN J 432 41.89 1.95 -1.70
C GLN J 432 42.30 1.68 -0.25
N ASP J 433 43.19 2.52 0.29
CA ASP J 433 43.57 2.40 1.68
C ASP J 433 42.37 2.58 2.59
N LEU J 434 41.54 3.57 2.32
CA LEU J 434 40.39 3.83 3.18
C LEU J 434 39.41 2.66 3.15
N GLU J 435 39.13 2.12 1.97
CA GLU J 435 38.21 0.99 1.86
C GLU J 435 38.75 -0.25 2.56
N LYS J 436 40.04 -0.55 2.39
CA LYS J 436 40.60 -1.73 3.05
C LYS J 436 40.58 -1.57 4.56
N LEU J 437 40.93 -0.39 5.06
CA LEU J 437 40.90 -0.16 6.50
C LEU J 437 39.48 -0.15 7.06
N THR J 438 38.50 0.17 6.23
CA THR J 438 37.11 0.03 6.68
C THR J 438 36.70 -1.43 6.76
N GLN J 439 37.05 -2.22 5.75
CA GLN J 439 36.65 -3.63 5.73
C GLN J 439 37.33 -4.40 6.86
N ALA J 440 38.58 -4.07 7.18
CA ALA J 440 39.27 -4.76 8.26
C ALA J 440 38.53 -4.57 9.59
N VAL J 441 38.14 -3.33 9.90
CA VAL J 441 37.40 -3.07 11.12
C VAL J 441 36.04 -3.74 11.07
N ASN J 442 35.39 -3.71 9.91
CA ASN J 442 34.07 -4.33 9.78
C ASN J 442 34.11 -5.81 10.11
N MET J 443 35.15 -6.51 9.63
CA MET J 443 35.25 -7.93 9.94
C MET J 443 35.72 -8.18 11.37
N MET J 444 36.58 -7.31 11.92
CA MET J 444 37.05 -7.52 13.28
C MET J 444 35.93 -7.36 14.29
N THR J 445 34.98 -6.46 14.03
CA THR J 445 33.89 -6.26 14.97
C THR J 445 32.95 -7.46 15.07
N GLY J 446 33.05 -8.42 14.15
CA GLY J 446 32.17 -9.57 14.12
C GLY J 446 32.66 -10.82 14.81
N LEU J 447 33.75 -10.74 15.57
CA LEU J 447 34.29 -11.88 16.29
C LEU J 447 34.08 -11.81 17.79
N GLN J 448 33.41 -10.77 18.28
CA GLN J 448 33.21 -10.62 19.71
C GLN J 448 32.43 -11.75 20.37
N PRO J 449 31.34 -12.28 19.79
CA PRO J 449 30.65 -13.41 20.44
C PRO J 449 31.52 -14.66 20.58
N LEU J 450 32.60 -14.78 19.81
CA LEU J 450 33.50 -15.92 19.91
C LEU J 450 34.63 -15.70 20.90
N SER J 451 34.54 -14.66 21.73
CA SER J 451 35.63 -14.33 22.64
C SER J 451 35.86 -15.38 23.70
N GLN J 452 34.85 -16.20 24.01
CA GLN J 452 34.96 -17.15 25.11
C GLN J 452 34.80 -18.59 24.62
N ASP J 453 35.47 -18.93 23.53
CA ASP J 453 35.42 -20.27 22.98
C ASP J 453 36.73 -20.99 23.31
N PRO J 454 36.71 -22.05 24.11
CA PRO J 454 37.96 -22.67 24.56
C PRO J 454 38.64 -23.58 23.55
N ASP J 455 38.24 -23.56 22.28
CA ASP J 455 38.81 -24.45 21.28
C ASP J 455 39.36 -23.72 20.06
N ILE J 456 39.39 -22.39 20.05
CA ILE J 456 39.73 -21.63 18.85
C ILE J 456 40.99 -20.81 19.13
N ASN J 457 41.94 -20.87 18.19
CA ASN J 457 43.17 -20.10 18.25
C ASN J 457 42.91 -18.74 17.60
N LEU J 458 42.53 -17.77 18.42
CA LEU J 458 42.09 -16.47 17.89
C LEU J 458 43.17 -15.69 17.16
N PRO J 459 44.39 -15.49 17.70
CA PRO J 459 45.36 -14.65 16.99
C PRO J 459 45.74 -15.16 15.62
N THR J 460 45.84 -16.48 15.45
CA THR J 460 46.16 -17.02 14.14
C THR J 460 45.01 -16.82 13.17
N LEU J 461 43.77 -16.91 13.65
CA LEU J 461 42.63 -16.60 12.82
C LEU J 461 42.65 -15.15 12.37
N LYS J 462 43.02 -14.24 13.28
CA LYS J 462 43.14 -12.83 12.90
C LYS J 462 44.22 -12.63 11.85
N LEU J 463 45.36 -13.31 12.01
CA LEU J 463 46.43 -13.19 11.03
C LEU J 463 46.00 -13.69 9.67
N ARG J 464 45.29 -14.83 9.62
CA ARG J 464 44.82 -15.35 8.35
C ARG J 464 43.82 -14.40 7.69
N LEU J 465 42.91 -13.83 8.49
CA LEU J 465 41.94 -12.88 7.93
C LEU J 465 42.63 -11.64 7.38
N LEU J 466 43.65 -11.14 8.07
CA LEU J 466 44.39 -9.99 7.55
C LEU J 466 45.13 -10.35 6.26
N ASN J 467 45.72 -11.55 6.20
CA ASN J 467 46.44 -11.96 5.01
C ASN J 467 45.52 -12.10 3.81
N ALA J 468 44.29 -12.57 4.03
CA ALA J 468 43.36 -12.81 2.92
C ALA J 468 42.95 -11.54 2.19
N LEU J 469 43.17 -10.36 2.78
CA LEU J 469 42.80 -9.10 2.15
C LEU J 469 43.95 -8.45 1.39
N GLY J 470 45.18 -8.63 1.82
CA GLY J 470 46.32 -7.93 1.25
C GLY J 470 46.77 -6.72 2.02
N ILE J 471 46.23 -6.48 3.22
CA ILE J 471 46.58 -5.30 4.00
C ILE J 471 47.89 -5.54 4.74
N ASP J 472 48.72 -4.51 4.78
CA ASP J 472 49.96 -4.57 5.54
C ASP J 472 49.66 -4.74 7.03
N THR J 473 50.47 -5.56 7.70
CA THR J 473 50.26 -5.89 9.10
C THR J 473 51.43 -5.44 9.95
N ALA J 474 51.95 -4.24 9.68
CA ALA J 474 53.09 -3.72 10.45
C ALA J 474 52.67 -3.36 11.86
N GLY J 475 51.74 -2.41 12.00
CA GLY J 475 51.33 -1.95 13.30
C GLY J 475 49.86 -2.19 13.61
N LEU J 476 49.33 -3.35 13.23
CA LEU J 476 47.95 -3.70 13.50
C LEU J 476 47.79 -4.84 14.48
N LEU J 477 48.87 -5.51 14.88
CA LEU J 477 48.80 -6.61 15.83
C LEU J 477 49.90 -6.45 16.87
N LEU J 478 49.65 -6.97 18.06
CA LEU J 478 50.57 -6.83 19.18
C LEU J 478 51.44 -8.07 19.30
N THR J 479 52.75 -7.85 19.46
CA THR J 479 53.69 -8.95 19.57
C THR J 479 53.55 -9.63 20.94
N GLN J 480 54.23 -10.77 21.08
CA GLN J 480 54.20 -11.49 22.35
C GLN J 480 54.85 -10.66 23.45
N ASP J 481 56.00 -10.05 23.14
CA ASP J 481 56.56 -9.03 24.01
C ASP J 481 55.85 -7.70 23.74
N GLU J 482 56.30 -6.64 24.40
CA GLU J 482 55.67 -5.33 24.32
C GLU J 482 54.20 -5.36 24.76
N LYS J 483 53.84 -6.35 25.57
CA LYS J 483 52.51 -6.42 26.16
C LYS J 483 52.53 -6.24 27.67
N ILE J 484 53.70 -6.26 28.30
CA ILE J 484 53.80 -6.04 29.73
C ILE J 484 53.49 -4.58 30.07
N GLN J 485 53.90 -3.66 29.20
CA GLN J 485 53.72 -2.24 29.46
C GLN J 485 52.25 -1.88 29.61
N ARG J 486 51.37 -2.56 28.88
CA ARG J 486 49.94 -2.29 28.99
C ARG J 486 49.43 -2.57 30.40
N MET J 487 49.78 -3.74 30.93
CA MET J 487 49.38 -4.08 32.30
C MET J 487 50.00 -3.12 33.30
N ALA J 488 51.26 -2.75 33.08
CA ALA J 488 51.91 -1.80 33.98
C ALA J 488 51.15 -0.48 34.04
N GLU J 489 50.74 0.03 32.87
CA GLU J 489 50.03 1.30 32.83
C GLU J 489 48.67 1.21 33.51
N GLN J 490 47.92 0.14 33.23
CA GLN J 490 46.62 -0.01 33.89
C GLN J 490 46.77 -0.10 35.41
N SER J 491 47.75 -0.86 35.88
CA SER J 491 47.98 -0.99 37.31
C SER J 491 48.31 0.37 37.93
N SER J 492 49.16 1.15 37.26
CA SER J 492 49.50 2.47 37.80
C SER J 492 48.27 3.35 37.91
N GLN J 493 47.43 3.36 36.87
CA GLN J 493 46.24 4.21 36.89
C GLN J 493 45.32 3.83 38.05
N GLN J 494 45.03 2.54 38.20
CA GLN J 494 44.13 2.11 39.27
C GLN J 494 44.71 2.44 40.64
N ALA J 495 45.98 2.12 40.85
CA ALA J 495 46.60 2.32 42.16
C ALA J 495 46.74 3.80 42.51
N VAL J 496 46.73 4.69 41.51
CA VAL J 496 46.72 6.11 41.83
C VAL J 496 45.32 6.58 42.19
N VAL J 497 44.34 6.28 41.33
CA VAL J 497 43.01 6.86 41.49
C VAL J 497 42.36 6.39 42.78
N GLN J 498 42.44 5.08 43.06
CA GLN J 498 41.76 4.54 44.25
C GLN J 498 42.31 5.19 45.51
N GLY J 499 43.64 5.27 45.62
CA GLY J 499 44.24 5.86 46.80
C GLY J 499 43.89 7.32 46.96
N ALA J 500 43.89 8.08 45.86
CA ALA J 500 43.53 9.49 45.94
C ALA J 500 42.12 9.67 46.49
N SER J 501 41.16 8.93 45.93
CA SER J 501 39.77 9.08 46.37
C SER J 501 39.62 8.70 47.84
N ALA J 502 40.20 7.56 48.24
CA ALA J 502 40.04 7.12 49.63
C ALA J 502 40.65 8.12 50.60
N ALA J 503 41.84 8.62 50.29
CA ALA J 503 42.50 9.58 51.18
C ALA J 503 41.68 10.85 51.32
N GLY J 504 41.16 11.36 50.20
CA GLY J 504 40.34 12.56 50.28
C GLY J 504 39.12 12.37 51.16
N ALA J 505 38.40 11.27 50.95
CA ALA J 505 37.18 11.04 51.73
C ALA J 505 37.48 10.92 53.22
N ASN J 506 38.51 10.13 53.57
CA ASN J 506 38.82 9.93 54.99
C ASN J 506 39.26 11.23 55.65
N MET J 507 40.10 12.02 54.98
CA MET J 507 40.54 13.28 55.56
C MET J 507 39.36 14.22 55.76
N GLY J 508 38.45 14.28 54.78
CA GLY J 508 37.28 15.15 54.93
C GLY J 508 36.43 14.75 56.11
N ALA J 509 36.16 13.45 56.25
CA ALA J 509 35.34 13.01 57.38
C ALA J 509 36.02 13.32 58.72
N ALA J 510 37.33 13.07 58.80
CA ALA J 510 38.05 13.32 60.05
C ALA J 510 38.01 14.79 60.43
N VAL J 511 38.24 15.69 59.47
CA VAL J 511 38.22 17.12 59.79
C VAL J 511 36.80 17.57 60.15
N GLY J 512 35.79 16.99 59.48
CA GLY J 512 34.42 17.37 59.78
C GLY J 512 33.98 16.96 61.17
N GLN J 513 34.46 15.81 61.67
CA GLN J 513 34.00 15.32 62.97
C GLN J 513 34.34 16.28 64.10
N GLY J 514 35.61 16.68 64.19
CA GLY J 514 36.06 17.41 65.37
C GLY J 514 35.45 18.79 65.52
N ALA J 515 35.29 19.50 64.40
CA ALA J 515 34.71 20.84 64.46
C ALA J 515 33.30 20.80 65.02
N GLY J 516 32.49 19.87 64.53
CA GLY J 516 31.15 19.70 65.08
C GLY J 516 31.18 19.27 66.53
N GLU J 517 32.08 18.36 66.89
CA GLU J 517 32.17 17.91 68.27
C GLU J 517 32.48 19.06 69.22
N ASP J 518 33.38 19.96 68.82
CA ASP J 518 33.73 21.11 69.65
C ASP J 518 32.64 22.18 69.64
N MET J 519 31.99 22.41 68.50
CA MET J 519 31.02 23.49 68.41
C MET J 519 29.69 23.15 69.08
N ALA J 520 29.28 21.88 69.06
CA ALA J 520 27.99 21.51 69.61
C ALA J 520 27.93 21.59 71.12
N GLN J 521 29.06 21.80 71.80
CA GLN J 521 29.06 21.84 73.26
C GLN J 521 28.21 22.98 73.80
N ALA J 522 28.32 24.16 73.18
CA ALA J 522 27.63 25.34 73.72
C ALA J 522 26.12 25.19 73.57
N GLU K 3 56.27 68.91 -14.50
CA GLU K 3 54.91 69.41 -14.34
C GLU K 3 54.00 68.93 -15.45
N ARG K 4 53.44 67.73 -15.27
CA ARG K 4 52.48 67.16 -16.22
C ARG K 4 53.11 67.04 -17.61
N GLU K 5 54.12 66.17 -17.70
CA GLU K 5 54.91 66.04 -18.91
C GLU K 5 54.52 64.85 -19.79
N GLY K 6 54.21 63.71 -19.20
CA GLY K 6 53.92 62.50 -19.97
C GLY K 6 52.44 62.17 -19.93
N PHE K 7 51.87 61.96 -21.12
CA PHE K 7 50.45 61.65 -21.31
C PHE K 7 49.57 62.83 -20.95
N ALA K 8 50.14 63.91 -20.42
CA ALA K 8 49.37 65.00 -19.85
C ALA K 8 49.94 66.34 -20.27
N ALA K 9 50.28 66.49 -21.55
CA ALA K 9 50.83 67.73 -22.08
C ALA K 9 49.80 68.55 -22.84
N GLU K 10 48.52 68.18 -22.76
CA GLU K 10 47.49 68.92 -23.48
C GLU K 10 46.21 69.12 -22.68
N GLY K 11 46.18 68.71 -21.41
CA GLY K 11 45.02 68.94 -20.56
C GLY K 11 44.05 67.78 -20.55
N ALA K 12 43.10 67.86 -19.62
CA ALA K 12 42.12 66.80 -19.43
C ALA K 12 41.04 66.82 -20.50
N LYS K 13 40.62 68.00 -20.97
CA LYS K 13 39.54 68.06 -21.94
C LYS K 13 40.00 67.67 -23.34
N ALA K 14 41.25 67.96 -23.69
CA ALA K 14 41.73 67.63 -25.03
C ALA K 14 41.77 66.13 -25.26
N VAL K 15 42.20 65.36 -24.25
CA VAL K 15 42.29 63.91 -24.40
C VAL K 15 40.90 63.30 -24.56
N TYR K 16 39.93 63.79 -23.79
CA TYR K 16 38.59 63.24 -23.82
C TYR K 16 37.98 63.32 -25.21
N ASP K 17 38.11 64.47 -25.86
CA ASP K 17 37.51 64.66 -27.18
C ASP K 17 38.22 63.86 -28.26
N ARG K 18 39.52 63.63 -28.12
CA ARG K 18 40.22 62.76 -29.06
C ARG K 18 39.75 61.32 -28.93
N LEU K 19 39.69 60.80 -27.70
CA LEU K 19 39.37 59.40 -27.50
C LEU K 19 37.88 59.11 -27.57
N LYS K 20 37.03 60.13 -27.60
CA LYS K 20 35.59 59.90 -27.66
C LYS K 20 35.15 59.17 -28.94
N ASN K 21 35.97 59.19 -29.99
CA ASN K 21 35.56 58.62 -31.27
C ASN K 21 35.70 57.11 -31.34
N GLY K 22 36.29 56.47 -30.33
CA GLY K 22 36.50 55.03 -30.38
C GLY K 22 35.35 54.18 -29.88
N ARG K 23 34.35 54.78 -29.24
CA ARG K 23 33.27 54.03 -28.62
C ARG K 23 32.07 53.82 -29.54
N GLN K 24 32.07 54.42 -30.73
CA GLN K 24 30.86 54.42 -31.55
C GLN K 24 30.37 53.02 -31.93
N PRO K 25 31.22 52.09 -32.39
CA PRO K 25 30.69 50.76 -32.71
C PRO K 25 30.03 50.07 -31.54
N TYR K 26 30.59 50.22 -30.34
CA TYR K 26 30.05 49.54 -29.17
C TYR K 26 28.68 50.10 -28.80
N GLU K 27 28.51 51.42 -28.83
CA GLU K 27 27.21 52.02 -28.55
C GLU K 27 26.18 51.62 -29.59
N THR K 28 26.55 51.67 -30.87
CA THR K 28 25.61 51.31 -31.92
C THR K 28 25.20 49.85 -31.79
N ARG K 29 26.13 48.98 -31.40
CA ARG K 29 25.82 47.57 -31.26
C ARG K 29 24.99 47.31 -30.02
N ALA K 30 25.21 48.06 -28.95
CA ALA K 30 24.47 47.88 -27.71
C ALA K 30 23.05 48.42 -27.77
N GLN K 31 22.77 49.42 -28.60
CA GLN K 31 21.41 49.93 -28.71
C GLN K 31 20.46 48.97 -29.42
N ASN K 32 20.98 48.04 -30.24
CA ASN K 32 20.12 47.09 -30.92
C ASN K 32 19.63 45.97 -30.01
N CYS K 33 20.48 45.54 -29.07
CA CYS K 33 20.07 44.48 -28.14
C CYS K 33 18.98 44.96 -27.19
N ALA K 34 19.07 46.20 -26.72
CA ALA K 34 18.05 46.74 -25.81
C ALA K 34 16.91 47.38 -26.58
N ALA K 35 16.38 46.65 -27.56
CA ALA K 35 15.17 47.04 -28.26
C ALA K 35 14.23 45.87 -28.48
N VAL K 36 14.68 44.64 -28.30
CA VAL K 36 13.81 43.46 -28.34
C VAL K 36 13.61 42.85 -26.97
N THR K 37 14.31 43.32 -25.94
CA THR K 37 14.15 42.81 -24.58
C THR K 37 13.55 43.84 -23.63
N ILE K 38 14.22 44.97 -23.44
CA ILE K 38 13.73 46.06 -22.59
C ILE K 38 14.20 47.37 -23.21
N PRO K 39 13.32 48.13 -23.85
CA PRO K 39 13.77 49.31 -24.59
C PRO K 39 14.13 50.51 -23.73
N SER K 40 13.95 50.45 -22.41
CA SER K 40 14.28 51.57 -21.54
C SER K 40 15.50 51.30 -20.68
N LEU K 41 16.30 50.30 -21.05
CA LEU K 41 17.49 49.94 -20.26
C LEU K 41 18.75 50.64 -20.75
N PHE K 42 18.82 50.99 -22.03
CA PHE K 42 19.95 51.74 -22.59
C PHE K 42 19.41 52.94 -23.34
N PRO K 43 19.03 54.00 -22.63
CA PRO K 43 18.56 55.20 -23.30
C PRO K 43 19.68 55.88 -24.10
N LYS K 44 19.29 56.59 -25.14
CA LYS K 44 20.25 57.32 -25.96
C LYS K 44 20.82 58.49 -25.17
N GLU K 45 21.78 59.18 -25.79
CA GLU K 45 22.47 60.30 -25.15
C GLU K 45 21.67 61.59 -25.19
N SER K 46 20.68 61.69 -26.08
CA SER K 46 19.95 62.94 -26.27
C SER K 46 18.46 62.75 -26.07
N ASP K 47 18.07 62.12 -24.98
CA ASP K 47 16.68 61.87 -24.66
C ASP K 47 16.24 62.71 -23.48
N ASN K 48 14.94 63.01 -23.43
CA ASN K 48 14.39 63.88 -22.40
C ASN K 48 13.06 63.29 -21.94
N SER K 49 12.28 64.11 -21.22
CA SER K 49 11.06 63.65 -20.57
C SER K 49 9.87 63.57 -21.50
N SER K 50 10.07 63.60 -22.81
CA SER K 50 8.98 63.48 -23.76
C SER K 50 9.05 62.21 -24.61
N THR K 51 10.13 61.44 -24.51
CA THR K 51 10.28 60.24 -25.31
C THR K 51 9.30 59.16 -24.86
N GLU K 52 8.92 58.31 -25.81
CA GLU K 52 8.01 57.20 -25.55
C GLU K 52 8.65 55.89 -25.99
N TYR K 53 8.56 54.87 -25.14
CA TYR K 53 9.16 53.56 -25.41
C TYR K 53 8.05 52.57 -25.66
N THR K 54 8.12 51.89 -26.80
CA THR K 54 7.02 51.04 -27.27
C THR K 54 7.29 49.57 -26.92
N THR K 55 6.23 48.88 -26.51
CA THR K 55 6.34 47.48 -26.13
C THR K 55 6.73 46.62 -27.33
N PRO K 56 7.67 45.70 -27.18
CA PRO K 56 7.96 44.75 -28.26
C PRO K 56 6.79 43.78 -28.48
N TRP K 57 6.88 43.03 -29.57
CA TRP K 57 5.81 42.13 -29.97
C TRP K 57 5.84 40.77 -29.27
N GLN K 58 6.93 40.44 -28.58
CA GLN K 58 7.14 39.08 -28.08
C GLN K 58 7.02 38.95 -26.57
N ALA K 59 7.69 39.81 -25.80
CA ALA K 59 7.70 39.74 -24.34
C ALA K 59 8.24 38.39 -23.85
N VAL K 60 9.22 37.85 -24.56
CA VAL K 60 9.90 36.64 -24.12
C VAL K 60 11.35 36.92 -23.68
N GLY K 61 12.03 37.86 -24.32
CA GLY K 61 13.39 38.20 -23.99
C GLY K 61 13.60 39.00 -22.73
N ALA K 62 12.52 39.31 -22.00
CA ALA K 62 12.65 39.99 -20.73
C ALA K 62 12.78 39.01 -19.57
N ARG K 63 12.10 37.87 -19.64
CA ARG K 63 12.19 36.86 -18.59
C ARG K 63 13.62 36.35 -18.44
N CYS K 64 14.27 36.07 -19.57
CA CYS K 64 15.64 35.54 -19.53
C CYS K 64 16.60 36.54 -18.92
N LEU K 65 16.49 37.81 -19.32
CA LEU K 65 17.37 38.84 -18.79
C LEU K 65 17.13 39.04 -17.30
N ASN K 66 15.87 39.00 -16.86
CA ASN K 66 15.58 39.19 -15.45
C ASN K 66 15.97 38.00 -14.60
N ASN K 67 16.03 36.80 -15.18
CA ASN K 67 16.34 35.60 -14.40
C ASN K 67 17.84 35.33 -14.31
N LEU K 68 18.57 35.49 -15.43
CA LEU K 68 20.00 35.18 -15.41
C LEU K 68 20.74 36.12 -14.46
N ALA K 69 20.37 37.40 -14.43
CA ALA K 69 21.01 38.34 -13.53
C ALA K 69 20.80 37.96 -12.08
N ALA K 70 19.59 37.52 -11.72
CA ALA K 70 19.33 37.12 -10.34
C ALA K 70 20.14 35.88 -9.98
N LYS K 71 20.22 34.90 -10.87
CA LYS K 71 21.03 33.72 -10.57
C LYS K 71 22.51 34.07 -10.40
N LEU K 72 23.04 34.92 -11.28
CA LEU K 72 24.44 35.32 -11.17
C LEU K 72 24.70 36.07 -9.87
N MET K 73 23.77 36.96 -9.49
CA MET K 73 23.93 37.70 -8.23
C MET K 73 23.90 36.75 -7.04
N LEU K 74 23.02 35.77 -7.05
CA LEU K 74 22.97 34.81 -5.96
C LEU K 74 24.24 33.97 -5.88
N ALA K 75 24.81 33.59 -7.02
CA ALA K 75 25.99 32.74 -7.00
C ALA K 75 27.26 33.51 -6.60
N LEU K 76 27.44 34.73 -7.12
CA LEU K 76 28.71 35.43 -6.94
C LEU K 76 28.86 36.01 -5.54
N PHE K 77 27.79 36.55 -4.96
CA PHE K 77 27.85 37.29 -3.69
C PHE K 77 26.87 36.69 -2.69
N PRO K 78 27.25 35.59 -2.03
CA PRO K 78 26.37 34.99 -1.02
C PRO K 78 26.44 35.72 0.32
N GLN K 79 25.68 35.24 1.31
CA GLN K 79 25.67 35.88 2.62
C GLN K 79 26.90 35.56 3.44
N SER K 80 27.35 34.30 3.41
CA SER K 80 28.56 33.93 4.14
C SER K 80 29.79 34.52 3.45
N PRO K 81 30.87 34.73 4.18
CA PRO K 81 32.04 35.43 3.60
C PRO K 81 32.60 34.69 2.40
N TRP K 82 33.12 35.45 1.44
CA TRP K 82 33.78 34.92 0.26
C TRP K 82 35.25 35.33 0.19
N MET K 83 35.97 35.19 1.31
CA MET K 83 37.41 35.37 1.34
C MET K 83 37.96 34.53 2.50
N ARG K 84 39.27 34.23 2.45
CA ARG K 84 39.90 33.39 3.47
C ARG K 84 41.04 34.07 4.22
N LEU K 85 41.96 34.74 3.52
CA LEU K 85 43.06 35.44 4.18
C LEU K 85 43.91 34.49 5.02
N THR K 86 44.52 33.52 4.34
CA THR K 86 45.28 32.48 5.01
C THR K 86 46.78 32.80 5.05
N VAL K 87 47.54 31.90 5.69
CA VAL K 87 48.98 32.02 5.83
C VAL K 87 49.61 30.66 5.53
N SER K 88 50.88 30.68 5.13
CA SER K 88 51.56 29.46 4.72
C SER K 88 51.71 28.50 5.90
N GLU K 89 51.83 27.20 5.57
CA GLU K 89 51.89 26.15 6.57
C GLU K 89 53.31 25.83 7.01
N TYR K 90 54.24 25.73 6.05
CA TYR K 90 55.62 25.40 6.39
C TYR K 90 56.30 26.51 7.18
N GLU K 91 55.91 27.77 6.95
CA GLU K 91 56.45 28.87 7.75
C GLU K 91 55.85 28.92 9.14
N ALA K 92 54.56 28.59 9.27
CA ALA K 92 53.91 28.61 10.57
C ALA K 92 54.32 27.44 11.46
N LYS K 93 54.60 26.27 10.87
CA LYS K 93 54.99 25.12 11.67
C LYS K 93 56.42 25.23 12.18
N THR K 94 57.33 25.77 11.39
CA THR K 94 58.74 25.77 11.74
C THR K 94 59.11 26.86 12.73
N LEU K 95 58.22 27.81 13.01
CA LEU K 95 58.49 28.86 13.98
C LEU K 95 57.78 28.66 15.30
N SER K 96 56.82 27.76 15.39
CA SER K 96 56.03 27.57 16.60
C SER K 96 56.66 26.50 17.48
N GLN K 97 56.30 26.55 18.75
CA GLN K 97 56.75 25.57 19.74
C GLN K 97 55.61 24.75 20.31
N ASP K 98 54.53 25.39 20.75
CA ASP K 98 53.37 24.71 21.28
C ASP K 98 52.53 24.17 20.13
N SER K 99 51.56 23.32 20.44
CA SER K 99 50.78 22.63 19.42
C SER K 99 49.56 23.40 18.93
N GLU K 100 49.18 24.51 19.58
CA GLU K 100 47.94 25.21 19.24
C GLU K 100 48.17 26.59 18.65
N ALA K 101 49.37 26.88 18.13
CA ALA K 101 49.62 28.18 17.54
C ALA K 101 48.78 28.39 16.28
N ALA K 102 48.65 27.36 15.46
CA ALA K 102 47.92 27.48 14.20
C ALA K 102 46.45 27.83 14.43
N ALA K 103 45.83 27.20 15.44
CA ALA K 103 44.45 27.52 15.77
C ALA K 103 44.32 28.98 16.19
N ARG K 104 45.27 29.49 16.95
CA ARG K 104 45.24 30.89 17.36
C ARG K 104 45.34 31.82 16.15
N VAL K 105 46.21 31.49 15.19
CA VAL K 105 46.35 32.33 14.00
C VAL K 105 45.05 32.33 13.19
N ASP K 106 44.44 31.16 13.02
CA ASP K 106 43.18 31.11 12.27
C ASP K 106 42.09 31.89 12.97
N GLU K 107 42.02 31.78 14.30
CA GLU K 107 41.05 32.55 15.07
C GLU K 107 41.28 34.05 14.88
N GLY K 108 42.54 34.46 14.79
CA GLY K 108 42.83 35.86 14.53
C GLY K 108 42.37 36.32 13.15
N LEU K 109 42.54 35.47 12.14
CA LEU K 109 42.20 35.88 10.77
C LEU K 109 40.68 35.93 10.54
N ALA K 110 39.92 35.05 11.20
CA ALA K 110 38.48 35.04 11.02
C ALA K 110 37.87 36.39 11.41
N MET K 111 38.41 37.03 12.45
CA MET K 111 37.89 38.32 12.90
C MET K 111 38.05 39.39 11.83
N VAL K 112 39.21 39.40 11.16
CA VAL K 112 39.42 40.35 10.07
C VAL K 112 38.43 40.10 8.94
N GLU K 113 38.17 38.83 8.62
CA GLU K 113 37.16 38.52 7.62
C GLU K 113 35.81 39.12 8.00
N ARG K 114 35.41 38.93 9.26
CA ARG K 114 34.10 39.41 9.70
C ARG K 114 34.00 40.93 9.62
N VAL K 115 35.07 41.63 10.03
CA VAL K 115 35.06 43.10 9.96
C VAL K 115 34.94 43.56 8.50
N LEU K 116 35.67 42.90 7.59
CA LEU K 116 35.61 43.29 6.19
C LEU K 116 34.22 43.12 5.62
N MET K 117 33.53 42.01 5.97
CA MET K 117 32.17 41.84 5.46
C MET K 117 31.19 42.84 6.08
N ALA K 118 31.34 43.13 7.38
CA ALA K 118 30.43 44.08 8.04
C ALA K 118 30.54 45.47 7.43
N TYR K 119 31.76 45.92 7.12
CA TYR K 119 31.91 47.25 6.53
C TYR K 119 31.19 47.35 5.20
N MET K 120 31.31 46.33 4.35
CA MET K 120 30.57 46.32 3.09
C MET K 120 29.07 46.33 3.32
N GLU K 121 28.60 45.59 4.33
CA GLU K 121 27.17 45.56 4.60
C GLU K 121 26.63 46.93 5.03
N THR K 122 27.38 47.67 5.85
CA THR K 122 26.86 48.94 6.36
C THR K 122 26.71 49.98 5.26
N ASN K 123 27.75 50.21 4.46
CA ASN K 123 27.70 51.30 3.48
C ASN K 123 27.20 50.85 2.11
N SER K 124 26.10 50.12 2.11
CA SER K 124 25.26 49.86 0.93
C SER K 124 26.07 49.61 -0.35
N PHE K 125 26.90 48.57 -0.34
CA PHE K 125 27.55 48.13 -1.56
C PHE K 125 26.75 47.09 -2.32
N ARG K 126 25.43 47.02 -2.12
CA ARG K 126 24.64 45.99 -2.77
C ARG K 126 23.69 46.52 -3.83
N VAL K 127 23.24 47.75 -3.73
CA VAL K 127 22.41 48.35 -4.78
C VAL K 127 23.21 48.56 -6.06
N PRO K 128 24.40 49.18 -6.01
CA PRO K 128 25.15 49.36 -7.27
C PRO K 128 25.56 48.06 -7.95
N LEU K 129 25.86 47.02 -7.18
CA LEU K 129 26.34 45.78 -7.80
C LEU K 129 25.27 45.10 -8.62
N PHE K 130 24.02 45.10 -8.14
CA PHE K 130 22.94 44.51 -8.92
C PHE K 130 22.74 45.26 -10.23
N GLU K 131 22.81 46.59 -10.19
CA GLU K 131 22.71 47.38 -11.42
C GLU K 131 23.86 47.06 -12.36
N ALA K 132 25.08 46.96 -11.84
CA ALA K 132 26.23 46.68 -12.68
C ALA K 132 26.10 45.33 -13.36
N LEU K 133 25.58 44.33 -12.65
CA LEU K 133 25.50 42.99 -13.22
C LEU K 133 24.59 42.90 -14.44
N LYS K 134 23.55 43.72 -14.51
CA LYS K 134 22.65 43.68 -15.65
C LYS K 134 22.96 44.72 -16.71
N GLN K 135 24.04 45.49 -16.53
CA GLN K 135 24.59 46.28 -17.63
C GLN K 135 25.66 45.52 -18.39
N LEU K 136 26.29 44.53 -17.75
CA LEU K 136 27.27 43.69 -18.44
C LEU K 136 26.62 42.76 -19.45
N ILE K 137 25.36 42.39 -19.26
CA ILE K 137 24.70 41.49 -20.19
C ILE K 137 24.19 42.21 -21.44
N VAL K 138 23.88 43.49 -21.35
CA VAL K 138 23.35 44.24 -22.49
C VAL K 138 24.47 44.99 -23.22
N SER K 139 25.27 45.78 -22.52
CA SER K 139 26.33 46.56 -23.13
C SER K 139 27.69 45.92 -23.01
N GLY K 140 28.02 45.36 -21.84
CA GLY K 140 29.29 44.69 -21.63
C GLY K 140 30.34 45.48 -20.89
N ASN K 141 30.02 46.68 -20.39
CA ASN K 141 31.01 47.54 -19.76
C ASN K 141 30.39 48.28 -18.59
N CYS K 142 31.22 48.62 -17.61
CA CYS K 142 30.84 49.48 -16.49
C CYS K 142 32.10 49.89 -15.75
N LEU K 143 31.95 50.82 -14.81
CA LEU K 143 33.05 51.31 -13.99
C LEU K 143 32.59 51.39 -12.54
N LEU K 144 33.54 51.32 -11.62
CA LEU K 144 33.24 51.37 -10.19
C LEU K 144 34.26 52.26 -9.48
N TYR K 145 33.79 53.00 -8.47
CA TYR K 145 34.63 53.91 -7.71
C TYR K 145 34.38 53.71 -6.22
N ILE K 146 35.46 53.68 -5.44
CA ILE K 146 35.36 53.44 -4.01
C ILE K 146 35.97 54.61 -3.23
N PRO K 147 35.17 55.45 -2.58
CA PRO K 147 35.72 56.61 -1.88
C PRO K 147 36.49 56.22 -0.64
N GLU K 148 37.33 57.15 -0.18
CA GLU K 148 38.18 56.89 0.98
C GLU K 148 37.33 56.77 2.24
N PRO K 149 37.64 55.79 3.10
CA PRO K 149 36.81 55.57 4.29
C PRO K 149 37.00 56.62 5.37
N GLU K 150 35.98 56.74 6.21
CA GLU K 150 36.02 57.63 7.37
C GLU K 150 35.33 56.94 8.53
N GLN K 151 35.58 57.46 9.75
CA GLN K 151 35.12 56.75 10.95
C GLN K 151 33.62 56.85 11.13
N GLY K 152 33.03 58.01 10.89
CA GLY K 152 31.63 58.20 11.22
C GLY K 152 30.77 58.91 10.19
N THR K 153 31.04 58.70 8.91
CA THR K 153 30.27 59.35 7.85
C THR K 153 29.85 58.32 6.80
N TYR K 154 28.75 58.62 6.13
CA TYR K 154 28.23 57.79 5.06
C TYR K 154 28.99 58.06 3.77
N SER K 155 29.48 56.99 3.13
CA SER K 155 30.27 57.13 1.90
C SER K 155 30.04 55.92 1.02
N PRO K 156 29.02 55.95 0.18
CA PRO K 156 28.65 54.78 -0.62
C PRO K 156 29.45 54.70 -1.92
N MET K 157 29.24 53.58 -2.63
CA MET K 157 29.88 53.31 -3.90
C MET K 157 29.15 54.04 -5.03
N ARG K 158 29.84 54.19 -6.16
CA ARG K 158 29.28 54.84 -7.34
C ARG K 158 29.56 54.01 -8.58
N MET K 159 28.68 54.14 -9.58
CA MET K 159 28.81 53.40 -10.83
C MET K 159 28.61 54.35 -12.00
N TYR K 160 29.48 54.23 -13.01
CA TYR K 160 29.41 55.03 -14.22
C TYR K 160 29.05 54.15 -15.41
N ARG K 161 28.23 54.67 -16.31
CA ARG K 161 27.79 53.93 -17.47
C ARG K 161 28.82 54.07 -18.61
N LEU K 162 28.54 53.46 -19.76
CA LEU K 162 29.49 53.49 -20.86
C LEU K 162 29.59 54.85 -21.54
N VAL K 163 28.65 55.75 -21.29
CA VAL K 163 28.61 57.03 -21.98
C VAL K 163 29.25 58.14 -21.14
N SER K 164 30.13 57.79 -20.20
CA SER K 164 30.72 58.80 -19.33
C SER K 164 32.20 58.60 -19.04
N TYR K 165 32.92 57.73 -19.76
CA TYR K 165 34.35 57.56 -19.53
C TYR K 165 35.01 57.00 -20.77
N VAL K 166 36.33 57.10 -20.82
CA VAL K 166 37.14 56.59 -21.92
C VAL K 166 38.38 55.90 -21.37
N VAL K 167 38.78 54.80 -22.01
CA VAL K 167 39.92 54.00 -21.58
C VAL K 167 40.84 53.76 -22.78
N GLN K 168 42.15 53.89 -22.56
CA GLN K 168 43.14 53.49 -23.54
C GLN K 168 43.96 52.34 -22.98
N ARG K 169 44.00 51.23 -23.72
CA ARG K 169 44.60 49.99 -23.25
C ARG K 169 45.65 49.51 -24.23
N ASP K 170 46.70 48.90 -23.71
CA ASP K 170 47.79 48.37 -24.51
C ASP K 170 47.35 47.11 -25.26
N ALA K 171 48.14 46.73 -26.27
CA ALA K 171 47.87 45.48 -26.98
C ALA K 171 48.09 44.27 -26.08
N PHE K 172 48.97 44.38 -25.09
CA PHE K 172 49.18 43.30 -24.13
C PHE K 172 48.04 43.21 -23.12
N GLY K 173 47.42 44.34 -22.79
CA GLY K 173 46.30 44.34 -21.87
C GLY K 173 46.49 45.19 -20.63
N ASN K 174 47.34 46.21 -20.71
CA ASN K 174 47.61 47.09 -19.58
C ASN K 174 46.85 48.40 -19.73
N ILE K 175 46.52 49.01 -18.59
CA ILE K 175 45.74 50.23 -18.55
C ILE K 175 46.69 51.42 -18.45
N LEU K 176 46.47 52.42 -19.31
CA LEU K 176 47.34 53.59 -19.38
C LEU K 176 46.66 54.90 -19.02
N GLN K 177 45.37 55.08 -19.33
CA GLN K 177 44.70 56.35 -19.09
C GLN K 177 43.23 56.11 -18.78
N ILE K 178 42.66 57.01 -17.97
CA ILE K 178 41.23 57.01 -17.64
C ILE K 178 40.81 58.46 -17.42
N VAL K 179 39.68 58.86 -18.02
CA VAL K 179 39.10 60.18 -17.84
C VAL K 179 37.60 60.04 -17.63
N THR K 180 37.04 60.83 -16.70
CA THR K 180 35.62 60.79 -16.40
C THR K 180 35.03 62.20 -16.43
N LEU K 181 33.70 62.28 -16.54
CA LEU K 181 32.99 63.53 -16.70
C LEU K 181 31.76 63.58 -15.79
N ASP K 182 31.59 64.70 -15.09
CA ASP K 182 30.45 64.92 -14.21
C ASP K 182 29.87 66.31 -14.44
N LYS K 183 28.58 66.46 -14.12
CA LYS K 183 27.91 67.76 -14.21
C LYS K 183 27.22 68.05 -12.88
N VAL K 184 27.61 69.17 -12.26
CA VAL K 184 27.05 69.56 -10.96
C VAL K 184 26.66 71.02 -11.01
N ALA K 185 25.76 71.40 -10.11
CA ALA K 185 25.29 72.78 -10.01
C ALA K 185 26.20 73.60 -9.13
N PHE K 186 26.09 74.93 -9.26
CA PHE K 186 27.01 75.82 -8.56
C PHE K 186 26.83 75.75 -7.05
N SER K 187 25.58 75.69 -6.58
CA SER K 187 25.34 75.69 -5.14
C SER K 187 25.66 74.36 -4.47
N ALA K 188 25.76 73.28 -5.25
CA ALA K 188 26.08 71.98 -4.70
C ALA K 188 27.58 71.70 -4.63
N LEU K 189 28.40 72.60 -5.15
CA LEU K 189 29.84 72.43 -5.09
C LEU K 189 30.34 72.61 -3.66
N PRO K 190 31.41 71.92 -3.28
CA PRO K 190 32.01 72.16 -1.97
C PRO K 190 32.59 73.57 -1.88
N GLU K 191 32.62 74.10 -0.65
CA GLU K 191 33.04 75.49 -0.46
C GLU K 191 34.50 75.72 -0.83
N ASP K 192 35.36 74.70 -0.64
CA ASP K 192 36.77 74.87 -0.97
C ASP K 192 36.96 75.11 -2.47
N VAL K 193 36.22 74.37 -3.31
CA VAL K 193 36.30 74.60 -4.74
C VAL K 193 35.65 75.93 -5.10
N LYS K 194 34.52 76.25 -4.46
CA LYS K 194 33.83 77.50 -4.75
C LYS K 194 34.69 78.71 -4.39
N SER K 195 35.63 78.54 -3.45
CA SER K 195 36.48 79.64 -3.02
C SER K 195 37.50 80.06 -4.07
N GLN K 196 37.64 79.32 -5.17
CA GLN K 196 38.59 79.65 -6.22
C GLN K 196 37.92 80.19 -7.48
N LEU K 197 36.68 80.66 -7.35
CA LEU K 197 35.94 81.25 -8.47
C LEU K 197 35.32 82.57 -8.01
N ASN K 198 34.66 83.25 -8.93
CA ASN K 198 33.93 84.48 -8.63
C ASN K 198 32.43 84.18 -8.64
N ALA K 199 31.75 84.52 -7.54
CA ALA K 199 30.35 84.16 -7.39
C ALA K 199 29.45 85.04 -8.26
N ASP K 200 29.87 86.28 -8.50
CA ASP K 200 29.00 87.23 -9.20
C ASP K 200 28.72 86.79 -10.63
N ASP K 201 29.65 86.08 -11.27
CA ASP K 201 29.43 85.63 -12.64
C ASP K 201 28.50 84.44 -12.74
N TYR K 202 28.20 83.77 -11.63
CA TYR K 202 27.42 82.55 -11.64
C TYR K 202 26.13 82.72 -10.87
N GLU K 203 25.11 81.99 -11.32
CA GLU K 203 23.78 81.91 -10.76
C GLU K 203 23.55 80.53 -10.14
N PRO K 204 22.78 80.44 -9.06
CA PRO K 204 22.39 79.12 -8.56
C PRO K 204 21.66 78.35 -9.66
N ASP K 205 21.90 77.04 -9.70
CA ASP K 205 21.34 76.16 -10.71
C ASP K 205 21.93 76.47 -12.10
N THR K 206 23.25 76.59 -12.17
CA THR K 206 23.98 76.63 -13.43
C THR K 206 25.04 75.54 -13.38
N GLU K 207 25.07 74.70 -14.41
CA GLU K 207 25.86 73.48 -14.37
C GLU K 207 27.29 73.71 -14.83
N LEU K 208 28.23 73.05 -14.15
CA LEU K 208 29.63 73.05 -14.50
C LEU K 208 30.07 71.63 -14.80
N GLU K 209 31.11 71.49 -15.62
CA GLU K 209 31.66 70.20 -15.98
C GLU K 209 33.00 70.00 -15.29
N VAL K 210 33.17 68.85 -14.65
CA VAL K 210 34.36 68.54 -13.86
C VAL K 210 35.04 67.32 -14.46
N TYR K 211 36.35 67.39 -14.66
CA TYR K 211 37.11 66.31 -15.27
C TYR K 211 38.14 65.76 -14.28
N THR K 212 38.40 64.46 -14.39
CA THR K 212 39.39 63.78 -13.56
C THR K 212 40.29 62.95 -14.46
N HIS K 213 41.60 63.03 -14.24
CA HIS K 213 42.59 62.39 -15.11
C HIS K 213 43.51 61.52 -14.28
N ILE K 214 43.65 60.25 -14.68
CA ILE K 214 44.57 59.30 -14.05
C ILE K 214 45.46 58.71 -15.13
N TYR K 215 46.77 58.81 -14.93
CA TYR K 215 47.73 58.32 -15.92
C TYR K 215 48.91 57.68 -15.20
N ARG K 216 49.69 56.90 -15.96
CA ARG K 216 50.79 56.11 -15.42
C ARG K 216 52.13 56.77 -15.73
N GLN K 217 52.99 56.86 -14.72
CA GLN K 217 54.32 57.42 -14.90
C GLN K 217 55.28 56.80 -13.90
N ASP K 218 56.20 55.97 -14.40
CA ASP K 218 57.31 55.41 -13.61
C ASP K 218 56.81 54.60 -12.42
N ASP K 219 56.11 53.50 -12.73
CA ASP K 219 55.71 52.50 -11.75
C ASP K 219 54.75 53.03 -10.69
N GLU K 220 53.90 53.99 -11.06
CA GLU K 220 52.88 54.48 -10.14
C GLU K 220 51.83 55.24 -10.96
N TYR K 221 50.82 55.73 -10.26
CA TYR K 221 49.72 56.47 -10.87
C TYR K 221 49.67 57.88 -10.30
N LEU K 222 49.20 58.82 -11.11
CA LEU K 222 49.07 60.22 -10.72
C LEU K 222 47.65 60.69 -10.97
N ARG K 223 47.25 61.74 -10.26
CA ARG K 223 45.85 62.17 -10.25
C ARG K 223 45.75 63.68 -10.09
N TYR K 224 44.81 64.29 -10.81
CA TYR K 224 44.50 65.71 -10.65
C TYR K 224 43.11 65.98 -11.22
N GLU K 225 42.58 67.17 -10.93
CA GLU K 225 41.22 67.54 -11.27
C GLU K 225 41.19 68.91 -11.94
N GLU K 226 40.41 69.03 -13.02
CA GLU K 226 40.34 70.24 -13.82
C GLU K 226 38.88 70.65 -13.96
N VAL K 227 38.59 71.95 -13.79
CA VAL K 227 37.21 72.44 -13.72
C VAL K 227 36.79 73.17 -14.99
N GLU K 228 37.42 74.31 -15.30
CA GLU K 228 37.07 75.07 -16.49
C GLU K 228 38.21 75.11 -17.49
N GLY K 229 39.37 75.62 -17.07
CA GLY K 229 40.58 75.54 -17.87
C GLY K 229 41.80 75.42 -16.98
N ILE K 230 41.56 75.30 -15.69
CA ILE K 230 42.63 75.33 -14.69
C ILE K 230 42.50 74.12 -13.79
N GLU K 231 43.58 73.81 -13.09
CA GLU K 231 43.65 72.67 -12.18
C GLU K 231 43.30 73.15 -10.77
N VAL K 232 42.30 72.50 -10.17
CA VAL K 232 41.86 72.89 -8.83
C VAL K 232 42.92 72.50 -7.81
N ALA K 233 43.34 73.45 -6.99
CA ALA K 233 44.34 73.18 -5.97
C ALA K 233 43.74 72.32 -4.86
N GLY K 234 44.56 71.41 -4.33
CA GLY K 234 44.14 70.55 -3.26
C GLY K 234 43.60 69.19 -3.66
N THR K 235 43.76 68.81 -4.93
CA THR K 235 43.31 67.50 -5.39
C THR K 235 44.44 66.58 -5.83
N GLU K 236 45.69 66.98 -5.64
CA GLU K 236 46.81 66.15 -6.05
C GLU K 236 46.87 64.86 -5.25
N GLY K 237 47.37 63.80 -5.87
CA GLY K 237 47.46 62.54 -5.19
C GLY K 237 48.24 61.53 -6.00
N SER K 238 48.33 60.32 -5.46
CA SER K 238 49.04 59.22 -6.11
C SER K 238 48.51 57.90 -5.55
N TYR K 239 48.67 56.85 -6.34
CA TYR K 239 48.22 55.51 -5.96
C TYR K 239 49.29 54.48 -6.27
N PRO K 240 49.32 53.37 -5.53
CA PRO K 240 50.23 52.27 -5.89
C PRO K 240 49.81 51.60 -7.18
N LEU K 241 50.63 50.68 -7.69
CA LEU K 241 50.35 50.07 -8.98
C LEU K 241 49.31 48.95 -8.89
N THR K 242 48.92 48.54 -7.69
CA THR K 242 47.96 47.45 -7.52
C THR K 242 46.79 47.81 -6.63
N ALA K 243 46.63 49.09 -6.27
CA ALA K 243 45.56 49.54 -5.40
C ALA K 243 44.85 50.76 -6.00
N CYS K 244 44.55 50.67 -7.30
CA CYS K 244 43.83 51.73 -7.97
C CYS K 244 42.33 51.55 -7.74
N PRO K 245 41.63 52.55 -7.20
CA PRO K 245 40.20 52.36 -6.89
C PRO K 245 39.27 52.57 -8.08
N TYR K 246 39.80 52.54 -9.30
CA TYR K 246 38.99 52.61 -10.52
C TYR K 246 39.10 51.28 -11.25
N ILE K 247 38.00 50.55 -11.35
CA ILE K 247 37.99 49.17 -11.82
C ILE K 247 37.11 49.08 -13.06
N PRO K 248 37.69 49.09 -14.26
CA PRO K 248 36.91 48.77 -15.45
C PRO K 248 36.64 47.27 -15.55
N VAL K 249 35.42 46.94 -15.98
CA VAL K 249 34.97 45.55 -16.01
C VAL K 249 34.59 45.18 -17.43
N ARG K 250 34.93 43.95 -17.83
CA ARG K 250 34.60 43.40 -19.14
C ARG K 250 33.99 42.02 -18.97
N MET K 251 33.10 41.65 -19.89
CA MET K 251 32.48 40.33 -19.85
C MET K 251 33.20 39.32 -20.74
N VAL K 252 33.29 39.60 -22.04
CA VAL K 252 33.98 38.75 -22.99
C VAL K 252 35.20 39.51 -23.50
N ARG K 253 36.38 38.95 -23.30
CA ARG K 253 37.63 39.62 -23.61
C ARG K 253 38.25 39.00 -24.85
N LEU K 254 38.20 39.74 -25.96
CA LEU K 254 38.99 39.41 -27.13
C LEU K 254 40.37 40.04 -26.95
N ASP K 255 41.20 40.02 -27.99
CA ASP K 255 42.56 40.54 -27.89
C ASP K 255 42.79 41.67 -28.87
N GLY K 256 43.56 42.67 -28.43
CA GLY K 256 43.85 43.84 -29.22
C GLY K 256 42.81 44.94 -29.17
N GLU K 257 41.72 44.74 -28.44
CA GLU K 257 40.63 45.71 -28.38
C GLU K 257 40.51 46.33 -27.01
N ASP K 258 40.00 47.55 -26.99
CA ASP K 258 39.52 48.18 -25.76
C ASP K 258 38.08 47.74 -25.55
N TYR K 259 37.65 47.72 -24.28
CA TYR K 259 36.28 47.35 -23.94
C TYR K 259 35.98 45.90 -24.32
N GLY K 260 34.86 45.36 -23.83
CA GLY K 260 34.48 44.00 -24.10
C GLY K 260 33.14 43.90 -24.83
N ARG K 261 32.79 42.67 -25.18
CA ARG K 261 31.53 42.37 -25.83
C ARG K 261 30.53 41.86 -24.78
N SER K 262 29.36 41.45 -25.25
CA SER K 262 28.30 41.01 -24.34
C SER K 262 27.86 39.58 -24.68
N TYR K 263 27.13 38.98 -23.74
CA TYR K 263 26.66 37.61 -23.89
C TYR K 263 25.39 37.51 -24.73
N CYS K 264 24.63 38.61 -24.86
CA CYS K 264 23.37 38.58 -25.59
C CYS K 264 23.55 38.69 -27.10
N GLU K 265 24.76 38.99 -27.58
CA GLU K 265 24.96 39.19 -29.01
C GLU K 265 24.93 37.90 -29.82
N GLU K 266 25.09 36.75 -29.16
CA GLU K 266 25.15 35.50 -29.88
C GLU K 266 23.79 35.02 -30.36
N TYR K 267 22.70 35.56 -29.81
CA TYR K 267 21.36 35.05 -30.06
C TYR K 267 20.44 36.14 -30.59
N LEU K 268 20.95 37.02 -31.44
CA LEU K 268 20.11 38.10 -31.96
C LEU K 268 19.19 37.61 -33.06
N GLY K 269 19.67 36.69 -33.91
CA GLY K 269 18.86 36.24 -35.02
C GLY K 269 17.61 35.49 -34.58
N ASP K 270 17.73 34.70 -33.51
CA ASP K 270 16.58 33.96 -33.01
C ASP K 270 15.49 34.91 -32.54
N LEU K 271 15.89 35.94 -31.77
CA LEU K 271 14.91 36.92 -31.30
C LEU K 271 14.27 37.66 -32.46
N ASN K 272 15.08 38.01 -33.47
CA ASN K 272 14.52 38.70 -34.64
C ASN K 272 13.50 37.83 -35.37
N SER K 273 13.79 36.54 -35.56
CA SER K 273 12.84 35.66 -36.23
C SER K 273 11.56 35.51 -35.43
N LEU K 274 11.68 35.30 -34.12
CA LEU K 274 10.48 35.15 -33.29
C LEU K 274 9.63 36.40 -33.32
N GLU K 275 10.26 37.56 -33.22
CA GLU K 275 9.52 38.82 -33.26
C GLU K 275 8.88 39.09 -34.62
N THR K 276 9.48 38.57 -35.69
CA THR K 276 8.85 38.70 -37.00
C THR K 276 7.61 37.82 -37.14
N ILE K 277 7.68 36.57 -36.66
CA ILE K 277 6.54 35.67 -36.83
C ILE K 277 5.37 36.07 -35.93
N THR K 278 5.66 36.51 -34.69
CA THR K 278 4.60 36.80 -33.75
C THR K 278 3.71 37.95 -34.21
N GLU K 279 4.30 38.96 -34.86
CA GLU K 279 3.52 40.09 -35.35
C GLU K 279 2.47 39.64 -36.35
N ALA K 280 2.87 38.81 -37.32
CA ALA K 280 1.93 38.32 -38.31
C ALA K 280 0.84 37.49 -37.66
N ILE K 281 1.21 36.63 -36.70
CA ILE K 281 0.20 35.81 -36.03
C ILE K 281 -0.84 36.68 -35.33
N THR K 282 -0.39 37.74 -34.66
CA THR K 282 -1.33 38.61 -33.94
C THR K 282 -2.22 39.40 -34.90
N LYS K 283 -1.64 39.93 -35.98
CA LYS K 283 -2.45 40.72 -36.92
C LYS K 283 -3.50 39.86 -37.60
N MET K 284 -3.18 38.62 -37.94
CA MET K 284 -4.19 37.73 -38.51
C MET K 284 -5.37 37.54 -37.58
N ALA K 285 -5.15 37.50 -36.27
CA ALA K 285 -6.24 37.37 -35.31
C ALA K 285 -7.01 38.67 -35.12
N LYS K 286 -6.35 39.82 -35.26
CA LYS K 286 -7.10 41.07 -35.20
C LYS K 286 -7.97 41.27 -36.42
N VAL K 287 -7.55 40.79 -37.59
CA VAL K 287 -8.37 40.96 -38.79
C VAL K 287 -9.65 40.16 -38.70
N ALA K 288 -9.62 38.98 -38.07
CA ALA K 288 -10.71 38.01 -38.13
C ALA K 288 -11.77 38.24 -37.05
N SER K 289 -11.93 39.46 -36.55
CA SER K 289 -12.98 39.77 -35.59
C SER K 289 -13.92 40.86 -36.11
N LYS K 290 -14.03 40.99 -37.42
CA LYS K 290 -14.92 41.96 -38.06
C LYS K 290 -16.01 41.21 -38.80
N VAL K 291 -17.26 41.63 -38.63
CA VAL K 291 -18.41 40.94 -39.21
C VAL K 291 -18.91 41.74 -40.41
N VAL K 292 -19.09 41.04 -41.53
CA VAL K 292 -19.65 41.63 -42.74
C VAL K 292 -20.60 40.61 -43.36
N GLY K 293 -21.86 40.98 -43.52
CA GLY K 293 -22.86 40.11 -44.09
C GLY K 293 -22.97 40.30 -45.59
N LEU K 294 -23.28 39.22 -46.30
CA LEU K 294 -23.31 39.22 -47.76
C LEU K 294 -24.65 38.68 -48.23
N VAL K 295 -25.46 39.52 -48.86
CA VAL K 295 -26.74 39.10 -49.42
C VAL K 295 -26.57 38.92 -50.92
N ASN K 296 -27.32 37.98 -51.48
CA ASN K 296 -27.20 37.63 -52.89
C ASN K 296 -28.16 38.49 -53.71
N PRO K 297 -27.68 39.30 -54.70
CA PRO K 297 -28.52 40.24 -55.43
C PRO K 297 -29.43 39.66 -56.52
N ASN K 298 -29.40 38.35 -56.75
CA ASN K 298 -30.29 37.69 -57.74
C ASN K 298 -31.34 36.87 -56.98
N GLY K 299 -31.70 37.30 -55.76
CA GLY K 299 -32.62 36.54 -54.91
C GLY K 299 -33.85 37.34 -54.54
N ILE K 300 -34.55 36.97 -53.46
CA ILE K 300 -35.84 37.62 -53.12
C ILE K 300 -35.80 38.29 -51.73
N THR K 301 -34.79 38.04 -50.89
CA THR K 301 -34.80 38.61 -49.51
C THR K 301 -34.38 40.09 -49.57
N GLN K 302 -34.86 40.91 -48.64
CA GLN K 302 -34.57 42.36 -48.64
C GLN K 302 -34.01 42.77 -47.28
N PRO K 303 -32.80 43.33 -47.19
CA PRO K 303 -32.18 43.64 -45.89
C PRO K 303 -32.94 44.66 -45.04
N ARG K 304 -33.94 45.31 -45.62
CA ARG K 304 -34.69 46.33 -44.89
C ARG K 304 -35.69 45.73 -43.92
N ARG K 305 -36.20 44.53 -44.21
CA ARG K 305 -37.14 43.88 -43.30
C ARG K 305 -36.45 43.27 -42.09
N LEU K 306 -35.26 42.69 -42.27
CA LEU K 306 -34.55 42.09 -41.16
C LEU K 306 -34.06 43.12 -40.15
N ASN K 307 -33.98 44.39 -40.55
CA ASN K 307 -33.37 45.41 -39.72
C ASN K 307 -34.38 46.15 -38.83
N LYS K 308 -35.67 46.11 -39.18
CA LYS K 308 -36.69 46.85 -38.46
C LYS K 308 -37.62 45.95 -37.66
N ALA K 309 -37.23 44.69 -37.44
CA ALA K 309 -38.09 43.73 -36.75
C ALA K 309 -37.85 43.77 -35.25
N ALA K 310 -38.72 43.09 -34.51
CA ALA K 310 -38.66 43.03 -33.07
C ALA K 310 -38.04 41.69 -32.63
N THR K 311 -38.06 41.44 -31.32
CA THR K 311 -37.38 40.26 -30.79
C THR K 311 -38.11 38.97 -31.15
N GLY K 312 -39.44 39.00 -31.22
CA GLY K 312 -40.15 37.85 -31.76
C GLY K 312 -41.11 38.27 -32.85
N GLU K 313 -40.85 37.87 -34.09
CA GLU K 313 -41.65 38.35 -35.20
C GLU K 313 -41.38 37.49 -36.43
N PHE K 314 -42.39 37.39 -37.29
CA PHE K 314 -42.29 36.65 -38.55
C PHE K 314 -42.12 37.63 -39.70
N VAL K 315 -41.08 37.43 -40.50
CA VAL K 315 -40.87 38.22 -41.71
C VAL K 315 -40.80 37.29 -42.91
N ALA K 316 -40.57 37.84 -44.10
CA ALA K 316 -40.58 37.07 -45.34
C ALA K 316 -39.17 36.98 -45.91
N GLY K 317 -38.76 35.78 -46.30
CA GLY K 317 -37.46 35.62 -46.90
C GLY K 317 -37.08 34.16 -47.02
N ARG K 318 -35.82 33.93 -47.38
CA ARG K 318 -35.21 32.62 -47.44
C ARG K 318 -33.86 32.65 -46.74
N VAL K 319 -33.46 31.51 -46.18
CA VAL K 319 -32.21 31.40 -45.45
C VAL K 319 -31.06 30.97 -46.35
N GLU K 320 -31.32 30.82 -47.65
CA GLU K 320 -30.29 30.44 -48.61
C GLU K 320 -29.62 31.65 -49.26
N ASP K 321 -30.00 32.86 -48.87
CA ASP K 321 -29.48 34.08 -49.50
C ASP K 321 -28.61 34.91 -48.57
N ILE K 322 -28.29 34.41 -47.37
CA ILE K 322 -27.52 35.16 -46.40
C ILE K 322 -26.30 34.34 -46.00
N ASN K 323 -25.13 34.97 -45.98
CA ASN K 323 -23.90 34.30 -45.62
C ASN K 323 -22.92 35.34 -45.13
N PHE K 324 -21.87 34.89 -44.44
CA PHE K 324 -20.92 35.77 -43.79
C PHE K 324 -19.51 35.52 -44.31
N LEU K 325 -18.74 36.60 -44.41
CA LEU K 325 -17.37 36.52 -44.88
C LEU K 325 -16.46 35.98 -43.79
N GLN K 326 -15.56 35.08 -44.17
CA GLN K 326 -14.69 34.43 -43.18
C GLN K 326 -13.31 34.18 -43.78
N LEU K 327 -12.29 34.34 -42.95
CA LEU K 327 -10.92 34.01 -43.35
C LEU K 327 -10.77 32.50 -43.47
N THR K 328 -10.16 32.04 -44.55
CA THR K 328 -10.11 30.62 -44.87
C THR K 328 -8.71 30.18 -45.26
N LYS K 329 -7.69 30.63 -44.52
CA LYS K 329 -6.36 30.08 -44.68
C LYS K 329 -6.29 28.75 -43.95
N GLY K 330 -5.68 27.75 -44.61
CA GLY K 330 -5.78 26.38 -44.14
C GLY K 330 -4.70 25.99 -43.16
N GLN K 331 -3.81 25.09 -43.58
CA GLN K 331 -2.70 24.69 -42.72
C GLN K 331 -1.53 25.67 -42.86
N ASP K 332 -1.82 26.96 -42.74
CA ASP K 332 -0.80 27.99 -42.69
C ASP K 332 -0.70 28.60 -41.31
N PHE K 333 -1.47 28.12 -40.35
CA PHE K 333 -1.43 28.54 -38.95
C PHE K 333 -0.62 27.58 -38.09
N THR K 334 -0.83 26.27 -38.27
CA THR K 334 -0.14 25.29 -37.45
C THR K 334 1.36 25.28 -37.71
N ILE K 335 1.77 25.46 -38.97
CA ILE K 335 3.20 25.43 -39.30
C ILE K 335 3.93 26.56 -38.59
N ALA K 336 3.43 27.77 -38.73
CA ALA K 336 4.06 28.92 -38.08
C ALA K 336 4.02 28.77 -36.57
N LYS K 337 2.89 28.30 -36.03
CA LYS K 337 2.80 28.10 -34.59
C LYS K 337 3.87 27.14 -34.09
N SER K 338 4.01 25.98 -34.75
CA SER K 338 4.96 24.97 -34.32
C SER K 338 6.39 25.47 -34.42
N VAL K 339 6.73 26.17 -35.51
CA VAL K 339 8.09 26.72 -35.63
C VAL K 339 8.35 27.72 -34.50
N ALA K 340 7.35 28.54 -34.17
CA ALA K 340 7.53 29.49 -33.08
C ALA K 340 7.79 28.78 -31.75
N ASP K 341 7.02 27.72 -31.45
CA ASP K 341 7.26 27.01 -30.21
C ASP K 341 8.63 26.36 -30.19
N ALA K 342 9.09 25.84 -31.33
CA ALA K 342 10.43 25.28 -31.38
C ALA K 342 11.50 26.33 -31.06
N ILE K 343 11.37 27.52 -31.64
CA ILE K 343 12.37 28.57 -31.37
C ILE K 343 12.32 28.97 -29.90
N GLU K 344 11.12 29.07 -29.33
CA GLU K 344 10.99 29.46 -27.92
C GLU K 344 11.67 28.43 -27.01
N GLN K 345 11.42 27.15 -27.26
CA GLN K 345 12.07 26.12 -26.46
C GLN K 345 13.58 26.14 -26.63
N ARG K 346 14.06 26.42 -27.85
CA ARG K 346 15.51 26.50 -28.07
C ARG K 346 16.13 27.65 -27.28
N LEU K 347 15.46 28.80 -27.25
CA LEU K 347 15.98 29.94 -26.50
C LEU K 347 15.86 29.76 -24.99
N GLY K 348 14.93 28.92 -24.53
CA GLY K 348 14.81 28.73 -23.10
C GLY K 348 15.86 27.87 -22.44
N TRP K 349 16.72 27.21 -23.21
CA TRP K 349 17.75 26.35 -22.64
C TRP K 349 19.01 27.10 -22.26
N ALA K 350 19.33 28.19 -22.93
CA ALA K 350 20.60 28.89 -22.76
C ALA K 350 20.56 29.96 -21.69
N PHE K 351 19.40 30.26 -21.12
CA PHE K 351 19.29 31.27 -20.08
C PHE K 351 18.82 30.68 -18.75
N LEU K 352 18.89 29.36 -18.61
CA LEU K 352 18.59 28.66 -17.35
C LEU K 352 17.16 28.90 -16.89
N LEU K 353 16.19 28.64 -17.76
CA LEU K 353 14.77 28.78 -17.33
C LEU K 353 14.25 27.38 -16.97
N VAL K 372 24.86 24.90 0.69
CA VAL K 372 25.08 23.79 -0.28
C VAL K 372 24.26 24.04 -1.53
N ALA K 373 23.00 24.47 -1.39
CA ALA K 373 22.19 24.83 -2.58
C ALA K 373 22.93 25.90 -3.38
N GLY K 374 23.76 26.71 -2.71
CA GLY K 374 24.59 27.69 -3.43
C GLY K 374 25.52 26.98 -4.39
N GLU K 375 26.18 25.90 -3.94
CA GLU K 375 27.17 25.18 -4.78
C GLU K 375 26.46 24.46 -5.93
N LEU K 376 25.29 23.86 -5.68
CA LEU K 376 24.60 23.06 -6.73
C LEU K 376 24.34 23.93 -7.96
N GLU K 377 24.12 25.23 -7.79
CA GLU K 377 23.75 26.09 -8.95
C GLU K 377 24.93 26.98 -9.38
N ALA K 378 26.14 26.74 -8.86
CA ALA K 378 27.32 27.52 -9.29
C ALA K 378 28.08 26.77 -10.38
N SER K 385 33.69 32.07 -13.99
CA SER K 385 35.13 31.83 -13.68
C SER K 385 35.97 33.07 -13.99
N VAL K 386 35.65 33.77 -15.09
CA VAL K 386 36.48 34.93 -15.52
C VAL K 386 36.27 36.10 -14.58
N GLN K 387 35.12 36.20 -13.93
CA GLN K 387 34.79 37.38 -13.08
C GLN K 387 35.36 37.22 -11.67
N SER K 388 36.30 36.30 -11.46
CA SER K 388 36.97 36.14 -10.14
C SER K 388 38.35 36.74 -10.26
N GLN K 389 38.62 37.41 -11.36
CA GLN K 389 39.93 38.07 -11.59
C GLN K 389 39.63 39.48 -12.10
N GLU K 390 38.35 39.80 -12.27
CA GLU K 390 37.98 41.11 -12.87
C GLU K 390 36.95 41.86 -12.01
N LEU K 391 36.59 41.35 -10.83
CA LEU K 391 35.55 42.00 -10.01
C LEU K 391 35.73 41.66 -8.53
N GLN K 392 36.24 40.48 -8.20
CA GLN K 392 36.27 40.07 -6.77
C GLN K 392 37.64 40.34 -6.14
N LEU K 393 38.73 39.89 -6.77
CA LEU K 393 40.07 40.06 -6.14
C LEU K 393 40.47 41.53 -6.12
N PRO K 394 40.17 42.36 -7.14
CA PRO K 394 40.46 43.80 -7.07
C PRO K 394 39.77 44.59 -5.94
N ILE K 395 38.51 44.29 -5.60
CA ILE K 395 37.77 45.00 -4.51
C ILE K 395 38.36 44.67 -3.14
N VAL K 396 39.04 43.52 -3.00
CA VAL K 396 39.58 43.09 -1.68
C VAL K 396 41.03 43.55 -1.54
N ARG K 397 41.70 43.91 -2.64
CA ARG K 397 43.08 44.42 -2.55
C ARG K 397 43.05 45.93 -2.25
N VAL K 398 41.98 46.63 -2.64
CA VAL K 398 41.80 48.04 -2.31
C VAL K 398 41.39 48.21 -0.86
N LEU K 399 40.45 47.40 -0.39
CA LEU K 399 39.89 47.59 0.95
C LEU K 399 40.92 47.34 2.04
N MET K 400 41.72 46.29 1.92
CA MET K 400 42.73 46.05 2.96
C MET K 400 43.79 47.13 2.95
N ASN K 401 44.05 47.76 1.80
CA ASN K 401 45.01 48.84 1.75
C ASN K 401 44.47 50.12 2.39
N GLN K 402 43.18 50.39 2.23
CA GLN K 402 42.65 51.65 2.76
C GLN K 402 42.19 51.57 4.20
N LEU K 403 41.49 50.50 4.58
CA LEU K 403 41.02 50.36 5.96
C LEU K 403 42.18 50.28 6.94
N GLN K 404 43.28 49.64 6.54
CA GLN K 404 44.46 49.57 7.41
C GLN K 404 45.03 50.95 7.67
N SER K 405 45.10 51.78 6.64
CA SER K 405 45.64 53.13 6.81
C SER K 405 44.70 54.02 7.61
N ALA K 406 43.39 53.82 7.47
CA ALA K 406 42.44 54.61 8.24
C ALA K 406 42.59 54.35 9.74
N GLY K 407 42.82 53.11 10.12
CA GLY K 407 42.99 52.76 11.53
C GLY K 407 41.91 51.87 12.06
N MET K 408 41.29 51.08 11.19
CA MET K 408 40.18 50.21 11.55
C MET K 408 40.54 48.73 11.48
N ILE K 409 41.75 48.39 11.08
CA ILE K 409 42.21 47.01 11.01
C ILE K 409 43.60 46.93 11.63
N PRO K 410 43.92 45.89 12.38
CA PRO K 410 45.27 45.77 12.96
C PRO K 410 46.34 45.65 11.89
N ASP K 411 47.52 46.17 12.20
CA ASP K 411 48.62 46.19 11.24
C ASP K 411 49.09 44.76 10.95
N LEU K 412 48.83 44.30 9.73
CA LEU K 412 49.17 42.94 9.36
C LEU K 412 50.67 42.78 9.19
N PRO K 413 51.17 41.55 9.27
CA PRO K 413 52.60 41.30 9.02
C PRO K 413 53.03 41.76 7.64
N LYS K 414 54.34 41.71 7.40
CA LYS K 414 54.90 42.19 6.12
C LYS K 414 54.39 41.33 4.96
N GLU K 415 55.09 40.22 4.70
CA GLU K 415 54.73 39.35 3.56
C GLU K 415 54.38 37.95 4.07
N ALA K 416 53.16 37.78 4.58
CA ALA K 416 52.71 36.46 5.06
C ALA K 416 51.22 36.34 4.77
N SER K 422 39.48 34.22 -3.50
CA SER K 422 38.33 34.52 -4.35
C SER K 422 37.24 33.46 -4.23
N THR K 423 37.17 32.53 -5.18
CA THR K 423 36.21 31.44 -5.09
C THR K 423 36.76 30.10 -5.57
N GLY K 424 38.08 29.97 -5.75
CA GLY K 424 38.63 28.69 -6.19
C GLY K 424 38.30 27.57 -5.22
N LEU K 425 38.62 27.77 -3.94
CA LEU K 425 38.00 27.00 -2.87
C LEU K 425 37.71 28.02 -1.75
N GLU K 426 36.57 28.69 -1.85
CA GLU K 426 36.20 29.68 -0.84
C GLU K 426 34.83 29.42 -0.23
N ALA K 427 33.82 29.23 -1.08
CA ALA K 427 32.49 28.92 -0.58
C ALA K 427 32.50 27.61 0.18
N LEU K 428 33.24 26.63 -0.32
CA LEU K 428 33.54 25.41 0.41
C LEU K 428 34.89 25.49 1.11
N GLY K 429 35.47 26.69 1.23
CA GLY K 429 36.75 26.83 1.91
C GLY K 429 36.70 26.32 3.34
N ARG K 430 35.59 26.56 4.03
CA ARG K 430 35.36 25.96 5.35
C ARG K 430 34.52 24.69 5.27
N GLY K 431 33.75 24.51 4.20
CA GLY K 431 32.98 23.28 4.04
C GLY K 431 33.85 22.05 3.91
N GLN K 432 35.00 22.18 3.25
CA GLN K 432 35.93 21.06 3.14
C GLN K 432 36.43 20.64 4.51
N ASP K 433 36.79 21.62 5.34
CA ASP K 433 37.22 21.32 6.71
C ASP K 433 36.10 20.66 7.51
N LEU K 434 34.87 21.17 7.36
CA LEU K 434 33.75 20.56 8.05
C LEU K 434 33.55 19.11 7.63
N GLU K 435 33.65 18.83 6.33
CA GLU K 435 33.44 17.47 5.85
C GLU K 435 34.52 16.53 6.38
N LYS K 436 35.79 16.96 6.32
CA LYS K 436 36.86 16.12 6.82
C LYS K 436 36.71 15.84 8.31
N LEU K 437 36.38 16.87 9.09
CA LEU K 437 36.23 16.68 10.53
C LEU K 437 35.05 15.76 10.85
N THR K 438 33.94 15.92 10.13
CA THR K 438 32.79 15.04 10.35
C THR K 438 33.12 13.60 10.03
N GLN K 439 33.82 13.36 8.91
CA GLN K 439 34.21 12.00 8.57
C GLN K 439 35.14 11.41 9.63
N ALA K 440 36.08 12.21 10.13
CA ALA K 440 36.99 11.71 11.16
C ALA K 440 36.23 11.32 12.41
N VAL K 441 35.28 12.15 12.83
CA VAL K 441 34.49 11.83 14.03
C VAL K 441 33.67 10.56 13.81
N ASN K 442 33.05 10.43 12.62
CA ASN K 442 32.24 9.25 12.34
C ASN K 442 33.08 7.98 12.31
N MET K 443 34.34 8.07 11.87
CA MET K 443 35.19 6.88 11.92
C MET K 443 35.69 6.57 13.32
N MET K 444 36.00 7.60 14.12
CA MET K 444 36.49 7.35 15.47
C MET K 444 35.40 6.87 16.42
N THR K 445 34.14 7.16 16.13
CA THR K 445 33.07 6.71 17.02
C THR K 445 32.71 5.24 16.83
N GLY K 446 33.30 4.57 15.86
CA GLY K 446 33.02 3.17 15.60
C GLY K 446 34.04 2.19 16.11
N LEU K 447 35.14 2.65 16.69
CA LEU K 447 36.18 1.79 17.25
C LEU K 447 35.97 1.50 18.73
N GLN K 448 34.90 2.01 19.32
CA GLN K 448 34.58 1.80 20.72
C GLN K 448 34.36 0.33 21.07
N PRO K 449 33.67 -0.47 20.25
CA PRO K 449 33.50 -1.89 20.61
C PRO K 449 34.79 -2.66 20.81
N LEU K 450 35.85 -2.33 20.05
CA LEU K 450 37.10 -3.07 20.11
C LEU K 450 38.03 -2.60 21.22
N SER K 451 37.51 -1.87 22.20
CA SER K 451 38.35 -1.33 23.26
C SER K 451 38.80 -2.38 24.27
N GLN K 452 38.23 -3.59 24.23
CA GLN K 452 38.58 -4.66 25.16
C GLN K 452 39.26 -5.84 24.45
N ASP K 453 39.75 -5.62 23.23
CA ASP K 453 40.47 -6.68 22.51
C ASP K 453 41.95 -6.60 22.85
N PRO K 454 42.55 -7.65 23.42
CA PRO K 454 43.94 -7.57 23.87
C PRO K 454 44.98 -7.82 22.79
N ASP K 455 44.61 -7.81 21.51
CA ASP K 455 45.56 -8.12 20.44
C ASP K 455 45.53 -7.09 19.32
N ILE K 456 45.26 -5.83 19.65
CA ILE K 456 45.22 -4.76 18.64
C ILE K 456 45.97 -3.56 19.18
N ASN K 457 46.77 -2.93 18.32
CA ASN K 457 47.51 -1.72 18.64
C ASN K 457 46.67 -0.53 18.21
N LEU K 458 45.79 -0.08 19.10
CA LEU K 458 44.90 1.03 18.77
C LEU K 458 45.60 2.35 18.47
N PRO K 459 46.61 2.78 19.23
CA PRO K 459 47.22 4.09 18.93
C PRO K 459 47.74 4.23 17.50
N THR K 460 48.37 3.20 16.95
CA THR K 460 48.82 3.25 15.57
C THR K 460 47.70 3.04 14.56
N LEU K 461 46.67 2.28 14.91
CA LEU K 461 45.52 2.13 14.02
C LEU K 461 44.83 3.47 13.81
N LYS K 462 44.69 4.26 14.89
CA LYS K 462 44.09 5.58 14.74
C LYS K 462 44.93 6.49 13.85
N LEU K 463 46.26 6.42 14.01
CA LEU K 463 47.14 7.23 13.17
C LEU K 463 47.03 6.84 11.70
N ARG K 464 46.99 5.54 11.42
CA ARG K 464 46.85 5.09 10.04
C ARG K 464 45.49 5.44 9.47
N LEU K 465 44.45 5.46 10.30
CA LEU K 465 43.13 5.87 9.83
C LEU K 465 43.07 7.36 9.55
N LEU K 466 43.80 8.17 10.33
CA LEU K 466 43.85 9.60 10.05
C LEU K 466 44.67 9.92 8.81
N ASN K 467 45.74 9.16 8.55
CA ASN K 467 46.59 9.45 7.39
C ASN K 467 45.92 9.09 6.07
N ALA K 468 44.85 8.30 6.08
CA ALA K 468 44.20 7.91 4.84
C ALA K 468 43.24 8.95 4.32
N LEU K 469 43.01 10.03 5.07
CA LEU K 469 42.15 11.12 4.64
C LEU K 469 42.91 12.37 4.22
N GLY K 470 44.16 12.52 4.65
CA GLY K 470 44.92 13.72 4.41
C GLY K 470 44.72 14.80 5.46
N ILE K 471 43.81 14.59 6.42
CA ILE K 471 43.57 15.60 7.44
C ILE K 471 44.80 15.76 8.32
N ASP K 472 45.00 16.97 8.82
CA ASP K 472 46.15 17.26 9.66
C ASP K 472 46.02 16.58 11.02
N THR K 473 47.16 16.31 11.65
CA THR K 473 47.21 15.63 12.94
C THR K 473 48.04 16.43 13.92
N ALA K 474 47.77 17.73 14.01
CA ALA K 474 48.53 18.59 14.92
C ALA K 474 48.04 18.44 16.35
N GLY K 475 46.77 18.77 16.60
CA GLY K 475 46.23 18.71 17.95
C GLY K 475 45.06 17.77 18.10
N LEU K 476 45.15 16.58 17.49
CA LEU K 476 44.07 15.61 17.58
C LEU K 476 44.42 14.36 18.38
N LEU K 477 45.70 14.12 18.66
CA LEU K 477 46.12 12.94 19.40
C LEU K 477 47.08 13.36 20.50
N LEU K 478 47.07 12.60 21.60
CA LEU K 478 47.95 12.87 22.73
C LEU K 478 49.29 12.16 22.53
N THR K 479 50.26 12.54 23.35
CA THR K 479 51.63 12.07 23.22
C THR K 479 52.02 11.25 24.46
N GLN K 480 53.30 10.87 24.52
CA GLN K 480 53.80 10.12 25.67
C GLN K 480 53.74 10.96 26.93
N ASP K 481 54.12 12.23 26.84
CA ASP K 481 53.92 13.18 27.93
C ASP K 481 52.46 13.63 27.88
N GLU K 482 52.14 14.69 28.63
CA GLU K 482 50.82 15.34 28.63
C GLU K 482 49.68 14.34 28.88
N LYS K 483 50.00 13.17 29.44
CA LYS K 483 49.00 12.23 29.90
C LYS K 483 49.05 11.98 31.40
N ILE K 484 50.15 12.34 32.07
CA ILE K 484 50.19 12.28 33.52
C ILE K 484 49.37 13.41 34.13
N GLN K 485 49.39 14.58 33.48
CA GLN K 485 48.66 15.73 33.99
C GLN K 485 47.17 15.47 34.04
N ARG K 486 46.64 14.77 33.05
CA ARG K 486 45.21 14.46 33.04
C ARG K 486 44.84 13.63 34.26
N MET K 487 45.66 12.60 34.57
CA MET K 487 45.41 11.78 35.75
C MET K 487 45.47 12.61 37.02
N ALA K 488 46.46 13.50 37.12
CA ALA K 488 46.59 14.34 38.31
C ALA K 488 45.35 15.20 38.51
N GLU K 489 44.88 15.83 37.43
CA GLU K 489 43.70 16.68 37.54
C GLU K 489 42.46 15.88 37.93
N GLN K 490 42.28 14.70 37.33
CA GLN K 490 41.14 13.87 37.69
C GLN K 490 41.17 13.50 39.17
N SER K 491 42.34 13.10 39.67
CA SER K 491 42.44 12.69 41.06
C SER K 491 42.12 13.84 42.00
N SER K 492 42.68 15.03 41.74
CA SER K 492 42.41 16.17 42.61
C SER K 492 40.94 16.55 42.59
N GLN K 493 40.34 16.59 41.40
CA GLN K 493 38.95 16.98 41.28
C GLN K 493 38.03 16.03 42.03
N GLN K 494 38.31 14.73 41.96
CA GLN K 494 37.53 13.78 42.74
C GLN K 494 37.72 13.99 44.24
N ALA K 495 38.98 14.13 44.67
CA ALA K 495 39.30 14.12 46.09
C ALA K 495 38.65 15.29 46.81
N VAL K 496 38.65 16.48 46.20
CA VAL K 496 38.15 17.65 46.91
C VAL K 496 36.67 17.47 47.25
N VAL K 497 35.87 17.01 46.29
CA VAL K 497 34.43 16.84 46.52
C VAL K 497 34.19 15.71 47.51
N GLN K 498 34.94 14.61 47.39
CA GLN K 498 34.74 13.50 48.33
C GLN K 498 35.01 13.94 49.76
N GLY K 499 36.04 14.75 49.98
CA GLY K 499 36.29 15.24 51.32
C GLY K 499 35.21 16.19 51.81
N ALA K 500 34.78 17.12 50.96
CA ALA K 500 33.82 18.14 51.40
C ALA K 500 32.50 17.52 51.81
N SER K 501 32.01 16.55 51.04
CA SER K 501 30.70 15.96 51.34
C SER K 501 30.69 15.31 52.72
N ALA K 502 31.72 14.49 53.01
CA ALA K 502 31.80 13.80 54.29
C ALA K 502 31.94 14.80 55.43
N ALA K 503 32.75 15.84 55.24
CA ALA K 503 32.91 16.84 56.29
C ALA K 503 31.57 17.48 56.64
N GLY K 504 30.82 17.88 55.62
CA GLY K 504 29.53 18.50 55.87
C GLY K 504 28.56 17.58 56.58
N ALA K 505 28.50 16.32 56.13
CA ALA K 505 27.56 15.38 56.74
C ALA K 505 27.88 15.13 58.21
N ASN K 506 29.17 14.93 58.53
CA ASN K 506 29.54 14.68 59.92
C ASN K 506 29.25 15.88 60.80
N MET K 507 29.56 17.09 60.31
CA MET K 507 29.28 18.28 61.09
C MET K 507 27.79 18.41 61.38
N GLY K 508 26.95 18.17 60.35
CA GLY K 508 25.52 18.26 60.54
C GLY K 508 25.00 17.25 61.55
N ALA K 509 25.46 16.00 61.47
CA ALA K 509 25.01 14.99 62.42
C ALA K 509 25.40 15.36 63.84
N ALA K 510 26.64 15.82 64.04
CA ALA K 510 27.09 16.16 65.38
C ALA K 510 26.28 17.31 65.97
N VAL K 511 26.06 18.36 65.19
CA VAL K 511 25.33 19.51 65.72
C VAL K 511 23.87 19.14 65.98
N GLY K 512 23.28 18.29 65.13
CA GLY K 512 21.91 17.87 65.36
C GLY K 512 21.77 17.10 66.65
N GLN K 513 22.69 16.16 66.91
CA GLN K 513 22.64 15.43 68.17
C GLN K 513 22.83 16.36 69.36
N GLY K 514 23.77 17.30 69.25
CA GLY K 514 24.01 18.22 70.34
C GLY K 514 22.79 19.07 70.68
N ALA K 515 22.10 19.58 69.65
CA ALA K 515 20.90 20.37 69.89
C ALA K 515 19.78 19.50 70.47
N GLY K 516 19.59 18.31 69.93
CA GLY K 516 18.51 17.45 70.39
C GLY K 516 18.68 17.04 71.84
N GLU K 517 19.93 16.80 72.27
CA GLU K 517 20.15 16.39 73.64
C GLU K 517 19.69 17.46 74.63
N ASP K 518 19.97 18.73 74.32
CA ASP K 518 19.52 19.80 75.21
C ASP K 518 18.02 20.02 75.09
N MET K 519 17.46 19.87 73.89
CA MET K 519 16.03 20.13 73.71
C MET K 519 15.15 19.02 74.28
N ALA K 520 15.71 17.83 74.51
CA ALA K 520 14.91 16.68 74.93
C ALA K 520 14.48 16.74 76.39
N GLN K 521 14.61 17.88 77.07
CA GLN K 521 14.22 18.04 78.46
C GLN K 521 13.31 19.24 78.63
N ALA K 522 12.30 19.36 77.76
CA ALA K 522 11.37 20.48 77.79
C ALA K 522 9.94 20.02 78.03
N GLU L 3 18.09 87.34 4.52
CA GLU L 3 16.88 88.04 4.12
C GLU L 3 16.40 87.48 2.78
N ARG L 4 16.28 86.16 2.72
CA ARG L 4 15.74 85.47 1.55
C ARG L 4 16.53 85.84 0.29
N GLU L 5 17.80 85.43 0.29
CA GLU L 5 18.72 85.84 -0.75
C GLU L 5 18.54 85.03 -2.04
N GLY L 6 18.79 83.72 -1.96
CA GLY L 6 18.78 82.86 -3.14
C GLY L 6 17.63 81.87 -3.07
N PHE L 7 17.04 81.59 -4.24
CA PHE L 7 15.91 80.68 -4.38
C PHE L 7 14.64 81.24 -3.74
N ALA L 8 14.75 82.38 -3.06
CA ALA L 8 13.64 82.88 -2.26
C ALA L 8 13.51 84.39 -2.37
N ALA L 9 14.03 84.98 -3.45
CA ALA L 9 13.97 86.41 -3.66
C ALA L 9 12.70 86.83 -4.40
N GLU L 10 11.80 85.89 -4.69
CA GLU L 10 10.58 86.19 -5.41
C GLU L 10 9.31 85.73 -4.71
N GLY L 11 9.40 84.86 -3.71
CA GLY L 11 8.25 84.40 -2.96
C GLY L 11 7.94 82.94 -3.24
N ALA L 12 6.89 82.46 -2.57
CA ALA L 12 6.48 81.07 -2.69
C ALA L 12 5.50 80.86 -3.84
N LYS L 13 4.51 81.74 -3.99
CA LYS L 13 3.58 81.67 -5.11
C LYS L 13 4.20 82.44 -6.26
N ALA L 14 5.09 81.76 -6.98
CA ALA L 14 5.86 82.31 -8.09
C ALA L 14 6.87 81.24 -8.49
N VAL L 15 7.45 80.60 -7.47
CA VAL L 15 8.21 79.38 -7.71
C VAL L 15 7.27 78.24 -8.05
N TYR L 16 6.11 78.17 -7.39
CA TYR L 16 5.16 77.10 -7.67
C TYR L 16 4.53 77.20 -9.05
N ASP L 17 4.52 78.39 -9.64
CA ASP L 17 3.86 78.58 -10.94
C ASP L 17 4.80 78.37 -12.11
N ARG L 18 6.07 78.75 -11.98
CA ARG L 18 7.02 78.51 -13.07
C ARG L 18 7.25 77.02 -13.28
N LEU L 19 7.36 76.26 -12.19
CA LEU L 19 7.73 74.85 -12.25
C LEU L 19 6.54 73.93 -12.45
N LYS L 20 5.32 74.48 -12.49
CA LYS L 20 4.13 73.65 -12.61
C LYS L 20 3.97 73.03 -14.00
N ASN L 21 4.73 73.50 -14.99
CA ASN L 21 4.61 73.00 -16.35
C ASN L 21 5.56 71.84 -16.65
N GLY L 22 6.34 71.40 -15.68
CA GLY L 22 7.23 70.27 -15.89
C GLY L 22 6.56 68.94 -15.62
N ARG L 23 5.44 68.95 -14.89
CA ARG L 23 4.75 67.72 -14.56
C ARG L 23 3.86 67.22 -15.68
N GLN L 24 3.63 68.03 -16.71
CA GLN L 24 2.62 67.69 -17.71
C GLN L 24 2.83 66.35 -18.40
N PRO L 25 4.04 65.99 -18.86
CA PRO L 25 4.18 64.69 -19.53
C PRO L 25 3.79 63.50 -18.66
N TYR L 26 4.05 63.57 -17.34
CA TYR L 26 3.86 62.40 -16.50
C TYR L 26 2.39 62.14 -16.18
N GLU L 27 1.60 63.21 -16.01
CA GLU L 27 0.19 63.05 -15.69
C GLU L 27 -0.57 62.41 -16.85
N THR L 28 -0.22 62.75 -18.09
CA THR L 28 -0.87 62.15 -19.23
C THR L 28 -0.61 60.64 -19.28
N ARG L 29 0.63 60.23 -19.04
CA ARG L 29 0.95 58.81 -19.01
C ARG L 29 0.22 58.10 -17.88
N ALA L 30 0.15 58.73 -16.71
CA ALA L 30 -0.57 58.12 -15.58
C ALA L 30 -2.05 57.97 -15.88
N GLN L 31 -2.66 58.97 -16.51
CA GLN L 31 -4.07 58.88 -16.86
C GLN L 31 -4.32 57.81 -17.92
N ASN L 32 -3.40 57.67 -18.87
CA ASN L 32 -3.54 56.58 -19.85
C ASN L 32 -3.43 55.21 -19.18
N CYS L 33 -2.52 55.07 -18.21
CA CYS L 33 -2.37 53.78 -17.55
C CYS L 33 -3.56 53.43 -16.67
N ALA L 34 -4.04 54.40 -15.88
CA ALA L 34 -5.13 54.12 -14.94
C ALA L 34 -6.48 54.28 -15.60
N ALA L 35 -6.66 53.63 -16.75
CA ALA L 35 -7.94 53.63 -17.45
C ALA L 35 -8.32 52.24 -17.96
N VAL L 36 -7.41 51.27 -17.93
CA VAL L 36 -7.71 49.89 -18.25
C VAL L 36 -7.62 49.00 -17.02
N THR L 37 -7.24 49.54 -15.87
CA THR L 37 -7.16 48.75 -14.64
C THR L 37 -8.17 49.20 -13.59
N ILE L 38 -8.08 50.44 -13.14
CA ILE L 38 -9.06 51.01 -12.20
C ILE L 38 -9.25 52.47 -12.58
N PRO L 39 -10.35 52.85 -13.22
CA PRO L 39 -10.50 54.25 -13.65
C PRO L 39 -10.59 55.24 -12.50
N SER L 40 -10.86 54.80 -11.28
CA SER L 40 -11.03 55.69 -10.14
C SER L 40 -9.78 55.80 -9.28
N LEU L 41 -8.64 55.33 -9.76
CA LEU L 41 -7.41 55.35 -8.99
C LEU L 41 -6.65 56.67 -9.13
N PHE L 42 -6.64 57.25 -10.33
CA PHE L 42 -5.95 58.50 -10.61
C PHE L 42 -6.91 59.45 -11.31
N PRO L 43 -7.78 60.12 -10.54
CA PRO L 43 -8.71 61.08 -11.15
C PRO L 43 -8.00 62.34 -11.59
N LYS L 44 -8.71 63.14 -12.40
CA LYS L 44 -8.19 64.41 -12.86
C LYS L 44 -8.29 65.44 -11.74
N GLU L 45 -8.02 66.70 -12.05
CA GLU L 45 -8.13 67.78 -11.08
C GLU L 45 -9.46 68.51 -11.15
N SER L 46 -10.25 68.27 -12.20
CA SER L 46 -11.51 68.98 -12.38
C SER L 46 -12.69 68.02 -12.28
N ASP L 47 -12.67 67.13 -11.30
CA ASP L 47 -13.73 66.17 -11.08
C ASP L 47 -14.54 66.56 -9.84
N ASN L 48 -15.78 66.09 -9.79
CA ASN L 48 -16.71 66.47 -8.74
C ASN L 48 -17.66 65.30 -8.48
N SER L 49 -18.79 65.59 -7.83
CA SER L 49 -19.71 64.54 -7.40
C SER L 49 -20.36 63.82 -8.58
N SER L 50 -20.51 64.49 -9.71
CA SER L 50 -21.32 63.98 -10.81
C SER L 50 -20.55 63.11 -11.79
N THR L 51 -19.25 62.94 -11.61
CA THR L 51 -18.48 62.15 -12.57
C THR L 51 -18.79 60.67 -12.44
N GLU L 52 -18.97 60.01 -13.57
CA GLU L 52 -19.31 58.59 -13.62
C GLU L 52 -18.15 57.81 -14.23
N TYR L 53 -17.71 56.76 -13.55
CA TYR L 53 -16.56 55.97 -13.98
C TYR L 53 -17.05 54.66 -14.59
N THR L 54 -16.61 54.40 -15.82
CA THR L 54 -17.13 53.28 -16.60
C THR L 54 -16.20 52.07 -16.50
N THR L 55 -16.81 50.87 -16.50
CA THR L 55 -16.17 49.57 -16.37
C THR L 55 -15.45 49.19 -17.65
N PRO L 56 -14.17 48.84 -17.60
CA PRO L 56 -13.48 48.36 -18.80
C PRO L 56 -13.99 46.99 -19.24
N TRP L 57 -13.77 46.70 -20.53
CA TRP L 57 -14.25 45.46 -21.13
C TRP L 57 -13.55 44.22 -20.58
N GLN L 58 -12.46 44.37 -19.86
CA GLN L 58 -11.69 43.25 -19.32
C GLN L 58 -11.64 43.35 -17.80
N ALA L 59 -11.06 42.32 -17.17
CA ALA L 59 -10.91 42.33 -15.72
C ALA L 59 -9.56 41.73 -15.30
N VAL L 60 -8.52 41.91 -16.10
CA VAL L 60 -7.23 41.30 -15.80
C VAL L 60 -6.29 42.26 -15.10
N GLY L 61 -6.42 43.57 -15.33
CA GLY L 61 -5.53 44.52 -14.69
C GLY L 61 -5.70 44.61 -13.19
N ALA L 62 -6.95 44.56 -12.72
CA ALA L 62 -7.21 44.76 -11.29
C ALA L 62 -6.59 43.65 -10.46
N ARG L 63 -6.74 42.40 -10.90
CA ARG L 63 -6.17 41.27 -10.16
C ARG L 63 -4.66 41.40 -10.03
N CYS L 64 -3.99 41.69 -11.14
CA CYS L 64 -2.53 41.79 -11.14
C CYS L 64 -2.06 42.92 -10.24
N LEU L 65 -2.70 44.09 -10.35
CA LEU L 65 -2.25 45.23 -9.56
C LEU L 65 -2.43 44.96 -8.07
N ASN L 66 -3.59 44.42 -7.69
CA ASN L 66 -3.83 44.14 -6.26
C ASN L 66 -2.87 43.08 -5.74
N ASN L 67 -2.62 42.04 -6.52
CA ASN L 67 -1.71 40.98 -6.09
C ASN L 67 -0.30 41.52 -5.86
N LEU L 68 0.22 42.30 -6.82
CA LEU L 68 1.56 42.84 -6.66
C LEU L 68 1.64 43.80 -5.48
N ALA L 69 0.64 44.66 -5.31
CA ALA L 69 0.65 45.59 -4.20
C ALA L 69 0.65 44.86 -2.86
N ALA L 70 -0.07 43.75 -2.76
CA ALA L 70 -0.06 42.98 -1.52
C ALA L 70 1.29 42.34 -1.26
N LYS L 71 1.86 41.66 -2.28
CA LYS L 71 3.09 40.92 -2.07
C LYS L 71 4.27 41.84 -1.76
N LEU L 72 4.35 43.00 -2.44
CA LEU L 72 5.47 43.90 -2.19
C LEU L 72 5.51 44.37 -0.75
N MET L 73 4.37 44.75 -0.19
CA MET L 73 4.35 45.20 1.19
C MET L 73 4.50 44.05 2.18
N LEU L 74 4.04 42.85 1.82
CA LEU L 74 4.33 41.71 2.69
C LEU L 74 5.83 41.47 2.79
N ALA L 75 6.56 41.63 1.69
CA ALA L 75 8.01 41.41 1.73
C ALA L 75 8.75 42.58 2.39
N LEU L 76 8.32 43.81 2.12
CA LEU L 76 9.10 44.98 2.54
C LEU L 76 8.97 45.28 4.03
N PHE L 77 7.76 45.13 4.59
CA PHE L 77 7.46 45.55 5.96
C PHE L 77 6.90 44.35 6.74
N PRO L 78 7.76 43.49 7.26
CA PRO L 78 7.30 42.33 8.04
C PRO L 78 7.01 42.73 9.48
N GLN L 79 6.52 41.76 10.24
CA GLN L 79 6.11 42.03 11.63
C GLN L 79 7.32 42.17 12.54
N SER L 80 8.33 41.33 12.37
CA SER L 80 9.55 41.42 13.15
C SER L 80 10.35 42.66 12.72
N PRO L 81 11.25 43.14 13.57
CA PRO L 81 11.99 44.36 13.24
C PRO L 81 12.81 44.22 11.96
N TRP L 82 12.93 45.34 11.24
CA TRP L 82 13.74 45.42 10.03
C TRP L 82 14.88 46.44 10.16
N MET L 83 15.41 46.60 11.37
CA MET L 83 16.60 47.42 11.61
C MET L 83 17.51 46.67 12.58
N ARG L 84 18.78 47.07 12.62
CA ARG L 84 19.66 46.28 13.48
C ARG L 84 20.52 47.10 14.44
N LEU L 85 20.93 48.31 14.06
CA LEU L 85 21.76 49.17 14.90
C LEU L 85 23.04 48.46 15.35
N THR L 86 23.87 48.16 14.35
CA THR L 86 25.14 47.49 14.54
C THR L 86 26.17 48.41 15.21
N VAL L 87 27.10 47.80 15.95
CA VAL L 87 28.29 48.48 16.45
C VAL L 87 29.50 47.67 16.03
N SER L 88 30.64 48.35 15.94
CA SER L 88 31.85 47.72 15.43
C SER L 88 32.38 46.65 16.41
N GLU L 89 33.35 45.87 15.94
CA GLU L 89 33.89 44.75 16.69
C GLU L 89 35.32 44.98 17.15
N TYR L 90 36.21 45.36 16.24
CA TYR L 90 37.59 45.60 16.62
C TYR L 90 37.71 46.78 17.57
N GLU L 91 36.87 47.80 17.40
CA GLU L 91 36.89 48.98 18.25
C GLU L 91 36.16 48.77 19.57
N ALA L 92 35.50 47.62 19.74
CA ALA L 92 34.91 47.26 21.02
C ALA L 92 35.68 46.14 21.73
N LYS L 93 36.54 45.43 21.03
CA LYS L 93 37.38 44.41 21.64
C LYS L 93 38.63 44.97 22.30
N THR L 94 39.11 46.13 21.84
CA THR L 94 40.31 46.73 22.42
C THR L 94 40.04 47.49 23.71
N LEU L 95 38.77 47.81 24.00
CA LEU L 95 38.43 48.52 25.23
C LEU L 95 37.91 47.60 26.32
N SER L 96 37.38 46.44 25.96
CA SER L 96 36.80 45.53 26.95
C SER L 96 37.89 44.87 27.78
N GLN L 97 37.50 44.42 28.98
CA GLN L 97 38.39 43.70 29.87
C GLN L 97 37.76 42.40 30.37
N ASP L 98 36.71 41.91 29.72
CA ASP L 98 36.00 40.72 30.19
C ASP L 98 35.29 40.09 29.00
N SER L 99 34.88 38.85 29.19
CA SER L 99 34.23 38.07 28.14
C SER L 99 32.71 38.25 28.12
N GLU L 100 32.16 39.13 28.95
CA GLU L 100 30.72 39.37 29.02
C GLU L 100 30.43 40.86 28.85
N ALA L 101 31.06 41.49 27.88
CA ALA L 101 30.83 42.91 27.58
C ALA L 101 30.15 43.14 26.25
N ALA L 102 30.62 42.46 25.19
CA ALA L 102 29.94 42.54 23.90
C ALA L 102 28.51 42.04 24.00
N ALA L 103 28.30 40.99 24.80
CA ALA L 103 26.95 40.48 25.01
C ALA L 103 26.06 41.52 25.68
N ARG L 104 26.60 42.23 26.67
CA ARG L 104 25.81 43.26 27.36
C ARG L 104 25.49 44.42 26.42
N VAL L 105 26.44 44.83 25.59
CA VAL L 105 26.17 45.91 24.65
C VAL L 105 25.13 45.49 23.63
N ASP L 106 25.21 44.25 23.15
CA ASP L 106 24.22 43.75 22.20
C ASP L 106 22.84 43.66 22.85
N GLU L 107 22.79 43.28 24.13
CA GLU L 107 21.52 43.27 24.85
C GLU L 107 20.95 44.67 24.97
N GLY L 108 21.80 45.66 25.24
CA GLY L 108 21.32 47.03 25.35
C GLY L 108 20.94 47.66 24.04
N LEU L 109 21.43 47.14 22.92
CA LEU L 109 21.16 47.73 21.62
C LEU L 109 19.85 47.27 20.97
N ALA L 110 19.18 46.31 21.61
CA ALA L 110 17.94 45.74 21.03
C ALA L 110 16.74 46.39 21.71
N MET L 111 16.92 46.94 22.89
CA MET L 111 15.80 47.70 23.50
C MET L 111 15.50 48.87 22.56
N VAL L 112 16.51 49.60 22.11
CA VAL L 112 16.27 50.82 21.29
C VAL L 112 15.53 50.43 20.00
N GLU L 113 15.63 49.17 19.54
CA GLU L 113 14.97 48.82 18.26
C GLU L 113 13.52 48.45 18.55
N ARG L 114 13.20 48.03 19.76
CA ARG L 114 11.78 47.75 20.10
C ARG L 114 11.04 49.07 20.34
N VAL L 115 11.66 50.04 21.03
CA VAL L 115 11.01 51.36 21.27
C VAL L 115 10.62 52.00 19.94
N LEU L 116 11.45 51.88 18.90
CA LEU L 116 11.17 52.50 17.58
C LEU L 116 9.96 51.86 16.91
N MET L 117 9.84 50.53 16.93
CA MET L 117 8.72 49.88 16.19
C MET L 117 7.38 50.16 16.90
N ALA L 118 7.35 50.21 18.23
CA ALA L 118 6.12 50.54 18.98
C ALA L 118 5.60 51.94 18.63
N TYR L 119 6.49 52.90 18.40
CA TYR L 119 6.09 54.30 18.12
C TYR L 119 5.39 54.37 16.76
N MET L 120 5.56 53.35 15.93
CA MET L 120 5.00 53.41 14.56
C MET L 120 3.70 52.60 14.50
N GLU L 121 3.28 51.98 15.60
CA GLU L 121 2.00 51.26 15.66
C GLU L 121 0.96 52.08 16.43
N THR L 122 1.37 52.77 17.50
CA THR L 122 0.42 53.64 18.23
C THR L 122 0.06 54.87 17.41
N ASN L 123 0.94 55.34 16.52
CA ASN L 123 0.70 56.60 15.75
C ASN L 123 0.28 56.25 14.32
N SER L 124 -0.25 55.04 14.10
CA SER L 124 -0.76 54.60 12.77
C SER L 124 0.15 54.95 11.59
N PHE L 125 1.23 54.20 11.35
CA PHE L 125 2.04 54.43 10.16
C PHE L 125 1.76 53.45 9.04
N ARG L 126 0.86 52.50 9.26
CA ARG L 126 0.66 51.41 8.31
C ARG L 126 -0.42 51.66 7.27
N VAL L 127 -1.29 52.64 7.49
CA VAL L 127 -2.31 52.97 6.50
C VAL L 127 -1.74 53.84 5.39
N PRO L 128 -0.97 54.90 5.67
CA PRO L 128 -0.39 55.67 4.56
C PRO L 128 0.53 54.87 3.68
N LEU L 129 1.25 53.89 4.22
CA LEU L 129 2.23 53.15 3.43
C LEU L 129 1.56 52.30 2.37
N PHE L 130 0.41 51.69 2.70
CA PHE L 130 -0.30 50.88 1.71
C PHE L 130 -0.80 51.74 0.55
N GLU L 131 -1.31 52.93 0.85
CA GLU L 131 -1.73 53.84 -0.22
C GLU L 131 -0.54 54.34 -1.03
N ALA L 132 0.59 54.59 -0.38
CA ALA L 132 1.77 55.03 -1.12
C ALA L 132 2.29 53.95 -2.06
N LEU L 133 2.31 52.70 -1.61
CA LEU L 133 2.83 51.62 -2.44
C LEU L 133 1.97 51.35 -3.65
N LYS L 134 0.71 51.79 -3.66
CA LYS L 134 -0.16 51.60 -4.81
C LYS L 134 -0.10 52.74 -5.80
N GLN L 135 0.25 53.94 -5.36
CA GLN L 135 0.47 55.05 -6.28
C GLN L 135 1.79 54.91 -7.04
N LEU L 136 2.77 54.22 -6.45
CA LEU L 136 4.06 54.04 -7.11
C LEU L 136 3.96 53.15 -8.34
N ILE L 137 3.01 52.22 -8.37
CA ILE L 137 2.90 51.32 -9.52
C ILE L 137 2.13 51.93 -10.68
N VAL L 138 1.18 52.82 -10.42
CA VAL L 138 0.38 53.41 -11.48
C VAL L 138 0.91 54.76 -11.95
N SER L 139 1.56 55.54 -11.09
CA SER L 139 2.11 56.83 -11.49
C SER L 139 3.61 56.95 -11.30
N GLY L 140 4.15 56.45 -10.19
CA GLY L 140 5.57 56.44 -9.96
C GLY L 140 6.11 57.47 -9.00
N ASN L 141 5.26 58.28 -8.37
CA ASN L 141 5.72 59.33 -7.47
C ASN L 141 4.79 59.44 -6.26
N CYS L 142 5.35 59.94 -5.16
CA CYS L 142 4.59 60.27 -3.95
C CYS L 142 5.52 61.00 -2.99
N LEU L 143 4.93 61.67 -2.00
CA LEU L 143 5.67 62.42 -0.99
C LEU L 143 5.20 62.01 0.39
N LEU L 144 6.09 62.11 1.38
CA LEU L 144 5.80 61.70 2.73
C LEU L 144 6.29 62.75 3.72
N TYR L 145 5.49 63.01 4.74
CA TYR L 145 5.82 63.99 5.78
C TYR L 145 5.69 63.33 7.15
N ILE L 146 6.66 63.60 8.01
CA ILE L 146 6.71 63.03 9.36
C ILE L 146 6.67 64.16 10.38
N PRO L 147 5.52 64.42 10.99
CA PRO L 147 5.42 65.53 11.94
C PRO L 147 6.26 65.29 13.19
N GLU L 148 6.61 66.40 13.84
CA GLU L 148 7.54 66.37 14.97
C GLU L 148 6.90 65.66 16.16
N PRO L 149 7.59 64.73 16.81
CA PRO L 149 6.94 63.91 17.84
C PRO L 149 6.65 64.68 19.11
N GLU L 150 5.65 64.18 19.84
CA GLU L 150 5.24 64.78 21.10
C GLU L 150 4.96 63.67 22.10
N GLN L 151 5.05 64.00 23.38
CA GLN L 151 5.00 62.99 24.43
C GLN L 151 3.64 62.30 24.49
N GLY L 152 2.55 63.07 24.50
CA GLY L 152 1.26 62.48 24.75
C GLY L 152 0.12 62.85 23.82
N THR L 153 0.38 62.99 22.53
CA THR L 153 -0.65 63.35 21.56
C THR L 153 -0.59 62.42 20.36
N TYR L 154 -1.54 62.62 19.46
CA TYR L 154 -1.68 61.81 18.25
C TYR L 154 -1.13 62.60 17.07
N SER L 155 -0.11 62.06 16.42
CA SER L 155 0.56 62.72 15.29
C SER L 155 0.74 61.73 14.15
N PRO L 156 -0.30 61.50 13.36
CA PRO L 156 -0.19 60.55 12.25
C PRO L 156 0.65 61.09 11.11
N MET L 157 1.02 60.18 10.21
CA MET L 157 1.84 60.48 9.05
C MET L 157 0.96 60.72 7.83
N ARG L 158 1.36 61.67 7.00
CA ARG L 158 0.56 62.11 5.86
C ARG L 158 1.23 61.73 4.55
N MET L 159 0.51 61.94 3.45
CA MET L 159 0.98 61.58 2.12
C MET L 159 0.35 62.52 1.09
N TYR L 160 1.13 62.89 0.07
CA TYR L 160 0.68 63.79 -0.97
C TYR L 160 0.71 63.10 -2.33
N ARG L 161 -0.24 63.46 -3.18
CA ARG L 161 -0.28 62.91 -4.53
C ARG L 161 0.63 63.72 -5.45
N LEU L 162 0.67 63.33 -6.73
CA LEU L 162 1.54 64.03 -7.67
C LEU L 162 1.01 65.41 -8.04
N VAL L 163 -0.27 65.68 -7.81
CA VAL L 163 -0.88 66.92 -8.28
C VAL L 163 -0.87 67.98 -7.19
N SER L 164 0.02 67.81 -6.20
CA SER L 164 0.03 68.77 -5.10
C SER L 164 1.43 69.18 -4.61
N TYR L 165 2.50 68.88 -5.35
CA TYR L 165 3.82 69.29 -4.92
C TYR L 165 4.73 69.46 -6.13
N VAL L 166 5.88 70.09 -5.91
CA VAL L 166 6.85 70.45 -6.94
C VAL L 166 8.26 70.24 -6.40
N VAL L 167 9.14 69.67 -7.23
CA VAL L 167 10.54 69.45 -6.85
C VAL L 167 11.44 69.83 -8.02
N GLN L 168 12.67 70.23 -7.70
CA GLN L 168 13.70 70.51 -8.69
C GLN L 168 14.99 69.81 -8.30
N ARG L 169 15.56 69.04 -9.23
CA ARG L 169 16.77 68.28 -8.99
C ARG L 169 17.89 68.73 -9.94
N ASP L 170 19.12 68.44 -9.55
CA ASP L 170 20.28 68.65 -10.39
C ASP L 170 20.45 67.47 -11.34
N ALA L 171 21.36 67.60 -12.31
CA ALA L 171 21.67 66.49 -13.20
C ALA L 171 22.44 65.39 -12.48
N PHE L 172 23.19 65.75 -11.45
CA PHE L 172 23.87 64.74 -10.63
C PHE L 172 22.86 63.90 -9.85
N GLY L 173 21.77 64.50 -9.39
CA GLY L 173 20.78 63.81 -8.60
C GLY L 173 20.59 64.36 -7.21
N ASN L 174 20.81 65.66 -7.04
CA ASN L 174 20.64 66.33 -5.76
C ASN L 174 19.33 67.10 -5.74
N ILE L 175 18.79 67.30 -4.54
CA ILE L 175 17.52 68.01 -4.35
C ILE L 175 17.82 69.44 -3.93
N LEU L 176 17.15 70.39 -4.57
CA LEU L 176 17.38 71.82 -4.32
C LEU L 176 16.17 72.58 -3.80
N GLN L 177 14.95 72.20 -4.17
CA GLN L 177 13.76 72.96 -3.81
C GLN L 177 12.55 72.05 -3.73
N ILE L 178 11.69 72.31 -2.75
CA ILE L 178 10.38 71.65 -2.63
C ILE L 178 9.35 72.69 -2.21
N VAL L 179 8.16 72.63 -2.82
CA VAL L 179 7.03 73.50 -2.46
C VAL L 179 5.76 72.67 -2.45
N THR L 180 4.89 72.92 -1.47
CA THR L 180 3.64 72.18 -1.32
C THR L 180 2.46 73.15 -1.23
N LEU L 181 1.24 72.59 -1.27
CA LEU L 181 0.01 73.36 -1.26
C LEU L 181 -1.06 72.67 -0.43
N ASP L 182 -1.77 73.44 0.40
CA ASP L 182 -2.84 72.93 1.24
C ASP L 182 -4.03 73.87 1.17
N LYS L 183 -5.23 73.33 1.43
CA LYS L 183 -6.47 74.10 1.39
C LYS L 183 -7.26 73.82 2.66
N VAL L 184 -7.45 74.84 3.49
CA VAL L 184 -8.15 74.70 4.76
C VAL L 184 -9.17 75.82 4.89
N ALA L 185 -10.16 75.58 5.75
CA ALA L 185 -11.19 76.58 6.01
C ALA L 185 -10.71 77.54 7.10
N PHE L 186 -11.52 78.56 7.37
CA PHE L 186 -11.16 79.60 8.33
C PHE L 186 -11.36 79.19 9.78
N SER L 187 -12.15 78.16 10.05
CA SER L 187 -12.41 77.73 11.42
C SER L 187 -11.51 76.58 11.85
N ALA L 188 -10.81 75.93 10.92
CA ALA L 188 -9.89 74.85 11.25
C ALA L 188 -8.48 75.33 11.51
N LEU L 189 -8.23 76.63 11.39
CA LEU L 189 -6.90 77.19 11.57
C LEU L 189 -6.57 77.32 13.06
N PRO L 190 -5.30 77.21 13.42
CA PRO L 190 -4.90 77.52 14.80
C PRO L 190 -5.18 78.99 15.13
N GLU L 191 -5.48 79.24 16.40
CA GLU L 191 -5.92 80.57 16.80
C GLU L 191 -4.83 81.61 16.69
N ASP L 192 -3.55 81.21 16.81
CA ASP L 192 -2.47 82.17 16.67
C ASP L 192 -2.40 82.73 15.26
N VAL L 193 -2.57 81.86 14.25
CA VAL L 193 -2.61 82.34 12.87
C VAL L 193 -3.85 83.18 12.63
N LYS L 194 -4.97 82.81 13.26
CA LYS L 194 -6.19 83.59 13.13
C LYS L 194 -6.03 84.98 13.75
N SER L 195 -5.13 85.11 14.73
CA SER L 195 -4.93 86.40 15.39
C SER L 195 -4.38 87.45 14.43
N GLN L 196 -3.66 87.03 13.41
CA GLN L 196 -3.01 87.94 12.49
C GLN L 196 -3.88 88.31 11.28
N LEU L 197 -5.09 87.77 11.20
CA LEU L 197 -6.04 88.10 10.15
C LEU L 197 -7.32 88.64 10.76
N ASN L 198 -7.83 89.73 10.20
CA ASN L 198 -9.09 90.29 10.69
C ASN L 198 -10.25 89.39 10.29
N ALA L 199 -11.13 89.12 11.26
CA ALA L 199 -12.19 88.14 11.04
C ALA L 199 -13.35 88.71 10.22
N ASP L 200 -13.45 90.03 10.11
CA ASP L 200 -14.60 90.62 9.45
C ASP L 200 -14.66 90.25 7.97
N ASP L 201 -13.51 90.20 7.30
CA ASP L 201 -13.50 89.93 5.87
C ASP L 201 -13.97 88.52 5.56
N TYR L 202 -13.57 87.54 6.38
CA TYR L 202 -13.82 86.15 6.07
C TYR L 202 -15.10 85.65 6.73
N GLU L 203 -15.46 84.42 6.39
CA GLU L 203 -16.64 83.73 6.91
C GLU L 203 -16.20 82.35 7.40
N PRO L 204 -16.98 81.73 8.28
CA PRO L 204 -16.56 80.44 8.84
C PRO L 204 -16.43 79.32 7.82
N ASP L 205 -16.70 79.57 6.54
CA ASP L 205 -16.68 78.52 5.53
C ASP L 205 -15.99 79.01 4.25
N THR L 206 -14.93 79.79 4.40
CA THR L 206 -14.17 80.28 3.25
C THR L 206 -12.77 79.69 3.30
N GLU L 207 -12.30 79.18 2.17
CA GLU L 207 -11.06 78.44 2.11
C GLU L 207 -9.87 79.37 1.87
N LEU L 208 -8.82 79.17 2.64
CA LEU L 208 -7.55 79.85 2.44
C LEU L 208 -6.54 78.89 1.84
N GLU L 209 -5.44 79.45 1.33
CA GLU L 209 -4.39 78.66 0.71
C GLU L 209 -3.06 78.98 1.35
N VAL L 210 -2.33 77.95 1.78
CA VAL L 210 -1.05 78.11 2.45
C VAL L 210 0.03 77.39 1.66
N TYR L 211 1.27 77.87 1.79
CA TYR L 211 2.40 77.38 1.04
C TYR L 211 3.58 77.11 1.97
N THR L 212 4.42 76.16 1.58
CA THR L 212 5.64 75.83 2.32
C THR L 212 6.80 75.81 1.35
N HIS L 213 7.94 76.37 1.77
CA HIS L 213 9.12 76.50 0.92
C HIS L 213 10.33 75.97 1.67
N ILE L 214 11.06 75.05 1.06
CA ILE L 214 12.29 74.50 1.63
C ILE L 214 13.39 74.62 0.57
N TYR L 215 14.50 75.26 0.93
CA TYR L 215 15.58 75.50 -0.01
C TYR L 215 16.91 75.34 0.69
N ARG L 216 17.96 75.10 -0.11
CA ARG L 216 19.28 74.78 0.39
C ARG L 216 20.18 76.01 0.40
N GLN L 217 20.84 76.27 1.53
CA GLN L 217 21.74 77.41 1.64
C GLN L 217 22.86 77.06 2.60
N ASP L 218 24.07 76.89 2.06
CA ASP L 218 25.30 76.71 2.83
C ASP L 218 25.24 75.48 3.73
N ASP L 219 25.05 74.32 3.09
CA ASP L 219 25.10 73.02 3.75
C ASP L 219 24.08 72.89 4.87
N GLU L 220 22.85 73.33 4.60
CA GLU L 220 21.73 73.14 5.52
C GLU L 220 20.45 73.46 4.76
N TYR L 221 19.32 73.35 5.45
CA TYR L 221 18.01 73.59 4.87
C TYR L 221 17.25 74.62 5.68
N LEU L 222 16.43 75.41 5.00
CA LEU L 222 15.63 76.45 5.64
C LEU L 222 14.17 76.31 5.19
N ARG L 223 13.26 76.87 5.98
CA ARG L 223 11.83 76.75 5.68
C ARG L 223 11.06 77.92 6.26
N TYR L 224 9.87 78.15 5.71
CA TYR L 224 8.91 79.12 6.21
C TYR L 224 7.55 78.82 5.60
N GLU L 225 6.54 79.58 6.00
CA GLU L 225 5.19 79.45 5.47
C GLU L 225 4.63 80.81 5.08
N GLU L 226 3.73 80.80 4.10
CA GLU L 226 3.20 82.02 3.52
C GLU L 226 1.70 81.87 3.26
N VAL L 227 0.92 82.88 3.63
CA VAL L 227 -0.50 82.92 3.33
C VAL L 227 -0.84 84.32 2.82
N GLU L 228 -1.58 84.37 1.71
CA GLU L 228 -2.05 85.63 1.13
C GLU L 228 -0.89 86.57 0.77
N GLY L 229 0.27 86.01 0.46
CA GLY L 229 1.44 86.80 0.16
C GLY L 229 2.22 87.30 1.35
N ILE L 230 1.78 86.98 2.57
CA ILE L 230 2.42 87.43 3.80
C ILE L 230 2.96 86.22 4.54
N GLU L 231 4.17 86.36 5.09
CA GLU L 231 4.82 85.27 5.79
C GLU L 231 4.33 85.19 7.23
N VAL L 232 3.93 83.99 7.65
CA VAL L 232 3.44 83.79 9.01
C VAL L 232 4.61 83.78 9.98
N ALA L 233 4.54 84.63 10.99
CA ALA L 233 5.58 84.68 12.01
C ALA L 233 5.50 83.46 12.92
N GLY L 234 6.66 82.90 13.26
CA GLY L 234 6.71 81.75 14.13
C GLY L 234 6.77 80.41 13.45
N THR L 235 7.03 80.36 12.14
CA THR L 235 7.09 79.10 11.40
C THR L 235 8.46 78.83 10.80
N GLU L 236 9.44 79.70 11.01
CA GLU L 236 10.77 79.48 10.45
C GLU L 236 11.48 78.37 11.21
N GLY L 237 12.53 77.83 10.59
CA GLY L 237 13.28 76.76 11.20
C GLY L 237 14.41 76.33 10.29
N SER L 238 15.11 75.27 10.72
CA SER L 238 16.26 74.75 10.00
C SER L 238 16.34 73.25 10.17
N TYR L 239 16.92 72.58 9.19
CA TYR L 239 17.12 71.15 9.22
C TYR L 239 18.55 70.81 8.82
N PRO L 240 19.09 69.70 9.33
CA PRO L 240 20.40 69.24 8.85
C PRO L 240 20.33 68.79 7.41
N LEU L 241 21.50 68.48 6.86
CA LEU L 241 21.56 68.06 5.46
C LEU L 241 21.19 66.59 5.27
N THR L 242 21.01 65.82 6.35
CA THR L 242 20.73 64.40 6.24
C THR L 242 19.46 63.98 6.98
N ALA L 243 18.67 64.92 7.48
CA ALA L 243 17.47 64.58 8.26
C ALA L 243 16.30 65.45 7.85
N CYS L 244 16.10 65.62 6.55
CA CYS L 244 14.95 66.37 6.07
C CYS L 244 13.70 65.49 6.14
N PRO L 245 12.63 65.93 6.81
CA PRO L 245 11.46 65.09 6.98
C PRO L 245 10.51 65.05 5.78
N TYR L 246 10.96 65.49 4.62
CA TYR L 246 10.21 65.35 3.38
C TYR L 246 10.95 64.39 2.46
N ILE L 247 10.25 63.36 1.99
CA ILE L 247 10.90 62.25 1.29
C ILE L 247 10.26 61.97 -0.07
N PRO L 248 10.74 62.60 -1.15
CA PRO L 248 10.24 62.22 -2.48
C PRO L 248 10.74 60.84 -2.86
N VAL L 249 9.85 60.05 -3.46
CA VAL L 249 10.12 58.65 -3.77
C VAL L 249 9.94 58.41 -5.27
N ARG L 250 10.88 57.70 -5.88
CA ARG L 250 10.82 57.29 -7.27
C ARG L 250 10.93 55.78 -7.36
N MET L 251 10.34 55.20 -8.40
CA MET L 251 10.33 53.76 -8.56
C MET L 251 11.33 53.29 -9.62
N VAL L 252 11.29 53.86 -10.81
CA VAL L 252 12.26 53.59 -11.87
C VAL L 252 13.02 54.88 -12.14
N ARG L 253 14.34 54.82 -12.03
CA ARG L 253 15.19 56.01 -12.09
C ARG L 253 15.96 56.04 -13.40
N LEU L 254 15.90 57.17 -14.10
CA LEU L 254 16.69 57.42 -15.29
C LEU L 254 17.73 58.50 -14.99
N ASP L 255 18.48 58.89 -16.02
CA ASP L 255 19.57 59.84 -15.88
C ASP L 255 19.15 61.21 -16.39
N GLY L 256 19.23 62.21 -15.51
CA GLY L 256 19.02 63.59 -15.91
C GLY L 256 17.59 64.06 -15.89
N GLU L 257 16.67 63.32 -15.30
CA GLU L 257 15.27 63.70 -15.24
C GLU L 257 14.81 63.88 -13.81
N ASP L 258 13.85 64.79 -13.61
CA ASP L 258 13.12 64.86 -12.37
C ASP L 258 12.03 63.79 -12.36
N TYR L 259 11.54 63.47 -11.16
CA TYR L 259 10.48 62.48 -11.01
C TYR L 259 10.89 61.13 -11.57
N GLY L 260 9.96 60.16 -11.64
CA GLY L 260 10.29 58.83 -12.08
C GLY L 260 9.20 58.25 -12.95
N ARG L 261 9.51 57.10 -13.54
CA ARG L 261 8.57 56.37 -14.39
C ARG L 261 7.98 55.19 -13.62
N SER L 262 6.97 54.57 -14.21
CA SER L 262 6.19 53.53 -13.55
C SER L 262 6.56 52.15 -14.08
N TYR L 263 5.92 51.13 -13.53
CA TYR L 263 6.15 49.74 -13.92
C TYR L 263 5.10 49.22 -14.89
N CYS L 264 3.85 49.66 -14.76
CA CYS L 264 2.81 49.26 -15.68
C CYS L 264 2.98 49.87 -17.07
N GLU L 265 3.88 50.83 -17.23
CA GLU L 265 4.08 51.50 -18.50
C GLU L 265 4.71 50.58 -19.55
N GLU L 266 5.39 49.52 -19.13
CA GLU L 266 6.07 48.64 -20.07
C GLU L 266 5.13 47.64 -20.74
N TYR L 267 3.89 47.54 -20.30
CA TYR L 267 2.95 46.53 -20.76
C TYR L 267 1.62 47.15 -21.17
N LEU L 268 1.68 48.20 -21.99
CA LEU L 268 0.43 48.86 -22.38
C LEU L 268 -0.14 48.29 -23.67
N GLY L 269 0.72 47.93 -24.62
CA GLY L 269 0.23 47.38 -25.88
C GLY L 269 -0.53 46.08 -25.70
N ASP L 270 -0.04 45.22 -24.80
CA ASP L 270 -0.72 43.94 -24.57
C ASP L 270 -2.11 44.15 -23.99
N LEU L 271 -2.24 45.04 -23.00
CA LEU L 271 -3.56 45.32 -22.42
C LEU L 271 -4.49 45.91 -23.47
N ASN L 272 -3.99 46.81 -24.31
CA ASN L 272 -4.82 47.40 -25.35
C ASN L 272 -5.32 46.34 -26.34
N SER L 273 -4.43 45.44 -26.78
CA SER L 273 -4.83 44.39 -27.70
C SER L 273 -5.86 43.45 -27.06
N LEU L 274 -5.65 43.09 -25.80
CA LEU L 274 -6.58 42.20 -25.12
C LEU L 274 -7.96 42.83 -25.04
N GLU L 275 -8.03 44.11 -24.68
CA GLU L 275 -9.33 44.79 -24.63
C GLU L 275 -9.99 44.84 -26.01
N THR L 276 -9.20 45.11 -27.06
CA THR L 276 -9.75 45.19 -28.40
C THR L 276 -10.39 43.87 -28.82
N ILE L 277 -9.72 42.75 -28.54
CA ILE L 277 -10.28 41.46 -28.93
C ILE L 277 -11.49 41.10 -28.08
N THR L 278 -11.41 41.36 -26.76
CA THR L 278 -12.49 40.96 -25.86
C THR L 278 -13.79 41.70 -26.17
N GLU L 279 -13.68 42.97 -26.57
CA GLU L 279 -14.90 43.72 -26.88
C GLU L 279 -15.68 43.05 -28.00
N ALA L 280 -15.00 42.67 -29.09
CA ALA L 280 -15.68 42.02 -30.20
C ALA L 280 -16.20 40.64 -29.81
N ILE L 281 -15.43 39.87 -29.05
CA ILE L 281 -15.90 38.57 -28.62
C ILE L 281 -17.20 38.70 -27.83
N THR L 282 -17.27 39.69 -26.93
CA THR L 282 -18.50 39.90 -26.16
C THR L 282 -19.66 40.34 -27.05
N LYS L 283 -19.42 41.33 -27.91
CA LYS L 283 -20.53 41.88 -28.70
C LYS L 283 -21.03 40.94 -29.79
N MET L 284 -20.27 39.90 -30.15
CA MET L 284 -20.82 38.88 -31.04
C MET L 284 -21.70 37.88 -30.32
N ALA L 285 -22.01 38.09 -29.04
CA ALA L 285 -22.89 37.20 -28.30
C ALA L 285 -24.26 37.79 -28.00
N LYS L 286 -24.39 39.12 -28.02
CA LYS L 286 -25.69 39.76 -27.87
C LYS L 286 -26.46 39.83 -29.18
N VAL L 287 -25.79 39.59 -30.32
CA VAL L 287 -26.48 39.53 -31.60
C VAL L 287 -27.04 38.13 -31.87
N ALA L 288 -26.40 37.09 -31.34
CA ALA L 288 -26.81 35.72 -31.53
C ALA L 288 -27.87 35.26 -30.53
N SER L 289 -28.61 36.19 -29.94
CA SER L 289 -29.68 35.86 -29.02
C SER L 289 -30.92 36.68 -29.34
N LYS L 290 -31.18 36.90 -30.63
CA LYS L 290 -32.36 37.59 -31.12
C LYS L 290 -33.09 36.67 -32.08
N VAL L 291 -34.40 36.53 -31.88
CA VAL L 291 -35.19 35.57 -32.65
C VAL L 291 -35.87 36.28 -33.81
N VAL L 292 -35.72 35.71 -35.01
CA VAL L 292 -36.37 36.23 -36.21
C VAL L 292 -36.76 35.04 -37.08
N GLY L 293 -38.06 34.81 -37.26
CA GLY L 293 -38.51 33.77 -38.14
C GLY L 293 -38.48 34.20 -39.59
N LEU L 294 -38.48 33.22 -40.49
CA LEU L 294 -38.39 33.48 -41.93
C LEU L 294 -39.35 32.55 -42.65
N VAL L 295 -40.45 33.10 -43.19
CA VAL L 295 -41.47 32.29 -43.92
C VAL L 295 -41.24 32.47 -45.43
N ASN L 296 -41.62 31.51 -46.27
CA ASN L 296 -41.31 31.56 -47.72
C ASN L 296 -42.49 32.13 -48.50
N PRO L 297 -42.32 33.19 -49.31
CA PRO L 297 -43.44 33.82 -49.99
C PRO L 297 -43.99 33.03 -51.19
N ASN L 298 -43.43 31.86 -51.50
CA ASN L 298 -43.86 31.05 -52.68
C ASN L 298 -44.36 29.70 -52.19
N GLY L 299 -44.98 29.63 -51.01
CA GLY L 299 -45.45 28.38 -50.42
C GLY L 299 -46.93 28.43 -50.09
N ILE L 300 -47.41 27.63 -49.15
CA ILE L 300 -48.87 27.54 -48.86
C ILE L 300 -49.21 27.78 -47.37
N THR L 301 -48.25 28.08 -46.49
CA THR L 301 -48.58 28.22 -45.05
C THR L 301 -48.80 29.69 -44.71
N GLN L 302 -49.72 30.00 -43.78
CA GLN L 302 -50.07 31.41 -43.47
C GLN L 302 -49.72 31.77 -42.02
N PRO L 303 -48.82 32.74 -41.76
CA PRO L 303 -48.39 33.05 -40.40
C PRO L 303 -49.51 33.43 -39.43
N ARG L 304 -50.74 33.62 -39.90
CA ARG L 304 -51.88 34.00 -39.08
C ARG L 304 -52.47 32.82 -38.33
N ARG L 305 -52.37 31.60 -38.87
CA ARG L 305 -52.88 30.41 -38.22
C ARG L 305 -51.97 29.90 -37.10
N LEU L 306 -50.66 30.11 -37.22
CA LEU L 306 -49.72 29.68 -36.20
C LEU L 306 -49.73 30.57 -34.97
N ASN L 307 -50.37 31.74 -35.05
CA ASN L 307 -50.35 32.70 -33.96
C ASN L 307 -51.60 32.68 -33.10
N LYS L 308 -52.74 32.26 -33.65
CA LYS L 308 -54.00 32.24 -32.92
C LYS L 308 -54.40 30.85 -32.46
N ALA L 309 -53.47 29.90 -32.47
CA ALA L 309 -53.76 28.53 -32.07
C ALA L 309 -53.75 28.44 -30.55
N ALA L 310 -53.94 27.24 -30.02
CA ALA L 310 -53.95 26.98 -28.59
C ALA L 310 -52.79 26.03 -28.25
N THR L 311 -52.77 25.57 -27.00
CA THR L 311 -51.60 24.84 -26.52
C THR L 311 -51.47 23.48 -27.21
N GLY L 312 -52.59 22.84 -27.55
CA GLY L 312 -52.53 21.65 -28.38
C GLY L 312 -53.63 21.63 -29.42
N GLU L 313 -53.25 21.66 -30.70
CA GLU L 313 -54.22 21.74 -31.78
C GLU L 313 -53.64 21.17 -33.06
N PHE L 314 -54.51 20.92 -34.02
CA PHE L 314 -54.14 20.49 -35.36
C PHE L 314 -54.45 21.62 -36.32
N VAL L 315 -53.43 22.12 -37.02
CA VAL L 315 -53.56 23.25 -37.93
C VAL L 315 -52.90 22.86 -39.26
N ALA L 316 -53.30 23.55 -40.33
CA ALA L 316 -52.88 23.20 -41.68
C ALA L 316 -51.62 23.95 -42.07
N GLY L 317 -50.64 23.22 -42.59
CA GLY L 317 -49.40 23.84 -43.04
C GLY L 317 -48.38 22.80 -43.43
N ARG L 318 -47.14 23.26 -43.56
CA ARG L 318 -46.01 22.40 -43.89
C ARG L 318 -44.77 22.92 -43.17
N VAL L 319 -43.79 22.04 -42.98
CA VAL L 319 -42.59 22.39 -42.21
C VAL L 319 -41.41 22.76 -43.10
N GLU L 320 -41.59 22.81 -44.41
CA GLU L 320 -40.53 23.25 -45.30
C GLU L 320 -40.53 24.76 -45.52
N ASP L 321 -41.53 25.47 -45.01
CA ASP L 321 -41.69 26.89 -45.25
C ASP L 321 -41.26 27.75 -44.07
N ILE L 322 -40.72 27.17 -43.00
CA ILE L 322 -40.33 27.90 -41.81
C ILE L 322 -38.88 27.59 -41.47
N ASN L 323 -38.10 28.63 -41.23
CA ASN L 323 -36.71 28.47 -40.82
C ASN L 323 -36.29 29.73 -40.08
N PHE L 324 -35.22 29.63 -39.29
CA PHE L 324 -34.80 30.68 -38.39
C PHE L 324 -33.42 31.20 -38.78
N LEU L 325 -33.24 32.51 -38.65
CA LEU L 325 -31.98 33.16 -38.97
C LEU L 325 -30.93 32.81 -37.93
N GLN L 326 -29.69 32.65 -38.38
CA GLN L 326 -28.61 32.28 -37.48
C GLN L 326 -27.28 32.82 -38.00
N LEU L 327 -26.32 32.94 -37.09
CA LEU L 327 -25.01 33.54 -37.37
C LEU L 327 -24.03 32.43 -37.70
N THR L 328 -23.73 32.27 -38.99
CA THR L 328 -22.86 31.20 -39.46
C THR L 328 -21.46 31.77 -39.65
N LYS L 329 -20.72 31.85 -38.56
CA LYS L 329 -19.32 32.25 -38.57
C LYS L 329 -18.47 31.01 -38.35
N GLY L 330 -17.49 30.79 -39.22
CA GLY L 330 -16.73 29.56 -39.22
C GLY L 330 -15.63 29.53 -38.19
N GLN L 331 -14.41 29.20 -38.62
CA GLN L 331 -13.28 29.16 -37.71
C GLN L 331 -12.74 30.57 -37.46
N ASP L 332 -13.62 31.49 -37.05
CA ASP L 332 -13.23 32.83 -36.66
C ASP L 332 -13.50 33.09 -35.19
N PHE L 333 -13.80 32.05 -34.43
CA PHE L 333 -14.01 32.11 -32.99
C PHE L 333 -12.88 31.46 -32.21
N THR L 334 -12.44 30.29 -32.67
CA THR L 334 -11.34 29.60 -32.00
C THR L 334 -10.04 30.39 -32.11
N ILE L 335 -9.79 31.01 -33.27
CA ILE L 335 -8.54 31.75 -33.46
C ILE L 335 -8.46 32.89 -32.46
N ALA L 336 -9.51 33.72 -32.40
CA ALA L 336 -9.50 34.85 -31.49
C ALA L 336 -9.44 34.39 -30.04
N LYS L 337 -10.19 33.34 -29.70
CA LYS L 337 -10.19 32.86 -28.32
C LYS L 337 -8.80 32.38 -27.91
N SER L 338 -8.12 31.62 -28.77
CA SER L 338 -6.79 31.11 -28.43
C SER L 338 -5.76 32.23 -28.33
N VAL L 339 -5.82 33.22 -29.24
CA VAL L 339 -4.86 34.32 -29.14
C VAL L 339 -5.07 35.10 -27.86
N ALA L 340 -6.32 35.38 -27.50
CA ALA L 340 -6.58 36.08 -26.25
C ALA L 340 -6.10 35.28 -25.04
N ASP L 341 -6.30 33.96 -25.05
CA ASP L 341 -5.83 33.14 -23.95
C ASP L 341 -4.31 33.20 -23.83
N ALA L 342 -3.59 33.17 -24.95
CA ALA L 342 -2.14 33.26 -24.90
C ALA L 342 -1.69 34.60 -24.33
N ILE L 343 -2.33 35.69 -24.75
CA ILE L 343 -1.97 37.00 -24.20
C ILE L 343 -2.18 37.05 -22.70
N GLU L 344 -3.32 36.52 -22.23
CA GLU L 344 -3.60 36.52 -20.80
C GLU L 344 -2.58 35.69 -20.03
N GLN L 345 -2.20 34.54 -20.59
CA GLN L 345 -1.19 33.70 -19.93
C GLN L 345 0.14 34.41 -19.82
N ARG L 346 0.56 35.12 -20.88
CA ARG L 346 1.84 35.82 -20.80
C ARG L 346 1.78 37.00 -19.83
N LEU L 347 0.61 37.63 -19.69
CA LEU L 347 0.48 38.71 -18.70
C LEU L 347 0.51 38.16 -17.29
N GLY L 348 0.04 36.93 -17.08
CA GLY L 348 0.02 36.38 -15.74
C GLY L 348 1.38 36.08 -15.15
N TRP L 349 2.41 35.92 -15.97
CA TRP L 349 3.74 35.55 -15.48
C TRP L 349 4.53 36.73 -14.94
N ALA L 350 4.12 37.97 -15.24
CA ALA L 350 4.88 39.15 -14.87
C ALA L 350 4.41 39.80 -13.57
N PHE L 351 3.19 39.51 -13.13
CA PHE L 351 2.65 40.09 -11.90
C PHE L 351 2.52 39.05 -10.79
N LEU L 352 3.18 37.90 -10.92
CA LEU L 352 3.25 36.89 -9.87
C LEU L 352 1.88 36.34 -9.51
N LEU L 353 1.03 36.11 -10.51
CA LEU L 353 -0.36 35.64 -10.23
C LEU L 353 -0.35 34.13 -10.02
N VAL L 372 10.08 32.85 8.49
CA VAL L 372 9.06 31.87 7.99
C VAL L 372 9.13 31.83 6.46
N ALA L 373 8.15 32.45 5.79
CA ALA L 373 8.12 32.48 4.31
C ALA L 373 8.59 33.85 3.83
N GLY L 374 8.94 34.73 4.75
CA GLY L 374 9.46 36.06 4.36
C GLY L 374 10.59 35.95 3.35
N GLU L 375 11.66 35.24 3.69
CA GLU L 375 12.84 35.13 2.77
C GLU L 375 12.52 34.19 1.61
N LEU L 376 11.45 33.40 1.73
CA LEU L 376 11.13 32.40 0.67
C LEU L 376 10.66 33.13 -0.59
N GLU L 377 9.75 34.10 -0.44
CA GLU L 377 9.32 34.91 -1.61
C GLU L 377 10.48 35.81 -2.03
N ALA L 378 10.90 36.75 -1.18
CA ALA L 378 12.08 37.60 -1.47
C ALA L 378 12.32 38.52 -0.28
N SER L 385 14.95 46.07 -4.41
CA SER L 385 16.34 46.34 -3.99
C SER L 385 16.60 47.83 -3.89
N VAL L 386 16.14 48.60 -4.87
CA VAL L 386 16.38 50.07 -4.91
C VAL L 386 15.57 50.74 -3.81
N GLN L 387 14.46 50.14 -3.37
CA GLN L 387 13.55 50.80 -2.40
C GLN L 387 14.09 50.70 -0.97
N SER L 388 15.33 50.25 -0.80
CA SER L 388 15.95 50.19 0.55
C SER L 388 16.93 51.35 0.69
N GLN L 389 17.01 52.21 -0.32
CA GLN L 389 17.92 53.38 -0.28
C GLN L 389 17.07 54.62 -0.52
N GLU L 390 15.79 54.45 -0.88
CA GLU L 390 14.92 55.60 -1.21
C GLU L 390 13.71 55.69 -0.29
N LEU L 391 13.47 54.69 0.56
CA LEU L 391 12.29 54.68 1.47
C LEU L 391 12.66 54.22 2.87
N GLN L 392 13.27 53.05 3.03
CA GLN L 392 13.52 52.47 4.38
C GLN L 392 14.60 53.20 5.17
N LEU L 393 15.74 53.52 4.58
CA LEU L 393 16.84 54.11 5.38
C LEU L 393 16.55 55.58 5.72
N PRO L 394 15.99 56.42 4.84
CA PRO L 394 15.65 57.79 5.24
C PRO L 394 14.67 57.92 6.43
N ILE L 395 13.70 57.03 6.58
CA ILE L 395 12.74 57.04 7.73
C ILE L 395 13.47 56.76 9.03
N VAL L 396 14.41 55.82 9.04
CA VAL L 396 15.12 55.42 10.30
C VAL L 396 16.05 56.54 10.74
N ARG L 397 16.49 57.41 9.82
CA ARG L 397 17.48 58.44 10.20
C ARG L 397 16.79 59.72 10.69
N VAL L 398 15.48 59.87 10.45
CA VAL L 398 14.72 61.05 10.95
C VAL L 398 14.15 60.70 12.33
N LEU L 399 13.79 59.43 12.57
CA LEU L 399 13.24 59.02 13.85
C LEU L 399 14.30 59.08 14.95
N MET L 400 15.51 58.62 14.68
CA MET L 400 16.54 58.71 15.72
C MET L 400 17.03 60.13 15.93
N ASN L 401 16.93 61.00 14.92
CA ASN L 401 17.28 62.39 15.15
C ASN L 401 16.28 63.08 16.07
N GLN L 402 14.99 62.78 15.90
CA GLN L 402 13.97 63.53 16.63
C GLN L 402 13.59 62.92 17.98
N LEU L 403 13.63 61.59 18.12
CA LEU L 403 13.25 60.99 19.39
C LEU L 403 14.27 61.28 20.47
N GLN L 404 15.55 61.44 20.11
CA GLN L 404 16.55 61.84 21.10
C GLN L 404 16.23 63.21 21.68
N SER L 405 15.84 64.16 20.82
CA SER L 405 15.53 65.50 21.28
C SER L 405 14.23 65.53 22.08
N ALA L 406 13.27 64.70 21.69
CA ALA L 406 12.02 64.63 22.46
C ALA L 406 12.29 64.12 23.87
N GLY L 407 13.16 63.13 24.01
CA GLY L 407 13.51 62.60 25.31
C GLY L 407 12.94 61.22 25.56
N MET L 408 12.85 60.40 24.51
CA MET L 408 12.23 59.09 24.62
C MET L 408 13.21 57.93 24.52
N ILE L 409 14.42 58.16 24.02
CA ILE L 409 15.44 57.12 23.97
C ILE L 409 16.73 57.68 24.57
N PRO L 410 17.59 56.81 25.10
CA PRO L 410 18.82 57.29 25.72
C PRO L 410 19.77 57.92 24.73
N ASP L 411 20.63 58.79 25.24
CA ASP L 411 21.63 59.48 24.41
C ASP L 411 22.67 58.48 23.93
N LEU L 412 22.67 58.20 22.63
CA LEU L 412 23.64 57.31 22.05
C LEU L 412 25.02 57.98 22.01
N PRO L 413 26.10 57.19 22.04
CA PRO L 413 27.45 57.77 21.99
C PRO L 413 27.74 58.41 20.64
N LYS L 414 28.90 59.04 20.50
CA LYS L 414 29.15 59.97 19.41
C LYS L 414 29.08 59.33 18.03
N GLU L 415 30.04 58.47 17.69
CA GLU L 415 30.04 57.81 16.38
C GLU L 415 29.48 56.40 16.47
N ALA L 416 30.17 55.52 17.19
CA ALA L 416 29.73 54.18 17.58
C ALA L 416 28.69 53.56 16.66
N SER L 422 19.32 47.96 6.50
CA SER L 422 18.42 48.01 5.36
C SER L 422 17.56 46.75 5.36
N THR L 423 17.34 46.09 4.22
CA THR L 423 16.53 44.88 4.20
C THR L 423 17.14 43.74 3.39
N GLY L 424 18.32 43.92 2.80
CA GLY L 424 18.98 42.80 2.15
C GLY L 424 19.26 41.68 3.13
N LEU L 425 19.81 42.02 4.29
CA LEU L 425 20.00 41.08 5.40
C LEU L 425 19.48 41.75 6.68
N GLU L 426 18.17 41.69 6.89
CA GLU L 426 17.57 42.13 8.16
C GLU L 426 16.79 41.02 8.84
N ALA L 427 15.93 40.32 8.10
CA ALA L 427 15.21 39.20 8.69
C ALA L 427 16.17 38.06 8.98
N LEU L 428 17.17 37.89 8.13
CA LEU L 428 18.24 36.92 8.34
C LEU L 428 19.43 37.53 9.07
N GLY L 429 19.39 38.82 9.39
CA GLY L 429 20.45 39.42 10.20
C GLY L 429 20.62 38.73 11.53
N ARG L 430 19.52 38.38 12.18
CA ARG L 430 19.56 37.51 13.35
C ARG L 430 19.46 36.04 13.00
N GLY L 431 18.91 35.71 11.83
CA GLY L 431 18.77 34.33 11.43
C GLY L 431 20.12 33.64 11.22
N GLN L 432 21.10 34.37 10.71
CA GLN L 432 22.42 33.80 10.53
C GLN L 432 23.02 33.40 11.88
N ASP L 433 22.91 34.27 12.88
CA ASP L 433 23.39 33.94 14.22
C ASP L 433 22.65 32.75 14.78
N LEU L 434 21.33 32.72 14.63
CA LEU L 434 20.55 31.63 15.20
C LEU L 434 20.91 30.30 14.55
N GLU L 435 21.06 30.28 13.22
CA GLU L 435 21.43 29.06 12.52
C GLU L 435 22.82 28.58 12.91
N LYS L 436 23.78 29.49 13.01
CA LYS L 436 25.13 29.08 13.40
C LYS L 436 25.15 28.51 14.80
N LEU L 437 24.43 29.14 15.74
CA LEU L 437 24.38 28.61 17.10
C LEU L 437 23.70 27.25 17.15
N THR L 438 22.63 27.07 16.35
CA THR L 438 21.96 25.78 16.29
C THR L 438 22.90 24.69 15.78
N GLN L 439 23.65 24.98 14.71
CA GLN L 439 24.58 23.99 14.19
C GLN L 439 25.68 23.67 15.18
N ALA L 440 26.18 24.69 15.90
CA ALA L 440 27.20 24.46 16.91
C ALA L 440 26.68 23.52 18.00
N VAL L 441 25.46 23.77 18.49
CA VAL L 441 24.90 22.90 19.51
C VAL L 441 24.71 21.48 18.98
N ASN L 442 24.23 21.36 17.74
CA ASN L 442 24.02 20.04 17.16
C ASN L 442 25.33 19.26 17.08
N MET L 443 26.41 19.92 16.67
CA MET L 443 27.68 19.22 16.55
C MET L 443 28.25 18.87 17.92
N MET L 444 28.09 19.74 18.92
CA MET L 444 28.62 19.43 20.24
C MET L 444 27.84 18.31 20.91
N THR L 445 26.57 18.13 20.57
CA THR L 445 25.80 17.04 21.17
C THR L 445 26.27 15.66 20.71
N GLY L 446 27.07 15.57 19.67
CA GLY L 446 27.45 14.28 19.11
C GLY L 446 28.84 13.80 19.46
N LEU L 447 29.45 14.40 20.49
CA LEU L 447 30.79 14.02 20.92
C LEU L 447 30.79 13.32 22.27
N GLN L 448 29.63 12.94 22.78
CA GLN L 448 29.52 12.37 24.12
C GLN L 448 30.00 10.91 24.20
N PRO L 449 29.75 10.06 23.19
CA PRO L 449 30.35 8.71 23.23
C PRO L 449 31.87 8.71 23.25
N LEU L 450 32.52 9.79 22.80
CA LEU L 450 33.96 9.88 22.80
C LEU L 450 34.52 10.45 24.09
N SER L 451 33.69 10.66 25.11
CA SER L 451 34.13 11.31 26.34
C SER L 451 35.17 10.51 27.11
N GLN L 452 35.27 9.20 26.86
CA GLN L 452 36.17 8.36 27.63
C GLN L 452 37.21 7.69 26.74
N ASP L 453 37.79 8.46 25.82
CA ASP L 453 38.82 7.94 24.92
C ASP L 453 40.17 8.48 25.36
N PRO L 454 41.10 7.62 25.81
CA PRO L 454 42.36 8.11 26.38
C PRO L 454 43.40 8.56 25.38
N ASP L 455 43.05 8.76 24.11
CA ASP L 455 44.03 9.14 23.10
C ASP L 455 43.66 10.39 22.33
N ILE L 456 42.61 11.11 22.71
CA ILE L 456 42.10 12.25 21.95
C ILE L 456 42.19 13.50 22.79
N ASN L 457 42.63 14.60 22.16
CA ASN L 457 42.72 15.91 22.80
C ASN L 457 41.41 16.65 22.52
N LEU L 458 40.46 16.53 23.45
CA LEU L 458 39.12 17.06 23.21
C LEU L 458 39.06 18.58 23.09
N PRO L 459 39.65 19.38 23.99
CA PRO L 459 39.49 20.84 23.86
C PRO L 459 40.00 21.41 22.53
N THR L 460 41.12 20.89 22.02
CA THR L 460 41.62 21.37 20.75
C THR L 460 40.72 20.95 19.59
N LEU L 461 40.13 19.75 19.68
CA LEU L 461 39.15 19.35 18.67
C LEU L 461 37.95 20.28 18.68
N LYS L 462 37.48 20.67 19.87
CA LYS L 462 36.37 21.60 19.95
C LYS L 462 36.75 22.96 19.36
N LEU L 463 37.96 23.43 19.63
CA LEU L 463 38.41 24.70 19.08
C LEU L 463 38.46 24.66 17.55
N ARG L 464 39.00 23.57 17.00
CA ARG L 464 39.06 23.45 15.53
C ARG L 464 37.66 23.37 14.93
N LEU L 465 36.75 22.65 15.58
CA LEU L 465 35.39 22.58 15.07
C LEU L 465 34.71 23.95 15.09
N LEU L 466 34.94 24.74 16.15
CA LEU L 466 34.38 26.08 16.19
C LEU L 466 34.98 26.97 15.10
N ASN L 467 36.30 26.87 14.88
CA ASN L 467 36.94 27.66 13.84
C ASN L 467 36.43 27.30 12.45
N ALA L 468 36.08 26.04 12.24
CA ALA L 468 35.63 25.60 10.91
C ALA L 468 34.31 26.21 10.48
N LEU L 469 33.56 26.83 11.40
CA LEU L 469 32.28 27.45 11.08
C LEU L 469 32.36 28.95 10.87
N GLY L 470 33.21 29.64 11.64
CA GLY L 470 33.25 31.08 11.64
C GLY L 470 32.58 31.74 12.83
N ILE L 471 32.16 30.97 13.82
CA ILE L 471 31.47 31.50 14.98
C ILE L 471 32.48 32.11 15.95
N ASP L 472 32.12 33.24 16.54
CA ASP L 472 32.97 33.86 17.55
C ASP L 472 33.08 32.96 18.77
N THR L 473 34.28 32.88 19.33
CA THR L 473 34.57 32.01 20.46
C THR L 473 34.94 32.80 21.71
N ALA L 474 34.22 33.91 21.95
CA ALA L 474 34.53 34.75 23.10
C ALA L 474 34.09 34.08 24.40
N GLY L 475 32.79 33.80 24.53
CA GLY L 475 32.26 33.24 25.75
C GLY L 475 31.64 31.88 25.60
N LEU L 476 32.27 31.00 24.83
CA LEU L 476 31.77 29.64 24.65
C LEU L 476 32.73 28.56 25.10
N LEU L 477 33.94 28.90 25.52
CA LEU L 477 34.90 27.93 26.03
C LEU L 477 35.50 28.44 27.32
N LEU L 478 35.85 27.50 28.21
CA LEU L 478 36.36 27.84 29.53
C LEU L 478 37.89 27.84 29.51
N THR L 479 38.48 28.87 30.09
CA THR L 479 39.93 28.99 30.14
C THR L 479 40.52 28.00 31.14
N GLN L 480 41.85 27.93 31.16
CA GLN L 480 42.53 27.06 32.11
C GLN L 480 42.26 27.52 33.54
N ASP L 481 42.37 28.82 33.78
CA ASP L 481 41.87 29.38 35.03
C ASP L 481 40.37 29.56 34.93
N GLU L 482 39.78 30.11 35.99
CA GLU L 482 38.33 30.28 36.13
C GLU L 482 37.59 28.95 36.16
N LYS L 483 38.31 27.83 36.27
CA LYS L 483 37.72 26.52 36.48
C LYS L 483 37.84 26.07 37.94
N ILE L 484 38.25 26.97 38.83
CA ILE L 484 38.34 26.65 40.25
C ILE L 484 37.08 27.11 40.99
N GLN L 485 36.52 28.24 40.57
CA GLN L 485 35.30 28.74 41.18
C GLN L 485 34.15 27.76 41.02
N ARG L 486 34.10 27.05 39.89
CA ARG L 486 33.05 26.07 39.68
C ARG L 486 33.11 24.97 40.74
N MET L 487 34.31 24.44 41.00
CA MET L 487 34.47 23.44 42.05
C MET L 487 34.12 24.02 43.40
N ALA L 488 34.55 25.25 43.68
CA ALA L 488 34.23 25.87 44.96
C ALA L 488 32.73 25.95 45.18
N GLU L 489 31.98 26.39 44.16
CA GLU L 489 30.54 26.54 44.29
C GLU L 489 29.87 25.20 44.50
N GLN L 490 30.22 24.20 43.69
CA GLN L 490 29.56 22.90 43.81
C GLN L 490 29.86 22.25 45.15
N SER L 491 31.11 22.39 45.62
CA SER L 491 31.46 21.85 46.94
C SER L 491 30.67 22.53 48.04
N SER L 492 30.51 23.85 47.96
CA SER L 492 29.73 24.55 48.98
C SER L 492 28.29 24.05 48.99
N GLN L 493 27.69 23.89 47.81
CA GLN L 493 26.31 23.42 47.75
C GLN L 493 26.16 22.05 48.40
N GLN L 494 27.06 21.12 48.05
CA GLN L 494 26.96 19.79 48.63
C GLN L 494 27.15 19.82 50.14
N ALA L 495 28.15 20.56 50.61
CA ALA L 495 28.46 20.59 52.03
C ALA L 495 27.38 21.26 52.86
N VAL L 496 26.58 22.14 52.25
CA VAL L 496 25.47 22.72 53.00
C VAL L 496 24.28 21.76 53.02
N VAL L 497 23.89 21.24 51.85
CA VAL L 497 22.67 20.44 51.76
C VAL L 497 22.80 19.17 52.59
N GLN L 498 23.95 18.48 52.48
CA GLN L 498 24.11 17.23 53.22
C GLN L 498 24.05 17.47 54.72
N GLY L 499 24.70 18.54 55.20
CA GLY L 499 24.69 18.82 56.62
C GLY L 499 23.30 19.11 57.16
N ALA L 500 22.55 19.95 56.43
CA ALA L 500 21.19 20.27 56.89
C ALA L 500 20.31 19.02 56.94
N SER L 501 20.37 18.22 55.87
CA SER L 501 19.55 17.02 55.83
C SER L 501 19.91 16.06 56.94
N ALA L 502 21.21 15.89 57.22
CA ALA L 502 21.62 14.99 58.29
C ALA L 502 21.19 15.50 59.66
N ALA L 503 21.25 16.82 59.88
CA ALA L 503 20.94 17.35 61.21
C ALA L 503 19.45 17.23 61.53
N GLY L 504 18.59 17.50 60.54
CA GLY L 504 17.16 17.54 60.84
C GLY L 504 16.62 16.22 61.36
N ALA L 505 16.94 15.12 60.67
CA ALA L 505 16.41 13.82 61.04
C ALA L 505 16.93 13.37 62.41
N ASN L 506 18.21 13.61 62.69
CA ASN L 506 18.77 13.24 63.98
C ASN L 506 18.07 13.98 65.11
N MET L 507 17.85 15.29 64.94
CA MET L 507 17.16 16.05 65.97
C MET L 507 15.74 15.53 66.18
N GLY L 508 15.04 15.24 65.09
CA GLY L 508 13.67 14.75 65.21
C GLY L 508 13.60 13.41 65.93
N ALA L 509 14.48 12.48 65.56
CA ALA L 509 14.50 11.18 66.22
C ALA L 509 14.85 11.32 67.70
N ALA L 510 15.81 12.19 68.02
CA ALA L 510 16.20 12.36 69.42
C ALA L 510 15.04 12.88 70.26
N VAL L 511 14.29 13.87 69.74
CA VAL L 511 13.18 14.38 70.53
C VAL L 511 12.05 13.36 70.64
N GLY L 512 11.78 12.63 69.54
CA GLY L 512 10.69 11.67 69.56
C GLY L 512 10.94 10.53 70.53
N GLN L 513 12.19 10.04 70.59
CA GLN L 513 12.50 8.94 71.51
C GLN L 513 12.21 9.34 72.95
N GLY L 514 12.70 10.50 73.37
CA GLY L 514 12.46 10.94 74.73
C GLY L 514 10.99 11.19 75.03
N ALA L 515 10.28 11.81 74.09
CA ALA L 515 8.86 12.05 74.30
C ALA L 515 8.10 10.74 74.49
N GLY L 516 8.39 9.75 73.63
CA GLY L 516 7.72 8.47 73.78
C GLY L 516 8.08 7.76 75.08
N GLU L 517 9.36 7.82 75.47
CA GLU L 517 9.78 7.17 76.70
C GLU L 517 9.08 7.78 77.90
N ASP L 518 8.94 9.11 77.92
CA ASP L 518 8.26 9.75 79.04
C ASP L 518 6.77 9.48 79.02
N MET L 519 6.15 9.43 77.84
CA MET L 519 4.69 9.32 77.76
C MET L 519 4.22 7.89 78.03
N ALA L 520 4.93 6.89 77.54
CA ALA L 520 4.43 5.52 77.54
C ALA L 520 4.36 4.87 78.91
N GLN L 521 4.89 5.53 79.96
CA GLN L 521 4.94 4.89 81.27
C GLN L 521 3.55 4.60 81.82
N ALA L 522 2.63 5.55 81.67
CA ALA L 522 1.31 5.38 82.27
C ALA L 522 0.51 4.28 81.57
#